data_8TL7
#
_entry.id   8TL7
#
_cell.length_a   1.00
_cell.length_b   1.00
_cell.length_c   1.00
_cell.angle_alpha   90.00
_cell.angle_beta   90.00
_cell.angle_gamma   90.00
#
_symmetry.space_group_name_H-M   'P 1'
#
_entity_poly.entity_id   1
_entity_poly.type   'polypeptide(L)'
_entity_poly.pdbx_seq_one_letter_code
;MEELREIAERAEADMREISELAEELVEDPVYAVAVRGMALVGAAGVFALGVGGPPEVLEEARRRVEEAAREALRKYEEGA
DVSELVAELIRETSRQIAEIAEATIKATDDPEVLEEISEFAEERSRRLSEYAERHVTNPILAATVVALAEVLSAVVRARS
YGAPEEVGEKAVKEVREASEEALERYKKGEDVSELVAELIRETSRQIAEIAEATIKATDDPEVLEEISEFAEERSRRLSE
YAERHVTNPILAATVVALAEVLSAVVRARSYGAPEEVGEKAVKEVREASEEALERYKEGADESELVAEVMTATAEAVGEI
AEATIEATDDPEKRRKIAEFAREKMRRIRELARKLVEDPVLAAAVAARALVLSAAVFAKAYGGPEEYSRLMRRWVEKAAE
LARRARRLGADESVLVAALMRVAAIAVTAIAMMTVMGVQNAPPEERERILAEATEMIARVLAEATRRVMKRLEDPEAAAE
LALATIEAITELFVDALEIIRSGEVASRLAKSGIEVIAELAEAAIEHIDDPEQLKKIVKKAAEAIKKIVEELIKKDVEDE
LLAEVTSEGNRKLSRITSKALTKIKDEKAAAELTIEAIEAITENFLLALERIKDGEVAAKLAEDGLLEIYRLAVSGIEHI
DNPEELEKIVKKTEEAVERIVEALEKKDVEPELKEEVEELGKKLVEIVRKLAERKGGSGGSWGHHHHHHG
;
_entity_poly.pdbx_strand_id   A,B,C,I,R,S,T,U,V,X,Y,Z
#
# COMPACT_ATOMS: atom_id res chain seq x y z
N GLU A 2 19.08 -96.40 19.33
CA GLU A 2 17.81 -95.66 19.07
C GLU A 2 17.78 -94.32 19.80
N GLU A 3 18.06 -94.34 21.10
CA GLU A 3 17.85 -93.17 21.93
C GLU A 3 18.78 -92.01 21.56
N LEU A 4 19.84 -92.26 20.79
CA LEU A 4 20.71 -91.16 20.36
C LEU A 4 19.94 -90.11 19.57
N ARG A 5 18.78 -90.47 19.02
CA ARG A 5 17.98 -89.51 18.30
C ARG A 5 17.58 -88.34 19.18
N GLU A 6 17.43 -88.58 20.49
CA GLU A 6 17.13 -87.48 21.41
C GLU A 6 18.28 -86.49 21.47
N ILE A 7 19.51 -86.99 21.55
CA ILE A 7 20.67 -86.10 21.54
C ILE A 7 20.70 -85.31 20.24
N ALA A 8 20.42 -85.98 19.13
CA ALA A 8 20.39 -85.28 17.85
C ALA A 8 19.34 -84.16 17.87
N GLU A 9 18.16 -84.44 18.41
CA GLU A 9 17.10 -83.45 18.44
C GLU A 9 17.52 -82.23 19.26
N ARG A 10 18.10 -82.47 20.44
CA ARG A 10 18.55 -81.35 21.25
C ARG A 10 19.61 -80.54 20.52
N ALA A 11 20.54 -81.21 19.83
CA ALA A 11 21.55 -80.48 19.07
C ALA A 11 20.89 -79.60 18.02
N GLU A 12 19.87 -80.12 17.33
CA GLU A 12 19.20 -79.33 16.32
C GLU A 12 18.54 -78.10 16.94
N ALA A 13 17.88 -78.28 18.09
CA ALA A 13 17.27 -77.14 18.75
C ALA A 13 18.32 -76.12 19.15
N ASP A 14 19.46 -76.58 19.65
CA ASP A 14 20.54 -75.67 20.01
C ASP A 14 20.96 -74.85 18.80
N MET A 15 21.17 -75.52 17.67
CA MET A 15 21.59 -74.81 16.47
C MET A 15 20.56 -73.76 16.08
N ARG A 16 19.28 -74.12 16.12
CA ARG A 16 18.24 -73.17 15.76
C ARG A 16 18.31 -71.93 16.65
N GLU A 17 18.40 -72.14 17.96
CA GLU A 17 18.43 -71.01 18.88
C GLU A 17 19.65 -70.13 18.61
N ILE A 18 20.81 -70.75 18.42
CA ILE A 18 22.04 -70.01 18.18
C ILE A 18 21.87 -69.12 16.95
N SER A 19 21.41 -69.71 15.85
CA SER A 19 21.30 -68.96 14.61
C SER A 19 20.31 -67.81 14.75
N GLU A 20 19.15 -68.09 15.35
CA GLU A 20 18.14 -67.03 15.47
C GLU A 20 18.65 -65.88 16.34
N LEU A 21 19.31 -66.22 17.46
CA LEU A 21 19.82 -65.18 18.34
C LEU A 21 20.82 -64.30 17.61
N ALA A 22 21.72 -64.91 16.83
CA ALA A 22 22.64 -64.11 16.05
C ALA A 22 21.90 -63.27 15.01
N GLU A 23 20.88 -63.85 14.38
CA GLU A 23 20.16 -63.15 13.32
C GLU A 23 19.49 -61.89 13.85
N GLU A 24 18.98 -61.95 15.08
CA GLU A 24 18.36 -60.77 15.67
C GLU A 24 19.38 -59.80 16.24
N LEU A 25 20.44 -60.32 16.88
CA LEU A 25 21.39 -59.44 17.56
C LEU A 25 22.34 -58.74 16.60
N VAL A 26 22.62 -59.35 15.44
CA VAL A 26 23.65 -58.86 14.53
C VAL A 26 23.22 -57.55 13.89
N GLU A 27 24.17 -56.83 13.28
CA GLU A 27 23.85 -55.58 12.60
C GLU A 27 24.58 -55.41 11.27
N ASP A 28 25.03 -56.50 10.63
CA ASP A 28 25.72 -56.41 9.34
C ASP A 28 25.43 -57.68 8.53
N PRO A 29 24.75 -57.56 7.39
CA PRO A 29 24.17 -58.75 6.75
C PRO A 29 25.18 -59.87 6.50
N VAL A 30 26.37 -59.56 6.01
CA VAL A 30 27.29 -60.61 5.59
C VAL A 30 27.67 -61.49 6.78
N TYR A 31 27.99 -60.87 7.92
CA TYR A 31 28.38 -61.65 9.08
C TYR A 31 27.23 -62.53 9.56
N ALA A 32 26.01 -62.00 9.56
CA ALA A 32 24.86 -62.80 9.98
C ALA A 32 24.68 -64.01 9.07
N VAL A 33 24.78 -63.79 7.75
CA VAL A 33 24.62 -64.88 6.81
C VAL A 33 25.67 -65.95 7.07
N ALA A 34 26.92 -65.51 7.27
CA ALA A 34 27.98 -66.47 7.54
C ALA A 34 27.73 -67.23 8.83
N VAL A 35 27.27 -66.53 9.87
CA VAL A 35 27.01 -67.19 11.15
C VAL A 35 26.02 -68.33 10.96
N ARG A 36 24.89 -68.04 10.31
CA ARG A 36 23.91 -69.10 10.06
C ARG A 36 24.50 -70.20 9.18
N GLY A 37 25.22 -69.79 8.13
CA GLY A 37 25.77 -70.77 7.21
C GLY A 37 26.65 -71.79 7.89
N MET A 38 27.53 -71.32 8.77
CA MET A 38 28.38 -72.25 9.48
C MET A 38 27.58 -73.06 10.50
N ALA A 39 26.67 -72.41 11.22
CA ALA A 39 25.94 -73.11 12.27
C ALA A 39 25.14 -74.29 11.72
N LEU A 40 24.41 -74.07 10.62
CA LEU A 40 23.54 -75.11 10.11
C LEU A 40 24.33 -76.36 9.77
N VAL A 41 25.39 -76.21 8.97
CA VAL A 41 26.18 -77.37 8.59
C VAL A 41 26.85 -78.00 9.80
N GLY A 42 27.49 -77.18 10.64
CA GLY A 42 28.18 -77.73 11.80
C GLY A 42 27.27 -78.55 12.69
N ALA A 43 25.99 -78.19 12.75
CA ALA A 43 25.05 -79.00 13.52
C ALA A 43 24.60 -80.23 12.76
N ALA A 44 24.34 -80.11 11.46
CA ALA A 44 23.65 -81.18 10.74
C ALA A 44 24.38 -82.51 10.87
N GLY A 45 25.70 -82.50 10.96
CA GLY A 45 26.44 -83.74 10.98
C GLY A 45 26.06 -84.68 12.11
N VAL A 46 25.49 -84.15 13.19
CA VAL A 46 25.16 -84.98 14.35
C VAL A 46 24.16 -86.05 13.97
N PHE A 47 23.16 -85.70 13.18
CA PHE A 47 22.15 -86.68 12.79
C PHE A 47 22.75 -87.80 11.97
N ALA A 48 23.60 -87.45 11.00
CA ALA A 48 24.27 -88.49 10.21
C ALA A 48 25.15 -89.37 11.10
N LEU A 49 25.86 -88.75 12.05
CA LEU A 49 26.70 -89.53 12.96
C LEU A 49 25.86 -90.52 13.75
N GLY A 50 24.69 -90.09 14.21
CA GLY A 50 23.80 -91.02 14.90
C GLY A 50 23.36 -92.17 14.01
N VAL A 51 23.18 -91.91 12.71
CA VAL A 51 22.82 -92.97 11.79
C VAL A 51 23.99 -93.87 11.43
N GLY A 52 25.19 -93.55 11.91
CA GLY A 52 26.35 -94.37 11.60
C GLY A 52 27.06 -94.03 10.31
N GLY A 53 26.90 -92.80 9.81
CA GLY A 53 27.54 -92.38 8.58
C GLY A 53 29.04 -92.25 8.72
N PRO A 54 29.74 -92.16 7.60
CA PRO A 54 31.21 -92.07 7.62
C PRO A 54 31.67 -90.82 8.35
N PRO A 55 32.62 -90.95 9.29
CA PRO A 55 33.03 -89.78 10.10
C PRO A 55 33.98 -88.83 9.41
N GLU A 56 34.91 -89.38 8.63
CA GLU A 56 35.99 -88.58 8.07
C GLU A 56 35.45 -87.52 7.13
N VAL A 57 34.54 -87.89 6.23
CA VAL A 57 33.96 -86.92 5.32
C VAL A 57 33.18 -85.87 6.10
N LEU A 58 32.58 -86.25 7.22
CA LEU A 58 31.88 -85.26 8.05
C LEU A 58 32.84 -84.19 8.54
N GLU A 59 33.98 -84.62 9.08
CA GLU A 59 34.96 -83.64 9.54
C GLU A 59 35.46 -82.79 8.37
N GLU A 60 35.69 -83.42 7.22
CA GLU A 60 36.15 -82.68 6.05
C GLU A 60 35.14 -81.62 5.64
N ALA A 61 33.85 -81.97 5.68
CA ALA A 61 32.82 -81.02 5.30
C ALA A 61 32.79 -79.84 6.25
N ARG A 62 32.92 -80.11 7.54
CA ARG A 62 33.00 -78.99 8.49
C ARG A 62 34.16 -78.08 8.13
N ARG A 63 35.32 -78.67 7.83
CA ARG A 63 36.47 -77.86 7.44
C ARG A 63 36.15 -77.03 6.21
N ARG A 64 35.50 -77.64 5.22
CA ARG A 64 35.21 -76.95 3.97
C ARG A 64 34.32 -75.72 4.22
N VAL A 65 33.27 -75.89 5.02
CA VAL A 65 32.39 -74.75 5.24
C VAL A 65 33.12 -73.66 6.02
N GLU A 66 33.97 -74.07 6.96
CA GLU A 66 34.77 -73.06 7.66
C GLU A 66 35.62 -72.26 6.68
N GLU A 67 36.27 -72.95 5.73
CA GLU A 67 37.09 -72.27 4.75
C GLU A 67 36.25 -71.31 3.90
N ALA A 68 35.05 -71.75 3.50
CA ALA A 68 34.19 -70.88 2.72
C ALA A 68 33.87 -69.60 3.50
N ALA A 69 33.52 -69.74 4.77
CA ALA A 69 33.23 -68.56 5.58
C ALA A 69 34.44 -67.65 5.67
N ARG A 70 35.63 -68.23 5.86
CA ARG A 70 36.85 -67.43 5.91
C ARG A 70 37.00 -66.61 4.63
N GLU A 71 36.85 -67.26 3.47
CA GLU A 71 37.01 -66.55 2.21
C GLU A 71 35.98 -65.44 2.07
N ALA A 72 34.73 -65.73 2.44
CA ALA A 72 33.68 -64.73 2.32
C ALA A 72 33.98 -63.52 3.20
N LEU A 73 34.44 -63.77 4.43
CA LEU A 73 34.79 -62.65 5.31
C LEU A 73 35.93 -61.84 4.71
N ARG A 74 36.93 -62.50 4.15
CA ARG A 74 38.03 -61.78 3.51
C ARG A 74 37.52 -60.89 2.38
N LYS A 75 36.63 -61.43 1.55
CA LYS A 75 36.07 -60.62 0.46
C LYS A 75 35.29 -59.43 0.99
N TYR A 76 34.42 -59.67 1.98
CA TYR A 76 33.56 -58.61 2.50
C TYR A 76 34.38 -57.50 3.14
N GLU A 77 35.46 -57.85 3.85
CA GLU A 77 36.34 -56.82 4.37
C GLU A 77 36.96 -56.01 3.23
N GLU A 78 37.23 -56.65 2.10
CA GLU A 78 37.78 -55.96 0.93
C GLU A 78 36.76 -55.07 0.24
N GLY A 79 35.51 -55.04 0.71
CA GLY A 79 34.49 -54.24 0.07
C GLY A 79 33.86 -54.86 -1.17
N ALA A 80 33.95 -56.18 -1.32
CA ALA A 80 33.37 -56.82 -2.49
C ALA A 80 31.84 -56.78 -2.44
N ASP A 81 31.23 -57.12 -3.57
CA ASP A 81 29.77 -57.10 -3.68
C ASP A 81 29.14 -58.01 -2.63
N VAL A 82 28.13 -57.49 -1.94
CA VAL A 82 27.42 -58.27 -0.94
C VAL A 82 26.68 -59.43 -1.60
N SER A 83 26.08 -59.17 -2.76
CA SER A 83 25.27 -60.20 -3.41
C SER A 83 26.12 -61.42 -3.74
N GLU A 84 27.26 -61.22 -4.39
CA GLU A 84 28.14 -62.33 -4.70
C GLU A 84 28.59 -63.05 -3.44
N LEU A 85 28.87 -62.30 -2.37
CA LEU A 85 29.32 -62.90 -1.13
C LEU A 85 28.27 -63.87 -0.58
N VAL A 86 27.03 -63.40 -0.44
CA VAL A 86 26.00 -64.27 0.11
C VAL A 86 25.73 -65.43 -0.82
N ALA A 87 25.76 -65.19 -2.13
CA ALA A 87 25.53 -66.27 -3.07
C ALA A 87 26.59 -67.35 -2.94
N GLU A 88 27.86 -66.95 -2.81
CA GLU A 88 28.93 -67.92 -2.67
C GLU A 88 28.76 -68.72 -1.39
N LEU A 89 28.46 -68.02 -0.28
CA LEU A 89 28.28 -68.73 0.99
C LEU A 89 27.16 -69.75 0.88
N ILE A 90 26.02 -69.35 0.32
CA ILE A 90 24.88 -70.25 0.20
C ILE A 90 25.21 -71.43 -0.69
N ARG A 91 25.88 -71.19 -1.81
CA ARG A 91 26.20 -72.29 -2.71
C ARG A 91 27.16 -73.27 -2.04
N GLU A 92 28.15 -72.77 -1.30
CA GLU A 92 29.04 -73.68 -0.58
C GLU A 92 28.29 -74.49 0.45
N THR A 93 27.40 -73.83 1.20
CA THR A 93 26.62 -74.55 2.22
C THR A 93 25.75 -75.62 1.57
N SER A 94 25.10 -75.28 0.46
CA SER A 94 24.22 -76.23 -0.22
C SER A 94 25.01 -77.45 -0.67
N ARG A 95 26.13 -77.24 -1.34
CA ARG A 95 26.91 -78.38 -1.82
C ARG A 95 27.43 -79.22 -0.66
N GLN A 96 27.88 -78.57 0.42
CA GLN A 96 28.36 -79.33 1.58
C GLN A 96 27.25 -80.18 2.18
N ILE A 97 26.06 -79.61 2.36
CA ILE A 97 24.94 -80.36 2.92
C ILE A 97 24.59 -81.53 2.01
N ALA A 98 24.57 -81.28 0.70
CA ALA A 98 24.29 -82.37 -0.23
C ALA A 98 25.34 -83.46 -0.11
N GLU A 99 26.60 -83.08 0.09
CA GLU A 99 27.65 -84.07 0.27
C GLU A 99 27.40 -84.92 1.51
N ILE A 100 27.01 -84.27 2.61
CA ILE A 100 26.74 -85.02 3.83
C ILE A 100 25.59 -86.00 3.60
N ALA A 101 24.53 -85.54 2.94
CA ALA A 101 23.42 -86.43 2.64
C ALA A 101 23.86 -87.57 1.73
N GLU A 102 24.73 -87.28 0.77
CA GLU A 102 25.22 -88.32 -0.13
C GLU A 102 26.02 -89.38 0.61
N ALA A 103 26.82 -88.96 1.60
CA ALA A 103 27.52 -89.92 2.43
C ALA A 103 26.52 -90.75 3.25
N THR A 104 25.56 -90.07 3.88
CA THR A 104 24.60 -90.78 4.72
C THR A 104 23.78 -91.79 3.92
N ILE A 105 23.39 -91.45 2.71
CA ILE A 105 22.50 -92.30 1.93
C ILE A 105 23.12 -93.67 1.69
N LYS A 106 24.45 -93.74 1.62
CA LYS A 106 25.14 -94.98 1.30
C LYS A 106 25.40 -95.85 2.52
N ALA A 107 24.95 -95.43 3.70
CA ALA A 107 25.31 -96.14 4.93
C ALA A 107 24.61 -97.49 5.03
N THR A 108 23.33 -97.57 4.67
CA THR A 108 22.56 -98.78 4.93
C THR A 108 21.40 -98.86 3.95
N ASP A 109 20.86 -100.07 3.83
CA ASP A 109 19.73 -100.36 2.96
C ASP A 109 18.37 -100.31 3.66
N ASP A 110 18.34 -99.99 4.94
CA ASP A 110 17.09 -100.02 5.70
C ASP A 110 16.11 -98.99 5.17
N PRO A 111 14.88 -99.38 4.82
CA PRO A 111 13.88 -98.37 4.43
C PRO A 111 13.61 -97.34 5.52
N GLU A 112 13.64 -97.73 6.79
CA GLU A 112 13.35 -96.79 7.87
C GLU A 112 14.42 -95.70 7.94
N VAL A 113 15.69 -96.09 7.96
CA VAL A 113 16.77 -95.12 7.97
C VAL A 113 16.74 -94.28 6.70
N LEU A 114 16.41 -94.91 5.56
CA LEU A 114 16.32 -94.16 4.32
C LEU A 114 15.25 -93.07 4.42
N GLU A 115 14.08 -93.42 4.96
CA GLU A 115 13.03 -92.44 5.13
C GLU A 115 13.47 -91.33 6.07
N GLU A 116 14.16 -91.69 7.16
CA GLU A 116 14.63 -90.66 8.09
C GLU A 116 15.57 -89.70 7.39
N ILE A 117 16.53 -90.24 6.63
CA ILE A 117 17.51 -89.39 5.95
C ILE A 117 16.81 -88.49 4.94
N SER A 118 15.89 -89.07 4.16
CA SER A 118 15.18 -88.28 3.15
C SER A 118 14.37 -87.17 3.80
N GLU A 119 13.65 -87.47 4.87
CA GLU A 119 12.87 -86.44 5.55
C GLU A 119 13.77 -85.34 6.09
N PHE A 120 14.90 -85.72 6.69
CA PHE A 120 15.83 -84.73 7.22
C PHE A 120 16.32 -83.80 6.11
N ALA A 121 16.73 -84.39 4.99
CA ALA A 121 17.21 -83.58 3.87
C ALA A 121 16.10 -82.68 3.33
N GLU A 122 14.88 -83.20 3.21
CA GLU A 122 13.79 -82.41 2.69
C GLU A 122 13.50 -81.22 3.59
N GLU A 123 13.47 -81.44 4.90
CA GLU A 123 13.22 -80.33 5.82
C GLU A 123 14.32 -79.29 5.69
N ARG A 124 15.58 -79.73 5.68
CA ARG A 124 16.68 -78.78 5.55
C ARG A 124 16.53 -77.95 4.29
N SER A 125 16.30 -78.61 3.15
CA SER A 125 16.20 -77.90 1.88
C SER A 125 15.02 -76.95 1.86
N ARG A 126 13.87 -77.40 2.36
CA ARG A 126 12.69 -76.55 2.35
C ARG A 126 12.92 -75.29 3.17
N ARG A 127 13.55 -75.43 4.35
CA ARG A 127 13.88 -74.23 5.11
C ARG A 127 14.91 -73.37 4.38
N LEU A 128 15.92 -73.99 3.79
CA LEU A 128 17.05 -73.25 3.23
C LEU A 128 16.63 -72.39 2.05
N SER A 129 15.85 -72.97 1.13
CA SER A 129 15.46 -72.21 -0.05
C SER A 129 14.67 -70.96 0.35
N GLU A 130 13.70 -71.11 1.25
CA GLU A 130 12.91 -69.98 1.69
C GLU A 130 13.78 -68.96 2.41
N TYR A 131 14.72 -69.42 3.23
CA TYR A 131 15.61 -68.49 3.92
C TYR A 131 16.43 -67.68 2.92
N ALA A 132 17.01 -68.35 1.93
CA ALA A 132 17.85 -67.66 0.96
C ALA A 132 17.04 -66.66 0.15
N GLU A 133 15.82 -67.04 -0.26
CA GLU A 133 15.02 -66.13 -1.07
C GLU A 133 14.78 -64.79 -0.37
N ARG A 134 14.82 -64.78 0.97
CA ARG A 134 14.62 -63.54 1.70
C ARG A 134 15.83 -62.62 1.63
N HIS A 135 17.03 -63.17 1.51
CA HIS A 135 18.25 -62.38 1.63
C HIS A 135 18.79 -61.90 0.29
N VAL A 136 18.78 -62.76 -0.73
CA VAL A 136 19.46 -62.47 -1.99
C VAL A 136 18.63 -61.44 -2.75
N THR A 137 19.23 -60.30 -3.05
CA THR A 137 18.53 -59.23 -3.75
C THR A 137 18.68 -59.31 -5.27
N ASN A 138 19.84 -59.74 -5.76
CA ASN A 138 20.06 -59.80 -7.20
C ASN A 138 19.11 -60.84 -7.79
N PRO A 139 18.29 -60.48 -8.78
CA PRO A 139 17.30 -61.46 -9.28
C PRO A 139 17.93 -62.76 -9.76
N ILE A 140 18.94 -62.68 -10.62
CA ILE A 140 19.55 -63.89 -11.17
C ILE A 140 20.13 -64.74 -10.05
N LEU A 141 20.76 -64.10 -9.07
CA LEU A 141 21.36 -64.86 -7.97
C LEU A 141 20.28 -65.66 -7.24
N ALA A 142 19.16 -65.02 -6.90
CA ALA A 142 18.08 -65.71 -6.21
C ALA A 142 17.57 -66.87 -7.05
N ALA A 143 17.32 -66.63 -8.34
CA ALA A 143 16.75 -67.67 -9.17
C ALA A 143 17.69 -68.87 -9.26
N THR A 144 18.97 -68.62 -9.47
CA THR A 144 19.92 -69.72 -9.59
C THR A 144 20.05 -70.48 -8.28
N VAL A 145 20.04 -69.78 -7.14
CA VAL A 145 20.06 -70.46 -5.85
C VAL A 145 18.86 -71.39 -5.73
N VAL A 146 17.68 -70.90 -6.09
CA VAL A 146 16.47 -71.71 -5.97
C VAL A 146 16.58 -72.95 -6.85
N ALA A 147 17.05 -72.77 -8.08
CA ALA A 147 17.17 -73.91 -8.99
C ALA A 147 18.14 -74.95 -8.45
N LEU A 148 19.28 -74.49 -7.92
CA LEU A 148 20.25 -75.44 -7.38
C LEU A 148 19.65 -76.22 -6.23
N ALA A 149 18.96 -75.52 -5.33
CA ALA A 149 18.35 -76.21 -4.19
C ALA A 149 17.36 -77.27 -4.67
N GLU A 150 16.49 -76.90 -5.60
CA GLU A 150 15.48 -77.85 -6.06
C GLU A 150 16.12 -79.08 -6.69
N VAL A 151 17.10 -78.87 -7.58
CA VAL A 151 17.72 -80.00 -8.26
C VAL A 151 18.39 -80.92 -7.25
N LEU A 152 19.13 -80.32 -6.30
CA LEU A 152 19.80 -81.14 -5.30
C LEU A 152 18.80 -81.97 -4.52
N SER A 153 17.67 -81.37 -4.12
CA SER A 153 16.65 -82.13 -3.41
C SER A 153 16.14 -83.29 -4.27
N ALA A 154 15.94 -83.03 -5.56
CA ALA A 154 15.43 -84.09 -6.44
C ALA A 154 16.37 -85.28 -6.45
N VAL A 155 17.66 -85.04 -6.69
CA VAL A 155 18.58 -86.17 -6.77
C VAL A 155 18.71 -86.85 -5.41
N VAL A 156 18.69 -86.08 -4.33
CA VAL A 156 18.76 -86.67 -3.00
C VAL A 156 17.63 -87.66 -2.82
N ARG A 157 16.41 -87.28 -3.22
CA ARG A 157 15.31 -88.23 -3.15
C ARG A 157 15.57 -89.43 -4.06
N ALA A 158 16.10 -89.19 -5.26
CA ALA A 158 16.31 -90.28 -6.20
C ALA A 158 17.25 -91.34 -5.64
N ARG A 159 18.17 -90.96 -4.77
CA ARG A 159 19.10 -91.93 -4.21
C ARG A 159 18.39 -93.16 -3.64
N SER A 160 17.32 -92.95 -2.89
CA SER A 160 16.70 -94.05 -2.16
C SER A 160 15.98 -95.05 -3.07
N TYR A 161 15.96 -94.81 -4.37
CA TYR A 161 15.43 -95.77 -5.33
C TYR A 161 16.50 -96.29 -6.30
N GLY A 162 17.74 -95.83 -6.17
CA GLY A 162 18.83 -96.39 -6.94
C GLY A 162 18.93 -95.91 -8.36
N ALA A 163 18.34 -94.78 -8.70
CA ALA A 163 18.37 -94.31 -10.08
C ALA A 163 19.76 -93.78 -10.44
N PRO A 164 20.12 -93.82 -11.72
CA PRO A 164 21.45 -93.34 -12.14
C PRO A 164 21.68 -91.87 -11.80
N GLU A 165 22.94 -91.55 -11.51
CA GLU A 165 23.34 -90.19 -11.14
C GLU A 165 23.43 -89.25 -12.34
N GLU A 166 23.55 -89.80 -13.55
CA GLU A 166 23.91 -88.99 -14.70
C GLU A 166 22.89 -87.88 -14.97
N VAL A 167 21.62 -88.14 -14.69
CA VAL A 167 20.61 -87.10 -14.88
C VAL A 167 20.90 -85.92 -13.96
N GLY A 168 21.23 -86.19 -12.70
CA GLY A 168 21.55 -85.12 -11.78
C GLY A 168 22.83 -84.40 -12.19
N GLU A 169 23.82 -85.15 -12.66
CA GLU A 169 25.05 -84.51 -13.11
C GLU A 169 24.79 -83.56 -14.27
N LYS A 170 24.01 -84.02 -15.26
CA LYS A 170 23.70 -83.19 -16.41
C LYS A 170 22.91 -81.96 -15.99
N ALA A 171 21.94 -82.14 -15.10
CA ALA A 171 21.13 -81.01 -14.67
C ALA A 171 21.97 -80.00 -13.90
N VAL A 172 22.89 -80.47 -13.07
CA VAL A 172 23.79 -79.55 -12.37
C VAL A 172 24.65 -78.79 -13.38
N LYS A 173 25.15 -79.48 -14.39
CA LYS A 173 25.95 -78.81 -15.41
C LYS A 173 25.12 -77.75 -16.12
N GLU A 174 23.88 -78.09 -16.48
CA GLU A 174 23.02 -77.14 -17.18
C GLU A 174 22.71 -75.93 -16.30
N VAL A 175 22.44 -76.16 -15.02
CA VAL A 175 22.16 -75.06 -14.11
C VAL A 175 23.37 -74.16 -14.01
N ARG A 176 24.56 -74.75 -13.86
CA ARG A 176 25.77 -73.95 -13.81
C ARG A 176 25.95 -73.16 -15.10
N GLU A 177 25.65 -73.77 -16.25
CA GLU A 177 25.81 -73.08 -17.52
C GLU A 177 24.86 -71.89 -17.60
N ALA A 178 23.61 -72.10 -17.23
CA ALA A 178 22.64 -71.00 -17.24
C ALA A 178 23.08 -69.89 -16.30
N SER A 179 23.56 -70.26 -15.11
CA SER A 179 24.02 -69.26 -14.16
C SER A 179 25.20 -68.47 -14.72
N GLU A 180 26.16 -69.17 -15.32
CA GLU A 180 27.32 -68.48 -15.87
C GLU A 180 26.93 -67.56 -17.01
N GLU A 181 26.00 -67.99 -17.86
CA GLU A 181 25.54 -67.13 -18.95
C GLU A 181 24.81 -65.90 -18.40
N ALA A 182 23.89 -66.12 -17.47
CA ALA A 182 23.07 -65.03 -16.97
C ALA A 182 23.87 -64.04 -16.13
N LEU A 183 24.88 -64.50 -15.41
CA LEU A 183 25.70 -63.58 -14.62
C LEU A 183 26.35 -62.54 -15.53
N GLU A 184 26.87 -62.98 -16.68
CA GLU A 184 27.45 -62.05 -17.63
C GLU A 184 26.37 -61.22 -18.33
N ARG A 185 25.29 -61.87 -18.76
CA ARG A 185 24.26 -61.15 -19.51
C ARG A 185 23.64 -60.04 -18.66
N TYR A 186 23.42 -60.31 -17.38
CA TYR A 186 22.83 -59.31 -16.50
C TYR A 186 23.72 -58.08 -16.39
N LYS A 187 25.03 -58.29 -16.24
CA LYS A 187 25.95 -57.18 -16.29
C LYS A 187 25.96 -56.52 -17.66
N LYS A 188 25.69 -57.30 -18.72
CA LYS A 188 25.65 -56.78 -20.08
C LYS A 188 24.37 -56.01 -20.39
N GLY A 189 23.42 -55.95 -19.45
CA GLY A 189 22.18 -55.23 -19.68
C GLY A 189 21.13 -56.02 -20.42
N GLU A 190 21.27 -57.34 -20.53
CA GLU A 190 20.29 -58.17 -21.21
C GLU A 190 18.99 -58.21 -20.41
N ASP A 191 17.92 -58.61 -21.10
CA ASP A 191 16.61 -58.69 -20.46
C ASP A 191 16.64 -59.71 -19.33
N VAL A 192 16.32 -59.24 -18.11
CA VAL A 192 16.32 -60.12 -16.94
C VAL A 192 15.26 -61.20 -17.09
N SER A 193 14.08 -60.83 -17.60
CA SER A 193 12.98 -61.77 -17.68
C SER A 193 13.35 -62.98 -18.52
N GLU A 194 14.01 -62.76 -19.64
CA GLU A 194 14.39 -63.87 -20.51
C GLU A 194 15.32 -64.83 -19.78
N LEU A 195 16.31 -64.31 -19.06
CA LEU A 195 17.23 -65.17 -18.33
C LEU A 195 16.48 -65.97 -17.27
N VAL A 196 15.58 -65.32 -16.54
CA VAL A 196 14.81 -66.03 -15.52
C VAL A 196 14.00 -67.15 -16.15
N ALA A 197 13.35 -66.85 -17.28
CA ALA A 197 12.52 -67.84 -17.95
C ALA A 197 13.35 -69.03 -18.42
N GLU A 198 14.51 -68.75 -19.04
CA GLU A 198 15.34 -69.83 -19.52
C GLU A 198 15.81 -70.71 -18.36
N LEU A 199 16.23 -70.10 -17.26
CA LEU A 199 16.68 -70.87 -16.11
C LEU A 199 15.55 -71.76 -15.59
N ILE A 200 14.36 -71.19 -15.40
CA ILE A 200 13.25 -71.95 -14.86
C ILE A 200 12.88 -73.10 -15.78
N ARG A 201 12.84 -72.84 -17.10
CA ARG A 201 12.49 -73.88 -18.04
C ARG A 201 13.51 -75.01 -18.03
N GLU A 202 14.79 -74.66 -18.00
CA GLU A 202 15.82 -75.69 -17.91
C GLU A 202 15.67 -76.52 -16.65
N THR A 203 15.40 -75.86 -15.52
CA THR A 203 15.18 -76.59 -14.29
C THR A 203 14.00 -77.54 -14.42
N SER A 204 12.91 -77.06 -15.03
CA SER A 204 11.73 -77.90 -15.19
C SER A 204 12.06 -79.15 -16.00
N ARG A 205 12.66 -78.96 -17.17
CA ARG A 205 13.01 -80.12 -17.99
C ARG A 205 13.94 -81.06 -17.24
N GLN A 206 14.90 -80.51 -16.50
CA GLN A 206 15.84 -81.35 -15.77
C GLN A 206 15.13 -82.23 -14.77
N ILE A 207 14.29 -81.62 -13.92
CA ILE A 207 13.64 -82.42 -12.88
C ILE A 207 12.71 -83.43 -13.53
N ALA A 208 12.03 -83.03 -14.60
CA ALA A 208 11.13 -83.95 -15.29
C ALA A 208 11.89 -85.17 -15.78
N GLU A 209 13.02 -84.95 -16.47
CA GLU A 209 13.80 -86.06 -17.00
C GLU A 209 14.28 -86.97 -15.88
N ILE A 210 14.82 -86.37 -14.81
CA ILE A 210 15.35 -87.18 -13.71
C ILE A 210 14.24 -88.05 -13.13
N ALA A 211 13.09 -87.43 -12.82
CA ALA A 211 12.01 -88.18 -12.21
C ALA A 211 11.49 -89.27 -13.16
N GLU A 212 11.43 -88.98 -14.45
CA GLU A 212 10.96 -89.97 -15.40
C GLU A 212 11.89 -91.17 -15.44
N ALA A 213 13.20 -90.92 -15.48
CA ALA A 213 14.14 -92.03 -15.44
C ALA A 213 13.97 -92.82 -14.15
N THR A 214 13.79 -92.12 -13.03
CA THR A 214 13.58 -92.82 -11.76
C THR A 214 12.35 -93.71 -11.81
N ILE A 215 11.25 -93.20 -12.38
CA ILE A 215 10.03 -93.99 -12.49
C ILE A 215 10.26 -95.20 -13.38
N LYS A 216 11.03 -95.04 -14.45
CA LYS A 216 11.36 -96.18 -15.29
C LYS A 216 12.14 -97.23 -14.52
N ALA A 217 13.11 -96.80 -13.70
CA ALA A 217 13.93 -97.75 -12.97
C ALA A 217 13.16 -98.49 -11.89
N THR A 218 12.10 -97.88 -11.36
CA THR A 218 11.35 -98.49 -10.27
C THR A 218 10.59 -99.73 -10.75
N ASP A 219 10.24 -100.58 -9.79
CA ASP A 219 9.47 -101.79 -10.08
C ASP A 219 8.37 -102.07 -9.07
N ASP A 220 8.15 -101.21 -8.07
CA ASP A 220 7.14 -101.43 -7.04
C ASP A 220 5.96 -100.50 -7.28
N PRO A 221 4.73 -101.02 -7.42
CA PRO A 221 3.60 -100.11 -7.71
C PRO A 221 3.45 -98.95 -6.72
N GLU A 222 3.30 -99.26 -5.43
CA GLU A 222 3.10 -98.20 -4.45
C GLU A 222 4.31 -97.27 -4.37
N VAL A 223 5.51 -97.80 -4.60
CA VAL A 223 6.68 -96.95 -4.67
C VAL A 223 6.55 -95.97 -5.83
N LEU A 224 6.06 -96.46 -6.98
CA LEU A 224 5.84 -95.58 -8.11
C LEU A 224 4.81 -94.51 -7.77
N GLU A 225 3.74 -94.88 -7.06
CA GLU A 225 2.75 -93.89 -6.65
C GLU A 225 3.38 -92.81 -5.78
N GLU A 226 4.22 -93.23 -4.83
CA GLU A 226 4.92 -92.25 -4.00
C GLU A 226 5.79 -91.34 -4.85
N ILE A 227 6.49 -91.90 -5.83
CA ILE A 227 7.33 -91.10 -6.71
C ILE A 227 6.49 -90.08 -7.46
N SER A 228 5.33 -90.50 -7.94
CA SER A 228 4.43 -89.57 -8.64
C SER A 228 4.01 -88.45 -7.71
N GLU A 229 3.67 -88.77 -6.45
CA GLU A 229 3.29 -87.74 -5.51
C GLU A 229 4.43 -86.74 -5.31
N PHE A 230 5.65 -87.24 -5.14
CA PHE A 230 6.79 -86.35 -4.93
C PHE A 230 7.01 -85.45 -6.14
N ALA A 231 6.91 -86.02 -7.34
CA ALA A 231 7.07 -85.22 -8.55
C ALA A 231 6.00 -84.13 -8.61
N GLU A 232 4.76 -84.49 -8.29
CA GLU A 232 3.70 -83.49 -8.28
C GLU A 232 4.04 -82.35 -7.34
N GLU A 233 4.44 -82.68 -6.11
CA GLU A 233 4.76 -81.63 -5.15
C GLU A 233 5.87 -80.72 -5.68
N ARG A 234 6.98 -81.32 -6.13
CA ARG A 234 8.13 -80.53 -6.55
C ARG A 234 7.78 -79.62 -7.73
N SER A 235 7.15 -80.19 -8.75
CA SER A 235 6.80 -79.38 -9.92
C SER A 235 5.82 -78.29 -9.56
N ARG A 236 4.85 -78.59 -8.68
CA ARG A 236 3.91 -77.57 -8.26
C ARG A 236 4.63 -76.42 -7.60
N ARG A 237 5.59 -76.72 -6.72
CA ARG A 237 6.34 -75.64 -6.07
C ARG A 237 7.15 -74.82 -7.07
N LEU A 238 7.76 -75.49 -8.06
CA LEU A 238 8.51 -74.74 -9.06
C LEU A 238 7.59 -73.79 -9.82
N SER A 239 6.42 -74.28 -10.24
CA SER A 239 5.47 -73.42 -10.92
C SER A 239 5.01 -72.29 -10.01
N GLU A 240 4.84 -72.59 -8.72
CA GLU A 240 4.43 -71.55 -7.78
C GLU A 240 5.47 -70.44 -7.73
N TYR A 241 6.75 -70.80 -7.65
CA TYR A 241 7.79 -69.78 -7.66
C TYR A 241 7.71 -68.94 -8.93
N ALA A 242 7.64 -69.61 -10.07
CA ALA A 242 7.61 -68.87 -11.34
C ALA A 242 6.44 -67.90 -11.36
N GLU A 243 5.25 -68.38 -11.03
CA GLU A 243 4.06 -67.53 -11.06
C GLU A 243 4.15 -66.41 -10.04
N ARG A 244 4.85 -66.64 -8.93
CA ARG A 244 4.95 -65.63 -7.90
C ARG A 244 5.98 -64.56 -8.23
N HIS A 245 6.95 -64.83 -9.09
CA HIS A 245 8.07 -63.91 -9.22
C HIS A 245 8.39 -63.46 -10.64
N VAL A 246 7.97 -64.18 -11.68
CA VAL A 246 8.26 -63.75 -13.05
C VAL A 246 7.46 -62.50 -13.36
N THR A 247 8.09 -61.55 -14.06
CA THR A 247 7.50 -60.24 -14.27
C THR A 247 6.69 -60.13 -15.56
N ASN A 248 6.92 -61.02 -16.55
CA ASN A 248 6.23 -60.88 -17.83
C ASN A 248 5.05 -61.83 -17.90
N PRO A 249 3.86 -61.38 -18.27
CA PRO A 249 2.71 -62.31 -18.30
C PRO A 249 2.93 -63.50 -19.20
N ILE A 250 3.37 -63.27 -20.44
CA ILE A 250 3.54 -64.36 -21.39
C ILE A 250 4.62 -65.32 -20.90
N LEU A 251 5.71 -64.79 -20.36
CA LEU A 251 6.77 -65.67 -19.85
C LEU A 251 6.24 -66.53 -18.71
N ALA A 252 5.44 -65.95 -17.82
CA ALA A 252 4.85 -66.73 -16.74
C ALA A 252 3.93 -67.81 -17.30
N ALA A 253 3.12 -67.45 -18.29
CA ALA A 253 2.21 -68.41 -18.89
C ALA A 253 2.97 -69.60 -19.45
N THR A 254 4.03 -69.31 -20.22
CA THR A 254 4.81 -70.39 -20.80
C THR A 254 5.50 -71.22 -19.72
N VAL A 255 6.01 -70.58 -18.68
CA VAL A 255 6.69 -71.33 -17.63
C VAL A 255 5.72 -72.31 -16.98
N VAL A 256 4.55 -71.81 -16.56
CA VAL A 256 3.60 -72.68 -15.89
C VAL A 256 3.08 -73.73 -16.85
N ALA A 257 2.93 -73.39 -18.13
CA ALA A 257 2.48 -74.38 -19.10
C ALA A 257 3.49 -75.51 -19.23
N LEU A 258 4.78 -75.17 -19.29
CA LEU A 258 5.81 -76.20 -19.36
C LEU A 258 5.77 -77.09 -18.12
N ALA A 259 5.71 -76.47 -16.95
CA ALA A 259 5.69 -77.24 -15.72
C ALA A 259 4.47 -78.17 -15.68
N GLU A 260 3.29 -77.63 -16.02
CA GLU A 260 2.07 -78.42 -15.99
C GLU A 260 2.14 -79.57 -16.96
N VAL A 261 2.61 -79.31 -18.18
CA VAL A 261 2.67 -80.37 -19.18
C VAL A 261 3.59 -81.48 -18.70
N LEU A 262 4.79 -81.12 -18.23
CA LEU A 262 5.74 -82.14 -17.82
C LEU A 262 5.21 -82.93 -16.63
N SER A 263 4.57 -82.25 -15.67
CA SER A 263 4.02 -82.96 -14.52
C SER A 263 2.90 -83.89 -14.92
N ALA A 264 2.06 -83.46 -15.87
CA ALA A 264 1.01 -84.32 -16.38
C ALA A 264 1.60 -85.55 -17.03
N VAL A 265 2.67 -85.37 -17.80
CA VAL A 265 3.34 -86.53 -18.41
C VAL A 265 3.86 -87.47 -17.34
N VAL A 266 4.48 -86.91 -16.30
CA VAL A 266 4.99 -87.74 -15.21
C VAL A 266 3.87 -88.58 -14.63
N ARG A 267 2.72 -87.95 -14.33
CA ARG A 267 1.60 -88.72 -13.81
C ARG A 267 1.09 -89.73 -14.84
N ALA A 268 1.13 -89.39 -16.12
CA ALA A 268 0.65 -90.30 -17.14
C ALA A 268 1.47 -91.58 -17.17
N ARG A 269 2.78 -91.47 -16.94
CA ARG A 269 3.62 -92.66 -17.00
C ARG A 269 3.27 -93.70 -15.93
N SER A 270 2.36 -93.38 -15.00
CA SER A 270 2.10 -94.29 -13.88
C SER A 270 1.70 -95.68 -14.34
N TYR A 271 1.04 -95.79 -15.51
CA TYR A 271 0.43 -97.04 -15.92
C TYR A 271 0.78 -97.43 -17.36
N GLY A 272 1.94 -97.03 -17.84
CA GLY A 272 2.45 -97.53 -19.11
C GLY A 272 1.86 -96.93 -20.35
N ALA A 273 1.14 -95.82 -20.24
CA ALA A 273 0.55 -95.22 -21.43
C ALA A 273 1.64 -94.78 -22.40
N PRO A 274 1.37 -94.80 -23.71
CA PRO A 274 2.41 -94.49 -24.69
C PRO A 274 3.06 -93.14 -24.42
N GLU A 275 4.39 -93.10 -24.51
CA GLU A 275 5.11 -91.85 -24.33
C GLU A 275 4.94 -90.92 -25.53
N GLU A 276 4.61 -91.47 -26.70
CA GLU A 276 4.43 -90.64 -27.88
C GLU A 276 3.35 -89.59 -27.66
N VAL A 277 2.34 -89.90 -26.83
CA VAL A 277 1.34 -88.89 -26.52
C VAL A 277 1.97 -87.73 -25.76
N GLY A 278 2.83 -88.03 -24.79
CA GLY A 278 3.54 -86.98 -24.09
C GLY A 278 4.43 -86.18 -25.04
N GLU A 279 5.06 -86.87 -25.99
CA GLU A 279 5.86 -86.17 -26.99
C GLU A 279 5.00 -85.20 -27.78
N LYS A 280 3.80 -85.64 -28.19
CA LYS A 280 2.91 -84.77 -28.93
C LYS A 280 2.50 -83.56 -28.09
N ALA A 281 2.18 -83.80 -26.82
CA ALA A 281 1.78 -82.71 -25.94
C ALA A 281 2.93 -81.70 -25.78
N VAL A 282 4.14 -82.21 -25.58
CA VAL A 282 5.29 -81.32 -25.40
C VAL A 282 5.54 -80.52 -26.66
N LYS A 283 5.48 -81.17 -27.82
CA LYS A 283 5.66 -80.46 -29.07
C LYS A 283 4.59 -79.40 -29.26
N GLU A 284 3.34 -79.72 -28.92
CA GLU A 284 2.28 -78.75 -29.03
C GLU A 284 2.56 -77.54 -28.14
N VAL A 285 2.91 -77.80 -26.89
CA VAL A 285 3.18 -76.70 -25.97
C VAL A 285 4.33 -75.84 -26.49
N ARG A 286 5.41 -76.47 -26.97
CA ARG A 286 6.58 -75.71 -27.39
C ARG A 286 6.28 -74.89 -28.64
N GLU A 287 5.61 -75.49 -29.62
CA GLU A 287 5.25 -74.75 -30.83
C GLU A 287 4.31 -73.60 -30.49
N ALA A 288 3.32 -73.85 -29.63
CA ALA A 288 2.39 -72.82 -29.23
C ALA A 288 3.14 -71.68 -28.55
N SER A 289 4.08 -72.00 -27.66
CA SER A 289 4.83 -70.97 -26.97
C SER A 289 5.69 -70.18 -27.94
N GLU A 290 6.31 -70.85 -28.91
CA GLU A 290 7.10 -70.13 -29.89
C GLU A 290 6.22 -69.17 -30.69
N GLU A 291 5.06 -69.64 -31.13
CA GLU A 291 4.15 -68.77 -31.87
C GLU A 291 3.69 -67.61 -31.00
N ALA A 292 3.42 -67.87 -29.72
CA ALA A 292 2.98 -66.82 -28.82
C ALA A 292 4.07 -65.79 -28.60
N LEU A 293 5.33 -66.24 -28.47
CA LEU A 293 6.44 -65.30 -28.36
C LEU A 293 6.55 -64.46 -29.63
N GLU A 294 6.37 -65.10 -30.79
CA GLU A 294 6.39 -64.35 -32.04
C GLU A 294 5.28 -63.29 -32.06
N ARG A 295 4.08 -63.67 -31.62
CA ARG A 295 2.97 -62.72 -31.58
C ARG A 295 3.26 -61.58 -30.62
N TYR A 296 3.86 -61.88 -29.48
CA TYR A 296 4.25 -60.85 -28.53
C TYR A 296 5.26 -59.90 -29.15
N LYS A 297 6.20 -60.44 -29.94
CA LYS A 297 7.08 -59.59 -30.71
C LYS A 297 6.28 -58.70 -31.66
N GLU A 298 5.20 -59.24 -32.24
CA GLU A 298 4.32 -58.47 -33.11
C GLU A 298 3.43 -57.50 -32.35
N GLY A 299 3.52 -57.45 -31.02
CA GLY A 299 2.74 -56.51 -30.24
C GLY A 299 1.31 -56.92 -29.97
N ALA A 300 0.99 -58.21 -30.08
CA ALA A 300 -0.37 -58.67 -29.81
C ALA A 300 -0.71 -58.47 -28.34
N ASP A 301 -2.01 -58.28 -28.07
CA ASP A 301 -2.48 -58.12 -26.70
C ASP A 301 -2.13 -59.34 -25.88
N GLU A 302 -1.50 -59.13 -24.73
CA GLU A 302 -0.96 -60.24 -23.94
C GLU A 302 -2.05 -61.22 -23.52
N SER A 303 -3.25 -60.71 -23.24
CA SER A 303 -4.33 -61.60 -22.80
C SER A 303 -4.62 -62.67 -23.82
N GLU A 304 -4.58 -62.33 -25.12
CA GLU A 304 -4.86 -63.32 -26.14
C GLU A 304 -3.84 -64.45 -26.12
N LEU A 305 -2.55 -64.10 -25.99
CA LEU A 305 -1.53 -65.13 -25.94
C LEU A 305 -1.69 -66.00 -24.70
N VAL A 306 -1.95 -65.37 -23.56
CA VAL A 306 -2.14 -66.13 -22.33
C VAL A 306 -3.28 -67.13 -22.50
N ALA A 307 -4.42 -66.66 -23.01
CA ALA A 307 -5.57 -67.53 -23.16
C ALA A 307 -5.29 -68.67 -24.15
N GLU A 308 -4.62 -68.37 -25.25
CA GLU A 308 -4.30 -69.43 -26.21
C GLU A 308 -3.42 -70.50 -25.56
N VAL A 309 -2.37 -70.07 -24.87
CA VAL A 309 -1.45 -71.02 -24.25
C VAL A 309 -2.21 -71.88 -23.25
N MET A 310 -3.05 -71.25 -22.43
CA MET A 310 -3.80 -72.01 -21.43
C MET A 310 -4.77 -72.98 -22.11
N THR A 311 -5.39 -72.56 -23.21
CA THR A 311 -6.30 -73.47 -23.92
C THR A 311 -5.56 -74.72 -24.33
N ALA A 312 -4.41 -74.54 -24.98
CA ALA A 312 -3.63 -75.71 -25.42
C ALA A 312 -3.20 -76.56 -24.22
N THR A 313 -2.76 -75.92 -23.14
CA THR A 313 -2.29 -76.67 -21.97
C THR A 313 -3.40 -77.53 -21.39
N ALA A 314 -4.57 -76.93 -21.16
CA ALA A 314 -5.70 -77.67 -20.61
C ALA A 314 -6.09 -78.82 -21.54
N GLU A 315 -6.17 -78.54 -22.84
CA GLU A 315 -6.53 -79.59 -23.78
C GLU A 315 -5.55 -80.75 -23.69
N ALA A 316 -4.25 -80.45 -23.63
CA ALA A 316 -3.24 -81.50 -23.59
C ALA A 316 -3.34 -82.30 -22.31
N VAL A 317 -3.52 -81.63 -21.17
CA VAL A 317 -3.62 -82.35 -19.90
C VAL A 317 -4.81 -83.30 -19.95
N GLY A 318 -5.95 -82.80 -20.42
CA GLY A 318 -7.12 -83.66 -20.51
C GLY A 318 -6.89 -84.82 -21.46
N GLU A 319 -6.28 -84.55 -22.61
CA GLU A 319 -6.05 -85.61 -23.60
C GLU A 319 -5.16 -86.71 -23.03
N ILE A 320 -4.08 -86.32 -22.35
CA ILE A 320 -3.18 -87.31 -21.78
C ILE A 320 -3.88 -88.12 -20.71
N ALA A 321 -4.64 -87.46 -19.83
CA ALA A 321 -5.37 -88.20 -18.81
C ALA A 321 -6.38 -89.15 -19.44
N GLU A 322 -7.04 -88.72 -20.51
CA GLU A 322 -8.01 -89.58 -21.19
C GLU A 322 -7.32 -90.79 -21.80
N ALA A 323 -6.17 -90.59 -22.42
CA ALA A 323 -5.41 -91.72 -22.95
C ALA A 323 -5.05 -92.69 -21.83
N THR A 324 -4.62 -92.17 -20.68
CA THR A 324 -4.33 -93.04 -19.55
C THR A 324 -5.56 -93.84 -19.15
N ILE A 325 -6.71 -93.17 -19.06
CA ILE A 325 -7.95 -93.86 -18.69
C ILE A 325 -8.27 -94.96 -19.69
N GLU A 326 -8.01 -94.69 -20.97
CA GLU A 326 -8.25 -95.69 -22.01
C GLU A 326 -7.32 -96.88 -21.84
N ALA A 327 -6.07 -96.63 -21.47
CA ALA A 327 -5.08 -97.70 -21.45
C ALA A 327 -5.36 -98.70 -20.33
N THR A 328 -5.90 -98.26 -19.20
CA THR A 328 -6.08 -99.14 -18.06
C THR A 328 -7.33 -100.00 -18.24
N ASP A 329 -7.58 -100.88 -17.26
CA ASP A 329 -8.70 -101.81 -17.34
C ASP A 329 -9.39 -102.04 -16.00
N ASP A 330 -9.05 -101.29 -14.96
CA ASP A 330 -9.61 -101.49 -13.63
C ASP A 330 -10.57 -100.37 -13.28
N PRO A 331 -11.80 -100.68 -12.83
CA PRO A 331 -12.73 -99.60 -12.47
C PRO A 331 -12.16 -98.60 -11.47
N GLU A 332 -11.59 -99.11 -10.37
CA GLU A 332 -11.00 -98.21 -9.37
C GLU A 332 -9.87 -97.39 -9.98
N LYS A 333 -9.10 -97.99 -10.89
CA LYS A 333 -8.04 -97.25 -11.56
C LYS A 333 -8.61 -96.10 -12.38
N ARG A 334 -9.66 -96.37 -13.16
CA ARG A 334 -10.28 -95.29 -13.92
C ARG A 334 -10.80 -94.20 -12.99
N ARG A 335 -11.42 -94.59 -11.88
CA ARG A 335 -11.95 -93.59 -10.95
C ARG A 335 -10.83 -92.71 -10.40
N LYS A 336 -9.75 -93.32 -9.94
CA LYS A 336 -8.65 -92.55 -9.37
C LYS A 336 -8.02 -91.65 -10.42
N ILE A 337 -7.80 -92.17 -11.63
CA ILE A 337 -7.25 -91.36 -12.71
C ILE A 337 -8.16 -90.17 -12.97
N ALA A 338 -9.47 -90.41 -12.94
CA ALA A 338 -10.42 -89.32 -13.18
C ALA A 338 -10.37 -88.28 -12.08
N GLU A 339 -10.17 -88.72 -10.83
CA GLU A 339 -10.06 -87.75 -9.75
C GLU A 339 -8.82 -86.90 -9.92
N PHE A 340 -7.69 -87.52 -10.30
CA PHE A 340 -6.50 -86.74 -10.63
C PHE A 340 -6.76 -85.80 -11.80
N ALA A 341 -7.50 -86.26 -12.81
CA ALA A 341 -7.79 -85.40 -13.95
C ALA A 341 -8.61 -84.20 -13.53
N ARG A 342 -9.58 -84.40 -12.65
CA ARG A 342 -10.37 -83.29 -12.13
C ARG A 342 -9.51 -82.35 -11.32
N GLU A 343 -8.58 -82.89 -10.53
CA GLU A 343 -7.65 -82.03 -9.81
C GLU A 343 -6.83 -81.19 -10.77
N LYS A 344 -6.35 -81.79 -11.86
CA LYS A 344 -5.60 -81.04 -12.86
C LYS A 344 -6.46 -79.96 -13.49
N MET A 345 -7.71 -80.28 -13.80
CA MET A 345 -8.61 -79.27 -14.33
C MET A 345 -8.76 -78.10 -13.37
N ARG A 346 -8.94 -78.40 -12.09
CA ARG A 346 -9.02 -77.35 -11.08
C ARG A 346 -7.74 -76.52 -11.08
N ARG A 347 -6.59 -77.18 -11.11
CA ARG A 347 -5.32 -76.47 -11.04
C ARG A 347 -5.18 -75.50 -12.21
N ILE A 348 -5.38 -76.00 -13.43
CA ILE A 348 -5.19 -75.16 -14.60
C ILE A 348 -6.21 -74.03 -14.62
N ARG A 349 -7.47 -74.33 -14.30
CA ARG A 349 -8.48 -73.29 -14.28
C ARG A 349 -8.15 -72.21 -13.26
N GLU A 350 -7.77 -72.61 -12.05
CA GLU A 350 -7.46 -71.63 -11.01
C GLU A 350 -6.25 -70.78 -11.43
N LEU A 351 -5.23 -71.41 -11.99
CA LEU A 351 -4.05 -70.66 -12.42
C LEU A 351 -4.40 -69.68 -13.54
N ALA A 352 -5.27 -70.10 -14.47
CA ALA A 352 -5.53 -69.28 -15.65
C ALA A 352 -6.12 -67.92 -15.30
N ARG A 353 -6.88 -67.82 -14.21
CA ARG A 353 -7.55 -66.56 -13.92
C ARG A 353 -6.56 -65.42 -13.74
N LYS A 354 -5.41 -65.70 -13.13
CA LYS A 354 -4.44 -64.65 -12.88
C LYS A 354 -3.74 -64.21 -14.17
N LEU A 355 -3.59 -65.11 -15.14
CA LEU A 355 -2.89 -64.78 -16.37
C LEU A 355 -3.73 -63.92 -17.31
N VAL A 356 -5.04 -63.91 -17.15
CA VAL A 356 -5.92 -63.23 -18.11
C VAL A 356 -5.96 -61.74 -17.82
N GLU A 357 -6.46 -60.98 -18.80
CA GLU A 357 -6.69 -59.56 -18.65
C GLU A 357 -8.03 -59.13 -19.23
N ASP A 358 -8.93 -60.06 -19.55
CA ASP A 358 -10.24 -59.75 -20.12
C ASP A 358 -11.22 -60.84 -19.70
N PRO A 359 -12.26 -60.52 -18.93
CA PRO A 359 -13.16 -61.57 -18.47
C PRO A 359 -13.76 -62.38 -19.60
N VAL A 360 -13.98 -61.76 -20.76
CA VAL A 360 -14.53 -62.50 -21.89
C VAL A 360 -13.61 -63.64 -22.27
N LEU A 361 -12.30 -63.38 -22.31
CA LEU A 361 -11.36 -64.44 -22.64
C LEU A 361 -11.29 -65.48 -21.52
N ALA A 362 -11.28 -65.03 -20.26
CA ALA A 362 -11.13 -65.95 -19.14
C ALA A 362 -12.29 -66.94 -19.09
N ALA A 363 -13.50 -66.46 -19.33
CA ALA A 363 -14.68 -67.31 -19.25
C ALA A 363 -14.56 -68.49 -20.22
N ALA A 364 -13.95 -68.27 -21.39
CA ALA A 364 -13.81 -69.36 -22.34
C ALA A 364 -12.91 -70.46 -21.79
N VAL A 365 -11.79 -70.06 -21.16
CA VAL A 365 -10.91 -71.04 -20.55
C VAL A 365 -11.65 -71.81 -19.47
N ALA A 366 -12.39 -71.09 -18.63
CA ALA A 366 -13.15 -71.75 -17.57
C ALA A 366 -14.13 -72.75 -18.15
N ALA A 367 -14.85 -72.35 -19.20
CA ALA A 367 -15.84 -73.24 -19.81
C ALA A 367 -15.17 -74.50 -20.35
N ARG A 368 -14.11 -74.33 -21.14
CA ARG A 368 -13.43 -75.50 -21.67
C ARG A 368 -12.95 -76.43 -20.56
N ALA A 369 -12.32 -75.86 -19.53
CA ALA A 369 -11.80 -76.69 -18.46
C ALA A 369 -12.90 -77.49 -17.79
N LEU A 370 -14.01 -76.83 -17.45
CA LEU A 370 -15.12 -77.54 -16.82
C LEU A 370 -15.66 -78.62 -17.74
N VAL A 371 -15.83 -78.31 -19.02
CA VAL A 371 -16.41 -79.27 -19.94
C VAL A 371 -15.53 -80.50 -20.03
N LEU A 372 -14.23 -80.31 -20.26
CA LEU A 372 -13.32 -81.45 -20.37
C LEU A 372 -13.28 -82.26 -19.07
N SER A 373 -13.24 -81.59 -17.92
CA SER A 373 -13.25 -82.33 -16.67
C SER A 373 -14.48 -83.21 -16.57
N ALA A 374 -15.65 -82.66 -16.88
CA ALA A 374 -16.87 -83.45 -16.86
C ALA A 374 -16.77 -84.60 -17.85
N ALA A 375 -16.24 -84.34 -19.04
CA ALA A 375 -16.19 -85.37 -20.08
C ALA A 375 -15.33 -86.54 -19.64
N VAL A 376 -14.16 -86.26 -19.07
CA VAL A 376 -13.29 -87.36 -18.63
C VAL A 376 -13.91 -88.11 -17.46
N PHE A 377 -14.48 -87.38 -16.50
CA PHE A 377 -15.10 -88.06 -15.38
C PHE A 377 -16.22 -88.96 -15.86
N ALA A 378 -16.98 -88.50 -16.86
CA ALA A 378 -18.02 -89.35 -17.45
C ALA A 378 -17.40 -90.54 -18.16
N LYS A 379 -16.31 -90.32 -18.89
CA LYS A 379 -15.64 -91.41 -19.59
C LYS A 379 -15.29 -92.53 -18.63
N ALA A 380 -14.98 -92.17 -17.39
CA ALA A 380 -14.54 -93.20 -16.44
C ALA A 380 -15.55 -94.33 -16.31
N TYR A 381 -16.83 -94.07 -16.56
CA TYR A 381 -17.88 -95.08 -16.41
C TYR A 381 -18.26 -95.78 -17.71
N GLY A 382 -17.63 -95.43 -18.84
CA GLY A 382 -17.77 -96.21 -20.05
C GLY A 382 -18.98 -95.91 -20.91
N GLY A 383 -19.66 -94.79 -20.69
CA GLY A 383 -20.78 -94.41 -21.53
C GLY A 383 -20.33 -94.07 -22.94
N PRO A 384 -21.24 -94.16 -23.92
CA PRO A 384 -20.86 -93.85 -25.30
C PRO A 384 -20.20 -92.48 -25.43
N GLU A 385 -19.04 -92.44 -26.09
CA GLU A 385 -18.26 -91.21 -26.18
C GLU A 385 -18.87 -90.19 -27.13
N GLU A 386 -19.79 -90.61 -28.01
CA GLU A 386 -20.34 -89.67 -28.99
C GLU A 386 -21.07 -88.52 -28.32
N TYR A 387 -21.85 -88.82 -27.28
CA TYR A 387 -22.59 -87.78 -26.59
C TYR A 387 -21.63 -86.74 -26.00
N SER A 388 -20.61 -87.21 -25.29
CA SER A 388 -19.63 -86.30 -24.72
C SER A 388 -18.94 -85.50 -25.82
N ARG A 389 -18.62 -86.13 -26.94
CA ARG A 389 -17.97 -85.43 -28.04
C ARG A 389 -18.86 -84.29 -28.54
N LEU A 390 -20.15 -84.56 -28.72
CA LEU A 390 -21.05 -83.52 -29.19
C LEU A 390 -21.16 -82.39 -28.18
N MET A 391 -21.21 -82.71 -26.89
CA MET A 391 -21.25 -81.67 -25.88
C MET A 391 -19.99 -80.82 -25.91
N ARG A 392 -18.84 -81.47 -26.07
CA ARG A 392 -17.58 -80.74 -26.16
C ARG A 392 -17.61 -79.81 -27.37
N ARG A 393 -18.16 -80.31 -28.49
CA ARG A 393 -18.31 -79.48 -29.67
C ARG A 393 -19.18 -78.27 -29.38
N TRP A 394 -20.28 -78.45 -28.65
CA TRP A 394 -21.11 -77.31 -28.29
C TRP A 394 -20.33 -76.28 -27.50
N VAL A 395 -19.57 -76.73 -26.50
CA VAL A 395 -18.78 -75.79 -25.72
C VAL A 395 -17.81 -75.05 -26.62
N GLU A 396 -17.16 -75.78 -27.53
CA GLU A 396 -16.20 -75.15 -28.43
C GLU A 396 -16.88 -74.12 -29.32
N LYS A 397 -18.07 -74.44 -29.83
CA LYS A 397 -18.80 -73.50 -30.67
C LYS A 397 -19.15 -72.24 -29.90
N ALA A 398 -19.55 -72.40 -28.63
CA ALA A 398 -19.81 -71.22 -27.81
C ALA A 398 -18.57 -70.37 -27.69
N ALA A 399 -17.41 -71.01 -27.46
CA ALA A 399 -16.18 -70.25 -27.38
C ALA A 399 -15.88 -69.53 -28.69
N GLU A 400 -16.11 -70.20 -29.82
CA GLU A 400 -15.85 -69.58 -31.12
C GLU A 400 -16.71 -68.33 -31.30
N LEU A 401 -18.01 -68.46 -31.00
CA LEU A 401 -18.90 -67.31 -31.11
C LEU A 401 -18.45 -66.20 -30.18
N ALA A 402 -18.01 -66.55 -28.97
CA ALA A 402 -17.57 -65.54 -28.02
C ALA A 402 -16.35 -64.79 -28.53
N ARG A 403 -15.39 -65.51 -29.10
CA ARG A 403 -14.22 -64.82 -29.66
C ARG A 403 -14.62 -63.94 -30.83
N ARG A 404 -15.53 -64.42 -31.69
CA ARG A 404 -16.00 -63.59 -32.80
C ARG A 404 -16.60 -62.29 -32.26
N ALA A 405 -17.46 -62.39 -31.26
CA ALA A 405 -18.10 -61.19 -30.72
C ALA A 405 -17.09 -60.29 -30.03
N ARG A 406 -16.12 -60.86 -29.33
CA ARG A 406 -15.08 -60.04 -28.70
C ARG A 406 -14.31 -59.26 -29.74
N ARG A 407 -14.00 -59.90 -30.87
CA ARG A 407 -13.40 -59.17 -31.98
C ARG A 407 -14.34 -58.09 -32.49
N LEU A 408 -15.65 -58.34 -32.47
CA LEU A 408 -16.62 -57.33 -32.88
C LEU A 408 -16.73 -56.19 -31.89
N GLY A 409 -16.21 -56.34 -30.67
CA GLY A 409 -16.27 -55.26 -29.70
C GLY A 409 -17.55 -55.15 -28.92
N ALA A 410 -18.23 -56.27 -28.67
CA ALA A 410 -19.48 -56.23 -27.93
C ALA A 410 -19.24 -56.01 -26.44
N ASP A 411 -20.33 -55.73 -25.72
CA ASP A 411 -20.26 -55.53 -24.28
C ASP A 411 -19.85 -56.82 -23.59
N GLU A 412 -18.86 -56.74 -22.70
CA GLU A 412 -18.31 -57.93 -22.06
C GLU A 412 -19.34 -58.65 -21.20
N SER A 413 -20.28 -57.91 -20.60
CA SER A 413 -21.23 -58.53 -19.69
C SER A 413 -22.08 -59.57 -20.41
N VAL A 414 -22.57 -59.23 -21.60
CA VAL A 414 -23.43 -60.15 -22.34
C VAL A 414 -22.67 -61.41 -22.69
N LEU A 415 -21.43 -61.27 -23.14
CA LEU A 415 -20.64 -62.42 -23.52
C LEU A 415 -20.33 -63.31 -22.33
N VAL A 416 -20.00 -62.71 -21.19
CA VAL A 416 -19.73 -63.50 -20.00
C VAL A 416 -20.97 -64.30 -19.61
N ALA A 417 -22.13 -63.64 -19.66
CA ALA A 417 -23.36 -64.35 -19.35
C ALA A 417 -23.56 -65.52 -20.31
N ALA A 418 -23.34 -65.29 -21.59
CA ALA A 418 -23.51 -66.35 -22.58
C ALA A 418 -22.62 -67.54 -22.25
N LEU A 419 -21.32 -67.28 -22.06
CA LEU A 419 -20.38 -68.37 -21.86
C LEU A 419 -20.73 -69.17 -20.60
N MET A 420 -20.99 -68.47 -19.50
CA MET A 420 -21.26 -69.19 -18.26
C MET A 420 -22.58 -69.96 -18.35
N ARG A 421 -23.60 -69.40 -18.99
CA ARG A 421 -24.85 -70.11 -19.17
C ARG A 421 -24.61 -71.42 -19.90
N VAL A 422 -23.85 -71.36 -21.00
CA VAL A 422 -23.56 -72.57 -21.76
C VAL A 422 -22.85 -73.57 -20.88
N ALA A 423 -21.87 -73.10 -20.09
CA ALA A 423 -21.12 -74.01 -19.24
C ALA A 423 -22.03 -74.74 -18.26
N ALA A 424 -22.94 -74.00 -17.63
CA ALA A 424 -23.85 -74.62 -16.68
C ALA A 424 -24.70 -75.69 -17.37
N ILE A 425 -25.31 -75.33 -18.50
CA ILE A 425 -26.16 -76.30 -19.20
C ILE A 425 -25.36 -77.55 -19.53
N ALA A 426 -24.15 -77.36 -20.06
CA ALA A 426 -23.34 -78.50 -20.50
C ALA A 426 -23.01 -79.41 -19.33
N VAL A 427 -22.49 -78.84 -18.24
CA VAL A 427 -22.03 -79.68 -17.13
C VAL A 427 -23.21 -80.44 -16.54
N THR A 428 -24.33 -79.75 -16.33
CA THR A 428 -25.47 -80.44 -15.73
C THR A 428 -26.01 -81.51 -16.66
N ALA A 429 -26.02 -81.27 -17.96
CA ALA A 429 -26.47 -82.30 -18.89
C ALA A 429 -25.59 -83.54 -18.82
N ILE A 430 -24.27 -83.34 -18.83
CA ILE A 430 -23.36 -84.48 -18.79
C ILE A 430 -23.55 -85.26 -17.50
N ALA A 431 -23.64 -84.56 -16.38
CA ALA A 431 -23.86 -85.23 -15.10
C ALA A 431 -25.17 -86.01 -15.11
N MET A 432 -26.23 -85.42 -15.68
CA MET A 432 -27.51 -86.10 -15.77
C MET A 432 -27.39 -87.41 -16.56
N MET A 433 -26.71 -87.35 -17.71
CA MET A 433 -26.55 -88.56 -18.50
C MET A 433 -25.79 -89.62 -17.71
N THR A 434 -24.72 -89.21 -17.04
CA THR A 434 -23.97 -90.17 -16.24
C THR A 434 -24.84 -90.79 -15.17
N VAL A 435 -25.68 -89.97 -14.52
CA VAL A 435 -26.53 -90.46 -13.44
C VAL A 435 -27.50 -91.52 -13.95
N MET A 436 -28.17 -91.23 -15.07
CA MET A 436 -29.06 -92.26 -15.63
C MET A 436 -28.28 -93.49 -16.07
N GLY A 437 -27.06 -93.32 -16.57
CA GLY A 437 -26.26 -94.47 -16.93
C GLY A 437 -26.00 -95.37 -15.74
N VAL A 438 -25.63 -94.78 -14.61
CA VAL A 438 -25.40 -95.57 -13.40
C VAL A 438 -26.67 -96.28 -12.98
N GLN A 439 -27.81 -95.60 -13.07
CA GLN A 439 -29.09 -96.20 -12.68
C GLN A 439 -29.57 -97.26 -13.65
N ASN A 440 -28.84 -97.52 -14.73
CA ASN A 440 -29.20 -98.56 -15.69
C ASN A 440 -30.53 -98.23 -16.38
N ALA A 441 -30.67 -96.98 -16.80
CA ALA A 441 -31.88 -96.57 -17.50
C ALA A 441 -31.90 -97.14 -18.92
N PRO A 442 -33.09 -97.27 -19.52
CA PRO A 442 -33.17 -97.75 -20.90
C PRO A 442 -32.66 -96.71 -21.88
N PRO A 443 -32.20 -97.12 -23.06
CA PRO A 443 -31.61 -96.15 -23.98
C PRO A 443 -32.56 -95.06 -24.44
N GLU A 444 -33.86 -95.38 -24.59
CA GLU A 444 -34.81 -94.34 -24.97
C GLU A 444 -34.84 -93.24 -23.93
N GLU A 445 -34.84 -93.60 -22.65
CA GLU A 445 -34.81 -92.60 -21.59
C GLU A 445 -33.54 -91.77 -21.67
N ARG A 446 -32.40 -92.42 -21.87
CA ARG A 446 -31.13 -91.70 -21.91
C ARG A 446 -31.10 -90.69 -23.07
N GLU A 447 -31.63 -91.09 -24.22
CA GLU A 447 -31.59 -90.21 -25.40
C GLU A 447 -32.27 -88.87 -25.10
N ARG A 448 -33.35 -88.90 -24.32
CA ARG A 448 -34.15 -87.70 -24.10
C ARG A 448 -33.29 -86.54 -23.62
N ILE A 449 -32.29 -86.83 -22.79
CA ILE A 449 -31.49 -85.76 -22.18
C ILE A 449 -30.81 -84.93 -23.26
N LEU A 450 -30.33 -85.58 -24.32
CA LEU A 450 -29.63 -84.84 -25.37
C LEU A 450 -30.55 -83.82 -26.02
N ALA A 451 -31.80 -84.19 -26.25
CA ALA A 451 -32.75 -83.24 -26.81
C ALA A 451 -32.89 -82.04 -25.88
N GLU A 452 -33.11 -82.30 -24.59
CA GLU A 452 -33.29 -81.20 -23.64
C GLU A 452 -32.07 -80.29 -23.62
N ALA A 453 -30.87 -80.87 -23.59
CA ALA A 453 -29.67 -80.06 -23.52
C ALA A 453 -29.49 -79.23 -24.79
N THR A 454 -29.57 -79.88 -25.96
CA THR A 454 -29.30 -79.17 -27.20
C THR A 454 -30.29 -78.04 -27.44
N GLU A 455 -31.57 -78.28 -27.13
CA GLU A 455 -32.55 -77.21 -27.29
C GLU A 455 -32.19 -76.01 -26.44
N MET A 456 -31.96 -76.22 -25.14
CA MET A 456 -31.64 -75.12 -24.25
C MET A 456 -30.34 -74.45 -24.67
N ILE A 457 -29.33 -75.24 -25.00
CA ILE A 457 -28.04 -74.67 -25.38
C ILE A 457 -28.18 -73.84 -26.65
N ALA A 458 -28.87 -74.38 -27.65
CA ALA A 458 -29.07 -73.63 -28.89
C ALA A 458 -29.82 -72.33 -28.61
N ARG A 459 -30.93 -72.43 -27.90
CA ARG A 459 -31.70 -71.23 -27.59
C ARG A 459 -30.87 -70.25 -26.78
N VAL A 460 -30.07 -70.75 -25.84
CA VAL A 460 -29.24 -69.88 -25.03
C VAL A 460 -28.27 -69.10 -25.90
N LEU A 461 -27.59 -69.79 -26.83
CA LEU A 461 -26.70 -69.08 -27.74
C LEU A 461 -27.47 -68.13 -28.65
N ALA A 462 -28.62 -68.56 -29.16
CA ALA A 462 -29.37 -67.72 -30.07
C ALA A 462 -29.77 -66.41 -29.40
N GLU A 463 -30.29 -66.49 -28.18
CA GLU A 463 -30.72 -65.28 -27.49
C GLU A 463 -29.56 -64.31 -27.30
N ALA A 464 -28.39 -64.83 -26.91
CA ALA A 464 -27.23 -63.97 -26.75
C ALA A 464 -26.85 -63.31 -28.07
N THR A 465 -26.87 -64.08 -29.17
CA THR A 465 -26.50 -63.51 -30.46
C THR A 465 -27.35 -62.29 -30.78
N ARG A 466 -28.67 -62.43 -30.68
CA ARG A 466 -29.56 -61.31 -30.95
C ARG A 466 -29.29 -60.15 -30.01
N ARG A 467 -29.04 -60.44 -28.73
CA ARG A 467 -28.84 -59.37 -27.76
C ARG A 467 -27.63 -58.52 -28.14
N VAL A 468 -26.50 -59.16 -28.43
CA VAL A 468 -25.30 -58.41 -28.80
C VAL A 468 -25.52 -57.68 -30.12
N MET A 469 -26.12 -58.37 -31.09
CA MET A 469 -26.30 -57.78 -32.42
C MET A 469 -27.11 -56.50 -32.34
N LYS A 470 -28.09 -56.44 -31.44
CA LYS A 470 -28.95 -55.28 -31.36
C LYS A 470 -28.17 -54.00 -31.11
N ARG A 471 -27.05 -54.09 -30.40
CA ARG A 471 -26.28 -52.91 -30.03
C ARG A 471 -25.26 -52.50 -31.08
N LEU A 472 -25.08 -53.29 -32.14
CA LEU A 472 -24.05 -53.00 -33.12
C LEU A 472 -24.40 -51.75 -33.92
N GLU A 473 -23.45 -51.33 -34.77
CA GLU A 473 -23.65 -50.16 -35.63
C GLU A 473 -23.19 -50.37 -37.06
N ASP A 474 -22.53 -51.47 -37.40
CA ASP A 474 -22.02 -51.70 -38.74
C ASP A 474 -22.87 -52.73 -39.45
N PRO A 475 -23.50 -52.42 -40.59
CA PRO A 475 -24.43 -53.38 -41.18
C PRO A 475 -23.75 -54.66 -41.65
N GLU A 476 -22.60 -54.54 -42.30
CA GLU A 476 -21.90 -55.74 -42.78
C GLU A 476 -21.51 -56.63 -41.62
N ALA A 477 -21.02 -56.03 -40.52
CA ALA A 477 -20.63 -56.82 -39.36
C ALA A 477 -21.84 -57.53 -38.75
N ALA A 478 -22.97 -56.83 -38.64
CA ALA A 478 -24.17 -57.47 -38.11
C ALA A 478 -24.61 -58.63 -38.98
N ALA A 479 -24.59 -58.43 -40.30
CA ALA A 479 -24.94 -59.52 -41.20
C ALA A 479 -23.98 -60.68 -41.06
N GLU A 480 -22.70 -60.39 -40.86
CA GLU A 480 -21.71 -61.44 -40.65
C GLU A 480 -22.03 -62.24 -39.40
N LEU A 481 -22.37 -61.54 -38.32
CA LEU A 481 -22.75 -62.25 -37.10
C LEU A 481 -23.95 -63.15 -37.34
N ALA A 482 -24.96 -62.62 -38.03
CA ALA A 482 -26.16 -63.41 -38.30
C ALA A 482 -25.81 -64.66 -39.09
N LEU A 483 -25.10 -64.49 -40.21
CA LEU A 483 -24.78 -65.63 -41.06
C LEU A 483 -23.92 -66.65 -40.31
N ALA A 484 -22.91 -66.18 -39.59
CA ALA A 484 -22.02 -67.10 -38.90
C ALA A 484 -22.78 -67.92 -37.86
N THR A 485 -23.54 -67.25 -37.01
CA THR A 485 -24.26 -67.98 -35.96
C THR A 485 -25.31 -68.90 -36.57
N ILE A 486 -25.95 -68.49 -37.67
CA ILE A 486 -26.93 -69.37 -38.30
C ILE A 486 -26.24 -70.63 -38.81
N GLU A 487 -25.10 -70.47 -39.47
CA GLU A 487 -24.38 -71.64 -39.95
C GLU A 487 -24.01 -72.55 -38.79
N ALA A 488 -23.46 -71.97 -37.72
CA ALA A 488 -23.01 -72.77 -36.60
C ALA A 488 -24.17 -73.55 -35.98
N ILE A 489 -25.27 -72.86 -35.67
CA ILE A 489 -26.40 -73.52 -35.03
C ILE A 489 -26.97 -74.60 -35.94
N THR A 490 -27.01 -74.32 -37.25
CA THR A 490 -27.51 -75.33 -38.18
C THR A 490 -26.62 -76.57 -38.15
N GLU A 491 -25.30 -76.38 -38.16
CA GLU A 491 -24.40 -77.52 -38.14
C GLU A 491 -24.58 -78.33 -36.87
N LEU A 492 -24.70 -77.64 -35.73
CA LEU A 492 -24.84 -78.34 -34.47
C LEU A 492 -26.14 -79.15 -34.44
N PHE A 493 -27.24 -78.54 -34.87
CA PHE A 493 -28.50 -79.27 -34.92
C PHE A 493 -28.41 -80.46 -35.87
N VAL A 494 -27.72 -80.29 -37.00
CA VAL A 494 -27.59 -81.40 -37.93
C VAL A 494 -26.90 -82.57 -37.25
N ASP A 495 -25.79 -82.28 -36.56
CA ASP A 495 -25.07 -83.33 -35.87
C ASP A 495 -25.95 -84.01 -34.82
N ALA A 496 -26.65 -83.20 -34.03
CA ALA A 496 -27.51 -83.78 -32.99
C ALA A 496 -28.58 -84.68 -33.59
N LEU A 497 -29.26 -84.19 -34.63
CA LEU A 497 -30.29 -84.98 -35.28
C LEU A 497 -29.72 -86.29 -35.82
N GLU A 498 -28.50 -86.24 -36.35
CA GLU A 498 -27.86 -87.49 -36.77
C GLU A 498 -27.63 -88.42 -35.60
N ILE A 499 -27.23 -87.88 -34.45
CA ILE A 499 -26.83 -88.74 -33.33
C ILE A 499 -28.02 -89.53 -32.79
N ILE A 500 -29.15 -88.86 -32.55
CA ILE A 500 -30.23 -89.49 -31.80
C ILE A 500 -30.69 -90.75 -32.52
N ARG A 501 -30.93 -91.81 -31.75
CA ARG A 501 -31.12 -93.14 -32.33
C ARG A 501 -32.53 -93.36 -32.85
N SER A 502 -33.55 -93.15 -32.02
CA SER A 502 -34.90 -93.55 -32.39
C SER A 502 -35.92 -92.80 -31.54
N GLY A 503 -37.17 -92.86 -31.99
CA GLY A 503 -38.31 -92.46 -31.18
C GLY A 503 -38.80 -91.05 -31.44
N GLU A 504 -39.88 -90.72 -30.73
CA GLU A 504 -40.60 -89.48 -30.95
C GLU A 504 -39.76 -88.24 -30.62
N VAL A 505 -38.66 -88.40 -29.89
CA VAL A 505 -37.80 -87.26 -29.57
C VAL A 505 -37.31 -86.58 -30.83
N ALA A 506 -37.27 -87.31 -31.95
CA ALA A 506 -36.82 -86.72 -33.20
C ALA A 506 -37.73 -85.57 -33.62
N SER A 507 -39.04 -85.76 -33.51
CA SER A 507 -39.97 -84.70 -33.89
C SER A 507 -39.78 -83.47 -33.01
N ARG A 508 -39.64 -83.69 -31.71
CA ARG A 508 -39.36 -82.58 -30.79
C ARG A 508 -38.15 -81.80 -31.26
N LEU A 509 -37.04 -82.50 -31.53
CA LEU A 509 -35.81 -81.81 -31.88
C LEU A 509 -35.98 -81.05 -33.19
N ALA A 510 -36.64 -81.67 -34.18
CA ALA A 510 -36.82 -81.01 -35.46
C ALA A 510 -37.62 -79.72 -35.30
N LYS A 511 -38.72 -79.80 -34.54
CA LYS A 511 -39.54 -78.62 -34.34
C LYS A 511 -38.74 -77.51 -33.67
N SER A 512 -37.98 -77.87 -32.62
CA SER A 512 -37.21 -76.87 -31.89
C SER A 512 -36.19 -76.21 -32.80
N GLY A 513 -35.47 -77.01 -33.59
CA GLY A 513 -34.46 -76.44 -34.46
C GLY A 513 -35.06 -75.50 -35.48
N ILE A 514 -36.16 -75.93 -36.10
CA ILE A 514 -36.82 -75.07 -37.09
C ILE A 514 -37.17 -73.74 -36.46
N GLU A 515 -37.82 -73.79 -35.29
CA GLU A 515 -38.23 -72.55 -34.64
C GLU A 515 -37.03 -71.67 -34.34
N VAL A 516 -35.95 -72.25 -33.82
CA VAL A 516 -34.81 -71.46 -33.41
C VAL A 516 -34.22 -70.73 -34.61
N ILE A 517 -33.98 -71.46 -35.70
CA ILE A 517 -33.33 -70.82 -36.85
C ILE A 517 -34.25 -69.77 -37.45
N ALA A 518 -35.55 -70.06 -37.50
CA ALA A 518 -36.48 -69.07 -38.04
C ALA A 518 -36.44 -67.79 -37.22
N GLU A 519 -36.46 -67.92 -35.89
CA GLU A 519 -36.43 -66.74 -35.03
C GLU A 519 -35.15 -65.94 -35.26
N LEU A 520 -34.01 -66.62 -35.32
CA LEU A 520 -32.76 -65.90 -35.53
C LEU A 520 -32.76 -65.19 -36.88
N ALA A 521 -33.27 -65.86 -37.92
CA ALA A 521 -33.30 -65.25 -39.23
C ALA A 521 -34.18 -64.00 -39.22
N GLU A 522 -35.36 -64.10 -38.60
CA GLU A 522 -36.24 -62.94 -38.52
C GLU A 522 -35.56 -61.79 -37.79
N ALA A 523 -34.89 -62.10 -36.67
CA ALA A 523 -34.19 -61.05 -35.94
C ALA A 523 -33.16 -60.36 -36.83
N ALA A 524 -32.41 -61.15 -37.61
CA ALA A 524 -31.43 -60.54 -38.51
C ALA A 524 -32.12 -59.67 -39.56
N ILE A 525 -33.23 -60.15 -40.12
CA ILE A 525 -33.93 -59.41 -41.17
C ILE A 525 -34.39 -58.05 -40.68
N GLU A 526 -34.56 -57.87 -39.36
CA GLU A 526 -35.02 -56.59 -38.84
C GLU A 526 -34.08 -55.46 -39.25
N HIS A 527 -32.78 -55.71 -39.19
CA HIS A 527 -31.81 -54.65 -39.49
C HIS A 527 -31.66 -54.48 -40.99
N ILE A 528 -31.23 -53.27 -41.38
CA ILE A 528 -31.15 -52.92 -42.80
C ILE A 528 -29.97 -53.65 -43.45
N ASP A 529 -29.95 -53.60 -44.78
CA ASP A 529 -28.87 -54.22 -45.54
C ASP A 529 -28.97 -53.75 -46.99
N ASP A 530 -27.87 -53.95 -47.72
CA ASP A 530 -27.91 -53.84 -49.16
C ASP A 530 -28.65 -55.05 -49.73
N PRO A 531 -29.24 -54.92 -50.92
CA PRO A 531 -30.09 -56.01 -51.43
C PRO A 531 -29.36 -57.34 -51.53
N GLU A 532 -28.11 -57.33 -51.97
CA GLU A 532 -27.35 -58.58 -52.04
C GLU A 532 -27.18 -59.20 -50.67
N GLN A 533 -26.88 -58.37 -49.66
CA GLN A 533 -26.77 -58.89 -48.30
C GLN A 533 -28.09 -59.50 -47.85
N LEU A 534 -29.21 -58.85 -48.15
CA LEU A 534 -30.51 -59.42 -47.83
C LEU A 534 -30.71 -60.74 -48.57
N LYS A 535 -30.37 -60.76 -49.86
CA LYS A 535 -30.52 -61.98 -50.65
C LYS A 535 -29.70 -63.12 -50.06
N LYS A 536 -28.47 -62.82 -49.63
CA LYS A 536 -27.66 -63.84 -48.99
C LYS A 536 -28.34 -64.36 -47.73
N ILE A 537 -28.93 -63.47 -46.94
CA ILE A 537 -29.59 -63.88 -45.70
C ILE A 537 -30.72 -64.85 -46.01
N VAL A 538 -31.53 -64.54 -47.03
CA VAL A 538 -32.64 -65.43 -47.38
C VAL A 538 -32.12 -66.78 -47.84
N LYS A 539 -31.07 -66.78 -48.67
CA LYS A 539 -30.55 -68.05 -49.18
C LYS A 539 -30.02 -68.91 -48.04
N LYS A 540 -29.30 -68.32 -47.11
CA LYS A 540 -28.75 -69.09 -45.99
C LYS A 540 -29.87 -69.77 -45.21
N ALA A 541 -30.90 -69.02 -44.84
CA ALA A 541 -32.01 -69.60 -44.10
C ALA A 541 -32.67 -70.71 -44.89
N ALA A 542 -32.91 -70.49 -46.18
CA ALA A 542 -33.55 -71.52 -47.00
C ALA A 542 -32.73 -72.80 -47.00
N GLU A 543 -31.42 -72.68 -47.15
CA GLU A 543 -30.57 -73.86 -47.11
C GLU A 543 -30.65 -74.55 -45.75
N ALA A 544 -30.62 -73.77 -44.67
CA ALA A 544 -30.63 -74.35 -43.33
C ALA A 544 -31.88 -75.18 -43.12
N ILE A 545 -33.05 -74.59 -43.34
CA ILE A 545 -34.30 -75.30 -43.06
C ILE A 545 -34.40 -76.54 -43.95
N LYS A 546 -33.90 -76.43 -45.18
CA LYS A 546 -33.89 -77.59 -46.07
C LYS A 546 -33.04 -78.71 -45.49
N LYS A 547 -31.90 -78.36 -44.90
CA LYS A 547 -30.98 -79.39 -44.41
C LYS A 547 -31.61 -80.18 -43.26
N ILE A 548 -32.22 -79.49 -42.30
CA ILE A 548 -32.77 -80.19 -41.15
C ILE A 548 -33.97 -81.03 -41.54
N VAL A 549 -34.84 -80.49 -42.39
CA VAL A 549 -35.97 -81.29 -42.87
C VAL A 549 -35.46 -82.53 -43.60
N GLU A 550 -34.42 -82.36 -44.42
CA GLU A 550 -33.81 -83.51 -45.07
C GLU A 550 -33.30 -84.52 -44.05
N GLU A 551 -32.67 -84.02 -42.99
CA GLU A 551 -32.15 -84.92 -41.96
C GLU A 551 -33.26 -85.76 -41.35
N LEU A 552 -34.38 -85.13 -41.01
CA LEU A 552 -35.49 -85.86 -40.41
C LEU A 552 -36.04 -86.90 -41.38
N ILE A 553 -36.05 -86.58 -42.68
CA ILE A 553 -36.55 -87.53 -43.67
C ILE A 553 -35.70 -88.79 -43.71
N LYS A 554 -34.43 -88.67 -43.33
CA LYS A 554 -33.48 -89.77 -43.48
C LYS A 554 -33.78 -90.96 -42.59
N LYS A 555 -34.68 -90.83 -41.63
CA LYS A 555 -34.82 -91.82 -40.57
C LYS A 555 -36.28 -92.02 -40.22
N ASP A 556 -36.57 -93.18 -39.61
CA ASP A 556 -37.94 -93.60 -39.37
C ASP A 556 -38.59 -92.77 -38.28
N VAL A 557 -39.80 -92.28 -38.56
CA VAL A 557 -40.60 -91.55 -37.58
C VAL A 557 -42.08 -91.78 -37.88
N GLU A 558 -42.92 -91.49 -36.89
CA GLU A 558 -44.36 -91.64 -37.07
C GLU A 558 -44.84 -90.73 -38.20
N ASP A 559 -45.72 -91.26 -39.04
CA ASP A 559 -46.09 -90.56 -40.27
C ASP A 559 -46.77 -89.23 -39.97
N GLU A 560 -47.70 -89.21 -39.02
CA GLU A 560 -48.40 -87.97 -38.71
C GLU A 560 -47.44 -86.90 -38.24
N LEU A 561 -46.49 -87.27 -37.38
CA LEU A 561 -45.50 -86.32 -36.90
C LEU A 561 -44.61 -85.83 -38.03
N LEU A 562 -44.25 -86.72 -38.96
CA LEU A 562 -43.48 -86.28 -40.12
C LEU A 562 -44.25 -85.25 -40.91
N ALA A 563 -45.55 -85.45 -41.10
CA ALA A 563 -46.36 -84.46 -41.79
C ALA A 563 -46.32 -83.13 -41.06
N GLU A 564 -46.60 -83.13 -39.76
CA GLU A 564 -46.62 -81.89 -39.00
C GLU A 564 -45.28 -81.19 -39.06
N VAL A 565 -44.19 -81.96 -38.96
CA VAL A 565 -42.86 -81.36 -39.08
C VAL A 565 -42.69 -80.74 -40.46
N THR A 566 -43.13 -81.44 -41.51
CA THR A 566 -42.97 -80.92 -42.86
C THR A 566 -43.74 -79.62 -43.04
N SER A 567 -45.02 -79.63 -42.66
CA SER A 567 -45.84 -78.43 -42.82
C SER A 567 -45.32 -77.29 -41.96
N GLU A 568 -45.02 -77.59 -40.69
CA GLU A 568 -44.56 -76.54 -39.80
C GLU A 568 -43.26 -75.91 -40.30
N GLY A 569 -42.34 -76.73 -40.82
CA GLY A 569 -41.12 -76.18 -41.37
C GLY A 569 -41.38 -75.29 -42.57
N ASN A 570 -42.17 -75.77 -43.52
CA ASN A 570 -42.43 -75.00 -44.73
C ASN A 570 -43.05 -73.65 -44.38
N ARG A 571 -44.07 -73.65 -43.53
CA ARG A 571 -44.75 -72.41 -43.17
C ARG A 571 -43.77 -71.38 -42.63
N LYS A 572 -42.78 -71.81 -41.85
CA LYS A 572 -41.84 -70.87 -41.29
C LYS A 572 -40.92 -70.29 -42.35
N LEU A 573 -40.61 -71.06 -43.40
CA LEU A 573 -39.89 -70.47 -44.53
C LEU A 573 -40.71 -69.38 -45.19
N SER A 574 -42.02 -69.61 -45.33
CA SER A 574 -42.90 -68.61 -45.91
C SER A 574 -42.76 -67.29 -45.16
N ARG A 575 -42.83 -67.35 -43.84
CA ARG A 575 -42.86 -66.11 -43.04
C ARG A 575 -41.62 -65.27 -43.29
N ILE A 576 -40.44 -65.87 -43.18
CA ILE A 576 -39.22 -65.11 -43.42
C ILE A 576 -39.17 -64.67 -44.88
N THR A 577 -39.67 -65.50 -45.79
CA THR A 577 -39.73 -65.09 -47.19
C THR A 577 -40.57 -63.83 -47.35
N SER A 578 -41.72 -63.78 -46.69
CA SER A 578 -42.55 -62.58 -46.77
C SER A 578 -41.89 -61.40 -46.08
N LYS A 579 -41.28 -61.60 -44.92
CA LYS A 579 -40.67 -60.49 -44.20
C LYS A 579 -39.57 -59.85 -45.04
N ALA A 580 -38.76 -60.67 -45.71
CA ALA A 580 -37.71 -60.12 -46.56
C ALA A 580 -38.31 -59.31 -47.72
N LEU A 581 -39.34 -59.86 -48.37
CA LEU A 581 -39.93 -59.19 -49.53
C LEU A 581 -40.46 -57.81 -49.18
N THR A 582 -40.73 -57.54 -47.91
CA THR A 582 -41.25 -56.24 -47.50
C THR A 582 -40.27 -55.10 -47.74
N LYS A 583 -38.99 -55.40 -47.99
CA LYS A 583 -37.97 -54.36 -48.11
C LYS A 583 -37.28 -54.33 -49.46
N ILE A 584 -37.41 -55.35 -50.28
CA ILE A 584 -36.64 -55.45 -51.51
C ILE A 584 -37.26 -54.58 -52.60
N LYS A 585 -36.80 -53.33 -52.70
CA LYS A 585 -37.33 -52.41 -53.70
C LYS A 585 -36.90 -52.75 -55.11
N ASP A 586 -35.74 -53.39 -55.27
CA ASP A 586 -35.25 -53.73 -56.61
C ASP A 586 -36.12 -54.81 -57.22
N GLU A 587 -36.68 -54.53 -58.39
CA GLU A 587 -37.59 -55.49 -59.02
C GLU A 587 -36.90 -56.82 -59.27
N LYS A 588 -35.65 -56.80 -59.71
CA LYS A 588 -34.95 -58.04 -60.01
C LYS A 588 -34.86 -58.93 -58.78
N ALA A 589 -34.48 -58.35 -57.63
CA ALA A 589 -34.44 -59.12 -56.40
C ALA A 589 -35.84 -59.57 -55.98
N ALA A 590 -36.83 -58.70 -56.17
CA ALA A 590 -38.19 -59.06 -55.78
C ALA A 590 -38.66 -60.30 -56.52
N ALA A 591 -38.39 -60.37 -57.83
CA ALA A 591 -38.73 -61.57 -58.59
C ALA A 591 -37.87 -62.75 -58.17
N GLU A 592 -36.55 -62.53 -58.07
CA GLU A 592 -35.64 -63.62 -57.76
C GLU A 592 -35.96 -64.23 -56.39
N LEU A 593 -36.08 -63.39 -55.37
CA LEU A 593 -36.40 -63.91 -54.04
C LEU A 593 -37.71 -64.67 -54.06
N THR A 594 -38.71 -64.13 -54.77
CA THR A 594 -39.97 -64.86 -54.89
C THR A 594 -39.74 -66.23 -55.49
N ILE A 595 -39.25 -66.26 -56.74
CA ILE A 595 -39.15 -67.53 -57.46
C ILE A 595 -38.40 -68.55 -56.61
N GLU A 596 -37.36 -68.10 -55.90
CA GLU A 596 -36.57 -69.02 -55.09
C GLU A 596 -37.43 -69.74 -54.06
N ALA A 597 -38.19 -68.97 -53.27
CA ALA A 597 -38.96 -69.58 -52.19
C ALA A 597 -40.04 -70.51 -52.75
N ILE A 598 -40.72 -70.10 -53.81
CA ILE A 598 -41.66 -70.99 -54.48
C ILE A 598 -40.96 -72.28 -54.90
N GLU A 599 -39.76 -72.17 -55.46
CA GLU A 599 -39.00 -73.36 -55.80
C GLU A 599 -38.73 -74.21 -54.55
N ALA A 600 -38.25 -73.57 -53.48
CA ALA A 600 -37.88 -74.33 -52.28
C ALA A 600 -39.09 -75.01 -51.65
N ILE A 601 -40.16 -74.26 -51.42
CA ILE A 601 -41.32 -74.83 -50.73
C ILE A 601 -41.88 -75.98 -51.55
N THR A 602 -41.90 -75.83 -52.87
CA THR A 602 -42.34 -76.93 -53.72
C THR A 602 -41.44 -78.14 -53.55
N GLU A 603 -40.12 -77.92 -53.49
CA GLU A 603 -39.19 -79.03 -53.38
C GLU A 603 -39.41 -79.82 -52.10
N ASN A 604 -39.59 -79.12 -50.98
CA ASN A 604 -39.68 -79.81 -49.69
C ASN A 604 -40.88 -80.77 -49.67
N PHE A 605 -42.04 -80.30 -50.10
CA PHE A 605 -43.21 -81.17 -50.17
C PHE A 605 -42.97 -82.36 -51.09
N LEU A 606 -42.18 -82.16 -52.15
CA LEU A 606 -41.86 -83.28 -53.04
C LEU A 606 -41.13 -84.38 -52.27
N LEU A 607 -40.18 -84.02 -51.42
CA LEU A 607 -39.45 -85.03 -50.66
C LEU A 607 -40.34 -85.71 -49.65
N ALA A 608 -41.16 -84.93 -48.93
CA ALA A 608 -42.05 -85.52 -47.93
C ALA A 608 -43.03 -86.48 -48.57
N LEU A 609 -43.55 -86.11 -49.75
CA LEU A 609 -44.41 -87.03 -50.50
C LEU A 609 -43.61 -88.23 -51.02
N GLU A 610 -42.34 -88.01 -51.36
CA GLU A 610 -41.54 -89.09 -51.94
C GLU A 610 -41.44 -90.31 -51.05
N ARG A 611 -41.63 -90.13 -49.74
CA ARG A 611 -41.58 -91.26 -48.80
C ARG A 611 -42.71 -91.18 -47.78
N ILE A 612 -43.84 -90.59 -48.16
CA ILE A 612 -44.96 -90.44 -47.25
C ILE A 612 -45.65 -91.77 -47.03
N LYS A 613 -46.31 -91.91 -45.89
CA LYS A 613 -47.09 -93.10 -45.59
C LYS A 613 -48.40 -93.09 -46.36
N ASP A 614 -49.22 -94.11 -46.12
CA ASP A 614 -50.49 -94.25 -46.80
C ASP A 614 -51.56 -93.38 -46.14
N GLY A 615 -52.77 -93.43 -46.68
CA GLY A 615 -53.92 -92.82 -46.06
C GLY A 615 -54.08 -91.35 -46.36
N GLU A 616 -55.02 -90.74 -45.64
CA GLU A 616 -55.41 -89.36 -45.88
C GLU A 616 -54.23 -88.41 -45.68
N VAL A 617 -53.27 -88.78 -44.83
CA VAL A 617 -52.23 -87.84 -44.41
C VAL A 617 -51.52 -87.25 -45.62
N ALA A 618 -51.26 -88.06 -46.64
CA ALA A 618 -50.56 -87.55 -47.81
C ALA A 618 -51.38 -86.48 -48.51
N ALA A 619 -52.70 -86.65 -48.57
CA ALA A 619 -53.54 -85.65 -49.22
C ALA A 619 -53.54 -84.34 -48.43
N LYS A 620 -53.68 -84.43 -47.11
CA LYS A 620 -53.72 -83.20 -46.29
C LYS A 620 -52.47 -82.37 -46.50
N LEU A 621 -51.30 -83.00 -46.53
CA LEU A 621 -50.09 -82.27 -46.90
C LEU A 621 -50.23 -81.62 -48.27
N ALA A 622 -50.72 -82.38 -49.25
CA ALA A 622 -50.77 -81.85 -50.61
C ALA A 622 -51.65 -80.62 -50.68
N GLU A 623 -52.85 -80.69 -50.10
CA GLU A 623 -53.75 -79.54 -50.13
C GLU A 623 -53.14 -78.37 -49.36
N ASP A 624 -52.72 -78.59 -48.12
CA ASP A 624 -52.19 -77.50 -47.32
C ASP A 624 -50.95 -76.89 -47.95
N GLY A 625 -50.22 -77.68 -48.74
CA GLY A 625 -49.12 -77.11 -49.50
C GLY A 625 -49.58 -76.16 -50.58
N LEU A 626 -50.66 -76.52 -51.28
CA LEU A 626 -51.19 -75.64 -52.31
C LEU A 626 -51.60 -74.30 -51.72
N LEU A 627 -52.30 -74.33 -50.58
CA LEU A 627 -52.61 -73.07 -49.90
C LEU A 627 -51.34 -72.37 -49.47
N GLU A 628 -50.34 -73.12 -49.00
CA GLU A 628 -49.12 -72.50 -48.50
C GLU A 628 -48.44 -71.67 -49.59
N ILE A 629 -48.36 -72.22 -50.81
CA ILE A 629 -47.73 -71.47 -51.89
C ILE A 629 -48.60 -70.31 -52.32
N TYR A 630 -49.91 -70.53 -52.43
CA TYR A 630 -50.80 -69.45 -52.85
C TYR A 630 -50.63 -68.23 -51.96
N ARG A 631 -50.53 -68.45 -50.65
CA ARG A 631 -50.48 -67.32 -49.74
C ARG A 631 -49.21 -66.52 -49.98
N LEU A 632 -48.09 -67.20 -50.22
CA LEU A 632 -46.83 -66.52 -50.49
C LEU A 632 -46.84 -65.93 -51.90
N ALA A 633 -47.42 -66.64 -52.87
CA ALA A 633 -47.44 -66.14 -54.24
C ALA A 633 -48.18 -64.81 -54.32
N VAL A 634 -49.41 -64.77 -53.80
CA VAL A 634 -50.16 -63.51 -53.82
C VAL A 634 -49.46 -62.47 -52.98
N SER A 635 -48.95 -62.86 -51.80
CA SER A 635 -48.32 -61.90 -50.91
C SER A 635 -47.18 -61.16 -51.62
N GLY A 636 -46.47 -61.83 -52.51
CA GLY A 636 -45.47 -61.18 -53.32
C GLY A 636 -46.07 -60.39 -54.45
N ILE A 637 -47.22 -60.87 -54.96
CA ILE A 637 -47.80 -60.30 -56.17
C ILE A 637 -48.06 -58.80 -55.99
N GLU A 638 -48.59 -58.42 -54.82
CA GLU A 638 -49.04 -57.04 -54.65
C GLU A 638 -47.87 -56.06 -54.57
N HIS A 639 -46.69 -56.51 -54.16
CA HIS A 639 -45.55 -55.61 -54.07
C HIS A 639 -44.89 -55.36 -55.41
N ILE A 640 -45.13 -56.22 -56.41
CA ILE A 640 -44.55 -56.02 -57.72
C ILE A 640 -45.30 -54.92 -58.46
N ASP A 641 -44.62 -54.27 -59.42
CA ASP A 641 -45.24 -53.16 -60.14
C ASP A 641 -44.95 -53.14 -61.63
N ASN A 642 -44.52 -54.25 -62.24
CA ASN A 642 -44.15 -54.23 -63.64
C ASN A 642 -44.70 -55.47 -64.37
N PRO A 643 -45.17 -55.32 -65.60
CA PRO A 643 -45.73 -56.49 -66.31
C PRO A 643 -44.76 -57.63 -66.49
N GLU A 644 -43.47 -57.35 -66.69
CA GLU A 644 -42.51 -58.44 -66.88
C GLU A 644 -42.37 -59.28 -65.62
N GLU A 645 -42.24 -58.64 -64.47
CA GLU A 645 -42.22 -59.37 -63.21
C GLU A 645 -43.53 -60.12 -63.01
N LEU A 646 -44.65 -59.50 -63.39
CA LEU A 646 -45.93 -60.18 -63.29
C LEU A 646 -45.93 -61.45 -64.12
N GLU A 647 -45.41 -61.39 -65.34
CA GLU A 647 -45.36 -62.58 -66.18
C GLU A 647 -44.49 -63.66 -65.55
N LYS A 648 -43.32 -63.26 -65.03
CA LYS A 648 -42.44 -64.24 -64.40
C LYS A 648 -43.12 -64.92 -63.22
N ILE A 649 -43.73 -64.13 -62.33
CA ILE A 649 -44.35 -64.74 -61.16
C ILE A 649 -45.54 -65.60 -61.57
N VAL A 650 -46.29 -65.20 -62.58
CA VAL A 650 -47.43 -66.01 -63.03
C VAL A 650 -46.92 -67.34 -63.58
N LYS A 651 -45.91 -67.29 -64.44
CA LYS A 651 -45.36 -68.51 -65.02
C LYS A 651 -44.82 -69.44 -63.94
N LYS A 652 -44.07 -68.87 -62.99
CA LYS A 652 -43.52 -69.68 -61.92
C LYS A 652 -44.62 -70.31 -61.08
N THR A 653 -45.65 -69.53 -60.73
CA THR A 653 -46.74 -70.09 -59.94
C THR A 653 -47.43 -71.22 -60.67
N GLU A 654 -47.71 -71.03 -61.96
CA GLU A 654 -48.36 -72.08 -62.73
C GLU A 654 -47.51 -73.33 -62.74
N GLU A 655 -46.21 -73.19 -63.03
CA GLU A 655 -45.34 -74.35 -63.10
C GLU A 655 -45.29 -75.07 -61.76
N ALA A 656 -45.14 -74.32 -60.67
CA ALA A 656 -45.03 -74.93 -59.36
C ALA A 656 -46.31 -75.69 -58.99
N VAL A 657 -47.46 -75.05 -59.19
CA VAL A 657 -48.71 -75.72 -58.85
C VAL A 657 -48.88 -76.98 -59.68
N GLU A 658 -48.57 -76.89 -60.98
CA GLU A 658 -48.71 -78.06 -61.84
C GLU A 658 -47.79 -79.18 -61.40
N ARG A 659 -46.53 -78.87 -61.09
CA ARG A 659 -45.59 -79.91 -60.69
C ARG A 659 -46.02 -80.57 -59.39
N ILE A 660 -46.49 -79.77 -58.43
CA ILE A 660 -46.94 -80.33 -57.17
C ILE A 660 -48.13 -81.26 -57.40
N VAL A 661 -49.11 -80.80 -58.18
CA VAL A 661 -50.30 -81.60 -58.43
C VAL A 661 -49.91 -82.89 -59.16
N GLU A 662 -49.01 -82.79 -60.13
CA GLU A 662 -48.62 -83.96 -60.91
C GLU A 662 -47.94 -85.00 -60.02
N ALA A 663 -47.03 -84.57 -59.16
CA ALA A 663 -46.36 -85.51 -58.27
C ALA A 663 -47.37 -86.14 -57.32
N LEU A 664 -48.20 -85.32 -56.68
CA LEU A 664 -49.14 -85.85 -55.70
C LEU A 664 -50.12 -86.84 -56.33
N GLU A 665 -50.42 -86.67 -57.62
CA GLU A 665 -51.37 -87.56 -58.28
C GLU A 665 -50.79 -88.97 -58.48
N LYS A 666 -49.47 -89.10 -58.49
CA LYS A 666 -48.86 -90.38 -58.81
C LYS A 666 -49.06 -91.40 -57.70
N LYS A 667 -49.08 -90.96 -56.45
CA LYS A 667 -49.19 -91.87 -55.32
C LYS A 667 -50.59 -92.46 -55.24
N ASP A 668 -50.72 -93.48 -54.40
CA ASP A 668 -52.00 -94.13 -54.16
C ASP A 668 -52.87 -93.26 -53.25
N VAL A 669 -54.10 -93.00 -53.67
CA VAL A 669 -55.03 -92.19 -52.89
C VAL A 669 -56.44 -92.49 -53.37
N GLU A 670 -57.42 -92.20 -52.52
CA GLU A 670 -58.81 -92.41 -52.89
C GLU A 670 -59.19 -91.45 -54.02
N PRO A 671 -60.00 -91.89 -54.99
CA PRO A 671 -60.40 -90.98 -56.08
C PRO A 671 -61.03 -89.68 -55.59
N GLU A 672 -61.85 -89.73 -54.54
CA GLU A 672 -62.50 -88.52 -54.06
C GLU A 672 -61.48 -87.50 -53.57
N LEU A 673 -60.50 -87.96 -52.79
CA LEU A 673 -59.42 -87.06 -52.37
C LEU A 673 -58.61 -86.59 -53.57
N LYS A 674 -58.35 -87.50 -54.52
CA LYS A 674 -57.60 -87.13 -55.71
C LYS A 674 -58.31 -86.02 -56.48
N GLU A 675 -59.62 -86.14 -56.65
CA GLU A 675 -60.38 -85.13 -57.38
C GLU A 675 -60.38 -83.80 -56.64
N GLU A 676 -60.61 -83.82 -55.33
CA GLU A 676 -60.68 -82.57 -54.57
C GLU A 676 -59.34 -81.83 -54.61
N VAL A 677 -58.24 -82.56 -54.47
CA VAL A 677 -56.93 -81.92 -54.52
C VAL A 677 -56.69 -81.32 -55.90
N GLU A 678 -57.02 -82.07 -56.96
CA GLU A 678 -56.86 -81.53 -58.30
C GLU A 678 -57.76 -80.32 -58.52
N GLU A 679 -58.98 -80.36 -57.98
CA GLU A 679 -59.88 -79.23 -58.13
C GLU A 679 -59.33 -77.98 -57.45
N LEU A 680 -58.75 -78.15 -56.26
CA LEU A 680 -58.17 -77.00 -55.57
C LEU A 680 -57.03 -76.40 -56.39
N GLY A 681 -56.21 -77.24 -57.01
CA GLY A 681 -55.17 -76.73 -57.89
C GLY A 681 -55.76 -75.93 -59.05
N LYS A 682 -56.79 -76.49 -59.69
CA LYS A 682 -57.42 -75.77 -60.79
C LYS A 682 -58.00 -74.43 -60.34
N LYS A 683 -58.56 -74.37 -59.13
CA LYS A 683 -59.15 -73.13 -58.66
C LYS A 683 -58.08 -72.08 -58.37
N LEU A 684 -57.15 -72.39 -57.47
CA LEU A 684 -56.25 -71.37 -56.96
C LEU A 684 -55.45 -70.72 -58.09
N VAL A 685 -55.00 -71.50 -59.07
CA VAL A 685 -54.15 -70.93 -60.12
C VAL A 685 -54.94 -69.89 -60.90
N GLU A 686 -56.23 -70.13 -61.10
CA GLU A 686 -57.06 -69.20 -61.86
C GLU A 686 -57.15 -67.85 -61.16
N ILE A 687 -57.48 -67.86 -59.87
CA ILE A 687 -57.61 -66.61 -59.12
C ILE A 687 -56.28 -65.86 -59.13
N VAL A 688 -55.18 -66.59 -58.94
CA VAL A 688 -53.88 -65.94 -58.99
C VAL A 688 -53.66 -65.29 -60.35
N ARG A 689 -54.04 -66.00 -61.42
CA ARG A 689 -53.93 -65.41 -62.76
C ARG A 689 -54.84 -64.20 -62.91
N LYS A 690 -56.03 -64.24 -62.31
CA LYS A 690 -56.90 -63.06 -62.35
C LYS A 690 -56.29 -61.89 -61.60
N LEU A 691 -55.77 -62.13 -60.40
CA LEU A 691 -55.16 -61.06 -59.63
C LEU A 691 -53.96 -60.48 -60.37
N ALA A 692 -53.16 -61.33 -61.02
CA ALA A 692 -52.02 -60.85 -61.77
C ALA A 692 -52.45 -59.92 -62.90
N GLU A 693 -53.56 -60.24 -63.57
CA GLU A 693 -54.09 -59.33 -64.58
C GLU A 693 -54.70 -58.10 -63.94
N ARG A 694 -55.35 -58.25 -62.79
CA ARG A 694 -56.00 -57.12 -62.13
C ARG A 694 -55.00 -56.05 -61.72
N LYS A 695 -53.76 -56.43 -61.46
CA LYS A 695 -52.74 -55.47 -61.04
C LYS A 695 -52.44 -54.49 -62.17
N GLU B 2 -22.55 -85.96 45.80
CA GLU B 2 -22.13 -86.02 44.38
C GLU B 2 -22.94 -85.05 43.51
N GLU B 3 -24.22 -85.36 43.32
CA GLU B 3 -25.04 -84.62 42.37
C GLU B 3 -25.18 -83.14 42.72
N LEU B 4 -25.09 -82.78 44.00
CA LEU B 4 -25.23 -81.38 44.39
C LEU B 4 -24.19 -80.49 43.72
N ARG B 5 -23.06 -81.06 43.31
CA ARG B 5 -22.05 -80.27 42.61
C ARG B 5 -22.63 -79.57 41.39
N GLU B 6 -23.59 -80.21 40.72
CA GLU B 6 -24.19 -79.58 39.55
C GLU B 6 -24.83 -78.26 39.92
N ILE B 7 -25.74 -78.29 40.91
CA ILE B 7 -26.44 -77.08 41.32
C ILE B 7 -25.46 -76.03 41.78
N ALA B 8 -24.43 -76.46 42.52
CA ALA B 8 -23.43 -75.49 42.97
C ALA B 8 -22.77 -74.80 41.79
N GLU B 9 -22.38 -75.56 40.77
CA GLU B 9 -21.78 -74.96 39.60
C GLU B 9 -22.73 -73.96 38.94
N ARG B 10 -24.01 -74.31 38.88
CA ARG B 10 -24.95 -73.43 38.18
C ARG B 10 -25.07 -72.09 38.91
N ALA B 11 -25.22 -72.15 40.24
CA ALA B 11 -25.27 -70.92 41.01
C ALA B 11 -23.99 -70.11 40.83
N GLU B 12 -22.85 -70.81 40.79
CA GLU B 12 -21.58 -70.10 40.61
C GLU B 12 -21.56 -69.34 39.30
N ALA B 13 -22.06 -69.96 38.23
CA ALA B 13 -22.12 -69.25 36.95
C ALA B 13 -23.05 -68.04 37.04
N ASP B 14 -24.19 -68.20 37.70
CA ASP B 14 -25.13 -67.09 37.80
C ASP B 14 -24.48 -65.88 38.47
N MET B 15 -23.71 -66.13 39.53
CA MET B 15 -23.07 -65.02 40.22
C MET B 15 -22.14 -64.25 39.29
N ARG B 16 -21.35 -64.97 38.49
CA ARG B 16 -20.48 -64.29 37.53
C ARG B 16 -21.28 -63.50 36.52
N GLU B 17 -22.43 -64.05 36.11
CA GLU B 17 -23.29 -63.30 35.19
C GLU B 17 -23.64 -61.95 35.80
N ILE B 18 -24.05 -61.94 37.07
CA ILE B 18 -24.36 -60.68 37.73
C ILE B 18 -23.14 -59.76 37.73
N SER B 19 -21.98 -60.32 38.06
CA SER B 19 -20.77 -59.50 38.14
C SER B 19 -20.55 -58.77 36.82
N GLU B 20 -20.54 -59.50 35.71
CA GLU B 20 -20.29 -58.88 34.42
C GLU B 20 -21.36 -57.84 34.09
N LEU B 21 -22.63 -58.17 34.33
CA LEU B 21 -23.70 -57.25 33.98
C LEU B 21 -23.54 -55.93 34.72
N ALA B 22 -23.24 -56.00 36.02
CA ALA B 22 -23.04 -54.77 36.79
C ALA B 22 -21.82 -54.02 36.30
N GLU B 23 -20.73 -54.73 36.02
CA GLU B 23 -19.50 -54.05 35.59
C GLU B 23 -19.74 -53.25 34.33
N GLU B 24 -20.48 -53.82 33.37
CA GLU B 24 -20.75 -53.08 32.14
C GLU B 24 -21.78 -51.98 32.36
N LEU B 25 -22.84 -52.26 33.12
CA LEU B 25 -23.96 -51.31 33.21
C LEU B 25 -23.64 -50.11 34.10
N VAL B 26 -22.81 -50.29 35.12
CA VAL B 26 -22.58 -49.25 36.12
C VAL B 26 -21.77 -48.10 35.52
N GLU B 27 -21.74 -46.96 36.22
CA GLU B 27 -20.96 -45.81 35.78
C GLU B 27 -20.27 -45.10 36.93
N ASP B 28 -20.00 -45.80 38.03
CA ASP B 28 -19.40 -45.19 39.23
C ASP B 28 -18.47 -46.22 39.88
N PRO B 29 -17.15 -46.01 39.80
CA PRO B 29 -16.20 -47.10 40.08
C PRO B 29 -16.38 -47.81 41.42
N VAL B 30 -16.51 -47.08 42.53
CA VAL B 30 -16.48 -47.73 43.84
C VAL B 30 -17.62 -48.73 43.97
N TYR B 31 -18.80 -48.35 43.49
CA TYR B 31 -19.95 -49.25 43.54
C TYR B 31 -19.71 -50.46 42.65
N ALA B 32 -19.08 -50.25 41.49
CA ALA B 32 -18.73 -51.36 40.62
C ALA B 32 -17.84 -52.36 41.35
N VAL B 33 -16.91 -51.87 42.17
CA VAL B 33 -16.08 -52.77 42.96
C VAL B 33 -16.93 -53.50 44.00
N ALA B 34 -17.78 -52.76 44.69
CA ALA B 34 -18.53 -53.33 45.82
C ALA B 34 -19.42 -54.47 45.37
N VAL B 35 -20.15 -54.28 44.27
CA VAL B 35 -21.09 -55.29 43.83
C VAL B 35 -20.35 -56.59 43.52
N ARG B 36 -19.24 -56.49 42.81
CA ARG B 36 -18.44 -57.67 42.50
C ARG B 36 -17.94 -58.33 43.77
N GLY B 37 -17.47 -57.55 44.74
CA GLY B 37 -17.00 -58.16 45.96
C GLY B 37 -18.07 -59.00 46.62
N MET B 38 -19.26 -58.43 46.76
CA MET B 38 -20.34 -59.19 47.41
C MET B 38 -20.70 -60.41 46.60
N ALA B 39 -20.77 -60.27 45.28
CA ALA B 39 -21.17 -61.40 44.44
C ALA B 39 -20.19 -62.55 44.59
N LEU B 40 -18.89 -62.26 44.53
CA LEU B 40 -17.89 -63.32 44.67
C LEU B 40 -18.01 -63.99 46.03
N VAL B 41 -18.10 -63.18 47.09
CA VAL B 41 -18.17 -63.75 48.43
C VAL B 41 -19.37 -64.67 48.55
N GLY B 42 -20.53 -64.21 48.08
CA GLY B 42 -21.71 -65.05 48.13
C GLY B 42 -21.55 -66.33 47.34
N ALA B 43 -20.96 -66.24 46.14
CA ALA B 43 -20.84 -67.42 45.30
C ALA B 43 -20.04 -68.50 45.99
N ALA B 44 -18.94 -68.13 46.64
CA ALA B 44 -18.11 -69.16 47.27
C ALA B 44 -18.92 -70.01 48.26
N GLY B 45 -19.95 -69.43 48.86
CA GLY B 45 -20.67 -70.12 49.91
C GLY B 45 -21.36 -71.38 49.43
N VAL B 46 -21.92 -71.34 48.22
CA VAL B 46 -22.64 -72.52 47.71
C VAL B 46 -21.68 -73.69 47.57
N PHE B 47 -20.51 -73.43 46.99
CA PHE B 47 -19.52 -74.49 46.84
C PHE B 47 -19.09 -75.02 48.21
N ALA B 48 -18.86 -74.13 49.16
CA ALA B 48 -18.48 -74.59 50.49
C ALA B 48 -19.56 -75.46 51.10
N LEU B 49 -20.83 -75.05 50.96
CA LEU B 49 -21.92 -75.83 51.52
C LEU B 49 -22.00 -77.21 50.89
N GLY B 50 -21.81 -77.28 49.56
CA GLY B 50 -21.81 -78.58 48.92
C GLY B 50 -20.74 -79.52 49.44
N VAL B 51 -19.58 -78.95 49.84
CA VAL B 51 -18.49 -79.77 50.38
C VAL B 51 -18.72 -80.17 51.83
N GLY B 52 -19.80 -79.71 52.45
CA GLY B 52 -20.03 -80.02 53.85
C GLY B 52 -19.34 -79.10 54.84
N GLY B 53 -19.02 -77.87 54.44
CA GLY B 53 -18.35 -76.93 55.31
C GLY B 53 -19.24 -76.44 56.44
N PRO B 54 -18.65 -75.74 57.40
CA PRO B 54 -19.42 -75.28 58.55
C PRO B 54 -20.38 -74.16 58.17
N PRO B 55 -21.66 -74.30 58.47
CA PRO B 55 -22.61 -73.26 58.07
C PRO B 55 -22.48 -71.97 58.83
N GLU B 56 -22.24 -72.04 60.15
CA GLU B 56 -22.15 -70.82 60.95
C GLU B 56 -20.99 -69.94 60.48
N VAL B 57 -19.84 -70.56 60.19
CA VAL B 57 -18.70 -69.79 59.72
C VAL B 57 -19.02 -69.11 58.40
N LEU B 58 -19.70 -69.82 57.49
CA LEU B 58 -20.05 -69.22 56.21
C LEU B 58 -20.95 -68.02 56.40
N GLU B 59 -21.99 -68.17 57.23
CA GLU B 59 -22.89 -67.04 57.46
C GLU B 59 -22.16 -65.85 58.07
N GLU B 60 -21.30 -66.12 59.05
CA GLU B 60 -20.53 -65.05 59.66
C GLU B 60 -19.65 -64.35 58.62
N ALA B 61 -19.02 -65.12 57.74
CA ALA B 61 -18.19 -64.52 56.72
C ALA B 61 -19.01 -63.63 55.79
N ARG B 62 -20.21 -64.08 55.43
CA ARG B 62 -21.07 -63.24 54.58
C ARG B 62 -21.40 -61.94 55.30
N ARG B 63 -21.73 -62.02 56.58
CA ARG B 63 -22.03 -60.80 57.33
C ARG B 63 -20.81 -59.88 57.34
N ARG B 64 -19.63 -60.43 57.55
CA ARG B 64 -18.40 -59.63 57.55
C ARG B 64 -18.22 -58.91 56.21
N VAL B 65 -18.44 -59.63 55.11
CA VAL B 65 -18.28 -59.02 53.79
C VAL B 65 -19.25 -57.85 53.65
N GLU B 66 -20.50 -58.06 54.05
CA GLU B 66 -21.49 -56.99 53.93
C GLU B 66 -21.08 -55.78 54.75
N GLU B 67 -20.64 -56.00 55.98
CA GLU B 67 -20.26 -54.88 56.84
C GLU B 67 -19.10 -54.10 56.24
N ALA B 68 -18.09 -54.82 55.74
CA ALA B 68 -16.95 -54.13 55.12
C ALA B 68 -17.41 -53.28 53.94
N ALA B 69 -18.28 -53.84 53.09
CA ALA B 69 -18.74 -53.10 51.93
C ALA B 69 -19.50 -51.84 52.34
N ARG B 70 -20.38 -51.96 53.32
CA ARG B 70 -21.12 -50.78 53.78
C ARG B 70 -20.17 -49.72 54.32
N GLU B 71 -19.18 -50.13 55.11
CA GLU B 71 -18.23 -49.16 55.65
C GLU B 71 -17.50 -48.44 54.51
N ALA B 72 -17.07 -49.19 53.50
CA ALA B 72 -16.36 -48.57 52.38
C ALA B 72 -17.26 -47.59 51.64
N LEU B 73 -18.53 -47.96 51.44
CA LEU B 73 -19.45 -47.05 50.76
C LEU B 73 -19.65 -45.78 51.56
N ARG B 74 -19.77 -45.90 52.88
CA ARG B 74 -19.88 -44.72 53.73
C ARG B 74 -18.64 -43.84 53.60
N LYS B 75 -17.45 -44.46 53.56
CA LYS B 75 -16.23 -43.69 53.38
C LYS B 75 -16.25 -42.95 52.04
N TYR B 76 -16.67 -43.62 50.97
CA TYR B 76 -16.70 -42.97 49.67
C TYR B 76 -17.67 -41.79 49.67
N GLU B 77 -18.83 -41.94 50.31
CA GLU B 77 -19.74 -40.81 50.45
C GLU B 77 -19.05 -39.66 51.17
N GLU B 78 -18.21 -39.96 52.15
CA GLU B 78 -17.48 -38.94 52.90
C GLU B 78 -16.38 -38.27 52.07
N GLY B 79 -16.24 -38.61 50.79
CA GLY B 79 -15.19 -38.03 49.98
C GLY B 79 -13.82 -38.62 50.17
N ALA B 80 -13.73 -39.85 50.67
CA ALA B 80 -12.43 -40.45 50.92
C ALA B 80 -11.70 -40.77 49.61
N ASP B 81 -10.41 -41.07 49.74
CA ASP B 81 -9.60 -41.40 48.58
C ASP B 81 -10.18 -42.57 47.81
N VAL B 82 -10.23 -42.42 46.48
CA VAL B 82 -10.69 -43.51 45.63
C VAL B 82 -9.77 -44.71 45.76
N SER B 83 -8.46 -44.49 45.85
CA SER B 83 -7.52 -45.60 45.92
C SER B 83 -7.73 -46.42 47.19
N GLU B 84 -7.81 -45.76 48.34
CA GLU B 84 -8.05 -46.48 49.58
C GLU B 84 -9.38 -47.22 49.54
N LEU B 85 -10.41 -46.58 49.00
CA LEU B 85 -11.72 -47.23 48.92
C LEU B 85 -11.64 -48.50 48.07
N VAL B 86 -10.94 -48.43 46.93
CA VAL B 86 -10.84 -49.60 46.07
C VAL B 86 -10.02 -50.70 46.75
N ALA B 87 -8.94 -50.33 47.43
CA ALA B 87 -8.04 -51.34 48.00
C ALA B 87 -8.65 -52.00 49.22
N GLU B 88 -9.38 -51.25 50.04
CA GLU B 88 -9.91 -51.80 51.28
C GLU B 88 -10.88 -52.94 51.03
N LEU B 89 -11.73 -52.80 50.01
CA LEU B 89 -12.70 -53.86 49.72
C LEU B 89 -11.99 -55.15 49.35
N ILE B 90 -10.97 -55.07 48.50
CA ILE B 90 -10.23 -56.26 48.11
C ILE B 90 -9.54 -56.87 49.32
N ARG B 91 -8.90 -56.02 50.13
CA ARG B 91 -8.23 -56.52 51.32
C ARG B 91 -9.22 -57.19 52.27
N GLU B 92 -10.48 -56.79 52.20
CA GLU B 92 -11.50 -57.41 53.05
C GLU B 92 -11.96 -58.76 52.48
N THR B 93 -12.29 -58.81 51.20
CA THR B 93 -12.75 -60.07 50.62
C THR B 93 -11.66 -61.13 50.64
N SER B 94 -10.40 -60.73 50.55
CA SER B 94 -9.31 -61.71 50.47
C SER B 94 -9.34 -62.66 51.65
N ARG B 95 -9.19 -62.12 52.86
CA ARG B 95 -9.14 -62.96 54.05
C ARG B 95 -10.42 -63.75 54.23
N GLN B 96 -11.57 -63.15 53.93
CA GLN B 96 -12.83 -63.85 54.11
C GLN B 96 -12.90 -65.10 53.23
N ILE B 97 -12.60 -64.93 51.93
CA ILE B 97 -12.65 -66.06 51.02
C ILE B 97 -11.62 -67.11 51.42
N ALA B 98 -10.44 -66.66 51.85
CA ALA B 98 -9.41 -67.60 52.28
C ALA B 98 -9.90 -68.38 53.50
N GLU B 99 -10.58 -67.72 54.43
CA GLU B 99 -11.11 -68.40 55.61
C GLU B 99 -12.14 -69.44 55.21
N ILE B 100 -13.02 -69.10 54.28
CA ILE B 100 -13.99 -70.08 53.78
C ILE B 100 -13.27 -71.30 53.24
N ALA B 101 -12.25 -71.06 52.40
CA ALA B 101 -11.50 -72.17 51.82
C ALA B 101 -10.82 -72.99 52.91
N GLU B 102 -10.25 -72.33 53.91
CA GLU B 102 -9.53 -73.04 54.96
C GLU B 102 -10.47 -73.91 55.77
N ALA B 103 -11.64 -73.40 56.11
CA ALA B 103 -12.62 -74.21 56.82
C ALA B 103 -13.04 -75.41 55.97
N THR B 104 -13.31 -75.17 54.67
CA THR B 104 -13.68 -76.28 53.80
C THR B 104 -12.57 -77.33 53.76
N ILE B 105 -11.32 -76.89 53.77
CA ILE B 105 -10.20 -77.84 53.81
C ILE B 105 -10.21 -78.61 55.12
N LYS B 106 -10.45 -77.93 56.24
CA LYS B 106 -10.48 -78.60 57.52
C LYS B 106 -11.64 -79.57 57.64
N ALA B 107 -12.67 -79.44 56.80
CA ALA B 107 -13.89 -80.21 56.99
C ALA B 107 -13.69 -81.70 56.79
N THR B 108 -12.79 -82.12 55.90
CA THR B 108 -12.77 -83.51 55.47
C THR B 108 -11.35 -83.94 55.14
N ASP B 109 -11.14 -85.26 55.12
CA ASP B 109 -9.85 -85.87 54.86
C ASP B 109 -9.71 -86.50 53.48
N ASP B 110 -10.77 -86.52 52.69
CA ASP B 110 -10.73 -87.19 51.39
C ASP B 110 -9.77 -86.47 50.44
N PRO B 111 -8.80 -87.16 49.83
CA PRO B 111 -7.95 -86.49 48.85
C PRO B 111 -8.71 -85.93 47.66
N GLU B 112 -9.78 -86.59 47.22
CA GLU B 112 -10.53 -86.08 46.07
C GLU B 112 -11.22 -84.76 46.41
N VAL B 113 -11.94 -84.73 47.52
CA VAL B 113 -12.60 -83.50 47.95
C VAL B 113 -11.55 -82.42 48.21
N LEU B 114 -10.42 -82.80 48.78
CA LEU B 114 -9.35 -81.83 49.02
C LEU B 114 -8.86 -81.23 47.71
N GLU B 115 -8.66 -82.07 46.70
CA GLU B 115 -8.23 -81.57 45.40
C GLU B 115 -9.27 -80.63 44.81
N GLU B 116 -10.55 -80.98 44.94
CA GLU B 116 -11.60 -80.11 44.43
C GLU B 116 -11.56 -78.75 45.11
N ILE B 117 -11.45 -78.76 46.45
CA ILE B 117 -11.45 -77.51 47.20
C ILE B 117 -10.26 -76.65 46.81
N SER B 118 -9.08 -77.27 46.74
CA SER B 118 -7.88 -76.53 46.38
C SER B 118 -8.00 -75.95 44.98
N GLU B 119 -8.52 -76.75 44.03
CA GLU B 119 -8.68 -76.27 42.67
C GLU B 119 -9.60 -75.06 42.62
N PHE B 120 -10.74 -75.14 43.31
CA PHE B 120 -11.67 -74.01 43.32
C PHE B 120 -11.00 -72.76 43.89
N ALA B 121 -10.33 -72.91 45.03
CA ALA B 121 -9.68 -71.76 45.64
C ALA B 121 -8.65 -71.15 44.70
N GLU B 122 -7.84 -71.99 44.07
CA GLU B 122 -6.82 -71.49 43.16
C GLU B 122 -7.43 -70.75 41.99
N GLU B 123 -8.50 -71.29 41.41
CA GLU B 123 -9.12 -70.64 40.26
C GLU B 123 -9.66 -69.27 40.65
N ARG B 124 -10.42 -69.21 41.75
CA ARG B 124 -10.98 -67.93 42.15
C ARG B 124 -9.89 -66.93 42.45
N SER B 125 -8.83 -67.34 43.16
CA SER B 125 -7.74 -66.42 43.47
C SER B 125 -7.05 -65.93 42.21
N ARG B 126 -6.80 -66.83 41.25
CA ARG B 126 -6.14 -66.45 40.03
C ARG B 126 -6.94 -65.40 39.28
N ARG B 127 -8.26 -65.58 39.20
CA ARG B 127 -9.08 -64.55 38.56
C ARG B 127 -9.02 -63.24 39.33
N LEU B 128 -9.20 -63.30 40.66
CA LEU B 128 -9.34 -62.09 41.46
C LEU B 128 -8.08 -61.25 41.42
N SER B 129 -6.90 -61.87 41.43
CA SER B 129 -5.67 -61.09 41.48
C SER B 129 -5.60 -60.10 40.32
N GLU B 130 -5.75 -60.59 39.09
CA GLU B 130 -5.69 -59.69 37.94
C GLU B 130 -6.90 -58.77 37.90
N TYR B 131 -8.07 -59.25 38.31
CA TYR B 131 -9.24 -58.39 38.35
C TYR B 131 -8.94 -57.13 39.16
N ALA B 132 -8.33 -57.31 40.34
CA ALA B 132 -7.93 -56.17 41.15
C ALA B 132 -6.79 -55.40 40.48
N GLU B 133 -5.84 -56.12 39.89
CA GLU B 133 -4.67 -55.45 39.32
C GLU B 133 -5.06 -54.43 38.27
N ARG B 134 -6.17 -54.65 37.56
CA ARG B 134 -6.56 -53.68 36.54
C ARG B 134 -7.36 -52.51 37.08
N HIS B 135 -7.71 -52.51 38.37
CA HIS B 135 -8.45 -51.40 38.98
C HIS B 135 -7.58 -50.46 39.82
N VAL B 136 -6.67 -51.01 40.62
CA VAL B 136 -5.97 -50.20 41.62
C VAL B 136 -4.95 -49.32 40.90
N THR B 137 -5.09 -48.00 41.06
CA THR B 137 -4.22 -47.06 40.38
C THR B 137 -2.94 -46.79 41.16
N ASN B 138 -3.01 -46.76 42.49
CA ASN B 138 -1.82 -46.46 43.29
C ASN B 138 -0.82 -47.58 43.14
N PRO B 139 0.41 -47.31 42.70
CA PRO B 139 1.35 -48.43 42.45
C PRO B 139 1.56 -49.32 43.66
N ILE B 140 1.94 -48.74 44.79
CA ILE B 140 2.23 -49.55 45.98
C ILE B 140 1.00 -50.36 46.38
N LEU B 141 -0.19 -49.76 46.27
CA LEU B 141 -1.41 -50.49 46.59
C LEU B 141 -1.55 -51.72 45.71
N ALA B 142 -1.39 -51.54 44.39
CA ALA B 142 -1.52 -52.68 43.48
C ALA B 142 -0.51 -53.76 43.83
N ALA B 143 0.74 -53.37 44.06
CA ALA B 143 1.78 -54.35 44.33
C ALA B 143 1.46 -55.14 45.59
N THR B 144 1.06 -54.44 46.65
CA THR B 144 0.77 -55.13 47.90
C THR B 144 -0.45 -56.04 47.78
N VAL B 145 -1.47 -55.62 47.00
CA VAL B 145 -2.61 -56.50 46.76
C VAL B 145 -2.15 -57.78 46.10
N VAL B 146 -1.31 -57.65 45.06
CA VAL B 146 -0.85 -58.84 44.34
C VAL B 146 -0.08 -59.76 45.29
N ALA B 147 0.82 -59.18 46.10
CA ALA B 147 1.62 -59.99 47.00
C ALA B 147 0.74 -60.73 48.01
N LEU B 148 -0.23 -60.02 48.59
CA LEU B 148 -1.11 -60.65 49.56
C LEU B 148 -1.86 -61.82 48.93
N ALA B 149 -2.42 -61.60 47.74
CA ALA B 149 -3.14 -62.67 47.07
C ALA B 149 -2.24 -63.89 46.87
N GLU B 150 -1.03 -63.66 46.36
CA GLU B 150 -0.13 -64.78 46.09
C GLU B 150 0.19 -65.55 47.36
N VAL B 151 0.54 -64.83 48.43
CA VAL B 151 0.91 -65.49 49.67
C VAL B 151 -0.26 -66.31 50.20
N LEU B 152 -1.47 -65.74 50.17
CA LEU B 152 -2.63 -66.48 50.65
C LEU B 152 -2.84 -67.75 49.84
N SER B 153 -2.69 -67.66 48.51
CA SER B 153 -2.81 -68.86 47.69
C SER B 153 -1.78 -69.90 48.10
N ALA B 154 -0.56 -69.48 48.39
CA ALA B 154 0.48 -70.41 48.78
C ALA B 154 0.09 -71.14 50.05
N VAL B 155 -0.40 -70.40 51.06
CA VAL B 155 -0.81 -71.04 52.31
C VAL B 155 -1.94 -72.02 52.06
N VAL B 156 -2.91 -71.61 51.24
CA VAL B 156 -4.05 -72.49 50.95
C VAL B 156 -3.56 -73.80 50.35
N ARG B 157 -2.64 -73.72 49.40
CA ARG B 157 -2.09 -74.96 48.83
C ARG B 157 -1.39 -75.79 49.90
N ALA B 158 -0.56 -75.14 50.73
CA ALA B 158 0.20 -75.89 51.73
C ALA B 158 -0.71 -76.64 52.67
N ARG B 159 -1.92 -76.13 52.90
CA ARG B 159 -2.86 -76.85 53.77
C ARG B 159 -3.19 -78.25 53.24
N SER B 160 -3.01 -78.50 51.95
CA SER B 160 -3.39 -79.79 51.39
C SER B 160 -2.54 -80.95 51.89
N TYR B 161 -1.39 -80.67 52.51
CA TYR B 161 -0.42 -81.71 52.82
C TYR B 161 -0.05 -81.76 54.31
N GLY B 162 -0.76 -81.04 55.16
CA GLY B 162 -0.48 -81.11 56.58
C GLY B 162 0.73 -80.34 57.04
N ALA B 163 1.20 -79.39 56.24
CA ALA B 163 2.38 -78.63 56.62
C ALA B 163 2.07 -77.75 57.84
N PRO B 164 3.09 -77.40 58.62
CA PRO B 164 2.84 -76.61 59.83
C PRO B 164 2.15 -75.29 59.53
N GLU B 165 1.25 -74.89 60.43
CA GLU B 165 0.55 -73.62 60.27
C GLU B 165 1.52 -72.46 60.28
N GLU B 166 2.52 -72.50 61.16
CA GLU B 166 3.44 -71.38 61.32
C GLU B 166 4.23 -71.09 60.05
N VAL B 167 4.46 -72.11 59.21
CA VAL B 167 5.19 -71.88 57.97
C VAL B 167 4.45 -70.87 57.10
N GLY B 168 3.12 -70.80 57.22
CA GLY B 168 2.35 -69.79 56.52
C GLY B 168 2.14 -68.55 57.37
N GLU B 169 1.92 -68.75 58.67
CA GLU B 169 1.59 -67.63 59.54
C GLU B 169 2.73 -66.63 59.61
N LYS B 170 3.97 -67.12 59.75
CA LYS B 170 5.10 -66.22 59.86
C LYS B 170 5.25 -65.37 58.59
N ALA B 171 5.14 -66.02 57.43
CA ALA B 171 5.23 -65.28 56.18
C ALA B 171 4.08 -64.29 56.03
N VAL B 172 2.89 -64.67 56.50
CA VAL B 172 1.75 -63.75 56.43
C VAL B 172 2.03 -62.51 57.26
N LYS B 173 2.52 -62.71 58.49
CA LYS B 173 2.85 -61.57 59.34
C LYS B 173 3.94 -60.71 58.70
N GLU B 174 4.98 -61.37 58.17
CA GLU B 174 6.05 -60.64 57.52
C GLU B 174 5.54 -59.85 56.33
N VAL B 175 4.61 -60.42 55.56
CA VAL B 175 4.07 -59.71 54.40
C VAL B 175 3.23 -58.52 54.84
N ARG B 176 2.46 -58.67 55.91
CA ARG B 176 1.71 -57.53 56.42
C ARG B 176 2.66 -56.43 56.88
N GLU B 177 3.73 -56.81 57.58
CA GLU B 177 4.73 -55.83 58.00
C GLU B 177 5.38 -55.18 56.80
N ALA B 178 5.64 -55.95 55.74
CA ALA B 178 6.28 -55.41 54.55
C ALA B 178 5.37 -54.43 53.83
N SER B 179 4.08 -54.76 53.73
CA SER B 179 3.15 -53.83 53.10
C SER B 179 3.02 -52.55 53.92
N GLU B 180 2.96 -52.68 55.24
CA GLU B 180 2.95 -51.48 56.08
C GLU B 180 4.22 -50.67 55.89
N GLU B 181 5.36 -51.35 55.81
CA GLU B 181 6.62 -50.64 55.62
C GLU B 181 6.66 -49.92 54.28
N ALA B 182 6.17 -50.57 53.22
CA ALA B 182 6.13 -49.93 51.91
C ALA B 182 5.22 -48.71 51.93
N LEU B 183 4.05 -48.84 52.56
CA LEU B 183 3.16 -47.70 52.67
C LEU B 183 3.81 -46.57 53.46
N GLU B 184 4.56 -46.92 54.52
CA GLU B 184 5.24 -45.90 55.31
C GLU B 184 6.32 -45.20 54.48
N ARG B 185 7.12 -45.97 53.75
CA ARG B 185 8.15 -45.38 52.92
C ARG B 185 7.54 -44.47 51.85
N TYR B 186 6.42 -44.91 51.26
CA TYR B 186 5.74 -44.09 50.27
C TYR B 186 5.24 -42.79 50.91
N LYS B 187 4.65 -42.88 52.10
CA LYS B 187 4.24 -41.68 52.82
C LYS B 187 5.44 -40.81 53.17
N LYS B 188 6.60 -41.43 53.42
CA LYS B 188 7.82 -40.69 53.72
C LYS B 188 8.45 -40.04 52.50
N GLY B 189 7.92 -40.31 51.30
CA GLY B 189 8.49 -39.74 50.09
C GLY B 189 9.65 -40.50 49.51
N GLU B 190 9.85 -41.75 49.91
CA GLU B 190 10.94 -42.56 49.39
C GLU B 190 10.66 -42.95 47.95
N ASP B 191 11.72 -43.45 47.28
CA ASP B 191 11.59 -43.88 45.90
C ASP B 191 10.62 -45.05 45.78
N VAL B 192 9.64 -44.92 44.88
CA VAL B 192 8.62 -45.96 44.74
C VAL B 192 9.26 -47.27 44.28
N SER B 193 10.20 -47.18 43.34
CA SER B 193 10.79 -48.40 42.78
C SER B 193 11.49 -49.20 43.88
N GLU B 194 12.19 -48.53 44.78
CA GLU B 194 12.88 -49.24 45.86
C GLU B 194 11.87 -49.97 46.76
N LEU B 195 10.78 -49.30 47.11
CA LEU B 195 9.76 -49.94 47.94
C LEU B 195 9.17 -51.17 47.24
N VAL B 196 8.89 -51.04 45.94
CA VAL B 196 8.34 -52.17 45.19
C VAL B 196 9.32 -53.31 45.19
N ALA B 197 10.61 -53.02 44.97
CA ALA B 197 11.62 -54.06 44.96
C ALA B 197 11.69 -54.76 46.30
N GLU B 198 11.70 -53.98 47.39
CA GLU B 198 11.75 -54.59 48.72
C GLU B 198 10.56 -55.49 48.96
N LEU B 199 9.36 -55.01 48.62
CA LEU B 199 8.16 -55.82 48.82
C LEU B 199 8.24 -57.12 48.02
N ILE B 200 8.61 -57.02 46.74
CA ILE B 200 8.65 -58.21 45.89
C ILE B 200 9.67 -59.20 46.41
N ARG B 201 10.84 -58.72 46.82
CA ARG B 201 11.88 -59.60 47.32
C ARG B 201 11.45 -60.28 48.61
N GLU B 202 10.82 -59.53 49.52
CA GLU B 202 10.33 -60.14 50.75
C GLU B 202 9.28 -61.21 50.44
N THR B 203 8.38 -60.92 49.50
CA THR B 203 7.39 -61.92 49.09
C THR B 203 8.08 -63.16 48.56
N SER B 204 9.11 -62.97 47.73
CA SER B 204 9.84 -64.10 47.18
C SER B 204 10.41 -64.96 48.29
N ARG B 205 11.14 -64.35 49.22
CA ARG B 205 11.73 -65.11 50.31
C ARG B 205 10.65 -65.82 51.12
N GLN B 206 9.54 -65.15 51.38
CA GLN B 206 8.48 -65.74 52.19
C GLN B 206 7.91 -66.99 51.53
N ILE B 207 7.52 -66.87 50.25
CA ILE B 207 6.91 -68.00 49.58
C ILE B 207 7.92 -69.13 49.44
N ALA B 208 9.18 -68.78 49.19
CA ALA B 208 10.21 -69.82 49.10
C ALA B 208 10.33 -70.58 50.42
N GLU B 209 10.41 -69.86 51.53
CA GLU B 209 10.53 -70.52 52.82
C GLU B 209 9.34 -71.42 53.10
N ILE B 210 8.13 -70.92 52.83
CA ILE B 210 6.93 -71.72 53.08
C ILE B 210 6.99 -73.00 52.26
N ALA B 211 7.27 -72.87 50.97
CA ALA B 211 7.29 -74.04 50.10
C ALA B 211 8.37 -75.02 50.51
N GLU B 212 9.52 -74.52 50.96
CA GLU B 212 10.60 -75.42 51.40
C GLU B 212 10.18 -76.20 52.64
N ALA B 213 9.63 -75.51 53.63
CA ALA B 213 9.13 -76.22 54.81
C ALA B 213 8.11 -77.26 54.40
N THR B 214 7.24 -76.93 53.45
CA THR B 214 6.29 -77.92 52.96
C THR B 214 7.01 -79.10 52.34
N ILE B 215 8.06 -78.84 51.56
CA ILE B 215 8.80 -79.91 50.88
C ILE B 215 9.40 -80.86 51.90
N LYS B 216 9.83 -80.34 53.05
CA LYS B 216 10.40 -81.22 54.07
C LYS B 216 9.36 -82.10 54.75
N ALA B 217 8.06 -81.77 54.60
CA ALA B 217 7.04 -82.31 55.49
C ALA B 217 6.57 -83.72 55.14
N THR B 218 6.97 -84.28 54.00
CA THR B 218 6.41 -85.57 53.59
C THR B 218 7.45 -86.36 52.81
N ASP B 219 7.26 -87.68 52.81
CA ASP B 219 8.14 -88.61 52.10
C ASP B 219 7.64 -88.95 50.69
N ASP B 220 6.38 -88.66 50.38
CA ASP B 220 5.78 -89.12 49.14
C ASP B 220 6.47 -88.51 47.93
N PRO B 221 7.02 -89.31 47.01
CA PRO B 221 7.66 -88.72 45.83
C PRO B 221 6.71 -87.89 44.97
N GLU B 222 5.53 -88.43 44.65
CA GLU B 222 4.62 -87.71 43.76
C GLU B 222 4.19 -86.39 44.37
N VAL B 223 3.97 -86.36 45.69
CA VAL B 223 3.63 -85.12 46.37
C VAL B 223 4.78 -84.12 46.21
N LEU B 224 6.02 -84.59 46.33
CA LEU B 224 7.15 -83.69 46.14
C LEU B 224 7.16 -83.12 44.72
N GLU B 225 6.91 -83.96 43.73
CA GLU B 225 6.89 -83.48 42.35
C GLU B 225 5.81 -82.42 42.17
N GLU B 226 4.62 -82.67 42.71
CA GLU B 226 3.55 -81.69 42.59
C GLU B 226 3.92 -80.38 43.26
N ILE B 227 4.53 -80.46 44.45
CA ILE B 227 4.93 -79.26 45.15
C ILE B 227 5.94 -78.49 44.32
N SER B 228 6.90 -79.19 43.71
CA SER B 228 7.89 -78.53 42.88
C SER B 228 7.22 -77.82 41.71
N GLU B 229 6.27 -78.48 41.04
CA GLU B 229 5.60 -77.86 39.92
C GLU B 229 4.86 -76.60 40.36
N PHE B 230 4.14 -76.67 41.48
CA PHE B 230 3.40 -75.50 41.95
C PHE B 230 4.35 -74.36 42.30
N ALA B 231 5.47 -74.68 42.95
CA ALA B 231 6.44 -73.65 43.28
C ALA B 231 6.99 -73.00 42.02
N GLU B 232 7.26 -73.80 40.99
CA GLU B 232 7.73 -73.24 39.73
C GLU B 232 6.70 -72.27 39.16
N GLU B 233 5.43 -72.67 39.17
CA GLU B 233 4.40 -71.79 38.65
C GLU B 233 4.35 -70.47 39.42
N ARG B 234 4.38 -70.56 40.75
CA ARG B 234 4.30 -69.34 41.56
C ARG B 234 5.48 -68.42 41.30
N SER B 235 6.69 -69.00 41.25
CA SER B 235 7.87 -68.20 40.97
C SER B 235 7.76 -67.53 39.61
N ARG B 236 7.31 -68.27 38.61
CA ARG B 236 7.14 -67.70 37.27
C ARG B 236 6.19 -66.51 37.32
N ARG B 237 5.07 -66.65 38.03
CA ARG B 237 4.10 -65.55 38.10
C ARG B 237 4.73 -64.32 38.75
N LEU B 238 5.42 -64.52 39.88
CA LEU B 238 6.03 -63.37 40.55
C LEU B 238 7.06 -62.69 39.65
N SER B 239 7.88 -63.49 38.97
CA SER B 239 8.87 -62.92 38.06
C SER B 239 8.19 -62.15 36.95
N GLU B 240 7.10 -62.68 36.41
CA GLU B 240 6.38 -61.98 35.36
C GLU B 240 5.89 -60.63 35.84
N TYR B 241 5.31 -60.57 37.05
CA TYR B 241 4.83 -59.29 37.55
C TYR B 241 5.99 -58.30 37.66
N ALA B 242 7.10 -58.75 38.25
CA ALA B 242 8.24 -57.86 38.40
C ALA B 242 8.71 -57.36 37.04
N GLU B 243 8.79 -58.26 36.06
CA GLU B 243 9.25 -57.87 34.73
C GLU B 243 8.29 -56.88 34.08
N ARG B 244 7.00 -56.95 34.42
CA ARG B 244 6.06 -56.03 33.81
C ARG B 244 6.13 -54.64 34.43
N HIS B 245 6.20 -54.55 35.76
CA HIS B 245 6.00 -53.26 36.41
C HIS B 245 7.24 -52.60 36.99
N VAL B 246 8.31 -53.34 37.28
CA VAL B 246 9.48 -52.71 37.87
C VAL B 246 10.12 -51.77 36.86
N THR B 247 10.42 -50.54 37.28
CA THR B 247 10.86 -49.50 36.37
C THR B 247 12.38 -49.40 36.24
N ASN B 248 13.15 -49.99 37.16
CA ASN B 248 14.60 -49.83 37.14
C ASN B 248 15.26 -51.11 36.65
N PRO B 249 16.13 -51.03 35.64
CA PRO B 249 16.72 -52.28 35.12
C PRO B 249 17.43 -53.09 36.17
N ILE B 250 18.23 -52.44 37.02
CA ILE B 250 18.96 -53.17 38.06
C ILE B 250 17.99 -53.81 39.04
N LEU B 251 16.95 -53.08 39.44
CA LEU B 251 15.97 -53.64 40.35
C LEU B 251 15.29 -54.85 39.74
N ALA B 252 14.89 -54.75 38.47
CA ALA B 252 14.24 -55.88 37.81
C ALA B 252 15.18 -57.07 37.73
N ALA B 253 16.43 -56.83 37.35
CA ALA B 253 17.39 -57.91 37.22
C ALA B 253 17.58 -58.62 38.55
N THR B 254 17.77 -57.85 39.63
CA THR B 254 17.94 -58.46 40.94
C THR B 254 16.69 -59.21 41.36
N VAL B 255 15.50 -58.66 41.06
CA VAL B 255 14.26 -59.32 41.46
C VAL B 255 14.15 -60.68 40.78
N VAL B 256 14.33 -60.71 39.46
CA VAL B 256 14.19 -61.97 38.75
C VAL B 256 15.32 -62.91 39.13
N ALA B 257 16.51 -62.38 39.43
CA ALA B 257 17.60 -63.24 39.87
C ALA B 257 17.28 -63.90 41.20
N LEU B 258 16.70 -63.15 42.14
CA LEU B 258 16.28 -63.73 43.40
C LEU B 258 15.23 -64.80 43.16
N ALA B 259 14.24 -64.50 42.32
CA ALA B 259 13.20 -65.48 42.04
C ALA B 259 13.79 -66.76 41.45
N GLU B 260 14.66 -66.62 40.44
CA GLU B 260 15.24 -67.78 39.81
C GLU B 260 16.09 -68.57 40.80
N VAL B 261 16.90 -67.88 41.61
CA VAL B 261 17.74 -68.57 42.57
C VAL B 261 16.88 -69.37 43.54
N LEU B 262 15.83 -68.75 44.08
CA LEU B 262 14.99 -69.44 45.05
C LEU B 262 14.27 -70.62 44.41
N SER B 263 13.80 -70.46 43.16
CA SER B 263 13.10 -71.55 42.50
C SER B 263 14.04 -72.71 42.22
N ALA B 264 15.26 -72.40 41.80
CA ALA B 264 16.26 -73.45 41.62
C ALA B 264 16.54 -74.15 42.93
N VAL B 265 16.67 -73.39 44.02
CA VAL B 265 16.85 -73.98 45.33
C VAL B 265 15.69 -74.92 45.65
N VAL B 266 14.47 -74.50 45.33
CA VAL B 266 13.30 -75.32 45.62
C VAL B 266 13.39 -76.65 44.87
N ARG B 267 13.65 -76.58 43.57
CA ARG B 267 13.71 -77.83 42.81
C ARG B 267 14.92 -78.67 43.20
N ALA B 268 15.94 -78.05 43.80
CA ALA B 268 17.11 -78.80 44.21
C ALA B 268 16.77 -79.85 45.26
N ARG B 269 15.69 -79.65 46.02
CA ARG B 269 15.31 -80.63 47.03
C ARG B 269 14.69 -81.89 46.43
N SER B 270 14.66 -82.01 45.11
CA SER B 270 13.97 -83.13 44.48
C SER B 270 14.48 -84.47 44.97
N TYR B 271 15.78 -84.57 45.26
CA TYR B 271 16.39 -85.85 45.59
C TYR B 271 17.38 -85.78 46.74
N GLY B 272 17.21 -84.83 47.65
CA GLY B 272 17.99 -84.83 48.88
C GLY B 272 19.39 -84.25 48.80
N ALA B 273 19.72 -83.56 47.71
CA ALA B 273 21.04 -82.99 47.60
C ALA B 273 21.26 -81.97 48.73
N PRO B 274 22.50 -81.86 49.23
CA PRO B 274 22.73 -81.01 50.40
C PRO B 274 22.30 -79.57 50.14
N GLU B 275 21.63 -78.98 51.14
CA GLU B 275 21.15 -77.61 51.05
C GLU B 275 22.28 -76.59 51.17
N GLU B 276 23.45 -77.00 51.70
CA GLU B 276 24.53 -76.04 51.87
C GLU B 276 24.93 -75.41 50.55
N VAL B 277 24.86 -76.17 49.46
CA VAL B 277 25.16 -75.61 48.14
C VAL B 277 24.18 -74.51 47.80
N GLY B 278 22.89 -74.76 48.05
CA GLY B 278 21.89 -73.72 47.83
C GLY B 278 22.16 -72.50 48.67
N GLU B 279 22.55 -72.70 49.93
CA GLU B 279 22.87 -71.58 50.80
C GLU B 279 24.02 -70.76 50.24
N LYS B 280 25.07 -71.45 49.76
CA LYS B 280 26.22 -70.76 49.21
C LYS B 280 25.83 -69.97 47.96
N ALA B 281 25.05 -70.58 47.08
CA ALA B 281 24.62 -69.88 45.87
C ALA B 281 23.74 -68.69 46.21
N VAL B 282 22.86 -68.84 47.19
CA VAL B 282 22.00 -67.74 47.60
C VAL B 282 22.84 -66.60 48.14
N LYS B 283 23.82 -66.91 48.99
CA LYS B 283 24.70 -65.88 49.51
C LYS B 283 25.48 -65.21 48.39
N GLU B 284 25.95 -65.98 47.43
CA GLU B 284 26.68 -65.40 46.30
C GLU B 284 25.79 -64.45 45.52
N VAL B 285 24.56 -64.88 45.23
CA VAL B 285 23.65 -64.03 44.49
C VAL B 285 23.35 -62.76 45.27
N ARG B 286 23.13 -62.88 46.58
CA ARG B 286 22.80 -61.71 47.39
C ARG B 286 23.98 -60.74 47.45
N GLU B 287 25.19 -61.26 47.65
CA GLU B 287 26.36 -60.39 47.69
C GLU B 287 26.57 -59.71 46.35
N ALA B 288 26.44 -60.46 45.25
CA ALA B 288 26.57 -59.86 43.93
C ALA B 288 25.52 -58.78 43.72
N SER B 289 24.28 -59.05 44.14
CA SER B 289 23.23 -58.05 43.98
C SER B 289 23.54 -56.80 44.77
N GLU B 290 24.01 -56.97 46.01
CA GLU B 290 24.35 -55.80 46.82
C GLU B 290 25.49 -55.01 46.19
N GLU B 291 26.53 -55.71 45.69
CA GLU B 291 27.64 -55.02 45.06
C GLU B 291 27.18 -54.26 43.82
N ALA B 292 26.34 -54.90 43.00
CA ALA B 292 25.84 -54.23 41.81
C ALA B 292 24.98 -53.04 42.16
N LEU B 293 24.14 -53.17 43.18
CA LEU B 293 23.32 -52.04 43.61
C LEU B 293 24.19 -50.89 44.09
N GLU B 294 25.24 -51.19 44.86
CA GLU B 294 26.15 -50.15 45.31
C GLU B 294 26.84 -49.49 44.13
N ARG B 295 27.31 -50.29 43.16
CA ARG B 295 27.96 -49.71 41.99
C ARG B 295 27.01 -48.80 41.22
N TYR B 296 25.77 -49.23 41.05
CA TYR B 296 24.78 -48.37 40.41
C TYR B 296 24.57 -47.10 41.21
N LYS B 297 24.52 -47.22 42.54
CA LYS B 297 24.46 -46.03 43.39
C LYS B 297 25.67 -45.14 43.17
N GLU B 298 26.80 -45.73 42.80
CA GLU B 298 28.01 -44.97 42.47
C GLU B 298 28.00 -44.47 41.03
N GLY B 299 26.95 -44.73 40.27
CA GLY B 299 26.84 -44.27 38.90
C GLY B 299 27.32 -45.25 37.85
N ALA B 300 27.57 -46.51 38.20
CA ALA B 300 28.02 -47.48 37.22
C ALA B 300 26.87 -47.86 36.28
N ASP B 301 27.23 -48.49 35.17
CA ASP B 301 26.26 -48.85 34.14
C ASP B 301 25.32 -49.92 34.65
N GLU B 302 24.02 -49.68 34.50
CA GLU B 302 23.04 -50.71 34.84
C GLU B 302 23.11 -51.89 33.88
N SER B 303 23.55 -51.65 32.64
CA SER B 303 23.66 -52.75 31.69
C SER B 303 24.72 -53.75 32.11
N GLU B 304 25.92 -53.25 32.45
CA GLU B 304 26.97 -54.15 32.92
C GLU B 304 26.55 -54.87 34.19
N LEU B 305 25.85 -54.16 35.09
CA LEU B 305 25.38 -54.80 36.31
C LEU B 305 24.40 -55.92 35.99
N VAL B 306 23.48 -55.67 35.06
CA VAL B 306 22.51 -56.70 34.66
C VAL B 306 23.25 -57.91 34.11
N ALA B 307 24.22 -57.67 33.23
CA ALA B 307 24.97 -58.78 32.65
C ALA B 307 25.66 -59.58 33.73
N GLU B 308 26.34 -58.91 34.66
CA GLU B 308 27.05 -59.64 35.71
C GLU B 308 26.08 -60.45 36.56
N VAL B 309 24.97 -59.82 36.97
CA VAL B 309 24.02 -60.48 37.84
C VAL B 309 23.46 -61.72 37.16
N MET B 310 23.05 -61.60 35.90
CA MET B 310 22.43 -62.74 35.24
C MET B 310 23.46 -63.82 34.95
N THR B 311 24.71 -63.44 34.67
CA THR B 311 25.76 -64.43 34.52
C THR B 311 25.90 -65.25 35.80
N ALA B 312 25.95 -64.56 36.95
CA ALA B 312 26.03 -65.28 38.21
C ALA B 312 24.80 -66.17 38.42
N THR B 313 23.62 -65.68 38.03
CA THR B 313 22.41 -66.47 38.19
C THR B 313 22.50 -67.77 37.38
N ALA B 314 22.91 -67.66 36.12
CA ALA B 314 23.06 -68.85 35.29
C ALA B 314 24.08 -69.80 35.90
N GLU B 315 25.21 -69.26 36.36
CA GLU B 315 26.22 -70.11 36.98
C GLU B 315 25.64 -70.86 38.18
N ALA B 316 24.89 -70.16 39.02
CA ALA B 316 24.30 -70.79 40.20
C ALA B 316 23.33 -71.90 39.81
N VAL B 317 22.46 -71.63 38.83
CA VAL B 317 21.51 -72.64 38.39
C VAL B 317 22.26 -73.87 37.91
N GLY B 318 23.28 -73.66 37.08
CA GLY B 318 24.05 -74.79 36.58
C GLY B 318 24.73 -75.56 37.68
N GLU B 319 25.32 -74.86 38.65
CA GLU B 319 26.03 -75.54 39.73
C GLU B 319 25.07 -76.40 40.54
N ILE B 320 23.91 -75.84 40.89
CA ILE B 320 22.94 -76.60 41.69
C ILE B 320 22.47 -77.82 40.91
N ALA B 321 22.16 -77.65 39.62
CA ALA B 321 21.75 -78.79 38.81
C ALA B 321 22.85 -79.84 38.76
N GLU B 322 24.10 -79.39 38.64
CA GLU B 322 25.22 -80.33 38.55
C GLU B 322 25.33 -81.15 39.83
N ALA B 323 25.22 -80.50 40.99
CA ALA B 323 25.26 -81.25 42.24
C ALA B 323 24.13 -82.26 42.31
N THR B 324 22.91 -81.83 41.97
CA THR B 324 21.78 -82.75 41.99
C THR B 324 22.07 -83.96 41.12
N ILE B 325 22.62 -83.73 39.93
CA ILE B 325 23.01 -84.83 39.06
C ILE B 325 24.07 -85.70 39.73
N GLU B 326 25.01 -85.07 40.44
CA GLU B 326 26.07 -85.82 41.10
C GLU B 326 25.50 -86.82 42.09
N ALA B 327 24.38 -86.48 42.74
CA ALA B 327 23.79 -87.43 43.67
C ALA B 327 22.90 -88.47 43.00
N THR B 328 22.46 -88.23 41.76
CA THR B 328 21.40 -89.02 41.12
C THR B 328 21.99 -90.27 40.47
N ASP B 329 21.96 -91.38 41.22
CA ASP B 329 22.43 -92.65 40.68
C ASP B 329 21.56 -93.16 39.54
N ASP B 330 20.25 -92.91 39.59
CA ASP B 330 19.31 -93.52 38.66
C ASP B 330 19.48 -92.96 37.26
N PRO B 331 19.68 -93.79 36.23
CA PRO B 331 19.82 -93.25 34.87
C PRO B 331 18.66 -92.37 34.43
N GLU B 332 17.42 -92.77 34.73
CA GLU B 332 16.28 -91.96 34.31
C GLU B 332 16.20 -90.67 35.11
N LYS B 333 16.54 -90.72 36.40
CA LYS B 333 16.44 -89.54 37.24
C LYS B 333 17.40 -88.46 36.78
N ARG B 334 18.64 -88.84 36.48
CA ARG B 334 19.63 -87.83 36.12
C ARG B 334 19.29 -87.18 34.78
N ARG B 335 18.78 -87.95 33.82
CA ARG B 335 18.36 -87.33 32.57
C ARG B 335 17.13 -86.44 32.77
N LYS B 336 16.21 -86.83 33.65
CA LYS B 336 15.10 -85.94 33.94
C LYS B 336 15.59 -84.64 34.57
N ILE B 337 16.53 -84.74 35.51
CA ILE B 337 17.13 -83.55 36.11
C ILE B 337 17.75 -82.68 35.02
N ALA B 338 18.42 -83.32 34.06
CA ALA B 338 19.08 -82.57 33.01
C ALA B 338 18.08 -81.87 32.10
N GLU B 339 16.92 -82.51 31.87
CA GLU B 339 15.87 -81.83 31.13
C GLU B 339 15.39 -80.59 31.88
N PHE B 340 15.20 -80.73 33.20
CA PHE B 340 14.84 -79.56 34.00
C PHE B 340 15.91 -78.47 33.90
N ALA B 341 17.18 -78.87 33.93
CA ALA B 341 18.27 -77.91 33.84
C ALA B 341 18.24 -77.18 32.50
N ARG B 342 17.95 -77.91 31.43
CA ARG B 342 17.81 -77.27 30.12
C ARG B 342 16.69 -76.26 30.13
N GLU B 343 15.55 -76.62 30.74
CA GLU B 343 14.46 -75.66 30.86
C GLU B 343 14.92 -74.40 31.60
N LYS B 344 15.65 -74.58 32.69
CA LYS B 344 16.12 -73.43 33.46
C LYS B 344 17.03 -72.55 32.62
N MET B 345 17.96 -73.17 31.88
CA MET B 345 18.86 -72.39 31.03
C MET B 345 18.06 -71.60 30.01
N ARG B 346 17.07 -72.24 29.41
CA ARG B 346 16.21 -71.55 28.43
C ARG B 346 15.55 -70.34 29.06
N ARG B 347 14.97 -70.51 30.26
CA ARG B 347 14.30 -69.39 30.90
C ARG B 347 15.26 -68.24 31.18
N ILE B 348 16.43 -68.57 31.74
CA ILE B 348 17.38 -67.52 32.12
C ILE B 348 17.84 -66.76 30.87
N ARG B 349 18.14 -67.49 29.80
CA ARG B 349 18.55 -66.84 28.56
C ARG B 349 17.44 -65.93 28.04
N GLU B 350 16.20 -66.41 28.06
CA GLU B 350 15.09 -65.60 27.57
C GLU B 350 15.00 -64.29 28.35
N LEU B 351 15.08 -64.37 29.68
CA LEU B 351 15.00 -63.16 30.48
C LEU B 351 16.16 -62.21 30.19
N ALA B 352 17.38 -62.77 30.07
CA ALA B 352 18.54 -61.94 29.80
C ALA B 352 18.38 -61.18 28.50
N ARG B 353 17.85 -61.82 27.47
CA ARG B 353 17.69 -61.14 26.19
C ARG B 353 16.85 -59.90 26.35
N LYS B 354 15.76 -59.98 27.11
CA LYS B 354 14.89 -58.82 27.29
C LYS B 354 15.56 -57.73 28.12
N LEU B 355 16.23 -58.10 29.22
CA LEU B 355 16.75 -57.07 30.11
C LEU B 355 17.99 -56.39 29.56
N VAL B 356 18.91 -57.15 28.94
CA VAL B 356 20.23 -56.63 28.62
C VAL B 356 20.12 -55.63 27.47
N GLU B 357 20.60 -54.41 27.69
CA GLU B 357 20.60 -53.39 26.65
C GLU B 357 21.85 -53.44 25.77
N ASP B 358 22.99 -53.80 26.34
CA ASP B 358 24.24 -53.80 25.57
C ASP B 358 24.27 -55.00 24.63
N PRO B 359 24.36 -54.79 23.31
CA PRO B 359 24.32 -55.95 22.41
C PRO B 359 25.42 -56.97 22.67
N VAL B 360 26.64 -56.51 22.91
CA VAL B 360 27.76 -57.41 23.07
C VAL B 360 27.60 -58.25 24.32
N LEU B 361 27.27 -57.60 25.44
CA LEU B 361 27.06 -58.34 26.68
C LEU B 361 25.88 -59.28 26.55
N ALA B 362 24.85 -58.89 25.81
CA ALA B 362 23.72 -59.78 25.58
C ALA B 362 24.17 -61.05 24.87
N ALA B 363 24.90 -60.89 23.77
CA ALA B 363 25.41 -62.06 23.06
C ALA B 363 26.27 -62.92 23.97
N ALA B 364 27.12 -62.29 24.78
CA ALA B 364 28.00 -63.03 25.67
C ALA B 364 27.20 -63.85 26.68
N VAL B 365 26.18 -63.25 27.28
CA VAL B 365 25.33 -63.96 28.22
C VAL B 365 24.68 -65.15 27.55
N ALA B 366 24.18 -64.96 26.33
CA ALA B 366 23.55 -66.06 25.61
C ALA B 366 24.54 -67.19 25.39
N ALA B 367 25.73 -66.86 24.91
CA ALA B 367 26.72 -67.90 24.63
C ALA B 367 27.07 -68.66 25.89
N ARG B 368 27.33 -67.92 26.99
CA ARG B 368 27.63 -68.56 28.26
C ARG B 368 26.52 -69.53 28.66
N ALA B 369 25.27 -69.07 28.57
CA ALA B 369 24.15 -69.90 28.99
C ALA B 369 24.06 -71.17 28.16
N LEU B 370 24.22 -71.05 26.84
CA LEU B 370 24.17 -72.24 26.00
C LEU B 370 25.30 -73.21 26.35
N VAL B 371 26.50 -72.69 26.56
CA VAL B 371 27.63 -73.56 26.89
C VAL B 371 27.32 -74.35 28.15
N LEU B 372 26.91 -73.65 29.21
CA LEU B 372 26.58 -74.33 30.46
C LEU B 372 25.45 -75.33 30.26
N SER B 373 24.42 -74.98 29.50
CA SER B 373 23.33 -75.90 29.29
C SER B 373 23.84 -77.20 28.67
N ALA B 374 24.60 -77.08 27.59
CA ALA B 374 25.08 -78.27 26.90
C ALA B 374 25.96 -79.11 27.82
N ALA B 375 26.89 -78.47 28.53
CA ALA B 375 27.80 -79.22 29.38
C ALA B 375 27.05 -79.90 30.52
N VAL B 376 26.15 -79.17 31.17
CA VAL B 376 25.40 -79.73 32.29
C VAL B 376 24.59 -80.93 31.83
N PHE B 377 23.98 -80.84 30.65
CA PHE B 377 23.25 -82.02 30.18
C PHE B 377 24.22 -83.16 29.92
N ALA B 378 25.31 -82.88 29.21
CA ALA B 378 26.23 -83.93 28.82
C ALA B 378 26.71 -84.70 30.03
N LYS B 379 26.89 -84.02 31.17
CA LYS B 379 27.33 -84.72 32.37
C LYS B 379 26.40 -85.88 32.71
N ALA B 380 25.11 -85.78 32.38
CA ALA B 380 24.16 -86.81 32.77
C ALA B 380 24.57 -88.18 32.25
N TYR B 381 25.21 -88.24 31.08
CA TYR B 381 25.63 -89.53 30.53
C TYR B 381 26.95 -90.02 31.09
N GLY B 382 27.64 -89.21 31.88
CA GLY B 382 28.82 -89.69 32.59
C GLY B 382 30.12 -89.64 31.83
N GLY B 383 30.22 -88.80 30.79
CA GLY B 383 31.46 -88.64 30.07
C GLY B 383 32.51 -87.93 30.89
N PRO B 384 33.78 -88.01 30.47
CA PRO B 384 34.85 -87.35 31.23
C PRO B 384 34.56 -85.86 31.42
N GLU B 385 34.74 -85.40 32.65
CA GLU B 385 34.47 -84.00 32.96
C GLU B 385 35.54 -83.07 32.39
N GLU B 386 36.77 -83.55 32.24
CA GLU B 386 37.85 -82.68 31.78
C GLU B 386 37.61 -82.20 30.35
N TYR B 387 37.12 -83.09 29.48
CA TYR B 387 36.87 -82.68 28.10
C TYR B 387 35.86 -81.55 28.05
N SER B 388 34.78 -81.67 28.84
CA SER B 388 33.79 -80.60 28.90
C SER B 388 34.41 -79.33 29.50
N ARG B 389 35.24 -79.50 30.53
CA ARG B 389 35.81 -78.35 31.23
C ARG B 389 36.68 -77.52 30.29
N LEU B 390 37.41 -78.18 29.40
CA LEU B 390 38.22 -77.42 28.44
C LEU B 390 37.33 -76.53 27.58
N MET B 391 36.17 -77.04 27.15
CA MET B 391 35.28 -76.23 26.32
C MET B 391 34.65 -75.13 27.14
N ARG B 392 34.33 -75.41 28.39
CA ARG B 392 33.85 -74.37 29.30
C ARG B 392 34.87 -73.25 29.37
N ARG B 393 36.15 -73.61 29.54
CA ARG B 393 37.21 -72.63 29.59
C ARG B 393 37.27 -71.83 28.30
N TRP B 394 37.11 -72.50 27.16
CA TRP B 394 37.11 -71.80 25.88
C TRP B 394 36.00 -70.76 25.81
N VAL B 395 34.79 -71.14 26.20
CA VAL B 395 33.70 -70.18 26.16
C VAL B 395 34.00 -69.00 27.08
N GLU B 396 34.54 -69.28 28.27
CA GLU B 396 34.88 -68.21 29.19
C GLU B 396 35.93 -67.28 28.59
N LYS B 397 36.95 -67.86 27.94
CA LYS B 397 37.99 -67.04 27.33
C LYS B 397 37.43 -66.17 26.23
N ALA B 398 36.52 -66.72 25.42
CA ALA B 398 35.87 -65.91 24.40
C ALA B 398 35.14 -64.74 25.03
N ALA B 399 34.42 -64.99 26.11
CA ALA B 399 33.73 -63.91 26.80
C ALA B 399 34.71 -62.87 27.30
N GLU B 400 35.83 -63.31 27.87
CA GLU B 400 36.83 -62.37 28.39
C GLU B 400 37.37 -61.49 27.29
N LEU B 401 37.73 -62.11 26.15
CA LEU B 401 38.22 -61.33 25.02
C LEU B 401 37.17 -60.35 24.54
N ALA B 402 35.91 -60.79 24.48
CA ALA B 402 34.85 -59.90 24.00
C ALA B 402 34.69 -58.71 24.93
N ARG B 403 34.72 -58.94 26.24
CA ARG B 403 34.58 -57.83 27.17
C ARG B 403 35.77 -56.89 27.10
N ARG B 404 36.97 -57.44 26.93
CA ARG B 404 38.15 -56.58 26.76
C ARG B 404 38.01 -55.71 25.52
N ALA B 405 37.58 -56.29 24.40
CA ALA B 405 37.42 -55.51 23.18
C ALA B 405 36.30 -54.49 23.33
N ARG B 406 35.24 -54.83 24.07
CA ARG B 406 34.20 -53.85 24.35
C ARG B 406 34.78 -52.67 25.11
N ARG B 407 35.65 -52.95 26.09
CA ARG B 407 36.37 -51.87 26.75
C ARG B 407 37.20 -51.07 25.75
N LEU B 408 37.75 -51.75 24.73
CA LEU B 408 38.50 -51.06 23.69
C LEU B 408 37.60 -50.24 22.77
N GLY B 409 36.30 -50.51 22.75
CA GLY B 409 35.39 -49.74 21.91
C GLY B 409 35.34 -50.16 20.46
N ALA B 410 35.47 -51.45 20.17
CA ALA B 410 35.48 -51.93 18.80
C ALA B 410 34.07 -51.95 18.21
N ASP B 411 34.01 -52.23 16.91
CA ASP B 411 32.73 -52.34 16.21
C ASP B 411 31.97 -53.55 16.71
N GLU B 412 30.68 -53.37 16.99
CA GLU B 412 29.90 -54.41 17.66
C GLU B 412 29.71 -55.64 16.78
N SER B 413 29.59 -55.47 15.47
CA SER B 413 29.23 -56.58 14.60
C SER B 413 30.30 -57.67 14.65
N VAL B 414 31.57 -57.29 14.58
CA VAL B 414 32.65 -58.26 14.57
C VAL B 414 32.62 -59.07 15.87
N LEU B 415 32.46 -58.39 16.99
CA LEU B 415 32.43 -59.05 18.29
C LEU B 415 31.25 -60.01 18.40
N VAL B 416 30.08 -59.59 17.93
CA VAL B 416 28.92 -60.47 17.98
C VAL B 416 29.16 -61.72 17.16
N ALA B 417 29.74 -61.55 15.97
CA ALA B 417 30.06 -62.70 15.15
C ALA B 417 31.03 -63.62 15.88
N ALA B 418 32.06 -63.05 16.51
CA ALA B 418 33.01 -63.87 17.23
C ALA B 418 32.32 -64.70 18.31
N LEU B 419 31.53 -64.04 19.15
CA LEU B 419 30.91 -64.73 20.27
C LEU B 419 30.01 -65.86 19.77
N MET B 420 29.13 -65.56 18.81
CA MET B 420 28.18 -66.59 18.42
C MET B 420 28.87 -67.71 17.65
N ARG B 421 29.91 -67.39 16.89
CA ARG B 421 30.66 -68.44 16.22
C ARG B 421 31.26 -69.40 17.23
N VAL B 422 31.89 -68.86 18.28
CA VAL B 422 32.44 -69.71 19.31
C VAL B 422 31.36 -70.58 19.92
N ALA B 423 30.20 -69.98 20.19
CA ALA B 423 29.10 -70.76 20.76
C ALA B 423 28.71 -71.92 19.86
N ALA B 424 28.58 -71.65 18.56
CA ALA B 424 28.19 -72.70 17.63
C ALA B 424 29.20 -73.84 17.65
N ILE B 425 30.48 -73.51 17.50
CA ILE B 425 31.51 -74.53 17.46
C ILE B 425 31.48 -75.36 18.74
N ALA B 426 31.36 -74.69 19.88
CA ALA B 426 31.41 -75.39 21.16
C ALA B 426 30.22 -76.31 21.33
N VAL B 427 29.01 -75.81 21.05
CA VAL B 427 27.82 -76.63 21.24
C VAL B 427 27.90 -77.87 20.36
N THR B 428 28.24 -77.67 19.08
CA THR B 428 28.28 -78.81 18.18
C THR B 428 29.36 -79.80 18.60
N ALA B 429 30.51 -79.30 19.04
CA ALA B 429 31.58 -80.21 19.48
C ALA B 429 31.11 -81.04 20.66
N ILE B 430 30.52 -80.40 21.67
CA ILE B 430 30.10 -81.13 22.86
C ILE B 430 29.07 -82.19 22.49
N ALA B 431 28.11 -81.81 21.64
CA ALA B 431 27.09 -82.76 21.23
C ALA B 431 27.71 -83.95 20.50
N MET B 432 28.64 -83.68 19.59
CA MET B 432 29.25 -84.76 18.82
C MET B 432 30.01 -85.69 19.75
N MET B 433 30.72 -85.13 20.73
CA MET B 433 31.42 -85.96 21.70
C MET B 433 30.45 -86.86 22.45
N THR B 434 29.33 -86.29 22.91
CA THR B 434 28.33 -87.12 23.57
C THR B 434 27.84 -88.22 22.63
N VAL B 435 27.70 -87.90 21.35
CA VAL B 435 27.19 -88.87 20.39
C VAL B 435 28.14 -90.05 20.28
N MET B 436 29.43 -89.79 20.12
CA MET B 436 30.39 -90.89 20.08
C MET B 436 30.39 -91.64 21.40
N GLY B 437 30.24 -90.94 22.52
CA GLY B 437 30.17 -91.61 23.80
C GLY B 437 29.06 -92.62 23.86
N VAL B 438 27.87 -92.23 23.41
CA VAL B 438 26.73 -93.15 23.40
C VAL B 438 27.02 -94.34 22.50
N GLN B 439 27.68 -94.11 21.37
CA GLN B 439 27.98 -95.18 20.43
C GLN B 439 29.01 -96.16 20.96
N ASN B 440 29.61 -95.90 22.11
CA ASN B 440 30.62 -96.80 22.69
C ASN B 440 31.87 -96.85 21.82
N ALA B 441 32.29 -95.69 21.33
CA ALA B 441 33.46 -95.61 20.47
C ALA B 441 34.75 -95.77 21.28
N PRO B 442 35.84 -96.18 20.63
CA PRO B 442 37.11 -96.32 21.36
C PRO B 442 37.68 -94.96 21.72
N PRO B 443 38.50 -94.88 22.77
CA PRO B 443 38.97 -93.57 23.21
C PRO B 443 39.85 -92.86 22.20
N GLU B 444 40.61 -93.58 21.39
CA GLU B 444 41.43 -92.93 20.37
C GLU B 444 40.54 -92.16 19.39
N GLU B 445 39.46 -92.80 18.94
CA GLU B 445 38.52 -92.12 18.06
C GLU B 445 37.89 -90.92 18.75
N ARG B 446 37.47 -91.10 20.00
CA ARG B 446 36.81 -90.02 20.72
C ARG B 446 37.72 -88.82 20.89
N GLU B 447 38.99 -89.06 21.20
CA GLU B 447 39.92 -87.95 21.45
C GLU B 447 40.06 -87.06 20.23
N ARG B 448 39.99 -87.65 19.03
CA ARG B 448 40.26 -86.90 17.82
C ARG B 448 39.42 -85.63 17.75
N ILE B 449 38.14 -85.72 18.11
CA ILE B 449 37.26 -84.57 17.96
C ILE B 449 37.63 -83.46 18.93
N LEU B 450 38.23 -83.79 20.07
CA LEU B 450 38.63 -82.73 20.99
C LEU B 450 39.71 -81.87 20.37
N ALA B 451 40.68 -82.49 19.69
CA ALA B 451 41.65 -81.71 18.94
C ALA B 451 40.97 -80.93 17.83
N GLU B 452 40.14 -81.60 17.04
CA GLU B 452 39.46 -80.93 15.93
C GLU B 452 38.71 -79.69 16.40
N ALA B 453 38.06 -79.79 17.56
CA ALA B 453 37.30 -78.66 18.06
C ALA B 453 38.22 -77.50 18.43
N THR B 454 39.24 -77.76 19.24
CA THR B 454 40.04 -76.66 19.78
C THR B 454 40.81 -75.94 18.69
N GLU B 455 41.17 -76.64 17.61
CA GLU B 455 41.79 -75.96 16.48
C GLU B 455 40.87 -74.87 15.94
N MET B 456 39.63 -75.26 15.60
CA MET B 456 38.71 -74.32 14.97
C MET B 456 38.38 -73.18 15.93
N ILE B 457 38.17 -73.50 17.20
CA ILE B 457 37.86 -72.46 18.18
C ILE B 457 38.99 -71.45 18.25
N ALA B 458 40.23 -71.93 18.36
CA ALA B 458 41.38 -71.04 18.44
C ALA B 458 41.48 -70.19 17.18
N ARG B 459 41.38 -70.82 16.02
CA ARG B 459 41.45 -70.07 14.77
C ARG B 459 40.31 -69.05 14.69
N VAL B 460 39.11 -69.44 15.12
CA VAL B 460 37.98 -68.53 15.08
C VAL B 460 38.26 -67.30 15.92
N LEU B 461 38.73 -67.50 17.16
CA LEU B 461 39.06 -66.36 18.00
C LEU B 461 40.23 -65.57 17.43
N ALA B 462 41.25 -66.27 16.94
CA ALA B 462 42.43 -65.57 16.43
C ALA B 462 42.06 -64.66 15.28
N GLU B 463 41.26 -65.16 14.34
CA GLU B 463 40.87 -64.34 13.19
C GLU B 463 40.11 -63.11 13.63
N ALA B 464 39.24 -63.25 14.63
CA ALA B 464 38.49 -62.10 15.11
C ALA B 464 39.41 -61.03 15.67
N THR B 465 40.39 -61.44 16.49
CA THR B 465 41.30 -60.47 17.08
C THR B 465 42.00 -59.66 16.00
N ARG B 466 42.50 -60.34 14.96
CA ARG B 466 43.16 -59.63 13.87
C ARG B 466 42.21 -58.65 13.21
N ARG B 467 40.95 -59.06 12.97
CA ARG B 467 40.01 -58.17 12.31
C ARG B 467 39.76 -56.92 13.15
N VAL B 468 39.58 -57.09 14.46
CA VAL B 468 39.31 -55.95 15.32
C VAL B 468 40.53 -55.03 15.39
N MET B 469 41.72 -55.64 15.50
CA MET B 469 42.93 -54.85 15.69
C MET B 469 43.08 -53.81 14.58
N LYS B 470 42.81 -54.19 13.34
CA LYS B 470 43.02 -53.28 12.23
C LYS B 470 42.15 -52.04 12.33
N ARG B 471 41.01 -52.14 13.00
CA ARG B 471 40.07 -51.03 13.09
C ARG B 471 40.49 -49.97 14.10
N LEU B 472 41.38 -50.31 15.04
CA LEU B 472 41.73 -49.41 16.13
C LEU B 472 42.79 -48.40 15.67
N GLU B 473 43.17 -47.51 16.59
CA GLU B 473 44.19 -46.51 16.31
C GLU B 473 45.23 -46.38 17.42
N ASP B 474 44.88 -46.78 18.64
CA ASP B 474 45.77 -46.58 19.78
C ASP B 474 46.88 -47.63 19.78
N PRO B 475 48.15 -47.23 19.74
CA PRO B 475 49.21 -48.25 19.62
C PRO B 475 49.35 -49.11 20.87
N GLU B 476 49.35 -48.48 22.05
CA GLU B 476 49.48 -49.26 23.28
C GLU B 476 48.30 -50.21 23.45
N ALA B 477 47.09 -49.76 23.11
CA ALA B 477 45.93 -50.63 23.19
C ALA B 477 46.06 -51.80 22.22
N ALA B 478 46.55 -51.56 21.01
CA ALA B 478 46.75 -52.64 20.07
C ALA B 478 47.76 -53.64 20.60
N ALA B 479 48.86 -53.16 21.18
CA ALA B 479 49.83 -54.06 21.76
C ALA B 479 49.21 -54.89 22.89
N GLU B 480 48.40 -54.24 23.73
CA GLU B 480 47.73 -54.95 24.81
C GLU B 480 46.83 -56.05 24.27
N LEU B 481 46.05 -55.75 23.23
CA LEU B 481 45.20 -56.77 22.63
C LEU B 481 46.03 -57.94 22.10
N ALA B 482 47.13 -57.63 21.42
CA ALA B 482 47.98 -58.69 20.88
C ALA B 482 48.50 -59.58 22.01
N LEU B 483 49.09 -58.97 23.04
CA LEU B 483 49.67 -59.75 24.12
C LEU B 483 48.61 -60.57 24.83
N ALA B 484 47.46 -59.97 25.11
CA ALA B 484 46.41 -60.67 25.84
C ALA B 484 45.93 -61.88 25.06
N THR B 485 45.59 -61.68 23.78
CA THR B 485 45.07 -62.80 23.00
C THR B 485 46.12 -63.88 22.82
N ILE B 486 47.38 -63.50 22.64
CA ILE B 486 48.44 -64.50 22.51
C ILE B 486 48.53 -65.33 23.78
N GLU B 487 48.53 -64.66 24.94
CA GLU B 487 48.60 -65.39 26.20
C GLU B 487 47.41 -66.33 26.34
N ALA B 488 46.21 -65.85 26.03
CA ALA B 488 45.02 -66.67 26.21
C ALA B 488 45.07 -67.92 25.33
N ILE B 489 45.36 -67.74 24.05
CA ILE B 489 45.39 -68.87 23.13
C ILE B 489 46.47 -69.85 23.56
N THR B 490 47.62 -69.32 23.99
CA THR B 490 48.69 -70.19 24.46
C THR B 490 48.25 -71.02 25.65
N GLU B 491 47.56 -70.40 26.61
CA GLU B 491 47.09 -71.14 27.77
C GLU B 491 46.12 -72.23 27.36
N LEU B 492 45.22 -71.91 26.44
CA LEU B 492 44.23 -72.90 26.00
C LEU B 492 44.93 -74.10 25.37
N PHE B 493 45.88 -73.84 24.46
CA PHE B 493 46.58 -74.96 23.85
C PHE B 493 47.43 -75.72 24.87
N VAL B 494 48.01 -75.04 25.85
CA VAL B 494 48.75 -75.77 26.87
C VAL B 494 47.84 -76.75 27.57
N ASP B 495 46.66 -76.29 27.98
CA ASP B 495 45.74 -77.18 28.69
C ASP B 495 45.33 -78.34 27.79
N ALA B 496 44.98 -78.04 26.54
CA ALA B 496 44.57 -79.11 25.63
C ALA B 496 45.68 -80.13 25.48
N LEU B 497 46.86 -79.69 25.04
CA LEU B 497 47.95 -80.62 24.80
C LEU B 497 48.33 -81.39 26.06
N GLU B 498 48.02 -80.85 27.24
CA GLU B 498 48.14 -81.67 28.44
C GLU B 498 47.05 -82.74 28.49
N ILE B 499 45.81 -82.39 28.15
CA ILE B 499 44.71 -83.31 28.36
C ILE B 499 44.72 -84.44 27.33
N ILE B 500 44.80 -84.09 26.04
CA ILE B 500 44.69 -85.09 24.98
C ILE B 500 45.81 -86.11 25.15
N ARG B 501 45.43 -87.39 25.28
CA ARG B 501 46.30 -88.36 25.94
C ARG B 501 47.26 -89.06 24.98
N SER B 502 46.79 -89.51 23.82
CA SER B 502 47.58 -90.46 23.06
C SER B 502 47.38 -90.28 21.56
N GLY B 503 48.35 -90.80 20.80
CA GLY B 503 48.20 -91.00 19.37
C GLY B 503 48.74 -89.88 18.50
N GLU B 504 48.71 -90.15 17.19
CA GLU B 504 49.24 -89.23 16.21
C GLU B 504 48.50 -87.90 16.17
N VAL B 505 47.29 -87.83 16.74
CA VAL B 505 46.54 -86.57 16.78
C VAL B 505 47.37 -85.49 17.45
N ALA B 506 48.28 -85.87 18.33
CA ALA B 506 49.11 -84.89 19.03
C ALA B 506 49.95 -84.08 18.06
N SER B 507 50.53 -84.73 17.06
CA SER B 507 51.39 -84.02 16.12
C SER B 507 50.60 -82.98 15.34
N ARG B 508 49.43 -83.37 14.83
CA ARG B 508 48.61 -82.44 14.08
C ARG B 508 48.17 -81.27 14.97
N LEU B 509 47.82 -81.58 16.21
CA LEU B 509 47.45 -80.52 17.15
C LEU B 509 48.58 -79.53 17.32
N ALA B 510 49.79 -80.03 17.52
CA ALA B 510 50.95 -79.15 17.71
C ALA B 510 51.18 -78.30 16.48
N LYS B 511 51.12 -78.92 15.30
CA LYS B 511 51.35 -78.18 14.07
C LYS B 511 50.36 -77.03 13.94
N SER B 512 49.07 -77.32 14.16
CA SER B 512 48.06 -76.29 14.03
C SER B 512 48.28 -75.17 15.02
N GLY B 513 48.56 -75.51 16.28
CA GLY B 513 48.76 -74.47 17.28
C GLY B 513 49.92 -73.57 16.94
N ILE B 514 51.04 -74.18 16.54
CA ILE B 514 52.21 -73.39 16.19
C ILE B 514 51.87 -72.42 15.07
N GLU B 515 51.25 -72.93 14.02
CA GLU B 515 50.90 -72.07 12.90
C GLU B 515 50.01 -70.93 13.35
N VAL B 516 49.00 -71.22 14.17
CA VAL B 516 48.04 -70.20 14.56
C VAL B 516 48.73 -69.09 15.33
N ILE B 517 49.54 -69.46 16.33
CA ILE B 517 50.15 -68.42 17.15
C ILE B 517 51.16 -67.62 16.33
N ALA B 518 51.90 -68.28 15.45
CA ALA B 518 52.85 -67.56 14.62
C ALA B 518 52.14 -66.54 13.74
N GLU B 519 51.03 -66.95 13.11
CA GLU B 519 50.30 -66.01 12.27
C GLU B 519 49.79 -64.83 13.08
N LEU B 520 49.23 -65.08 14.27
CA LEU B 520 48.74 -63.98 15.08
C LEU B 520 49.86 -63.03 15.44
N ALA B 521 51.02 -63.56 15.82
CA ALA B 521 52.15 -62.69 16.15
C ALA B 521 52.57 -61.86 14.94
N GLU B 522 52.62 -62.49 13.77
CA GLU B 522 52.99 -61.76 12.56
C GLU B 522 52.03 -60.60 12.32
N ALA B 523 50.73 -60.86 12.40
CA ALA B 523 49.75 -59.79 12.19
C ALA B 523 49.96 -58.67 13.22
N ALA B 524 50.23 -59.03 14.47
CA ALA B 524 50.47 -58.00 15.48
C ALA B 524 51.68 -57.16 15.11
N ILE B 525 52.77 -57.80 14.66
CA ILE B 525 53.97 -57.08 14.30
C ILE B 525 53.69 -56.08 13.17
N GLU B 526 52.92 -56.51 12.16
CA GLU B 526 52.66 -55.64 11.03
C GLU B 526 51.99 -54.34 11.46
N HIS B 527 50.93 -54.44 12.26
CA HIS B 527 50.17 -53.25 12.64
C HIS B 527 50.88 -52.43 13.71
N ILE B 528 51.83 -53.02 14.43
CA ILE B 528 52.46 -52.34 15.54
C ILE B 528 53.19 -51.09 15.06
N ASP B 529 53.33 -50.12 15.97
CA ASP B 529 54.03 -48.88 15.68
C ASP B 529 55.53 -49.06 15.92
N ASP B 530 56.28 -47.97 15.76
CA ASP B 530 57.74 -47.96 15.87
C ASP B 530 58.28 -48.20 17.27
N PRO B 531 57.61 -47.77 18.34
CA PRO B 531 58.24 -47.84 19.67
C PRO B 531 58.77 -49.23 19.99
N GLU B 532 59.74 -49.26 20.90
CA GLU B 532 60.42 -50.50 21.25
C GLU B 532 59.49 -51.54 21.84
N GLN B 533 58.22 -51.22 22.08
CA GLN B 533 57.28 -52.20 22.61
C GLN B 533 57.22 -53.44 21.72
N LEU B 534 57.59 -53.32 20.45
CA LEU B 534 57.68 -54.50 19.59
C LEU B 534 58.64 -55.53 20.16
N LYS B 535 59.69 -55.07 20.85
CA LYS B 535 60.65 -56.01 21.43
C LYS B 535 59.97 -56.91 22.46
N LYS B 536 59.10 -56.33 23.29
CA LYS B 536 58.32 -57.15 24.21
C LYS B 536 57.43 -58.12 23.45
N ILE B 537 56.86 -57.67 22.33
CA ILE B 537 56.02 -58.55 21.51
C ILE B 537 56.82 -59.76 21.04
N VAL B 538 58.06 -59.53 20.60
CA VAL B 538 58.90 -60.63 20.13
C VAL B 538 59.19 -61.59 21.27
N LYS B 539 59.50 -61.07 22.45
CA LYS B 539 59.79 -61.94 23.59
C LYS B 539 58.59 -62.79 23.94
N LYS B 540 57.39 -62.20 23.94
CA LYS B 540 56.19 -62.96 24.27
C LYS B 540 55.98 -64.10 23.28
N ALA B 541 56.06 -63.80 21.98
CA ALA B 541 55.87 -64.84 20.98
C ALA B 541 56.90 -65.95 21.15
N ALA B 542 58.16 -65.59 21.37
CA ALA B 542 59.20 -66.60 21.53
C ALA B 542 58.89 -67.50 22.72
N GLU B 543 58.45 -66.90 23.83
CA GLU B 543 58.03 -67.72 24.97
C GLU B 543 56.94 -68.69 24.57
N ALA B 544 55.90 -68.20 23.90
CA ALA B 544 54.76 -69.05 23.60
C ALA B 544 55.17 -70.26 22.76
N ILE B 545 55.86 -70.02 21.65
CA ILE B 545 56.15 -71.12 20.74
C ILE B 545 57.03 -72.16 21.41
N LYS B 546 57.95 -71.72 22.27
CA LYS B 546 58.75 -72.67 23.04
C LYS B 546 57.86 -73.49 23.98
N LYS B 547 56.90 -72.83 24.64
CA LYS B 547 56.10 -73.51 25.65
C LYS B 547 55.34 -74.69 25.07
N ILE B 548 54.71 -74.51 23.92
CA ILE B 548 53.98 -75.61 23.30
C ILE B 548 54.96 -76.68 22.83
N VAL B 549 56.09 -76.26 22.27
CA VAL B 549 57.09 -77.23 21.83
C VAL B 549 57.54 -78.09 23.00
N GLU B 550 57.86 -77.44 24.12
CA GLU B 550 58.26 -78.19 25.31
C GLU B 550 57.15 -79.12 25.77
N GLU B 551 55.88 -78.69 25.61
CA GLU B 551 54.77 -79.49 26.09
C GLU B 551 54.72 -80.85 25.41
N LEU B 552 54.93 -80.88 24.08
CA LEU B 552 54.84 -82.14 23.36
C LEU B 552 55.91 -83.12 23.83
N ILE B 553 57.06 -82.61 24.26
CA ILE B 553 58.15 -83.47 24.71
C ILE B 553 57.71 -84.38 25.85
N LYS B 554 56.69 -83.98 26.61
CA LYS B 554 56.31 -84.71 27.80
C LYS B 554 55.66 -86.06 27.50
N LYS B 555 55.35 -86.36 26.24
CA LYS B 555 54.60 -87.56 25.90
C LYS B 555 55.21 -88.23 24.69
N ASP B 556 54.95 -89.53 24.57
CA ASP B 556 55.49 -90.32 23.48
C ASP B 556 54.95 -89.84 22.14
N VAL B 557 55.79 -89.92 21.11
CA VAL B 557 55.40 -89.58 19.75
C VAL B 557 56.34 -90.27 18.79
N GLU B 558 55.87 -90.50 17.57
CA GLU B 558 56.73 -91.06 16.54
C GLU B 558 57.92 -90.16 16.28
N ASP B 559 59.10 -90.76 16.10
CA ASP B 559 60.32 -89.99 16.01
C ASP B 559 60.28 -89.00 14.85
N GLU B 560 59.83 -89.45 13.68
CA GLU B 560 59.79 -88.57 12.52
C GLU B 560 58.88 -87.37 12.77
N LEU B 561 57.67 -87.62 13.25
CA LEU B 561 56.72 -86.53 13.49
C LEU B 561 57.27 -85.56 14.53
N LEU B 562 57.90 -86.08 15.59
CA LEU B 562 58.45 -85.20 16.61
C LEU B 562 59.49 -84.25 16.03
N ALA B 563 60.40 -84.78 15.23
CA ALA B 563 61.40 -83.93 14.60
C ALA B 563 60.72 -82.91 13.69
N GLU B 564 59.86 -83.37 12.79
CA GLU B 564 59.17 -82.46 11.88
C GLU B 564 58.45 -81.37 12.66
N VAL B 565 57.82 -81.74 13.79
CA VAL B 565 57.07 -80.76 14.56
C VAL B 565 58.02 -79.69 15.12
N THR B 566 59.09 -80.11 15.80
CA THR B 566 59.94 -79.14 16.46
C THR B 566 60.78 -78.36 15.46
N SER B 567 61.19 -78.99 14.36
CA SER B 567 61.88 -78.25 13.30
C SER B 567 60.96 -77.21 12.70
N GLU B 568 59.73 -77.61 12.37
CA GLU B 568 58.77 -76.66 11.81
C GLU B 568 58.48 -75.53 12.78
N GLY B 569 58.36 -75.84 14.07
CA GLY B 569 58.13 -74.78 15.05
C GLY B 569 59.24 -73.75 15.06
N ASN B 570 60.49 -74.23 15.09
CA ASN B 570 61.62 -73.30 15.09
C ASN B 570 61.60 -72.43 13.85
N ARG B 571 61.33 -73.02 12.69
CA ARG B 571 61.31 -72.27 11.44
C ARG B 571 60.36 -71.08 11.53
N LYS B 572 59.21 -71.26 12.19
CA LYS B 572 58.27 -70.15 12.34
C LYS B 572 58.83 -69.08 13.27
N LEU B 573 59.55 -69.48 14.32
CA LEU B 573 60.20 -68.48 15.16
C LEU B 573 61.19 -67.67 14.34
N SER B 574 61.91 -68.31 13.43
CA SER B 574 62.84 -67.59 12.57
C SER B 574 62.11 -66.47 11.82
N ARG B 575 60.99 -66.80 11.21
CA ARG B 575 60.32 -65.82 10.34
C ARG B 575 59.89 -64.60 11.14
N ILE B 576 59.18 -64.81 12.25
CA ILE B 576 58.74 -63.67 13.04
C ILE B 576 59.94 -62.93 13.59
N THR B 577 61.00 -63.65 13.97
CA THR B 577 62.21 -62.99 14.42
C THR B 577 62.78 -62.10 13.31
N SER B 578 62.80 -62.60 12.08
CA SER B 578 63.29 -61.80 10.97
C SER B 578 62.34 -60.64 10.68
N LYS B 579 61.04 -60.91 10.60
CA LYS B 579 60.09 -59.87 10.23
C LYS B 579 60.15 -58.71 11.21
N ALA B 580 60.28 -59.00 12.50
CA ALA B 580 60.38 -57.93 13.49
C ALA B 580 61.68 -57.15 13.32
N LEU B 581 62.81 -57.85 13.22
CA LEU B 581 64.10 -57.19 13.17
C LEU B 581 64.17 -56.21 11.99
N THR B 582 63.49 -56.51 10.89
CA THR B 582 63.51 -55.63 9.74
C THR B 582 62.87 -54.29 10.02
N LYS B 583 62.07 -54.18 11.08
CA LYS B 583 61.33 -52.97 11.38
C LYS B 583 62.05 -52.05 12.36
N ILE B 584 63.01 -52.57 13.12
CA ILE B 584 63.67 -51.76 14.14
C ILE B 584 64.58 -50.72 13.48
N LYS B 585 64.98 -49.72 14.28
CA LYS B 585 65.82 -48.65 13.78
C LYS B 585 66.91 -48.23 14.76
N ASP B 586 67.22 -49.05 15.76
CA ASP B 586 68.23 -48.72 16.76
C ASP B 586 69.16 -49.92 16.92
N GLU B 587 70.47 -49.65 16.97
CA GLU B 587 71.43 -50.75 16.99
C GLU B 587 71.30 -51.60 18.24
N LYS B 588 71.11 -50.98 19.41
CA LYS B 588 71.10 -51.75 20.65
C LYS B 588 70.01 -52.81 20.63
N ALA B 589 68.79 -52.41 20.27
CA ALA B 589 67.70 -53.39 20.18
C ALA B 589 67.98 -54.42 19.09
N ALA B 590 68.52 -53.97 17.96
CA ALA B 590 68.78 -54.90 16.86
C ALA B 590 69.71 -56.01 17.30
N ALA B 591 70.80 -55.66 17.97
CA ALA B 591 71.71 -56.68 18.48
C ALA B 591 71.04 -57.54 19.55
N GLU B 592 70.30 -56.91 20.47
CA GLU B 592 69.68 -57.65 21.56
C GLU B 592 68.73 -58.72 21.04
N LEU B 593 67.82 -58.33 20.14
CA LEU B 593 66.88 -59.30 19.59
C LEU B 593 67.60 -60.38 18.80
N THR B 594 68.59 -59.99 17.99
CA THR B 594 69.31 -60.97 17.18
C THR B 594 69.96 -62.03 18.05
N ILE B 595 70.61 -61.63 19.13
CA ILE B 595 71.23 -62.60 20.02
C ILE B 595 70.16 -63.50 20.64
N GLU B 596 69.08 -62.90 21.14
CA GLU B 596 68.06 -63.67 21.85
C GLU B 596 67.48 -64.76 20.96
N ALA B 597 67.05 -64.40 19.75
CA ALA B 597 66.47 -65.39 18.86
C ALA B 597 67.47 -66.50 18.55
N ILE B 598 68.73 -66.14 18.28
CA ILE B 598 69.76 -67.13 18.04
C ILE B 598 69.87 -68.08 19.23
N GLU B 599 69.85 -67.53 20.45
CA GLU B 599 69.86 -68.39 21.63
C GLU B 599 68.61 -69.26 21.67
N ALA B 600 67.45 -68.67 21.39
CA ALA B 600 66.19 -69.41 21.53
C ALA B 600 66.13 -70.59 20.57
N ILE B 601 66.37 -70.34 19.28
CA ILE B 601 66.27 -71.43 18.30
C ILE B 601 67.27 -72.52 18.62
N THR B 602 68.47 -72.13 19.08
CA THR B 602 69.46 -73.12 19.48
C THR B 602 68.95 -73.95 20.65
N GLU B 603 68.29 -73.31 21.62
CA GLU B 603 67.88 -74.01 22.83
C GLU B 603 66.92 -75.15 22.52
N ASN B 604 65.93 -74.90 21.67
CA ASN B 604 64.93 -75.93 21.40
C ASN B 604 65.57 -77.17 20.79
N PHE B 605 66.51 -76.99 19.86
CA PHE B 605 67.16 -78.13 19.23
C PHE B 605 67.87 -79.01 20.25
N LEU B 606 68.41 -78.41 21.31
CA LEU B 606 69.01 -79.22 22.36
C LEU B 606 67.98 -80.14 23.00
N LEU B 607 66.78 -79.63 23.26
CA LEU B 607 65.74 -80.46 23.85
C LEU B 607 65.32 -81.58 22.90
N ALA B 608 65.17 -81.26 21.62
CA ALA B 608 64.78 -82.30 20.66
C ALA B 608 65.86 -83.37 20.55
N LEU B 609 67.12 -82.95 20.45
CA LEU B 609 68.22 -83.91 20.39
C LEU B 609 68.29 -84.77 21.64
N GLU B 610 67.75 -84.28 22.75
CA GLU B 610 67.76 -85.02 24.01
C GLU B 610 66.85 -86.24 23.98
N ARG B 611 66.03 -86.41 22.95
CA ARG B 611 65.11 -87.55 22.90
C ARG B 611 65.04 -88.20 21.53
N ILE B 612 65.94 -87.90 20.60
CA ILE B 612 65.87 -88.48 19.27
C ILE B 612 66.04 -89.99 19.36
N LYS B 613 65.25 -90.72 18.57
CA LYS B 613 65.20 -92.18 18.66
C LYS B 613 66.14 -92.89 17.70
N ASP B 614 66.62 -92.23 16.64
CA ASP B 614 67.38 -92.91 15.61
C ASP B 614 68.35 -91.92 14.97
N GLY B 615 69.35 -92.47 14.28
CA GLY B 615 70.39 -91.64 13.69
C GLY B 615 69.87 -90.77 12.56
N GLU B 616 69.20 -91.38 11.58
CA GLU B 616 68.74 -90.61 10.44
C GLU B 616 67.81 -89.48 10.86
N VAL B 617 67.00 -89.73 11.89
CA VAL B 617 66.13 -88.67 12.41
C VAL B 617 66.98 -87.57 13.03
N ALA B 618 67.97 -87.92 13.83
CA ALA B 618 68.81 -86.91 14.47
C ALA B 618 69.60 -86.13 13.43
N ALA B 619 70.13 -86.82 12.42
CA ALA B 619 70.97 -86.14 11.43
C ALA B 619 70.19 -85.06 10.69
N LYS B 620 69.04 -85.41 10.13
CA LYS B 620 68.28 -84.46 9.33
C LYS B 620 67.90 -83.24 10.16
N LEU B 621 67.49 -83.45 11.42
CA LEU B 621 67.16 -82.34 12.28
C LEU B 621 68.40 -81.51 12.60
N ALA B 622 69.55 -82.17 12.77
CA ALA B 622 70.78 -81.41 12.98
C ALA B 622 71.12 -80.57 11.77
N GLU B 623 70.91 -81.11 10.56
CA GLU B 623 71.13 -80.34 9.36
C GLU B 623 70.30 -79.07 9.36
N ASP B 624 69.01 -79.19 9.68
CA ASP B 624 68.16 -78.02 9.79
C ASP B 624 68.71 -77.03 10.82
N GLY B 625 69.25 -77.55 11.92
CA GLY B 625 69.74 -76.66 12.96
C GLY B 625 70.80 -75.70 12.47
N LEU B 626 71.74 -76.21 11.68
CA LEU B 626 72.81 -75.35 11.16
C LEU B 626 72.26 -74.30 10.19
N LEU B 627 71.38 -74.73 9.27
CA LEU B 627 70.94 -73.81 8.22
C LEU B 627 69.97 -72.77 8.77
N GLU B 628 69.12 -73.15 9.72
CA GLU B 628 68.21 -72.16 10.31
C GLU B 628 68.99 -71.04 10.99
N ILE B 629 70.01 -71.41 11.77
CA ILE B 629 70.81 -70.37 12.42
C ILE B 629 71.53 -69.53 11.38
N TYR B 630 72.04 -70.16 10.33
CA TYR B 630 72.76 -69.40 9.30
C TYR B 630 71.86 -68.34 8.69
N ARG B 631 70.64 -68.71 8.32
CA ARG B 631 69.73 -67.73 7.74
C ARG B 631 69.49 -66.58 8.70
N LEU B 632 69.26 -66.90 9.98
CA LEU B 632 69.00 -65.84 10.95
C LEU B 632 70.25 -65.00 11.18
N ALA B 633 71.42 -65.62 11.24
CA ALA B 633 72.65 -64.87 11.50
C ALA B 633 72.91 -63.87 10.39
N VAL B 634 72.92 -64.33 9.14
CA VAL B 634 73.18 -63.43 8.02
C VAL B 634 72.07 -62.39 7.93
N SER B 635 70.81 -62.82 8.07
CA SER B 635 69.70 -61.89 7.98
C SER B 635 69.88 -60.72 8.93
N GLY B 636 70.40 -60.98 10.14
CA GLY B 636 70.75 -59.89 11.02
C GLY B 636 71.91 -59.07 10.49
N ILE B 637 72.93 -59.74 9.95
CA ILE B 637 74.16 -59.06 9.55
C ILE B 637 73.88 -57.95 8.57
N GLU B 638 73.01 -58.21 7.59
CA GLU B 638 72.78 -57.22 6.53
C GLU B 638 72.23 -55.92 7.08
N HIS B 639 71.54 -55.97 8.21
CA HIS B 639 70.99 -54.77 8.83
C HIS B 639 71.90 -54.18 9.91
N ILE B 640 73.02 -54.84 10.21
CA ILE B 640 73.90 -54.39 11.29
C ILE B 640 74.51 -53.04 10.93
N ASP B 641 74.65 -52.17 11.94
CA ASP B 641 75.04 -50.78 11.67
C ASP B 641 76.55 -50.58 11.74
N ASN B 642 77.23 -51.19 12.71
CA ASN B 642 78.55 -50.75 13.13
C ASN B 642 79.36 -51.97 13.55
N PRO B 643 80.64 -52.06 13.16
CA PRO B 643 81.45 -53.18 13.63
C PRO B 643 81.48 -53.36 15.14
N GLU B 644 81.23 -52.31 15.91
CA GLU B 644 81.16 -52.47 17.37
C GLU B 644 80.14 -53.54 17.74
N GLU B 645 78.99 -53.54 17.07
CA GLU B 645 78.01 -54.60 17.27
C GLU B 645 78.33 -55.83 16.44
N LEU B 646 78.87 -55.63 15.23
CA LEU B 646 79.12 -56.76 14.33
C LEU B 646 79.99 -57.81 15.00
N GLU B 647 80.99 -57.38 15.77
CA GLU B 647 81.83 -58.34 16.47
C GLU B 647 81.01 -59.21 17.42
N LYS B 648 80.08 -58.58 18.14
CA LYS B 648 79.31 -59.33 19.13
C LYS B 648 78.45 -60.40 18.48
N ILE B 649 77.71 -60.03 17.43
CA ILE B 649 76.86 -61.02 16.76
C ILE B 649 77.73 -62.08 16.11
N VAL B 650 78.91 -61.72 15.64
CA VAL B 650 79.84 -62.72 15.12
C VAL B 650 80.24 -63.68 16.22
N LYS B 651 80.61 -63.14 17.39
CA LYS B 651 81.03 -64.00 18.49
C LYS B 651 79.90 -64.88 18.98
N LYS B 652 78.70 -64.31 19.13
CA LYS B 652 77.56 -65.10 19.56
C LYS B 652 77.24 -66.20 18.56
N THR B 653 77.30 -65.88 17.27
CA THR B 653 77.03 -66.89 16.26
C THR B 653 78.01 -68.04 16.36
N GLU B 654 79.29 -67.73 16.60
CA GLU B 654 80.28 -68.78 16.78
C GLU B 654 79.92 -69.66 17.97
N GLU B 655 79.57 -69.05 19.10
CA GLU B 655 79.23 -69.83 20.28
C GLU B 655 78.01 -70.71 20.03
N ALA B 656 76.97 -70.15 19.40
CA ALA B 656 75.78 -70.96 19.11
C ALA B 656 76.12 -72.11 18.17
N VAL B 657 76.91 -71.84 17.13
CA VAL B 657 77.26 -72.90 16.19
C VAL B 657 78.02 -74.01 16.89
N GLU B 658 78.99 -73.65 17.73
CA GLU B 658 79.77 -74.67 18.43
C GLU B 658 78.92 -75.47 19.40
N ARG B 659 78.06 -74.80 20.17
CA ARG B 659 77.30 -75.50 21.19
C ARG B 659 76.35 -76.52 20.58
N ILE B 660 75.69 -76.18 19.48
CA ILE B 660 74.80 -77.13 18.83
C ILE B 660 75.57 -78.33 18.31
N VAL B 661 76.69 -78.07 17.62
CA VAL B 661 77.47 -79.17 17.06
C VAL B 661 78.06 -80.03 18.16
N GLU B 662 78.55 -79.39 19.23
CA GLU B 662 79.14 -80.15 20.33
C GLU B 662 78.10 -81.04 21.01
N ALA B 663 76.91 -80.51 21.26
CA ALA B 663 75.86 -81.30 21.90
C ALA B 663 75.44 -82.47 21.02
N LEU B 664 75.15 -82.20 19.75
CA LEU B 664 74.75 -83.27 18.84
C LEU B 664 75.85 -84.29 18.67
N GLU B 665 77.11 -83.88 18.86
CA GLU B 665 78.22 -84.82 18.73
C GLU B 665 78.21 -85.87 19.83
N LYS B 666 77.64 -85.53 21.00
CA LYS B 666 77.65 -86.46 22.13
C LYS B 666 76.77 -87.68 21.86
N LYS B 667 75.73 -87.52 21.06
CA LYS B 667 74.76 -88.59 20.83
C LYS B 667 75.37 -89.69 19.98
N ASP B 668 74.74 -90.86 20.03
CA ASP B 668 75.17 -92.00 19.22
C ASP B 668 74.65 -91.84 17.79
N VAL B 669 75.56 -91.90 16.82
CA VAL B 669 75.20 -91.72 15.42
C VAL B 669 76.29 -92.37 14.57
N GLU B 670 75.95 -92.68 13.32
CA GLU B 670 76.92 -93.27 12.41
C GLU B 670 78.09 -92.29 12.22
N PRO B 671 79.33 -92.78 12.11
CA PRO B 671 80.46 -91.84 12.00
C PRO B 671 80.42 -90.97 10.76
N GLU B 672 79.94 -91.50 9.63
CA GLU B 672 79.91 -90.71 8.41
C GLU B 672 79.02 -89.48 8.56
N LEU B 673 77.83 -89.66 9.12
CA LEU B 673 76.96 -88.53 9.39
C LEU B 673 77.58 -87.60 10.43
N LYS B 674 78.20 -88.17 11.45
CA LYS B 674 78.84 -87.35 12.48
C LYS B 674 79.89 -86.43 11.86
N GLU B 675 80.71 -86.97 10.96
CA GLU B 675 81.73 -86.14 10.32
C GLU B 675 81.11 -85.07 9.45
N GLU B 676 80.09 -85.41 8.66
CA GLU B 676 79.48 -84.44 7.76
C GLU B 676 78.87 -83.30 8.54
N VAL B 677 78.17 -83.59 9.63
CA VAL B 677 77.59 -82.53 10.45
C VAL B 677 78.68 -81.64 11.00
N GLU B 678 79.78 -82.24 11.47
CA GLU B 678 80.91 -81.44 11.94
C GLU B 678 81.46 -80.58 10.80
N GLU B 679 81.43 -81.10 9.57
CA GLU B 679 81.93 -80.35 8.43
C GLU B 679 81.12 -79.08 8.23
N LEU B 680 79.80 -79.17 8.32
CA LEU B 680 78.97 -77.98 8.18
C LEU B 680 79.31 -76.96 9.25
N GLY B 681 79.53 -77.42 10.49
CA GLY B 681 79.96 -76.50 11.53
C GLY B 681 81.24 -75.78 11.18
N LYS B 682 82.21 -76.51 10.62
CA LYS B 682 83.46 -75.89 10.20
C LYS B 682 83.22 -74.86 9.10
N LYS B 683 82.32 -75.17 8.16
CA LYS B 683 82.15 -74.32 6.99
C LYS B 683 81.34 -73.06 7.31
N LEU B 684 80.19 -73.23 7.96
CA LEU B 684 79.26 -72.11 8.12
C LEU B 684 79.87 -70.97 8.92
N VAL B 685 80.59 -71.29 10.01
CA VAL B 685 81.17 -70.22 10.80
C VAL B 685 82.16 -69.42 9.94
N GLU B 686 82.84 -70.09 9.01
CA GLU B 686 83.82 -69.39 8.19
C GLU B 686 83.14 -68.33 7.33
N ILE B 687 82.12 -68.73 6.57
CA ILE B 687 81.46 -67.78 5.68
C ILE B 687 80.78 -66.67 6.46
N VAL B 688 80.26 -66.98 7.65
CA VAL B 688 79.72 -65.93 8.51
C VAL B 688 80.81 -64.92 8.84
N ARG B 689 82.00 -65.42 9.19
CA ARG B 689 83.11 -64.52 9.48
C ARG B 689 83.52 -63.74 8.24
N LYS B 690 83.45 -64.36 7.06
CA LYS B 690 83.78 -63.65 5.83
C LYS B 690 82.84 -62.47 5.62
N LEU B 691 81.53 -62.70 5.73
CA LEU B 691 80.59 -61.60 5.61
C LEU B 691 80.79 -60.58 6.71
N ALA B 692 81.06 -61.04 7.94
CA ALA B 692 81.23 -60.11 9.04
C ALA B 692 82.40 -59.16 8.81
N GLU B 693 83.44 -59.63 8.13
CA GLU B 693 84.52 -58.73 7.73
C GLU B 693 84.15 -57.93 6.50
N ARG B 694 83.41 -58.54 5.57
CA ARG B 694 83.06 -57.88 4.32
C ARG B 694 82.13 -56.70 4.54
N LYS B 695 81.36 -56.73 5.63
CA LYS B 695 80.39 -55.68 5.91
C LYS B 695 81.09 -54.36 6.24
N GLU C 2 -26.64 -96.03 -3.50
CA GLU C 2 -25.48 -95.63 -2.64
C GLU C 2 -24.41 -94.90 -3.44
N GLU C 3 -23.73 -95.63 -4.32
CA GLU C 3 -22.55 -95.09 -5.00
C GLU C 3 -22.86 -93.85 -5.85
N LEU C 4 -24.10 -93.69 -6.30
CA LEU C 4 -24.44 -92.54 -7.15
C LEU C 4 -24.17 -91.21 -6.46
N ARG C 5 -24.13 -91.18 -5.14
CA ARG C 5 -23.80 -89.94 -4.43
C ARG C 5 -22.44 -89.42 -4.86
N GLU C 6 -21.50 -90.32 -5.19
CA GLU C 6 -20.18 -89.90 -5.61
C GLU C 6 -20.22 -89.10 -6.91
N ILE C 7 -21.23 -89.32 -7.74
CA ILE C 7 -21.44 -88.48 -8.93
C ILE C 7 -22.18 -87.21 -8.54
N ALA C 8 -23.24 -87.36 -7.74
CA ALA C 8 -24.14 -86.25 -7.47
C ALA C 8 -23.42 -85.09 -6.77
N GLU C 9 -22.72 -85.39 -5.67
CA GLU C 9 -22.11 -84.32 -4.90
C GLU C 9 -21.03 -83.61 -5.71
N ARG C 10 -20.27 -84.36 -6.48
CA ARG C 10 -19.21 -83.79 -7.30
C ARG C 10 -19.79 -82.87 -8.37
N ALA C 11 -20.90 -83.27 -8.98
CA ALA C 11 -21.58 -82.37 -9.92
C ALA C 11 -22.03 -81.09 -9.23
N GLU C 12 -22.61 -81.23 -8.03
CA GLU C 12 -23.10 -80.04 -7.32
C GLU C 12 -21.96 -79.09 -7.01
N ALA C 13 -20.81 -79.64 -6.63
CA ALA C 13 -19.65 -78.78 -6.39
C ALA C 13 -19.24 -78.05 -7.67
N ASP C 14 -19.28 -78.75 -8.80
CA ASP C 14 -18.97 -78.08 -10.06
C ASP C 14 -19.91 -76.90 -10.29
N MET C 15 -21.20 -77.11 -10.03
CA MET C 15 -22.16 -76.03 -10.21
C MET C 15 -21.83 -74.85 -9.31
N ARG C 16 -21.49 -75.13 -8.05
CA ARG C 16 -21.13 -74.04 -7.15
C ARG C 16 -19.92 -73.27 -7.69
N GLU C 17 -18.94 -73.99 -8.22
CA GLU C 17 -17.78 -73.32 -8.79
C GLU C 17 -18.18 -72.37 -9.91
N ILE C 18 -19.08 -72.83 -10.79
CA ILE C 18 -19.56 -71.96 -11.86
C ILE C 18 -20.20 -70.71 -11.27
N SER C 19 -21.03 -70.90 -10.24
CA SER C 19 -21.69 -69.76 -9.62
C SER C 19 -20.68 -68.72 -9.18
N GLU C 20 -19.67 -69.16 -8.42
CA GLU C 20 -18.68 -68.22 -7.91
C GLU C 20 -17.94 -67.53 -9.05
N LEU C 21 -17.53 -68.30 -10.06
CA LEU C 21 -16.75 -67.73 -11.15
C LEU C 21 -17.54 -66.64 -11.87
N ALA C 22 -18.83 -66.90 -12.14
CA ALA C 22 -19.64 -65.87 -12.78
C ALA C 22 -19.80 -64.67 -11.86
N GLU C 23 -20.01 -64.88 -10.57
CA GLU C 23 -20.21 -63.76 -9.66
C GLU C 23 -19.00 -62.84 -9.66
N GLU C 24 -17.79 -63.41 -9.72
CA GLU C 24 -16.61 -62.58 -9.71
C GLU C 24 -16.34 -61.95 -11.08
N LEU C 25 -16.51 -62.72 -12.16
CA LEU C 25 -16.12 -62.23 -13.49
C LEU C 25 -17.10 -61.21 -14.05
N VAL C 26 -18.39 -61.32 -13.71
CA VAL C 26 -19.40 -60.47 -14.32
C VAL C 26 -19.19 -59.01 -13.93
N GLU C 27 -19.85 -58.12 -14.68
CA GLU C 27 -19.75 -56.68 -14.42
C GLU C 27 -21.09 -55.96 -14.45
N ASP C 28 -22.21 -56.69 -14.52
CA ASP C 28 -23.53 -56.08 -14.47
C ASP C 28 -24.42 -56.94 -13.57
N PRO C 29 -25.21 -56.33 -12.69
CA PRO C 29 -25.87 -57.11 -11.62
C PRO C 29 -26.91 -58.11 -12.11
N VAL C 30 -27.78 -57.70 -13.04
CA VAL C 30 -28.91 -58.55 -13.41
C VAL C 30 -28.42 -59.86 -14.01
N TYR C 31 -27.42 -59.78 -14.88
CA TYR C 31 -26.89 -60.99 -15.51
C TYR C 31 -26.23 -61.88 -14.46
N ALA C 32 -25.51 -61.28 -13.51
CA ALA C 32 -24.90 -62.06 -12.45
C ALA C 32 -25.96 -62.81 -11.65
N VAL C 33 -27.08 -62.14 -11.36
CA VAL C 33 -28.16 -62.80 -10.63
C VAL C 33 -28.71 -63.96 -11.46
N ALA C 34 -28.95 -63.72 -12.75
CA ALA C 34 -29.57 -64.74 -13.59
C ALA C 34 -28.69 -65.98 -13.69
N VAL C 35 -27.39 -65.79 -13.83
CA VAL C 35 -26.49 -66.93 -14.00
C VAL C 35 -26.62 -67.88 -12.82
N ARG C 36 -26.50 -67.35 -11.60
CA ARG C 36 -26.64 -68.18 -10.41
C ARG C 36 -28.03 -68.76 -10.31
N GLY C 37 -29.06 -67.96 -10.60
CA GLY C 37 -30.41 -68.46 -10.51
C GLY C 37 -30.63 -69.69 -11.36
N MET C 38 -30.10 -69.68 -12.59
CA MET C 38 -30.25 -70.86 -13.44
C MET C 38 -29.35 -72.00 -12.96
N ALA C 39 -28.13 -71.68 -12.53
CA ALA C 39 -27.18 -72.72 -12.19
C ALA C 39 -27.66 -73.56 -11.02
N LEU C 40 -28.20 -72.92 -9.98
CA LEU C 40 -28.60 -73.67 -8.79
C LEU C 40 -29.67 -74.71 -9.13
N VAL C 41 -30.70 -74.28 -9.85
CA VAL C 41 -31.78 -75.19 -10.22
C VAL C 41 -31.24 -76.28 -11.13
N GLY C 42 -30.42 -75.91 -12.12
CA GLY C 42 -29.85 -76.91 -13.00
C GLY C 42 -29.08 -77.97 -12.23
N ALA C 43 -28.43 -77.57 -11.13
CA ALA C 43 -27.70 -78.54 -10.31
C ALA C 43 -28.65 -79.46 -9.57
N ALA C 44 -29.73 -78.92 -9.02
CA ALA C 44 -30.54 -79.72 -8.09
C ALA C 44 -31.03 -81.02 -8.72
N GLY C 45 -31.14 -81.06 -10.05
CA GLY C 45 -31.70 -82.23 -10.70
C GLY C 45 -30.93 -83.50 -10.45
N VAL C 46 -29.60 -83.40 -10.34
CA VAL C 46 -28.79 -84.60 -10.11
C VAL C 46 -29.17 -85.23 -8.78
N PHE C 47 -29.27 -84.41 -7.73
CA PHE C 47 -29.70 -84.92 -6.44
C PHE C 47 -31.11 -85.49 -6.54
N ALA C 48 -31.98 -84.82 -7.30
CA ALA C 48 -33.33 -85.36 -7.49
C ALA C 48 -33.26 -86.77 -8.04
N LEU C 49 -32.41 -87.00 -9.04
CA LEU C 49 -32.26 -88.34 -9.60
C LEU C 49 -31.70 -89.30 -8.55
N GLY C 50 -30.79 -88.83 -7.71
CA GLY C 50 -30.30 -89.68 -6.63
C GLY C 50 -31.43 -90.17 -5.75
N VAL C 51 -32.41 -89.31 -5.49
CA VAL C 51 -33.57 -89.68 -4.68
C VAL C 51 -34.60 -90.49 -5.45
N GLY C 52 -34.41 -90.69 -6.75
CA GLY C 52 -35.42 -91.38 -7.55
C GLY C 52 -36.63 -90.54 -7.89
N GLY C 53 -36.50 -89.22 -7.92
CA GLY C 53 -37.62 -88.35 -8.18
C GLY C 53 -38.14 -88.42 -9.60
N PRO C 54 -39.38 -87.99 -9.81
CA PRO C 54 -39.95 -87.99 -11.16
C PRO C 54 -39.03 -87.28 -12.14
N PRO C 55 -38.67 -87.91 -13.26
CA PRO C 55 -37.84 -87.20 -14.24
C PRO C 55 -38.58 -86.11 -14.99
N GLU C 56 -39.84 -86.34 -15.36
CA GLU C 56 -40.59 -85.35 -16.11
C GLU C 56 -40.75 -84.07 -15.30
N VAL C 57 -41.04 -84.20 -14.01
CA VAL C 57 -41.17 -83.02 -13.16
C VAL C 57 -39.88 -82.23 -13.14
N LEU C 58 -38.73 -82.92 -13.02
CA LEU C 58 -37.45 -82.22 -12.99
C LEU C 58 -37.22 -81.46 -14.29
N GLU C 59 -37.47 -82.11 -15.43
CA GLU C 59 -37.27 -81.43 -16.70
C GLU C 59 -38.18 -80.21 -16.82
N GLU C 60 -39.45 -80.36 -16.42
CA GLU C 60 -40.37 -79.24 -16.49
C GLU C 60 -39.89 -78.09 -15.60
N ALA C 61 -39.41 -78.40 -14.40
CA ALA C 61 -38.92 -77.36 -13.52
C ALA C 61 -37.75 -76.62 -14.14
N ARG C 62 -36.82 -77.36 -14.75
CA ARG C 62 -35.69 -76.71 -15.40
C ARG C 62 -36.16 -75.79 -16.52
N ARG C 63 -37.11 -76.26 -17.33
CA ARG C 63 -37.64 -75.41 -18.40
C ARG C 63 -38.28 -74.15 -17.83
N ARG C 64 -39.02 -74.30 -16.73
CA ARG C 64 -39.65 -73.14 -16.11
C ARG C 64 -38.62 -72.14 -15.63
N VAL C 65 -37.51 -72.62 -15.05
CA VAL C 65 -36.46 -71.72 -14.62
C VAL C 65 -35.90 -70.96 -15.81
N GLU C 66 -35.67 -71.67 -16.92
CA GLU C 66 -35.17 -71.00 -18.11
C GLU C 66 -36.13 -69.93 -18.58
N GLU C 67 -37.43 -70.23 -18.58
CA GLU C 67 -38.42 -69.25 -19.01
C GLU C 67 -38.40 -68.02 -18.12
N ALA C 68 -38.30 -68.23 -16.81
CA ALA C 68 -38.22 -67.09 -15.89
C ALA C 68 -37.02 -66.23 -16.21
N ALA C 69 -35.86 -66.86 -16.43
CA ALA C 69 -34.66 -66.09 -16.76
C ALA C 69 -34.87 -65.29 -18.03
N ARG C 70 -35.47 -65.90 -19.06
CA ARG C 70 -35.71 -65.19 -20.31
C ARG C 70 -36.59 -63.97 -20.07
N GLU C 71 -37.66 -64.14 -19.31
CA GLU C 71 -38.55 -63.01 -19.04
C GLU C 71 -37.81 -61.89 -18.33
N ALA C 72 -37.02 -62.25 -17.32
CA ALA C 72 -36.29 -61.23 -16.57
C ALA C 72 -35.31 -60.48 -17.46
N LEU C 73 -34.60 -61.21 -18.32
CA LEU C 73 -33.67 -60.56 -19.24
C LEU C 73 -34.40 -59.62 -20.19
N ARG C 74 -35.56 -60.05 -20.69
CA ARG C 74 -36.34 -59.19 -21.56
C ARG C 74 -36.76 -57.92 -20.84
N LYS C 75 -37.16 -58.03 -19.58
CA LYS C 75 -37.51 -56.83 -18.82
C LYS C 75 -36.29 -55.92 -18.65
N TYR C 76 -35.15 -56.50 -18.26
CA TYR C 76 -33.98 -55.68 -17.96
C TYR C 76 -33.47 -54.96 -19.20
N GLU C 77 -33.47 -55.64 -20.35
CA GLU C 77 -33.07 -54.96 -21.59
C GLU C 77 -33.97 -53.78 -21.89
N GLU C 78 -35.24 -53.86 -21.51
CA GLU C 78 -36.18 -52.77 -21.69
C GLU C 78 -36.00 -51.65 -20.67
N GLY C 79 -35.05 -51.78 -19.75
CA GLY C 79 -34.85 -50.76 -18.73
C GLY C 79 -35.82 -50.83 -17.58
N ALA C 80 -36.40 -51.99 -17.30
CA ALA C 80 -37.37 -52.11 -16.23
C ALA C 80 -36.69 -51.93 -14.86
N ASP C 81 -37.51 -51.90 -13.83
CA ASP C 81 -37.03 -51.72 -12.46
C ASP C 81 -36.00 -52.78 -12.11
N VAL C 82 -34.84 -52.33 -11.61
CA VAL C 82 -33.81 -53.27 -11.17
C VAL C 82 -34.29 -54.06 -9.96
N SER C 83 -35.08 -53.43 -9.09
CA SER C 83 -35.52 -54.11 -7.87
C SER C 83 -36.34 -55.35 -8.20
N GLU C 84 -37.40 -55.17 -8.99
CA GLU C 84 -38.22 -56.30 -9.39
C GLU C 84 -37.41 -57.29 -10.22
N LEU C 85 -36.56 -56.78 -11.11
CA LEU C 85 -35.75 -57.65 -11.94
C LEU C 85 -34.91 -58.60 -11.09
N VAL C 86 -34.39 -58.11 -9.97
CA VAL C 86 -33.61 -58.97 -9.08
C VAL C 86 -34.52 -59.87 -8.27
N ALA C 87 -35.66 -59.35 -7.79
CA ALA C 87 -36.43 -60.07 -6.79
C ALA C 87 -37.32 -61.16 -7.39
N GLU C 88 -37.96 -60.88 -8.53
CA GLU C 88 -38.93 -61.82 -9.07
C GLU C 88 -38.26 -63.09 -9.53
N LEU C 89 -37.08 -62.99 -10.15
CA LEU C 89 -36.36 -64.18 -10.56
C LEU C 89 -35.95 -65.00 -9.35
N ILE C 90 -35.53 -64.34 -8.27
CA ILE C 90 -35.18 -65.05 -7.05
C ILE C 90 -36.40 -65.80 -6.51
N ARG C 91 -37.54 -65.13 -6.49
CA ARG C 91 -38.76 -65.78 -6.01
C ARG C 91 -39.11 -66.98 -6.86
N GLU C 92 -38.98 -66.84 -8.20
CA GLU C 92 -39.27 -67.96 -9.09
C GLU C 92 -38.32 -69.12 -8.82
N THR C 93 -37.03 -68.82 -8.63
CA THR C 93 -36.06 -69.87 -8.33
C THR C 93 -36.43 -70.59 -7.05
N SER C 94 -36.77 -69.83 -6.01
CA SER C 94 -37.15 -70.44 -4.74
C SER C 94 -38.36 -71.35 -4.92
N ARG C 95 -39.38 -70.85 -5.63
CA ARG C 95 -40.57 -71.66 -5.86
C ARG C 95 -40.23 -72.94 -6.60
N GLN C 96 -39.42 -72.84 -7.66
CA GLN C 96 -39.08 -74.02 -8.44
C GLN C 96 -38.31 -75.04 -7.60
N ILE C 97 -37.32 -74.57 -6.83
CA ILE C 97 -36.53 -75.49 -6.02
C ILE C 97 -37.41 -76.16 -4.98
N ALA C 98 -38.31 -75.39 -4.37
CA ALA C 98 -39.27 -75.99 -3.44
C ALA C 98 -40.13 -77.02 -4.14
N GLU C 99 -40.51 -76.75 -5.39
CA GLU C 99 -41.28 -77.74 -6.15
C GLU C 99 -40.49 -79.03 -6.34
N ILE C 100 -39.20 -78.91 -6.68
CA ILE C 100 -38.37 -80.09 -6.87
C ILE C 100 -38.30 -80.89 -5.58
N ALA C 101 -38.10 -80.20 -4.45
CA ALA C 101 -38.08 -80.89 -3.17
C ALA C 101 -39.43 -81.53 -2.87
N GLU C 102 -40.52 -80.86 -3.23
CA GLU C 102 -41.86 -81.40 -2.99
C GLU C 102 -42.08 -82.67 -3.79
N ALA C 103 -41.55 -82.72 -5.01
CA ALA C 103 -41.64 -83.95 -5.79
C ALA C 103 -40.76 -85.04 -5.17
N THR C 104 -39.53 -84.70 -4.83
CA THR C 104 -38.60 -85.69 -4.31
C THR C 104 -39.10 -86.31 -3.01
N ILE C 105 -39.69 -85.50 -2.14
CA ILE C 105 -40.10 -85.97 -0.82
C ILE C 105 -41.08 -87.12 -0.92
N LYS C 106 -41.85 -87.19 -2.00
CA LYS C 106 -42.89 -88.20 -2.15
C LYS C 106 -42.36 -89.51 -2.75
N ALA C 107 -41.07 -89.58 -3.06
CA ALA C 107 -40.55 -90.72 -3.80
C ALA C 107 -40.56 -92.01 -2.98
N THR C 108 -40.23 -91.94 -1.70
CA THR C 108 -39.98 -93.16 -0.93
C THR C 108 -40.31 -92.92 0.53
N ASP C 109 -40.50 -94.03 1.25
CA ASP C 109 -40.84 -94.01 2.67
C ASP C 109 -39.63 -94.14 3.58
N ASP C 110 -38.45 -94.37 3.06
CA ASP C 110 -37.28 -94.63 3.89
C ASP C 110 -36.95 -93.40 4.75
N PRO C 111 -36.85 -93.54 6.07
CA PRO C 111 -36.40 -92.40 6.88
C PRO C 111 -35.01 -91.89 6.52
N GLU C 112 -34.10 -92.77 6.12
CA GLU C 112 -32.74 -92.32 5.80
C GLU C 112 -32.73 -91.40 4.59
N VAL C 113 -33.35 -91.84 3.49
CA VAL C 113 -33.43 -91.00 2.30
C VAL C 113 -34.20 -89.72 2.61
N LEU C 114 -35.25 -89.83 3.42
CA LEU C 114 -36.02 -88.64 3.78
C LEU C 114 -35.13 -87.63 4.51
N GLU C 115 -34.33 -88.11 5.46
CA GLU C 115 -33.43 -87.22 6.18
C GLU C 115 -32.41 -86.60 5.24
N GLU C 116 -31.90 -87.39 4.29
CA GLU C 116 -30.96 -86.84 3.32
C GLU C 116 -31.61 -85.72 2.51
N ILE C 117 -32.84 -85.95 2.05
CA ILE C 117 -33.53 -84.93 1.26
C ILE C 117 -33.75 -83.68 2.08
N SER C 118 -34.18 -83.86 3.33
CA SER C 118 -34.41 -82.71 4.21
C SER C 118 -33.12 -81.93 4.42
N GLU C 119 -32.01 -82.65 4.66
CA GLU C 119 -30.74 -81.97 4.87
C GLU C 119 -30.34 -81.15 3.64
N PHE C 120 -30.46 -81.74 2.45
CA PHE C 120 -30.12 -81.01 1.24
C PHE C 120 -30.98 -79.76 1.09
N ALA C 121 -32.29 -79.91 1.29
CA ALA C 121 -33.18 -78.76 1.16
C ALA C 121 -32.82 -77.67 2.16
N GLU C 122 -32.54 -78.07 3.40
CA GLU C 122 -32.23 -77.09 4.43
C GLU C 122 -30.95 -76.33 4.09
N GLU C 123 -29.91 -77.04 3.64
CA GLU C 123 -28.67 -76.37 3.30
C GLU C 123 -28.89 -75.39 2.16
N ARG C 124 -29.56 -75.84 1.09
CA ARG C 124 -29.80 -74.96 -0.05
C ARG C 124 -30.55 -73.71 0.38
N SER C 125 -31.64 -73.88 1.13
CA SER C 125 -32.44 -72.72 1.52
C SER C 125 -31.67 -71.79 2.45
N ARG C 126 -30.94 -72.36 3.40
CA ARG C 126 -30.20 -71.54 4.34
C ARG C 126 -29.15 -70.69 3.63
N ARG C 127 -28.53 -71.24 2.59
CA ARG C 127 -27.61 -70.42 1.82
C ARG C 127 -28.34 -69.40 0.95
N LEU C 128 -29.45 -69.82 0.32
CA LEU C 128 -30.12 -68.98 -0.65
C LEU C 128 -30.72 -67.73 -0.01
N SER C 129 -31.29 -67.88 1.19
CA SER C 129 -31.89 -66.71 1.84
C SER C 129 -30.85 -65.61 2.04
N GLU C 130 -29.70 -65.98 2.59
CA GLU C 130 -28.64 -65.00 2.80
C GLU C 130 -28.13 -64.46 1.47
N TYR C 131 -28.06 -65.32 0.44
CA TYR C 131 -27.63 -64.85 -0.88
C TYR C 131 -28.55 -63.75 -1.38
N ALA C 132 -29.86 -63.96 -1.27
CA ALA C 132 -30.82 -62.94 -1.72
C ALA C 132 -30.71 -61.68 -0.88
N GLU C 133 -30.59 -61.83 0.44
CA GLU C 133 -30.51 -60.66 1.30
C GLU C 133 -29.34 -59.75 0.94
N ARG C 134 -28.29 -60.32 0.35
CA ARG C 134 -27.12 -59.53 -0.01
C ARG C 134 -27.36 -58.61 -1.20
N HIS C 135 -28.37 -58.88 -2.01
CA HIS C 135 -28.56 -58.19 -3.28
C HIS C 135 -29.76 -57.26 -3.32
N VAL C 136 -30.90 -57.67 -2.78
CA VAL C 136 -32.13 -56.91 -2.97
C VAL C 136 -32.04 -55.61 -2.19
N THR C 137 -32.24 -54.49 -2.89
CA THR C 137 -32.13 -53.17 -2.26
C THR C 137 -33.45 -52.72 -1.67
N ASN C 138 -34.56 -53.00 -2.33
CA ASN C 138 -35.85 -52.54 -1.84
C ASN C 138 -36.14 -53.22 -0.51
N PRO C 139 -36.34 -52.48 0.59
CA PRO C 139 -36.49 -53.15 1.88
C PRO C 139 -37.62 -54.17 1.91
N ILE C 140 -38.80 -53.79 1.45
CA ILE C 140 -39.94 -54.70 1.49
C ILE C 140 -39.65 -55.95 0.69
N LEU C 141 -39.02 -55.80 -0.47
CA LEU C 141 -38.71 -56.96 -1.30
C LEU C 141 -37.78 -57.92 -0.57
N ALA C 142 -36.73 -57.39 0.05
CA ALA C 142 -35.81 -58.26 0.79
C ALA C 142 -36.52 -58.97 1.92
N ALA C 143 -37.32 -58.23 2.70
CA ALA C 143 -37.98 -58.84 3.84
C ALA C 143 -38.94 -59.94 3.40
N THR C 144 -39.73 -59.68 2.37
CA THR C 144 -40.67 -60.68 1.91
C THR C 144 -39.96 -61.88 1.31
N VAL C 145 -38.84 -61.67 0.63
CA VAL C 145 -38.06 -62.81 0.16
C VAL C 145 -37.65 -63.69 1.33
N VAL C 146 -37.14 -63.06 2.40
CA VAL C 146 -36.68 -63.83 3.56
C VAL C 146 -37.85 -64.63 4.15
N ALA C 147 -39.00 -63.97 4.31
CA ALA C 147 -40.15 -64.62 4.91
C ALA C 147 -40.61 -65.80 4.07
N LEU C 148 -40.68 -65.61 2.75
CA LEU C 148 -41.11 -66.69 1.87
C LEU C 148 -40.16 -67.88 1.99
N ALA C 149 -38.86 -67.62 1.98
CA ALA C 149 -37.91 -68.71 2.10
C ALA C 149 -38.13 -69.47 3.39
N GLU C 150 -38.27 -68.74 4.50
CA GLU C 150 -38.44 -69.41 5.79
C GLU C 150 -39.68 -70.29 5.80
N VAL C 151 -40.82 -69.75 5.34
CA VAL C 151 -42.06 -70.51 5.36
C VAL C 151 -41.93 -71.76 4.50
N LEU C 152 -41.36 -71.60 3.31
CA LEU C 152 -41.21 -72.75 2.42
C LEU C 152 -40.38 -73.84 3.08
N SER C 153 -39.25 -73.46 3.69
CA SER C 153 -38.42 -74.45 4.35
C SER C 153 -39.19 -75.14 5.48
N ALA C 154 -39.97 -74.38 6.23
CA ALA C 154 -40.71 -74.97 7.34
C ALA C 154 -41.64 -76.06 6.84
N VAL C 155 -42.48 -75.74 5.85
CA VAL C 155 -43.43 -76.75 5.36
C VAL C 155 -42.68 -77.91 4.72
N VAL C 156 -41.57 -77.61 4.03
CA VAL C 156 -40.80 -78.67 3.40
C VAL C 156 -40.38 -79.71 4.43
N ARG C 157 -39.85 -79.26 5.56
CA ARG C 157 -39.52 -80.21 6.61
C ARG C 157 -40.77 -80.87 7.17
N ALA C 158 -41.84 -80.10 7.34
CA ALA C 158 -43.05 -80.63 7.97
C ALA C 158 -43.58 -81.84 7.22
N ARG C 159 -43.45 -81.87 5.89
CA ARG C 159 -43.94 -83.02 5.15
C ARG C 159 -43.36 -84.33 5.68
N SER C 160 -42.11 -84.33 6.11
CA SER C 160 -41.45 -85.56 6.50
C SER C 160 -42.10 -86.22 7.72
N TYR C 161 -42.94 -85.50 8.44
CA TYR C 161 -43.65 -86.04 9.59
C TYR C 161 -45.15 -86.24 9.33
N GLY C 162 -45.59 -86.09 8.08
CA GLY C 162 -46.97 -86.34 7.75
C GLY C 162 -47.92 -85.21 8.10
N ALA C 163 -47.41 -84.02 8.33
CA ALA C 163 -48.28 -82.90 8.68
C ALA C 163 -49.21 -82.57 7.51
N PRO C 164 -50.50 -82.33 7.76
CA PRO C 164 -51.41 -82.02 6.66
C PRO C 164 -50.94 -80.83 5.84
N GLU C 165 -51.13 -80.90 4.52
CA GLU C 165 -50.66 -79.85 3.62
C GLU C 165 -51.50 -78.59 3.75
N GLU C 166 -52.76 -78.72 4.19
CA GLU C 166 -53.66 -77.59 4.18
C GLU C 166 -53.14 -76.44 5.05
N VAL C 167 -52.53 -76.76 6.19
CA VAL C 167 -51.97 -75.71 7.03
C VAL C 167 -50.86 -74.96 6.28
N GLY C 168 -50.01 -75.71 5.58
CA GLY C 168 -48.95 -75.07 4.82
C GLY C 168 -49.50 -74.20 3.71
N GLU C 169 -50.52 -74.70 3.00
CA GLU C 169 -51.13 -73.90 1.94
C GLU C 169 -51.76 -72.62 2.51
N LYS C 170 -52.43 -72.73 3.65
CA LYS C 170 -53.02 -71.56 4.27
C LYS C 170 -51.95 -70.55 4.66
N ALA C 171 -50.85 -71.04 5.24
CA ALA C 171 -49.76 -70.14 5.60
C ALA C 171 -49.14 -69.49 4.37
N VAL C 172 -49.00 -70.24 3.28
CA VAL C 172 -48.46 -69.68 2.05
C VAL C 172 -49.40 -68.60 1.52
N LYS C 173 -50.70 -68.86 1.54
CA LYS C 173 -51.66 -67.85 1.10
C LYS C 173 -51.57 -66.61 1.98
N GLU C 174 -51.46 -66.81 3.29
CA GLU C 174 -51.32 -65.67 4.20
C GLU C 174 -50.04 -64.90 3.94
N VAL C 175 -48.96 -65.60 3.59
CA VAL C 175 -47.70 -64.93 3.27
C VAL C 175 -47.85 -64.12 1.99
N ARG C 176 -48.54 -64.68 1.00
CA ARG C 176 -48.82 -63.92 -0.21
C ARG C 176 -49.65 -62.69 0.11
N GLU C 177 -50.63 -62.84 1.00
CA GLU C 177 -51.43 -61.70 1.43
C GLU C 177 -50.56 -60.65 2.11
N ALA C 178 -49.63 -61.09 2.95
CA ALA C 178 -48.73 -60.17 3.62
C ALA C 178 -47.86 -59.43 2.62
N SER C 179 -47.32 -60.14 1.64
CA SER C 179 -46.49 -59.50 0.62
C SER C 179 -47.28 -58.50 -0.20
N GLU C 180 -48.51 -58.88 -0.60
CA GLU C 180 -49.35 -57.95 -1.33
C GLU C 180 -49.68 -56.72 -0.49
N GLU C 181 -50.01 -56.93 0.79
CA GLU C 181 -50.33 -55.81 1.66
C GLU C 181 -49.13 -54.88 1.81
N ALA C 182 -47.94 -55.45 1.98
CA ALA C 182 -46.74 -54.63 2.14
C ALA C 182 -46.44 -53.85 0.87
N LEU C 183 -46.51 -54.51 -0.29
CA LEU C 183 -46.29 -53.80 -1.55
C LEU C 183 -47.32 -52.70 -1.75
N GLU C 184 -48.59 -52.96 -1.41
CA GLU C 184 -49.63 -51.95 -1.56
C GLU C 184 -49.38 -50.77 -0.63
N ARG C 185 -49.06 -51.05 0.64
CA ARG C 185 -48.78 -49.97 1.58
C ARG C 185 -47.58 -49.14 1.12
N TYR C 186 -46.54 -49.81 0.62
CA TYR C 186 -45.38 -49.08 0.12
C TYR C 186 -45.77 -48.21 -1.06
N LYS C 187 -46.59 -48.74 -1.97
CA LYS C 187 -47.12 -47.92 -3.05
C LYS C 187 -47.99 -46.79 -2.52
N LYS C 188 -48.69 -47.02 -1.41
CA LYS C 188 -49.53 -46.00 -0.79
C LYS C 188 -48.74 -45.01 0.05
N GLY C 189 -47.43 -45.18 0.17
CA GLY C 189 -46.62 -44.27 0.95
C GLY C 189 -46.61 -44.54 2.44
N GLU C 190 -47.04 -45.72 2.87
CA GLU C 190 -47.04 -46.05 4.28
C GLU C 190 -45.62 -46.23 4.80
N ASP C 191 -45.49 -46.17 6.13
CA ASP C 191 -44.18 -46.30 6.76
C ASP C 191 -43.60 -47.69 6.56
N VAL C 192 -42.32 -47.74 6.19
CA VAL C 192 -41.65 -49.02 5.97
C VAL C 192 -41.60 -49.84 7.26
N SER C 193 -41.36 -49.15 8.38
CA SER C 193 -41.23 -49.87 9.65
C SER C 193 -42.48 -50.68 9.95
N GLU C 194 -43.65 -50.07 9.78
CA GLU C 194 -44.90 -50.79 10.02
C GLU C 194 -45.02 -51.96 9.04
N LEU C 195 -44.62 -51.76 7.79
CA LEU C 195 -44.72 -52.84 6.81
C LEU C 195 -43.93 -54.05 7.26
N VAL C 196 -42.67 -53.85 7.63
CA VAL C 196 -41.85 -54.99 8.04
C VAL C 196 -42.35 -55.57 9.35
N ALA C 197 -42.86 -54.73 10.25
CA ALA C 197 -43.41 -55.24 11.50
C ALA C 197 -44.58 -56.18 11.23
N GLU C 198 -45.52 -55.75 10.38
CA GLU C 198 -46.66 -56.59 10.06
C GLU C 198 -46.21 -57.87 9.38
N LEU C 199 -45.28 -57.77 8.42
CA LEU C 199 -44.80 -58.96 7.74
C LEU C 199 -44.18 -59.94 8.72
N ILE C 200 -43.32 -59.45 9.61
CA ILE C 200 -42.64 -60.31 10.56
C ILE C 200 -43.64 -60.97 11.49
N ARG C 201 -44.62 -60.20 11.98
CA ARG C 201 -45.59 -60.78 12.91
C ARG C 201 -46.44 -61.84 12.21
N GLU C 202 -46.86 -61.57 10.98
CA GLU C 202 -47.62 -62.56 10.24
C GLU C 202 -46.80 -63.82 10.01
N THR C 203 -45.53 -63.66 9.64
CA THR C 203 -44.66 -64.82 9.46
C THR C 203 -44.54 -65.60 10.76
N SER C 204 -44.37 -64.90 11.88
CA SER C 204 -44.26 -65.56 13.16
C SER C 204 -45.49 -66.41 13.45
N ARG C 205 -46.66 -65.80 13.36
CA ARG C 205 -47.90 -66.55 13.58
C ARG C 205 -48.03 -67.71 12.61
N GLN C 206 -47.66 -67.51 11.35
CA GLN C 206 -47.80 -68.57 10.36
C GLN C 206 -46.93 -69.77 10.72
N ILE C 207 -45.64 -69.54 10.96
CA ILE C 207 -44.75 -70.65 11.27
C ILE C 207 -45.14 -71.29 12.59
N ALA C 208 -45.59 -70.48 13.55
CA ALA C 208 -46.04 -71.04 14.82
C ALA C 208 -47.21 -71.99 14.59
N GLU C 209 -48.20 -71.57 13.81
CA GLU C 209 -49.35 -72.42 13.55
C GLU C 209 -48.93 -73.70 12.83
N ILE C 210 -48.06 -73.58 11.84
CA ILE C 210 -47.63 -74.75 11.09
C ILE C 210 -46.95 -75.75 12.02
N ALA C 211 -45.98 -75.26 12.81
CA ALA C 211 -45.25 -76.15 13.70
C ALA C 211 -46.17 -76.74 14.76
N GLU C 212 -47.15 -75.95 15.24
CA GLU C 212 -48.09 -76.47 16.23
C GLU C 212 -48.90 -77.61 15.65
N ALA C 213 -49.41 -77.45 14.43
CA ALA C 213 -50.13 -78.54 13.79
C ALA C 213 -49.22 -79.75 13.63
N THR C 214 -47.98 -79.53 13.23
CA THR C 214 -47.04 -80.64 13.07
C THR C 214 -46.87 -81.39 14.39
N ILE C 215 -46.65 -80.65 15.48
CA ILE C 215 -46.46 -81.28 16.78
C ILE C 215 -47.71 -82.03 17.20
N LYS C 216 -48.88 -81.48 16.90
CA LYS C 216 -50.13 -82.19 17.21
C LYS C 216 -50.22 -83.50 16.45
N ALA C 217 -49.83 -83.51 15.17
CA ALA C 217 -49.92 -84.73 14.38
C ALA C 217 -48.93 -85.79 14.86
N THR C 218 -47.81 -85.38 15.46
CA THR C 218 -46.79 -86.32 15.88
C THR C 218 -47.27 -87.17 17.04
N ASP C 219 -46.71 -88.38 17.14
CA ASP C 219 -47.02 -89.27 18.25
C ASP C 219 -45.80 -89.98 18.82
N ASP C 220 -44.60 -89.71 18.35
CA ASP C 220 -43.39 -90.36 18.84
C ASP C 220 -42.58 -89.37 19.67
N PRO C 221 -42.26 -89.68 20.94
CA PRO C 221 -41.60 -88.66 21.77
C PRO C 221 -40.32 -88.09 21.17
N GLU C 222 -39.41 -88.94 20.72
CA GLU C 222 -38.12 -88.45 20.22
C GLU C 222 -38.29 -87.59 18.98
N VAL C 223 -39.19 -88.01 18.08
CA VAL C 223 -39.47 -87.20 16.89
C VAL C 223 -40.06 -85.86 17.29
N LEU C 224 -40.92 -85.85 18.31
CA LEU C 224 -41.48 -84.60 18.79
C LEU C 224 -40.38 -83.70 19.33
N GLU C 225 -39.43 -84.27 20.08
CA GLU C 225 -38.32 -83.47 20.59
C GLU C 225 -37.50 -82.87 19.46
N GLU C 226 -37.25 -83.66 18.41
CA GLU C 226 -36.54 -83.13 17.25
C GLU C 226 -37.32 -81.97 16.62
N ILE C 227 -38.63 -82.13 16.50
CA ILE C 227 -39.45 -81.06 15.95
C ILE C 227 -39.34 -79.81 16.81
N SER C 228 -39.38 -79.98 18.13
CA SER C 228 -39.26 -78.83 19.03
C SER C 228 -37.91 -78.13 18.83
N GLU C 229 -36.84 -78.90 18.71
CA GLU C 229 -35.53 -78.29 18.50
C GLU C 229 -35.51 -77.49 17.19
N PHE C 230 -36.04 -78.07 16.13
CA PHE C 230 -36.06 -77.37 14.85
C PHE C 230 -36.88 -76.09 14.94
N ALA C 231 -38.03 -76.16 15.62
CA ALA C 231 -38.86 -74.97 15.79
C ALA C 231 -38.11 -73.89 16.56
N GLU C 232 -37.39 -74.29 17.61
CA GLU C 232 -36.60 -73.34 18.37
C GLU C 232 -35.59 -72.65 17.47
N GLU C 233 -34.87 -73.43 16.65
CA GLU C 233 -33.89 -72.84 15.76
C GLU C 233 -34.53 -71.85 14.80
N ARG C 234 -35.67 -72.24 14.19
CA ARG C 234 -36.31 -71.36 13.22
C ARG C 234 -36.77 -70.06 13.88
N SER C 235 -37.39 -70.17 15.05
CA SER C 235 -37.84 -68.97 15.75
C SER C 235 -36.65 -68.08 16.08
N ARG C 236 -35.56 -68.68 16.56
CA ARG C 236 -34.38 -67.90 16.89
C ARG C 236 -33.88 -67.12 15.69
N ARG C 237 -33.82 -67.77 14.52
CA ARG C 237 -33.32 -67.09 13.33
C ARG C 237 -34.27 -65.97 12.90
N LEU C 238 -35.58 -66.21 12.93
CA LEU C 238 -36.50 -65.16 12.55
C LEU C 238 -36.37 -63.95 13.47
N SER C 239 -36.33 -64.20 14.77
CA SER C 239 -36.17 -63.10 15.72
C SER C 239 -34.83 -62.40 15.52
N GLU C 240 -33.79 -63.16 15.21
CA GLU C 240 -32.48 -62.55 14.98
C GLU C 240 -32.54 -61.60 13.80
N TYR C 241 -33.17 -62.01 12.70
CA TYR C 241 -33.30 -61.11 11.56
C TYR C 241 -34.04 -59.85 11.96
N ALA C 242 -35.17 -60.01 12.65
CA ALA C 242 -35.96 -58.84 13.03
C ALA C 242 -35.13 -57.89 13.89
N GLU C 243 -34.40 -58.45 14.86
CA GLU C 243 -33.57 -57.61 15.73
C GLU C 243 -32.45 -56.94 14.95
N ARG C 244 -31.93 -57.61 13.93
CA ARG C 244 -30.86 -57.02 13.13
C ARG C 244 -31.36 -55.84 12.32
N HIS C 245 -32.55 -55.95 11.72
CA HIS C 245 -32.87 -55.11 10.59
C HIS C 245 -34.12 -54.24 10.76
N VAL C 246 -34.92 -54.44 11.79
CA VAL C 246 -36.08 -53.57 11.99
C VAL C 246 -35.63 -52.22 12.51
N THR C 247 -36.24 -51.15 12.01
CA THR C 247 -35.73 -49.80 12.26
C THR C 247 -36.21 -49.21 13.58
N ASN C 248 -37.42 -49.55 14.03
CA ASN C 248 -37.99 -48.84 15.17
C ASN C 248 -37.80 -49.64 16.45
N PRO C 249 -37.32 -49.02 17.54
CA PRO C 249 -37.08 -49.82 18.76
C PRO C 249 -38.32 -50.55 19.25
N ILE C 250 -39.46 -49.86 19.29
CA ILE C 250 -40.68 -50.52 19.79
C ILE C 250 -41.10 -51.62 18.84
N LEU C 251 -40.97 -51.39 17.53
CA LEU C 251 -41.29 -52.44 16.56
C LEU C 251 -40.42 -53.66 16.79
N ALA C 252 -39.11 -53.46 16.97
CA ALA C 252 -38.20 -54.58 17.20
C ALA C 252 -38.56 -55.30 18.49
N ALA C 253 -38.84 -54.53 19.55
CA ALA C 253 -39.16 -55.14 20.83
C ALA C 253 -40.41 -56.00 20.72
N THR C 254 -41.45 -55.47 20.10
CA THR C 254 -42.67 -56.26 19.92
C THR C 254 -42.42 -57.46 19.04
N VAL C 255 -41.59 -57.31 18.00
CA VAL C 255 -41.31 -58.43 17.10
C VAL C 255 -40.66 -59.57 17.88
N VAL C 256 -39.60 -59.26 18.62
CA VAL C 256 -38.90 -60.30 19.36
C VAL C 256 -39.79 -60.83 20.47
N ALA C 257 -40.63 -59.99 21.07
CA ALA C 257 -41.52 -60.46 22.11
C ALA C 257 -42.52 -61.46 21.56
N LEU C 258 -43.10 -61.16 20.39
CA LEU C 258 -44.03 -62.10 19.77
C LEU C 258 -43.31 -63.40 19.42
N ALA C 259 -42.12 -63.28 18.84
CA ALA C 259 -41.36 -64.48 18.50
C ALA C 259 -41.08 -65.31 19.74
N GLU C 260 -40.64 -64.67 20.81
CA GLU C 260 -40.32 -65.38 22.05
C GLU C 260 -41.56 -66.04 22.64
N VAL C 261 -42.69 -65.32 22.64
CA VAL C 261 -43.91 -65.89 23.22
C VAL C 261 -44.33 -67.12 22.42
N LEU C 262 -44.34 -67.00 21.09
CA LEU C 262 -44.75 -68.14 20.27
C LEU C 262 -43.77 -69.30 20.44
N SER C 263 -42.47 -69.00 20.52
CA SER C 263 -41.48 -70.06 20.73
C SER C 263 -41.68 -70.73 22.07
N ALA C 264 -42.00 -69.96 23.10
CA ALA C 264 -42.31 -70.54 24.40
C ALA C 264 -43.54 -71.43 24.31
N VAL C 265 -44.53 -71.02 23.53
CA VAL C 265 -45.70 -71.88 23.31
C VAL C 265 -45.27 -73.19 22.65
N VAL C 266 -44.40 -73.09 21.64
CA VAL C 266 -43.90 -74.29 20.99
C VAL C 266 -43.23 -75.19 22.01
N ARG C 267 -42.40 -74.62 22.88
CA ARG C 267 -41.75 -75.40 23.92
C ARG C 267 -42.78 -76.05 24.83
N ALA C 268 -43.81 -75.30 25.23
CA ALA C 268 -44.84 -75.83 26.12
C ALA C 268 -45.63 -76.94 25.47
N ARG C 269 -45.69 -76.99 24.14
CA ARG C 269 -46.38 -78.07 23.45
C ARG C 269 -45.85 -79.45 23.83
N SER C 270 -44.72 -79.52 24.54
CA SER C 270 -44.04 -80.79 24.77
C SER C 270 -44.95 -81.83 25.42
N TYR C 271 -45.59 -81.47 26.53
CA TYR C 271 -46.14 -82.49 27.43
C TYR C 271 -47.58 -82.22 27.86
N GLY C 272 -48.39 -81.62 26.98
CA GLY C 272 -49.81 -81.59 27.22
C GLY C 272 -50.31 -80.52 28.17
N ALA C 273 -49.49 -79.55 28.53
CA ALA C 273 -49.96 -78.49 29.41
C ALA C 273 -51.11 -77.74 28.74
N PRO C 274 -52.12 -77.30 29.49
CA PRO C 274 -53.29 -76.68 28.86
C PRO C 274 -52.91 -75.51 27.96
N GLU C 275 -53.59 -75.41 26.82
CA GLU C 275 -53.35 -74.30 25.91
C GLU C 275 -53.80 -72.98 26.49
N GLU C 276 -54.64 -72.99 27.52
CA GLU C 276 -55.08 -71.74 28.13
C GLU C 276 -53.90 -70.91 28.62
N VAL C 277 -52.82 -71.56 29.04
CA VAL C 277 -51.62 -70.83 29.42
C VAL C 277 -51.05 -70.09 28.22
N GLY C 278 -50.98 -70.74 27.06
CA GLY C 278 -50.55 -70.07 25.86
C GLY C 278 -51.46 -68.92 25.51
N GLU C 279 -52.77 -69.11 25.69
CA GLU C 279 -53.71 -68.03 25.45
C GLU C 279 -53.42 -66.85 26.37
N LYS C 280 -53.14 -67.13 27.65
CA LYS C 280 -52.84 -66.05 28.59
C LYS C 280 -51.58 -65.31 28.17
N ALA C 281 -50.54 -66.04 27.81
CA ALA C 281 -49.30 -65.40 27.39
C ALA C 281 -49.51 -64.56 26.15
N VAL C 282 -50.23 -65.10 25.16
CA VAL C 282 -50.47 -64.38 23.92
C VAL C 282 -51.27 -63.11 24.20
N LYS C 283 -52.32 -63.24 25.01
CA LYS C 283 -53.13 -62.07 25.34
C LYS C 283 -52.30 -61.02 26.06
N GLU C 284 -51.48 -61.44 27.02
CA GLU C 284 -50.64 -60.49 27.74
C GLU C 284 -49.72 -59.76 26.77
N VAL C 285 -49.05 -60.52 25.89
CA VAL C 285 -48.10 -59.91 24.96
C VAL C 285 -48.82 -58.93 24.05
N ARG C 286 -49.97 -59.35 23.49
CA ARG C 286 -50.67 -58.50 22.53
C ARG C 286 -51.23 -57.26 23.20
N GLU C 287 -51.84 -57.40 24.37
CA GLU C 287 -52.38 -56.24 25.08
C GLU C 287 -51.26 -55.27 25.45
N ALA C 288 -50.14 -55.81 25.94
CA ALA C 288 -49.00 -54.94 26.27
C ALA C 288 -48.49 -54.23 25.04
N SER C 289 -48.40 -54.94 23.91
CA SER C 289 -47.95 -54.30 22.67
C SER C 289 -48.90 -53.20 22.26
N GLU C 290 -50.21 -53.44 22.35
CA GLU C 290 -51.18 -52.42 21.98
C GLU C 290 -51.05 -51.21 22.90
N GLU C 291 -50.90 -51.44 24.20
CA GLU C 291 -50.76 -50.33 25.13
C GLU C 291 -49.49 -49.54 24.86
N ALA C 292 -48.38 -50.24 24.58
CA ALA C 292 -47.13 -49.56 24.28
C ALA C 292 -47.23 -48.76 22.99
N LEU C 293 -47.88 -49.33 21.98
CA LEU C 293 -48.08 -48.59 20.73
C LEU C 293 -48.93 -47.37 20.97
N GLU C 294 -49.97 -47.49 21.81
CA GLU C 294 -50.79 -46.33 22.14
C GLU C 294 -49.96 -45.25 22.84
N ARG C 295 -49.14 -45.66 23.81
CA ARG C 295 -48.28 -44.69 24.49
C ARG C 295 -47.34 -44.01 23.51
N TYR C 296 -46.74 -44.78 22.59
CA TYR C 296 -45.88 -44.19 21.58
C TYR C 296 -46.65 -43.21 20.72
N LYS C 297 -47.89 -43.56 20.34
CA LYS C 297 -48.74 -42.61 19.64
C LYS C 297 -48.99 -41.36 20.49
N GLU C 298 -49.07 -41.53 21.81
CA GLU C 298 -49.22 -40.41 22.73
C GLU C 298 -47.90 -39.69 22.99
N GLY C 299 -46.81 -40.12 22.37
CA GLY C 299 -45.51 -39.49 22.56
C GLY C 299 -44.72 -39.98 23.75
N ALA C 300 -45.17 -41.04 24.42
CA ALA C 300 -44.42 -41.58 25.54
C ALA C 300 -43.18 -42.32 25.05
N ASP C 301 -42.26 -42.56 25.97
CA ASP C 301 -40.97 -43.16 25.64
C ASP C 301 -41.16 -44.58 25.12
N GLU C 302 -40.63 -44.85 23.93
CA GLU C 302 -40.63 -46.21 23.42
C GLU C 302 -39.70 -47.11 24.22
N SER C 303 -38.69 -46.53 24.88
CA SER C 303 -37.76 -47.34 25.67
C SER C 303 -38.44 -47.92 26.90
N GLU C 304 -39.15 -47.07 27.66
CA GLU C 304 -39.86 -47.56 28.84
C GLU C 304 -40.91 -48.59 28.45
N LEU C 305 -41.62 -48.34 27.35
CA LEU C 305 -42.61 -49.32 26.88
C LEU C 305 -41.94 -50.62 26.51
N VAL C 306 -40.77 -50.56 25.85
CA VAL C 306 -40.05 -51.77 25.49
C VAL C 306 -39.64 -52.52 26.75
N ALA C 307 -39.18 -51.80 27.77
CA ALA C 307 -38.81 -52.46 29.03
C ALA C 307 -40.02 -53.15 29.64
N GLU C 308 -41.18 -52.49 29.63
CA GLU C 308 -42.39 -53.13 30.16
C GLU C 308 -42.72 -54.38 29.35
N VAL C 309 -42.64 -54.28 28.03
CA VAL C 309 -42.98 -55.41 27.17
C VAL C 309 -42.06 -56.59 27.47
N MET C 310 -40.76 -56.31 27.58
CA MET C 310 -39.82 -57.39 27.85
C MET C 310 -40.03 -57.98 29.23
N THR C 311 -40.39 -57.14 30.21
CA THR C 311 -40.72 -57.66 31.53
C THR C 311 -41.88 -58.65 31.43
N ALA C 312 -42.93 -58.28 30.71
CA ALA C 312 -44.06 -59.18 30.53
C ALA C 312 -43.64 -60.44 29.78
N THR C 313 -42.78 -60.30 28.77
CA THR C 313 -42.33 -61.46 28.01
C THR C 313 -41.61 -62.45 28.91
N ALA C 314 -40.66 -61.96 29.71
CA ALA C 314 -39.94 -62.84 30.63
C ALA C 314 -40.90 -63.48 31.61
N GLU C 315 -41.82 -62.70 32.17
CA GLU C 315 -42.76 -63.25 33.13
C GLU C 315 -43.59 -64.36 32.50
N ALA C 316 -44.10 -64.13 31.29
CA ALA C 316 -44.92 -65.13 30.63
C ALA C 316 -44.13 -66.38 30.32
N VAL C 317 -42.91 -66.22 29.80
CA VAL C 317 -42.10 -67.40 29.47
C VAL C 317 -41.86 -68.22 30.73
N GLY C 318 -41.47 -67.54 31.82
CA GLY C 318 -41.22 -68.27 33.05
C GLY C 318 -42.46 -68.95 33.58
N GLU C 319 -43.59 -68.25 33.55
CA GLU C 319 -44.83 -68.82 34.07
C GLU C 319 -45.22 -70.05 33.26
N ILE C 320 -45.15 -69.96 31.93
CA ILE C 320 -45.51 -71.09 31.09
C ILE C 320 -44.60 -72.27 31.37
N ALA C 321 -43.30 -72.03 31.43
CA ALA C 321 -42.36 -73.12 31.68
C ALA C 321 -42.62 -73.75 33.05
N GLU C 322 -42.84 -72.93 34.06
CA GLU C 322 -43.08 -73.46 35.40
C GLU C 322 -44.36 -74.30 35.43
N ALA C 323 -45.42 -73.81 34.79
CA ALA C 323 -46.65 -74.60 34.73
C ALA C 323 -46.41 -75.92 34.03
N THR C 324 -45.67 -75.91 32.92
CA THR C 324 -45.30 -77.16 32.27
C THR C 324 -44.56 -78.07 33.23
N ILE C 325 -43.72 -77.49 34.10
CA ILE C 325 -42.94 -78.29 35.04
C ILE C 325 -43.82 -79.16 35.92
N GLU C 326 -45.09 -78.80 36.10
CA GLU C 326 -46.00 -79.55 36.95
C GLU C 326 -46.60 -80.77 36.27
N ALA C 327 -46.35 -80.97 34.97
CA ALA C 327 -47.09 -81.96 34.21
C ALA C 327 -46.70 -83.40 34.55
N THR C 328 -45.54 -83.62 35.17
CA THR C 328 -45.05 -84.98 35.35
C THR C 328 -44.18 -85.07 36.59
N ASP C 329 -44.01 -86.30 37.07
CA ASP C 329 -43.21 -86.56 38.27
C ASP C 329 -41.77 -86.98 37.96
N ASP C 330 -41.46 -87.28 36.70
CA ASP C 330 -40.14 -87.81 36.35
C ASP C 330 -39.06 -86.79 36.68
N PRO C 331 -38.10 -87.13 37.54
CA PRO C 331 -37.05 -86.15 37.89
C PRO C 331 -36.30 -85.58 36.69
N GLU C 332 -35.80 -86.46 35.81
CA GLU C 332 -35.02 -85.99 34.68
C GLU C 332 -35.82 -85.04 33.81
N LYS C 333 -37.13 -85.28 33.69
CA LYS C 333 -37.97 -84.34 32.96
C LYS C 333 -37.98 -82.97 33.63
N ARG C 334 -38.10 -82.94 34.95
CA ARG C 334 -38.06 -81.66 35.64
C ARG C 334 -36.76 -80.94 35.33
N ARG C 335 -35.65 -81.69 35.42
CA ARG C 335 -34.34 -81.09 35.18
C ARG C 335 -34.26 -80.51 33.77
N LYS C 336 -34.67 -81.29 32.77
CA LYS C 336 -34.57 -80.82 31.39
C LYS C 336 -35.46 -79.61 31.14
N ILE C 337 -36.70 -79.64 31.65
CA ILE C 337 -37.59 -78.50 31.49
C ILE C 337 -36.95 -77.26 32.09
N ALA C 338 -36.36 -77.40 33.28
CA ALA C 338 -35.71 -76.26 33.90
C ALA C 338 -34.50 -75.79 33.10
N GLU C 339 -33.77 -76.72 32.48
CA GLU C 339 -32.63 -76.33 31.66
C GLU C 339 -33.08 -75.44 30.50
N PHE C 340 -34.10 -75.88 29.77
CA PHE C 340 -34.63 -75.04 28.71
C PHE C 340 -35.18 -73.72 29.26
N ALA C 341 -35.80 -73.75 30.43
CA ALA C 341 -36.33 -72.52 31.02
C ALA C 341 -35.21 -71.52 31.25
N ARG C 342 -34.08 -71.98 31.78
CA ARG C 342 -32.96 -71.08 32.03
C ARG C 342 -32.33 -70.61 30.72
N GLU C 343 -32.30 -71.48 29.70
CA GLU C 343 -31.85 -71.02 28.40
C GLU C 343 -32.72 -69.87 27.89
N LYS C 344 -34.03 -70.01 28.05
CA LYS C 344 -34.94 -68.94 27.63
C LYS C 344 -34.69 -67.68 28.45
N MET C 345 -34.47 -67.82 29.76
CA MET C 345 -34.18 -66.66 30.58
C MET C 345 -32.94 -65.94 30.07
N ARG C 346 -31.90 -66.70 29.74
CA ARG C 346 -30.69 -66.08 29.21
C ARG C 346 -30.98 -65.37 27.90
N ARG C 347 -31.75 -66.00 27.02
CA ARG C 347 -32.03 -65.39 25.73
C ARG C 347 -32.74 -64.05 25.91
N ILE C 348 -33.79 -64.03 26.75
CA ILE C 348 -34.57 -62.82 26.92
C ILE C 348 -33.72 -61.73 27.57
N ARG C 349 -32.91 -62.09 28.56
CA ARG C 349 -32.04 -61.11 29.18
C ARG C 349 -31.05 -60.53 28.18
N GLU C 350 -30.47 -61.40 27.34
CA GLU C 350 -29.52 -60.92 26.35
C GLU C 350 -30.16 -59.94 25.39
N LEU C 351 -31.36 -60.25 24.90
CA LEU C 351 -32.05 -59.33 24.01
C LEU C 351 -32.36 -58.01 24.71
N ALA C 352 -32.82 -58.08 25.96
CA ALA C 352 -33.14 -56.87 26.71
C ALA C 352 -31.91 -56.00 26.87
N ARG C 353 -30.73 -56.60 27.07
CA ARG C 353 -29.52 -55.81 27.19
C ARG C 353 -29.38 -54.84 26.02
N LYS C 354 -29.72 -55.29 24.82
CA LYS C 354 -29.57 -54.44 23.64
C LYS C 354 -30.75 -53.48 23.48
N LEU C 355 -31.98 -53.95 23.71
CA LEU C 355 -33.13 -53.11 23.42
C LEU C 355 -33.26 -51.95 24.41
N VAL C 356 -33.02 -52.19 25.69
CA VAL C 356 -33.30 -51.19 26.73
C VAL C 356 -32.19 -50.14 26.73
N GLU C 357 -32.56 -48.88 26.52
CA GLU C 357 -31.57 -47.81 26.54
C GLU C 357 -31.37 -47.22 27.93
N ASP C 358 -32.41 -47.21 28.77
CA ASP C 358 -32.29 -46.59 30.09
C ASP C 358 -31.55 -47.54 31.02
N PRO C 359 -30.41 -47.15 31.60
CA PRO C 359 -29.65 -48.10 32.42
C PRO C 359 -30.44 -48.66 33.59
N VAL C 360 -31.24 -47.84 34.26
CA VAL C 360 -31.95 -48.32 35.45
C VAL C 360 -32.99 -49.37 35.06
N LEU C 361 -33.78 -49.08 34.02
CA LEU C 361 -34.78 -50.04 33.58
C LEU C 361 -34.11 -51.32 33.10
N ALA C 362 -33.00 -51.19 32.38
CA ALA C 362 -32.29 -52.38 31.90
C ALA C 362 -31.83 -53.24 33.07
N ALA C 363 -31.22 -52.62 34.08
CA ALA C 363 -30.78 -53.37 35.25
C ALA C 363 -31.96 -54.05 35.93
N ALA C 364 -33.08 -53.35 36.05
CA ALA C 364 -34.25 -53.95 36.69
C ALA C 364 -34.73 -55.17 35.91
N VAL C 365 -34.79 -55.05 34.58
CA VAL C 365 -35.25 -56.17 33.77
C VAL C 365 -34.32 -57.37 33.95
N ALA C 366 -33.01 -57.11 33.89
CA ALA C 366 -32.05 -58.21 34.04
C ALA C 366 -32.20 -58.88 35.40
N ALA C 367 -32.31 -58.08 36.47
CA ALA C 367 -32.44 -58.63 37.79
C ALA C 367 -33.69 -59.50 37.90
N ARG C 368 -34.81 -58.99 37.43
CA ARG C 368 -36.05 -59.76 37.52
C ARG C 368 -35.94 -61.05 36.74
N ALA C 369 -35.37 -60.99 35.54
CA ALA C 369 -35.25 -62.20 34.72
C ALA C 369 -34.41 -63.24 35.43
N LEU C 370 -33.29 -62.82 36.02
CA LEU C 370 -32.42 -63.79 36.68
C LEU C 370 -33.10 -64.36 37.93
N VAL C 371 -33.84 -63.53 38.65
CA VAL C 371 -34.57 -64.01 39.83
C VAL C 371 -35.58 -65.08 39.42
N LEU C 372 -36.37 -64.79 38.38
CA LEU C 372 -37.31 -65.80 37.88
C LEU C 372 -36.61 -67.07 37.45
N SER C 373 -35.47 -66.95 36.76
CA SER C 373 -34.75 -68.14 36.36
C SER C 373 -34.40 -68.99 37.57
N ALA C 374 -33.84 -68.35 38.60
CA ALA C 374 -33.45 -69.08 39.80
C ALA C 374 -34.67 -69.76 40.43
N ALA C 375 -35.78 -69.03 40.55
CA ALA C 375 -36.96 -69.58 41.17
C ALA C 375 -37.49 -70.77 40.37
N VAL C 376 -37.57 -70.62 39.05
CA VAL C 376 -38.09 -71.70 38.22
C VAL C 376 -37.25 -72.95 38.38
N PHE C 377 -35.92 -72.81 38.36
CA PHE C 377 -35.10 -73.99 38.56
C PHE C 377 -35.28 -74.57 39.95
N ALA C 378 -35.28 -73.72 40.98
CA ALA C 378 -35.43 -74.25 42.34
C ALA C 378 -36.72 -75.04 42.48
N LYS C 379 -37.76 -74.66 41.74
CA LYS C 379 -39.00 -75.42 41.78
C LYS C 379 -38.79 -76.89 41.45
N ALA C 380 -37.83 -77.19 40.57
CA ALA C 380 -37.73 -78.55 40.05
C ALA C 380 -37.49 -79.58 41.14
N TYR C 381 -36.90 -79.21 42.26
CA TYR C 381 -36.56 -80.16 43.30
C TYR C 381 -37.65 -80.33 44.35
N GLY C 382 -38.78 -79.63 44.22
CA GLY C 382 -39.93 -79.89 45.06
C GLY C 382 -39.94 -79.18 46.40
N GLY C 383 -39.08 -78.18 46.61
CA GLY C 383 -39.13 -77.39 47.82
C GLY C 383 -40.38 -76.55 47.89
N PRO C 384 -40.75 -76.11 49.09
CA PRO C 384 -41.98 -75.31 49.23
C PRO C 384 -41.96 -74.08 48.32
N GLU C 385 -43.07 -73.85 47.62
CA GLU C 385 -43.15 -72.72 46.70
C GLU C 385 -43.31 -71.38 47.41
N GLU C 386 -43.65 -71.39 48.70
CA GLU C 386 -43.86 -70.15 49.43
C GLU C 386 -42.61 -69.28 49.39
N TYR C 387 -41.44 -69.89 49.59
CA TYR C 387 -40.20 -69.13 49.53
C TYR C 387 -39.96 -68.55 48.14
N SER C 388 -40.28 -69.31 47.09
CA SER C 388 -40.12 -68.76 45.75
C SER C 388 -41.00 -67.54 45.58
N ARG C 389 -42.25 -67.62 46.05
CA ARG C 389 -43.14 -66.47 45.96
C ARG C 389 -42.56 -65.29 46.73
N LEU C 390 -42.10 -65.54 47.97
CA LEU C 390 -41.59 -64.47 48.81
C LEU C 390 -40.37 -63.80 48.18
N MET C 391 -39.45 -64.60 47.64
CA MET C 391 -38.25 -64.02 47.05
C MET C 391 -38.58 -63.21 45.81
N ARG C 392 -39.51 -63.71 44.99
CA ARG C 392 -39.93 -62.94 43.84
C ARG C 392 -40.60 -61.64 44.27
N ARG C 393 -41.35 -61.69 45.37
CA ARG C 393 -41.94 -60.46 45.92
C ARG C 393 -40.86 -59.47 46.32
N TRP C 394 -39.79 -59.94 46.97
CA TRP C 394 -38.66 -59.07 47.28
C TRP C 394 -38.08 -58.43 46.02
N VAL C 395 -37.80 -59.23 45.00
CA VAL C 395 -37.23 -58.68 43.78
C VAL C 395 -38.16 -57.64 43.18
N GLU C 396 -39.47 -57.94 43.16
CA GLU C 396 -40.43 -57.00 42.61
C GLU C 396 -40.45 -55.70 43.41
N LYS C 397 -40.38 -55.81 44.74
CA LYS C 397 -40.34 -54.62 45.57
C LYS C 397 -39.13 -53.76 45.22
N ALA C 398 -37.97 -54.40 45.05
CA ALA C 398 -36.78 -53.65 44.65
C ALA C 398 -37.01 -52.94 43.32
N ALA C 399 -37.61 -53.63 42.37
CA ALA C 399 -37.88 -53.02 41.08
C ALA C 399 -38.84 -51.84 41.21
N GLU C 400 -39.86 -51.99 42.06
CA GLU C 400 -40.80 -50.89 42.27
C GLU C 400 -40.10 -49.67 42.85
N LEU C 401 -39.25 -49.90 43.86
CA LEU C 401 -38.49 -48.79 44.42
C LEU C 401 -37.61 -48.15 43.36
N ALA C 402 -37.01 -48.97 42.49
CA ALA C 402 -36.13 -48.43 41.46
C ALA C 402 -36.90 -47.55 40.49
N ARG C 403 -38.08 -48.00 40.05
CA ARG C 403 -38.89 -47.16 39.17
C ARG C 403 -39.33 -45.88 39.88
N ARG C 404 -39.67 -45.99 41.17
CA ARG C 404 -40.03 -44.79 41.93
C ARG C 404 -38.88 -43.79 41.92
N ALA C 405 -37.67 -44.26 42.17
CA ALA C 405 -36.52 -43.35 42.18
C ALA C 405 -36.25 -42.79 40.79
N ARG C 406 -36.42 -43.60 39.76
CA ARG C 406 -36.27 -43.09 38.40
C ARG C 406 -37.25 -41.96 38.12
N ARG C 407 -38.51 -42.14 38.55
CA ARG C 407 -39.47 -41.05 38.47
C ARG C 407 -38.98 -39.83 39.26
N LEU C 408 -38.36 -40.06 40.40
CA LEU C 408 -37.80 -38.97 41.19
C LEU C 408 -36.59 -38.32 40.51
N GLY C 409 -36.03 -38.93 39.48
CA GLY C 409 -34.88 -38.34 38.81
C GLY C 409 -33.57 -38.48 39.55
N ALA C 410 -33.37 -39.58 40.25
CA ALA C 410 -32.18 -39.76 41.07
C ALA C 410 -30.95 -40.11 40.21
N ASP C 411 -29.78 -40.03 40.84
CA ASP C 411 -28.53 -40.41 40.18
C ASP C 411 -28.50 -41.91 39.94
N GLU C 412 -28.22 -42.30 38.69
CA GLU C 412 -28.39 -43.69 38.28
C GLU C 412 -27.46 -44.65 38.99
N SER C 413 -26.32 -44.18 39.49
CA SER C 413 -25.32 -45.09 40.04
C SER C 413 -25.86 -45.84 41.25
N VAL C 414 -26.42 -45.12 42.21
CA VAL C 414 -26.93 -45.76 43.42
C VAL C 414 -28.07 -46.71 43.08
N LEU C 415 -28.92 -46.32 42.12
CA LEU C 415 -30.02 -47.19 41.73
C LEU C 415 -29.51 -48.50 41.14
N VAL C 416 -28.52 -48.43 40.26
CA VAL C 416 -27.97 -49.64 39.67
C VAL C 416 -27.35 -50.51 40.75
N ALA C 417 -26.63 -49.89 41.69
CA ALA C 417 -26.02 -50.66 42.76
C ALA C 417 -27.10 -51.35 43.59
N ALA C 418 -28.18 -50.64 43.90
CA ALA C 418 -29.26 -51.24 44.68
C ALA C 418 -29.84 -52.43 43.96
N LEU C 419 -30.18 -52.27 42.69
CA LEU C 419 -30.81 -53.36 41.95
C LEU C 419 -29.90 -54.59 41.92
N MET C 420 -28.62 -54.39 41.57
CA MET C 420 -27.74 -55.54 41.42
C MET C 420 -27.45 -56.20 42.77
N ARG C 421 -27.28 -55.40 43.83
CA ARG C 421 -27.09 -55.99 45.14
C ARG C 421 -28.27 -56.86 45.51
N VAL C 422 -29.48 -56.35 45.31
CA VAL C 422 -30.68 -57.13 45.60
C VAL C 422 -30.65 -58.43 44.83
N ALA C 423 -30.31 -58.36 43.54
CA ALA C 423 -30.29 -59.56 42.72
C ALA C 423 -29.30 -60.58 43.26
N ALA C 424 -28.09 -60.13 43.59
CA ALA C 424 -27.08 -61.05 44.10
C ALA C 424 -27.56 -61.73 45.37
N ILE C 425 -28.06 -60.94 46.31
CA ILE C 425 -28.53 -61.51 47.58
C ILE C 425 -29.60 -62.54 47.32
N ALA C 426 -30.58 -62.21 46.48
CA ALA C 426 -31.69 -63.11 46.22
C ALA C 426 -31.22 -64.41 45.57
N VAL C 427 -30.39 -64.30 44.53
CA VAL C 427 -29.97 -65.49 43.81
C VAL C 427 -29.20 -66.41 44.74
N THR C 428 -28.23 -65.86 45.48
CA THR C 428 -27.45 -66.71 46.36
C THR C 428 -28.31 -67.31 47.47
N ALA C 429 -29.29 -66.57 47.98
CA ALA C 429 -30.17 -67.12 49.00
C ALA C 429 -30.96 -68.30 48.45
N ILE C 430 -31.55 -68.13 47.27
CA ILE C 430 -32.35 -69.21 46.69
C ILE C 430 -31.47 -70.44 46.47
N ALA C 431 -30.27 -70.24 45.92
CA ALA C 431 -29.38 -71.36 45.68
C ALA C 431 -29.00 -72.05 46.97
N MET C 432 -28.67 -71.28 48.00
CA MET C 432 -28.29 -71.86 49.28
C MET C 432 -29.42 -72.70 49.85
N MET C 433 -30.64 -72.17 49.79
CA MET C 433 -31.80 -72.93 50.25
C MET C 433 -31.92 -74.24 49.49
N THR C 434 -31.84 -74.18 48.17
CA THR C 434 -31.96 -75.39 47.37
C THR C 434 -30.90 -76.40 47.76
N VAL C 435 -29.66 -75.94 47.97
CA VAL C 435 -28.57 -76.85 48.29
C VAL C 435 -28.82 -77.52 49.63
N MET C 436 -29.19 -76.73 50.64
CA MET C 436 -29.44 -77.32 51.96
C MET C 436 -30.63 -78.27 51.92
N GLY C 437 -31.63 -77.96 51.10
CA GLY C 437 -32.76 -78.88 50.94
C GLY C 437 -32.32 -80.21 50.35
N VAL C 438 -31.52 -80.16 49.28
CA VAL C 438 -31.03 -81.39 48.67
C VAL C 438 -30.22 -82.18 49.68
N GLN C 439 -29.44 -81.50 50.52
CA GLN C 439 -28.64 -82.17 51.53
C GLN C 439 -29.48 -82.80 52.62
N ASN C 440 -30.80 -82.57 52.62
CA ASN C 440 -31.69 -83.18 53.60
C ASN C 440 -31.44 -82.63 55.01
N ALA C 441 -31.27 -81.31 55.09
CA ALA C 441 -31.09 -80.66 56.38
C ALA C 441 -32.40 -80.60 57.14
N PRO C 442 -32.36 -80.44 58.46
CA PRO C 442 -33.60 -80.35 59.25
C PRO C 442 -34.30 -79.02 59.01
N PRO C 443 -35.61 -78.96 59.27
CA PRO C 443 -36.38 -77.76 58.86
C PRO C 443 -35.98 -76.48 59.58
N GLU C 444 -35.53 -76.54 60.84
CA GLU C 444 -35.11 -75.32 61.52
C GLU C 444 -33.88 -74.73 60.85
N GLU C 445 -32.90 -75.59 60.51
CA GLU C 445 -31.73 -75.12 59.80
C GLU C 445 -32.12 -74.48 58.48
N ARG C 446 -33.06 -75.08 57.77
CA ARG C 446 -33.53 -74.49 56.52
C ARG C 446 -34.16 -73.14 56.77
N GLU C 447 -34.98 -73.03 57.81
CA GLU C 447 -35.67 -71.77 58.11
C GLU C 447 -34.66 -70.66 58.35
N ARG C 448 -33.56 -70.98 59.05
CA ARG C 448 -32.58 -69.95 59.38
C ARG C 448 -32.15 -69.17 58.14
N ILE C 449 -32.08 -69.85 56.99
CA ILE C 449 -31.62 -69.22 55.77
C ILE C 449 -32.52 -68.05 55.40
N LEU C 450 -33.83 -68.22 55.56
CA LEU C 450 -34.75 -67.17 55.15
C LEU C 450 -34.58 -65.92 56.00
N ALA C 451 -34.44 -66.09 57.31
CA ALA C 451 -34.20 -64.95 58.17
C ALA C 451 -32.91 -64.25 57.78
N GLU C 452 -31.84 -65.02 57.61
CA GLU C 452 -30.57 -64.43 57.22
C GLU C 452 -30.70 -63.64 55.93
N ALA C 453 -31.38 -64.21 54.94
CA ALA C 453 -31.51 -63.55 53.65
C ALA C 453 -32.28 -62.25 53.79
N THR C 454 -33.47 -62.32 54.39
CA THR C 454 -34.34 -61.16 54.41
C THR C 454 -33.75 -60.03 55.22
N GLU C 455 -33.03 -60.33 56.31
CA GLU C 455 -32.42 -59.27 57.08
C GLU C 455 -31.53 -58.40 56.20
N MET C 456 -30.51 -59.01 55.61
CA MET C 456 -29.56 -58.24 54.82
C MET C 456 -30.21 -57.66 53.57
N ILE C 457 -31.19 -58.33 52.97
CA ILE C 457 -31.85 -57.76 51.80
C ILE C 457 -32.57 -56.46 52.18
N ALA C 458 -33.34 -56.51 53.28
CA ALA C 458 -34.05 -55.32 53.73
C ALA C 458 -33.07 -54.21 54.07
N ARG C 459 -31.98 -54.56 54.77
CA ARG C 459 -31.02 -53.54 55.14
C ARG C 459 -30.35 -52.92 53.91
N VAL C 460 -30.08 -53.73 52.87
CA VAL C 460 -29.49 -53.19 51.67
C VAL C 460 -30.43 -52.21 51.00
N LEU C 461 -31.70 -52.58 50.87
CA LEU C 461 -32.64 -51.65 50.25
C LEU C 461 -32.82 -50.40 51.11
N ALA C 462 -32.84 -50.55 52.43
CA ALA C 462 -32.99 -49.40 53.31
C ALA C 462 -31.82 -48.44 53.18
N GLU C 463 -30.59 -48.98 53.15
CA GLU C 463 -29.43 -48.12 53.01
C GLU C 463 -29.44 -47.42 51.66
N ALA C 464 -29.84 -48.13 50.61
CA ALA C 464 -29.94 -47.48 49.31
C ALA C 464 -30.96 -46.34 49.35
N THR C 465 -32.10 -46.57 49.98
CA THR C 465 -33.10 -45.51 50.11
C THR C 465 -32.53 -44.31 50.85
N ARG C 466 -31.82 -44.58 51.96
CA ARG C 466 -31.20 -43.49 52.72
C ARG C 466 -30.29 -42.67 51.84
N ARG C 467 -29.39 -43.34 51.11
CA ARG C 467 -28.43 -42.63 50.27
C ARG C 467 -29.12 -41.83 49.18
N VAL C 468 -30.13 -42.41 48.54
CA VAL C 468 -30.80 -41.71 47.44
C VAL C 468 -31.56 -40.50 47.97
N MET C 469 -32.34 -40.69 49.03
CA MET C 469 -33.20 -39.62 49.53
C MET C 469 -32.41 -38.40 49.97
N LYS C 470 -31.14 -38.57 50.30
CA LYS C 470 -30.32 -37.44 50.71
C LYS C 470 -30.09 -36.45 49.58
N ARG C 471 -30.43 -36.82 48.34
CA ARG C 471 -30.06 -36.02 47.17
C ARG C 471 -31.03 -34.86 46.93
N LEU C 472 -31.18 -34.02 47.96
CA LEU C 472 -31.70 -32.66 47.81
C LEU C 472 -33.05 -32.60 47.10
N GLU C 473 -33.89 -33.62 47.31
CA GLU C 473 -35.23 -33.60 46.73
C GLU C 473 -36.10 -32.57 47.42
N ASP C 474 -37.20 -32.21 46.76
CA ASP C 474 -38.18 -31.32 47.38
C ASP C 474 -38.81 -32.02 48.58
N PRO C 475 -39.26 -31.25 49.59
CA PRO C 475 -39.68 -31.89 50.84
C PRO C 475 -40.80 -32.89 50.67
N GLU C 476 -41.81 -32.57 49.87
CA GLU C 476 -42.94 -33.49 49.69
C GLU C 476 -42.46 -34.79 49.07
N ALA C 477 -41.65 -34.70 48.02
CA ALA C 477 -41.15 -35.91 47.36
C ALA C 477 -40.25 -36.72 48.29
N ALA C 478 -39.41 -36.04 49.08
CA ALA C 478 -38.55 -36.75 50.01
C ALA C 478 -39.37 -37.52 51.04
N ALA C 479 -40.38 -36.86 51.61
CA ALA C 479 -41.25 -37.52 52.56
C ALA C 479 -41.98 -38.68 51.91
N GLU C 480 -42.40 -38.51 50.65
CA GLU C 480 -43.04 -39.61 49.93
C GLU C 480 -42.11 -40.80 49.80
N LEU C 481 -40.84 -40.54 49.46
CA LEU C 481 -39.88 -41.63 49.34
C LEU C 481 -39.75 -42.36 50.66
N ALA C 482 -39.60 -41.61 51.75
CA ALA C 482 -39.42 -42.24 53.06
C ALA C 482 -40.64 -43.08 53.42
N LEU C 483 -41.84 -42.53 53.26
CA LEU C 483 -43.06 -43.24 53.61
C LEU C 483 -43.23 -44.49 52.76
N ALA C 484 -42.99 -44.38 51.45
CA ALA C 484 -43.13 -45.55 50.58
C ALA C 484 -42.16 -46.65 50.98
N THR C 485 -40.91 -46.30 51.23
CA THR C 485 -39.94 -47.31 51.61
C THR C 485 -40.35 -47.98 52.92
N ILE C 486 -40.83 -47.18 53.87
CA ILE C 486 -41.25 -47.74 55.15
C ILE C 486 -42.39 -48.73 54.94
N GLU C 487 -43.38 -48.35 54.13
CA GLU C 487 -44.51 -49.24 53.89
C GLU C 487 -44.03 -50.55 53.28
N ALA C 488 -43.17 -50.47 52.25
CA ALA C 488 -42.72 -51.67 51.59
C ALA C 488 -41.99 -52.61 52.55
N ILE C 489 -41.01 -52.06 53.27
CA ILE C 489 -40.23 -52.88 54.19
C ILE C 489 -41.13 -53.50 55.24
N THR C 490 -42.10 -52.73 55.74
CA THR C 490 -43.01 -53.25 56.75
C THR C 490 -43.80 -54.43 56.21
N GLU C 491 -44.35 -54.30 55.00
CA GLU C 491 -45.13 -55.41 54.43
C GLU C 491 -44.26 -56.64 54.27
N LEU C 492 -43.03 -56.45 53.79
CA LEU C 492 -42.15 -57.60 53.57
C LEU C 492 -41.85 -58.32 54.88
N PHE C 493 -41.47 -57.58 55.92
CA PHE C 493 -41.24 -58.23 57.20
C PHE C 493 -42.50 -58.87 57.76
N VAL C 494 -43.67 -58.28 57.50
CA VAL C 494 -44.89 -58.93 57.97
C VAL C 494 -45.02 -60.30 57.35
N ASP C 495 -44.79 -60.39 56.04
CA ASP C 495 -44.89 -61.68 55.37
C ASP C 495 -43.86 -62.65 55.92
N ALA C 496 -42.61 -62.21 56.04
CA ALA C 496 -41.55 -63.10 56.50
C ALA C 496 -41.85 -63.62 57.90
N LEU C 497 -42.26 -62.73 58.81
CA LEU C 497 -42.62 -63.17 60.15
C LEU C 497 -43.80 -64.12 60.11
N GLU C 498 -44.68 -63.98 59.11
CA GLU C 498 -45.75 -64.96 58.96
C GLU C 498 -45.19 -66.34 58.60
N ILE C 499 -44.20 -66.39 57.70
CA ILE C 499 -43.74 -67.68 57.19
C ILE C 499 -42.94 -68.43 58.26
N ILE C 500 -42.00 -67.76 58.91
CA ILE C 500 -41.00 -68.45 59.72
C ILE C 500 -41.63 -69.10 60.94
N ARG C 501 -41.04 -70.22 61.37
CA ARG C 501 -41.66 -71.12 62.33
C ARG C 501 -40.62 -71.68 63.32
N SER C 502 -39.83 -70.80 63.93
CA SER C 502 -38.87 -71.23 64.94
C SER C 502 -38.64 -70.11 65.94
N GLY C 503 -38.25 -70.49 67.15
CA GLY C 503 -38.10 -69.51 68.23
C GLY C 503 -36.96 -68.54 68.04
N GLU C 504 -35.72 -69.04 68.14
CA GLU C 504 -34.56 -68.16 68.04
C GLU C 504 -34.56 -67.39 66.73
N VAL C 505 -35.01 -68.03 65.65
CA VAL C 505 -35.09 -67.34 64.37
C VAL C 505 -36.05 -66.16 64.47
N ALA C 506 -37.21 -66.38 65.10
CA ALA C 506 -38.18 -65.30 65.24
C ALA C 506 -37.62 -64.16 66.07
N SER C 507 -36.95 -64.49 67.18
CA SER C 507 -36.35 -63.45 68.00
C SER C 507 -35.36 -62.62 67.19
N ARG C 508 -34.44 -63.30 66.51
CA ARG C 508 -33.48 -62.61 65.64
C ARG C 508 -34.20 -61.69 64.68
N LEU C 509 -35.20 -62.22 63.96
CA LEU C 509 -35.88 -61.45 62.94
C LEU C 509 -36.47 -60.18 63.52
N ALA C 510 -37.26 -60.31 64.58
CA ALA C 510 -37.93 -59.14 65.14
C ALA C 510 -36.90 -58.11 65.59
N LYS C 511 -35.88 -58.56 66.32
CA LYS C 511 -34.95 -57.62 66.91
C LYS C 511 -34.17 -56.87 65.83
N SER C 512 -33.86 -57.54 64.72
CA SER C 512 -33.16 -56.85 63.63
C SER C 512 -34.10 -55.90 62.89
N GLY C 513 -35.29 -56.39 62.52
CA GLY C 513 -36.16 -55.59 61.69
C GLY C 513 -36.63 -54.32 62.37
N ILE C 514 -36.91 -54.41 63.67
CA ILE C 514 -37.34 -53.21 64.39
C ILE C 514 -36.31 -52.12 64.23
N GLU C 515 -35.04 -52.45 64.48
CA GLU C 515 -33.98 -51.47 64.35
C GLU C 515 -33.88 -50.96 62.92
N VAL C 516 -34.01 -51.84 61.94
CA VAL C 516 -33.89 -51.38 60.55
C VAL C 516 -34.91 -50.30 60.27
N ILE C 517 -36.18 -50.57 60.58
CA ILE C 517 -37.23 -49.62 60.25
C ILE C 517 -37.08 -48.35 61.07
N ALA C 518 -36.73 -48.48 62.35
CA ALA C 518 -36.56 -47.31 63.19
C ALA C 518 -35.46 -46.40 62.64
N GLU C 519 -34.34 -47.00 62.22
CA GLU C 519 -33.25 -46.20 61.68
C GLU C 519 -33.66 -45.49 60.40
N LEU C 520 -34.39 -46.19 59.52
CA LEU C 520 -34.86 -45.52 58.31
C LEU C 520 -35.75 -44.33 58.66
N ALA C 521 -36.67 -44.54 59.60
CA ALA C 521 -37.57 -43.46 60.00
C ALA C 521 -36.78 -42.28 60.56
N GLU C 522 -35.80 -42.57 61.42
CA GLU C 522 -35.01 -41.50 62.02
C GLU C 522 -34.25 -40.72 60.96
N ALA C 523 -33.66 -41.43 59.99
CA ALA C 523 -32.95 -40.72 58.93
C ALA C 523 -33.89 -39.81 58.15
N ALA C 524 -35.09 -40.30 57.85
CA ALA C 524 -36.04 -39.43 57.15
C ALA C 524 -36.41 -38.22 58.00
N ILE C 525 -36.62 -38.43 59.30
CA ILE C 525 -37.07 -37.36 60.18
C ILE C 525 -36.07 -36.21 60.23
N GLU C 526 -34.79 -36.50 59.99
CA GLU C 526 -33.77 -35.45 60.07
C GLU C 526 -34.07 -34.31 59.10
N HIS C 527 -34.75 -34.59 57.99
CA HIS C 527 -34.97 -33.56 56.98
C HIS C 527 -36.23 -32.77 57.27
N ILE C 528 -36.22 -31.51 56.82
CA ILE C 528 -37.29 -30.58 57.16
C ILE C 528 -38.59 -31.02 56.52
N ASP C 529 -39.69 -30.46 57.03
CA ASP C 529 -41.01 -30.71 56.47
C ASP C 529 -41.99 -29.75 57.12
N ASP C 530 -43.16 -29.63 56.49
CA ASP C 530 -44.29 -29.00 57.15
C ASP C 530 -44.76 -29.88 58.30
N PRO C 531 -45.43 -29.31 59.30
CA PRO C 531 -45.75 -30.10 60.50
C PRO C 531 -46.73 -31.25 60.29
N GLU C 532 -47.72 -31.14 59.38
CA GLU C 532 -48.54 -32.31 59.08
C GLU C 532 -47.71 -33.41 58.45
N GLN C 533 -46.79 -33.04 57.55
CA GLN C 533 -45.92 -34.04 56.93
C GLN C 533 -45.06 -34.74 57.98
N LEU C 534 -44.50 -33.98 58.92
CA LEU C 534 -43.76 -34.59 60.02
C LEU C 534 -44.68 -35.47 60.85
N LYS C 535 -45.89 -34.98 61.15
CA LYS C 535 -46.82 -35.75 61.95
C LYS C 535 -47.17 -37.08 61.28
N LYS C 536 -47.39 -37.05 59.96
CA LYS C 536 -47.66 -38.29 59.24
C LYS C 536 -46.48 -39.26 59.37
N ILE C 537 -45.26 -38.75 59.28
CA ILE C 537 -44.09 -39.61 59.38
C ILE C 537 -44.06 -40.32 60.72
N VAL C 538 -44.33 -39.58 61.80
CA VAL C 538 -44.36 -40.20 63.13
C VAL C 538 -45.49 -41.23 63.20
N LYS C 539 -46.66 -40.90 62.67
CA LYS C 539 -47.78 -41.83 62.74
C LYS C 539 -47.46 -43.12 62.00
N LYS C 540 -46.87 -43.02 60.81
CA LYS C 540 -46.55 -44.21 60.04
C LYS C 540 -45.59 -45.11 60.80
N ALA C 541 -44.52 -44.53 61.36
CA ALA C 541 -43.56 -45.32 62.10
C ALA C 541 -44.22 -46.03 63.28
N ALA C 542 -45.06 -45.32 64.02
CA ALA C 542 -45.73 -45.93 65.15
C ALA C 542 -46.58 -47.11 64.71
N GLU C 543 -47.30 -46.97 63.61
CA GLU C 543 -48.10 -48.07 63.10
C GLU C 543 -47.22 -49.26 62.74
N ALA C 544 -46.09 -49.00 62.08
CA ALA C 544 -45.24 -50.09 61.63
C ALA C 544 -44.70 -50.89 62.81
N ILE C 545 -44.10 -50.22 63.78
CA ILE C 545 -43.44 -50.94 64.86
C ILE C 545 -44.46 -51.73 65.67
N LYS C 546 -45.66 -51.17 65.85
CA LYS C 546 -46.72 -51.93 66.48
C LYS C 546 -47.09 -53.14 65.65
N LYS C 547 -47.13 -52.99 64.32
CA LYS C 547 -47.54 -54.10 63.46
C LYS C 547 -46.58 -55.28 63.60
N ILE C 548 -45.28 -55.01 63.61
CA ILE C 548 -44.31 -56.09 63.77
C ILE C 548 -44.46 -56.74 65.14
N VAL C 549 -44.56 -55.92 66.18
CA VAL C 549 -44.72 -56.46 67.53
C VAL C 549 -45.97 -57.31 67.61
N GLU C 550 -47.07 -56.82 67.04
CA GLU C 550 -48.30 -57.61 67.03
C GLU C 550 -48.08 -58.94 66.33
N GLU C 551 -47.35 -58.93 65.22
CA GLU C 551 -47.09 -60.17 64.49
C GLU C 551 -46.37 -61.19 65.37
N LEU C 552 -45.35 -60.73 66.09
CA LEU C 552 -44.60 -61.63 66.96
C LEU C 552 -45.47 -62.20 68.06
N ILE C 553 -46.46 -61.43 68.52
CA ILE C 553 -47.32 -61.88 69.61
C ILE C 553 -48.02 -63.18 69.24
N LYS C 554 -48.29 -63.39 67.95
CA LYS C 554 -49.03 -64.57 67.50
C LYS C 554 -48.23 -65.86 67.65
N LYS C 555 -46.95 -65.78 67.96
CA LYS C 555 -46.02 -66.89 67.82
C LYS C 555 -45.61 -67.42 69.19
N ASP C 556 -45.49 -68.74 69.29
CA ASP C 556 -44.94 -69.35 70.49
C ASP C 556 -43.45 -69.05 70.57
N VAL C 557 -43.01 -68.50 71.70
CA VAL C 557 -41.62 -68.11 71.89
C VAL C 557 -41.33 -68.01 73.38
N GLU C 558 -40.06 -68.19 73.74
CA GLU C 558 -39.67 -68.04 75.13
C GLU C 558 -39.97 -66.62 75.59
N ASP C 559 -40.67 -66.51 76.73
CA ASP C 559 -41.17 -65.21 77.16
C ASP C 559 -40.04 -64.24 77.46
N GLU C 560 -38.87 -64.74 77.88
CA GLU C 560 -37.74 -63.87 78.11
C GLU C 560 -37.36 -63.11 76.85
N LEU C 561 -37.29 -63.81 75.72
CA LEU C 561 -37.03 -63.14 74.45
C LEU C 561 -38.18 -62.23 74.07
N LEU C 562 -39.43 -62.67 74.30
CA LEU C 562 -40.57 -61.82 73.98
C LEU C 562 -40.51 -60.51 74.73
N ALA C 563 -40.18 -60.56 76.02
CA ALA C 563 -40.05 -59.34 76.80
C ALA C 563 -38.97 -58.45 76.22
N GLU C 564 -37.77 -59.00 76.03
CA GLU C 564 -36.68 -58.20 75.49
C GLU C 564 -37.05 -57.58 74.15
N VAL C 565 -37.71 -58.35 73.30
CA VAL C 565 -38.09 -57.84 71.98
C VAL C 565 -39.07 -56.68 72.13
N THR C 566 -40.14 -56.88 72.90
CA THR C 566 -41.17 -55.84 72.99
C THR C 566 -40.63 -54.62 73.72
N SER C 567 -39.85 -54.82 74.78
CA SER C 567 -39.25 -53.69 75.47
C SER C 567 -38.31 -52.93 74.55
N GLU C 568 -37.43 -53.65 73.86
CA GLU C 568 -36.50 -53.01 72.93
C GLU C 568 -37.25 -52.27 71.83
N GLY C 569 -38.30 -52.88 71.29
CA GLY C 569 -39.08 -52.21 70.26
C GLY C 569 -39.70 -50.93 70.77
N ASN C 570 -40.28 -50.97 71.96
CA ASN C 570 -40.90 -49.77 72.53
C ASN C 570 -39.87 -48.66 72.67
N ARG C 571 -38.70 -49.00 73.20
CA ARG C 571 -37.66 -47.99 73.40
C ARG C 571 -37.30 -47.30 72.09
N LYS C 572 -37.30 -48.04 70.98
CA LYS C 572 -37.03 -47.42 69.69
C LYS C 572 -38.13 -46.42 69.33
N LEU C 573 -39.39 -46.77 69.60
CA LEU C 573 -40.46 -45.82 69.35
C LEU C 573 -40.26 -44.56 70.19
N SER C 574 -39.85 -44.72 71.45
CA SER C 574 -39.58 -43.57 72.29
C SER C 574 -38.56 -42.65 71.65
N ARG C 575 -37.45 -43.22 71.17
CA ARG C 575 -36.37 -42.39 70.63
C ARG C 575 -36.84 -41.57 69.45
N ILE C 576 -37.48 -42.22 68.47
CA ILE C 576 -37.94 -41.47 67.30
C ILE C 576 -38.97 -40.43 67.71
N THR C 577 -39.84 -40.77 68.66
CA THR C 577 -40.81 -39.80 69.15
C THR C 577 -40.11 -38.58 69.72
N SER C 578 -39.06 -38.80 70.53
CA SER C 578 -38.31 -37.67 71.06
C SER C 578 -37.60 -36.89 69.96
N LYS C 579 -36.98 -37.59 69.02
CA LYS C 579 -36.25 -36.90 67.96
C LYS C 579 -37.17 -35.99 67.15
N ALA C 580 -38.37 -36.48 66.84
CA ALA C 580 -39.32 -35.64 66.11
C ALA C 580 -39.77 -34.45 66.95
N LEU C 581 -40.15 -34.71 68.21
CA LEU C 581 -40.70 -33.64 69.04
C LEU C 581 -39.72 -32.48 69.17
N THR C 582 -38.42 -32.77 69.21
CA THR C 582 -37.43 -31.72 69.34
C THR C 582 -37.39 -30.80 68.13
N LYS C 583 -37.89 -31.25 66.98
CA LYS C 583 -37.87 -30.45 65.77
C LYS C 583 -39.16 -29.69 65.54
N ILE C 584 -40.24 -30.08 66.21
CA ILE C 584 -41.51 -29.39 66.02
C ILE C 584 -41.42 -27.97 66.57
N LYS C 585 -42.36 -27.13 66.13
CA LYS C 585 -42.34 -25.72 66.52
C LYS C 585 -43.72 -25.15 66.85
N ASP C 586 -44.73 -25.99 67.04
CA ASP C 586 -46.08 -25.53 67.34
C ASP C 586 -46.64 -26.33 68.51
N GLU C 587 -47.35 -25.63 69.41
CA GLU C 587 -47.88 -26.30 70.59
C GLU C 587 -48.89 -27.38 70.22
N LYS C 588 -49.75 -27.11 69.24
CA LYS C 588 -50.80 -28.07 68.89
C LYS C 588 -50.19 -29.41 68.48
N ALA C 589 -49.18 -29.38 67.61
CA ALA C 589 -48.50 -30.61 67.23
C ALA C 589 -47.77 -31.21 68.42
N ALA C 590 -47.10 -30.39 69.23
CA ALA C 590 -46.35 -30.91 70.36
C ALA C 590 -47.26 -31.69 71.30
N ALA C 591 -48.41 -31.13 71.63
CA ALA C 591 -49.35 -31.84 72.50
C ALA C 591 -49.86 -33.11 71.83
N GLU C 592 -50.24 -33.02 70.56
CA GLU C 592 -50.82 -34.18 69.88
C GLU C 592 -49.83 -35.33 69.83
N LEU C 593 -48.61 -35.06 69.37
CA LEU C 593 -47.62 -36.13 69.26
C LEU C 593 -47.31 -36.73 70.64
N THR C 594 -47.13 -35.86 71.65
CA THR C 594 -46.79 -36.36 72.98
C THR C 594 -47.87 -37.30 73.50
N ILE C 595 -49.14 -36.91 73.35
CA ILE C 595 -50.22 -37.79 73.79
C ILE C 595 -50.20 -39.09 72.98
N GLU C 596 -50.07 -38.98 71.66
CA GLU C 596 -50.15 -40.16 70.81
C GLU C 596 -49.07 -41.18 71.20
N ALA C 597 -47.82 -40.74 71.27
CA ALA C 597 -46.74 -41.65 71.63
C ALA C 597 -46.97 -42.25 73.01
N ILE C 598 -47.42 -41.43 73.96
CA ILE C 598 -47.69 -41.92 75.31
C ILE C 598 -48.72 -43.04 75.26
N GLU C 599 -49.79 -42.87 74.48
CA GLU C 599 -50.77 -43.93 74.33
C GLU C 599 -50.18 -45.15 73.66
N ALA C 600 -49.45 -44.94 72.55
CA ALA C 600 -48.91 -46.07 71.80
C ALA C 600 -47.96 -46.89 72.65
N ILE C 601 -46.99 -46.24 73.29
CA ILE C 601 -46.01 -46.97 74.09
C ILE C 601 -46.71 -47.71 75.22
N THR C 602 -47.73 -47.09 75.81
CA THR C 602 -48.52 -47.76 76.85
C THR C 602 -49.24 -48.98 76.27
N GLU C 603 -49.80 -48.84 75.07
CA GLU C 603 -50.63 -49.89 74.52
C GLU C 603 -49.85 -51.19 74.32
N ASN C 604 -48.62 -51.08 73.80
CA ASN C 604 -47.88 -52.29 73.44
C ASN C 604 -47.65 -53.17 74.66
N PHE C 605 -47.28 -52.58 75.80
CA PHE C 605 -47.15 -53.37 77.02
C PHE C 605 -48.43 -54.09 77.41
N LEU C 606 -49.59 -53.50 77.13
CA LEU C 606 -50.82 -54.20 77.44
C LEU C 606 -50.85 -55.57 76.77
N LEU C 607 -50.31 -55.66 75.55
CA LEU C 607 -50.30 -56.91 74.82
C LEU C 607 -49.23 -57.86 75.35
N ALA C 608 -48.02 -57.34 75.59
CA ALA C 608 -46.93 -58.19 76.04
C ALA C 608 -47.24 -58.84 77.39
N LEU C 609 -47.84 -58.06 78.30
CA LEU C 609 -48.15 -58.59 79.62
C LEU C 609 -49.16 -59.74 79.56
N GLU C 610 -49.86 -59.89 78.43
CA GLU C 610 -50.88 -60.91 78.28
C GLU C 610 -50.31 -62.31 78.04
N ARG C 611 -48.99 -62.47 77.96
CA ARG C 611 -48.41 -63.76 77.60
C ARG C 611 -47.21 -64.15 78.45
N ILE C 612 -46.85 -63.35 79.45
CA ILE C 612 -45.69 -63.68 80.28
C ILE C 612 -45.98 -64.95 81.07
N LYS C 613 -44.95 -65.79 81.23
CA LYS C 613 -45.10 -67.07 81.90
C LYS C 613 -44.74 -67.03 83.39
N ASP C 614 -44.10 -65.96 83.86
CA ASP C 614 -43.64 -65.89 85.24
C ASP C 614 -43.80 -64.47 85.75
N GLY C 615 -44.00 -64.35 87.07
CA GLY C 615 -44.17 -63.04 87.66
C GLY C 615 -42.93 -62.18 87.58
N GLU C 616 -41.75 -62.79 87.77
CA GLU C 616 -40.51 -62.02 87.73
C GLU C 616 -40.31 -61.38 86.36
N VAL C 617 -40.53 -62.15 85.30
CA VAL C 617 -40.38 -61.61 83.95
C VAL C 617 -41.38 -60.49 83.71
N ALA C 618 -42.64 -60.69 84.12
CA ALA C 618 -43.65 -59.66 83.93
C ALA C 618 -43.30 -58.39 84.69
N ALA C 619 -42.81 -58.53 85.92
CA ALA C 619 -42.50 -57.35 86.72
C ALA C 619 -41.36 -56.55 86.09
N LYS C 620 -40.28 -57.23 85.70
CA LYS C 620 -39.11 -56.53 85.16
C LYS C 620 -39.50 -55.69 83.95
N LEU C 621 -40.27 -56.27 83.04
CA LEU C 621 -40.73 -55.51 81.87
C LEU C 621 -41.67 -54.41 82.28
N ALA C 622 -42.47 -54.64 83.33
CA ALA C 622 -43.41 -53.60 83.78
C ALA C 622 -42.70 -52.40 84.34
N GLU C 623 -41.69 -52.63 85.20
CA GLU C 623 -40.94 -51.51 85.75
C GLU C 623 -40.33 -50.67 84.63
N ASP C 624 -39.69 -51.32 83.66
CA ASP C 624 -39.06 -50.59 82.57
C ASP C 624 -40.06 -49.78 81.78
N GLY C 625 -41.28 -50.28 81.64
CA GLY C 625 -42.32 -49.49 80.99
C GLY C 625 -42.65 -48.22 81.75
N LEU C 626 -42.71 -48.32 83.09
CA LEU C 626 -42.95 -47.13 83.89
C LEU C 626 -41.85 -46.10 83.68
N LEU C 627 -40.59 -46.55 83.64
CA LEU C 627 -39.49 -45.61 83.41
C LEU C 627 -39.65 -44.92 82.06
N GLU C 628 -39.90 -45.69 81.01
CA GLU C 628 -39.89 -45.13 79.66
C GLU C 628 -40.99 -44.10 79.49
N ILE C 629 -42.18 -44.37 80.01
CA ILE C 629 -43.24 -43.37 79.90
C ILE C 629 -42.85 -42.11 80.65
N TYR C 630 -42.12 -42.26 81.76
CA TYR C 630 -41.63 -41.07 82.45
C TYR C 630 -40.59 -40.34 81.61
N ARG C 631 -39.67 -41.06 80.99
CA ARG C 631 -38.72 -40.41 80.09
C ARG C 631 -39.45 -39.63 79.01
N LEU C 632 -40.49 -40.23 78.43
CA LEU C 632 -41.26 -39.51 77.42
C LEU C 632 -41.93 -38.27 78.01
N ALA C 633 -42.47 -38.39 79.22
CA ALA C 633 -43.19 -37.26 79.81
C ALA C 633 -42.27 -36.07 80.03
N VAL C 634 -41.16 -36.27 80.73
CA VAL C 634 -40.26 -35.16 81.01
C VAL C 634 -39.66 -34.62 79.72
N SER C 635 -39.30 -35.52 78.80
CA SER C 635 -38.75 -35.06 77.52
C SER C 635 -39.70 -34.12 76.82
N GLY C 636 -41.00 -34.38 76.93
CA GLY C 636 -41.97 -33.45 76.37
C GLY C 636 -42.08 -32.17 77.18
N ILE C 637 -42.09 -32.31 78.51
CA ILE C 637 -42.33 -31.16 79.37
C ILE C 637 -41.30 -30.08 79.12
N GLU C 638 -40.04 -30.47 78.93
CA GLU C 638 -38.98 -29.48 78.74
C GLU C 638 -39.28 -28.56 77.57
N HIS C 639 -39.97 -29.07 76.54
CA HIS C 639 -40.29 -28.26 75.37
C HIS C 639 -41.70 -27.67 75.41
N ILE C 640 -42.50 -28.01 76.42
CA ILE C 640 -43.86 -27.51 76.50
C ILE C 640 -43.82 -26.00 76.72
N ASP C 641 -44.60 -25.27 75.93
CA ASP C 641 -44.55 -23.81 75.94
C ASP C 641 -45.51 -23.17 76.92
N ASN C 642 -46.66 -23.79 77.22
CA ASN C 642 -47.71 -23.12 77.96
C ASN C 642 -48.41 -24.10 78.89
N PRO C 643 -48.73 -23.71 80.13
CA PRO C 643 -49.35 -24.65 81.06
C PRO C 643 -50.74 -25.09 80.66
N GLU C 644 -51.48 -24.25 79.93
CA GLU C 644 -52.82 -24.66 79.51
C GLU C 644 -52.75 -25.94 78.68
N GLU C 645 -51.70 -26.10 77.88
CA GLU C 645 -51.46 -27.37 77.21
C GLU C 645 -50.87 -28.40 78.16
N LEU C 646 -49.92 -27.97 79.02
CA LEU C 646 -49.21 -28.91 79.89
C LEU C 646 -50.17 -29.69 80.78
N GLU C 647 -51.33 -29.11 81.09
CA GLU C 647 -52.31 -29.83 81.89
C GLU C 647 -52.70 -31.14 81.22
N LYS C 648 -52.82 -31.13 79.89
CA LYS C 648 -53.16 -32.35 79.18
C LYS C 648 -52.05 -33.38 79.29
N ILE C 649 -50.79 -32.94 79.24
CA ILE C 649 -49.69 -33.89 79.41
C ILE C 649 -49.76 -34.50 80.80
N VAL C 650 -50.05 -33.70 81.82
CA VAL C 650 -50.16 -34.25 83.17
C VAL C 650 -51.28 -35.28 83.23
N LYS C 651 -52.44 -34.95 82.64
CA LYS C 651 -53.58 -35.85 82.68
C LYS C 651 -53.26 -37.16 81.98
N LYS C 652 -52.64 -37.07 80.80
CA LYS C 652 -52.31 -38.28 80.04
C LYS C 652 -51.29 -39.13 80.78
N THR C 653 -50.29 -38.50 81.40
CA THR C 653 -49.32 -39.26 82.18
C THR C 653 -50.00 -39.99 83.32
N GLU C 654 -50.92 -39.32 84.01
CA GLU C 654 -51.65 -39.99 85.08
C GLU C 654 -52.42 -41.19 84.54
N GLU C 655 -53.10 -41.01 83.41
CA GLU C 655 -53.88 -42.11 82.83
C GLU C 655 -52.97 -43.28 82.47
N ALA C 656 -51.82 -43.00 81.87
CA ALA C 656 -50.92 -44.09 81.48
C ALA C 656 -50.42 -44.85 82.69
N VAL C 657 -49.98 -44.12 83.73
CA VAL C 657 -49.51 -44.80 84.94
C VAL C 657 -50.63 -45.65 85.53
N GLU C 658 -51.85 -45.11 85.53
CA GLU C 658 -52.98 -45.86 86.08
C GLU C 658 -53.21 -47.14 85.31
N ARG C 659 -53.21 -47.07 83.97
CA ARG C 659 -53.45 -48.28 83.19
C ARG C 659 -52.36 -49.32 83.42
N ILE C 660 -51.10 -48.89 83.45
CA ILE C 660 -50.02 -49.85 83.67
C ILE C 660 -50.17 -50.52 85.03
N VAL C 661 -50.44 -49.72 86.08
CA VAL C 661 -50.58 -50.28 87.41
C VAL C 661 -51.77 -51.24 87.47
N GLU C 662 -52.88 -50.86 86.83
CA GLU C 662 -54.07 -51.72 86.86
C GLU C 662 -53.80 -53.05 86.17
N ALA C 663 -53.15 -53.03 85.01
CA ALA C 663 -52.83 -54.28 84.33
C ALA C 663 -51.93 -55.14 85.20
N LEU C 664 -50.90 -54.54 85.80
CA LEU C 664 -50.03 -55.32 86.68
C LEU C 664 -50.78 -55.84 87.89
N GLU C 665 -51.75 -55.06 88.41
CA GLU C 665 -52.52 -55.50 89.56
C GLU C 665 -53.34 -56.74 89.26
N LYS C 666 -53.97 -56.78 88.08
CA LYS C 666 -54.83 -57.91 87.75
C LYS C 666 -54.03 -59.16 87.44
N LYS C 667 -52.76 -59.00 87.07
CA LYS C 667 -51.93 -60.14 86.72
C LYS C 667 -51.58 -60.96 87.96
N ASP C 668 -51.21 -62.22 87.72
CA ASP C 668 -50.74 -63.11 88.78
C ASP C 668 -49.24 -62.92 88.96
N VAL C 669 -48.84 -62.37 90.10
CA VAL C 669 -47.44 -62.07 90.37
C VAL C 669 -47.24 -62.03 91.88
N GLU C 670 -45.99 -62.17 92.31
CA GLU C 670 -45.70 -62.17 93.73
C GLU C 670 -46.12 -60.85 94.36
N PRO C 671 -46.76 -60.85 95.53
CA PRO C 671 -47.16 -59.58 96.15
C PRO C 671 -46.01 -58.61 96.35
N GLU C 672 -44.84 -59.11 96.74
CA GLU C 672 -43.72 -58.22 97.04
C GLU C 672 -43.33 -57.42 95.81
N LEU C 673 -43.22 -58.07 94.66
CA LEU C 673 -42.96 -57.35 93.42
C LEU C 673 -44.10 -56.41 93.07
N LYS C 674 -45.34 -56.86 93.27
CA LYS C 674 -46.49 -56.02 92.93
C LYS C 674 -46.49 -54.75 93.76
N GLU C 675 -46.06 -54.85 95.02
CA GLU C 675 -45.95 -53.66 95.86
C GLU C 675 -44.90 -52.70 95.31
N GLU C 676 -43.73 -53.21 94.95
CA GLU C 676 -42.67 -52.36 94.45
C GLU C 676 -43.09 -51.68 93.15
N VAL C 677 -43.71 -52.43 92.24
CA VAL C 677 -44.19 -51.84 90.99
C VAL C 677 -45.22 -50.76 91.28
N GLU C 678 -46.14 -51.04 92.20
CA GLU C 678 -47.13 -50.02 92.55
C GLU C 678 -46.46 -48.81 93.19
N GLU C 679 -45.47 -49.05 94.05
CA GLU C 679 -44.75 -47.93 94.65
C GLU C 679 -44.05 -47.09 93.60
N LEU C 680 -43.48 -47.74 92.59
CA LEU C 680 -42.76 -47.00 91.56
C LEU C 680 -43.71 -46.03 90.86
N GLY C 681 -44.90 -46.52 90.50
CA GLY C 681 -45.88 -45.66 89.88
C GLY C 681 -46.32 -44.53 90.80
N LYS C 682 -46.48 -44.82 92.09
CA LYS C 682 -46.87 -43.79 93.04
C LYS C 682 -45.84 -42.66 93.06
N LYS C 683 -44.56 -43.00 92.92
CA LYS C 683 -43.51 -41.98 92.98
C LYS C 683 -43.49 -41.13 91.72
N LEU C 684 -43.37 -41.77 90.55
CA LEU C 684 -43.08 -41.01 89.34
C LEU C 684 -44.19 -40.01 89.01
N VAL C 685 -45.46 -40.41 89.19
CA VAL C 685 -46.52 -39.46 88.87
C VAL C 685 -46.37 -38.21 89.72
N GLU C 686 -45.86 -38.35 90.94
CA GLU C 686 -45.66 -37.17 91.78
C GLU C 686 -44.60 -36.25 91.20
N ILE C 687 -43.44 -36.80 90.82
CA ILE C 687 -42.36 -35.97 90.29
C ILE C 687 -42.80 -35.29 89.01
N VAL C 688 -43.57 -36.00 88.17
CA VAL C 688 -44.15 -35.35 87.00
C VAL C 688 -44.96 -34.14 87.41
N ARG C 689 -45.75 -34.28 88.48
CA ARG C 689 -46.54 -33.14 88.95
C ARG C 689 -45.66 -32.04 89.49
N LYS C 690 -44.58 -32.39 90.21
CA LYS C 690 -43.67 -31.36 90.69
C LYS C 690 -43.08 -30.56 89.54
N LEU C 691 -42.63 -31.24 88.48
CA LEU C 691 -42.12 -30.54 87.31
C LEU C 691 -43.22 -29.78 86.59
N ALA C 692 -44.42 -30.37 86.52
CA ALA C 692 -45.52 -29.71 85.81
C ALA C 692 -45.91 -28.40 86.48
N GLU C 693 -45.59 -28.23 87.76
CA GLU C 693 -45.90 -26.97 88.44
C GLU C 693 -45.03 -25.83 87.94
N ARG C 694 -43.92 -26.12 87.26
CA ARG C 694 -42.96 -25.10 86.86
C ARG C 694 -43.41 -24.42 85.55
N LYS C 695 -44.52 -23.71 85.65
CA LYS C 695 -45.01 -22.93 84.51
C LYS C 695 -44.11 -21.72 84.30
N GLU D 2 92.66 36.93 6.75
CA GLU D 2 92.32 35.94 5.68
C GLU D 2 91.59 34.73 6.25
N GLU D 3 92.32 33.92 7.03
CA GLU D 3 91.79 32.64 7.49
C GLU D 3 90.55 32.79 8.37
N LEU D 4 90.33 33.98 8.95
CA LEU D 4 89.12 34.19 9.74
C LEU D 4 87.86 33.97 8.92
N ARG D 5 87.98 34.03 7.60
CA ARG D 5 86.83 33.77 6.74
C ARG D 5 86.24 32.39 7.01
N GLU D 6 87.08 31.42 7.39
CA GLU D 6 86.56 30.09 7.68
C GLU D 6 85.69 30.08 8.93
N ILE D 7 86.12 30.80 9.98
CA ILE D 7 85.31 30.88 11.19
C ILE D 7 84.00 31.58 10.88
N ALA D 8 84.08 32.65 10.09
CA ALA D 8 82.86 33.36 9.71
C ALA D 8 81.92 32.44 8.93
N GLU D 9 82.47 31.64 8.02
CA GLU D 9 81.65 30.73 7.23
C GLU D 9 80.95 29.74 8.13
N ARG D 10 81.67 29.14 9.07
CA ARG D 10 81.05 28.18 9.96
C ARG D 10 79.96 28.82 10.81
N ALA D 11 80.20 30.02 11.34
CA ALA D 11 79.16 30.69 12.12
C ALA D 11 77.92 30.95 11.26
N GLU D 12 78.13 31.46 10.04
CA GLU D 12 77.00 31.78 9.17
C GLU D 12 76.21 30.52 8.84
N ALA D 13 76.91 29.42 8.55
CA ALA D 13 76.20 28.16 8.33
C ALA D 13 75.41 27.77 9.57
N ASP D 14 76.01 27.93 10.76
CA ASP D 14 75.34 27.55 11.99
C ASP D 14 74.00 28.24 12.13
N MET D 15 73.96 29.55 11.85
CA MET D 15 72.72 30.30 12.08
C MET D 15 71.55 29.71 11.30
N ARG D 16 71.78 29.30 10.06
CA ARG D 16 70.70 28.78 9.22
C ARG D 16 70.06 27.54 9.84
N GLU D 17 70.85 26.70 10.50
CA GLU D 17 70.28 25.52 11.13
C GLU D 17 69.27 25.90 12.20
N ILE D 18 69.61 26.90 13.02
CA ILE D 18 68.68 27.37 14.03
C ILE D 18 67.41 27.86 13.38
N SER D 19 67.55 28.66 12.32
CA SER D 19 66.35 29.20 11.68
C SER D 19 65.46 28.09 11.15
N GLU D 20 66.06 27.11 10.46
CA GLU D 20 65.27 26.02 9.90
C GLU D 20 64.59 25.20 10.99
N LEU D 21 65.34 24.88 12.05
CA LEU D 21 64.78 24.07 13.13
C LEU D 21 63.61 24.77 13.78
N ALA D 22 63.73 26.09 14.00
CA ALA D 22 62.60 26.83 14.54
C ALA D 22 61.43 26.84 13.57
N GLU D 23 61.70 27.01 12.27
CA GLU D 23 60.62 27.02 11.30
C GLU D 23 59.84 25.72 11.32
N GLU D 24 60.53 24.60 11.44
CA GLU D 24 59.85 23.31 11.48
C GLU D 24 59.16 23.07 12.82
N LEU D 25 59.82 23.40 13.94
CA LEU D 25 59.30 23.05 15.25
C LEU D 25 58.16 23.96 15.72
N VAL D 26 58.17 25.23 15.33
CA VAL D 26 57.25 26.22 15.88
C VAL D 26 55.84 26.00 15.36
N GLU D 27 54.87 26.68 15.96
CA GLU D 27 53.47 26.54 15.54
C GLU D 27 52.73 27.87 15.45
N ASP D 28 53.36 29.00 15.75
CA ASP D 28 52.72 30.31 15.67
C ASP D 28 53.50 31.17 14.67
N PRO D 29 52.89 31.62 13.58
CA PRO D 29 53.67 32.28 12.52
C PRO D 29 54.50 33.45 13.00
N VAL D 30 53.97 34.29 13.88
CA VAL D 30 54.67 35.51 14.27
C VAL D 30 55.99 35.18 14.96
N TYR D 31 55.95 34.22 15.91
CA TYR D 31 57.17 33.86 16.61
C TYR D 31 58.17 33.23 15.65
N ALA D 32 57.70 32.39 14.73
CA ALA D 32 58.57 31.79 13.75
C ALA D 32 59.27 32.87 12.92
N VAL D 33 58.53 33.88 12.51
CA VAL D 33 59.14 34.98 11.75
C VAL D 33 60.18 35.68 12.61
N ALA D 34 59.85 35.94 13.87
CA ALA D 34 60.74 36.70 14.73
C ALA D 34 62.07 35.98 14.93
N VAL D 35 62.02 34.66 15.15
CA VAL D 35 63.25 33.91 15.39
C VAL D 35 64.21 34.07 14.21
N ARG D 36 63.70 33.83 12.99
CA ARG D 36 64.53 34.00 11.80
C ARG D 36 65.03 35.43 11.68
N GLY D 37 64.14 36.40 11.94
CA GLY D 37 64.54 37.79 11.82
C GLY D 37 65.74 38.11 12.68
N MET D 38 65.71 37.66 13.94
CA MET D 38 66.84 37.95 14.81
C MET D 38 68.07 37.14 14.40
N ALA D 39 67.88 35.88 14.04
CA ALA D 39 69.01 35.02 13.72
C ALA D 39 69.79 35.55 12.52
N LEU D 40 69.08 36.12 11.54
CA LEU D 40 69.75 36.50 10.30
C LEU D 40 70.85 37.53 10.53
N VAL D 41 70.62 38.49 11.43
CA VAL D 41 71.51 39.65 11.53
C VAL D 41 72.88 39.25 12.06
N GLY D 42 72.93 38.28 12.98
CA GLY D 42 74.21 37.90 13.55
C GLY D 42 75.19 37.40 12.52
N ALA D 43 74.68 36.69 11.49
CA ALA D 43 75.58 36.21 10.46
C ALA D 43 76.27 37.36 9.75
N ALA D 44 75.52 38.40 9.40
CA ALA D 44 76.13 39.57 8.80
C ALA D 44 77.10 40.22 9.77
N GLY D 45 76.75 40.28 11.04
CA GLY D 45 77.66 40.82 12.03
C GLY D 45 78.99 40.09 12.03
N VAL D 46 78.94 38.76 12.05
CA VAL D 46 80.16 37.96 12.07
C VAL D 46 80.96 38.20 10.79
N PHE D 47 80.27 38.18 9.64
CA PHE D 47 80.97 38.39 8.38
C PHE D 47 81.68 39.73 8.35
N ALA D 48 81.01 40.78 8.80
CA ALA D 48 81.64 42.10 8.81
C ALA D 48 82.83 42.13 9.75
N LEU D 49 82.63 41.68 10.99
CA LEU D 49 83.72 41.70 11.96
C LEU D 49 84.93 40.93 11.45
N GLY D 50 84.71 39.95 10.59
CA GLY D 50 85.83 39.16 10.06
C GLY D 50 86.72 39.91 9.09
N VAL D 51 86.31 41.08 8.62
CA VAL D 51 87.12 41.85 7.68
C VAL D 51 87.43 43.22 8.28
N GLY D 52 86.43 43.88 8.82
CA GLY D 52 86.66 45.21 9.40
C GLY D 52 85.35 45.95 9.62
N GLY D 53 85.45 47.28 9.59
CA GLY D 53 84.31 48.14 9.83
C GLY D 53 84.10 48.45 11.30
N PRO D 54 83.17 49.35 11.59
CA PRO D 54 82.96 49.81 12.96
C PRO D 54 82.27 48.74 13.81
N PRO D 55 82.84 48.38 14.95
CA PRO D 55 82.16 47.40 15.82
C PRO D 55 80.99 47.98 16.58
N GLU D 56 81.09 49.25 17.01
CA GLU D 56 80.00 49.85 17.78
C GLU D 56 78.73 49.93 16.95
N VAL D 57 78.85 50.22 15.66
CA VAL D 57 77.68 50.24 14.80
C VAL D 57 77.05 48.85 14.74
N LEU D 58 77.88 47.81 14.69
CA LEU D 58 77.36 46.45 14.68
C LEU D 58 76.55 46.17 15.94
N GLU D 59 77.10 46.53 17.11
CA GLU D 59 76.36 46.30 18.34
C GLU D 59 75.05 47.09 18.36
N GLU D 60 75.10 48.34 17.91
CA GLU D 60 73.88 49.14 17.87
C GLU D 60 72.84 48.51 16.96
N ALA D 61 73.27 48.00 15.81
CA ALA D 61 72.34 47.36 14.89
C ALA D 61 71.69 46.15 15.54
N ARG D 62 72.48 45.37 16.28
CA ARG D 62 71.90 44.21 16.96
C ARG D 62 70.85 44.65 17.97
N ARG D 63 71.15 45.70 18.73
CA ARG D 63 70.18 46.22 19.68
C ARG D 63 68.90 46.67 18.96
N ARG D 64 69.05 47.33 17.82
CA ARG D 64 67.90 47.78 17.05
C ARG D 64 67.05 46.60 16.61
N VAL D 65 67.69 45.52 16.17
CA VAL D 65 66.94 44.33 15.76
C VAL D 65 66.15 43.78 16.95
N GLU D 66 66.79 43.73 18.12
CA GLU D 66 66.08 43.23 19.30
C GLU D 66 64.87 44.10 19.62
N GLU D 67 65.03 45.43 19.51
CA GLU D 67 63.91 46.32 19.78
C GLU D 67 62.76 46.06 18.79
N ALA D 68 63.09 45.86 17.51
CA ALA D 68 62.05 45.54 16.54
C ALA D 68 61.32 44.27 16.95
N ALA D 69 62.07 43.26 17.41
CA ALA D 69 61.43 42.02 17.83
C ALA D 69 60.48 42.27 19.00
N ARG D 70 60.90 43.12 19.94
CA ARG D 70 60.01 43.46 21.05
C ARG D 70 58.74 44.12 20.54
N GLU D 71 58.86 45.04 19.59
CA GLU D 71 57.67 45.68 19.04
C GLU D 71 56.72 44.64 18.46
N ALA D 72 57.26 43.73 17.66
CA ALA D 72 56.42 42.71 17.05
C ALA D 72 55.74 41.85 18.09
N LEU D 73 56.48 41.42 19.11
CA LEU D 73 55.90 40.57 20.14
C LEU D 73 54.79 41.30 20.88
N ARG D 74 55.02 42.57 21.22
CA ARG D 74 53.99 43.34 21.91
C ARG D 74 52.74 43.47 21.06
N LYS D 75 52.91 43.72 19.76
CA LYS D 75 51.74 43.81 18.89
C LYS D 75 50.98 42.48 18.85
N TYR D 76 51.72 41.38 18.69
CA TYR D 76 51.05 40.08 18.55
C TYR D 76 50.33 39.68 19.83
N GLU D 77 50.93 39.97 20.98
CA GLU D 77 50.22 39.75 22.24
C GLU D 77 48.96 40.61 22.31
N GLU D 78 49.04 41.83 21.79
CA GLU D 78 47.89 42.73 21.77
C GLU D 78 46.80 42.28 20.79
N GLY D 79 47.02 41.18 20.06
CA GLY D 79 46.04 40.75 19.08
C GLY D 79 46.01 41.57 17.81
N ALA D 80 47.11 42.26 17.50
CA ALA D 80 47.14 43.11 16.32
C ALA D 80 47.16 42.25 15.04
N ASP D 81 47.01 42.92 13.91
CA ASP D 81 47.02 42.26 12.61
C ASP D 81 48.32 41.50 12.41
N VAL D 82 48.21 40.23 12.02
CA VAL D 82 49.40 39.43 11.74
C VAL D 82 50.16 40.00 10.55
N SER D 83 49.44 40.47 9.54
CA SER D 83 50.10 40.99 8.34
C SER D 83 51.01 42.15 8.68
N GLU D 84 50.47 43.15 9.38
CA GLU D 84 51.29 44.29 9.79
C GLU D 84 52.48 43.82 10.62
N LEU D 85 52.27 42.85 11.51
CA LEU D 85 53.35 42.39 12.38
C LEU D 85 54.51 41.84 11.54
N VAL D 86 54.23 40.89 10.66
CA VAL D 86 55.31 40.27 9.90
C VAL D 86 55.92 41.30 8.95
N ALA D 87 55.11 42.17 8.37
CA ALA D 87 55.65 43.17 7.46
C ALA D 87 56.60 44.11 8.19
N GLU D 88 56.21 44.59 9.37
CA GLU D 88 57.08 45.48 10.11
C GLU D 88 58.37 44.77 10.50
N LEU D 89 58.28 43.53 10.97
CA LEU D 89 59.48 42.81 11.36
C LEU D 89 60.43 42.67 10.17
N ILE D 90 59.88 42.24 9.03
CA ILE D 90 60.70 42.02 7.85
C ILE D 90 61.35 43.33 7.40
N ARG D 91 60.57 44.40 7.36
CA ARG D 91 61.11 45.67 6.91
C ARG D 91 62.24 46.14 7.83
N GLU D 92 62.03 46.02 9.14
CA GLU D 92 63.06 46.44 10.08
C GLU D 92 64.33 45.62 9.89
N THR D 93 64.18 44.30 9.74
CA THR D 93 65.35 43.46 9.53
C THR D 93 66.07 43.86 8.26
N SER D 94 65.32 44.10 7.19
CA SER D 94 65.93 44.46 5.91
C SER D 94 66.73 45.74 6.04
N ARG D 95 66.13 46.78 6.62
CA ARG D 95 66.84 48.05 6.74
C ARG D 95 68.06 47.90 7.64
N GLN D 96 67.94 47.14 8.74
CA GLN D 96 69.09 46.95 9.62
C GLN D 96 70.24 46.27 8.89
N ILE D 97 69.94 45.19 8.15
CA ILE D 97 70.99 44.47 7.43
C ILE D 97 71.61 45.36 6.38
N ALA D 98 70.79 46.16 5.69
CA ALA D 98 71.33 47.10 4.73
C ALA D 98 72.24 48.11 5.41
N GLU D 99 71.88 48.52 6.63
CA GLU D 99 72.75 49.42 7.38
C GLU D 99 74.08 48.77 7.69
N ILE D 100 74.06 47.50 8.08
CA ILE D 100 75.32 46.78 8.35
C ILE D 100 76.18 46.77 7.09
N ALA D 101 75.58 46.45 5.96
CA ALA D 101 76.34 46.46 4.70
C ALA D 101 76.84 47.86 4.38
N GLU D 102 76.03 48.89 4.65
CA GLU D 102 76.45 50.26 4.39
C GLU D 102 77.66 50.64 5.22
N ALA D 103 77.72 50.20 6.47
CA ALA D 103 78.91 50.43 7.27
C ALA D 103 80.10 49.65 6.75
N THR D 104 79.88 48.36 6.44
CA THR D 104 80.98 47.52 5.99
C THR D 104 81.60 48.04 4.70
N ILE D 105 80.78 48.57 3.79
CA ILE D 105 81.26 48.97 2.48
C ILE D 105 82.34 50.04 2.57
N LYS D 106 82.35 50.82 3.65
CA LYS D 106 83.27 51.93 3.79
C LYS D 106 84.57 51.54 4.49
N ALA D 107 84.77 50.26 4.75
CA ALA D 107 85.91 49.84 5.57
C ALA D 107 87.24 50.07 4.86
N THR D 108 87.32 49.77 3.57
CA THR D 108 88.61 49.74 2.91
C THR D 108 88.44 49.97 1.41
N ASP D 109 89.57 50.26 0.76
CA ASP D 109 89.62 50.55 -0.67
C ASP D 109 89.87 49.31 -1.51
N ASP D 110 90.07 48.15 -0.90
CA ASP D 110 90.48 46.95 -1.64
C ASP D 110 89.34 46.48 -2.54
N PRO D 111 89.57 46.31 -3.85
CA PRO D 111 88.52 45.73 -4.70
C PRO D 111 88.11 44.33 -4.28
N GLU D 112 89.03 43.51 -3.76
CA GLU D 112 88.69 42.14 -3.40
C GLU D 112 87.69 42.11 -2.25
N VAL D 113 87.99 42.84 -1.18
CA VAL D 113 87.06 42.90 -0.04
C VAL D 113 85.74 43.50 -0.49
N LEU D 114 85.80 44.50 -1.37
CA LEU D 114 84.56 45.11 -1.86
C LEU D 114 83.71 44.08 -2.59
N GLU D 115 84.33 43.27 -3.44
CA GLU D 115 83.59 42.23 -4.15
C GLU D 115 82.99 41.23 -3.17
N GLU D 116 83.77 40.85 -2.15
CA GLU D 116 83.24 39.92 -1.16
C GLU D 116 82.02 40.50 -0.46
N ILE D 117 82.11 41.77 -0.05
CA ILE D 117 81.00 42.40 0.66
C ILE D 117 79.77 42.47 -0.24
N SER D 118 79.96 42.87 -1.49
CA SER D 118 78.83 42.96 -2.41
C SER D 118 78.20 41.60 -2.62
N GLU D 119 79.02 40.56 -2.80
CA GLU D 119 78.48 39.22 -3.01
C GLU D 119 77.65 38.79 -1.80
N PHE D 120 78.19 38.99 -0.59
CA PHE D 120 77.45 38.60 0.61
C PHE D 120 76.12 39.34 0.69
N ALA D 121 76.14 40.66 0.43
CA ALA D 121 74.91 41.43 0.50
C ALA D 121 73.90 40.92 -0.51
N GLU D 122 74.33 40.65 -1.74
CA GLU D 122 73.41 40.21 -2.77
C GLU D 122 72.78 38.86 -2.38
N GLU D 123 73.60 37.92 -1.92
CA GLU D 123 73.07 36.62 -1.56
C GLU D 123 72.04 36.73 -0.45
N ARG D 124 72.40 37.44 0.63
CA ARG D 124 71.47 37.58 1.75
C ARG D 124 70.18 38.24 1.28
N SER D 125 70.28 39.31 0.49
CA SER D 125 69.09 40.04 0.09
C SER D 125 68.18 39.18 -0.77
N ARG D 126 68.75 38.47 -1.74
CA ARG D 126 67.92 37.63 -2.60
C ARG D 126 67.21 36.57 -1.77
N ARG D 127 67.94 35.90 -0.87
CA ARG D 127 67.30 34.90 -0.04
C ARG D 127 66.19 35.52 0.80
N LEU D 128 66.45 36.70 1.36
CA LEU D 128 65.45 37.34 2.22
C LEU D 128 64.18 37.67 1.45
N SER D 129 64.32 38.24 0.25
CA SER D 129 63.13 38.57 -0.53
C SER D 129 62.34 37.32 -0.88
N GLU D 130 63.05 36.27 -1.33
CA GLU D 130 62.35 35.03 -1.67
C GLU D 130 61.62 34.48 -0.46
N TYR D 131 62.24 34.56 0.73
CA TYR D 131 61.58 34.07 1.94
C TYR D 131 60.35 34.91 2.26
N ALA D 132 60.48 36.23 2.20
CA ALA D 132 59.36 37.10 2.56
C ALA D 132 58.15 36.86 1.67
N GLU D 133 58.40 36.58 0.38
CA GLU D 133 57.28 36.35 -0.52
C GLU D 133 56.36 35.23 -0.05
N ARG D 134 56.87 34.28 0.72
CA ARG D 134 56.07 33.14 1.16
C ARG D 134 55.09 33.48 2.28
N HIS D 135 55.36 34.52 3.06
CA HIS D 135 54.65 34.73 4.32
C HIS D 135 53.64 35.86 4.29
N VAL D 136 53.91 36.95 3.58
CA VAL D 136 53.04 38.13 3.60
C VAL D 136 51.82 37.83 2.74
N THR D 137 50.66 37.72 3.37
CA THR D 137 49.43 37.41 2.64
C THR D 137 48.80 38.65 2.01
N ASN D 138 48.96 39.81 2.63
CA ASN D 138 48.38 41.02 2.08
C ASN D 138 49.11 41.37 0.79
N PRO D 139 48.43 41.46 -0.35
CA PRO D 139 49.15 41.68 -1.61
C PRO D 139 50.01 42.93 -1.60
N ILE D 140 49.44 44.08 -1.24
CA ILE D 140 50.19 45.32 -1.29
C ILE D 140 51.42 45.24 -0.39
N LEU D 141 51.27 44.64 0.80
CA LEU D 141 52.41 44.52 1.69
C LEU D 141 53.52 43.70 1.06
N ALA D 142 53.16 42.59 0.40
CA ALA D 142 54.17 41.77 -0.28
C ALA D 142 54.86 42.57 -1.37
N ALA D 143 54.09 43.33 -2.16
CA ALA D 143 54.68 44.11 -3.24
C ALA D 143 55.67 45.12 -2.69
N THR D 144 55.29 45.81 -1.61
CA THR D 144 56.19 46.80 -1.03
C THR D 144 57.43 46.14 -0.45
N VAL D 145 57.29 44.98 0.18
CA VAL D 145 58.47 44.27 0.68
C VAL D 145 59.43 44.00 -0.46
N VAL D 146 58.92 43.47 -1.57
CA VAL D 146 59.78 43.13 -2.70
C VAL D 146 60.46 44.38 -3.24
N ALA D 147 59.68 45.46 -3.38
CA ALA D 147 60.25 46.70 -3.94
C ALA D 147 61.35 47.25 -3.04
N LEU D 148 61.12 47.27 -1.73
CA LEU D 148 62.13 47.78 -0.81
C LEU D 148 63.40 46.95 -0.90
N ALA D 149 63.26 45.62 -0.90
CA ALA D 149 64.43 44.77 -0.99
C ALA D 149 65.21 45.07 -2.27
N GLU D 150 64.51 45.12 -3.40
CA GLU D 150 65.18 45.36 -4.67
C GLU D 150 65.92 46.69 -4.66
N VAL D 151 65.25 47.76 -4.23
CA VAL D 151 65.86 49.08 -4.26
C VAL D 151 67.09 49.10 -3.38
N LEU D 152 66.99 48.54 -2.16
CA LEU D 152 68.13 48.55 -1.26
C LEU D 152 69.31 47.82 -1.87
N SER D 153 69.06 46.64 -2.46
CA SER D 153 70.14 45.88 -3.07
C SER D 153 70.78 46.69 -4.20
N ALA D 154 69.96 47.35 -5.01
CA ALA D 154 70.49 48.13 -6.12
C ALA D 154 71.41 49.23 -5.61
N VAL D 155 70.98 49.96 -4.59
CA VAL D 155 71.81 51.04 -4.05
C VAL D 155 73.11 50.47 -3.50
N VAL D 156 73.03 49.36 -2.77
CA VAL D 156 74.23 48.76 -2.19
C VAL D 156 75.22 48.43 -3.27
N ARG D 157 74.76 47.78 -4.35
CA ARG D 157 75.66 47.46 -5.45
C ARG D 157 76.24 48.74 -6.05
N ALA D 158 75.38 49.73 -6.30
CA ALA D 158 75.82 50.92 -7.03
C ALA D 158 76.92 51.66 -6.29
N ARG D 159 76.85 51.70 -4.96
CA ARG D 159 77.86 52.48 -4.24
C ARG D 159 79.28 51.93 -4.46
N SER D 160 79.41 50.69 -4.92
CA SER D 160 80.75 50.12 -5.14
C SER D 160 81.53 50.89 -6.19
N TYR D 161 80.85 51.60 -7.09
CA TYR D 161 81.51 52.39 -8.12
C TYR D 161 81.82 53.81 -7.67
N GLY D 162 81.44 54.19 -6.45
CA GLY D 162 81.59 55.56 -6.01
C GLY D 162 80.53 56.50 -6.54
N ALA D 163 79.43 55.97 -7.05
CA ALA D 163 78.40 56.82 -7.63
C ALA D 163 77.72 57.66 -6.55
N PRO D 164 77.16 58.81 -6.90
CA PRO D 164 76.47 59.65 -5.92
C PRO D 164 75.35 58.88 -5.23
N GLU D 165 75.45 58.78 -3.91
CA GLU D 165 74.43 58.07 -3.12
C GLU D 165 73.13 58.86 -3.01
N GLU D 166 73.14 60.14 -3.35
CA GLU D 166 71.92 60.94 -3.29
C GLU D 166 70.85 60.40 -4.22
N VAL D 167 71.25 59.81 -5.34
CA VAL D 167 70.28 59.21 -6.24
C VAL D 167 69.59 58.04 -5.56
N GLY D 168 70.35 57.20 -4.87
CA GLY D 168 69.75 56.11 -4.13
C GLY D 168 68.84 56.61 -3.03
N GLU D 169 69.25 57.66 -2.33
CA GLU D 169 68.39 58.24 -1.31
C GLU D 169 67.08 58.74 -1.90
N LYS D 170 67.15 59.42 -3.04
CA LYS D 170 65.94 59.94 -3.68
C LYS D 170 65.02 58.80 -4.10
N ALA D 171 65.60 57.74 -4.66
CA ALA D 171 64.79 56.57 -5.03
C ALA D 171 64.16 55.94 -3.81
N VAL D 172 64.89 55.90 -2.69
CA VAL D 172 64.33 55.37 -1.45
C VAL D 172 63.14 56.23 -1.01
N LYS D 173 63.26 57.54 -1.10
CA LYS D 173 62.15 58.42 -0.75
C LYS D 173 60.95 58.14 -1.65
N GLU D 174 61.20 58.00 -2.95
CA GLU D 174 60.12 57.69 -3.88
C GLU D 174 59.47 56.37 -3.53
N VAL D 175 60.27 55.37 -3.12
CA VAL D 175 59.71 54.07 -2.75
C VAL D 175 58.85 54.20 -1.51
N ARG D 176 59.30 55.00 -0.54
CA ARG D 176 58.47 55.23 0.64
C ARG D 176 57.16 55.89 0.25
N GLU D 177 57.22 56.85 -0.67
CA GLU D 177 55.99 57.47 -1.17
C GLU D 177 55.10 56.42 -1.84
N ALA D 178 55.69 55.52 -2.61
CA ALA D 178 54.92 54.48 -3.28
C ALA D 178 54.23 53.58 -2.27
N SER D 179 54.95 53.18 -1.22
CA SER D 179 54.33 52.31 -0.21
C SER D 179 53.22 53.04 0.53
N GLU D 180 53.43 54.31 0.86
CA GLU D 180 52.38 55.08 1.51
C GLU D 180 51.16 55.17 0.61
N GLU D 181 51.38 55.43 -0.69
CA GLU D 181 50.26 55.52 -1.62
C GLU D 181 49.53 54.19 -1.72
N ALA D 182 50.27 53.08 -1.75
CA ALA D 182 49.64 51.76 -1.83
C ALA D 182 48.78 51.50 -0.60
N LEU D 183 49.33 51.77 0.59
CA LEU D 183 48.54 51.57 1.80
C LEU D 183 47.31 52.47 1.80
N GLU D 184 47.46 53.72 1.32
CA GLU D 184 46.31 54.63 1.29
C GLU D 184 45.24 54.12 0.33
N ARG D 185 45.64 53.68 -0.86
CA ARG D 185 44.67 53.17 -1.82
C ARG D 185 43.97 51.93 -1.29
N TYR D 186 44.73 51.04 -0.64
CA TYR D 186 44.12 49.85 -0.06
C TYR D 186 43.13 50.22 1.04
N LYS D 187 43.48 51.22 1.86
CA LYS D 187 42.52 51.72 2.85
C LYS D 187 41.32 52.36 2.19
N LYS D 188 41.52 53.03 1.06
CA LYS D 188 40.43 53.69 0.34
C LYS D 188 39.56 52.71 -0.43
N GLY D 189 39.89 51.43 -0.45
CA GLY D 189 39.11 50.45 -1.18
C GLY D 189 39.31 50.46 -2.67
N GLU D 190 40.43 51.00 -3.15
CA GLU D 190 40.70 51.04 -4.57
C GLU D 190 41.04 49.65 -5.10
N ASP D 191 41.00 49.51 -6.42
CA ASP D 191 41.35 48.24 -7.06
C ASP D 191 42.80 47.88 -6.76
N VAL D 192 43.02 46.68 -6.24
CA VAL D 192 44.35 46.28 -5.79
C VAL D 192 45.32 46.27 -6.96
N SER D 193 44.87 45.76 -8.11
CA SER D 193 45.79 45.58 -9.23
C SER D 193 46.38 46.91 -9.67
N GLU D 194 45.57 47.96 -9.68
CA GLU D 194 46.08 49.27 -10.11
C GLU D 194 47.19 49.75 -9.19
N LEU D 195 46.98 49.63 -7.88
CA LEU D 195 48.00 50.05 -6.93
C LEU D 195 49.27 49.23 -7.10
N VAL D 196 49.12 47.91 -7.29
CA VAL D 196 50.30 47.06 -7.47
C VAL D 196 51.08 47.51 -8.70
N ALA D 197 50.37 47.74 -9.81
CA ALA D 197 51.03 48.17 -11.03
C ALA D 197 51.73 49.51 -10.86
N GLU D 198 51.07 50.44 -10.17
CA GLU D 198 51.69 51.74 -9.94
C GLU D 198 52.98 51.60 -9.14
N LEU D 199 52.94 50.80 -8.08
CA LEU D 199 54.14 50.57 -7.27
C LEU D 199 55.25 49.97 -8.12
N ILE D 200 54.92 48.95 -8.92
CA ILE D 200 55.93 48.29 -9.73
C ILE D 200 56.54 49.27 -10.73
N ARG D 201 55.70 50.11 -11.35
CA ARG D 201 56.21 51.07 -12.32
C ARG D 201 57.11 52.10 -11.65
N GLU D 202 56.73 52.56 -10.45
CA GLU D 202 57.59 53.49 -9.72
C GLU D 202 58.92 52.83 -9.42
N THR D 203 58.90 51.58 -8.97
CA THR D 203 60.15 50.87 -8.71
C THR D 203 60.99 50.77 -9.97
N SER D 204 60.35 50.46 -11.10
CA SER D 204 61.07 50.35 -12.36
C SER D 204 61.78 51.65 -12.69
N ARG D 205 61.04 52.75 -12.69
CA ARG D 205 61.64 54.05 -13.00
C ARG D 205 62.75 54.38 -12.00
N GLN D 206 62.55 54.08 -10.72
CA GLN D 206 63.55 54.40 -9.72
C GLN D 206 64.85 53.65 -9.99
N ILE D 207 64.76 52.33 -10.18
CA ILE D 207 65.98 51.56 -10.41
C ILE D 207 66.62 51.97 -11.72
N ALA D 208 65.81 52.28 -12.73
CA ALA D 208 66.37 52.73 -14.01
C ALA D 208 67.18 54.00 -13.82
N GLU D 209 66.61 54.98 -13.11
CA GLU D 209 67.32 56.23 -12.89
C GLU D 209 68.61 55.99 -12.10
N ILE D 210 68.54 55.19 -11.05
CA ILE D 210 69.73 54.94 -10.23
C ILE D 210 70.82 54.30 -11.07
N ALA D 211 70.45 53.27 -11.85
CA ALA D 211 71.43 52.57 -12.66
C ALA D 211 72.01 53.47 -13.73
N GLU D 212 71.18 54.33 -14.35
CA GLU D 212 71.67 55.24 -15.36
C GLU D 212 72.68 56.21 -14.76
N ALA D 213 72.36 56.77 -13.58
CA ALA D 213 73.32 57.64 -12.92
C ALA D 213 74.61 56.89 -12.63
N THR D 214 74.50 55.64 -12.17
CA THR D 214 75.69 54.85 -11.89
C THR D 214 76.54 54.67 -13.15
N ILE D 215 75.89 54.35 -14.27
CA ILE D 215 76.62 54.17 -15.53
C ILE D 215 77.30 55.47 -15.93
N LYS D 216 76.63 56.60 -15.74
CA LYS D 216 77.25 57.88 -16.04
C LYS D 216 78.47 58.11 -15.17
N ALA D 217 78.38 57.80 -13.87
CA ALA D 217 79.51 57.98 -12.98
C ALA D 217 80.66 57.02 -13.27
N THR D 218 80.38 55.90 -13.93
CA THR D 218 81.43 54.94 -14.22
C THR D 218 82.39 55.48 -15.28
N ASP D 219 83.60 54.90 -15.31
CA ASP D 219 84.59 55.31 -16.30
C ASP D 219 85.37 54.15 -16.90
N ASP D 220 84.88 52.91 -16.79
CA ASP D 220 85.62 51.75 -17.27
C ASP D 220 84.72 50.83 -18.09
N PRO D 221 85.20 50.31 -19.23
CA PRO D 221 84.34 49.42 -20.03
C PRO D 221 83.85 48.20 -19.28
N GLU D 222 84.72 47.51 -18.56
CA GLU D 222 84.31 46.29 -17.88
C GLU D 222 83.27 46.59 -16.80
N VAL D 223 83.45 47.70 -16.10
CA VAL D 223 82.43 48.13 -15.13
C VAL D 223 81.11 48.38 -15.84
N LEU D 224 81.16 48.97 -17.03
CA LEU D 224 79.93 49.18 -17.79
C LEU D 224 79.25 47.86 -18.11
N GLU D 225 80.04 46.86 -18.55
CA GLU D 225 79.46 45.56 -18.87
C GLU D 225 78.83 44.92 -17.63
N GLU D 226 79.52 45.00 -16.50
CA GLU D 226 78.99 44.44 -15.27
C GLU D 226 77.69 45.15 -14.88
N ILE D 227 77.65 46.47 -15.01
CA ILE D 227 76.45 47.22 -14.68
C ILE D 227 75.31 46.80 -15.61
N SER D 228 75.62 46.58 -16.89
CA SER D 228 74.60 46.12 -17.82
C SER D 228 74.04 44.78 -17.39
N GLU D 229 74.92 43.85 -17.00
CA GLU D 229 74.46 42.54 -16.54
C GLU D 229 73.56 42.69 -15.31
N PHE D 230 73.97 43.52 -14.35
CA PHE D 230 73.16 43.72 -13.15
C PHE D 230 71.81 44.32 -13.50
N ALA D 231 71.78 45.29 -14.40
CA ALA D 231 70.51 45.89 -14.81
C ALA D 231 69.62 44.84 -15.47
N GLU D 232 70.20 43.98 -16.30
CA GLU D 232 69.42 42.92 -16.92
C GLU D 232 68.81 42.02 -15.86
N GLU D 233 69.62 41.63 -14.87
CA GLU D 233 69.11 40.76 -13.82
C GLU D 233 67.96 41.43 -13.07
N ARG D 234 68.14 42.70 -12.70
CA ARG D 234 67.08 43.41 -11.96
C ARG D 234 65.81 43.51 -12.79
N SER D 235 65.94 43.84 -14.07
CA SER D 235 64.76 43.90 -14.93
C SER D 235 64.09 42.55 -15.00
N ARG D 236 64.87 41.47 -15.11
CA ARG D 236 64.29 40.13 -15.15
C ARG D 236 63.50 39.84 -13.89
N ARG D 237 64.05 40.19 -12.72
CA ARG D 237 63.34 39.97 -11.48
C ARG D 237 62.04 40.74 -11.45
N LEU D 238 62.08 42.02 -11.82
CA LEU D 238 60.87 42.84 -11.80
C LEU D 238 59.81 42.29 -12.74
N SER D 239 60.23 41.92 -13.95
CA SER D 239 59.30 41.36 -14.92
C SER D 239 58.71 40.05 -14.41
N GLU D 240 59.54 39.21 -13.79
CA GLU D 240 59.04 37.95 -13.26
C GLU D 240 58.00 38.20 -12.18
N TYR D 241 58.25 39.15 -11.28
CA TYR D 241 57.26 39.44 -10.24
C TYR D 241 55.95 39.89 -10.86
N ALA D 242 56.02 40.82 -11.82
CA ALA D 242 54.80 41.25 -12.50
C ALA D 242 54.13 40.09 -13.22
N GLU D 243 54.93 39.12 -13.68
CA GLU D 243 54.40 38.03 -14.50
C GLU D 243 53.51 37.08 -13.71
N ARG D 244 53.49 37.19 -12.40
CA ARG D 244 52.63 36.37 -11.56
C ARG D 244 51.67 37.17 -10.72
N HIS D 245 52.10 38.32 -10.20
CA HIS D 245 51.34 39.00 -9.17
C HIS D 245 50.46 40.13 -9.70
N VAL D 246 50.30 40.26 -11.01
CA VAL D 246 49.38 41.23 -11.61
C VAL D 246 48.26 40.46 -12.28
N THR D 247 47.02 40.81 -11.97
CA THR D 247 45.86 40.12 -12.52
C THR D 247 45.36 40.74 -13.81
N ASN D 248 45.46 42.05 -13.98
CA ASN D 248 44.94 42.71 -15.16
C ASN D 248 45.90 42.50 -16.32
N PRO D 249 45.49 41.82 -17.40
CA PRO D 249 46.45 41.55 -18.49
C PRO D 249 47.09 42.81 -19.04
N ILE D 250 46.31 43.87 -19.24
CA ILE D 250 46.87 45.10 -19.78
C ILE D 250 47.87 45.69 -18.79
N LEU D 251 47.57 45.62 -17.50
CA LEU D 251 48.51 46.11 -16.50
C LEU D 251 49.83 45.34 -16.57
N ALA D 252 49.74 44.02 -16.70
CA ALA D 252 50.96 43.22 -16.82
C ALA D 252 51.74 43.58 -18.07
N ALA D 253 51.03 43.73 -19.19
CA ALA D 253 51.69 44.09 -20.44
C ALA D 253 52.42 45.41 -20.30
N THR D 254 51.76 46.42 -19.75
CA THR D 254 52.40 47.71 -19.56
C THR D 254 53.58 47.59 -18.60
N VAL D 255 53.44 46.80 -17.53
CA VAL D 255 54.53 46.67 -16.57
C VAL D 255 55.77 46.09 -17.25
N VAL D 256 55.60 44.98 -17.97
CA VAL D 256 56.74 44.35 -18.62
C VAL D 256 57.27 45.25 -19.73
N ALA D 257 56.38 45.98 -20.41
CA ALA D 257 56.83 46.89 -21.44
C ALA D 257 57.70 48.00 -20.85
N LEU D 258 57.30 48.54 -19.70
CA LEU D 258 58.13 49.54 -19.04
C LEU D 258 59.47 48.94 -18.65
N ALA D 259 59.44 47.75 -18.05
CA ALA D 259 60.68 47.11 -17.64
C ALA D 259 61.61 46.92 -18.83
N GLU D 260 61.10 46.35 -19.91
CA GLU D 260 61.94 46.08 -21.08
C GLU D 260 62.41 47.37 -21.73
N VAL D 261 61.55 48.39 -21.83
CA VAL D 261 61.97 49.64 -22.44
C VAL D 261 63.11 50.26 -21.65
N LEU D 262 62.95 50.33 -20.33
CA LEU D 262 64.00 50.92 -19.50
C LEU D 262 65.26 50.07 -19.55
N SER D 263 65.12 48.74 -19.62
CA SER D 263 66.28 47.87 -19.74
C SER D 263 67.02 48.12 -21.04
N ALA D 264 66.28 48.28 -22.14
CA ALA D 264 66.92 48.63 -23.39
C ALA D 264 67.61 49.98 -23.30
N VAL D 265 66.97 50.95 -22.64
CA VAL D 265 67.61 52.24 -22.43
C VAL D 265 68.94 52.06 -21.73
N VAL D 266 68.95 51.27 -20.66
CA VAL D 266 70.19 51.04 -19.91
C VAL D 266 71.24 50.40 -20.82
N ARG D 267 70.84 49.37 -21.55
CA ARG D 267 71.78 48.70 -22.45
C ARG D 267 72.34 49.66 -23.48
N ALA D 268 71.54 50.64 -23.89
CA ALA D 268 71.99 51.59 -24.91
C ALA D 268 73.18 52.41 -24.45
N ARG D 269 73.40 52.53 -23.14
CA ARG D 269 74.54 53.30 -22.64
C ARG D 269 75.86 52.60 -22.89
N SER D 270 75.85 51.39 -23.44
CA SER D 270 77.07 50.61 -23.60
C SER D 270 78.16 51.40 -24.30
N TYR D 271 77.78 52.22 -25.30
CA TYR D 271 78.79 52.88 -26.14
C TYR D 271 78.45 54.32 -26.46
N GLY D 272 77.73 55.02 -25.59
CA GLY D 272 77.52 56.44 -25.77
C GLY D 272 76.51 56.83 -26.81
N ALA D 273 75.58 55.94 -27.15
CA ALA D 273 74.59 56.26 -28.16
C ALA D 273 73.74 57.44 -27.70
N PRO D 274 73.15 58.20 -28.63
CA PRO D 274 72.48 59.45 -28.24
C PRO D 274 71.24 59.19 -27.39
N GLU D 275 70.96 60.12 -26.48
CA GLU D 275 69.88 59.95 -25.51
C GLU D 275 68.51 60.15 -26.14
N GLU D 276 68.43 60.94 -27.21
CA GLU D 276 67.14 61.31 -27.79
C GLU D 276 66.35 60.08 -28.21
N VAL D 277 67.04 59.04 -28.68
CA VAL D 277 66.33 57.80 -29.04
C VAL D 277 65.70 57.17 -27.81
N GLY D 278 66.43 57.14 -26.69
CA GLY D 278 65.85 56.63 -25.47
C GLY D 278 64.65 57.43 -25.03
N GLU D 279 64.75 58.76 -25.12
CA GLU D 279 63.60 59.60 -24.77
C GLU D 279 62.42 59.27 -25.65
N LYS D 280 62.65 59.11 -26.96
CA LYS D 280 61.57 58.79 -27.88
C LYS D 280 60.92 57.46 -27.52
N ALA D 281 61.74 56.44 -27.24
CA ALA D 281 61.19 55.13 -26.89
C ALA D 281 60.38 55.22 -25.60
N VAL D 282 60.88 55.93 -24.60
CA VAL D 282 60.17 56.03 -23.34
C VAL D 282 58.83 56.73 -23.54
N LYS D 283 58.85 57.84 -24.28
CA LYS D 283 57.61 58.56 -24.55
C LYS D 283 56.64 57.69 -25.33
N GLU D 284 57.14 56.94 -26.31
CA GLU D 284 56.26 56.07 -27.09
C GLU D 284 55.62 55.03 -26.20
N VAL D 285 56.42 54.39 -25.34
CA VAL D 285 55.86 53.37 -24.46
C VAL D 285 54.81 53.98 -23.55
N ARG D 286 55.10 55.14 -22.95
CA ARG D 286 54.17 55.74 -22.02
C ARG D 286 52.87 56.17 -22.72
N GLU D 287 52.99 56.81 -23.88
CA GLU D 287 51.80 57.24 -24.60
C GLU D 287 50.96 56.05 -25.03
N ALA D 288 51.62 54.99 -25.54
CA ALA D 288 50.89 53.80 -25.93
C ALA D 288 50.20 53.18 -24.73
N SER D 289 50.87 53.16 -23.56
CA SER D 289 50.23 52.64 -22.36
C SER D 289 49.00 53.45 -22.00
N GLU D 290 49.10 54.79 -22.08
CA GLU D 290 47.95 55.62 -21.78
C GLU D 290 46.80 55.34 -22.75
N GLU D 291 47.12 55.19 -24.03
CA GLU D 291 46.09 54.90 -25.02
C GLU D 291 45.44 53.55 -24.75
N ALA D 292 46.24 52.55 -24.40
CA ALA D 292 45.70 51.23 -24.12
C ALA D 292 44.81 51.26 -22.88
N LEU D 293 45.23 51.99 -21.85
CA LEU D 293 44.38 52.11 -20.67
C LEU D 293 43.07 52.81 -21.02
N GLU D 294 43.14 53.85 -21.85
CA GLU D 294 41.92 54.53 -22.28
C GLU D 294 41.00 53.58 -23.03
N ARG D 295 41.55 52.80 -23.95
CA ARG D 295 40.74 51.84 -24.69
C ARG D 295 40.12 50.80 -23.75
N TYR D 296 40.89 50.34 -22.77
CA TYR D 296 40.35 49.39 -21.79
C TYR D 296 39.20 50.02 -21.03
N LYS D 297 39.34 51.28 -20.63
CA LYS D 297 38.22 52.00 -20.04
C LYS D 297 37.05 52.08 -21.02
N GLU D 298 37.35 52.22 -22.31
CA GLU D 298 36.32 52.26 -23.34
C GLU D 298 35.72 50.89 -23.63
N GLY D 299 36.17 49.84 -22.95
CA GLY D 299 35.64 48.51 -23.17
C GLY D 299 36.29 47.74 -24.30
N ALA D 300 37.42 48.21 -24.83
CA ALA D 300 38.10 47.48 -25.90
C ALA D 300 38.78 46.23 -25.34
N ASP D 301 39.15 45.32 -26.24
CA ASP D 301 39.80 44.08 -25.85
C ASP D 301 41.18 44.38 -25.27
N GLU D 302 41.39 43.96 -24.02
CA GLU D 302 42.72 44.08 -23.41
C GLU D 302 43.75 43.25 -24.16
N SER D 303 43.33 42.17 -24.82
CA SER D 303 44.28 41.36 -25.58
C SER D 303 44.87 42.14 -26.74
N GLU D 304 44.01 42.79 -27.53
CA GLU D 304 44.50 43.59 -28.65
C GLU D 304 45.39 44.71 -28.18
N LEU D 305 45.02 45.36 -27.07
CA LEU D 305 45.84 46.44 -26.54
C LEU D 305 47.21 45.92 -26.12
N VAL D 306 47.23 44.76 -25.44
CA VAL D 306 48.49 44.18 -25.02
C VAL D 306 49.36 43.86 -26.23
N ALA D 307 48.75 43.28 -27.26
CA ALA D 307 49.51 42.96 -28.46
C ALA D 307 50.09 44.20 -29.10
N GLU D 308 49.30 45.27 -29.19
CA GLU D 308 49.81 46.51 -29.76
C GLU D 308 50.98 47.05 -28.93
N VAL D 309 50.82 47.03 -27.61
CA VAL D 309 51.87 47.54 -26.74
C VAL D 309 53.15 46.75 -26.93
N MET D 310 53.04 45.42 -26.97
CA MET D 310 54.23 44.60 -27.17
C MET D 310 54.84 44.84 -28.53
N THR D 311 54.02 45.06 -29.55
CA THR D 311 54.55 45.39 -30.87
C THR D 311 55.40 46.64 -30.81
N ALA D 312 54.87 47.70 -30.18
CA ALA D 312 55.63 48.92 -30.04
C ALA D 312 56.91 48.71 -29.24
N THR D 313 56.82 47.88 -28.18
CA THR D 313 58.00 47.62 -27.36
C THR D 313 59.10 46.95 -28.19
N ALA D 314 58.74 45.93 -28.96
CA ALA D 314 59.71 45.26 -29.82
C ALA D 314 60.30 46.24 -30.81
N GLU D 315 59.46 47.06 -31.44
CA GLU D 315 59.95 48.05 -32.38
C GLU D 315 60.96 48.99 -31.72
N ALA D 316 60.65 49.45 -30.51
CA ALA D 316 61.54 50.36 -29.81
C ALA D 316 62.86 49.69 -29.48
N VAL D 317 62.81 48.44 -29.00
CA VAL D 317 64.05 47.74 -28.70
C VAL D 317 64.90 47.61 -29.95
N GLY D 318 64.29 47.24 -31.07
CA GLY D 318 65.03 47.14 -32.31
C GLY D 318 65.63 48.47 -32.73
N GLU D 319 64.86 49.54 -32.62
CA GLU D 319 65.35 50.85 -33.03
C GLU D 319 66.55 51.27 -32.18
N ILE D 320 66.45 51.07 -30.87
CA ILE D 320 67.55 51.44 -29.98
C ILE D 320 68.79 50.62 -30.32
N ALA D 321 68.62 49.32 -30.53
CA ALA D 321 69.76 48.48 -30.86
C ALA D 321 70.38 48.92 -32.18
N GLU D 322 69.54 49.28 -33.16
CA GLU D 322 70.06 49.73 -34.45
C GLU D 322 70.87 51.00 -34.28
N ALA D 323 70.34 51.95 -33.50
CA ALA D 323 71.09 53.17 -33.25
C ALA D 323 72.43 52.87 -32.59
N THR D 324 72.43 51.97 -31.60
CA THR D 324 73.69 51.60 -30.96
C THR D 324 74.66 51.00 -31.98
N ILE D 325 74.17 50.15 -32.86
CA ILE D 325 75.04 49.54 -33.87
C ILE D 325 75.61 50.62 -34.79
N GLU D 326 74.80 51.62 -35.12
CA GLU D 326 75.27 52.71 -35.98
C GLU D 326 76.33 53.55 -35.29
N ALA D 327 76.24 53.71 -33.98
CA ALA D 327 77.11 54.60 -33.22
C ALA D 327 78.54 54.08 -33.08
N THR D 328 78.96 52.99 -33.71
CA THR D 328 80.31 52.50 -33.53
C THR D 328 80.79 51.85 -34.83
N ASP D 329 82.10 51.83 -35.01
CA ASP D 329 82.72 51.25 -36.20
C ASP D 329 83.35 49.88 -35.95
N ASP D 330 83.46 49.44 -34.70
CA ASP D 330 84.17 48.21 -34.39
C ASP D 330 83.37 47.00 -34.84
N PRO D 331 83.91 46.12 -35.69
CA PRO D 331 83.15 44.93 -36.09
C PRO D 331 82.72 44.06 -34.93
N GLU D 332 83.66 43.70 -34.04
CA GLU D 332 83.31 42.84 -32.91
C GLU D 332 82.27 43.51 -32.03
N LYS D 333 82.35 44.83 -31.88
CA LYS D 333 81.33 45.54 -31.11
C LYS D 333 79.97 45.36 -31.75
N ARG D 334 79.89 45.49 -33.07
CA ARG D 334 78.61 45.32 -33.76
C ARG D 334 78.09 43.90 -33.59
N ARG D 335 78.98 42.90 -33.67
CA ARG D 335 78.54 41.52 -33.46
C ARG D 335 77.97 41.34 -32.06
N LYS D 336 78.66 41.87 -31.04
CA LYS D 336 78.17 41.73 -29.68
C LYS D 336 76.83 42.45 -29.51
N ILE D 337 76.70 43.65 -30.06
CA ILE D 337 75.45 44.39 -29.98
C ILE D 337 74.34 43.58 -30.63
N ALA D 338 74.63 42.96 -31.77
CA ALA D 338 73.63 42.16 -32.45
C ALA D 338 73.27 40.91 -31.65
N GLU D 339 74.23 40.34 -30.93
CA GLU D 339 73.90 39.22 -30.06
C GLU D 339 72.94 39.65 -28.97
N PHE D 340 73.18 40.83 -28.38
CA PHE D 340 72.25 41.37 -27.40
C PHE D 340 70.88 41.62 -28.04
N ALA D 341 70.87 42.12 -29.27
CA ALA D 341 69.61 42.35 -29.97
C ALA D 341 68.87 41.04 -30.19
N ARG D 342 69.60 39.98 -30.52
CA ARG D 342 68.98 38.66 -30.67
C ARG D 342 68.36 38.21 -29.35
N GLU D 343 69.08 38.43 -28.25
CA GLU D 343 68.52 38.12 -26.94
C GLU D 343 67.22 38.88 -26.71
N LYS D 344 67.19 40.16 -27.09
CA LYS D 344 65.97 40.94 -26.92
C LYS D 344 64.83 40.38 -27.77
N MET D 345 65.12 40.06 -29.03
CA MET D 345 64.09 39.51 -29.91
C MET D 345 63.55 38.21 -29.36
N ARG D 346 64.42 37.39 -28.79
CA ARG D 346 63.98 36.17 -28.11
C ARG D 346 63.05 36.50 -26.96
N ARG D 347 63.48 37.37 -26.05
CA ARG D 347 62.75 37.57 -24.80
C ARG D 347 61.38 38.18 -25.05
N ILE D 348 61.32 39.22 -25.89
CA ILE D 348 60.07 39.97 -26.01
C ILE D 348 58.97 39.08 -26.58
N ARG D 349 59.26 38.34 -27.64
CA ARG D 349 58.22 37.48 -28.19
C ARG D 349 57.94 36.32 -27.26
N GLU D 350 58.95 35.84 -26.52
CA GLU D 350 58.69 34.79 -25.55
C GLU D 350 57.63 35.24 -24.54
N LEU D 351 57.77 36.46 -24.03
CA LEU D 351 56.77 36.97 -23.08
C LEU D 351 55.43 37.22 -23.76
N ALA D 352 55.44 37.81 -24.96
CA ALA D 352 54.20 38.13 -25.65
C ALA D 352 53.36 36.89 -25.87
N ARG D 353 53.99 35.78 -26.26
CA ARG D 353 53.22 34.57 -26.51
C ARG D 353 52.46 34.14 -25.26
N LYS D 354 53.04 34.35 -24.08
CA LYS D 354 52.36 33.99 -22.84
C LYS D 354 51.22 34.96 -22.55
N LEU D 355 51.46 36.27 -22.70
CA LEU D 355 50.41 37.23 -22.32
C LEU D 355 49.27 37.28 -23.34
N VAL D 356 49.59 37.27 -24.64
CA VAL D 356 48.58 37.55 -25.66
C VAL D 356 47.65 36.34 -25.79
N GLU D 357 46.34 36.60 -25.76
CA GLU D 357 45.35 35.53 -25.90
C GLU D 357 44.98 35.26 -27.36
N ASP D 358 45.06 36.27 -28.23
CA ASP D 358 44.63 36.10 -29.62
C ASP D 358 45.66 35.29 -30.40
N PRO D 359 45.28 34.16 -31.00
CA PRO D 359 46.27 33.42 -31.81
C PRO D 359 46.85 34.23 -32.94
N VAL D 360 46.01 34.97 -33.67
CA VAL D 360 46.47 35.70 -34.84
C VAL D 360 47.44 36.79 -34.43
N LEU D 361 47.08 37.58 -33.42
CA LEU D 361 47.96 38.63 -32.95
C LEU D 361 49.28 38.06 -32.45
N ALA D 362 49.21 36.91 -31.76
CA ALA D 362 50.44 36.27 -31.28
C ALA D 362 51.35 35.93 -32.44
N ALA D 363 50.81 35.27 -33.46
CA ALA D 363 51.61 34.94 -34.63
C ALA D 363 52.21 36.19 -35.26
N ALA D 364 51.41 37.26 -35.36
CA ALA D 364 51.90 38.48 -35.98
C ALA D 364 53.07 39.06 -35.19
N VAL D 365 52.94 39.11 -33.87
CA VAL D 365 54.01 39.65 -33.03
C VAL D 365 55.27 38.81 -33.21
N ALA D 366 55.13 37.50 -33.19
CA ALA D 366 56.30 36.63 -33.36
C ALA D 366 56.97 36.89 -34.71
N ALA D 367 56.17 36.99 -35.77
CA ALA D 367 56.73 37.21 -37.09
C ALA D 367 57.51 38.52 -37.14
N ARG D 368 56.92 39.60 -36.63
CA ARG D 368 57.60 40.88 -36.69
C ARG D 368 58.88 40.87 -35.85
N ALA D 369 58.85 40.20 -34.69
CA ALA D 369 60.05 40.11 -33.88
C ALA D 369 61.16 39.38 -34.64
N LEU D 370 60.82 38.28 -35.30
CA LEU D 370 61.83 37.57 -36.10
C LEU D 370 62.38 38.46 -37.20
N VAL D 371 61.49 39.20 -37.88
CA VAL D 371 61.94 40.08 -38.95
C VAL D 371 62.95 41.08 -38.41
N LEU D 372 62.62 41.72 -37.28
CA LEU D 372 63.53 42.72 -36.72
C LEU D 372 64.87 42.10 -36.32
N SER D 373 64.85 40.91 -35.72
CA SER D 373 66.09 40.27 -35.35
C SER D 373 66.97 40.02 -36.57
N ALA D 374 66.36 39.51 -37.64
CA ALA D 374 67.11 39.29 -38.86
C ALA D 374 67.66 40.61 -39.39
N ALA D 375 66.87 41.67 -39.32
CA ALA D 375 67.33 42.97 -39.79
C ALA D 375 68.54 43.46 -38.99
N VAL D 376 68.51 43.24 -37.68
CA VAL D 376 69.64 43.64 -36.84
C VAL D 376 70.89 42.89 -37.27
N PHE D 377 70.77 41.57 -37.45
CA PHE D 377 71.92 40.81 -37.94
C PHE D 377 72.40 41.36 -39.27
N ALA D 378 71.49 41.65 -40.18
CA ALA D 378 71.89 42.16 -41.49
C ALA D 378 72.66 43.46 -41.36
N LYS D 379 72.19 44.36 -40.51
CA LYS D 379 72.90 45.61 -40.29
C LYS D 379 74.30 45.36 -39.76
N ALA D 380 74.44 44.40 -38.86
CA ALA D 380 75.73 44.20 -38.22
C ALA D 380 76.84 43.97 -39.23
N TYR D 381 76.56 43.25 -40.31
CA TYR D 381 77.56 43.00 -41.34
C TYR D 381 77.61 44.08 -42.42
N GLY D 382 76.73 45.07 -42.36
CA GLY D 382 76.85 46.22 -43.24
C GLY D 382 76.26 46.08 -44.62
N GLY D 383 75.30 45.19 -44.82
CA GLY D 383 74.63 45.07 -46.09
C GLY D 383 73.77 46.28 -46.38
N PRO D 384 73.52 46.57 -47.66
CA PRO D 384 72.68 47.72 -48.00
C PRO D 384 71.33 47.68 -47.31
N GLU D 385 70.97 48.77 -46.62
CA GLU D 385 69.77 48.78 -45.79
C GLU D 385 68.48 48.74 -46.59
N GLU D 386 68.50 49.10 -47.87
CA GLU D 386 67.26 49.15 -48.64
C GLU D 386 66.62 47.77 -48.73
N TYR D 387 67.44 46.74 -48.93
CA TYR D 387 66.94 45.38 -48.99
C TYR D 387 66.22 44.99 -47.70
N SER D 388 66.87 45.23 -46.56
CA SER D 388 66.26 44.92 -45.29
C SER D 388 64.98 45.70 -45.10
N ARG D 389 64.97 46.97 -45.49
CA ARG D 389 63.76 47.77 -45.37
C ARG D 389 62.63 47.16 -46.19
N LEU D 390 62.93 46.72 -47.41
CA LEU D 390 61.91 46.11 -48.25
C LEU D 390 61.35 44.85 -47.61
N MET D 391 62.22 44.01 -47.04
CA MET D 391 61.72 42.82 -46.35
C MET D 391 60.85 43.19 -45.16
N ARG D 392 61.25 44.19 -44.39
CA ARG D 392 60.44 44.63 -43.28
C ARG D 392 59.08 45.11 -43.77
N ARG D 393 59.07 45.83 -44.88
CA ARG D 393 57.81 46.28 -45.46
C ARG D 393 56.92 45.11 -45.80
N TRP D 394 57.48 44.07 -46.42
CA TRP D 394 56.67 42.89 -46.75
C TRP D 394 56.09 42.25 -45.49
N VAL D 395 56.91 42.07 -44.46
CA VAL D 395 56.40 41.46 -43.24
C VAL D 395 55.27 42.30 -42.65
N GLU D 396 55.46 43.62 -42.62
CA GLU D 396 54.43 44.50 -42.09
C GLU D 396 53.15 44.41 -42.90
N LYS D 397 53.28 44.35 -44.22
CA LYS D 397 52.09 44.24 -45.07
C LYS D 397 51.35 42.95 -44.76
N ALA D 398 52.09 41.85 -44.58
CA ALA D 398 51.43 40.60 -44.22
C ALA D 398 50.68 40.72 -42.90
N ALA D 399 51.31 41.37 -41.92
CA ALA D 399 50.63 41.57 -40.64
C ALA D 399 49.37 42.42 -40.81
N GLU D 400 49.45 43.46 -41.64
CA GLU D 400 48.29 44.31 -41.87
C GLU D 400 47.16 43.50 -42.49
N LEU D 401 47.46 42.68 -43.49
CA LEU D 401 46.44 41.83 -44.08
C LEU D 401 45.86 40.88 -43.04
N ALA D 402 46.71 40.34 -42.16
CA ALA D 402 46.22 39.42 -41.15
C ALA D 402 45.23 40.10 -40.21
N ARG D 403 45.57 41.30 -39.75
CA ARG D 403 44.63 42.03 -38.89
C ARG D 403 43.34 42.35 -39.64
N ARG D 404 43.46 42.77 -40.90
CA ARG D 404 42.27 43.06 -41.69
C ARG D 404 41.35 41.84 -41.76
N ALA D 405 41.93 40.67 -42.03
CA ALA D 405 41.11 39.47 -42.11
C ALA D 405 40.56 39.08 -40.75
N ARG D 406 41.33 39.27 -39.68
CA ARG D 406 40.82 38.95 -38.35
C ARG D 406 39.60 39.79 -38.03
N ARG D 407 39.65 41.08 -38.35
CA ARG D 407 38.46 41.92 -38.21
C ARG D 407 37.32 41.41 -39.09
N LEU D 408 37.65 40.87 -40.26
CA LEU D 408 36.63 40.31 -41.15
C LEU D 408 36.02 39.02 -40.60
N GLY D 409 36.61 38.42 -39.57
CA GLY D 409 36.04 37.22 -39.00
C GLY D 409 36.43 35.92 -39.69
N ALA D 410 37.59 35.89 -40.35
CA ALA D 410 38.02 34.69 -41.06
C ALA D 410 38.48 33.60 -40.08
N ASP D 411 38.60 32.39 -40.61
CA ASP D 411 39.12 31.27 -39.83
C ASP D 411 40.58 31.53 -39.47
N GLU D 412 40.91 31.37 -38.19
CA GLU D 412 42.25 31.69 -37.72
C GLU D 412 43.32 30.77 -38.29
N SER D 413 42.96 29.54 -38.68
CA SER D 413 43.96 28.59 -39.14
C SER D 413 44.67 29.09 -40.40
N VAL D 414 43.89 29.55 -41.38
CA VAL D 414 44.48 29.99 -42.64
C VAL D 414 45.35 31.22 -42.41
N LEU D 415 44.91 32.14 -41.55
CA LEU D 415 45.71 33.33 -41.28
C LEU D 415 47.01 32.96 -40.57
N VAL D 416 46.95 32.03 -39.62
CA VAL D 416 48.17 31.61 -38.94
C VAL D 416 49.14 31.00 -39.95
N ALA D 417 48.63 30.17 -40.85
CA ALA D 417 49.47 29.60 -41.88
C ALA D 417 50.09 30.71 -42.73
N ALA D 418 49.29 31.69 -43.13
CA ALA D 418 49.81 32.77 -43.94
C ALA D 418 50.94 33.50 -43.24
N LEU D 419 50.71 33.89 -41.98
CA LEU D 419 51.71 34.67 -41.26
C LEU D 419 53.01 33.87 -41.11
N MET D 420 52.90 32.61 -40.72
CA MET D 420 54.13 31.83 -40.50
C MET D 420 54.86 31.58 -41.82
N ARG D 421 54.14 31.31 -42.90
CA ARG D 421 54.78 31.12 -44.19
C ARG D 421 55.55 32.36 -44.59
N VAL D 422 54.93 33.54 -44.45
CA VAL D 422 55.63 34.78 -44.78
C VAL D 422 56.87 34.91 -43.92
N ALA D 423 56.75 34.62 -42.62
CA ALA D 423 57.90 34.75 -41.74
C ALA D 423 59.04 33.84 -42.18
N ALA D 424 58.72 32.60 -42.53
CA ALA D 424 59.76 31.67 -42.96
C ALA D 424 60.44 32.18 -44.23
N ILE D 425 59.66 32.57 -45.22
CA ILE D 425 60.24 33.06 -46.47
C ILE D 425 61.15 34.25 -46.18
N ALA D 426 60.67 35.20 -45.38
CA ALA D 426 61.44 36.40 -45.12
C ALA D 426 62.74 36.09 -44.39
N VAL D 427 62.66 35.28 -43.33
CA VAL D 427 63.86 34.99 -42.54
C VAL D 427 64.90 34.29 -43.39
N THR D 428 64.46 33.27 -44.14
CA THR D 428 65.41 32.54 -44.97
C THR D 428 65.97 33.42 -46.06
N ALA D 429 65.16 34.32 -46.63
CA ALA D 429 65.67 35.21 -47.65
C ALA D 429 66.75 36.12 -47.09
N ILE D 430 66.49 36.73 -45.94
CA ILE D 430 67.46 37.66 -45.36
C ILE D 430 68.75 36.91 -45.03
N ALA D 431 68.63 35.73 -44.43
CA ALA D 431 69.81 34.96 -44.08
C ALA D 431 70.60 34.56 -45.31
N MET D 432 69.91 34.03 -46.33
CA MET D 432 70.59 33.66 -47.56
C MET D 432 71.34 34.84 -48.14
N MET D 433 70.70 36.01 -48.15
CA MET D 433 71.33 37.19 -48.71
C MET D 433 72.56 37.59 -47.92
N THR D 434 72.46 37.56 -46.59
CA THR D 434 73.64 37.87 -45.78
C THR D 434 74.76 36.90 -46.08
N VAL D 435 74.44 35.62 -46.26
CA VAL D 435 75.47 34.62 -46.53
C VAL D 435 76.15 34.92 -47.85
N MET D 436 75.37 35.19 -48.90
CA MET D 436 75.98 35.42 -50.20
C MET D 436 76.76 36.72 -50.22
N GLY D 437 76.32 37.72 -49.46
CA GLY D 437 77.12 38.92 -49.31
C GLY D 437 78.45 38.65 -48.63
N VAL D 438 78.42 37.84 -47.57
CA VAL D 438 79.65 37.49 -46.87
C VAL D 438 80.63 36.82 -47.81
N GLN D 439 80.13 36.01 -48.75
CA GLN D 439 81.00 35.35 -49.71
C GLN D 439 81.57 36.31 -50.74
N ASN D 440 81.17 37.58 -50.73
CA ASN D 440 81.70 38.57 -51.65
C ASN D 440 81.25 38.28 -53.08
N ALA D 441 79.98 37.90 -53.24
CA ALA D 441 79.42 37.61 -54.55
C ALA D 441 79.18 38.90 -55.34
N PRO D 442 79.08 38.80 -56.66
CA PRO D 442 78.79 40.00 -57.46
C PRO D 442 77.36 40.46 -57.27
N PRO D 443 77.08 41.74 -57.53
CA PRO D 443 75.73 42.25 -57.26
C PRO D 443 74.65 41.61 -58.11
N GLU D 444 74.97 41.16 -59.33
CA GLU D 444 73.97 40.46 -60.13
C GLU D 444 73.49 39.21 -59.41
N GLU D 445 74.43 38.44 -58.86
CA GLU D 445 74.06 37.25 -58.10
C GLU D 445 73.21 37.63 -56.90
N ARG D 446 73.63 38.66 -56.16
CA ARG D 446 72.89 39.08 -54.98
C ARG D 446 71.46 39.50 -55.31
N GLU D 447 71.30 40.25 -56.41
CA GLU D 447 69.97 40.76 -56.75
C GLU D 447 68.98 39.62 -56.98
N ARG D 448 69.46 38.51 -57.56
CA ARG D 448 68.57 37.41 -57.91
C ARG D 448 67.73 36.98 -56.72
N ILE D 449 68.29 37.03 -55.52
CA ILE D 449 67.60 36.53 -54.34
C ILE D 449 66.35 37.35 -54.08
N LEU D 450 66.41 38.66 -54.31
CA LEU D 450 65.27 39.52 -54.00
C LEU D 450 64.05 39.10 -54.81
N ALA D 451 64.22 38.90 -56.12
CA ALA D 451 63.11 38.43 -56.94
C ALA D 451 62.64 37.08 -56.45
N GLU D 452 63.56 36.17 -56.17
CA GLU D 452 63.18 34.85 -55.69
C GLU D 452 62.32 34.94 -54.44
N ALA D 453 62.61 35.91 -53.58
CA ALA D 453 61.85 36.06 -52.35
C ALA D 453 60.51 36.73 -52.60
N THR D 454 60.51 37.88 -53.26
CA THR D 454 59.29 38.67 -53.34
C THR D 454 58.20 37.94 -54.12
N GLU D 455 58.57 37.20 -55.16
CA GLU D 455 57.58 36.43 -55.90
C GLU D 455 56.86 35.46 -54.97
N MET D 456 57.63 34.64 -54.25
CA MET D 456 57.03 33.63 -53.37
C MET D 456 56.23 34.30 -52.27
N ILE D 457 56.80 35.33 -51.65
CA ILE D 457 56.11 36.02 -50.57
C ILE D 457 54.78 36.58 -51.08
N ALA D 458 54.82 37.20 -52.25
CA ALA D 458 53.60 37.73 -52.84
C ALA D 458 52.59 36.61 -53.10
N ARG D 459 53.07 35.51 -53.66
CA ARG D 459 52.15 34.43 -54.05
C ARG D 459 51.50 33.79 -52.83
N VAL D 460 52.27 33.48 -51.79
CA VAL D 460 51.67 32.89 -50.61
C VAL D 460 50.69 33.87 -49.97
N LEU D 461 51.01 35.16 -50.00
CA LEU D 461 50.06 36.16 -49.55
C LEU D 461 48.79 36.13 -50.39
N ALA D 462 48.96 36.07 -51.72
CA ALA D 462 47.78 36.03 -52.59
C ALA D 462 46.98 34.76 -52.36
N GLU D 463 47.66 33.61 -52.32
CA GLU D 463 46.95 32.35 -52.16
C GLU D 463 46.13 32.33 -50.88
N ALA D 464 46.68 32.86 -49.80
CA ALA D 464 45.93 32.93 -48.55
C ALA D 464 44.68 33.77 -48.71
N THR D 465 44.79 34.91 -49.39
CA THR D 465 43.62 35.76 -49.60
C THR D 465 42.53 34.99 -50.33
N ARG D 466 42.90 34.28 -51.39
CA ARG D 466 41.92 33.50 -52.14
C ARG D 466 41.20 32.50 -51.24
N ARG D 467 41.96 31.80 -50.41
CA ARG D 467 41.36 30.80 -49.53
C ARG D 467 40.37 31.45 -48.55
N VAL D 468 40.78 32.56 -47.93
CA VAL D 468 39.90 33.22 -46.97
C VAL D 468 38.65 33.73 -47.67
N MET D 469 38.82 34.34 -48.84
CA MET D 469 37.69 34.95 -49.53
C MET D 469 36.60 33.94 -49.82
N LYS D 470 36.98 32.72 -50.21
CA LYS D 470 36.00 31.73 -50.60
C LYS D 470 35.00 31.43 -49.48
N ARG D 471 35.42 31.58 -48.23
CA ARG D 471 34.58 31.23 -47.10
C ARG D 471 33.67 32.37 -46.64
N LEU D 472 33.85 33.59 -47.14
CA LEU D 472 33.06 34.71 -46.66
C LEU D 472 31.67 34.69 -47.30
N GLU D 473 30.81 35.60 -46.84
CA GLU D 473 29.46 35.72 -47.39
C GLU D 473 29.08 37.16 -47.69
N ASP D 474 29.73 38.11 -47.03
CA ASP D 474 29.37 39.52 -47.22
C ASP D 474 29.92 40.03 -48.55
N PRO D 475 29.07 40.48 -49.48
CA PRO D 475 29.59 40.84 -50.80
C PRO D 475 30.51 42.04 -50.77
N GLU D 476 30.08 43.12 -50.12
CA GLU D 476 30.90 44.32 -50.05
C GLU D 476 32.21 44.03 -49.34
N ALA D 477 32.16 43.26 -48.25
CA ALA D 477 33.38 42.92 -47.53
C ALA D 477 34.32 42.08 -48.40
N ALA D 478 33.78 41.14 -49.17
CA ALA D 478 34.62 40.35 -50.05
C ALA D 478 35.29 41.23 -51.09
N ALA D 479 34.53 42.13 -51.70
CA ALA D 479 35.11 43.05 -52.68
C ALA D 479 36.17 43.93 -52.02
N GLU D 480 35.93 44.35 -50.78
CA GLU D 480 36.91 45.16 -50.07
C GLU D 480 38.21 44.39 -49.86
N LEU D 481 38.10 43.12 -49.48
CA LEU D 481 39.31 42.31 -49.31
C LEU D 481 40.06 42.21 -50.63
N ALA D 482 39.33 41.96 -51.72
CA ALA D 482 39.97 41.86 -53.02
C ALA D 482 40.72 43.13 -53.35
N LEU D 483 40.04 44.27 -53.26
CA LEU D 483 40.65 45.55 -53.62
C LEU D 483 41.86 45.85 -52.75
N ALA D 484 41.72 45.65 -51.43
CA ALA D 484 42.81 45.96 -50.51
C ALA D 484 44.04 45.14 -50.83
N THR D 485 43.87 43.82 -50.93
CA THR D 485 45.03 42.97 -51.18
C THR D 485 45.64 43.25 -52.55
N ILE D 486 44.81 43.54 -53.55
CA ILE D 486 45.37 43.87 -54.86
C ILE D 486 46.22 45.13 -54.77
N GLU D 487 45.71 46.15 -54.07
CA GLU D 487 46.48 47.37 -53.92
C GLU D 487 47.80 47.10 -53.22
N ALA D 488 47.75 46.34 -52.12
CA ALA D 488 48.96 46.10 -51.34
C ALA D 488 50.00 45.36 -52.16
N ILE D 489 49.60 44.26 -52.80
CA ILE D 489 50.54 43.47 -53.58
C ILE D 489 51.11 44.31 -54.71
N THR D 490 50.26 45.14 -55.35
CA THR D 490 50.76 45.99 -56.42
C THR D 490 51.80 46.97 -55.90
N GLU D 491 51.55 47.56 -54.73
CA GLU D 491 52.51 48.52 -54.18
C GLU D 491 53.84 47.84 -53.88
N LEU D 492 53.78 46.66 -53.28
CA LEU D 492 55.01 45.96 -52.94
C LEU D 492 55.81 45.60 -54.20
N PHE D 493 55.11 45.10 -55.23
CA PHE D 493 55.80 44.80 -56.47
C PHE D 493 56.38 46.05 -57.10
N VAL D 494 55.67 47.18 -57.03
CA VAL D 494 56.21 48.42 -57.57
C VAL D 494 57.52 48.77 -56.88
N ASP D 495 57.53 48.68 -55.55
CA ASP D 495 58.74 48.99 -54.81
C ASP D 495 59.88 48.07 -55.23
N ALA D 496 59.60 46.77 -55.30
CA ALA D 496 60.66 45.82 -55.68
C ALA D 496 61.19 46.14 -57.08
N LEU D 497 60.29 46.39 -58.03
CA LEU D 497 60.71 46.71 -59.39
C LEU D 497 61.60 47.95 -59.39
N GLU D 498 61.27 48.94 -58.56
CA GLU D 498 62.14 50.10 -58.43
C GLU D 498 63.50 49.70 -57.88
N ILE D 499 63.54 48.75 -56.95
CA ILE D 499 64.79 48.45 -56.25
C ILE D 499 65.82 47.81 -57.17
N ILE D 500 65.46 46.68 -57.80
CA ILE D 500 66.46 45.86 -58.49
C ILE D 500 67.17 46.69 -59.54
N ARG D 501 68.50 46.58 -59.59
CA ARG D 501 69.29 47.54 -60.35
C ARG D 501 69.36 47.20 -61.84
N SER D 502 69.64 45.95 -62.19
CA SER D 502 69.89 45.63 -63.59
C SER D 502 69.67 44.15 -63.86
N GLY D 503 69.56 43.82 -65.15
CA GLY D 503 69.58 42.45 -65.62
C GLY D 503 68.22 41.87 -65.96
N GLU D 504 68.27 40.67 -66.55
CA GLU D 504 67.06 39.97 -66.99
C GLU D 504 66.17 39.55 -65.82
N VAL D 505 66.71 39.53 -64.60
CA VAL D 505 65.87 39.30 -63.43
C VAL D 505 64.71 40.28 -63.43
N ALA D 506 64.90 41.45 -64.03
CA ALA D 506 63.80 42.39 -64.19
C ALA D 506 62.67 41.79 -65.02
N SER D 507 63.02 41.18 -66.15
CA SER D 507 61.99 40.55 -66.98
C SER D 507 61.31 39.43 -66.22
N ARG D 508 62.08 38.60 -65.52
CA ARG D 508 61.49 37.52 -64.75
C ARG D 508 60.48 38.07 -63.75
N LEU D 509 60.89 39.09 -62.99
CA LEU D 509 60.02 39.64 -61.96
C LEU D 509 58.77 40.24 -62.57
N ALA D 510 58.90 40.94 -63.70
CA ALA D 510 57.75 41.55 -64.34
C ALA D 510 56.74 40.48 -64.74
N LYS D 511 57.21 39.42 -65.37
CA LYS D 511 56.30 38.35 -65.78
C LYS D 511 55.58 37.78 -64.56
N SER D 512 56.34 37.50 -63.50
CA SER D 512 55.74 36.88 -62.32
C SER D 512 54.68 37.78 -61.72
N GLY D 513 54.98 39.07 -61.55
CA GLY D 513 54.00 39.97 -60.95
C GLY D 513 52.76 40.11 -61.79
N ILE D 514 52.94 40.22 -63.11
CA ILE D 514 51.78 40.34 -63.99
C ILE D 514 50.86 39.14 -63.77
N GLU D 515 51.42 37.93 -63.83
CA GLU D 515 50.59 36.75 -63.66
C GLU D 515 49.91 36.75 -62.30
N VAL D 516 50.65 37.09 -61.24
CA VAL D 516 50.10 36.99 -59.90
C VAL D 516 48.89 37.90 -59.77
N ILE D 517 49.04 39.17 -60.17
CA ILE D 517 47.92 40.09 -59.98
C ILE D 517 46.76 39.71 -60.88
N ALA D 518 47.04 39.26 -62.10
CA ALA D 518 45.94 38.87 -62.99
C ALA D 518 45.11 37.76 -62.35
N GLU D 519 45.76 36.70 -61.89
CA GLU D 519 45.02 35.60 -61.30
C GLU D 519 44.27 36.04 -60.05
N LEU D 520 44.94 36.81 -59.17
CA LEU D 520 44.29 37.23 -57.94
C LEU D 520 43.05 38.05 -58.23
N ALA D 521 43.13 38.96 -59.19
CA ALA D 521 41.97 39.78 -59.53
C ALA D 521 40.86 38.92 -60.13
N GLU D 522 41.21 38.03 -61.04
CA GLU D 522 40.20 37.18 -61.67
C GLU D 522 39.43 36.39 -60.63
N ALA D 523 40.13 35.88 -59.61
CA ALA D 523 39.44 35.07 -58.61
C ALA D 523 38.31 35.82 -57.94
N ALA D 524 38.42 37.15 -57.82
CA ALA D 524 37.37 37.91 -57.15
C ALA D 524 36.09 37.98 -57.96
N ILE D 525 36.21 37.99 -59.30
CA ILE D 525 35.04 38.16 -60.15
C ILE D 525 34.00 37.08 -59.88
N GLU D 526 34.44 35.89 -59.52
CA GLU D 526 33.52 34.77 -59.37
C GLU D 526 32.44 35.05 -58.33
N HIS D 527 32.67 35.99 -57.41
CA HIS D 527 31.80 36.14 -56.25
C HIS D 527 30.97 37.42 -56.25
N ILE D 528 31.30 38.42 -57.08
CA ILE D 528 30.57 39.68 -57.05
C ILE D 528 29.18 39.50 -57.67
N ASP D 529 28.29 40.43 -57.34
CA ASP D 529 26.93 40.36 -57.92
C ASP D 529 26.35 41.72 -58.29
N ASP D 530 27.13 42.79 -58.34
CA ASP D 530 26.56 44.12 -58.53
C ASP D 530 27.47 44.94 -59.43
N PRO D 531 26.92 45.95 -60.12
CA PRO D 531 27.73 46.65 -61.14
C PRO D 531 28.95 47.39 -60.59
N GLU D 532 28.75 48.27 -59.61
CA GLU D 532 29.86 49.11 -59.15
C GLU D 532 31.01 48.25 -58.63
N GLN D 533 30.68 47.17 -57.92
CA GLN D 533 31.73 46.28 -57.45
C GLN D 533 32.51 45.70 -58.63
N LEU D 534 31.80 45.27 -59.67
CA LEU D 534 32.49 44.79 -60.87
C LEU D 534 33.29 45.91 -61.52
N LYS D 535 32.67 47.08 -61.66
CA LYS D 535 33.34 48.18 -62.34
C LYS D 535 34.60 48.61 -61.60
N LYS D 536 34.53 48.71 -60.27
CA LYS D 536 35.71 49.06 -59.50
C LYS D 536 36.79 47.99 -59.64
N ILE D 537 36.38 46.72 -59.61
CA ILE D 537 37.36 45.63 -59.72
C ILE D 537 38.14 45.74 -61.02
N VAL D 538 37.42 45.97 -62.13
CA VAL D 538 38.10 46.09 -63.42
C VAL D 538 39.03 47.28 -63.44
N LYS D 539 38.57 48.42 -62.92
CA LYS D 539 39.41 49.62 -62.95
C LYS D 539 40.67 49.42 -62.14
N LYS D 540 40.55 48.84 -60.93
CA LYS D 540 41.72 48.63 -60.09
C LYS D 540 42.74 47.75 -60.78
N ALA D 541 42.30 46.62 -61.33
CA ALA D 541 43.22 45.72 -62.01
C ALA D 541 43.91 46.41 -63.18
N ALA D 542 43.14 47.17 -63.97
CA ALA D 542 43.73 47.83 -65.12
C ALA D 542 44.82 48.80 -64.68
N GLU D 543 44.57 49.56 -63.62
CA GLU D 543 45.60 50.45 -63.10
C GLU D 543 46.84 49.67 -62.68
N ALA D 544 46.64 48.57 -61.95
CA ALA D 544 47.77 47.82 -61.42
C ALA D 544 48.69 47.35 -62.53
N ILE D 545 48.13 46.68 -63.53
CA ILE D 545 48.98 46.14 -64.59
C ILE D 545 49.64 47.27 -65.37
N LYS D 546 48.95 48.39 -65.53
CA LYS D 546 49.57 49.54 -66.17
C LYS D 546 50.79 50.00 -65.37
N LYS D 547 50.64 50.07 -64.05
CA LYS D 547 51.74 50.56 -63.22
C LYS D 547 52.95 49.64 -63.33
N ILE D 548 52.73 48.32 -63.37
CA ILE D 548 53.85 47.38 -63.41
C ILE D 548 54.65 47.58 -64.70
N VAL D 549 53.98 47.57 -65.85
CA VAL D 549 54.70 47.74 -67.11
C VAL D 549 55.30 49.13 -67.17
N GLU D 550 54.60 50.13 -66.64
CA GLU D 550 55.18 51.47 -66.56
C GLU D 550 56.50 51.45 -65.81
N GLU D 551 56.56 50.68 -64.72
CA GLU D 551 57.82 50.57 -63.98
C GLU D 551 58.91 49.97 -64.83
N LEU D 552 58.61 48.87 -65.53
CA LEU D 552 59.61 48.23 -66.37
C LEU D 552 60.08 49.17 -67.47
N ILE D 553 59.21 50.11 -67.89
CA ILE D 553 59.60 51.05 -68.93
C ILE D 553 60.84 51.84 -68.53
N LYS D 554 60.95 52.17 -67.25
CA LYS D 554 62.08 52.96 -66.78
C LYS D 554 63.40 52.20 -66.87
N LYS D 555 63.34 50.87 -66.90
CA LYS D 555 64.54 50.04 -66.81
C LYS D 555 65.21 49.93 -68.17
N ASP D 556 66.51 49.70 -68.16
CA ASP D 556 67.21 49.23 -69.34
C ASP D 556 67.01 47.73 -69.46
N VAL D 557 66.51 47.29 -70.62
CA VAL D 557 66.15 45.89 -70.80
C VAL D 557 66.21 45.56 -72.30
N GLU D 558 66.46 44.29 -72.59
CA GLU D 558 66.54 43.82 -73.97
C GLU D 558 65.20 43.98 -74.67
N ASP D 559 65.27 44.23 -75.98
CA ASP D 559 64.06 44.50 -76.75
C ASP D 559 63.10 43.32 -76.72
N GLU D 560 63.61 42.11 -76.97
CA GLU D 560 62.74 40.94 -77.03
C GLU D 560 62.05 40.71 -75.69
N LEU D 561 62.79 40.82 -74.59
CA LEU D 561 62.19 40.66 -73.28
C LEU D 561 61.12 41.72 -73.03
N LEU D 562 61.39 42.97 -73.41
CA LEU D 562 60.40 44.03 -73.24
C LEU D 562 59.15 43.70 -74.03
N ALA D 563 59.29 43.26 -75.27
CA ALA D 563 58.13 42.95 -76.09
C ALA D 563 57.30 41.85 -75.44
N GLU D 564 57.96 40.73 -75.10
CA GLU D 564 57.23 39.62 -74.48
C GLU D 564 56.55 40.07 -73.20
N VAL D 565 57.20 40.94 -72.43
CA VAL D 565 56.62 41.39 -71.17
C VAL D 565 55.34 42.17 -71.42
N THR D 566 55.40 43.15 -72.32
CA THR D 566 54.24 44.02 -72.54
C THR D 566 53.12 43.28 -73.27
N SER D 567 53.50 42.42 -74.21
CA SER D 567 52.49 41.59 -74.87
C SER D 567 51.84 40.64 -73.88
N GLU D 568 52.64 40.01 -73.03
CA GLU D 568 52.09 39.12 -72.02
C GLU D 568 51.18 39.88 -71.05
N GLY D 569 51.59 41.07 -70.64
CA GLY D 569 50.75 41.87 -69.76
C GLY D 569 49.43 42.23 -70.41
N ASN D 570 49.48 42.70 -71.65
CA ASN D 570 48.26 43.11 -72.33
C ASN D 570 47.28 41.95 -72.43
N ARG D 571 47.76 40.79 -72.86
CA ARG D 571 46.88 39.64 -73.05
C ARG D 571 46.12 39.31 -71.77
N LYS D 572 46.79 39.41 -70.61
CA LYS D 572 46.12 39.15 -69.35
C LYS D 572 45.04 40.17 -69.08
N LEU D 573 45.28 41.43 -69.40
CA LEU D 573 44.23 42.43 -69.25
C LEU D 573 43.04 42.08 -70.14
N SER D 574 43.29 41.64 -71.37
CA SER D 574 42.21 41.23 -72.24
C SER D 574 41.38 40.13 -71.59
N ARG D 575 42.04 39.10 -71.06
CA ARG D 575 41.33 37.97 -70.49
C ARG D 575 40.41 38.40 -69.35
N ILE D 576 40.95 39.14 -68.38
CA ILE D 576 40.11 39.56 -67.26
C ILE D 576 39.02 40.50 -67.74
N THR D 577 39.32 41.33 -68.74
CA THR D 577 38.29 42.19 -69.30
C THR D 577 37.14 41.36 -69.85
N SER D 578 37.46 40.29 -70.59
CA SER D 578 36.41 39.42 -71.11
C SER D 578 35.67 38.71 -69.99
N LYS D 579 36.39 38.22 -68.99
CA LYS D 579 35.75 37.47 -67.92
C LYS D 579 34.73 38.34 -67.19
N ALA D 580 35.07 39.59 -66.91
CA ALA D 580 34.14 40.48 -66.22
C ALA D 580 32.92 40.76 -67.10
N LEU D 581 33.15 41.06 -68.38
CA LEU D 581 32.05 41.46 -69.25
C LEU D 581 30.97 40.39 -69.32
N THR D 582 31.32 39.14 -69.01
CA THR D 582 30.36 38.04 -69.13
C THR D 582 29.16 38.21 -68.22
N LYS D 583 29.23 39.08 -67.20
CA LYS D 583 28.18 39.17 -66.20
C LYS D 583 27.37 40.46 -66.27
N ILE D 584 27.89 41.51 -66.90
CA ILE D 584 27.26 42.83 -66.87
C ILE D 584 26.01 42.82 -67.72
N LYS D 585 24.84 42.81 -67.08
CA LYS D 585 23.58 42.82 -67.81
C LYS D 585 23.22 44.20 -68.35
N ASP D 586 23.66 45.27 -67.67
CA ASP D 586 23.35 46.63 -68.09
C ASP D 586 24.14 46.95 -69.35
N GLU D 587 23.42 47.20 -70.46
CA GLU D 587 24.10 47.44 -71.73
C GLU D 587 25.01 48.66 -71.65
N LYS D 588 24.58 49.72 -70.97
CA LYS D 588 25.40 50.92 -70.88
C LYS D 588 26.74 50.62 -70.21
N ALA D 589 26.71 49.88 -69.09
CA ALA D 589 27.96 49.51 -68.43
C ALA D 589 28.81 48.61 -69.32
N ALA D 590 28.17 47.68 -70.03
CA ALA D 590 28.94 46.78 -70.90
C ALA D 590 29.72 47.57 -71.94
N ALA D 591 29.07 48.55 -72.58
CA ALA D 591 29.79 49.39 -73.53
C ALA D 591 30.88 50.19 -72.84
N GLU D 592 30.57 50.76 -71.66
CA GLU D 592 31.56 51.56 -70.95
C GLU D 592 32.78 50.73 -70.58
N LEU D 593 32.56 49.58 -69.95
CA LEU D 593 33.68 48.72 -69.59
C LEU D 593 34.45 48.30 -70.83
N THR D 594 33.74 48.01 -71.92
CA THR D 594 34.42 47.68 -73.16
C THR D 594 35.35 48.82 -73.56
N ILE D 595 34.77 50.00 -73.83
CA ILE D 595 35.57 51.09 -74.37
C ILE D 595 36.80 51.33 -73.52
N GLU D 596 36.66 51.20 -72.20
CA GLU D 596 37.79 51.43 -71.31
C GLU D 596 38.96 50.50 -71.64
N ALA D 597 38.70 49.19 -71.70
CA ALA D 597 39.77 48.24 -71.94
C ALA D 597 40.41 48.45 -73.31
N ILE D 598 39.59 48.66 -74.34
CA ILE D 598 40.14 48.95 -75.66
C ILE D 598 41.06 50.17 -75.59
N GLU D 599 40.64 51.20 -74.86
CA GLU D 599 41.52 52.35 -74.67
C GLU D 599 42.77 51.96 -73.91
N ALA D 600 42.62 51.18 -72.84
CA ALA D 600 43.76 50.85 -71.98
C ALA D 600 44.83 50.07 -72.75
N ILE D 601 44.41 49.01 -73.45
CA ILE D 601 45.39 48.18 -74.16
C ILE D 601 46.07 48.99 -75.25
N THR D 602 45.32 49.88 -75.91
CA THR D 602 45.93 50.75 -76.91
C THR D 602 47.04 51.60 -76.30
N GLU D 603 46.79 52.13 -75.10
CA GLU D 603 47.78 53.00 -74.47
C GLU D 603 49.09 52.27 -74.23
N ASN D 604 49.02 51.05 -73.67
CA ASN D 604 50.23 50.32 -73.34
C ASN D 604 51.09 50.09 -74.57
N PHE D 605 50.47 49.66 -75.67
CA PHE D 605 51.22 49.44 -76.90
C PHE D 605 51.91 50.70 -77.38
N LEU D 606 51.31 51.87 -77.13
CA LEU D 606 51.95 53.12 -77.51
C LEU D 606 53.27 53.31 -76.77
N LEU D 607 53.29 53.03 -75.46
CA LEU D 607 54.52 53.20 -74.69
C LEU D 607 55.60 52.25 -75.17
N ALA D 608 55.25 50.99 -75.44
CA ALA D 608 56.24 50.04 -75.92
C ALA D 608 56.79 50.47 -77.28
N LEU D 609 55.92 50.94 -78.17
CA LEU D 609 56.36 51.43 -79.47
C LEU D 609 57.30 52.62 -79.34
N GLU D 610 57.23 53.35 -78.23
CA GLU D 610 58.15 54.46 -78.00
C GLU D 610 59.54 54.00 -77.58
N ARG D 611 59.77 52.70 -77.44
CA ARG D 611 61.03 52.19 -76.93
C ARG D 611 61.67 51.12 -77.81
N ILE D 612 60.89 50.34 -78.57
CA ILE D 612 61.41 49.20 -79.31
C ILE D 612 62.61 49.62 -80.15
N LYS D 613 63.66 48.81 -80.11
CA LYS D 613 64.93 49.14 -80.75
C LYS D 613 65.09 48.59 -82.16
N ASP D 614 64.16 47.76 -82.64
CA ASP D 614 64.35 47.10 -83.93
C ASP D 614 63.00 46.96 -84.64
N GLY D 615 63.06 46.87 -85.97
CA GLY D 615 61.83 46.76 -86.74
C GLY D 615 61.09 45.46 -86.50
N GLU D 616 61.82 44.34 -86.48
CA GLU D 616 61.15 43.05 -86.28
C GLU D 616 60.43 43.01 -84.95
N VAL D 617 61.05 43.58 -83.91
CA VAL D 617 60.38 43.63 -82.60
C VAL D 617 59.13 44.47 -82.67
N ALA D 618 59.22 45.64 -83.31
CA ALA D 618 58.05 46.51 -83.40
C ALA D 618 56.93 45.85 -84.21
N ALA D 619 57.29 45.20 -85.31
CA ALA D 619 56.27 44.55 -86.13
C ALA D 619 55.52 43.49 -85.34
N LYS D 620 56.25 42.63 -84.63
CA LYS D 620 55.60 41.54 -83.91
C LYS D 620 54.63 42.07 -82.87
N LEU D 621 55.03 43.13 -82.15
CA LEU D 621 54.10 43.76 -81.22
C LEU D 621 52.90 44.36 -81.96
N ALA D 622 53.14 44.98 -83.11
CA ALA D 622 52.03 45.54 -83.87
C ALA D 622 51.06 44.45 -84.30
N GLU D 623 51.59 43.30 -84.72
CA GLU D 623 50.73 42.19 -85.09
C GLU D 623 49.83 41.79 -83.93
N ASP D 624 50.42 41.55 -82.76
CA ASP D 624 49.62 41.17 -81.60
C ASP D 624 48.63 42.25 -81.22
N GLY D 625 48.98 43.52 -81.45
CA GLY D 625 48.06 44.60 -81.13
C GLY D 625 46.76 44.50 -81.91
N LEU D 626 46.86 44.26 -83.21
CA LEU D 626 45.65 44.11 -84.01
C LEU D 626 44.85 42.88 -83.57
N LEU D 627 45.51 41.72 -83.47
CA LEU D 627 44.77 40.49 -83.20
C LEU D 627 44.09 40.53 -81.84
N GLU D 628 44.80 41.00 -80.81
CA GLU D 628 44.19 41.04 -79.48
C GLU D 628 43.05 42.03 -79.42
N ILE D 629 43.22 43.23 -79.97
CA ILE D 629 42.16 44.21 -79.89
C ILE D 629 40.95 43.75 -80.68
N TYR D 630 41.17 43.07 -81.80
CA TYR D 630 40.06 42.45 -82.52
C TYR D 630 39.31 41.47 -81.65
N ARG D 631 40.05 40.60 -80.96
CA ARG D 631 39.40 39.57 -80.17
C ARG D 631 38.60 40.19 -79.03
N LEU D 632 39.14 41.24 -78.41
CA LEU D 632 38.39 41.97 -77.39
C LEU D 632 37.18 42.65 -77.99
N ALA D 633 37.32 43.24 -79.17
CA ALA D 633 36.20 43.95 -79.79
C ALA D 633 35.05 43.00 -80.09
N VAL D 634 35.33 41.90 -80.79
CA VAL D 634 34.28 40.94 -81.13
C VAL D 634 33.66 40.38 -79.87
N SER D 635 34.49 40.06 -78.87
CA SER D 635 33.97 39.48 -77.64
C SER D 635 32.92 40.39 -77.02
N GLY D 636 33.05 41.71 -77.18
CA GLY D 636 32.00 42.60 -76.75
C GLY D 636 30.78 42.52 -77.64
N ILE D 637 31.00 42.52 -78.96
CA ILE D 637 29.88 42.60 -79.90
C ILE D 637 28.94 41.42 -79.71
N GLU D 638 29.46 40.26 -79.33
CA GLU D 638 28.59 39.11 -79.11
C GLU D 638 27.55 39.42 -78.04
N HIS D 639 27.95 40.09 -76.97
CA HIS D 639 27.06 40.31 -75.84
C HIS D 639 26.24 41.59 -75.95
N ILE D 640 26.68 42.56 -76.76
CA ILE D 640 25.90 43.79 -76.93
C ILE D 640 24.63 43.50 -77.73
N ASP D 641 23.61 44.35 -77.56
CA ASP D 641 22.29 44.02 -78.11
C ASP D 641 21.44 45.16 -78.67
N ASN D 642 21.94 46.40 -78.79
CA ASN D 642 21.04 47.53 -79.03
C ASN D 642 21.93 48.56 -79.70
N PRO D 643 21.47 49.30 -80.73
CA PRO D 643 22.46 50.03 -81.52
C PRO D 643 23.18 51.16 -80.79
N GLU D 644 22.74 51.53 -79.58
CA GLU D 644 23.51 52.48 -78.79
C GLU D 644 24.88 51.93 -78.44
N GLU D 645 24.94 50.66 -78.04
CA GLU D 645 26.22 50.02 -77.80
C GLU D 645 26.91 49.70 -79.13
N LEU D 646 26.15 49.23 -80.11
CA LEU D 646 26.74 48.84 -81.38
C LEU D 646 27.50 50.01 -82.02
N GLU D 647 26.92 51.20 -82.00
CA GLU D 647 27.58 52.35 -82.60
C GLU D 647 28.89 52.66 -81.89
N LYS D 648 28.84 52.79 -80.56
CA LYS D 648 30.04 53.20 -79.83
C LYS D 648 31.16 52.17 -79.93
N ILE D 649 30.83 50.88 -79.81
CA ILE D 649 31.88 49.87 -79.91
C ILE D 649 32.50 49.89 -81.29
N VAL D 650 31.68 50.11 -82.32
CA VAL D 650 32.22 50.22 -83.67
C VAL D 650 33.09 51.47 -83.78
N LYS D 651 32.59 52.61 -83.29
CA LYS D 651 33.35 53.86 -83.41
C LYS D 651 34.66 53.78 -82.64
N LYS D 652 34.62 53.28 -81.40
CA LYS D 652 35.85 53.18 -80.61
C LYS D 652 36.84 52.24 -81.28
N THR D 653 36.37 51.10 -81.80
CA THR D 653 37.27 50.17 -82.46
C THR D 653 37.97 50.82 -83.65
N GLU D 654 37.22 51.59 -84.44
CA GLU D 654 37.83 52.29 -85.57
C GLU D 654 38.90 53.26 -85.10
N GLU D 655 38.60 54.04 -84.05
CA GLU D 655 39.58 54.99 -83.54
C GLU D 655 40.82 54.27 -83.03
N ALA D 656 40.63 53.21 -82.25
CA ALA D 656 41.77 52.50 -81.69
C ALA D 656 42.66 51.93 -82.79
N VAL D 657 42.05 51.36 -83.82
CA VAL D 657 42.84 50.81 -84.92
C VAL D 657 43.67 51.90 -85.58
N GLU D 658 43.05 53.07 -85.81
CA GLU D 658 43.77 54.17 -86.43
C GLU D 658 44.92 54.63 -85.55
N ARG D 659 44.68 54.75 -84.24
CA ARG D 659 45.72 55.21 -83.33
C ARG D 659 46.94 54.31 -83.39
N ILE D 660 46.72 52.99 -83.34
CA ILE D 660 47.84 52.06 -83.37
C ILE D 660 48.58 52.15 -84.69
N VAL D 661 47.84 52.13 -85.80
CA VAL D 661 48.49 52.13 -87.11
C VAL D 661 49.24 53.44 -87.34
N GLU D 662 48.63 54.57 -86.96
CA GLU D 662 49.29 55.85 -87.17
C GLU D 662 50.58 55.94 -86.36
N ALA D 663 50.55 55.53 -85.10
CA ALA D 663 51.75 55.57 -84.27
C ALA D 663 52.81 54.64 -84.82
N LEU D 664 52.44 53.40 -85.14
CA LEU D 664 53.41 52.42 -85.62
C LEU D 664 54.11 52.89 -86.89
N GLU D 665 53.39 53.62 -87.75
CA GLU D 665 53.97 54.08 -88.99
C GLU D 665 55.08 55.11 -88.79
N LYS D 666 55.11 55.77 -87.63
CA LYS D 666 56.08 56.83 -87.40
C LYS D 666 57.48 56.29 -87.15
N LYS D 667 57.59 55.11 -86.55
CA LYS D 667 58.88 54.53 -86.23
C LYS D 667 59.59 54.03 -87.49
N ASP D 668 60.88 53.77 -87.35
CA ASP D 668 61.69 53.26 -88.45
C ASP D 668 61.49 51.76 -88.60
N VAL D 669 60.99 51.35 -89.77
CA VAL D 669 60.77 49.93 -90.06
C VAL D 669 60.77 49.77 -91.58
N GLU D 670 61.01 48.55 -92.03
CA GLU D 670 61.01 48.29 -93.47
C GLU D 670 59.64 48.63 -94.04
N PRO D 671 59.56 49.31 -95.19
CA PRO D 671 58.25 49.74 -95.69
C PRO D 671 57.35 48.60 -96.09
N GLU D 672 57.89 47.54 -96.69
CA GLU D 672 57.04 46.42 -97.11
C GLU D 672 56.38 45.75 -95.92
N LEU D 673 57.13 45.56 -94.83
CA LEU D 673 56.52 45.02 -93.62
C LEU D 673 55.48 45.99 -93.08
N LYS D 674 55.74 47.29 -93.15
CA LYS D 674 54.79 48.26 -92.63
C LYS D 674 53.49 48.22 -93.42
N GLU D 675 53.58 48.08 -94.75
CA GLU D 675 52.37 47.95 -95.55
C GLU D 675 51.57 46.73 -95.13
N GLU D 676 52.25 45.61 -94.89
CA GLU D 676 51.56 44.40 -94.45
C GLU D 676 50.85 44.64 -93.13
N VAL D 677 51.53 45.26 -92.17
CA VAL D 677 50.92 45.52 -90.87
C VAL D 677 49.74 46.46 -91.02
N GLU D 678 49.90 47.51 -91.82
CA GLU D 678 48.79 48.46 -92.00
C GLU D 678 47.64 47.79 -92.74
N GLU D 679 47.95 46.97 -93.73
CA GLU D 679 46.89 46.26 -94.45
C GLU D 679 46.10 45.36 -93.51
N LEU D 680 46.79 44.61 -92.65
CA LEU D 680 46.10 43.76 -91.69
C LEU D 680 45.25 44.59 -90.74
N GLY D 681 45.80 45.70 -90.26
CA GLY D 681 45.00 46.58 -89.42
C GLY D 681 43.76 47.09 -90.14
N LYS D 682 43.89 47.41 -91.42
CA LYS D 682 42.78 47.96 -92.17
C LYS D 682 41.68 46.93 -92.37
N LYS D 683 42.05 45.70 -92.71
CA LYS D 683 41.04 44.70 -93.05
C LYS D 683 40.32 44.18 -91.82
N LEU D 684 40.94 44.25 -90.64
CA LEU D 684 40.23 43.85 -89.43
C LEU D 684 39.05 44.78 -89.14
N VAL D 685 39.24 46.10 -89.29
CA VAL D 685 38.14 47.01 -89.01
C VAL D 685 36.97 46.74 -89.96
N GLU D 686 37.26 46.36 -91.20
CA GLU D 686 36.19 46.02 -92.13
C GLU D 686 35.36 44.85 -91.60
N ILE D 687 36.04 43.77 -91.19
CA ILE D 687 35.33 42.59 -90.72
C ILE D 687 34.51 42.93 -89.48
N VAL D 688 35.10 43.68 -88.55
CA VAL D 688 34.36 44.11 -87.37
C VAL D 688 33.11 44.88 -87.80
N ARG D 689 33.27 45.82 -88.72
CA ARG D 689 32.12 46.62 -89.15
C ARG D 689 31.09 45.74 -89.86
N LYS D 690 31.55 44.82 -90.71
CA LYS D 690 30.63 43.87 -91.33
C LYS D 690 29.92 43.03 -90.28
N LEU D 691 30.65 42.56 -89.27
CA LEU D 691 30.05 41.70 -88.27
C LEU D 691 29.08 42.48 -87.38
N ALA D 692 29.46 43.69 -86.96
CA ALA D 692 28.58 44.48 -86.12
C ALA D 692 27.28 44.81 -86.84
N GLU D 693 27.35 45.08 -88.15
CA GLU D 693 26.14 45.41 -88.88
C GLU D 693 25.12 44.27 -88.84
N ARG D 694 25.60 43.03 -88.74
CA ARG D 694 24.75 41.86 -88.78
C ARG D 694 24.22 41.48 -87.40
N LYS D 695 24.68 42.14 -86.35
CA LYS D 695 24.15 41.92 -85.01
C LYS D 695 22.67 42.25 -84.97
N GLU E 2 -34.76 27.17 89.67
CA GLU E 2 -34.30 28.26 88.76
C GLU E 2 -32.96 27.93 88.12
N GLU E 3 -31.91 27.93 88.93
CA GLU E 3 -30.55 27.83 88.41
C GLU E 3 -30.28 26.48 87.73
N LEU E 4 -31.11 25.47 87.96
CA LEU E 4 -30.91 24.18 87.30
C LEU E 4 -30.99 24.31 85.78
N ARG E 5 -31.57 25.40 85.30
CA ARG E 5 -31.64 25.64 83.86
C ARG E 5 -30.24 25.61 83.23
N GLU E 6 -29.21 26.02 83.98
CA GLU E 6 -27.85 25.96 83.45
C GLU E 6 -27.39 24.52 83.27
N ILE E 7 -27.68 23.66 84.25
CA ILE E 7 -27.33 22.25 84.12
C ILE E 7 -28.04 21.66 82.91
N ALA E 8 -29.32 22.00 82.74
CA ALA E 8 -30.05 21.53 81.58
C ALA E 8 -29.39 21.98 80.29
N GLU E 9 -28.95 23.25 80.25
CA GLU E 9 -28.32 23.78 79.04
C GLU E 9 -27.06 22.99 78.70
N ARG E 10 -26.19 22.77 79.69
CA ARG E 10 -24.96 22.04 79.41
C ARG E 10 -25.25 20.62 78.95
N ALA E 11 -26.20 19.94 79.58
CA ALA E 11 -26.53 18.59 79.14
C ALA E 11 -27.01 18.60 77.70
N GLU E 12 -27.86 19.56 77.35
CA GLU E 12 -28.37 19.63 75.98
C GLU E 12 -27.24 19.85 74.99
N ALA E 13 -26.29 20.72 75.33
CA ALA E 13 -25.16 20.95 74.43
C ALA E 13 -24.33 19.68 74.26
N ASP E 14 -24.09 18.96 75.36
CA ASP E 14 -23.31 17.74 75.27
C ASP E 14 -23.97 16.75 74.33
N MET E 15 -25.29 16.64 74.41
CA MET E 15 -26.00 15.72 73.52
C MET E 15 -25.74 16.07 72.07
N ARG E 16 -25.80 17.36 71.73
CA ARG E 16 -25.57 17.77 70.35
C ARG E 16 -24.15 17.44 69.91
N GLU E 17 -23.18 17.66 70.80
CA GLU E 17 -21.80 17.33 70.44
C GLU E 17 -21.66 15.85 70.11
N ILE E 18 -22.25 14.99 70.96
CA ILE E 18 -22.26 13.56 70.69
C ILE E 18 -22.88 13.27 69.33
N SER E 19 -24.03 13.88 69.05
CA SER E 19 -24.70 13.60 67.79
C SER E 19 -23.79 13.92 66.62
N GLU E 20 -23.20 15.11 66.64
CA GLU E 20 -22.36 15.55 65.53
C GLU E 20 -21.18 14.61 65.34
N LEU E 21 -20.48 14.29 66.43
CA LEU E 21 -19.30 13.45 66.29
C LEU E 21 -19.67 12.06 65.77
N ALA E 22 -20.78 11.51 66.25
CA ALA E 22 -21.22 10.22 65.74
C ALA E 22 -21.52 10.30 64.25
N GLU E 23 -22.19 11.38 63.83
CA GLU E 23 -22.54 11.50 62.41
C GLU E 23 -21.29 11.58 61.54
N GLU E 24 -20.29 12.33 61.97
CA GLU E 24 -19.10 12.49 61.14
C GLU E 24 -18.21 11.26 61.17
N LEU E 25 -18.02 10.64 62.34
CA LEU E 25 -17.04 9.57 62.48
C LEU E 25 -17.53 8.24 61.92
N VAL E 26 -18.84 7.99 61.95
CA VAL E 26 -19.37 6.67 61.61
C VAL E 26 -19.27 6.43 60.11
N GLU E 27 -19.44 5.17 59.70
CA GLU E 27 -19.44 4.81 58.29
C GLU E 27 -20.52 3.79 57.95
N ASP E 28 -21.60 3.73 58.74
CA ASP E 28 -22.68 2.77 58.52
C ASP E 28 -23.98 3.47 58.84
N PRO E 29 -24.79 3.80 57.82
CA PRO E 29 -25.93 4.69 58.06
C PRO E 29 -26.87 4.24 59.16
N VAL E 30 -27.16 2.94 59.27
CA VAL E 30 -28.12 2.49 60.27
C VAL E 30 -27.60 2.79 61.67
N TYR E 31 -26.33 2.48 61.93
CA TYR E 31 -25.76 2.74 63.24
C TYR E 31 -25.65 4.23 63.51
N ALA E 32 -25.35 5.02 62.48
CA ALA E 32 -25.34 6.46 62.64
C ALA E 32 -26.71 6.97 63.06
N VAL E 33 -27.77 6.45 62.46
CA VAL E 33 -29.11 6.84 62.86
C VAL E 33 -29.37 6.43 64.31
N ALA E 34 -28.98 5.21 64.65
CA ALA E 34 -29.27 4.70 66.00
C ALA E 34 -28.61 5.56 67.06
N VAL E 35 -27.36 5.98 66.83
CA VAL E 35 -26.64 6.74 67.84
C VAL E 35 -27.41 8.01 68.19
N ARG E 36 -27.78 8.78 67.18
CA ARG E 36 -28.54 10.00 67.40
C ARG E 36 -29.90 9.71 68.02
N GLY E 37 -30.57 8.67 67.52
CA GLY E 37 -31.88 8.34 68.03
C GLY E 37 -31.86 8.11 69.53
N MET E 38 -30.84 7.41 70.01
CA MET E 38 -30.74 7.20 71.45
C MET E 38 -30.31 8.48 72.17
N ALA E 39 -29.35 9.20 71.59
CA ALA E 39 -28.76 10.33 72.29
C ALA E 39 -29.79 11.42 72.57
N LEU E 40 -30.58 11.78 71.55
CA LEU E 40 -31.50 12.90 71.71
C LEU E 40 -32.49 12.63 72.82
N VAL E 41 -33.12 11.46 72.81
CA VAL E 41 -34.09 11.13 73.83
C VAL E 41 -33.43 11.03 75.19
N GLY E 42 -32.27 10.36 75.27
CA GLY E 42 -31.60 10.24 76.55
C GLY E 42 -31.28 11.58 77.17
N ALA E 43 -30.95 12.57 76.34
CA ALA E 43 -30.68 13.90 76.84
C ALA E 43 -31.96 14.61 77.28
N ALA E 44 -33.00 14.54 76.46
CA ALA E 44 -34.13 15.44 76.64
C ALA E 44 -34.73 15.37 78.04
N GLY E 45 -34.63 14.21 78.70
CA GLY E 45 -35.33 14.04 79.96
C GLY E 45 -34.89 15.02 81.04
N VAL E 46 -33.67 15.54 80.94
CA VAL E 46 -33.16 16.41 81.99
C VAL E 46 -33.99 17.68 82.11
N PHE E 47 -34.46 18.21 80.98
CA PHE E 47 -35.30 19.41 81.03
C PHE E 47 -36.59 19.14 81.78
N ALA E 48 -37.26 18.03 81.48
CA ALA E 48 -38.47 17.67 82.20
C ALA E 48 -38.17 17.47 83.68
N LEU E 49 -37.05 16.81 83.99
CA LEU E 49 -36.69 16.60 85.39
C LEU E 49 -36.53 17.94 86.10
N GLY E 50 -35.89 18.90 85.46
CA GLY E 50 -35.77 20.22 86.03
C GLY E 50 -37.12 20.89 86.22
N VAL E 51 -38.04 20.67 85.29
CA VAL E 51 -39.36 21.27 85.38
C VAL E 51 -40.19 20.57 86.45
N GLY E 52 -39.68 19.47 86.99
CA GLY E 52 -40.39 18.75 88.02
C GLY E 52 -41.33 17.66 87.54
N GLY E 53 -41.09 17.13 86.34
CA GLY E 53 -41.91 16.07 85.79
C GLY E 53 -41.74 14.76 86.54
N PRO E 54 -42.59 13.78 86.23
CA PRO E 54 -42.55 12.52 86.95
C PRO E 54 -41.39 11.65 86.48
N PRO E 55 -40.59 11.12 87.40
CA PRO E 55 -39.36 10.40 87.00
C PRO E 55 -39.62 9.02 86.44
N GLU E 56 -40.66 8.35 86.93
CA GLU E 56 -40.91 6.96 86.54
C GLU E 56 -41.15 6.85 85.04
N VAL E 57 -42.02 7.72 84.51
CA VAL E 57 -42.30 7.65 83.07
C VAL E 57 -41.07 8.06 82.27
N LEU E 58 -40.25 8.96 82.80
CA LEU E 58 -39.01 9.31 82.10
C LEU E 58 -38.11 8.10 81.95
N GLU E 59 -37.91 7.36 83.04
CA GLU E 59 -37.11 6.14 82.95
C GLU E 59 -37.75 5.14 81.99
N GLU E 60 -39.08 5.03 82.02
CA GLU E 60 -39.77 4.14 81.11
C GLU E 60 -39.50 4.53 79.66
N ALA E 61 -39.54 5.83 79.37
CA ALA E 61 -39.30 6.29 78.00
C ALA E 61 -37.88 5.95 77.56
N ARG E 62 -36.91 6.17 78.45
CA ARG E 62 -35.54 5.83 78.09
C ARG E 62 -35.42 4.34 77.77
N ARG E 63 -36.00 3.51 78.63
CA ARG E 63 -35.98 2.08 78.38
C ARG E 63 -36.64 1.74 77.05
N ARG E 64 -37.76 2.39 76.74
CA ARG E 64 -38.47 2.13 75.49
C ARG E 64 -37.59 2.42 74.29
N VAL E 65 -36.95 3.59 74.27
CA VAL E 65 -36.13 3.91 73.10
C VAL E 65 -34.95 2.97 73.01
N GLU E 66 -34.37 2.59 74.15
CA GLU E 66 -33.26 1.65 74.12
C GLU E 66 -33.69 0.33 73.49
N GLU E 67 -34.85 -0.19 73.91
CA GLU E 67 -35.34 -1.45 73.36
C GLU E 67 -35.60 -1.33 71.87
N ALA E 68 -36.21 -0.22 71.45
CA ALA E 68 -36.49 -0.03 70.03
C ALA E 68 -35.19 -0.05 69.22
N ALA E 69 -34.17 0.67 69.68
CA ALA E 69 -32.91 0.68 68.96
C ALA E 69 -32.30 -0.70 68.93
N ARG E 70 -32.38 -1.45 70.02
CA ARG E 70 -31.80 -2.80 70.05
C ARG E 70 -32.48 -3.69 69.03
N GLU E 71 -33.82 -3.62 68.97
CA GLU E 71 -34.54 -4.40 67.97
C GLU E 71 -34.14 -3.99 66.56
N ALA E 72 -34.02 -2.69 66.31
CA ALA E 72 -33.67 -2.22 64.98
C ALA E 72 -32.28 -2.71 64.59
N LEU E 73 -31.33 -2.65 65.51
CA LEU E 73 -29.99 -3.16 65.22
C LEU E 73 -30.03 -4.65 64.92
N ARG E 74 -30.82 -5.41 65.67
CA ARG E 74 -30.97 -6.83 65.38
C ARG E 74 -31.51 -7.04 63.97
N LYS E 75 -32.50 -6.25 63.57
CA LYS E 75 -33.03 -6.37 62.22
C LYS E 75 -31.96 -6.06 61.17
N TYR E 76 -31.23 -4.97 61.37
CA TYR E 76 -30.23 -4.55 60.37
C TYR E 76 -29.14 -5.60 60.23
N GLU E 77 -28.69 -6.19 61.34
CA GLU E 77 -27.72 -7.26 61.25
C GLU E 77 -28.24 -8.42 60.41
N GLU E 78 -29.54 -8.69 60.48
CA GLU E 78 -30.16 -9.74 59.67
C GLU E 78 -30.28 -9.35 58.20
N GLY E 79 -29.87 -8.15 57.82
CA GLY E 79 -30.00 -7.71 56.44
C GLY E 79 -31.35 -7.11 56.09
N ALA E 80 -32.10 -6.62 57.08
CA ALA E 80 -33.42 -6.04 56.81
C ALA E 80 -33.28 -4.72 56.05
N ASP E 81 -34.42 -4.26 55.52
CA ASP E 81 -34.44 -3.03 54.74
C ASP E 81 -33.94 -1.84 55.55
N VAL E 82 -33.08 -1.04 54.93
CA VAL E 82 -32.61 0.18 55.57
C VAL E 82 -33.74 1.17 55.76
N SER E 83 -34.58 1.33 54.74
CA SER E 83 -35.65 2.32 54.79
C SER E 83 -36.60 2.04 55.96
N GLU E 84 -37.10 0.81 56.04
CA GLU E 84 -37.98 0.44 57.13
C GLU E 84 -37.27 0.64 58.47
N LEU E 85 -35.99 0.29 58.54
CA LEU E 85 -35.25 0.43 59.80
C LEU E 85 -35.27 1.87 60.28
N VAL E 86 -34.86 2.80 59.42
CA VAL E 86 -34.80 4.19 59.86
C VAL E 86 -36.20 4.71 60.14
N ALA E 87 -37.19 4.34 59.32
CA ALA E 87 -38.54 4.82 59.56
C ALA E 87 -39.02 4.37 60.93
N GLU E 88 -38.78 3.10 61.26
CA GLU E 88 -39.20 2.59 62.56
C GLU E 88 -38.50 3.32 63.69
N LEU E 89 -37.19 3.57 63.56
CA LEU E 89 -36.47 4.24 64.64
C LEU E 89 -36.99 5.66 64.87
N ILE E 90 -37.17 6.42 63.79
CA ILE E 90 -37.67 7.79 63.93
C ILE E 90 -39.07 7.79 64.53
N ARG E 91 -39.96 6.93 64.02
CA ARG E 91 -41.28 6.85 64.61
C ARG E 91 -41.23 6.43 66.07
N GLU E 92 -40.23 5.63 66.44
CA GLU E 92 -40.10 5.21 67.84
C GLU E 92 -39.74 6.39 68.73
N THR E 93 -38.76 7.18 68.31
CA THR E 93 -38.38 8.32 69.14
C THR E 93 -39.48 9.38 69.18
N SER E 94 -40.27 9.49 68.11
CA SER E 94 -41.32 10.52 68.06
C SER E 94 -42.29 10.39 69.22
N ARG E 95 -42.87 9.20 69.40
CA ARG E 95 -43.84 9.01 70.47
C ARG E 95 -43.21 9.21 71.84
N GLN E 96 -41.97 8.74 72.02
CA GLN E 96 -41.32 8.90 73.31
C GLN E 96 -41.16 10.38 73.67
N ILE E 97 -40.69 11.18 72.70
CA ILE E 97 -40.54 12.60 72.96
C ILE E 97 -41.90 13.22 73.25
N ALA E 98 -42.93 12.80 72.52
CA ALA E 98 -44.26 13.33 72.77
C ALA E 98 -44.73 12.97 74.18
N GLU E 99 -44.41 11.75 74.64
CA GLU E 99 -44.78 11.34 75.98
C GLU E 99 -44.10 12.21 77.03
N ILE E 100 -42.81 12.48 76.84
CA ILE E 100 -42.11 13.35 77.77
C ILE E 100 -42.73 14.74 77.78
N ALA E 101 -43.04 15.26 76.59
CA ALA E 101 -43.65 16.59 76.51
C ALA E 101 -45.01 16.62 77.19
N GLU E 102 -45.79 15.55 77.02
CA GLU E 102 -47.10 15.48 77.68
C GLU E 102 -46.94 15.46 79.18
N ALA E 103 -46.08 14.58 79.70
CA ALA E 103 -45.85 14.54 81.15
C ALA E 103 -45.44 15.92 81.66
N THR E 104 -44.56 16.61 80.93
CA THR E 104 -44.18 17.95 81.32
C THR E 104 -45.39 18.88 81.34
N ILE E 105 -46.26 18.77 80.33
CA ILE E 105 -47.43 19.65 80.25
C ILE E 105 -48.34 19.41 81.45
N LYS E 106 -48.50 18.15 81.85
CA LYS E 106 -49.40 17.84 82.96
C LYS E 106 -48.87 18.35 84.29
N ALA E 107 -47.61 18.77 84.35
CA ALA E 107 -46.95 19.00 85.63
C ALA E 107 -47.52 20.21 86.37
N THR E 108 -47.67 21.34 85.68
CA THR E 108 -47.98 22.59 86.37
C THR E 108 -48.80 23.49 85.46
N ASP E 109 -49.48 24.45 86.09
CA ASP E 109 -50.33 25.40 85.39
C ASP E 109 -49.63 26.72 85.06
N ASP E 110 -48.36 26.87 85.42
CA ASP E 110 -47.68 28.14 85.24
C ASP E 110 -47.55 28.46 83.75
N PRO E 111 -47.98 29.65 83.31
CA PRO E 111 -47.73 30.03 81.91
C PRO E 111 -46.25 30.07 81.54
N GLU E 112 -45.38 30.45 82.47
CA GLU E 112 -43.95 30.50 82.15
C GLU E 112 -43.41 29.11 81.84
N VAL E 113 -43.65 28.16 82.74
CA VAL E 113 -43.22 26.78 82.50
C VAL E 113 -43.89 26.24 81.24
N LEU E 114 -45.15 26.59 81.02
CA LEU E 114 -45.85 26.13 79.82
C LEU E 114 -45.14 26.64 78.57
N GLU E 115 -44.77 27.91 78.56
CA GLU E 115 -44.08 28.47 77.41
C GLU E 115 -42.74 27.79 77.20
N GLU E 116 -42.01 27.54 78.29
CA GLU E 116 -40.73 26.85 78.17
C GLU E 116 -40.92 25.46 77.56
N ILE E 117 -41.90 24.72 78.05
CA ILE E 117 -42.13 23.36 77.56
C ILE E 117 -42.50 23.39 76.09
N SER E 118 -43.42 24.29 75.71
CA SER E 118 -43.84 24.38 74.33
C SER E 118 -42.66 24.75 73.43
N GLU E 119 -41.86 25.72 73.85
CA GLU E 119 -40.71 26.12 73.04
C GLU E 119 -39.75 24.95 72.84
N PHE E 120 -39.44 24.23 73.92
CA PHE E 120 -38.52 23.10 73.80
C PHE E 120 -39.08 22.04 72.85
N ALA E 121 -40.36 21.69 73.01
CA ALA E 121 -40.95 20.68 72.14
C ALA E 121 -40.90 21.13 70.69
N GLU E 122 -41.24 22.39 70.43
CA GLU E 122 -41.25 22.88 69.05
C GLU E 122 -39.86 22.84 68.44
N GLU E 123 -38.85 23.29 69.20
CA GLU E 123 -37.50 23.30 68.65
C GLU E 123 -37.02 21.89 68.34
N ARG E 124 -37.23 20.96 69.29
CA ARG E 124 -36.81 19.58 69.05
C ARG E 124 -37.51 19.00 67.82
N SER E 125 -38.82 19.21 67.71
CA SER E 125 -39.55 18.67 66.56
C SER E 125 -39.05 19.29 65.25
N ARG E 126 -38.80 20.60 65.26
CA ARG E 126 -38.33 21.26 64.04
C ARG E 126 -37.01 20.68 63.59
N ARG E 127 -36.08 20.44 64.52
CA ARG E 127 -34.82 19.81 64.13
C ARG E 127 -35.03 18.39 63.63
N LEU E 128 -35.87 17.63 64.34
CA LEU E 128 -36.05 16.22 64.01
C LEU E 128 -36.61 16.04 62.60
N SER E 129 -37.61 16.86 62.25
CA SER E 129 -38.22 16.72 60.93
C SER E 129 -37.18 16.92 59.84
N GLU E 130 -36.33 17.94 59.97
CA GLU E 130 -35.32 18.19 58.95
C GLU E 130 -34.33 17.04 58.87
N TYR E 131 -33.90 16.52 60.02
CA TYR E 131 -32.95 15.41 59.98
C TYR E 131 -33.56 14.21 59.27
N ALA E 132 -34.80 13.87 59.62
CA ALA E 132 -35.46 12.73 58.99
C ALA E 132 -35.60 12.94 57.49
N GLU E 133 -36.03 14.14 57.08
CA GLU E 133 -36.14 14.43 55.66
C GLU E 133 -34.79 14.33 54.96
N ARG E 134 -33.69 14.58 55.68
CA ARG E 134 -32.38 14.45 55.06
C ARG E 134 -31.99 12.99 54.86
N HIS E 135 -32.40 12.11 55.78
CA HIS E 135 -31.90 10.73 55.71
C HIS E 135 -32.76 9.81 54.86
N VAL E 136 -34.09 9.92 54.90
CA VAL E 136 -34.95 8.89 54.30
C VAL E 136 -34.97 9.06 52.78
N THR E 137 -34.80 7.94 52.07
CA THR E 137 -34.86 7.94 50.61
C THR E 137 -36.22 7.51 50.07
N ASN E 138 -36.92 6.62 50.76
CA ASN E 138 -38.22 6.15 50.27
C ASN E 138 -39.20 7.31 50.34
N PRO E 139 -39.85 7.69 49.24
CA PRO E 139 -40.72 8.88 49.28
C PRO E 139 -41.79 8.80 50.35
N ILE E 140 -42.57 7.72 50.37
CA ILE E 140 -43.67 7.60 51.32
C ILE E 140 -43.16 7.65 52.74
N LEU E 141 -42.02 7.01 53.01
CA LEU E 141 -41.49 7.01 54.37
C LEU E 141 -41.15 8.43 54.81
N ALA E 142 -40.53 9.22 53.93
CA ALA E 142 -40.21 10.60 54.27
C ALA E 142 -41.48 11.40 54.52
N ALA E 143 -42.47 11.23 53.65
CA ALA E 143 -43.71 11.99 53.78
C ALA E 143 -44.39 11.67 55.11
N THR E 144 -44.47 10.38 55.45
CA THR E 144 -45.08 10.00 56.71
C THR E 144 -44.28 10.52 57.91
N VAL E 145 -42.95 10.50 57.81
CA VAL E 145 -42.15 11.03 58.93
C VAL E 145 -42.52 12.48 59.19
N VAL E 146 -42.54 13.31 58.13
CA VAL E 146 -42.81 14.72 58.36
C VAL E 146 -44.25 14.93 58.80
N ALA E 147 -45.18 14.15 58.26
CA ALA E 147 -46.58 14.29 58.66
C ALA E 147 -46.75 14.00 60.15
N LEU E 148 -46.16 12.91 60.63
CA LEU E 148 -46.26 12.57 62.03
C LEU E 148 -45.65 13.67 62.89
N ALA E 149 -44.48 14.17 62.50
CA ALA E 149 -43.86 15.24 63.26
C ALA E 149 -44.80 16.44 63.38
N GLU E 150 -45.39 16.84 62.25
CA GLU E 150 -46.27 18.00 62.26
C GLU E 150 -47.45 17.78 63.18
N VAL E 151 -48.12 16.64 63.05
CA VAL E 151 -49.32 16.39 63.87
C VAL E 151 -48.96 16.41 65.34
N LEU E 152 -47.86 15.74 65.71
CA LEU E 152 -47.49 15.68 67.12
C LEU E 152 -47.20 17.07 67.66
N SER E 153 -46.46 17.89 66.90
CA SER E 153 -46.20 19.24 67.36
C SER E 153 -47.50 20.02 67.52
N ALA E 154 -48.44 19.81 66.60
CA ALA E 154 -49.70 20.54 66.67
C ALA E 154 -50.41 20.24 67.97
N VAL E 155 -50.57 18.96 68.31
CA VAL E 155 -51.30 18.63 69.53
C VAL E 155 -50.51 19.10 70.76
N VAL E 156 -49.18 19.01 70.71
CA VAL E 156 -48.38 19.45 71.84
C VAL E 156 -48.65 20.92 72.12
N ARG E 157 -48.69 21.75 71.07
CA ARG E 157 -49.07 23.14 71.25
C ARG E 157 -50.49 23.26 71.79
N ALA E 158 -51.44 22.56 71.16
CA ALA E 158 -52.85 22.78 71.46
C ALA E 158 -53.18 22.49 72.92
N ARG E 159 -52.48 21.52 73.52
CA ARG E 159 -52.85 21.16 74.88
C ARG E 159 -52.55 22.29 75.86
N SER E 160 -51.79 23.30 75.44
CA SER E 160 -51.52 24.45 76.31
C SER E 160 -52.77 25.25 76.61
N TYR E 161 -53.85 25.04 75.86
CA TYR E 161 -55.09 25.78 76.04
C TYR E 161 -56.28 24.90 76.39
N GLY E 162 -56.08 23.61 76.60
CA GLY E 162 -57.14 22.74 77.06
C GLY E 162 -58.00 22.14 75.98
N ALA E 163 -57.56 22.16 74.73
CA ALA E 163 -58.36 21.60 73.66
C ALA E 163 -58.49 20.08 73.85
N PRO E 164 -59.67 19.50 73.66
CA PRO E 164 -59.82 18.05 73.86
C PRO E 164 -58.81 17.26 73.04
N GLU E 165 -58.19 16.28 73.68
CA GLU E 165 -57.17 15.46 73.02
C GLU E 165 -57.77 14.43 72.07
N GLU E 166 -59.03 14.04 72.28
CA GLU E 166 -59.62 12.98 71.49
C GLU E 166 -59.64 13.32 70.01
N VAL E 167 -59.82 14.59 69.66
CA VAL E 167 -59.74 14.99 68.25
C VAL E 167 -58.34 14.75 67.72
N GLY E 168 -57.32 15.04 68.53
CA GLY E 168 -55.96 14.76 68.11
C GLY E 168 -55.73 13.28 67.91
N GLU E 169 -56.27 12.45 68.81
CA GLU E 169 -56.18 11.01 68.64
C GLU E 169 -56.86 10.57 67.36
N LYS E 170 -58.02 11.15 67.05
CA LYS E 170 -58.73 10.80 65.82
C LYS E 170 -57.89 11.16 64.60
N ALA E 171 -57.30 12.35 64.59
CA ALA E 171 -56.45 12.74 63.48
C ALA E 171 -55.24 11.81 63.36
N VAL E 172 -54.66 11.44 64.49
CA VAL E 172 -53.52 10.52 64.46
C VAL E 172 -53.95 9.18 63.87
N LYS E 173 -55.13 8.70 64.25
CA LYS E 173 -55.61 7.42 63.72
C LYS E 173 -55.83 7.52 62.22
N GLU E 174 -56.45 8.63 61.76
CA GLU E 174 -56.64 8.81 60.33
C GLU E 174 -55.31 8.84 59.60
N VAL E 175 -54.33 9.54 60.15
CA VAL E 175 -53.00 9.60 59.54
C VAL E 175 -52.38 8.21 59.48
N ARG E 176 -52.54 7.43 60.55
CA ARG E 176 -52.00 6.08 60.55
C ARG E 176 -52.65 5.24 59.46
N GLU E 177 -53.97 5.32 59.34
CA GLU E 177 -54.67 4.57 58.30
C GLU E 177 -54.17 4.97 56.92
N ALA E 178 -54.06 6.28 56.68
CA ALA E 178 -53.60 6.76 55.39
C ALA E 178 -52.18 6.28 55.11
N SER E 179 -51.30 6.35 56.11
CA SER E 179 -49.91 5.98 55.89
C SER E 179 -49.76 4.49 55.64
N GLU E 180 -50.49 3.66 56.39
CA GLU E 180 -50.43 2.22 56.13
C GLU E 180 -50.96 1.90 54.75
N GLU E 181 -52.07 2.54 54.36
CA GLU E 181 -52.58 2.35 53.01
C GLU E 181 -51.54 2.75 51.98
N ALA E 182 -50.88 3.89 52.19
CA ALA E 182 -49.89 4.36 51.25
C ALA E 182 -48.73 3.38 51.13
N LEU E 183 -48.25 2.86 52.26
CA LEU E 183 -47.16 1.88 52.20
C LEU E 183 -47.58 0.63 51.43
N GLU E 184 -48.78 0.12 51.70
CA GLU E 184 -49.24 -1.07 50.98
C GLU E 184 -49.37 -0.79 49.49
N ARG E 185 -49.97 0.35 49.13
CA ARG E 185 -50.15 0.69 47.74
C ARG E 185 -48.80 0.90 47.05
N TYR E 186 -47.83 1.48 47.76
CA TYR E 186 -46.51 1.64 47.19
C TYR E 186 -45.90 0.29 46.88
N LYS E 187 -46.01 -0.67 47.81
CA LYS E 187 -45.60 -2.03 47.49
C LYS E 187 -46.37 -2.58 46.31
N LYS E 188 -47.64 -2.18 46.15
CA LYS E 188 -48.48 -2.64 45.06
C LYS E 188 -48.18 -1.95 43.73
N GLY E 189 -47.25 -1.00 43.70
CA GLY E 189 -46.91 -0.33 42.46
C GLY E 189 -47.82 0.82 42.08
N GLU E 190 -48.60 1.34 43.02
CA GLU E 190 -49.48 2.46 42.73
C GLU E 190 -48.68 3.73 42.51
N ASP E 191 -49.32 4.72 41.90
CA ASP E 191 -48.67 5.99 41.61
C ASP E 191 -48.25 6.70 42.90
N VAL E 192 -46.98 7.08 42.98
CA VAL E 192 -46.44 7.70 44.19
C VAL E 192 -47.08 9.07 44.42
N SER E 193 -47.25 9.84 43.35
CA SER E 193 -47.71 11.21 43.50
C SER E 193 -49.08 11.26 44.16
N GLU E 194 -49.99 10.38 43.76
CA GLU E 194 -51.32 10.37 44.36
C GLU E 194 -51.25 10.10 45.84
N LEU E 195 -50.44 9.12 46.25
CA LEU E 195 -50.33 8.80 47.67
C LEU E 195 -49.78 9.99 48.44
N VAL E 196 -48.74 10.63 47.92
CA VAL E 196 -48.15 11.78 48.60
C VAL E 196 -49.19 12.88 48.75
N ALA E 197 -49.91 13.18 47.67
CA ALA E 197 -50.89 14.26 47.70
C ALA E 197 -52.01 13.95 48.69
N GLU E 198 -52.50 12.72 48.68
CA GLU E 198 -53.58 12.36 49.59
C GLU E 198 -53.13 12.49 51.04
N LEU E 199 -51.92 12.01 51.35
CA LEU E 199 -51.41 12.13 52.70
C LEU E 199 -51.34 13.60 53.12
N ILE E 200 -50.77 14.45 52.25
CA ILE E 200 -50.62 15.86 52.60
C ILE E 200 -51.99 16.49 52.84
N ARG E 201 -52.95 16.20 51.96
CA ARG E 201 -54.27 16.80 52.09
C ARG E 201 -54.94 16.38 53.39
N GLU E 202 -54.85 15.08 53.72
CA GLU E 202 -55.43 14.61 54.97
C GLU E 202 -54.78 15.30 56.15
N THR E 203 -53.46 15.44 56.13
CA THR E 203 -52.77 16.12 57.22
C THR E 203 -53.26 17.56 57.33
N SER E 204 -53.43 18.23 56.20
CA SER E 204 -53.91 19.60 56.22
C SER E 204 -55.27 19.70 56.89
N ARG E 205 -56.21 18.87 56.45
CA ARG E 205 -57.54 18.91 57.06
C ARG E 205 -57.45 18.62 58.56
N GLN E 206 -56.62 17.65 58.95
CA GLN E 206 -56.52 17.29 60.36
C GLN E 206 -56.04 18.46 61.20
N ILE E 207 -54.94 19.10 60.79
CA ILE E 207 -54.40 20.19 61.58
C ILE E 207 -55.38 21.35 61.61
N ALA E 208 -56.05 21.60 60.47
CA ALA E 208 -57.03 22.67 60.44
C ALA E 208 -58.15 22.42 61.45
N GLU E 209 -58.67 21.19 61.49
CA GLU E 209 -59.75 20.89 62.41
C GLU E 209 -59.30 21.06 63.85
N ILE E 210 -58.11 20.53 64.17
CA ILE E 210 -57.61 20.65 65.54
C ILE E 210 -57.51 22.12 65.94
N ALA E 211 -56.87 22.93 65.09
CA ALA E 211 -56.69 24.34 65.41
C ALA E 211 -58.04 25.05 65.53
N GLU E 212 -59.00 24.67 64.69
CA GLU E 212 -60.31 25.31 64.74
C GLU E 212 -61.01 25.03 66.07
N ALA E 213 -60.98 23.78 66.51
CA ALA E 213 -61.55 23.47 67.82
C ALA E 213 -60.82 24.26 68.91
N THR E 214 -59.49 24.33 68.83
CA THR E 214 -58.74 25.08 69.81
C THR E 214 -59.18 26.55 69.83
N ILE E 215 -59.39 27.13 68.65
CA ILE E 215 -59.85 28.52 68.57
C ILE E 215 -61.22 28.65 69.21
N LYS E 216 -62.10 27.68 68.98
CA LYS E 216 -63.40 27.69 69.65
C LYS E 216 -63.23 27.73 71.16
N ALA E 217 -62.27 26.97 71.69
CA ALA E 217 -62.05 26.93 73.13
C ALA E 217 -61.47 28.24 73.70
N THR E 218 -61.01 29.15 72.86
CA THR E 218 -60.31 30.33 73.34
C THR E 218 -61.25 31.26 74.11
N ASP E 219 -60.64 32.14 74.93
CA ASP E 219 -61.43 33.10 75.70
C ASP E 219 -60.84 34.50 75.78
N ASP E 220 -59.75 34.80 75.07
CA ASP E 220 -59.11 36.10 75.18
C ASP E 220 -58.55 36.49 73.81
N PRO E 221 -58.36 37.79 73.56
CA PRO E 221 -57.87 38.20 72.23
C PRO E 221 -56.41 37.87 72.00
N GLU E 222 -55.55 38.09 73.00
CA GLU E 222 -54.13 37.81 72.81
C GLU E 222 -53.91 36.32 72.52
N VAL E 223 -54.60 35.45 73.27
CA VAL E 223 -54.49 34.02 73.03
C VAL E 223 -54.98 33.68 71.64
N LEU E 224 -56.08 34.29 71.21
CA LEU E 224 -56.60 34.05 69.87
C LEU E 224 -55.56 34.42 68.82
N GLU E 225 -54.93 35.58 68.98
CA GLU E 225 -53.90 36.00 68.04
C GLU E 225 -52.74 35.02 68.02
N GLU E 226 -52.31 34.56 69.20
CA GLU E 226 -51.22 33.59 69.25
C GLU E 226 -51.59 32.32 68.51
N ILE E 227 -52.81 31.81 68.75
CA ILE E 227 -53.23 30.59 68.08
C ILE E 227 -53.26 30.80 66.57
N SER E 228 -53.78 31.94 66.14
CA SER E 228 -53.81 32.22 64.70
C SER E 228 -52.40 32.21 64.12
N GLU E 229 -51.47 32.88 64.80
CA GLU E 229 -50.10 32.93 64.29
C GLU E 229 -49.50 31.54 64.19
N PHE E 230 -49.69 30.71 65.22
CA PHE E 230 -49.11 29.37 65.20
C PHE E 230 -49.71 28.53 64.08
N ALA E 231 -51.04 28.61 63.90
CA ALA E 231 -51.66 27.87 62.81
C ALA E 231 -51.14 28.36 61.47
N GLU E 232 -50.96 29.67 61.33
CA GLU E 232 -50.43 30.21 60.08
C GLU E 232 -49.05 29.64 59.79
N GLU E 233 -48.17 29.65 60.80
CA GLU E 233 -46.83 29.13 60.59
C GLU E 233 -46.87 27.67 60.17
N ARG E 234 -47.68 26.86 60.87
CA ARG E 234 -47.75 25.44 60.53
C ARG E 234 -48.26 25.24 59.11
N SER E 235 -49.31 25.95 58.74
CA SER E 235 -49.85 25.83 57.40
C SER E 235 -48.81 26.24 56.37
N ARG E 236 -48.08 27.32 56.64
CA ARG E 236 -47.05 27.78 55.71
C ARG E 236 -46.00 26.68 55.50
N ARG E 237 -45.57 26.04 56.58
CA ARG E 237 -44.55 25.00 56.44
C ARG E 237 -45.08 23.81 55.65
N LEU E 238 -46.33 23.40 55.92
CA LEU E 238 -46.90 22.30 55.15
C LEU E 238 -46.97 22.65 53.67
N SER E 239 -47.43 23.87 53.37
CA SER E 239 -47.48 24.31 51.98
C SER E 239 -46.10 24.32 51.37
N GLU E 240 -45.10 24.74 52.13
CA GLU E 240 -43.74 24.78 51.62
C GLU E 240 -43.27 23.38 51.23
N TYR E 241 -43.49 22.40 52.11
CA TYR E 241 -43.07 21.04 51.78
C TYR E 241 -43.78 20.57 50.51
N ALA E 242 -45.10 20.77 50.45
CA ALA E 242 -45.84 20.31 49.29
C ALA E 242 -45.29 20.93 48.01
N GLU E 243 -45.13 22.26 48.00
CA GLU E 243 -44.65 22.94 46.80
C GLU E 243 -43.23 22.53 46.46
N ARG E 244 -42.44 22.15 47.46
CA ARG E 244 -41.05 21.81 47.21
C ARG E 244 -40.91 20.42 46.62
N HIS E 245 -41.73 19.47 47.07
CA HIS E 245 -41.40 18.06 46.84
C HIS E 245 -42.46 17.27 46.09
N VAL E 246 -43.67 17.80 45.88
CA VAL E 246 -44.66 17.09 45.09
C VAL E 246 -44.22 17.08 43.63
N THR E 247 -44.45 15.95 42.96
CA THR E 247 -43.86 15.70 41.65
C THR E 247 -44.73 16.14 40.47
N ASN E 248 -45.96 16.57 40.70
CA ASN E 248 -46.84 16.90 39.59
C ASN E 248 -47.41 18.30 39.74
N PRO E 249 -47.49 19.07 38.65
CA PRO E 249 -48.01 20.44 38.78
C PRO E 249 -49.41 20.50 39.36
N ILE E 250 -50.34 19.72 38.83
CA ILE E 250 -51.72 19.78 39.29
C ILE E 250 -51.81 19.34 40.75
N LEU E 251 -51.08 18.27 41.10
CA LEU E 251 -51.09 17.82 42.49
C LEU E 251 -50.58 18.90 43.42
N ALA E 252 -49.48 19.57 43.04
CA ALA E 252 -48.94 20.63 43.88
C ALA E 252 -49.93 21.79 43.99
N ALA E 253 -50.53 22.17 42.87
CA ALA E 253 -51.47 23.28 42.88
C ALA E 253 -52.64 22.99 43.80
N THR E 254 -53.20 21.79 43.69
CA THR E 254 -54.32 21.43 44.55
C THR E 254 -53.89 21.35 46.01
N VAL E 255 -52.70 20.83 46.28
CA VAL E 255 -52.24 20.74 47.67
C VAL E 255 -52.13 22.12 48.27
N VAL E 256 -51.45 23.04 47.58
CA VAL E 256 -51.28 24.38 48.12
C VAL E 256 -52.62 25.09 48.18
N ALA E 257 -53.53 24.80 47.24
CA ALA E 257 -54.85 25.40 47.31
C ALA E 257 -55.59 24.96 48.56
N LEU E 258 -55.54 23.68 48.87
CA LEU E 258 -56.19 23.18 50.07
C LEU E 258 -55.58 23.83 51.31
N ALA E 259 -54.25 23.84 51.38
CA ALA E 259 -53.59 24.41 52.55
C ALA E 259 -53.92 25.89 52.72
N GLU E 260 -53.87 26.65 51.62
CA GLU E 260 -54.16 28.07 51.69
C GLU E 260 -55.61 28.32 52.08
N VAL E 261 -56.54 27.56 51.50
CA VAL E 261 -57.94 27.74 51.83
C VAL E 261 -58.17 27.48 53.31
N LEU E 262 -57.59 26.40 53.84
CA LEU E 262 -57.78 26.09 55.25
C LEU E 262 -57.09 27.15 56.13
N SER E 263 -55.95 27.68 55.68
CA SER E 263 -55.29 28.74 56.42
C SER E 263 -56.18 29.97 56.50
N ALA E 264 -56.82 30.33 55.39
CA ALA E 264 -57.79 31.43 55.43
C ALA E 264 -58.96 31.08 56.33
N VAL E 265 -59.38 29.81 56.33
CA VAL E 265 -60.47 29.38 57.20
C VAL E 265 -60.13 29.67 58.65
N VAL E 266 -58.93 29.27 59.08
CA VAL E 266 -58.53 29.54 60.46
C VAL E 266 -58.43 31.04 60.70
N ARG E 267 -57.88 31.77 59.74
CA ARG E 267 -57.84 33.23 59.83
C ARG E 267 -59.23 33.80 60.09
N ALA E 268 -60.25 33.19 59.50
CA ALA E 268 -61.60 33.73 59.62
C ALA E 268 -62.09 33.76 61.06
N ARG E 269 -61.64 32.85 61.91
CA ARG E 269 -62.08 32.84 63.30
C ARG E 269 -61.52 34.01 64.12
N SER E 270 -60.88 34.98 63.49
CA SER E 270 -60.37 36.12 64.25
C SER E 270 -61.50 36.83 64.99
N TYR E 271 -62.64 37.04 64.32
CA TYR E 271 -63.70 37.85 64.90
C TYR E 271 -65.09 37.29 64.64
N GLY E 272 -65.21 35.97 64.51
CA GLY E 272 -66.51 35.35 64.45
C GLY E 272 -67.19 35.37 63.10
N ALA E 273 -66.43 35.39 62.01
CA ALA E 273 -67.05 35.45 60.69
C ALA E 273 -67.87 34.18 60.44
N PRO E 274 -68.96 34.29 59.69
CA PRO E 274 -69.83 33.13 59.48
C PRO E 274 -69.10 31.96 58.82
N GLU E 275 -69.54 30.74 59.16
CA GLU E 275 -68.94 29.54 58.60
C GLU E 275 -69.31 29.31 57.14
N GLU E 276 -70.37 29.97 56.66
CA GLU E 276 -70.77 29.78 55.27
C GLU E 276 -69.66 30.18 54.32
N VAL E 277 -68.82 31.13 54.71
CA VAL E 277 -67.67 31.49 53.88
C VAL E 277 -66.74 30.28 53.76
N GLY E 278 -66.47 29.61 54.88
CA GLY E 278 -65.64 28.43 54.83
C GLY E 278 -66.26 27.34 53.97
N GLU E 279 -67.58 27.17 54.09
CA GLU E 279 -68.26 26.19 53.26
C GLU E 279 -68.08 26.51 51.78
N LYS E 280 -68.24 27.79 51.41
CA LYS E 280 -68.09 28.18 50.01
C LYS E 280 -66.67 27.95 49.53
N ALA E 281 -65.68 28.34 50.34
CA ALA E 281 -64.29 28.16 49.93
C ALA E 281 -63.96 26.68 49.77
N VAL E 282 -64.41 25.85 50.71
CA VAL E 282 -64.14 24.42 50.62
C VAL E 282 -64.79 23.82 49.39
N LYS E 283 -66.06 24.20 49.13
CA LYS E 283 -66.73 23.69 47.95
C LYS E 283 -65.99 24.13 46.68
N GLU E 284 -65.57 25.39 46.62
CA GLU E 284 -64.83 25.87 45.46
C GLU E 284 -63.57 25.04 45.26
N VAL E 285 -62.78 24.88 46.31
CA VAL E 285 -61.52 24.14 46.18
C VAL E 285 -61.79 22.71 45.72
N ARG E 286 -62.77 22.05 46.33
CA ARG E 286 -63.02 20.64 46.02
C ARG E 286 -63.54 20.47 44.60
N GLU E 287 -64.50 21.30 44.19
CA GLU E 287 -65.01 21.22 42.82
C GLU E 287 -63.90 21.51 41.83
N ALA E 288 -63.10 22.55 42.10
CA ALA E 288 -62.00 22.89 41.20
C ALA E 288 -61.04 21.74 41.06
N SER E 289 -60.67 21.11 42.18
CA SER E 289 -59.71 20.01 42.11
C SER E 289 -60.30 18.81 41.38
N GLU E 290 -61.57 18.49 41.64
CA GLU E 290 -62.19 17.38 40.92
C GLU E 290 -62.22 17.66 39.43
N GLU E 291 -62.61 18.87 39.03
CA GLU E 291 -62.64 19.22 37.62
C GLU E 291 -61.23 19.15 37.01
N ALA E 292 -60.23 19.63 37.75
CA ALA E 292 -58.86 19.60 37.25
C ALA E 292 -58.38 18.18 37.07
N LEU E 293 -58.69 17.30 38.02
CA LEU E 293 -58.34 15.89 37.86
C LEU E 293 -59.03 15.30 36.65
N GLU E 294 -60.32 15.62 36.45
CA GLU E 294 -61.04 15.12 35.29
C GLU E 294 -60.38 15.59 34.01
N ARG E 295 -60.04 16.88 33.92
CA ARG E 295 -59.41 17.41 32.72
C ARG E 295 -58.04 16.76 32.49
N TYR E 296 -57.26 16.58 33.55
CA TYR E 296 -55.96 15.95 33.42
C TYR E 296 -56.11 14.53 32.90
N LYS E 297 -57.11 13.80 33.41
CA LYS E 297 -57.42 12.49 32.85
C LYS E 297 -57.79 12.61 31.37
N GLU E 298 -58.48 13.68 31.00
CA GLU E 298 -58.83 13.94 29.61
C GLU E 298 -57.67 14.45 28.78
N GLY E 299 -56.50 14.64 29.38
CA GLY E 299 -55.35 15.14 28.66
C GLY E 299 -55.28 16.63 28.50
N ALA E 300 -56.06 17.38 29.27
CA ALA E 300 -56.06 18.84 29.17
C ALA E 300 -54.78 19.41 29.76
N ASP E 301 -54.53 20.69 29.45
CA ASP E 301 -53.32 21.35 29.93
C ASP E 301 -53.34 21.48 31.44
N GLU E 302 -52.25 21.03 32.08
CA GLU E 302 -52.12 21.21 33.53
C GLU E 302 -51.95 22.68 33.87
N SER E 303 -51.39 23.47 32.95
CA SER E 303 -51.22 24.89 33.20
C SER E 303 -52.56 25.59 33.34
N GLU E 304 -53.50 25.31 32.43
CA GLU E 304 -54.82 25.91 32.52
C GLU E 304 -55.52 25.51 33.81
N LEU E 305 -55.40 24.25 34.20
CA LEU E 305 -56.01 23.80 35.44
C LEU E 305 -55.39 24.53 36.64
N VAL E 306 -54.07 24.69 36.63
CA VAL E 306 -53.40 25.41 37.71
C VAL E 306 -53.94 26.84 37.79
N ALA E 307 -54.04 27.50 36.64
CA ALA E 307 -54.54 28.87 36.62
C ALA E 307 -55.96 28.95 37.17
N GLU E 308 -56.83 28.03 36.76
CA GLU E 308 -58.19 28.05 37.27
C GLU E 308 -58.22 27.86 38.77
N VAL E 309 -57.48 26.86 39.26
CA VAL E 309 -57.48 26.56 40.69
C VAL E 309 -56.99 27.76 41.48
N MET E 310 -55.88 28.36 41.03
CA MET E 310 -55.33 29.47 41.79
C MET E 310 -56.22 30.70 41.71
N THR E 311 -56.89 30.91 40.58
CA THR E 311 -57.85 32.01 40.50
C THR E 311 -58.94 31.84 41.54
N ALA E 312 -59.50 30.62 41.63
CA ALA E 312 -60.52 30.37 42.64
C ALA E 312 -59.96 30.55 44.04
N THR E 313 -58.73 30.11 44.27
CA THR E 313 -58.12 30.26 45.59
C THR E 313 -58.03 31.72 45.99
N ALA E 314 -57.49 32.56 45.11
CA ALA E 314 -57.39 33.98 45.39
C ALA E 314 -58.77 34.58 45.65
N GLU E 315 -59.74 34.23 44.79
CA GLU E 315 -61.09 34.76 44.96
C GLU E 315 -61.64 34.40 46.33
N ALA E 316 -61.48 33.14 46.74
CA ALA E 316 -62.03 32.70 48.02
C ALA E 316 -61.35 33.40 49.18
N VAL E 317 -60.03 33.52 49.14
CA VAL E 317 -59.32 34.20 50.22
C VAL E 317 -59.81 35.65 50.33
N GLY E 318 -59.92 36.33 49.19
CA GLY E 318 -60.38 37.71 49.22
C GLY E 318 -61.81 37.82 49.74
N GLU E 319 -62.68 36.91 49.30
CA GLU E 319 -64.07 36.95 49.73
C GLU E 319 -64.17 36.74 51.24
N ILE E 320 -63.39 35.80 51.77
CA ILE E 320 -63.42 35.54 53.21
C ILE E 320 -62.93 36.76 53.97
N ALA E 321 -61.85 37.40 53.50
CA ALA E 321 -61.39 38.60 54.17
C ALA E 321 -62.43 39.70 54.10
N GLU E 322 -63.10 39.83 52.96
CA GLU E 322 -64.14 40.84 52.81
C GLU E 322 -65.27 40.60 53.79
N ALA E 323 -65.69 39.35 53.93
CA ALA E 323 -66.72 39.03 54.92
C ALA E 323 -66.27 39.40 56.31
N THR E 324 -65.02 39.08 56.65
CA THR E 324 -64.48 39.48 57.95
C THR E 324 -64.60 40.99 58.14
N ILE E 325 -64.23 41.76 57.11
CA ILE E 325 -64.34 43.22 57.19
C ILE E 325 -65.79 43.63 57.41
N GLU E 326 -66.72 42.97 56.71
CA GLU E 326 -68.13 43.30 56.84
C GLU E 326 -68.60 43.08 58.27
N ALA E 327 -68.15 42.00 58.91
CA ALA E 327 -68.54 41.74 60.28
C ALA E 327 -67.87 42.69 61.26
N THR E 328 -66.80 43.37 60.86
CA THR E 328 -66.05 44.23 61.77
C THR E 328 -66.82 45.52 62.03
N ASP E 329 -66.45 46.20 63.14
CA ASP E 329 -67.16 47.41 63.53
C ASP E 329 -66.24 48.49 64.11
N ASP E 330 -64.93 48.42 63.92
CA ASP E 330 -64.03 49.44 64.46
C ASP E 330 -62.87 49.65 63.49
N PRO E 331 -62.33 50.88 63.40
CA PRO E 331 -61.30 51.15 62.38
C PRO E 331 -60.06 50.28 62.49
N GLU E 332 -59.46 50.20 63.69
CA GLU E 332 -58.17 49.54 63.83
C GLU E 332 -58.27 48.09 63.40
N LYS E 333 -59.37 47.42 63.75
CA LYS E 333 -59.56 46.06 63.28
C LYS E 333 -59.63 46.02 61.75
N ARG E 334 -60.32 46.99 61.16
CA ARG E 334 -60.39 47.02 59.70
C ARG E 334 -59.00 47.07 59.08
N ARG E 335 -58.17 48.03 59.52
CA ARG E 335 -56.86 48.16 58.89
C ARG E 335 -55.97 46.97 59.19
N LYS E 336 -56.04 46.41 60.40
CA LYS E 336 -55.26 45.22 60.71
C LYS E 336 -55.66 44.06 59.79
N ILE E 337 -56.96 43.78 59.71
CA ILE E 337 -57.45 42.74 58.82
C ILE E 337 -57.01 43.02 57.40
N ALA E 338 -57.02 44.29 57.00
CA ALA E 338 -56.67 44.63 55.62
C ALA E 338 -55.20 44.33 55.35
N GLU E 339 -54.32 44.61 56.29
CA GLU E 339 -52.91 44.29 56.07
C GLU E 339 -52.71 42.78 56.04
N PHE E 340 -53.42 42.04 56.90
CA PHE E 340 -53.34 40.60 56.81
C PHE E 340 -53.84 40.08 55.46
N ALA E 341 -54.92 40.68 54.96
CA ALA E 341 -55.46 40.27 53.66
C ALA E 341 -54.46 40.57 52.55
N ARG E 342 -53.80 41.72 52.63
CA ARG E 342 -52.77 42.06 51.65
C ARG E 342 -51.64 41.04 51.70
N GLU E 343 -51.22 40.66 52.90
CA GLU E 343 -50.18 39.64 53.02
C GLU E 343 -50.62 38.32 52.39
N LYS E 344 -51.86 37.91 52.67
CA LYS E 344 -52.35 36.64 52.12
C LYS E 344 -52.40 36.69 50.59
N MET E 345 -52.93 37.78 50.05
CA MET E 345 -53.01 37.90 48.59
C MET E 345 -51.62 37.90 47.98
N ARG E 346 -50.68 38.58 48.65
CA ARG E 346 -49.30 38.60 48.18
C ARG E 346 -48.70 37.20 48.20
N ARG E 347 -49.01 36.42 49.23
CA ARG E 347 -48.53 35.04 49.29
C ARG E 347 -49.08 34.23 48.13
N ILE E 348 -50.38 34.35 47.86
CA ILE E 348 -50.97 33.59 46.77
C ILE E 348 -50.34 33.99 45.44
N ARG E 349 -50.18 35.30 45.22
CA ARG E 349 -49.55 35.76 43.98
C ARG E 349 -48.14 35.22 43.85
N GLU E 350 -47.35 35.30 44.92
CA GLU E 350 -45.98 34.82 44.87
C GLU E 350 -45.95 33.34 44.53
N LEU E 351 -46.84 32.55 45.13
CA LEU E 351 -46.90 31.13 44.80
C LEU E 351 -47.26 30.91 43.34
N ALA E 352 -48.17 31.74 42.80
CA ALA E 352 -48.73 31.47 41.48
C ALA E 352 -47.66 31.41 40.40
N ARG E 353 -46.82 32.43 40.31
CA ARG E 353 -45.99 32.60 39.12
C ARG E 353 -44.86 31.58 39.02
N LYS E 354 -44.61 30.80 40.08
CA LYS E 354 -43.68 29.69 39.97
C LYS E 354 -44.35 28.44 39.40
N LEU E 355 -45.57 28.14 39.84
CA LEU E 355 -46.27 26.94 39.40
C LEU E 355 -46.83 27.09 37.99
N VAL E 356 -47.41 28.25 37.67
CA VAL E 356 -48.13 28.43 36.42
C VAL E 356 -47.12 28.56 35.29
N GLU E 357 -47.05 27.55 34.42
CA GLU E 357 -46.07 27.54 33.34
C GLU E 357 -46.46 28.44 32.18
N ASP E 358 -47.75 28.65 31.93
CA ASP E 358 -48.17 29.37 30.73
C ASP E 358 -47.86 30.86 30.88
N PRO E 359 -47.11 31.47 29.96
CA PRO E 359 -46.72 32.87 30.15
C PRO E 359 -47.90 33.82 30.31
N VAL E 360 -48.99 33.62 29.56
CA VAL E 360 -50.08 34.59 29.56
C VAL E 360 -50.94 34.44 30.80
N LEU E 361 -51.40 33.22 31.08
CA LEU E 361 -52.28 33.00 32.21
C LEU E 361 -51.60 33.35 33.53
N ALA E 362 -50.28 33.19 33.62
CA ALA E 362 -49.58 33.61 34.82
C ALA E 362 -49.77 35.10 35.07
N ALA E 363 -49.51 35.91 34.04
CA ALA E 363 -49.70 37.35 34.18
C ALA E 363 -51.16 37.67 34.49
N ALA E 364 -52.08 36.95 33.88
CA ALA E 364 -53.50 37.21 34.14
C ALA E 364 -53.83 36.96 35.61
N VAL E 365 -53.35 35.84 36.16
CA VAL E 365 -53.60 35.52 37.56
C VAL E 365 -52.99 36.59 38.44
N ALA E 366 -51.76 37.01 38.13
CA ALA E 366 -51.13 38.05 38.94
C ALA E 366 -51.94 39.33 38.93
N ALA E 367 -52.37 39.77 37.74
CA ALA E 367 -53.14 41.00 37.66
C ALA E 367 -54.41 40.90 38.48
N ARG E 368 -55.16 39.80 38.30
CA ARG E 368 -56.42 39.66 39.02
C ARG E 368 -56.19 39.63 40.52
N ALA E 369 -55.17 38.90 40.97
CA ALA E 369 -54.89 38.84 42.41
C ALA E 369 -54.56 40.21 42.95
N LEU E 370 -53.73 40.98 42.25
CA LEU E 370 -53.34 42.28 42.76
C LEU E 370 -54.53 43.24 42.79
N VAL E 371 -55.38 43.17 41.76
CA VAL E 371 -56.58 44.00 41.75
C VAL E 371 -57.45 43.69 42.95
N LEU E 372 -57.73 42.40 43.18
CA LEU E 372 -58.53 42.01 44.34
C LEU E 372 -57.89 42.49 45.64
N SER E 373 -56.57 42.34 45.76
CA SER E 373 -55.91 42.80 46.98
C SER E 373 -56.16 44.28 47.21
N ALA E 374 -55.94 45.09 46.18
CA ALA E 374 -56.11 46.53 46.34
C ALA E 374 -57.55 46.87 46.71
N ALA E 375 -58.51 46.25 46.02
CA ALA E 375 -59.92 46.55 46.30
C ALA E 375 -60.30 46.14 47.71
N VAL E 376 -59.87 44.95 48.13
CA VAL E 376 -60.21 44.48 49.47
C VAL E 376 -59.64 45.43 50.52
N PHE E 377 -58.41 45.91 50.30
CA PHE E 377 -57.87 46.91 51.21
C PHE E 377 -58.73 48.17 51.20
N ALA E 378 -59.06 48.66 50.02
CA ALA E 378 -59.82 49.90 49.93
C ALA E 378 -61.13 49.80 50.68
N LYS E 379 -61.71 48.59 50.74
CA LYS E 379 -62.95 48.41 51.49
C LYS E 379 -62.84 48.96 52.90
N ALA E 380 -61.64 48.91 53.49
CA ALA E 380 -61.48 49.25 54.90
C ALA E 380 -61.96 50.65 55.23
N TYR E 381 -61.90 51.58 54.29
CA TYR E 381 -62.25 52.98 54.57
C TYR E 381 -63.69 53.32 54.22
N GLY E 382 -64.47 52.37 53.72
CA GLY E 382 -65.91 52.56 53.64
C GLY E 382 -66.43 53.37 52.48
N GLY E 383 -65.61 53.61 51.45
CA GLY E 383 -66.10 54.29 50.26
C GLY E 383 -67.10 53.44 49.51
N PRO E 384 -67.91 54.06 48.66
CA PRO E 384 -68.92 53.29 47.92
C PRO E 384 -68.36 52.06 47.23
N GLU E 385 -68.90 50.88 47.56
CA GLU E 385 -68.38 49.64 47.01
C GLU E 385 -68.60 49.52 45.51
N GLU E 386 -69.52 50.32 44.95
CA GLU E 386 -69.84 50.17 43.53
C GLU E 386 -68.62 50.46 42.65
N TYR E 387 -67.83 51.47 43.02
CA TYR E 387 -66.64 51.80 42.23
C TYR E 387 -65.67 50.62 42.21
N SER E 388 -65.41 50.03 43.38
CA SER E 388 -64.54 48.87 43.44
C SER E 388 -65.10 47.72 42.63
N ARG E 389 -66.42 47.50 42.70
CA ARG E 389 -67.02 46.43 41.94
C ARG E 389 -66.78 46.64 40.45
N LEU E 390 -66.96 47.88 39.98
CA LEU E 390 -66.72 48.17 38.57
C LEU E 390 -65.28 47.89 38.19
N MET E 391 -64.33 48.29 39.05
CA MET E 391 -62.93 48.05 38.73
C MET E 391 -62.62 46.55 38.66
N ARG E 392 -63.17 45.78 39.60
CA ARG E 392 -62.97 44.33 39.55
C ARG E 392 -63.55 43.76 38.28
N ARG E 393 -64.74 44.24 37.89
CA ARG E 393 -65.31 43.83 36.63
C ARG E 393 -64.36 44.11 35.48
N TRP E 394 -63.71 45.27 35.50
CA TRP E 394 -62.77 45.59 34.41
C TRP E 394 -61.59 44.63 34.37
N VAL E 395 -60.99 44.36 35.53
CA VAL E 395 -59.90 43.39 35.53
C VAL E 395 -60.37 42.06 34.97
N GLU E 396 -61.59 41.65 35.33
CA GLU E 396 -62.14 40.40 34.81
C GLU E 396 -62.31 40.46 33.30
N LYS E 397 -62.76 41.60 32.78
CA LYS E 397 -62.92 41.73 31.33
C LYS E 397 -61.58 41.58 30.63
N ALA E 398 -60.52 42.15 31.21
CA ALA E 398 -59.19 41.97 30.65
C ALA E 398 -58.82 40.50 30.65
N ALA E 399 -59.14 39.79 31.72
CA ALA E 399 -58.85 38.35 31.75
C ALA E 399 -59.61 37.62 30.64
N GLU E 400 -60.87 38.00 30.42
CA GLU E 400 -61.66 37.36 29.37
C GLU E 400 -61.02 37.59 28.01
N LEU E 401 -60.58 38.82 27.75
CA LEU E 401 -59.90 39.12 26.49
C LEU E 401 -58.65 38.27 26.35
N ALA E 402 -57.89 38.13 27.43
CA ALA E 402 -56.65 37.35 27.36
C ALA E 402 -56.94 35.89 27.06
N ARG E 403 -57.97 35.32 27.68
CA ARG E 403 -58.35 33.95 27.36
C ARG E 403 -58.73 33.82 25.89
N ARG E 404 -59.51 34.78 25.38
CA ARG E 404 -59.90 34.74 23.98
C ARG E 404 -58.67 34.76 23.08
N ALA E 405 -57.71 35.62 23.39
CA ALA E 405 -56.52 35.71 22.55
C ALA E 405 -55.68 34.44 22.64
N ARG E 406 -55.58 33.84 23.83
CA ARG E 406 -54.88 32.57 23.94
C ARG E 406 -55.54 31.52 23.06
N ARG E 407 -56.87 31.51 23.03
CA ARG E 407 -57.57 30.64 22.10
C ARG E 407 -57.18 30.96 20.66
N LEU E 408 -57.06 32.25 20.33
CA LEU E 408 -56.69 32.64 18.98
C LEU E 408 -55.24 32.31 18.64
N GLY E 409 -54.42 32.00 19.64
CA GLY E 409 -53.01 31.73 19.37
C GLY E 409 -52.20 32.97 19.02
N ALA E 410 -52.47 34.09 19.68
CA ALA E 410 -51.80 35.34 19.38
C ALA E 410 -50.38 35.37 19.94
N ASP E 411 -49.63 36.40 19.54
CA ASP E 411 -48.30 36.63 20.06
C ASP E 411 -48.37 36.94 21.55
N GLU E 412 -47.51 36.29 22.34
CA GLU E 412 -47.55 36.44 23.79
C GLU E 412 -47.19 37.86 24.23
N SER E 413 -46.34 38.55 23.47
CA SER E 413 -45.78 39.82 23.94
C SER E 413 -46.87 40.87 24.14
N VAL E 414 -47.69 41.08 23.10
CA VAL E 414 -48.67 42.16 23.16
C VAL E 414 -49.71 41.89 24.24
N LEU E 415 -50.11 40.64 24.44
CA LEU E 415 -51.07 40.34 25.49
C LEU E 415 -50.46 40.53 26.87
N VAL E 416 -49.19 40.13 27.02
CA VAL E 416 -48.51 40.35 28.29
C VAL E 416 -48.45 41.84 28.58
N ALA E 417 -48.29 42.65 27.55
CA ALA E 417 -48.35 44.10 27.74
C ALA E 417 -49.75 44.54 28.17
N ALA E 418 -50.77 44.01 27.49
CA ALA E 418 -52.14 44.47 27.75
C ALA E 418 -52.55 44.23 29.19
N LEU E 419 -52.36 43.00 29.67
CA LEU E 419 -52.85 42.66 31.00
C LEU E 419 -52.19 43.53 32.07
N MET E 420 -50.87 43.68 31.98
CA MET E 420 -50.17 44.47 32.99
C MET E 420 -50.53 45.95 32.90
N ARG E 421 -50.70 46.47 31.68
CA ARG E 421 -51.14 47.85 31.56
C ARG E 421 -52.46 48.05 32.29
N VAL E 422 -53.41 47.14 32.07
CA VAL E 422 -54.69 47.24 32.75
C VAL E 422 -54.48 47.22 34.26
N ALA E 423 -53.64 46.31 34.73
CA ALA E 423 -53.43 46.19 36.18
C ALA E 423 -52.89 47.49 36.76
N ALA E 424 -51.91 48.10 36.07
CA ALA E 424 -51.34 49.34 36.57
C ALA E 424 -52.37 50.45 36.63
N ILE E 425 -53.11 50.64 35.54
CA ILE E 425 -54.13 51.69 35.52
C ILE E 425 -55.12 51.46 36.66
N ALA E 426 -55.53 50.20 36.84
CA ALA E 426 -56.55 49.88 37.83
C ALA E 426 -56.06 50.19 39.24
N VAL E 427 -54.88 49.70 39.59
CA VAL E 427 -54.41 49.88 40.97
C VAL E 427 -54.19 51.35 41.26
N THR E 428 -53.60 52.09 40.31
CA THR E 428 -53.40 53.51 40.55
C THR E 428 -54.73 54.23 40.69
N ALA E 429 -55.73 53.86 39.89
CA ALA E 429 -57.04 54.49 40.02
C ALA E 429 -57.63 54.23 41.39
N ILE E 430 -57.57 52.98 41.85
CA ILE E 430 -58.18 52.63 43.13
C ILE E 430 -57.51 53.42 44.25
N ALA E 431 -56.17 53.45 44.24
CA ALA E 431 -55.45 54.18 45.27
C ALA E 431 -55.79 55.66 45.22
N MET E 432 -55.84 56.23 44.02
CA MET E 432 -56.16 57.64 43.88
C MET E 432 -57.52 57.95 44.48
N MET E 433 -58.52 57.13 44.17
CA MET E 433 -59.85 57.36 44.71
C MET E 433 -59.85 57.24 46.22
N THR E 434 -59.16 56.23 46.75
CA THR E 434 -59.10 56.08 48.20
C THR E 434 -58.49 57.32 48.84
N VAL E 435 -57.42 57.84 48.24
CA VAL E 435 -56.74 59.01 48.81
C VAL E 435 -57.66 60.22 48.80
N MET E 436 -58.29 60.50 47.66
CA MET E 436 -59.17 61.66 47.59
C MET E 436 -60.36 61.51 48.51
N GLY E 437 -60.81 60.27 48.75
CA GLY E 437 -61.85 60.06 49.75
C GLY E 437 -61.36 60.40 51.14
N VAL E 438 -60.15 59.98 51.48
CA VAL E 438 -59.59 60.27 52.80
C VAL E 438 -59.50 61.77 53.00
N GLN E 439 -59.12 62.51 51.97
CA GLN E 439 -59.01 63.96 52.07
C GLN E 439 -60.36 64.65 52.22
N ASN E 440 -61.47 63.90 52.15
CA ASN E 440 -62.80 64.47 52.35
C ASN E 440 -63.18 65.43 51.22
N ALA E 441 -62.91 65.02 49.98
CA ALA E 441 -63.26 65.81 48.82
C ALA E 441 -64.76 65.69 48.53
N PRO E 442 -65.33 66.66 47.82
CA PRO E 442 -66.73 66.56 47.44
C PRO E 442 -66.94 65.50 46.37
N PRO E 443 -68.16 64.96 46.25
CA PRO E 443 -68.38 63.88 45.27
C PRO E 443 -68.17 64.31 43.84
N GLU E 444 -68.35 65.59 43.51
CA GLU E 444 -68.04 66.03 42.16
C GLU E 444 -66.57 65.81 41.85
N GLU E 445 -65.69 66.11 42.80
CA GLU E 445 -64.28 65.84 42.63
C GLU E 445 -64.03 64.34 42.50
N ARG E 446 -64.62 63.55 43.39
CA ARG E 446 -64.35 62.11 43.42
C ARG E 446 -64.76 61.45 42.11
N GLU E 447 -65.91 61.83 41.57
CA GLU E 447 -66.43 61.15 40.39
C GLU E 447 -65.44 61.22 39.23
N ARG E 448 -64.70 62.32 39.12
CA ARG E 448 -63.86 62.55 37.95
C ARG E 448 -62.90 61.40 37.72
N ILE E 449 -62.38 60.81 38.81
CA ILE E 449 -61.37 59.76 38.67
C ILE E 449 -61.92 58.61 37.82
N LEU E 450 -63.17 58.22 38.06
CA LEU E 450 -63.71 57.06 37.37
C LEU E 450 -63.75 57.30 35.88
N ALA E 451 -64.13 58.50 35.46
CA ALA E 451 -64.07 58.82 34.04
C ALA E 451 -62.64 58.71 33.52
N GLU E 452 -61.71 59.33 34.24
CA GLU E 452 -60.30 59.27 33.82
C GLU E 452 -59.82 57.83 33.71
N ALA E 453 -60.16 57.00 34.68
CA ALA E 453 -59.72 55.61 34.67
C ALA E 453 -60.35 54.84 33.51
N THR E 454 -61.67 54.90 33.40
CA THR E 454 -62.34 54.08 32.40
C THR E 454 -61.95 54.47 30.97
N GLU E 455 -61.71 55.75 30.73
CA GLU E 455 -61.24 56.14 29.40
C GLU E 455 -59.92 55.47 29.07
N MET E 456 -58.93 55.60 29.95
CA MET E 456 -57.62 55.00 29.70
C MET E 456 -57.73 53.49 29.57
N ILE E 457 -58.48 52.86 30.48
CA ILE E 457 -58.63 51.42 30.43
C ILE E 457 -59.28 51.00 29.12
N ALA E 458 -60.34 51.72 28.73
CA ALA E 458 -61.01 51.41 27.47
C ALA E 458 -60.04 51.53 26.31
N ARG E 459 -59.37 52.67 26.20
CA ARG E 459 -58.46 52.88 25.08
C ARG E 459 -57.32 51.88 25.13
N VAL E 460 -56.84 51.55 26.33
CA VAL E 460 -55.73 50.61 26.46
C VAL E 460 -56.13 49.24 25.92
N LEU E 461 -57.29 48.74 26.34
CA LEU E 461 -57.73 47.44 25.87
C LEU E 461 -58.09 47.49 24.39
N ALA E 462 -58.71 48.57 23.94
CA ALA E 462 -59.06 48.68 22.52
C ALA E 462 -57.80 48.64 21.66
N GLU E 463 -56.78 49.41 22.05
CA GLU E 463 -55.55 49.43 21.27
C GLU E 463 -54.92 48.04 21.19
N ALA E 464 -54.97 47.30 22.29
CA ALA E 464 -54.43 45.93 22.26
C ALA E 464 -55.16 45.08 21.25
N THR E 465 -56.50 45.15 21.24
CA THR E 465 -57.26 44.35 20.30
C THR E 465 -56.86 44.66 18.87
N ARG E 466 -56.72 45.94 18.54
CA ARG E 466 -56.33 46.32 17.19
C ARG E 466 -54.98 45.74 16.82
N ARG E 467 -54.01 45.79 17.75
CA ARG E 467 -52.69 45.26 17.46
C ARG E 467 -52.73 43.76 17.19
N VAL E 468 -53.39 43.01 18.06
CA VAL E 468 -53.46 41.57 17.88
C VAL E 468 -54.21 41.23 16.60
N MET E 469 -55.30 41.94 16.34
CA MET E 469 -56.12 41.66 15.17
C MET E 469 -55.31 41.76 13.89
N LYS E 470 -54.37 42.70 13.85
CA LYS E 470 -53.69 43.02 12.59
C LYS E 470 -52.96 41.83 12.00
N ARG E 471 -52.66 40.81 12.80
CA ARG E 471 -51.91 39.65 12.34
C ARG E 471 -52.69 38.36 12.53
N LEU E 472 -54.02 38.44 12.58
CA LEU E 472 -54.86 37.28 12.83
C LEU E 472 -54.73 36.27 11.69
N GLU E 473 -55.20 35.05 11.95
CA GLU E 473 -55.02 33.94 11.03
C GLU E 473 -56.14 33.80 10.01
N ASP E 474 -57.36 34.19 10.36
CA ASP E 474 -58.51 33.95 9.50
C ASP E 474 -59.47 35.13 9.61
N PRO E 475 -60.24 35.42 8.55
CA PRO E 475 -61.17 36.55 8.63
C PRO E 475 -62.35 36.30 9.54
N GLU E 476 -62.89 35.08 9.58
CA GLU E 476 -63.99 34.79 10.50
C GLU E 476 -63.54 34.95 11.94
N ALA E 477 -62.36 34.46 12.28
CA ALA E 477 -61.83 34.64 13.63
C ALA E 477 -61.64 36.12 13.94
N ALA E 478 -61.16 36.88 12.96
CA ALA E 478 -61.01 38.32 13.16
C ALA E 478 -62.35 38.98 13.45
N ALA E 479 -63.37 38.65 12.66
CA ALA E 479 -64.69 39.23 12.90
C ALA E 479 -65.19 38.86 14.28
N GLU E 480 -64.96 37.61 14.70
CA GLU E 480 -65.36 37.18 16.04
C GLU E 480 -64.70 38.05 17.10
N LEU E 481 -63.39 38.28 16.97
CA LEU E 481 -62.69 39.11 17.95
C LEU E 481 -63.25 40.52 17.96
N ALA E 482 -63.52 41.08 16.78
CA ALA E 482 -64.03 42.43 16.70
C ALA E 482 -65.37 42.54 17.42
N LEU E 483 -66.29 41.64 17.11
CA LEU E 483 -67.60 41.67 17.76
C LEU E 483 -67.47 41.49 19.27
N ALA E 484 -66.62 40.55 19.70
CA ALA E 484 -66.50 40.29 21.12
C ALA E 484 -66.03 41.52 21.88
N THR E 485 -64.92 42.12 21.43
CA THR E 485 -64.40 43.29 22.14
C THR E 485 -65.37 44.46 22.06
N ILE E 486 -66.07 44.62 20.93
CA ILE E 486 -67.04 45.71 20.84
C ILE E 486 -68.14 45.52 21.88
N GLU E 487 -68.66 44.31 22.00
CA GLU E 487 -69.68 44.05 23.00
C GLU E 487 -69.16 44.32 24.41
N ALA E 488 -67.95 43.84 24.69
CA ALA E 488 -67.39 44.01 26.03
C ALA E 488 -67.30 45.48 26.39
N ILE E 489 -66.70 46.28 25.52
CA ILE E 489 -66.52 47.69 25.84
C ILE E 489 -67.87 48.39 25.94
N THR E 490 -68.83 47.99 25.11
CA THR E 490 -70.16 48.58 25.21
C THR E 490 -70.76 48.33 26.58
N GLU E 491 -70.65 47.10 27.07
CA GLU E 491 -71.19 46.81 28.40
C GLU E 491 -70.48 47.62 29.47
N LEU E 492 -69.15 47.74 29.35
CA LEU E 492 -68.40 48.48 30.34
C LEU E 492 -68.86 49.94 30.41
N PHE E 493 -68.99 50.58 29.24
CA PHE E 493 -69.47 51.97 29.26
C PHE E 493 -70.90 52.06 29.72
N VAL E 494 -71.75 51.08 29.41
CA VAL E 494 -73.10 51.13 29.95
C VAL E 494 -73.03 51.23 31.46
N ASP E 495 -72.25 50.36 32.09
CA ASP E 495 -72.15 50.37 33.55
C ASP E 495 -71.60 51.70 34.05
N ALA E 496 -70.51 52.17 33.43
CA ALA E 496 -69.88 53.40 33.93
C ALA E 496 -70.82 54.58 33.82
N LEU E 497 -71.47 54.75 32.65
CA LEU E 497 -72.39 55.85 32.47
C LEU E 497 -73.56 55.75 33.45
N GLU E 498 -73.99 54.53 33.78
CA GLU E 498 -75.01 54.40 34.81
C GLU E 498 -74.51 54.90 36.15
N ILE E 499 -73.26 54.57 36.50
CA ILE E 499 -72.78 54.88 37.85
C ILE E 499 -72.64 56.39 38.05
N ILE E 500 -71.97 57.08 37.12
CA ILE E 500 -71.58 58.46 37.36
C ILE E 500 -72.81 59.34 37.56
N ARG E 501 -72.68 60.32 38.46
CA ARG E 501 -73.82 61.13 38.88
C ARG E 501 -73.61 62.63 38.74
N SER E 502 -72.38 63.11 38.56
CA SER E 502 -72.12 64.54 38.58
C SER E 502 -72.54 65.25 37.30
N GLY E 503 -72.75 64.52 36.21
CA GLY E 503 -73.22 65.12 34.97
C GLY E 503 -72.13 65.66 34.07
N GLU E 504 -71.58 66.83 34.42
CA GLU E 504 -70.63 67.49 33.51
C GLU E 504 -69.45 66.59 33.17
N VAL E 505 -69.03 65.74 34.09
CA VAL E 505 -67.99 64.76 33.78
C VAL E 505 -68.52 63.70 32.83
N ALA E 506 -69.77 63.28 33.02
CA ALA E 506 -70.35 62.28 32.13
C ALA E 506 -70.48 62.83 30.72
N SER E 507 -70.67 64.14 30.57
CA SER E 507 -70.68 64.73 29.25
C SER E 507 -69.39 64.40 28.50
N ARG E 508 -68.26 64.66 29.13
CA ARG E 508 -66.98 64.35 28.51
C ARG E 508 -66.81 62.86 28.27
N LEU E 509 -67.21 62.04 29.24
CA LEU E 509 -66.97 60.60 29.11
C LEU E 509 -67.74 60.03 27.94
N ALA E 510 -68.95 60.52 27.69
CA ALA E 510 -69.73 60.00 26.57
C ALA E 510 -68.98 60.22 25.25
N LYS E 511 -68.39 61.39 25.08
CA LYS E 511 -67.63 61.65 23.87
C LYS E 511 -66.51 60.65 23.70
N SER E 512 -65.76 60.39 24.78
CA SER E 512 -64.66 59.44 24.71
C SER E 512 -65.14 58.07 24.29
N GLY E 513 -66.26 57.62 24.86
CA GLY E 513 -66.78 56.31 24.50
C GLY E 513 -67.13 56.24 23.03
N ILE E 514 -67.73 57.29 22.48
CA ILE E 514 -68.17 57.26 21.09
C ILE E 514 -66.97 56.99 20.18
N GLU E 515 -65.89 57.76 20.37
CA GLU E 515 -64.73 57.60 19.49
C GLU E 515 -64.11 56.22 19.63
N VAL E 516 -64.03 55.70 20.87
CA VAL E 516 -63.35 54.44 21.09
C VAL E 516 -64.01 53.33 20.28
N ILE E 517 -65.34 53.22 20.37
CA ILE E 517 -66.03 52.15 19.65
C ILE E 517 -65.96 52.37 18.15
N ALA E 518 -66.07 53.63 17.71
CA ALA E 518 -65.99 53.90 16.29
C ALA E 518 -64.65 53.48 15.73
N GLU E 519 -63.57 53.87 16.38
CA GLU E 519 -62.24 53.53 15.89
C GLU E 519 -62.06 52.02 15.80
N LEU E 520 -62.48 51.29 16.84
CA LEU E 520 -62.36 49.84 16.81
C LEU E 520 -63.17 49.25 15.66
N ALA E 521 -64.38 49.76 15.46
CA ALA E 521 -65.20 49.28 14.34
C ALA E 521 -64.50 49.56 13.01
N GLU E 522 -63.99 50.78 12.84
CA GLU E 522 -63.33 51.13 11.59
C GLU E 522 -62.14 50.21 11.34
N ALA E 523 -61.33 49.97 12.37
CA ALA E 523 -60.14 49.14 12.20
C ALA E 523 -60.53 47.73 11.74
N ALA E 524 -61.59 47.17 12.32
CA ALA E 524 -62.01 45.83 11.93
C ALA E 524 -62.55 45.81 10.50
N ILE E 525 -63.20 46.89 10.08
CA ILE E 525 -63.90 46.90 8.79
C ILE E 525 -62.97 46.56 7.63
N GLU E 526 -61.67 46.78 7.80
CA GLU E 526 -60.75 46.62 6.67
C GLU E 526 -60.65 45.17 6.22
N HIS E 527 -60.78 44.21 7.14
CA HIS E 527 -60.23 42.88 6.92
C HIS E 527 -61.24 41.86 6.39
N ILE E 528 -62.53 42.04 6.63
CA ILE E 528 -63.52 41.04 6.25
C ILE E 528 -63.69 41.04 4.74
N ASP E 529 -64.30 39.97 4.20
CA ASP E 529 -64.64 39.93 2.78
C ASP E 529 -66.06 39.42 2.55
N ASP E 530 -66.61 38.65 3.49
CA ASP E 530 -67.94 38.10 3.30
C ASP E 530 -69.00 39.13 3.65
N PRO E 531 -70.10 39.19 2.89
CA PRO E 531 -71.11 40.22 3.17
C PRO E 531 -71.74 40.07 4.56
N GLU E 532 -71.95 38.84 5.03
CA GLU E 532 -72.47 38.65 6.37
C GLU E 532 -71.51 39.17 7.42
N GLN E 533 -70.20 39.03 7.17
CA GLN E 533 -69.22 39.59 8.09
C GLN E 533 -69.37 41.10 8.19
N LEU E 534 -69.50 41.77 7.04
CA LEU E 534 -69.74 43.21 7.05
C LEU E 534 -71.07 43.54 7.71
N LYS E 535 -72.12 42.81 7.36
CA LYS E 535 -73.44 43.11 7.90
C LYS E 535 -73.46 42.99 9.42
N LYS E 536 -72.84 41.94 9.95
CA LYS E 536 -72.77 41.79 11.40
C LYS E 536 -72.02 42.95 12.04
N ILE E 537 -70.89 43.33 11.43
CA ILE E 537 -70.08 44.41 12.00
C ILE E 537 -70.87 45.71 12.04
N VAL E 538 -71.56 46.03 10.94
CA VAL E 538 -72.30 47.28 10.88
C VAL E 538 -73.43 47.29 11.91
N LYS E 539 -74.18 46.19 11.99
CA LYS E 539 -75.28 46.13 12.93
C LYS E 539 -74.78 46.28 14.36
N LYS E 540 -73.70 45.58 14.71
CA LYS E 540 -73.17 45.66 16.07
C LYS E 540 -72.81 47.10 16.43
N ALA E 541 -72.05 47.77 15.57
CA ALA E 541 -71.66 49.15 15.84
C ALA E 541 -72.86 50.05 16.01
N ALA E 542 -73.85 49.91 15.11
CA ALA E 542 -75.03 50.76 15.20
C ALA E 542 -75.75 50.57 16.53
N GLU E 543 -75.88 49.32 16.97
CA GLU E 543 -76.52 49.06 18.26
C GLU E 543 -75.75 49.71 19.38
N ALA E 544 -74.42 49.58 19.36
CA ALA E 544 -73.62 50.10 20.45
C ALA E 544 -73.76 51.62 20.57
N ILE E 545 -73.53 52.33 19.46
CA ILE E 545 -73.50 53.79 19.55
C ILE E 545 -74.86 54.33 19.95
N LYS E 546 -75.94 53.71 19.47
CA LYS E 546 -77.26 54.10 19.92
C LYS E 546 -77.43 53.83 21.41
N LYS E 547 -76.93 52.69 21.88
CA LYS E 547 -77.13 52.32 23.28
C LYS E 547 -76.46 53.31 24.21
N ILE E 548 -75.25 53.76 23.88
CA ILE E 548 -74.56 54.75 24.70
C ILE E 548 -75.32 56.06 24.68
N VAL E 549 -75.73 56.50 23.48
CA VAL E 549 -76.47 57.76 23.37
C VAL E 549 -77.74 57.69 24.19
N GLU E 550 -78.48 56.58 24.07
CA GLU E 550 -79.72 56.43 24.84
C GLU E 550 -79.45 56.55 26.33
N GLU E 551 -78.34 55.96 26.81
CA GLU E 551 -78.04 56.00 28.23
C GLU E 551 -77.88 57.44 28.71
N LEU E 552 -77.21 58.27 27.94
CA LEU E 552 -76.93 59.64 28.38
C LEU E 552 -78.21 60.44 28.59
N ILE E 553 -79.26 60.14 27.82
CA ILE E 553 -80.50 60.88 27.91
C ILE E 553 -81.11 60.81 29.30
N LYS E 554 -80.79 59.76 30.06
CA LYS E 554 -81.47 59.52 31.33
C LYS E 554 -81.05 60.48 32.44
N LYS E 555 -80.12 61.39 32.19
CA LYS E 555 -79.65 62.29 33.23
C LYS E 555 -79.49 63.69 32.67
N ASP E 556 -79.48 64.66 33.59
CA ASP E 556 -79.69 66.08 33.28
C ASP E 556 -78.42 66.77 32.76
N VAL E 557 -77.92 66.27 31.63
CA VAL E 557 -76.85 66.97 30.94
C VAL E 557 -77.35 68.31 30.44
N GLU E 558 -76.49 69.33 30.49
CA GLU E 558 -76.84 70.64 29.97
C GLU E 558 -77.18 70.55 28.49
N ASP E 559 -78.11 71.41 28.06
CA ASP E 559 -78.69 71.27 26.73
C ASP E 559 -77.62 71.34 25.64
N GLU E 560 -76.74 72.34 25.71
CA GLU E 560 -75.75 72.53 24.65
C GLU E 560 -74.83 71.31 24.55
N LEU E 561 -74.33 70.83 25.69
CA LEU E 561 -73.47 69.65 25.67
C LEU E 561 -74.22 68.44 25.13
N LEU E 562 -75.49 68.28 25.53
CA LEU E 562 -76.25 67.13 25.05
C LEU E 562 -76.39 67.16 23.54
N ALA E 563 -76.69 68.33 22.97
CA ALA E 563 -76.78 68.42 21.52
C ALA E 563 -75.45 68.06 20.87
N GLU E 564 -74.36 68.68 21.32
CA GLU E 564 -73.05 68.38 20.75
C GLU E 564 -72.73 66.89 20.89
N VAL E 565 -73.12 66.29 22.00
CA VAL E 565 -72.81 64.88 22.22
C VAL E 565 -73.51 64.01 21.18
N THR E 566 -74.83 64.21 21.02
CA THR E 566 -75.58 63.33 20.11
C THR E 566 -75.33 63.69 18.66
N SER E 567 -75.12 64.97 18.34
CA SER E 567 -74.73 65.34 16.99
C SER E 567 -73.37 64.74 16.64
N GLU E 568 -72.41 64.85 17.56
CA GLU E 568 -71.09 64.28 17.32
C GLU E 568 -71.15 62.77 17.17
N GLY E 569 -71.96 62.11 18.00
CA GLY E 569 -72.08 60.66 17.88
C GLY E 569 -72.64 60.24 16.54
N ASN E 570 -73.69 60.93 16.08
CA ASN E 570 -74.32 60.57 14.82
C ASN E 570 -73.31 60.61 13.68
N ARG E 571 -72.51 61.69 13.61
CA ARG E 571 -71.54 61.83 12.53
C ARG E 571 -70.60 60.64 12.48
N LYS E 572 -70.25 60.08 13.63
CA LYS E 572 -69.35 58.93 13.63
C LYS E 572 -70.03 57.69 13.11
N LEU E 573 -71.33 57.52 13.35
CA LEU E 573 -72.05 56.45 12.70
C LEU E 573 -72.02 56.64 11.19
N SER E 574 -72.16 57.89 10.74
CA SER E 574 -72.05 58.18 9.32
C SER E 574 -70.75 57.64 8.75
N ARG E 575 -69.63 57.94 9.40
CA ARG E 575 -68.34 57.57 8.86
C ARG E 575 -68.22 56.06 8.68
N ILE E 576 -68.51 55.29 9.73
CA ILE E 576 -68.38 53.85 9.62
C ILE E 576 -69.38 53.30 8.62
N THR E 577 -70.60 53.86 8.60
CA THR E 577 -71.58 53.45 7.62
C THR E 577 -71.05 53.62 6.20
N SER E 578 -70.40 54.76 5.93
CA SER E 578 -69.84 54.99 4.61
C SER E 578 -68.67 54.06 4.35
N LYS E 579 -67.74 53.96 5.30
CA LYS E 579 -66.54 53.16 5.07
C LYS E 579 -66.88 51.72 4.77
N ALA E 580 -67.86 51.16 5.48
CA ALA E 580 -68.27 49.78 5.20
C ALA E 580 -68.88 49.67 3.81
N LEU E 581 -69.78 50.58 3.46
CA LEU E 581 -70.45 50.51 2.17
C LEU E 581 -69.47 50.48 1.02
N THR E 582 -68.29 51.08 1.19
CA THR E 582 -67.33 51.18 0.09
C THR E 582 -66.85 49.83 -0.40
N LYS E 583 -66.89 48.80 0.45
CA LYS E 583 -66.31 47.51 0.08
C LYS E 583 -67.36 46.47 -0.33
N ILE E 584 -68.65 46.80 -0.20
CA ILE E 584 -69.68 45.87 -0.65
C ILE E 584 -69.60 45.68 -2.16
N LYS E 585 -70.19 44.59 -2.65
CA LYS E 585 -70.12 44.26 -4.06
C LYS E 585 -71.44 43.73 -4.63
N ASP E 586 -72.55 43.86 -3.91
CA ASP E 586 -73.85 43.38 -4.37
C ASP E 586 -74.91 44.40 -4.01
N GLU E 587 -75.85 44.61 -4.93
CA GLU E 587 -76.86 45.65 -4.73
C GLU E 587 -77.72 45.37 -3.50
N LYS E 588 -78.09 44.12 -3.27
CA LYS E 588 -78.98 43.80 -2.16
C LYS E 588 -78.40 44.27 -0.84
N ALA E 589 -77.14 43.95 -0.58
CA ALA E 589 -76.49 44.43 0.63
C ALA E 589 -76.37 45.95 0.62
N ALA E 590 -76.00 46.53 -0.52
CA ALA E 590 -75.82 47.98 -0.57
C ALA E 590 -77.10 48.71 -0.20
N ALA E 591 -78.24 48.27 -0.75
CA ALA E 591 -79.51 48.88 -0.40
C ALA E 591 -79.84 48.63 1.07
N GLU E 592 -79.68 47.40 1.54
CA GLU E 592 -80.07 47.06 2.91
C GLU E 592 -79.31 47.92 3.91
N LEU E 593 -77.98 47.97 3.80
CA LEU E 593 -77.21 48.77 4.74
C LEU E 593 -77.56 50.25 4.62
N THR E 594 -77.70 50.74 3.38
CA THR E 594 -78.01 52.15 3.19
C THR E 594 -79.32 52.52 3.88
N ILE E 595 -80.34 51.69 3.74
CA ILE E 595 -81.61 51.97 4.42
C ILE E 595 -81.42 51.92 5.93
N GLU E 596 -80.74 50.89 6.43
CA GLU E 596 -80.61 50.70 7.87
C GLU E 596 -80.00 51.93 8.54
N ALA E 597 -78.84 52.37 8.05
CA ALA E 597 -78.20 53.55 8.63
C ALA E 597 -79.08 54.77 8.49
N ILE E 598 -79.74 54.92 7.34
CA ILE E 598 -80.59 56.08 7.10
C ILE E 598 -81.66 56.16 8.18
N GLU E 599 -82.30 55.03 8.50
CA GLU E 599 -83.30 55.02 9.57
C GLU E 599 -82.66 55.24 10.93
N ALA E 600 -81.56 54.55 11.21
CA ALA E 600 -80.94 54.64 12.53
C ALA E 600 -80.52 56.07 12.85
N ILE E 601 -79.88 56.73 11.88
CA ILE E 601 -79.41 58.10 12.12
C ILE E 601 -80.60 59.01 12.40
N THR E 602 -81.70 58.81 11.68
CA THR E 602 -82.90 59.61 11.91
C THR E 602 -83.45 59.36 13.31
N GLU E 603 -83.45 58.10 13.75
CA GLU E 603 -84.07 57.77 15.02
C GLU E 603 -83.42 58.50 16.19
N ASN E 604 -82.09 58.54 16.22
CA ASN E 604 -81.41 59.15 17.35
C ASN E 604 -81.76 60.62 17.49
N PHE E 605 -81.78 61.36 16.37
CA PHE E 605 -82.17 62.76 16.43
C PHE E 605 -83.60 62.92 16.92
N LEU E 606 -84.46 61.94 16.64
CA LEU E 606 -85.83 62.00 17.16
C LEU E 606 -85.81 62.02 18.69
N LEU E 607 -85.00 61.17 19.30
CA LEU E 607 -84.92 61.15 20.75
C LEU E 607 -84.29 62.43 21.28
N ALA E 608 -83.24 62.92 20.62
CA ALA E 608 -82.59 64.15 21.05
C ALA E 608 -83.57 65.33 21.01
N LEU E 609 -84.30 65.46 19.91
CA LEU E 609 -85.32 66.50 19.80
C LEU E 609 -86.42 66.32 20.83
N GLU E 610 -86.66 65.08 21.28
CA GLU E 610 -87.68 64.80 22.27
C GLU E 610 -87.33 65.35 23.64
N ARG E 611 -86.15 65.93 23.83
CA ARG E 611 -85.76 66.47 25.12
C ARG E 611 -85.03 67.81 25.00
N ILE E 612 -85.06 68.44 23.84
CA ILE E 612 -84.33 69.70 23.66
C ILE E 612 -84.90 70.77 24.57
N LYS E 613 -84.02 71.63 25.08
CA LYS E 613 -84.40 72.63 26.08
C LYS E 613 -84.77 73.99 25.50
N ASP E 614 -84.21 74.36 24.35
CA ASP E 614 -84.37 75.72 23.84
C ASP E 614 -84.46 75.68 22.32
N GLY E 615 -85.07 76.73 21.77
CA GLY E 615 -85.30 76.76 20.33
C GLY E 615 -84.01 76.80 19.52
N GLU E 616 -83.09 77.69 19.90
CA GLU E 616 -81.87 77.85 19.12
C GLU E 616 -81.06 76.56 19.10
N VAL E 617 -80.95 75.89 20.25
CA VAL E 617 -80.24 74.61 20.28
C VAL E 617 -80.96 73.58 19.42
N ALA E 618 -82.28 73.52 19.51
CA ALA E 618 -83.02 72.54 18.74
C ALA E 618 -82.87 72.78 17.25
N ALA E 619 -82.91 74.04 16.82
CA ALA E 619 -82.77 74.34 15.40
C ALA E 619 -81.40 73.95 14.89
N LYS E 620 -80.34 74.39 15.57
CA LYS E 620 -78.98 74.11 15.10
C LYS E 620 -78.75 72.61 14.94
N LEU E 621 -79.17 71.82 15.93
CA LEU E 621 -79.05 70.38 15.82
C LEU E 621 -79.94 69.85 14.70
N ALA E 622 -81.17 70.37 14.59
CA ALA E 622 -82.09 69.85 13.59
C ALA E 622 -81.56 70.09 12.17
N GLU E 623 -81.04 71.29 11.91
CA GLU E 623 -80.49 71.56 10.59
C GLU E 623 -79.34 70.62 10.28
N ASP E 624 -78.39 70.50 11.20
CA ASP E 624 -77.25 69.62 10.98
C ASP E 624 -77.70 68.19 10.73
N GLY E 625 -78.88 67.83 11.24
CA GLY E 625 -79.40 66.49 10.96
C GLY E 625 -79.71 66.28 9.50
N LEU E 626 -80.28 67.28 8.84
CA LEU E 626 -80.57 67.16 7.42
C LEU E 626 -79.28 66.91 6.63
N LEU E 627 -78.24 67.68 6.92
CA LEU E 627 -76.95 67.46 6.26
C LEU E 627 -76.41 66.08 6.61
N GLU E 628 -76.55 65.67 7.87
CA GLU E 628 -76.02 64.37 8.29
C GLU E 628 -76.57 63.26 7.42
N ILE E 629 -77.88 63.27 7.16
CA ILE E 629 -78.48 62.23 6.34
C ILE E 629 -78.11 62.41 4.88
N TYR E 630 -77.98 63.65 4.43
CA TYR E 630 -77.74 63.90 3.00
C TYR E 630 -76.42 63.31 2.53
N ARG E 631 -75.34 63.50 3.28
CA ARG E 631 -74.06 62.99 2.81
C ARG E 631 -74.11 61.47 2.68
N LEU E 632 -74.85 60.81 3.58
CA LEU E 632 -75.02 59.37 3.46
C LEU E 632 -76.04 59.01 2.40
N ALA E 633 -77.07 59.83 2.22
CA ALA E 633 -78.04 59.57 1.16
C ALA E 633 -77.35 59.61 -0.20
N VAL E 634 -76.63 60.70 -0.48
CA VAL E 634 -75.94 60.83 -1.76
C VAL E 634 -74.88 59.75 -1.90
N SER E 635 -74.15 59.49 -0.81
CA SER E 635 -73.06 58.52 -0.89
C SER E 635 -73.54 57.16 -1.35
N GLY E 636 -74.83 56.87 -1.18
CA GLY E 636 -75.38 55.66 -1.77
C GLY E 636 -75.45 55.74 -3.28
N ILE E 637 -75.84 56.90 -3.81
CA ILE E 637 -76.04 57.01 -5.25
C ILE E 637 -74.75 56.71 -6.00
N GLU E 638 -73.61 57.15 -5.45
CA GLU E 638 -72.35 56.96 -6.15
C GLU E 638 -72.04 55.50 -6.41
N HIS E 639 -72.63 54.58 -5.63
CA HIS E 639 -72.28 53.17 -5.72
C HIS E 639 -73.42 52.29 -6.20
N ILE E 640 -74.68 52.74 -6.09
CA ILE E 640 -75.78 51.95 -6.60
C ILE E 640 -75.73 51.94 -8.12
N ASP E 641 -76.26 50.85 -8.71
CA ASP E 641 -76.24 50.74 -10.17
C ASP E 641 -77.52 50.17 -10.76
N ASN E 642 -78.63 50.15 -10.02
CA ASN E 642 -79.85 49.51 -10.50
C ASN E 642 -81.05 50.40 -10.23
N PRO E 643 -82.01 50.49 -11.16
CA PRO E 643 -83.18 51.35 -10.93
C PRO E 643 -83.98 50.96 -9.70
N GLU E 644 -84.08 49.68 -9.36
CA GLU E 644 -84.86 49.29 -8.19
C GLU E 644 -84.21 49.78 -6.91
N GLU E 645 -82.89 49.63 -6.79
CA GLU E 645 -82.20 50.17 -5.63
C GLU E 645 -82.33 51.69 -5.58
N LEU E 646 -82.27 52.33 -6.74
CA LEU E 646 -82.45 53.77 -6.80
C LEU E 646 -83.81 54.17 -6.25
N GLU E 647 -84.85 53.44 -6.66
CA GLU E 647 -86.20 53.74 -6.15
C GLU E 647 -86.25 53.56 -4.64
N LYS E 648 -85.69 52.46 -4.14
CA LYS E 648 -85.73 52.22 -2.70
C LYS E 648 -85.05 53.35 -1.94
N ILE E 649 -83.84 53.74 -2.37
CA ILE E 649 -83.13 54.77 -1.63
C ILE E 649 -83.83 56.11 -1.76
N VAL E 650 -84.42 56.41 -2.91
CA VAL E 650 -85.13 57.68 -3.06
C VAL E 650 -86.31 57.72 -2.10
N LYS E 651 -87.08 56.63 -2.05
CA LYS E 651 -88.25 56.59 -1.18
C LYS E 651 -87.83 56.70 0.29
N LYS E 652 -86.77 55.99 0.66
CA LYS E 652 -86.31 56.06 2.04
C LYS E 652 -85.84 57.46 2.41
N THR E 653 -85.12 58.12 1.51
CA THR E 653 -84.66 59.48 1.78
C THR E 653 -85.85 60.42 1.95
N GLU E 654 -86.86 60.27 1.09
CA GLU E 654 -88.06 61.08 1.24
C GLU E 654 -88.68 60.88 2.61
N GLU E 655 -88.84 59.62 3.02
CA GLU E 655 -89.43 59.34 4.33
C GLU E 655 -88.60 59.96 5.45
N ALA E 656 -87.28 59.81 5.39
CA ALA E 656 -86.43 60.32 6.45
C ALA E 656 -86.56 61.83 6.58
N VAL E 657 -86.50 62.54 5.45
CA VAL E 657 -86.64 64.00 5.49
C VAL E 657 -88.00 64.37 6.04
N GLU E 658 -89.05 63.63 5.64
CA GLU E 658 -90.39 63.94 6.11
C GLU E 658 -90.48 63.80 7.62
N ARG E 659 -89.93 62.72 8.18
CA ARG E 659 -89.97 62.55 9.63
C ARG E 659 -89.17 63.63 10.35
N ILE E 660 -88.00 63.97 9.82
CA ILE E 660 -87.22 65.04 10.46
C ILE E 660 -88.06 66.31 10.52
N VAL E 661 -88.64 66.69 9.39
CA VAL E 661 -89.41 67.94 9.34
C VAL E 661 -90.61 67.86 10.25
N GLU E 662 -91.33 66.73 10.24
CA GLU E 662 -92.55 66.62 11.01
C GLU E 662 -92.26 66.71 12.51
N ALA E 663 -91.25 65.97 12.97
CA ALA E 663 -90.91 66.02 14.39
C ALA E 663 -90.44 67.41 14.80
N LEU E 664 -89.53 68.00 14.03
CA LEU E 664 -89.06 69.33 14.39
C LEU E 664 -90.21 70.34 14.40
N GLU E 665 -91.24 70.11 13.59
CA GLU E 665 -92.35 71.06 13.51
C GLU E 665 -93.12 71.18 14.82
N LYS E 666 -93.24 70.07 15.58
CA LYS E 666 -94.10 70.08 16.75
C LYS E 666 -93.50 70.88 17.90
N LYS E 667 -92.19 71.00 17.97
CA LYS E 667 -91.54 71.65 19.10
C LYS E 667 -91.76 73.16 19.06
N ASP E 668 -91.58 73.79 20.22
CA ASP E 668 -91.63 75.24 20.30
C ASP E 668 -90.36 75.85 19.72
N VAL E 669 -90.53 76.82 18.81
CA VAL E 669 -89.40 77.42 18.12
C VAL E 669 -89.84 78.75 17.54
N GLU E 670 -88.89 79.62 17.27
CA GLU E 670 -89.20 80.91 16.68
C GLU E 670 -89.77 80.71 15.27
N PRO E 671 -90.73 81.52 14.85
CA PRO E 671 -91.32 81.30 13.52
C PRO E 671 -90.32 81.28 12.38
N GLU E 672 -89.33 82.17 12.41
CA GLU E 672 -88.38 82.25 11.30
C GLU E 672 -87.57 80.97 11.17
N LEU E 673 -87.03 80.48 12.29
CA LEU E 673 -86.30 79.22 12.26
C LEU E 673 -87.21 78.06 11.88
N LYS E 674 -88.43 78.06 12.40
CA LYS E 674 -89.38 76.99 12.07
C LYS E 674 -89.58 76.89 10.56
N GLU E 675 -89.65 78.04 9.88
CA GLU E 675 -89.78 78.03 8.43
C GLU E 675 -88.49 77.63 7.75
N GLU E 676 -87.36 78.22 8.17
CA GLU E 676 -86.10 78.00 7.48
C GLU E 676 -85.69 76.53 7.56
N VAL E 677 -85.87 75.90 8.71
CA VAL E 677 -85.47 74.51 8.86
C VAL E 677 -86.25 73.63 7.89
N GLU E 678 -87.56 73.86 7.77
CA GLU E 678 -88.35 73.09 6.82
C GLU E 678 -88.04 73.48 5.39
N GLU E 679 -87.63 74.73 5.17
CA GLU E 679 -87.23 75.15 3.83
C GLU E 679 -86.04 74.36 3.34
N LEU E 680 -85.07 74.09 4.21
CA LEU E 680 -83.90 73.32 3.81
C LEU E 680 -84.30 71.93 3.37
N GLY E 681 -85.18 71.28 4.14
CA GLY E 681 -85.68 69.98 3.72
C GLY E 681 -86.43 70.04 2.41
N LYS E 682 -87.18 71.13 2.19
CA LYS E 682 -87.97 71.25 0.98
C LYS E 682 -87.09 71.22 -0.26
N LYS E 683 -85.96 71.92 -0.24
CA LYS E 683 -85.04 71.91 -1.37
C LYS E 683 -84.10 70.71 -1.34
N LEU E 684 -83.69 70.29 -0.14
CA LEU E 684 -82.65 69.30 -0.04
C LEU E 684 -83.11 67.97 -0.63
N VAL E 685 -84.38 67.62 -0.42
CA VAL E 685 -84.89 66.36 -0.96
C VAL E 685 -84.93 66.40 -2.47
N GLU E 686 -85.30 67.55 -3.05
CA GLU E 686 -85.43 67.63 -4.50
C GLU E 686 -84.10 67.38 -5.19
N ILE E 687 -83.03 67.97 -4.67
CA ILE E 687 -81.71 67.82 -5.29
C ILE E 687 -81.29 66.36 -5.27
N VAL E 688 -81.47 65.70 -4.13
CA VAL E 688 -81.15 64.28 -4.04
C VAL E 688 -81.94 63.52 -5.10
N ARG E 689 -83.22 63.88 -5.26
CA ARG E 689 -84.04 63.22 -6.26
C ARG E 689 -83.49 63.51 -7.67
N LYS E 690 -83.00 64.73 -7.90
CA LYS E 690 -82.41 65.03 -9.21
C LYS E 690 -81.20 64.15 -9.47
N LEU E 691 -80.28 64.04 -8.51
CA LEU E 691 -79.12 63.19 -8.73
C LEU E 691 -79.52 61.74 -8.86
N ALA E 692 -80.47 61.29 -8.03
CA ALA E 692 -80.92 59.92 -8.10
C ALA E 692 -81.61 59.60 -9.42
N GLU E 693 -82.29 60.59 -10.00
CA GLU E 693 -82.94 60.37 -11.28
C GLU E 693 -81.93 60.12 -12.39
N ARG E 694 -80.77 60.74 -12.30
CA ARG E 694 -79.69 60.55 -13.27
C ARG E 694 -78.98 59.22 -12.96
N LYS E 695 -79.54 58.15 -13.51
CA LYS E 695 -78.95 56.83 -13.38
C LYS E 695 -77.78 56.68 -14.35
N GLU F 2 -51.55 63.42 57.79
CA GLU F 2 -50.57 62.51 58.44
C GLU F 2 -50.77 61.07 57.97
N GLU F 3 -51.88 60.47 58.39
CA GLU F 3 -52.11 59.05 58.13
C GLU F 3 -52.16 58.73 56.64
N LEU F 4 -52.49 59.71 55.79
CA LEU F 4 -52.56 59.46 54.36
C LEU F 4 -51.22 58.94 53.82
N ARG F 5 -50.11 59.27 54.49
CA ARG F 5 -48.82 58.78 54.05
C ARG F 5 -48.79 57.26 53.99
N GLU F 6 -49.51 56.59 54.89
CA GLU F 6 -49.50 55.13 54.89
C GLU F 6 -50.07 54.57 53.60
N ILE F 7 -51.26 55.03 53.20
CA ILE F 7 -51.85 54.54 51.97
C ILE F 7 -51.01 54.95 50.78
N ALA F 8 -50.42 56.15 50.84
CA ALA F 8 -49.54 56.57 49.75
C ALA F 8 -48.39 55.58 49.58
N GLU F 9 -47.75 55.20 50.69
CA GLU F 9 -46.61 54.30 50.63
C GLU F 9 -47.03 52.93 50.11
N ARG F 10 -48.15 52.41 50.61
CA ARG F 10 -48.63 51.10 50.15
C ARG F 10 -48.89 51.11 48.65
N ALA F 11 -49.59 52.15 48.16
CA ALA F 11 -49.83 52.27 46.74
C ALA F 11 -48.53 52.34 45.98
N GLU F 12 -47.57 53.12 46.47
CA GLU F 12 -46.28 53.23 45.80
C GLU F 12 -45.60 51.87 45.71
N ALA F 13 -45.73 51.06 46.76
CA ALA F 13 -45.11 49.74 46.74
C ALA F 13 -45.71 48.86 45.67
N ASP F 14 -47.03 48.94 45.47
CA ASP F 14 -47.67 48.06 44.49
C ASP F 14 -47.06 48.18 43.10
N MET F 15 -46.77 49.42 42.68
CA MET F 15 -46.33 49.64 41.30
C MET F 15 -45.02 48.92 41.02
N ARG F 16 -44.11 48.89 41.99
CA ARG F 16 -42.84 48.21 41.78
C ARG F 16 -43.05 46.72 41.54
N GLU F 17 -43.99 46.12 42.27
CA GLU F 17 -44.31 44.72 42.01
C GLU F 17 -44.78 44.52 40.59
N ILE F 18 -45.69 45.40 40.12
CA ILE F 18 -46.14 45.28 38.72
C ILE F 18 -44.95 45.40 37.78
N SER F 19 -44.07 46.37 38.04
CA SER F 19 -42.94 46.60 37.15
C SER F 19 -42.07 45.35 37.04
N GLU F 20 -41.66 44.81 38.18
CA GLU F 20 -40.78 43.65 38.17
C GLU F 20 -41.46 42.46 37.50
N LEU F 21 -42.74 42.24 37.81
CA LEU F 21 -43.44 41.11 37.21
C LEU F 21 -43.47 41.23 35.70
N ALA F 22 -43.75 42.42 35.19
CA ALA F 22 -43.76 42.59 33.73
C ALA F 22 -42.37 42.42 33.16
N GLU F 23 -41.34 42.93 33.85
CA GLU F 23 -39.98 42.82 33.35
C GLU F 23 -39.57 41.36 33.21
N GLU F 24 -39.92 40.53 34.18
CA GLU F 24 -39.56 39.12 34.10
C GLU F 24 -40.43 38.37 33.09
N LEU F 25 -41.72 38.70 33.02
CA LEU F 25 -42.63 37.95 32.16
C LEU F 25 -42.50 38.32 30.68
N VAL F 26 -42.09 39.55 30.38
CA VAL F 26 -42.14 40.07 29.01
C VAL F 26 -41.11 39.37 28.13
N GLU F 27 -41.21 39.56 26.81
CA GLU F 27 -40.27 38.97 25.87
C GLU F 27 -39.84 39.93 24.77
N ASP F 28 -40.14 41.23 24.88
CA ASP F 28 -39.78 42.21 23.85
C ASP F 28 -39.38 43.52 24.53
N PRO F 29 -38.22 44.09 24.19
CA PRO F 29 -37.75 45.26 24.95
C PRO F 29 -38.71 46.43 24.96
N VAL F 30 -39.34 46.74 23.83
CA VAL F 30 -40.16 47.95 23.76
C VAL F 30 -41.34 47.86 24.72
N TYR F 31 -42.01 46.70 24.74
CA TYR F 31 -43.16 46.53 25.62
C TYR F 31 -42.73 46.57 27.07
N ALA F 32 -41.60 45.94 27.38
CA ALA F 32 -41.09 45.95 28.74
C ALA F 32 -40.79 47.37 29.19
N VAL F 33 -40.24 48.19 28.30
CA VAL F 33 -39.96 49.57 28.64
C VAL F 33 -41.26 50.32 28.88
N ALA F 34 -42.24 50.14 28.00
CA ALA F 34 -43.49 50.89 28.09
C ALA F 34 -44.21 50.60 29.40
N VAL F 35 -44.28 49.31 29.78
CA VAL F 35 -45.04 48.95 30.98
C VAL F 35 -44.50 49.70 32.19
N ARG F 36 -43.19 49.58 32.43
CA ARG F 36 -42.58 50.24 33.58
C ARG F 36 -42.69 51.75 33.47
N GLY F 37 -42.47 52.30 32.27
CA GLY F 37 -42.57 53.74 32.11
C GLY F 37 -43.92 54.27 32.51
N MET F 38 -44.99 53.57 32.13
CA MET F 38 -46.32 54.03 32.50
C MET F 38 -46.55 53.86 34.00
N ALA F 39 -46.16 52.70 34.55
CA ALA F 39 -46.44 52.42 35.95
C ALA F 39 -45.74 53.42 36.87
N LEU F 40 -44.48 53.73 36.59
CA LEU F 40 -43.74 54.63 37.47
C LEU F 40 -44.41 55.99 37.57
N VAL F 41 -44.84 56.54 36.42
CA VAL F 41 -45.52 57.83 36.43
C VAL F 41 -46.86 57.71 37.14
N GLY F 42 -47.62 56.67 36.83
CA GLY F 42 -48.92 56.51 37.47
C GLY F 42 -48.83 56.47 38.98
N ALA F 43 -47.74 55.90 39.51
CA ALA F 43 -47.60 55.82 40.96
C ALA F 43 -47.46 57.20 41.59
N ALA F 44 -46.75 58.12 40.92
CA ALA F 44 -46.38 59.37 41.57
C ALA F 44 -47.59 60.17 42.02
N GLY F 45 -48.73 60.00 41.34
CA GLY F 45 -49.90 60.78 41.69
C GLY F 45 -50.35 60.57 43.12
N VAL F 46 -50.16 59.36 43.66
CA VAL F 46 -50.58 59.11 45.03
C VAL F 46 -49.79 60.00 45.98
N PHE F 47 -48.46 60.00 45.84
CA PHE F 47 -47.64 60.86 46.69
C PHE F 47 -47.98 62.32 46.48
N ALA F 48 -48.18 62.72 45.22
CA ALA F 48 -48.47 64.13 44.95
C ALA F 48 -49.76 64.55 45.65
N LEU F 49 -50.82 63.76 45.50
CA LEU F 49 -52.08 64.10 46.16
C LEU F 49 -51.91 64.10 47.67
N GLY F 50 -51.10 63.18 48.20
CA GLY F 50 -50.88 63.17 49.64
C GLY F 50 -50.38 64.50 50.16
N VAL F 51 -49.52 65.18 49.39
CA VAL F 51 -49.04 66.50 49.76
C VAL F 51 -50.01 67.61 49.38
N GLY F 52 -51.10 67.28 48.70
CA GLY F 52 -52.04 68.30 48.26
C GLY F 52 -51.69 68.97 46.95
N GLY F 53 -51.00 68.28 46.06
CA GLY F 53 -50.59 68.85 44.79
C GLY F 53 -51.75 69.10 43.85
N PRO F 54 -51.53 69.92 42.82
CA PRO F 54 -52.60 70.25 41.89
C PRO F 54 -53.14 69.00 41.21
N PRO F 55 -54.46 68.78 41.22
CA PRO F 55 -55.00 67.59 40.54
C PRO F 55 -55.00 67.69 39.02
N GLU F 56 -55.30 68.87 38.47
CA GLU F 56 -55.37 69.02 37.03
C GLU F 56 -54.03 68.72 36.37
N VAL F 57 -52.95 69.23 36.95
CA VAL F 57 -51.62 69.00 36.39
C VAL F 57 -51.30 67.51 36.41
N LEU F 58 -51.63 66.84 37.51
CA LEU F 58 -51.38 65.41 37.61
C LEU F 58 -52.11 64.64 36.52
N GLU F 59 -53.41 64.92 36.35
CA GLU F 59 -54.16 64.20 35.33
C GLU F 59 -53.59 64.47 33.94
N GLU F 60 -53.24 65.73 33.66
CA GLU F 60 -52.67 66.06 32.36
C GLU F 60 -51.36 65.30 32.14
N ALA F 61 -50.52 65.23 33.16
CA ALA F 61 -49.26 64.51 33.03
C ALA F 61 -49.49 63.04 32.73
N ARG F 62 -50.47 62.42 33.41
CA ARG F 62 -50.76 61.02 33.14
C ARG F 62 -51.18 60.84 31.68
N ARG F 63 -52.07 61.72 31.20
CA ARG F 63 -52.46 61.64 29.81
C ARG F 63 -51.26 61.79 28.89
N ARG F 64 -50.34 62.69 29.23
CA ARG F 64 -49.17 62.92 28.40
C ARG F 64 -48.32 61.67 28.28
N VAL F 65 -48.06 60.99 29.41
CA VAL F 65 -47.22 59.79 29.30
C VAL F 65 -47.96 58.72 28.52
N GLU F 66 -49.29 58.65 28.66
CA GLU F 66 -50.04 57.69 27.84
C GLU F 66 -49.84 57.98 26.36
N GLU F 67 -49.88 59.25 25.98
CA GLU F 67 -49.66 59.61 24.58
C GLU F 67 -48.27 59.21 24.12
N ALA F 68 -47.27 59.42 24.99
CA ALA F 68 -45.91 59.02 24.64
C ALA F 68 -45.85 57.51 24.36
N ALA F 69 -46.50 56.72 25.23
CA ALA F 69 -46.49 55.28 25.02
C ALA F 69 -47.16 54.92 23.70
N ARG F 70 -48.29 55.55 23.39
CA ARG F 70 -48.94 55.30 22.11
C ARG F 70 -47.99 55.57 20.95
N GLU F 71 -47.30 56.70 20.99
CA GLU F 71 -46.40 57.04 19.88
C GLU F 71 -45.28 56.00 19.76
N ALA F 72 -44.70 55.61 20.89
CA ALA F 72 -43.61 54.64 20.83
C ALA F 72 -44.09 53.30 20.27
N LEU F 73 -45.27 52.86 20.69
CA LEU F 73 -45.80 51.60 20.17
C LEU F 73 -46.03 51.70 18.67
N ARG F 74 -46.56 52.83 18.21
CA ARG F 74 -46.75 53.03 16.77
C ARG F 74 -45.42 52.94 16.03
N LYS F 75 -44.38 53.58 16.57
CA LYS F 75 -43.07 53.51 15.92
C LYS F 75 -42.56 52.07 15.88
N TYR F 76 -42.69 51.33 16.97
CA TYR F 76 -42.17 49.97 17.02
C TYR F 76 -42.91 49.07 16.04
N GLU F 77 -44.23 49.24 15.91
CA GLU F 77 -44.96 48.52 14.88
C GLU F 77 -44.42 48.86 13.49
N GLU F 78 -44.00 50.10 13.30
CA GLU F 78 -43.42 50.54 12.03
C GLU F 78 -42.04 49.95 11.79
N GLY F 79 -41.47 49.23 12.76
CA GLY F 79 -40.13 48.70 12.61
C GLY F 79 -39.02 49.71 12.81
N ALA F 80 -39.29 50.78 13.55
CA ALA F 80 -38.28 51.82 13.76
C ALA F 80 -37.18 51.32 14.70
N ASP F 81 -36.12 52.12 14.79
CA ASP F 81 -34.99 51.78 15.65
C ASP F 81 -35.43 51.63 17.10
N VAL F 82 -34.96 50.56 17.75
CA VAL F 82 -35.25 50.35 19.16
C VAL F 82 -34.59 51.43 20.01
N SER F 83 -33.36 51.82 19.65
CA SER F 83 -32.61 52.74 20.49
C SER F 83 -33.34 54.07 20.61
N GLU F 84 -33.72 54.67 19.49
CA GLU F 84 -34.46 55.92 19.53
C GLU F 84 -35.76 55.74 20.30
N LEU F 85 -36.42 54.60 20.13
CA LEU F 85 -37.68 54.37 20.82
C LEU F 85 -37.50 54.47 22.32
N VAL F 86 -36.55 53.71 22.87
CA VAL F 86 -36.38 53.72 24.32
C VAL F 86 -35.87 55.07 24.79
N ALA F 87 -35.00 55.71 24.02
CA ALA F 87 -34.51 57.02 24.42
C ALA F 87 -35.66 58.01 24.55
N GLU F 88 -36.51 58.09 23.52
CA GLU F 88 -37.61 59.03 23.55
C GLU F 88 -38.58 58.71 24.68
N LEU F 89 -38.91 57.42 24.85
CA LEU F 89 -39.87 57.04 25.88
C LEU F 89 -39.35 57.42 27.27
N ILE F 90 -38.09 57.08 27.55
CA ILE F 90 -37.52 57.37 28.86
C ILE F 90 -37.45 58.87 29.08
N ARG F 91 -37.03 59.61 28.06
CA ARG F 91 -36.96 61.07 28.20
C ARG F 91 -38.32 61.66 28.52
N GLU F 92 -39.35 61.21 27.80
CA GLU F 92 -40.69 61.73 28.06
C GLU F 92 -41.13 61.42 29.47
N THR F 93 -40.90 60.19 29.93
CA THR F 93 -41.28 59.84 31.30
C THR F 93 -40.54 60.71 32.30
N SER F 94 -39.24 60.92 32.08
CA SER F 94 -38.45 61.71 33.00
C SER F 94 -38.98 63.13 33.10
N ARG F 95 -39.24 63.76 31.94
CA ARG F 95 -39.73 65.13 31.96
C ARG F 95 -41.10 65.21 32.62
N GLN F 96 -41.97 64.23 32.37
CA GLN F 96 -43.28 64.25 33.00
C GLN F 96 -43.15 64.16 34.52
N ILE F 97 -42.32 63.24 35.02
CA ILE F 97 -42.16 63.07 36.46
C ILE F 97 -41.56 64.35 37.06
N ALA F 98 -40.60 64.94 36.37
CA ALA F 98 -40.05 66.20 36.84
C ALA F 98 -41.12 67.27 36.89
N GLU F 99 -42.04 67.26 35.93
CA GLU F 99 -43.15 68.20 35.96
C GLU F 99 -44.02 67.99 37.19
N ILE F 100 -44.31 66.74 37.53
CA ILE F 100 -45.12 66.46 38.71
C ILE F 100 -44.42 67.00 39.95
N ALA F 101 -43.11 66.75 40.07
CA ALA F 101 -42.38 67.28 41.21
C ALA F 101 -42.37 68.81 41.19
N GLU F 102 -42.27 69.40 40.01
CA GLU F 102 -42.23 70.86 39.89
C GLU F 102 -43.54 71.48 40.35
N ALA F 103 -44.66 70.80 40.11
CA ALA F 103 -45.92 71.27 40.65
C ALA F 103 -45.98 71.06 42.16
N THR F 104 -45.61 69.87 42.62
CA THR F 104 -45.69 69.57 44.04
C THR F 104 -44.87 70.54 44.87
N ILE F 105 -43.70 70.94 44.36
CA ILE F 105 -42.81 71.79 45.14
C ILE F 105 -43.46 73.10 45.51
N LYS F 106 -44.41 73.58 44.72
CA LYS F 106 -45.04 74.87 44.95
C LYS F 106 -46.11 74.82 46.04
N ALA F 107 -46.46 73.64 46.53
CA ALA F 107 -47.68 73.50 47.32
C ALA F 107 -47.62 74.28 48.63
N THR F 108 -46.48 74.22 49.33
CA THR F 108 -46.44 74.75 50.68
C THR F 108 -45.02 75.16 51.02
N ASP F 109 -44.90 75.99 52.06
CA ASP F 109 -43.61 76.50 52.52
C ASP F 109 -42.99 75.65 53.63
N ASP F 110 -43.64 74.59 54.07
CA ASP F 110 -43.16 73.83 55.21
C ASP F 110 -41.84 73.14 54.89
N PRO F 111 -40.79 73.31 55.71
CA PRO F 111 -39.56 72.54 55.47
C PRO F 111 -39.76 71.04 55.55
N GLU F 112 -40.64 70.55 56.41
CA GLU F 112 -40.80 69.10 56.54
C GLU F 112 -41.39 68.50 55.28
N VAL F 113 -42.50 69.05 54.80
CA VAL F 113 -43.10 68.57 53.56
C VAL F 113 -42.12 68.76 52.40
N LEU F 114 -41.38 69.87 52.41
CA LEU F 114 -40.41 70.10 51.36
C LEU F 114 -39.35 69.01 51.36
N GLU F 115 -38.86 68.63 52.53
CA GLU F 115 -37.88 67.56 52.62
C GLU F 115 -38.47 66.25 52.13
N GLU F 116 -39.72 65.98 52.48
CA GLU F 116 -40.37 64.76 52.00
C GLU F 116 -40.40 64.74 50.48
N ILE F 117 -40.83 65.84 49.86
CA ILE F 117 -40.95 65.89 48.42
C ILE F 117 -39.58 65.74 47.76
N SER F 118 -38.58 66.45 48.30
CA SER F 118 -37.25 66.39 47.73
C SER F 118 -36.69 64.97 47.82
N GLU F 119 -36.85 64.33 48.97
CA GLU F 119 -36.37 62.97 49.14
C GLU F 119 -37.06 62.03 48.15
N PHE F 120 -38.38 62.15 48.01
CA PHE F 120 -39.11 61.30 47.08
C PHE F 120 -38.53 61.43 45.68
N ALA F 121 -38.43 62.67 45.20
CA ALA F 121 -37.93 62.88 43.84
C ALA F 121 -36.50 62.39 43.71
N GLU F 122 -35.66 62.68 44.68
CA GLU F 122 -34.25 62.34 44.58
C GLU F 122 -34.05 60.84 44.52
N GLU F 123 -34.68 60.10 45.42
CA GLU F 123 -34.53 58.65 45.42
C GLU F 123 -35.08 58.05 44.13
N ARG F 124 -36.26 58.50 43.71
CA ARG F 124 -36.86 57.93 42.51
C ARG F 124 -35.95 58.16 41.30
N SER F 125 -35.44 59.38 41.14
CA SER F 125 -34.55 59.67 40.02
C SER F 125 -33.25 58.88 40.12
N ARG F 126 -32.69 58.77 41.33
CA ARG F 126 -31.44 58.06 41.49
C ARG F 126 -31.58 56.61 41.07
N ARG F 127 -32.70 55.98 41.39
CA ARG F 127 -32.93 54.62 40.93
C ARG F 127 -33.18 54.58 39.43
N LEU F 128 -34.01 55.51 38.94
CA LEU F 128 -34.46 55.45 37.55
C LEU F 128 -33.31 55.62 36.57
N SER F 129 -32.41 56.56 36.83
CA SER F 129 -31.31 56.80 35.88
C SER F 129 -30.44 55.57 35.74
N GLU F 130 -30.06 54.96 36.87
CA GLU F 130 -29.25 53.75 36.81
C GLU F 130 -29.99 52.62 36.12
N TYR F 131 -31.30 52.51 36.35
CA TYR F 131 -32.08 51.50 35.63
C TYR F 131 -32.03 51.74 34.13
N ALA F 132 -32.18 53.00 33.71
CA ALA F 132 -32.19 53.32 32.29
C ALA F 132 -30.84 53.00 31.65
N GLU F 133 -29.75 53.28 32.36
CA GLU F 133 -28.43 53.01 31.79
C GLU F 133 -28.26 51.54 31.40
N ARG F 134 -29.05 50.65 32.00
CA ARG F 134 -28.95 49.23 31.70
C ARG F 134 -29.50 48.88 30.32
N HIS F 135 -30.46 49.66 29.82
CA HIS F 135 -31.20 49.29 28.62
C HIS F 135 -30.65 49.89 27.34
N VAL F 136 -30.18 51.15 27.40
CA VAL F 136 -29.84 51.86 26.17
C VAL F 136 -28.53 51.33 25.62
N THR F 137 -28.52 50.98 24.34
CA THR F 137 -27.34 50.44 23.68
C THR F 137 -26.50 51.51 23.01
N ASN F 138 -27.15 52.53 22.42
CA ASN F 138 -26.41 53.57 21.72
C ASN F 138 -25.62 54.39 22.74
N PRO F 139 -24.29 54.49 22.61
CA PRO F 139 -23.53 55.17 23.67
C PRO F 139 -23.97 56.61 23.91
N ILE F 140 -24.11 57.40 22.85
CA ILE F 140 -24.52 58.79 23.02
C ILE F 140 -25.88 58.86 23.68
N LEU F 141 -26.79 57.96 23.31
CA LEU F 141 -28.13 57.98 23.90
C LEU F 141 -28.05 57.73 25.41
N ALA F 142 -27.27 56.73 25.83
CA ALA F 142 -27.13 56.45 27.24
C ALA F 142 -26.55 57.66 27.97
N ALA F 143 -25.47 58.23 27.42
CA ALA F 143 -24.81 59.34 28.10
C ALA F 143 -25.75 60.53 28.23
N THR F 144 -26.48 60.87 27.16
CA THR F 144 -27.38 62.01 27.23
C THR F 144 -28.51 61.76 28.20
N VAL F 145 -29.04 60.54 28.25
CA VAL F 145 -30.07 60.24 29.24
C VAL F 145 -29.55 60.50 30.64
N VAL F 146 -28.35 60.00 30.93
CA VAL F 146 -27.79 60.18 32.28
C VAL F 146 -27.63 61.66 32.59
N ALA F 147 -27.08 62.42 31.65
CA ALA F 147 -26.84 63.84 31.88
C ALA F 147 -28.14 64.57 32.17
N LEU F 148 -29.17 64.33 31.33
CA LEU F 148 -30.44 65.02 31.53
C LEU F 148 -31.02 64.69 32.88
N ALA F 149 -31.02 63.41 33.25
CA ALA F 149 -31.57 63.03 34.55
C ALA F 149 -30.86 63.76 35.67
N GLU F 150 -29.53 63.76 35.65
CA GLU F 150 -28.78 64.38 36.73
C GLU F 150 -29.10 65.87 36.83
N VAL F 151 -29.09 66.57 35.69
CA VAL F 151 -29.35 68.01 35.71
C VAL F 151 -30.72 68.29 36.28
N LEU F 152 -31.73 67.53 35.83
CA LEU F 152 -33.08 67.75 36.31
C LEU F 152 -33.16 67.57 37.82
N SER F 153 -32.54 66.50 38.34
CA SER F 153 -32.55 66.30 39.79
C SER F 153 -31.87 67.46 40.51
N ALA F 154 -30.77 67.96 39.95
CA ALA F 154 -30.04 69.04 40.59
C ALA F 154 -30.94 70.26 40.75
N VAL F 155 -31.57 70.70 39.66
CA VAL F 155 -32.42 71.89 39.75
C VAL F 155 -33.60 71.62 40.67
N VAL F 156 -34.14 70.39 40.62
CA VAL F 156 -35.27 70.05 41.47
C VAL F 156 -34.92 70.30 42.92
N ARG F 157 -33.76 69.84 43.37
CA ARG F 157 -33.36 70.15 44.73
C ARG F 157 -33.13 71.65 44.91
N ALA F 158 -32.46 72.27 43.94
CA ALA F 158 -32.05 73.67 44.12
C ALA F 158 -33.24 74.57 44.40
N ARG F 159 -34.39 74.28 43.81
CA ARG F 159 -35.53 75.19 44.02
C ARG F 159 -35.96 75.23 45.49
N SER F 160 -35.53 74.27 46.31
CA SER F 160 -35.92 74.25 47.70
C SER F 160 -35.40 75.46 48.47
N TYR F 161 -34.44 76.19 47.91
CA TYR F 161 -33.79 77.30 48.60
C TYR F 161 -34.00 78.63 47.90
N GLY F 162 -34.90 78.69 46.92
CA GLY F 162 -35.21 79.95 46.27
C GLY F 162 -34.25 80.37 45.18
N ALA F 163 -33.40 79.47 44.72
CA ALA F 163 -32.43 79.83 43.69
C ALA F 163 -33.16 80.22 42.41
N PRO F 164 -32.74 81.29 41.72
CA PRO F 164 -33.42 81.68 40.48
C PRO F 164 -33.53 80.54 39.48
N GLU F 165 -34.76 80.31 38.99
CA GLU F 165 -35.00 79.22 38.05
C GLU F 165 -34.42 79.51 36.68
N GLU F 166 -34.12 80.78 36.38
CA GLU F 166 -33.55 81.12 35.08
C GLU F 166 -32.21 80.45 34.85
N VAL F 167 -31.41 80.30 35.90
CA VAL F 167 -30.13 79.60 35.77
C VAL F 167 -30.38 78.13 35.42
N GLY F 168 -31.33 77.50 36.11
CA GLY F 168 -31.65 76.12 35.79
C GLY F 168 -32.15 75.96 34.37
N GLU F 169 -33.01 76.88 33.92
CA GLU F 169 -33.49 76.84 32.56
C GLU F 169 -32.35 77.01 31.56
N LYS F 170 -31.42 77.93 31.84
CA LYS F 170 -30.29 78.15 30.95
C LYS F 170 -29.45 76.89 30.86
N ALA F 171 -29.17 76.25 31.99
CA ALA F 171 -28.38 75.02 31.98
C ALA F 171 -29.12 73.91 31.25
N VAL F 172 -30.44 73.82 31.44
CA VAL F 172 -31.22 72.81 30.73
C VAL F 172 -31.15 73.04 29.24
N LYS F 173 -31.27 74.30 28.79
CA LYS F 173 -31.16 74.60 27.38
C LYS F 173 -29.77 74.24 26.85
N GLU F 174 -28.74 74.58 27.63
CA GLU F 174 -27.39 74.21 27.24
C GLU F 174 -27.26 72.71 27.08
N VAL F 175 -27.84 71.94 28.02
CA VAL F 175 -27.76 70.49 27.94
C VAL F 175 -28.50 69.97 26.71
N ARG F 176 -29.67 70.54 26.43
CA ARG F 176 -30.41 70.11 25.24
C ARG F 176 -29.60 70.38 23.98
N GLU F 177 -29.05 71.59 23.86
CA GLU F 177 -28.24 71.93 22.70
C GLU F 177 -27.04 71.01 22.60
N ALA F 178 -26.37 70.75 23.72
CA ALA F 178 -25.20 69.87 23.70
C ALA F 178 -25.57 68.47 23.26
N SER F 179 -26.67 67.93 23.79
CA SER F 179 -27.06 66.57 23.43
C SER F 179 -27.47 66.47 21.96
N GLU F 180 -28.20 67.47 21.47
CA GLU F 180 -28.54 67.47 20.05
C GLU F 180 -27.29 67.57 19.19
N GLU F 181 -26.34 68.42 19.60
CA GLU F 181 -25.09 68.54 18.86
C GLU F 181 -24.32 67.23 18.88
N ALA F 182 -24.36 66.52 20.01
CA ALA F 182 -23.68 65.24 20.11
C ALA F 182 -24.30 64.22 19.16
N LEU F 183 -25.63 64.14 19.14
CA LEU F 183 -26.30 63.29 18.17
C LEU F 183 -25.92 63.69 16.74
N GLU F 184 -25.80 64.99 16.48
CA GLU F 184 -25.42 65.45 15.16
C GLU F 184 -24.01 65.00 14.80
N ARG F 185 -23.06 65.17 15.72
CA ARG F 185 -21.70 64.76 15.46
C ARG F 185 -21.63 63.25 15.24
N TYR F 186 -22.43 62.49 15.99
CA TYR F 186 -22.50 61.05 15.77
C TYR F 186 -23.02 60.74 14.38
N LYS F 187 -24.03 61.49 13.93
CA LYS F 187 -24.48 61.35 12.54
C LYS F 187 -23.37 61.71 11.57
N LYS F 188 -22.49 62.63 11.95
CA LYS F 188 -21.36 63.03 11.12
C LYS F 188 -20.20 62.03 11.16
N GLY F 189 -20.31 60.97 11.94
CA GLY F 189 -19.24 59.99 12.04
C GLY F 189 -18.06 60.40 12.88
N GLU F 190 -18.23 61.39 13.75
CA GLU F 190 -17.15 61.85 14.61
C GLU F 190 -16.82 60.78 15.67
N ASP F 191 -15.69 60.99 16.33
CA ASP F 191 -15.26 60.06 17.38
C ASP F 191 -16.27 60.02 18.51
N VAL F 192 -16.72 58.82 18.86
CA VAL F 192 -17.73 58.68 19.92
C VAL F 192 -17.15 59.13 21.25
N SER F 193 -15.91 58.76 21.54
CA SER F 193 -15.33 59.09 22.83
C SER F 193 -15.28 60.59 23.05
N GLU F 194 -14.89 61.34 22.01
CA GLU F 194 -14.84 62.79 22.14
C GLU F 194 -16.22 63.36 22.42
N LEU F 195 -17.25 62.85 21.73
CA LEU F 195 -18.60 63.34 21.97
C LEU F 195 -19.00 63.09 23.41
N VAL F 196 -18.74 61.89 23.92
CA VAL F 196 -19.09 61.56 25.30
C VAL F 196 -18.38 62.53 26.25
N ALA F 197 -17.08 62.73 26.02
CA ALA F 197 -16.31 63.59 26.91
C ALA F 197 -16.83 65.02 26.89
N GLU F 198 -17.12 65.55 25.71
CA GLU F 198 -17.62 66.92 25.62
C GLU F 198 -18.97 67.06 26.32
N LEU F 199 -19.86 66.08 26.13
CA LEU F 199 -21.14 66.11 26.82
C LEU F 199 -20.95 66.14 28.32
N ILE F 200 -20.08 65.25 28.83
CA ILE F 200 -19.86 65.19 30.28
C ILE F 200 -19.29 66.51 30.78
N ARG F 201 -18.36 67.09 30.03
CA ARG F 201 -17.74 68.35 30.46
C ARG F 201 -18.76 69.47 30.53
N GLU F 202 -19.61 69.58 29.50
CA GLU F 202 -20.65 70.59 29.52
C GLU F 202 -21.59 70.38 30.70
N THR F 203 -21.97 69.12 30.95
CA THR F 203 -22.83 68.83 32.09
C THR F 203 -22.17 69.26 33.38
N SER F 204 -20.88 68.97 33.52
CA SER F 204 -20.15 69.34 34.73
C SER F 204 -20.20 70.85 34.94
N ARG F 205 -19.84 71.61 33.91
CA ARG F 205 -19.87 73.07 34.05
C ARG F 205 -21.28 73.53 34.42
N GLN F 206 -22.30 72.97 33.78
CA GLN F 206 -23.66 73.42 34.04
C GLN F 206 -24.05 73.19 35.49
N ILE F 207 -23.86 71.96 35.98
CA ILE F 207 -24.28 71.65 37.34
C ILE F 207 -23.47 72.48 38.33
N ALA F 208 -22.18 72.64 38.09
CA ALA F 208 -21.36 73.43 38.99
C ALA F 208 -21.87 74.86 39.07
N GLU F 209 -22.08 75.49 37.91
CA GLU F 209 -22.53 76.88 37.90
C GLU F 209 -23.88 77.02 38.60
N ILE F 210 -24.81 76.11 38.33
CA ILE F 210 -26.13 76.20 38.95
C ILE F 210 -26.00 76.13 40.46
N ALA F 211 -25.29 75.11 40.96
CA ALA F 211 -25.17 74.95 42.40
C ALA F 211 -24.44 76.13 43.03
N GLU F 212 -23.43 76.68 42.34
CA GLU F 212 -22.69 77.82 42.89
C GLU F 212 -23.59 79.04 43.00
N ALA F 213 -24.38 79.32 41.97
CA ALA F 213 -25.32 80.42 42.06
C ALA F 213 -26.29 80.20 43.22
N THR F 214 -26.76 78.95 43.38
CA THR F 214 -27.64 78.65 44.51
C THR F 214 -26.97 78.94 45.83
N ILE F 215 -25.70 78.55 45.98
CA ILE F 215 -24.98 78.80 47.22
C ILE F 215 -24.86 80.30 47.46
N LYS F 216 -24.62 81.07 46.40
CA LYS F 216 -24.57 82.52 46.55
C LYS F 216 -25.90 83.07 47.03
N ALA F 217 -27.01 82.57 46.48
CA ALA F 217 -28.32 83.06 46.88
C ALA F 217 -28.64 82.73 48.34
N THR F 218 -28.09 81.63 48.86
CA THR F 218 -28.40 81.22 50.22
C THR F 218 -27.73 82.13 51.24
N ASP F 219 -28.31 82.18 52.44
CA ASP F 219 -27.71 82.95 53.52
C ASP F 219 -27.77 82.23 54.87
N ASP F 220 -28.10 80.94 54.92
CA ASP F 220 -28.20 80.19 56.16
C ASP F 220 -26.99 79.27 56.31
N PRO F 221 -26.24 79.32 57.41
CA PRO F 221 -25.01 78.52 57.52
C PRO F 221 -25.23 77.03 57.31
N GLU F 222 -26.05 76.41 58.16
CA GLU F 222 -26.21 74.96 58.11
C GLU F 222 -26.82 74.51 56.79
N VAL F 223 -27.80 75.26 56.28
CA VAL F 223 -28.38 74.93 54.99
C VAL F 223 -27.32 75.04 53.90
N LEU F 224 -26.44 76.04 54.01
CA LEU F 224 -25.35 76.15 53.04
C LEU F 224 -24.46 74.92 53.09
N GLU F 225 -24.12 74.46 54.29
CA GLU F 225 -23.31 73.26 54.41
C GLU F 225 -24.00 72.06 53.76
N GLU F 226 -25.30 71.94 53.99
CA GLU F 226 -26.05 70.83 53.38
C GLU F 226 -26.00 70.92 51.86
N ILE F 227 -26.17 72.13 51.32
CA ILE F 227 -26.11 72.29 49.86
C ILE F 227 -24.74 71.90 49.34
N SER F 228 -23.68 72.29 50.06
CA SER F 228 -22.34 71.90 49.65
C SER F 228 -22.21 70.39 49.63
N GLU F 229 -22.70 69.71 50.66
CA GLU F 229 -22.64 68.26 50.70
C GLU F 229 -23.34 67.65 49.49
N PHE F 230 -24.54 68.14 49.18
CA PHE F 230 -25.28 67.61 48.05
C PHE F 230 -24.51 67.81 46.75
N ALA F 231 -23.94 69.00 46.56
CA ALA F 231 -23.15 69.25 45.35
C ALA F 231 -21.97 68.29 45.27
N GLU F 232 -21.31 68.04 46.40
CA GLU F 232 -20.20 67.10 46.40
C GLU F 232 -20.67 65.72 45.96
N GLU F 233 -21.79 65.26 46.51
CA GLU F 233 -22.30 63.94 46.13
C GLU F 233 -22.56 63.87 44.63
N ARG F 234 -23.26 64.88 44.09
CA ARG F 234 -23.58 64.85 42.67
C ARG F 234 -22.31 64.85 41.82
N SER F 235 -21.34 65.69 42.17
CA SER F 235 -20.10 65.74 41.41
C SER F 235 -19.40 64.39 41.43
N ARG F 236 -19.33 63.77 42.61
CA ARG F 236 -18.68 62.46 42.72
C ARG F 236 -19.36 61.45 41.81
N ARG F 237 -20.70 61.44 41.79
CA ARG F 237 -21.40 60.47 40.96
C ARG F 237 -21.12 60.71 39.48
N LEU F 238 -21.13 61.97 39.05
CA LEU F 238 -20.80 62.26 37.66
C LEU F 238 -19.40 61.79 37.32
N SER F 239 -18.45 62.04 38.23
CA SER F 239 -17.08 61.60 38.00
C SER F 239 -17.02 60.09 37.88
N GLU F 240 -17.75 59.36 38.73
CA GLU F 240 -17.74 57.91 38.65
C GLU F 240 -18.29 57.41 37.31
N TYR F 241 -19.38 58.02 36.84
CA TYR F 241 -19.92 57.62 35.54
C TYR F 241 -18.88 57.80 34.46
N ALA F 242 -18.25 58.97 34.43
CA ALA F 242 -17.20 59.22 33.45
C ALA F 242 -16.11 58.17 33.58
N GLU F 243 -15.69 57.86 34.81
CA GLU F 243 -14.64 56.87 35.02
C GLU F 243 -15.04 55.50 34.52
N ARG F 244 -16.33 55.21 34.45
CA ARG F 244 -16.73 53.91 33.93
C ARG F 244 -16.77 53.88 32.41
N HIS F 245 -17.44 54.84 31.78
CA HIS F 245 -17.69 54.71 30.34
C HIS F 245 -16.72 55.44 29.43
N VAL F 246 -15.98 56.43 29.89
CA VAL F 246 -15.06 57.11 28.97
C VAL F 246 -13.94 56.15 28.60
N THR F 247 -13.79 55.91 27.30
CA THR F 247 -12.92 54.85 26.81
C THR F 247 -11.47 55.27 26.61
N ASN F 248 -11.17 56.57 26.59
CA ASN F 248 -9.80 57.01 26.33
C ASN F 248 -9.16 57.49 27.62
N PRO F 249 -7.92 57.08 27.91
CA PRO F 249 -7.30 57.52 29.17
C PRO F 249 -7.26 59.02 29.32
N ILE F 250 -6.74 59.74 28.32
CA ILE F 250 -6.59 61.19 28.44
C ILE F 250 -7.94 61.86 28.59
N LEU F 251 -8.93 61.41 27.82
CA LEU F 251 -10.27 61.97 27.95
C LEU F 251 -10.82 61.77 29.35
N ALA F 252 -10.60 60.58 29.92
CA ALA F 252 -11.04 60.34 31.28
C ALA F 252 -10.31 61.26 32.26
N ALA F 253 -9.00 61.43 32.06
CA ALA F 253 -8.23 62.30 32.94
C ALA F 253 -8.81 63.71 32.92
N THR F 254 -9.07 64.23 31.73
CA THR F 254 -9.62 65.58 31.63
C THR F 254 -11.01 65.66 32.26
N VAL F 255 -11.86 64.65 32.02
CA VAL F 255 -13.22 64.70 32.56
C VAL F 255 -13.16 64.73 34.08
N VAL F 256 -12.42 63.81 34.68
CA VAL F 256 -12.36 63.76 36.13
C VAL F 256 -11.66 64.99 36.67
N ALA F 257 -10.70 65.54 35.93
CA ALA F 257 -10.03 66.76 36.38
C ALA F 257 -11.01 67.92 36.43
N LEU F 258 -11.84 68.06 35.40
CA LEU F 258 -12.85 69.12 35.41
C LEU F 258 -13.79 68.95 36.58
N ALA F 259 -14.30 67.73 36.76
CA ALA F 259 -15.22 67.46 37.86
C ALA F 259 -14.58 67.82 39.20
N GLU F 260 -13.37 67.31 39.43
CA GLU F 260 -12.70 67.52 40.71
C GLU F 260 -12.42 69.00 40.95
N VAL F 261 -11.94 69.70 39.92
CA VAL F 261 -11.59 71.11 40.10
C VAL F 261 -12.84 71.91 40.46
N LEU F 262 -13.91 71.74 39.68
CA LEU F 262 -15.11 72.51 39.97
C LEU F 262 -15.72 72.11 41.31
N SER F 263 -15.61 70.84 41.69
CA SER F 263 -16.08 70.41 43.01
C SER F 263 -15.29 71.09 44.11
N ALA F 264 -13.97 71.20 43.94
CA ALA F 264 -13.16 71.91 44.92
C ALA F 264 -13.57 73.36 45.00
N VAL F 265 -13.88 73.98 43.86
CA VAL F 265 -14.34 75.37 43.87
C VAL F 265 -15.63 75.49 44.67
N VAL F 266 -16.58 74.58 44.40
CA VAL F 266 -17.84 74.59 45.12
C VAL F 266 -17.58 74.49 46.62
N ARG F 267 -16.67 73.61 47.02
CA ARG F 267 -16.32 73.49 48.42
C ARG F 267 -15.72 74.79 48.94
N ALA F 268 -14.87 75.42 48.13
CA ALA F 268 -14.21 76.66 48.56
C ALA F 268 -15.22 77.76 48.83
N ARG F 269 -16.35 77.75 48.11
CA ARG F 269 -17.36 78.77 48.35
C ARG F 269 -17.85 78.79 49.79
N SER F 270 -17.67 77.69 50.52
CA SER F 270 -18.36 77.51 51.79
C SER F 270 -18.08 78.63 52.79
N TYR F 271 -16.94 79.32 52.68
CA TYR F 271 -16.63 80.35 53.67
C TYR F 271 -16.09 81.64 53.05
N GLY F 272 -16.45 81.95 51.80
CA GLY F 272 -16.16 83.25 51.25
C GLY F 272 -14.74 83.45 50.77
N ALA F 273 -14.01 82.38 50.45
CA ALA F 273 -12.68 82.54 49.92
C ALA F 273 -12.74 83.29 48.59
N PRO F 274 -11.72 84.07 48.27
CA PRO F 274 -11.79 84.93 47.08
C PRO F 274 -11.95 84.14 45.80
N GLU F 275 -12.62 84.75 44.83
CA GLU F 275 -12.94 84.07 43.57
C GLU F 275 -11.73 83.92 42.67
N GLU F 276 -10.72 84.77 42.82
CA GLU F 276 -9.54 84.67 41.96
C GLU F 276 -8.87 83.31 42.09
N VAL F 277 -8.97 82.69 43.27
CA VAL F 277 -8.40 81.35 43.43
C VAL F 277 -9.13 80.36 42.53
N GLY F 278 -10.46 80.41 42.54
CA GLY F 278 -11.21 79.53 41.65
C GLY F 278 -10.92 79.81 40.19
N GLU F 279 -10.80 81.09 39.83
CA GLU F 279 -10.48 81.44 38.46
C GLU F 279 -9.13 80.86 38.06
N LYS F 280 -8.13 81.00 38.93
CA LYS F 280 -6.80 80.48 38.62
C LYS F 280 -6.82 78.97 38.48
N ALA F 281 -7.50 78.27 39.40
CA ALA F 281 -7.58 76.83 39.32
C ALA F 281 -8.26 76.40 38.03
N VAL F 282 -9.38 77.02 37.69
CA VAL F 282 -10.11 76.64 36.50
C VAL F 282 -9.27 76.88 35.25
N LYS F 283 -8.67 78.07 35.16
CA LYS F 283 -7.85 78.38 33.99
C LYS F 283 -6.67 77.43 33.88
N GLU F 284 -5.99 77.17 34.99
CA GLU F 284 -4.86 76.26 34.95
C GLU F 284 -5.30 74.89 34.47
N VAL F 285 -6.36 74.34 35.07
CA VAL F 285 -6.81 73.01 34.70
C VAL F 285 -7.18 72.97 33.23
N ARG F 286 -7.95 73.95 32.76
CA ARG F 286 -8.44 73.91 31.39
C ARG F 286 -7.32 74.09 30.39
N GLU F 287 -6.43 75.06 30.62
CA GLU F 287 -5.33 75.29 29.69
C GLU F 287 -4.39 74.09 29.66
N ALA F 288 -4.06 73.55 30.83
CA ALA F 288 -3.21 72.37 30.87
C ALA F 288 -3.87 71.20 30.15
N SER F 289 -5.18 71.04 30.34
CA SER F 289 -5.89 69.97 29.66
C SER F 289 -5.82 70.15 28.15
N GLU F 290 -6.01 71.38 27.68
CA GLU F 290 -5.93 71.63 26.25
C GLU F 290 -4.53 71.32 25.74
N GLU F 291 -3.50 71.74 26.46
CA GLU F 291 -2.13 71.47 26.04
C GLU F 291 -1.86 69.98 26.00
N ALA F 292 -2.34 69.24 27.01
CA ALA F 292 -2.14 67.79 27.03
C ALA F 292 -2.88 67.12 25.88
N LEU F 293 -4.10 67.57 25.59
CA LEU F 293 -4.83 67.03 24.45
C LEU F 293 -4.09 67.30 23.15
N GLU F 294 -3.51 68.50 23.02
CA GLU F 294 -2.71 68.80 21.84
C GLU F 294 -1.51 67.89 21.74
N ARG F 295 -0.80 67.67 22.86
CA ARG F 295 0.35 66.78 22.86
C ARG F 295 -0.05 65.38 22.45
N TYR F 296 -1.20 64.90 22.96
CA TYR F 296 -1.71 63.61 22.51
C TYR F 296 -1.98 63.63 21.01
N LYS F 297 -2.56 64.73 20.51
CA LYS F 297 -2.71 64.88 19.07
C LYS F 297 -1.35 64.83 18.37
N GLU F 298 -0.31 65.35 19.03
CA GLU F 298 1.05 65.30 18.50
C GLU F 298 1.70 63.94 18.67
N GLY F 299 1.01 62.98 19.30
CA GLY F 299 1.57 61.66 19.51
C GLY F 299 2.32 61.47 20.81
N ALA F 300 2.22 62.41 21.75
CA ALA F 300 2.89 62.26 23.03
C ALA F 300 2.20 61.18 23.87
N ASP F 301 2.94 60.68 24.86
CA ASP F 301 2.42 59.61 25.70
C ASP F 301 1.20 60.07 26.48
N GLU F 302 0.13 59.29 26.41
CA GLU F 302 -1.06 59.58 27.20
C GLU F 302 -0.79 59.41 28.69
N SER F 303 0.13 58.51 29.05
CA SER F 303 0.44 58.31 30.47
C SER F 303 1.06 59.55 31.08
N GLU F 304 2.08 60.11 30.43
CA GLU F 304 2.70 61.33 30.94
C GLU F 304 1.71 62.47 31.01
N LEU F 305 0.83 62.58 30.01
CA LEU F 305 -0.19 63.61 30.03
C LEU F 305 -1.12 63.44 31.23
N VAL F 306 -1.55 62.20 31.48
CA VAL F 306 -2.42 61.94 32.62
C VAL F 306 -1.72 62.35 33.91
N ALA F 307 -0.45 61.97 34.05
CA ALA F 307 0.28 62.33 35.27
C ALA F 307 0.37 63.84 35.43
N GLU F 308 0.66 64.56 34.34
CA GLU F 308 0.75 66.02 34.44
C GLU F 308 -0.59 66.61 34.87
N VAL F 309 -1.67 66.17 34.22
CA VAL F 309 -2.99 66.72 34.53
C VAL F 309 -3.32 66.47 36.00
N MET F 310 -3.06 65.25 36.47
CA MET F 310 -3.37 64.94 37.86
C MET F 310 -2.50 65.76 38.81
N THR F 311 -1.24 65.98 38.45
CA THR F 311 -0.37 66.80 39.29
C THR F 311 -0.98 68.19 39.46
N ALA F 312 -1.37 68.80 38.34
CA ALA F 312 -1.98 70.13 38.41
C ALA F 312 -3.28 70.09 39.21
N THR F 313 -4.08 69.03 39.05
CA THR F 313 -5.33 68.93 39.77
C THR F 313 -5.10 68.92 41.28
N ALA F 314 -4.19 68.06 41.73
CA ALA F 314 -3.88 67.99 43.16
C ALA F 314 -3.36 69.34 43.65
N GLU F 315 -2.47 69.96 42.88
CA GLU F 315 -1.95 71.27 43.25
C GLU F 315 -3.10 72.26 43.45
N ALA F 316 -4.04 72.29 42.51
CA ALA F 316 -5.15 73.23 42.61
C ALA F 316 -6.00 72.97 43.83
N VAL F 317 -6.34 71.69 44.07
CA VAL F 317 -7.19 71.38 45.21
C VAL F 317 -6.52 71.81 46.50
N GLY F 318 -5.23 71.48 46.65
CA GLY F 318 -4.53 71.86 47.87
C GLY F 318 -4.42 73.36 48.02
N GLU F 319 -4.10 74.06 46.93
CA GLU F 319 -3.96 75.51 47.00
C GLU F 319 -5.27 76.15 47.41
N ILE F 320 -6.39 75.69 46.83
CA ILE F 320 -7.68 76.27 47.16
C ILE F 320 -8.00 76.01 48.62
N ALA F 321 -7.78 74.79 49.10
CA ALA F 321 -8.09 74.50 50.50
C ALA F 321 -7.22 75.34 51.44
N GLU F 322 -5.94 75.47 51.14
CA GLU F 322 -5.05 76.25 52.00
C GLU F 322 -5.46 77.72 52.00
N ALA F 323 -5.79 78.27 50.84
CA ALA F 323 -6.27 79.63 50.78
C ALA F 323 -7.53 79.80 51.61
N THR F 324 -8.44 78.82 51.55
CA THR F 324 -9.63 78.88 52.39
C THR F 324 -9.25 78.90 53.87
N ILE F 325 -8.30 78.06 54.27
CA ILE F 325 -7.86 78.04 55.66
C ILE F 325 -7.31 79.41 56.05
N GLU F 326 -6.57 80.04 55.15
CA GLU F 326 -6.05 81.37 55.42
C GLU F 326 -7.18 82.38 55.57
N ALA F 327 -8.22 82.26 54.75
CA ALA F 327 -9.34 83.20 54.81
C ALA F 327 -10.13 83.03 56.11
N THR F 328 -10.18 81.82 56.67
CA THR F 328 -10.86 81.62 57.94
C THR F 328 -10.01 82.20 59.07
N ASP F 329 -10.65 82.32 60.26
CA ASP F 329 -9.96 82.91 61.40
C ASP F 329 -10.29 82.21 62.73
N ASP F 330 -10.63 80.92 62.70
CA ASP F 330 -11.06 80.23 63.92
C ASP F 330 -10.50 78.83 63.95
N PRO F 331 -10.31 78.24 65.13
CA PRO F 331 -9.71 76.89 65.19
C PRO F 331 -10.59 75.81 64.60
N GLU F 332 -11.82 75.63 65.11
CA GLU F 332 -12.64 74.51 64.69
C GLU F 332 -12.92 74.55 63.19
N LYS F 333 -13.13 75.75 62.64
CA LYS F 333 -13.35 75.87 61.21
C LYS F 333 -12.14 75.38 60.43
N ARG F 334 -10.94 75.80 60.84
CA ARG F 334 -9.74 75.35 60.15
C ARG F 334 -9.57 73.85 60.29
N ARG F 335 -9.87 73.29 61.46
CA ARG F 335 -9.79 71.84 61.63
C ARG F 335 -10.71 71.12 60.64
N LYS F 336 -11.97 71.55 60.58
CA LYS F 336 -12.91 70.91 59.65
C LYS F 336 -12.46 71.08 58.21
N ILE F 337 -12.00 72.28 57.85
CA ILE F 337 -11.53 72.51 56.49
C ILE F 337 -10.37 71.57 56.18
N ALA F 338 -9.47 71.38 57.14
CA ALA F 338 -8.35 70.46 56.92
C ALA F 338 -8.81 69.03 56.79
N GLU F 339 -9.84 68.64 57.54
CA GLU F 339 -10.40 67.30 57.36
C GLU F 339 -10.93 67.13 55.94
N PHE F 340 -11.66 68.12 55.45
CA PHE F 340 -12.13 68.08 54.06
C PHE F 340 -10.97 68.04 53.09
N ALA F 341 -9.91 68.79 53.36
CA ALA F 341 -8.74 68.80 52.49
C ALA F 341 -8.10 67.42 52.43
N ARG F 342 -7.99 66.77 53.59
CA ARG F 342 -7.46 65.41 53.64
C ARG F 342 -8.33 64.46 52.83
N GLU F 343 -9.65 64.59 52.97
CA GLU F 343 -10.55 63.75 52.19
C GLU F 343 -10.35 63.98 50.70
N LYS F 344 -10.22 65.24 50.29
CA LYS F 344 -10.01 65.54 48.88
C LYS F 344 -8.71 64.95 48.37
N MET F 345 -7.64 65.07 49.16
CA MET F 345 -6.37 64.47 48.78
C MET F 345 -6.53 62.96 48.60
N ARG F 346 -7.26 62.33 49.52
CA ARG F 346 -7.52 60.90 49.40
C ARG F 346 -8.23 60.60 48.09
N ARG F 347 -9.28 61.36 47.78
CA ARG F 347 -10.03 61.12 46.55
C ARG F 347 -9.11 61.22 45.35
N ILE F 348 -8.30 62.28 45.28
CA ILE F 348 -7.48 62.51 44.10
C ILE F 348 -6.42 61.43 43.95
N ARG F 349 -5.78 61.04 45.05
CA ARG F 349 -4.77 59.98 44.96
C ARG F 349 -5.39 58.66 44.54
N GLU F 350 -6.53 58.31 45.14
CA GLU F 350 -7.19 57.06 44.79
C GLU F 350 -7.60 57.03 43.33
N LEU F 351 -8.14 58.15 42.84
CA LEU F 351 -8.47 58.24 41.42
C LEU F 351 -7.23 58.13 40.55
N ALA F 352 -6.13 58.75 40.99
CA ALA F 352 -4.90 58.76 40.18
C ALA F 352 -4.37 57.35 39.98
N ARG F 353 -4.42 56.51 41.02
CA ARG F 353 -3.74 55.23 40.92
C ARG F 353 -4.22 54.42 39.71
N LYS F 354 -5.52 54.40 39.45
CA LYS F 354 -6.05 53.54 38.40
C LYS F 354 -5.80 54.08 37.00
N LEU F 355 -5.89 55.40 36.83
CA LEU F 355 -5.77 55.97 35.49
C LEU F 355 -4.34 55.93 34.99
N VAL F 356 -3.37 56.20 35.86
CA VAL F 356 -1.97 56.34 35.45
C VAL F 356 -1.40 54.93 35.25
N GLU F 357 -1.10 54.59 34.00
CA GLU F 357 -0.53 53.28 33.70
C GLU F 357 0.97 53.19 33.94
N ASP F 358 1.67 54.32 33.99
CA ASP F 358 3.14 54.29 34.10
C ASP F 358 3.54 53.90 35.51
N PRO F 359 4.28 52.82 35.71
CA PRO F 359 4.62 52.41 37.09
C PRO F 359 5.35 53.49 37.87
N VAL F 360 6.24 54.24 37.24
CA VAL F 360 7.09 55.17 37.97
C VAL F 360 6.34 56.45 38.30
N LEU F 361 5.70 57.05 37.30
CA LEU F 361 5.07 58.35 37.49
C LEU F 361 3.94 58.28 38.50
N ALA F 362 3.26 57.14 38.58
CA ALA F 362 2.16 56.98 39.51
C ALA F 362 2.63 57.19 40.95
N ALA F 363 3.73 56.54 41.32
CA ALA F 363 4.24 56.70 42.67
C ALA F 363 4.61 58.15 42.94
N ALA F 364 5.12 58.86 41.93
CA ALA F 364 5.45 60.26 42.13
C ALA F 364 4.19 61.07 42.42
N VAL F 365 3.13 60.84 41.67
CA VAL F 365 1.87 61.51 41.92
C VAL F 365 1.41 61.25 43.34
N ALA F 366 1.45 59.99 43.75
CA ALA F 366 1.00 59.63 45.10
C ALA F 366 1.83 60.33 46.17
N ALA F 367 3.15 60.33 46.00
CA ALA F 367 4.02 60.96 46.99
C ALA F 367 3.71 62.44 47.12
N ARG F 368 3.60 63.13 45.98
CA ARG F 368 3.28 64.56 46.03
C ARG F 368 1.95 64.77 46.71
N ALA F 369 0.95 63.93 46.43
CA ALA F 369 -0.34 64.09 47.06
C ALA F 369 -0.23 63.97 48.57
N LEU F 370 0.48 62.95 49.05
CA LEU F 370 0.65 62.79 50.49
C LEU F 370 1.35 63.99 51.11
N VAL F 371 2.41 64.48 50.45
CA VAL F 371 3.15 65.60 50.99
C VAL F 371 2.25 66.81 51.13
N LEU F 372 1.54 67.15 50.06
CA LEU F 372 0.64 68.30 50.09
C LEU F 372 -0.43 68.13 51.17
N SER F 373 -1.00 66.94 51.26
CA SER F 373 -2.02 66.71 52.28
C SER F 373 -1.47 67.00 53.67
N ALA F 374 -0.29 66.45 53.97
CA ALA F 374 0.29 66.63 55.28
C ALA F 374 0.55 68.11 55.55
N ALA F 375 1.13 68.81 54.57
CA ALA F 375 1.47 70.21 54.79
C ALA F 375 0.22 71.06 54.99
N VAL F 376 -0.78 70.89 54.13
CA VAL F 376 -2.00 71.67 54.24
C VAL F 376 -2.66 71.41 55.58
N PHE F 377 -2.73 70.15 56.00
CA PHE F 377 -3.31 69.86 57.30
C PHE F 377 -2.52 70.53 58.41
N ALA F 378 -1.18 70.43 58.35
CA ALA F 378 -0.36 71.00 59.42
C ALA F 378 -0.56 72.50 59.52
N LYS F 379 -0.86 73.16 58.41
CA LYS F 379 -1.08 74.60 58.47
C LYS F 379 -2.17 74.97 59.46
N ALA F 380 -3.13 74.08 59.67
CA ALA F 380 -4.31 74.42 60.47
C ALA F 380 -3.94 74.85 61.89
N TYR F 381 -2.80 74.41 62.41
CA TYR F 381 -2.42 74.73 63.78
C TYR F 381 -1.54 75.97 63.88
N GLY F 382 -1.20 76.60 62.76
CA GLY F 382 -0.54 77.89 62.79
C GLY F 382 0.97 77.88 62.87
N GLY F 383 1.61 76.74 62.62
CA GLY F 383 3.06 76.67 62.64
C GLY F 383 3.66 77.45 61.48
N PRO F 384 4.91 77.89 61.64
CA PRO F 384 5.55 78.65 60.57
C PRO F 384 5.53 77.89 59.25
N GLU F 385 5.20 78.62 58.18
CA GLU F 385 5.04 77.99 56.87
C GLU F 385 6.38 77.68 56.20
N GLU F 386 7.48 78.24 56.69
CA GLU F 386 8.76 78.01 56.03
C GLU F 386 9.14 76.53 56.04
N TYR F 387 8.94 75.86 57.17
CA TYR F 387 9.27 74.44 57.26
C TYR F 387 8.46 73.63 56.28
N SER F 388 7.16 73.90 56.20
CA SER F 388 6.30 73.20 55.25
C SER F 388 6.78 73.44 53.82
N ARG F 389 7.13 74.70 53.51
CA ARG F 389 7.61 75.01 52.17
C ARG F 389 8.87 74.22 51.85
N LEU F 390 9.80 74.17 52.80
CA LEU F 390 11.04 73.44 52.57
C LEU F 390 10.79 71.96 52.33
N MET F 391 9.91 71.35 53.14
CA MET F 391 9.62 69.94 52.95
C MET F 391 8.93 69.69 51.60
N ARG F 392 8.01 70.57 51.22
CA ARG F 392 7.37 70.43 49.92
C ARG F 392 8.40 70.53 48.81
N ARG F 393 9.34 71.46 48.94
CA ARG F 393 10.42 71.57 47.97
C ARG F 393 11.20 70.27 47.87
N TRP F 394 11.52 69.66 49.01
CA TRP F 394 12.26 68.41 48.98
C TRP F 394 11.50 67.32 48.25
N VAL F 395 10.21 67.17 48.56
CA VAL F 395 9.41 66.16 47.87
C VAL F 395 9.43 66.43 46.37
N GLU F 396 9.24 67.69 45.98
CA GLU F 396 9.21 68.03 44.56
C GLU F 396 10.54 67.73 43.90
N LYS F 397 11.64 68.05 44.57
CA LYS F 397 12.96 67.78 44.00
C LYS F 397 13.17 66.29 43.79
N ALA F 398 12.74 65.48 44.76
CA ALA F 398 12.85 64.04 44.58
C ALA F 398 12.04 63.59 43.37
N ALA F 399 10.83 64.12 43.23
CA ALA F 399 10.03 63.77 42.07
C ALA F 399 10.73 64.17 40.77
N GLU F 400 11.34 65.35 40.75
CA GLU F 400 12.02 65.82 39.56
C GLU F 400 13.16 64.87 39.19
N LEU F 401 13.96 64.48 40.18
CA LEU F 401 15.03 63.54 39.93
C LEU F 401 14.48 62.22 39.40
N ALA F 402 13.37 61.75 39.97
CA ALA F 402 12.80 60.49 39.51
C ALA F 402 12.35 60.58 38.06
N ARG F 403 11.72 61.70 37.69
CA ARG F 403 11.27 61.86 36.30
C ARG F 403 12.47 61.93 35.36
N ARG F 404 13.54 62.63 35.78
CA ARG F 404 14.75 62.66 34.96
C ARG F 404 15.30 61.26 34.75
N ALA F 405 15.34 60.44 35.82
CA ALA F 405 15.84 59.09 35.68
C ALA F 405 14.94 58.24 34.79
N ARG F 406 13.64 58.42 34.91
CA ARG F 406 12.72 57.72 34.02
C ARG F 406 13.03 58.07 32.57
N ARG F 407 13.30 59.34 32.30
CA ARG F 407 13.77 59.73 30.97
C ARG F 407 15.06 59.01 30.62
N LEU F 408 15.94 58.81 31.60
CA LEU F 408 17.18 58.09 31.36
C LEU F 408 16.97 56.59 31.07
N GLY F 409 15.78 56.06 31.32
CA GLY F 409 15.54 54.65 31.08
C GLY F 409 16.03 53.72 32.16
N ALA F 410 15.95 54.14 33.42
CA ALA F 410 16.46 53.34 34.53
C ALA F 410 15.48 52.23 34.91
N ASP F 411 15.96 51.35 35.78
CA ASP F 411 15.11 50.30 36.35
C ASP F 411 13.95 50.89 37.13
N GLU F 412 12.75 50.33 36.92
CA GLU F 412 11.58 50.86 37.62
C GLU F 412 11.67 50.63 39.12
N SER F 413 12.29 49.52 39.56
CA SER F 413 12.21 49.13 40.96
C SER F 413 12.92 50.12 41.86
N VAL F 414 14.17 50.46 41.54
CA VAL F 414 14.93 51.36 42.40
C VAL F 414 14.27 52.73 42.49
N LEU F 415 13.77 53.22 41.36
CA LEU F 415 13.09 54.51 41.35
C LEU F 415 11.83 54.47 42.22
N VAL F 416 11.05 53.38 42.10
CA VAL F 416 9.85 53.24 42.92
C VAL F 416 10.23 53.25 44.39
N ALA F 417 11.33 52.59 44.74
CA ALA F 417 11.78 52.63 46.13
C ALA F 417 12.13 54.04 46.55
N ALA F 418 12.84 54.77 45.70
CA ALA F 418 13.30 56.11 46.05
C ALA F 418 12.13 57.03 46.38
N LEU F 419 11.15 57.08 45.48
CA LEU F 419 10.05 58.03 45.65
C LEU F 419 9.35 57.80 46.98
N MET F 420 8.96 56.55 47.25
CA MET F 420 8.17 56.28 48.44
C MET F 420 9.00 56.44 49.70
N ARG F 421 10.30 56.11 49.65
CA ARG F 421 11.14 56.35 50.80
C ARG F 421 11.12 57.83 51.17
N VAL F 422 11.29 58.69 50.16
CA VAL F 422 11.26 60.13 50.41
C VAL F 422 9.93 60.52 51.01
N ALA F 423 8.84 59.97 50.48
CA ALA F 423 7.52 60.31 50.99
C ALA F 423 7.40 59.97 52.47
N ALA F 424 7.86 58.77 52.85
CA ALA F 424 7.79 58.36 54.25
C ALA F 424 8.56 59.32 55.14
N ILE F 425 9.81 59.63 54.77
CA ILE F 425 10.61 60.52 55.59
C ILE F 425 9.90 61.86 55.74
N ALA F 426 9.38 62.38 54.63
CA ALA F 426 8.76 63.70 54.65
C ALA F 426 7.56 63.73 55.58
N VAL F 427 6.62 62.78 55.41
CA VAL F 427 5.40 62.83 56.17
C VAL F 427 5.68 62.66 57.66
N THR F 428 6.57 61.71 58.00
CA THR F 428 6.86 61.52 59.42
C THR F 428 7.54 62.74 60.02
N ALA F 429 8.42 63.41 59.27
CA ALA F 429 9.03 64.63 59.79
C ALA F 429 7.97 65.70 60.06
N ILE F 430 7.08 65.92 59.10
CA ILE F 430 6.06 66.96 59.27
C ILE F 430 5.20 66.66 60.48
N ALA F 431 4.79 65.40 60.63
CA ALA F 431 3.97 65.03 61.78
C ALA F 431 4.73 65.26 63.08
N MET F 432 6.01 64.90 63.12
CA MET F 432 6.78 65.08 64.33
C MET F 432 6.82 66.57 64.71
N MET F 433 7.03 67.44 63.73
CA MET F 433 7.06 68.86 64.05
C MET F 433 5.70 69.33 64.54
N THR F 434 4.62 68.87 63.92
CA THR F 434 3.30 69.24 64.41
C THR F 434 3.13 68.86 65.87
N VAL F 435 3.55 67.65 66.22
CA VAL F 435 3.44 67.19 67.60
C VAL F 435 4.28 68.07 68.52
N MET F 436 5.50 68.39 68.09
CA MET F 436 6.37 69.24 68.90
C MET F 436 5.70 70.59 69.14
N GLY F 437 5.02 71.11 68.12
CA GLY F 437 4.32 72.38 68.27
C GLY F 437 3.18 72.30 69.25
N VAL F 438 2.39 71.22 69.17
CA VAL F 438 1.27 71.07 70.10
C VAL F 438 1.77 71.11 71.54
N GLN F 439 2.92 70.50 71.80
CA GLN F 439 3.48 70.45 73.15
C GLN F 439 3.98 71.80 73.65
N ASN F 440 3.95 72.85 72.84
CA ASN F 440 4.42 74.18 73.24
C ASN F 440 5.91 74.17 73.54
N ALA F 441 6.68 73.48 72.70
CA ALA F 441 8.10 73.29 72.94
C ALA F 441 8.91 74.54 72.58
N PRO F 442 10.13 74.66 73.10
CA PRO F 442 10.98 75.80 72.72
C PRO F 442 11.48 75.67 71.29
N PRO F 443 11.86 76.77 70.66
CA PRO F 443 12.32 76.68 69.26
C PRO F 443 13.63 75.93 69.10
N GLU F 444 14.52 75.96 70.10
CA GLU F 444 15.75 75.21 70.00
C GLU F 444 15.46 73.72 69.85
N GLU F 445 14.51 73.21 70.62
CA GLU F 445 14.08 71.82 70.45
C GLU F 445 13.46 71.62 69.08
N ARG F 446 12.61 72.55 68.65
CA ARG F 446 11.92 72.40 67.38
C ARG F 446 12.91 72.27 66.22
N GLU F 447 13.96 73.09 66.24
CA GLU F 447 14.87 73.15 65.10
C GLU F 447 15.50 71.79 64.83
N ARG F 448 15.80 71.03 65.88
CA ARG F 448 16.56 69.80 65.72
C ARG F 448 15.89 68.85 64.75
N ILE F 449 14.55 68.83 64.72
CA ILE F 449 13.84 67.91 63.85
C ILE F 449 14.16 68.20 62.39
N LEU F 450 14.36 69.46 62.04
CA LEU F 450 14.58 69.81 60.64
C LEU F 450 15.89 69.22 60.14
N ALA F 451 16.98 69.43 60.88
CA ALA F 451 18.26 68.89 60.46
C ALA F 451 18.18 67.38 60.31
N GLU F 452 17.54 66.70 61.28
CA GLU F 452 17.39 65.25 61.17
C GLU F 452 16.69 64.85 59.88
N ALA F 453 15.65 65.58 59.52
CA ALA F 453 14.89 65.23 58.31
C ALA F 453 15.74 65.42 57.06
N THR F 454 16.35 66.59 56.91
CA THR F 454 17.05 66.90 55.67
C THR F 454 18.24 65.99 55.46
N GLU F 455 18.97 65.66 56.52
CA GLU F 455 20.08 64.73 56.39
C GLU F 455 19.61 63.41 55.80
N MET F 456 18.60 62.81 56.42
CA MET F 456 18.09 61.52 55.93
C MET F 456 17.56 61.65 54.52
N ILE F 457 16.78 62.70 54.25
CA ILE F 457 16.19 62.86 52.93
C ILE F 457 17.28 62.98 51.88
N ALA F 458 18.29 63.82 52.14
CA ALA F 458 19.37 63.98 51.20
C ALA F 458 20.11 62.66 50.99
N ARG F 459 20.46 61.99 52.07
CA ARG F 459 21.17 60.73 51.94
C ARG F 459 20.30 59.69 51.24
N VAL F 460 19.00 59.72 51.49
CA VAL F 460 18.10 58.79 50.80
C VAL F 460 18.13 59.04 49.30
N LEU F 461 18.01 60.30 48.90
CA LEU F 461 18.06 60.62 47.47
C LEU F 461 19.44 60.33 46.90
N ALA F 462 20.50 60.67 47.64
CA ALA F 462 21.84 60.44 47.14
C ALA F 462 22.08 58.96 46.90
N GLU F 463 21.74 58.12 47.87
CA GLU F 463 21.99 56.70 47.74
C GLU F 463 21.25 56.12 46.55
N ALA F 464 20.07 56.66 46.23
CA ALA F 464 19.36 56.19 45.04
C ALA F 464 20.12 56.54 43.78
N THR F 465 20.66 57.76 43.70
CA THR F 465 21.35 58.19 42.48
C THR F 465 22.51 57.25 42.17
N ARG F 466 23.36 57.00 43.15
CA ARG F 466 24.53 56.15 42.92
C ARG F 466 24.11 54.77 42.46
N ARG F 467 23.05 54.22 43.06
CA ARG F 467 22.57 52.90 42.67
C ARG F 467 22.14 52.89 41.21
N VAL F 468 21.36 53.89 40.79
CA VAL F 468 20.89 53.94 39.42
C VAL F 468 22.06 54.16 38.46
N MET F 469 22.95 55.08 38.81
CA MET F 469 24.04 55.46 37.91
C MET F 469 24.88 54.24 37.51
N LYS F 470 25.13 53.34 38.46
CA LYS F 470 26.00 52.22 38.17
C LYS F 470 25.46 51.35 37.05
N ARG F 471 24.15 51.30 36.89
CA ARG F 471 23.54 50.40 35.91
C ARG F 471 23.48 50.99 34.51
N LEU F 472 23.83 52.26 34.31
CA LEU F 472 23.72 52.84 32.98
C LEU F 472 24.91 52.46 32.11
N GLU F 473 24.98 53.00 30.90
CA GLU F 473 26.14 52.79 30.04
C GLU F 473 26.59 54.07 29.35
N ASP F 474 25.68 55.03 29.18
CA ASP F 474 25.98 56.24 28.43
C ASP F 474 26.86 57.16 29.25
N PRO F 475 28.04 57.55 28.75
CA PRO F 475 28.93 58.38 29.59
C PRO F 475 28.38 59.76 29.85
N GLU F 476 27.92 60.45 28.80
CA GLU F 476 27.38 61.79 28.98
C GLU F 476 26.16 61.77 29.89
N ALA F 477 25.29 60.77 29.71
CA ALA F 477 24.12 60.67 30.57
C ALA F 477 24.51 60.44 32.03
N ALA F 478 25.51 59.59 32.26
CA ALA F 478 25.97 59.35 33.62
C ALA F 478 26.48 60.64 34.24
N ALA F 479 27.32 61.38 33.51
CA ALA F 479 27.82 62.65 34.02
C ALA F 479 26.68 63.61 34.29
N GLU F 480 25.67 63.61 33.42
CA GLU F 480 24.53 64.49 33.59
C GLU F 480 23.80 64.18 34.89
N LEU F 481 23.56 62.90 35.15
CA LEU F 481 22.90 62.53 36.39
C LEU F 481 23.72 62.97 37.60
N ALA F 482 25.03 62.74 37.55
CA ALA F 482 25.89 63.12 38.67
C ALA F 482 25.79 64.61 38.92
N LEU F 483 25.99 65.42 37.88
CA LEU F 483 26.00 66.87 38.04
C LEU F 483 24.63 67.37 38.51
N ALA F 484 23.56 66.84 37.92
CA ALA F 484 22.23 67.31 38.27
C ALA F 484 21.93 67.05 39.74
N THR F 485 22.16 65.82 40.20
CA THR F 485 21.86 65.50 41.59
C THR F 485 22.75 66.31 42.52
N ILE F 486 24.02 66.51 42.17
CA ILE F 486 24.89 67.30 43.02
C ILE F 486 24.33 68.72 43.16
N GLU F 487 23.91 69.31 42.04
CA GLU F 487 23.35 70.67 42.11
C GLU F 487 22.11 70.70 42.98
N ALA F 488 21.20 69.75 42.79
CA ALA F 488 19.96 69.78 43.54
C ALA F 488 20.21 69.66 45.04
N ILE F 489 21.05 68.69 45.43
CA ILE F 489 21.32 68.50 46.85
C ILE F 489 21.99 69.73 47.42
N THR F 490 22.89 70.35 46.65
CA THR F 490 23.52 71.58 47.10
C THR F 490 22.48 72.67 47.36
N GLU F 491 21.52 72.81 46.45
CA GLU F 491 20.49 73.82 46.65
C GLU F 491 19.68 73.55 47.91
N LEU F 492 19.32 72.29 48.12
CA LEU F 492 18.51 71.97 49.29
C LEU F 492 19.25 72.30 50.57
N PHE F 493 20.52 71.91 50.67
CA PHE F 493 21.27 72.27 51.86
C PHE F 493 21.47 73.78 51.98
N VAL F 494 21.63 74.48 50.86
CA VAL F 494 21.74 75.93 50.91
C VAL F 494 20.52 76.52 51.59
N ASP F 495 19.34 76.01 51.25
CA ASP F 495 18.12 76.50 51.89
C ASP F 495 18.09 76.13 53.37
N ALA F 496 18.33 74.87 53.69
CA ALA F 496 18.21 74.44 55.07
C ALA F 496 19.16 75.22 55.98
N LEU F 497 20.41 75.41 55.55
CA LEU F 497 21.34 76.17 56.37
C LEU F 497 20.84 77.58 56.62
N GLU F 498 20.08 78.14 55.68
CA GLU F 498 19.46 79.44 55.92
C GLU F 498 18.39 79.35 56.99
N ILE F 499 17.56 78.30 56.94
CA ILE F 499 16.45 78.21 57.88
C ILE F 499 16.96 78.07 59.31
N ILE F 500 17.90 77.16 59.54
CA ILE F 500 18.29 76.81 60.91
C ILE F 500 18.78 78.04 61.66
N ARG F 501 18.50 78.07 62.96
CA ARG F 501 18.87 79.19 63.82
C ARG F 501 19.34 78.71 65.19
N SER F 502 20.27 77.76 65.20
CA SER F 502 20.86 77.28 66.45
C SER F 502 22.27 76.77 66.17
N GLY F 503 23.10 76.78 67.21
CA GLY F 503 24.51 76.46 67.05
C GLY F 503 24.81 75.00 66.77
N GLU F 504 24.60 74.15 67.78
CA GLU F 504 24.94 72.74 67.64
C GLU F 504 24.23 72.13 66.44
N VAL F 505 23.00 72.56 66.19
CA VAL F 505 22.27 72.07 65.02
C VAL F 505 23.02 72.43 63.75
N ALA F 506 23.51 73.67 63.67
CA ALA F 506 24.24 74.10 62.48
C ALA F 506 25.50 73.28 62.29
N SER F 507 26.24 73.05 63.39
CA SER F 507 27.45 72.25 63.29
C SER F 507 27.13 70.86 62.74
N ARG F 508 26.15 70.19 63.34
CA ARG F 508 25.75 68.87 62.86
C ARG F 508 25.41 68.91 61.39
N LEU F 509 24.58 69.88 60.99
CA LEU F 509 24.07 69.92 59.62
C LEU F 509 25.20 70.07 58.62
N ALA F 510 26.12 71.00 58.90
CA ALA F 510 27.24 71.21 57.98
C ALA F 510 28.07 69.94 57.88
N LYS F 511 28.40 69.35 59.04
CA LYS F 511 29.29 68.19 59.04
C LYS F 511 28.69 67.05 58.24
N SER F 512 27.37 66.86 58.33
CA SER F 512 26.73 65.80 57.56
C SER F 512 26.72 66.12 56.07
N GLY F 513 26.31 67.33 55.71
CA GLY F 513 26.13 67.65 54.31
C GLY F 513 27.43 67.57 53.53
N ILE F 514 28.52 68.03 54.13
CA ILE F 514 29.79 68.01 53.42
C ILE F 514 30.10 66.59 52.96
N GLU F 515 30.03 65.64 53.89
CA GLU F 515 30.35 64.26 53.55
C GLU F 515 29.38 63.73 52.51
N VAL F 516 28.09 64.05 52.65
CA VAL F 516 27.12 63.52 51.69
C VAL F 516 27.51 63.90 50.28
N ILE F 517 27.77 65.19 50.06
CA ILE F 517 28.06 65.64 48.70
C ILE F 517 29.40 65.10 48.22
N ALA F 518 30.39 65.06 49.11
CA ALA F 518 31.70 64.57 48.70
C ALA F 518 31.61 63.13 48.21
N GLU F 519 30.95 62.28 48.98
CA GLU F 519 30.80 60.88 48.57
C GLU F 519 30.03 60.78 47.26
N LEU F 520 28.96 61.57 47.11
CA LEU F 520 28.21 61.51 45.87
C LEU F 520 29.09 61.82 44.67
N ALA F 521 29.95 62.85 44.78
CA ALA F 521 30.82 63.16 43.65
C ALA F 521 31.84 62.05 43.41
N GLU F 522 32.47 61.57 44.48
CA GLU F 522 33.48 60.53 44.33
C GLU F 522 32.91 59.34 43.59
N ALA F 523 31.67 58.96 43.89
CA ALA F 523 31.06 57.84 43.18
C ALA F 523 31.02 58.09 41.67
N ALA F 524 30.66 59.31 41.27
CA ALA F 524 30.60 59.62 39.85
C ALA F 524 31.99 59.53 39.22
N ILE F 525 33.02 59.97 39.95
CA ILE F 525 34.37 59.94 39.40
C ILE F 525 34.73 58.56 38.87
N GLU F 526 34.21 57.51 39.49
CA GLU F 526 34.66 56.15 39.17
C GLU F 526 34.31 55.70 37.76
N HIS F 527 33.32 56.34 37.12
CA HIS F 527 32.81 55.83 35.85
C HIS F 527 33.19 56.66 34.63
N ILE F 528 33.61 57.91 34.79
CA ILE F 528 33.89 58.76 33.64
C ILE F 528 35.22 58.36 32.99
N ASP F 529 35.42 58.81 31.74
CA ASP F 529 36.64 58.44 31.03
C ASP F 529 37.23 59.54 30.15
N ASP F 530 36.86 60.80 30.32
CA ASP F 530 37.28 61.84 29.39
C ASP F 530 37.56 63.13 30.14
N PRO F 531 38.32 64.05 29.53
CA PRO F 531 38.87 65.17 30.31
C PRO F 531 37.82 66.15 30.78
N GLU F 532 37.05 66.71 29.84
CA GLU F 532 36.12 67.78 30.18
C GLU F 532 35.08 67.30 31.18
N GLN F 533 34.62 66.06 31.04
CA GLN F 533 33.68 65.50 32.02
C GLN F 533 34.32 65.47 33.39
N LEU F 534 35.58 65.02 33.48
CA LEU F 534 36.29 65.06 34.75
C LEU F 534 36.47 66.49 35.23
N LYS F 535 36.90 67.38 34.34
CA LYS F 535 37.15 68.76 34.73
C LYS F 535 35.89 69.42 35.27
N LYS F 536 34.76 69.25 34.58
CA LYS F 536 33.51 69.81 35.06
C LYS F 536 33.13 69.20 36.40
N ILE F 537 33.33 67.89 36.56
CA ILE F 537 32.96 67.23 37.81
C ILE F 537 33.74 67.84 38.98
N VAL F 538 35.03 68.05 38.78
CA VAL F 538 35.85 68.64 39.85
C VAL F 538 35.35 70.04 40.16
N LYS F 539 35.09 70.84 39.13
CA LYS F 539 34.60 72.19 39.34
C LYS F 539 33.27 72.18 40.09
N LYS F 540 32.37 71.28 39.71
CA LYS F 540 31.07 71.22 40.37
C LYS F 540 31.22 70.98 41.86
N ALA F 541 31.98 69.94 42.23
CA ALA F 541 32.17 69.64 43.64
C ALA F 541 32.83 70.79 44.37
N ALA F 542 33.85 71.39 43.76
CA ALA F 542 34.53 72.51 44.40
C ALA F 542 33.59 73.66 44.66
N GLU F 543 32.74 73.99 43.68
CA GLU F 543 31.77 75.05 43.87
C GLU F 543 30.84 74.73 45.02
N ALA F 544 30.35 73.48 45.08
CA ALA F 544 29.40 73.12 46.12
C ALA F 544 30.01 73.23 47.51
N ILE F 545 31.15 72.56 47.72
CA ILE F 545 31.69 72.46 49.07
C ILE F 545 32.03 73.84 49.61
N LYS F 546 32.56 74.71 48.75
CA LYS F 546 32.79 76.08 49.17
C LYS F 546 31.49 76.78 49.49
N LYS F 547 30.45 76.54 48.68
CA LYS F 547 29.18 77.24 48.87
C LYS F 547 28.57 76.92 50.23
N ILE F 548 28.63 75.65 50.63
CA ILE F 548 28.09 75.26 51.93
C ILE F 548 28.88 75.95 53.03
N VAL F 549 30.22 75.87 52.96
CA VAL F 549 31.05 76.48 53.99
C VAL F 549 30.76 77.97 54.08
N GLU F 550 30.63 78.64 52.93
CA GLU F 550 30.32 80.06 52.95
C GLU F 550 29.03 80.33 53.71
N GLU F 551 28.05 79.43 53.61
CA GLU F 551 26.79 79.62 54.31
C GLU F 551 27.00 79.62 55.82
N LEU F 552 27.77 78.65 56.32
CA LEU F 552 27.97 78.54 57.76
C LEU F 552 28.68 79.75 58.33
N ILE F 553 29.47 80.45 57.50
CA ILE F 553 30.21 81.62 57.97
C ILE F 553 29.26 82.66 58.54
N LYS F 554 28.06 82.77 57.97
CA LYS F 554 27.12 83.81 58.37
C LYS F 554 26.58 83.62 59.78
N LYS F 555 26.80 82.46 60.39
CA LYS F 555 26.05 82.04 61.57
C LYS F 555 26.93 82.13 62.81
N ASP F 556 26.38 82.69 63.88
CA ASP F 556 27.08 82.71 65.16
C ASP F 556 27.13 81.30 65.72
N VAL F 557 28.35 80.77 65.88
CA VAL F 557 28.55 79.41 66.36
C VAL F 557 29.89 79.35 67.07
N GLU F 558 30.04 78.37 67.96
CA GLU F 558 31.26 78.22 68.74
C GLU F 558 32.47 78.16 67.82
N ASP F 559 33.52 78.90 68.19
CA ASP F 559 34.68 79.02 67.32
C ASP F 559 35.32 77.65 67.06
N GLU F 560 35.43 76.82 68.08
CA GLU F 560 36.05 75.50 67.90
C GLU F 560 35.27 74.67 66.89
N LEU F 561 33.94 74.67 66.99
CA LEU F 561 33.14 73.92 66.03
C LEU F 561 33.29 74.50 64.63
N LEU F 562 33.31 75.84 64.50
CA LEU F 562 33.49 76.44 63.20
C LEU F 562 34.82 76.01 62.59
N ALA F 563 35.89 76.06 63.38
CA ALA F 563 37.20 75.64 62.88
C ALA F 563 37.16 74.18 62.43
N GLU F 564 36.69 73.30 63.32
CA GLU F 564 36.64 71.88 62.96
C GLU F 564 35.79 71.67 61.72
N VAL F 565 34.71 72.44 61.57
CA VAL F 565 33.82 72.25 60.44
C VAL F 565 34.54 72.60 59.13
N THR F 566 35.11 73.80 59.05
CA THR F 566 35.72 74.24 57.81
C THR F 566 37.02 73.50 57.51
N SER F 567 37.79 73.17 58.55
CA SER F 567 38.98 72.37 58.36
C SER F 567 38.61 70.97 57.87
N GLU F 568 37.64 70.34 58.53
CA GLU F 568 37.22 69.00 58.13
C GLU F 568 36.63 69.00 56.72
N GLY F 569 35.89 70.05 56.37
CA GLY F 569 35.34 70.12 55.03
C GLY F 569 36.42 70.19 53.96
N ASN F 570 37.43 71.03 54.18
CA ASN F 570 38.46 71.22 53.18
C ASN F 570 39.13 69.90 52.83
N ARG F 571 39.41 69.07 53.84
CA ARG F 571 40.08 67.80 53.59
C ARG F 571 39.33 66.96 52.58
N LYS F 572 38.01 67.05 52.55
CA LYS F 572 37.24 66.29 51.57
C LYS F 572 37.49 66.79 50.16
N LEU F 573 37.70 68.09 49.98
CA LEU F 573 38.08 68.59 48.67
C LEU F 573 39.42 68.00 48.25
N SER F 574 40.36 67.91 49.18
CA SER F 574 41.64 67.29 48.88
C SER F 574 41.45 65.89 48.33
N ARG F 575 40.67 65.07 49.04
CA ARG F 575 40.51 63.68 48.64
C ARG F 575 39.97 63.56 47.22
N ILE F 576 38.87 64.25 46.92
CA ILE F 576 38.30 64.14 45.60
C ILE F 576 39.27 64.67 44.55
N THR F 577 39.99 65.75 44.88
CA THR F 577 41.00 66.25 43.95
C THR F 577 42.04 65.18 43.67
N SER F 578 42.49 64.47 44.71
CA SER F 578 43.48 63.43 44.51
C SER F 578 42.95 62.33 43.61
N LYS F 579 41.72 61.88 43.84
CA LYS F 579 41.17 60.79 43.04
C LYS F 579 41.02 61.21 41.57
N ALA F 580 40.57 62.44 41.34
CA ALA F 580 40.41 62.90 39.96
C ALA F 580 41.76 62.92 39.24
N LEU F 581 42.79 63.46 39.90
CA LEU F 581 44.10 63.55 39.28
C LEU F 581 44.62 62.18 38.85
N THR F 582 44.19 61.12 39.54
CA THR F 582 44.69 59.79 39.23
C THR F 582 44.33 59.33 37.83
N LYS F 583 43.25 59.86 37.25
CA LYS F 583 42.78 59.42 35.95
C LYS F 583 43.20 60.32 34.80
N ILE F 584 43.59 61.57 35.09
CA ILE F 584 43.79 62.56 34.04
C ILE F 584 45.12 62.33 33.34
N LYS F 585 45.08 61.64 32.20
CA LYS F 585 46.29 61.41 31.42
C LYS F 585 46.77 62.66 30.69
N ASP F 586 45.90 63.65 30.53
CA ASP F 586 46.28 64.89 29.84
C ASP F 586 47.30 65.64 30.69
N GLU F 587 48.55 65.65 30.25
CA GLU F 587 49.61 66.21 31.07
C GLU F 587 49.32 67.66 31.46
N LYS F 588 48.75 68.44 30.54
CA LYS F 588 48.46 69.84 30.84
C LYS F 588 47.33 69.96 31.86
N ALA F 589 46.23 69.24 31.63
CA ALA F 589 45.08 69.36 32.52
C ALA F 589 45.43 68.93 33.94
N ALA F 590 46.30 67.93 34.09
CA ALA F 590 46.68 67.49 35.43
C ALA F 590 47.22 68.65 36.26
N ALA F 591 48.16 69.40 35.70
CA ALA F 591 48.67 70.56 36.42
C ALA F 591 47.59 71.62 36.60
N GLU F 592 46.76 71.83 35.57
CA GLU F 592 45.73 72.87 35.65
C GLU F 592 44.80 72.62 36.84
N LEU F 593 44.25 71.41 36.94
CA LEU F 593 43.38 71.10 38.06
C LEU F 593 44.13 71.17 39.38
N THR F 594 45.39 70.69 39.38
CA THR F 594 46.18 70.73 40.61
C THR F 594 46.29 72.14 41.15
N ILE F 595 46.59 73.11 40.28
CA ILE F 595 46.68 74.49 40.72
C ILE F 595 45.34 74.96 41.26
N GLU F 596 44.26 74.66 40.53
CA GLU F 596 42.94 75.17 40.89
C GLU F 596 42.60 74.84 42.34
N ALA F 597 42.59 73.56 42.69
CA ALA F 597 42.24 73.16 44.04
C ALA F 597 43.20 73.78 45.04
N ILE F 598 44.48 73.90 44.68
CA ILE F 598 45.44 74.53 45.57
C ILE F 598 44.99 75.94 45.92
N GLU F 599 44.49 76.68 44.94
CA GLU F 599 43.92 77.99 45.21
C GLU F 599 42.65 77.86 46.05
N ALA F 600 41.76 76.94 45.68
CA ALA F 600 40.47 76.84 46.36
C ALA F 600 40.67 76.56 47.86
N ILE F 601 41.50 75.58 48.19
CA ILE F 601 41.71 75.23 49.59
C ILE F 601 42.29 76.42 50.34
N THR F 602 43.23 77.13 49.71
CA THR F 602 43.79 78.32 50.34
C THR F 602 42.72 79.37 50.57
N GLU F 603 41.83 79.56 49.58
CA GLU F 603 40.80 80.59 49.71
C GLU F 603 39.90 80.33 50.90
N ASN F 604 39.44 79.09 51.06
CA ASN F 604 38.52 78.78 52.14
C ASN F 604 39.15 79.08 53.49
N PHE F 605 40.39 78.64 53.69
CA PHE F 605 41.09 78.91 54.94
C PHE F 605 41.16 80.40 55.21
N LEU F 606 41.29 81.22 54.16
CA LEU F 606 41.32 82.66 54.35
C LEU F 606 40.04 83.15 55.00
N LEU F 607 38.89 82.68 54.53
CA LEU F 607 37.62 83.10 55.13
C LEU F 607 37.50 82.61 56.56
N ALA F 608 37.92 81.37 56.83
CA ALA F 608 37.84 80.85 58.19
C ALA F 608 38.64 81.71 59.15
N LEU F 609 39.89 82.03 58.78
CA LEU F 609 40.72 82.90 59.60
C LEU F 609 40.11 84.29 59.71
N GLU F 610 39.33 84.72 58.72
CA GLU F 610 38.74 86.05 58.73
C GLU F 610 37.74 86.24 59.86
N ARG F 611 37.37 85.18 60.57
CA ARG F 611 36.39 85.29 61.63
C ARG F 611 36.76 84.49 62.87
N ILE F 612 38.00 84.02 62.99
CA ILE F 612 38.40 83.20 64.13
C ILE F 612 38.30 84.03 65.41
N LYS F 613 37.88 83.40 66.50
CA LYS F 613 37.60 84.11 67.74
C LYS F 613 38.78 84.19 68.69
N ASP F 614 39.74 83.27 68.60
CA ASP F 614 40.82 83.20 69.58
C ASP F 614 42.11 82.79 68.88
N GLY F 615 43.23 83.26 69.42
CA GLY F 615 44.51 82.97 68.80
C GLY F 615 44.88 81.49 68.86
N GLU F 616 44.66 80.85 70.01
CA GLU F 616 45.06 79.46 70.15
C GLU F 616 44.35 78.57 69.15
N VAL F 617 43.05 78.76 68.98
CA VAL F 617 42.30 77.96 68.01
C VAL F 617 42.71 78.34 66.59
N ALA F 618 42.90 79.62 66.33
CA ALA F 618 43.24 80.05 64.97
C ALA F 618 44.56 79.43 64.52
N ALA F 619 45.55 79.38 65.42
CA ALA F 619 46.82 78.75 65.08
C ALA F 619 46.64 77.27 64.80
N LYS F 620 45.99 76.56 65.72
CA LYS F 620 45.86 75.10 65.58
C LYS F 620 45.24 74.75 64.24
N LEU F 621 44.28 75.54 63.75
CA LEU F 621 43.75 75.33 62.42
C LEU F 621 44.69 75.83 61.35
N ALA F 622 45.32 76.99 61.56
CA ALA F 622 46.11 77.60 60.50
C ALA F 622 47.25 76.70 60.06
N GLU F 623 47.84 75.95 60.99
CA GLU F 623 48.92 75.04 60.61
C GLU F 623 48.46 74.03 59.59
N ASP F 624 47.27 73.46 59.77
CA ASP F 624 46.78 72.43 58.86
C ASP F 624 46.68 72.94 57.44
N GLY F 625 46.60 74.26 57.24
CA GLY F 625 46.65 74.79 55.89
C GLY F 625 47.90 74.36 55.16
N LEU F 626 49.05 74.43 55.83
CA LEU F 626 50.29 73.98 55.21
C LEU F 626 50.22 72.50 54.87
N LEU F 627 49.87 71.67 55.85
CA LEU F 627 49.98 70.23 55.67
C LEU F 627 49.10 69.76 54.53
N GLU F 628 47.83 70.18 54.50
CA GLU F 628 46.93 69.69 53.47
C GLU F 628 47.30 70.21 52.09
N ILE F 629 47.82 71.43 52.00
CA ILE F 629 48.37 71.89 50.73
C ILE F 629 49.56 71.04 50.34
N TYR F 630 50.40 70.69 51.31
CA TYR F 630 51.56 69.84 51.01
C TYR F 630 51.12 68.48 50.50
N ARG F 631 50.11 67.88 51.13
CA ARG F 631 49.63 66.60 50.64
C ARG F 631 49.16 66.73 49.19
N LEU F 632 48.46 67.81 48.87
CA LEU F 632 48.04 68.04 47.49
C LEU F 632 49.25 68.32 46.61
N ALA F 633 50.21 69.11 47.10
CA ALA F 633 51.37 69.44 46.28
C ALA F 633 52.15 68.20 45.90
N VAL F 634 52.52 67.37 46.89
CA VAL F 634 53.28 66.17 46.59
C VAL F 634 52.47 65.26 45.68
N SER F 635 51.17 65.11 45.95
CA SER F 635 50.33 64.28 45.10
C SER F 635 50.43 64.73 43.65
N GLY F 636 50.47 66.03 43.41
CA GLY F 636 50.69 66.52 42.05
C GLY F 636 52.08 66.18 41.53
N ILE F 637 53.10 66.40 42.36
CA ILE F 637 54.47 66.27 41.89
C ILE F 637 54.74 64.86 41.40
N GLU F 638 54.19 63.85 42.08
CA GLU F 638 54.46 62.47 41.71
C GLU F 638 53.93 62.17 40.31
N HIS F 639 52.69 62.57 40.03
CA HIS F 639 52.05 62.21 38.77
C HIS F 639 52.46 63.12 37.62
N ILE F 640 52.96 64.33 37.90
CA ILE F 640 53.41 65.20 36.82
C ILE F 640 54.68 64.63 36.21
N ASP F 641 54.94 64.97 34.94
CA ASP F 641 56.08 64.38 34.24
C ASP F 641 56.85 65.35 33.35
N ASN F 642 56.69 66.66 33.45
CA ASN F 642 57.28 67.59 32.50
C ASN F 642 57.86 68.79 33.24
N PRO F 643 59.11 69.19 32.93
CA PRO F 643 59.68 70.34 33.65
C PRO F 643 58.84 71.61 33.56
N GLU F 644 58.17 71.85 32.43
CA GLU F 644 57.35 73.05 32.32
C GLU F 644 56.21 73.02 33.34
N GLU F 645 55.49 71.90 33.42
CA GLU F 645 54.48 71.75 34.45
C GLU F 645 55.11 71.82 35.83
N LEU F 646 56.27 71.19 36.00
CA LEU F 646 56.95 71.23 37.29
C LEU F 646 57.18 72.66 37.74
N GLU F 647 57.58 73.54 36.82
CA GLU F 647 57.80 74.93 37.16
C GLU F 647 56.51 75.58 37.68
N LYS F 648 55.39 75.34 37.01
CA LYS F 648 54.15 75.96 37.42
C LYS F 648 53.77 75.55 38.84
N ILE F 649 53.75 74.25 39.12
CA ILE F 649 53.34 73.82 40.46
C ILE F 649 54.36 74.27 41.50
N VAL F 650 55.63 74.36 41.12
CA VAL F 650 56.62 74.90 42.04
C VAL F 650 56.32 76.37 42.34
N LYS F 651 55.97 77.14 41.31
CA LYS F 651 55.66 78.54 41.51
C LYS F 651 54.35 78.72 42.27
N LYS F 652 53.31 78.01 41.86
CA LYS F 652 52.00 78.16 42.50
C LYS F 652 52.07 77.75 43.96
N THR F 653 52.75 76.65 44.26
CA THR F 653 52.84 76.19 45.64
C THR F 653 53.53 77.23 46.51
N GLU F 654 54.59 77.85 45.99
CA GLU F 654 55.25 78.93 46.74
C GLU F 654 54.28 80.06 47.00
N GLU F 655 53.53 80.47 45.99
CA GLU F 655 52.55 81.54 46.18
C GLU F 655 51.51 81.16 47.22
N ALA F 656 50.98 79.94 47.13
CA ALA F 656 49.95 79.51 48.08
C ALA F 656 50.48 79.52 49.50
N VAL F 657 51.69 78.99 49.70
CA VAL F 657 52.26 78.95 51.04
C VAL F 657 52.47 80.36 51.57
N GLU F 658 53.02 81.25 50.74
CA GLU F 658 53.28 82.62 51.17
C GLU F 658 51.98 83.35 51.50
N ARG F 659 50.97 83.19 50.64
CA ARG F 659 49.71 83.92 50.85
C ARG F 659 49.06 83.53 52.18
N ILE F 660 49.07 82.25 52.51
CA ILE F 660 48.48 81.82 53.78
C ILE F 660 49.25 82.40 54.95
N VAL F 661 50.58 82.26 54.92
CA VAL F 661 51.39 82.71 56.05
C VAL F 661 51.27 84.22 56.23
N GLU F 662 51.25 84.97 55.11
CA GLU F 662 51.10 86.41 55.21
C GLU F 662 49.75 86.79 55.81
N ALA F 663 48.67 86.14 55.35
CA ALA F 663 47.35 86.47 55.87
C ALA F 663 47.24 86.16 57.35
N LEU F 664 47.66 84.95 57.76
CA LEU F 664 47.59 84.59 59.17
C LEU F 664 48.47 85.48 60.03
N GLU F 665 49.48 86.12 59.45
CA GLU F 665 50.36 87.01 60.20
C GLU F 665 49.66 88.30 60.60
N LYS F 666 48.57 88.66 59.92
CA LYS F 666 47.89 89.92 60.21
C LYS F 666 47.14 89.83 61.54
N LYS F 667 46.61 88.66 61.86
CA LYS F 667 45.76 88.50 63.03
C LYS F 667 46.58 88.54 64.32
N ASP F 668 45.87 88.64 65.44
CA ASP F 668 46.49 88.70 66.75
C ASP F 668 46.78 87.29 67.27
N VAL F 669 48.03 87.06 67.67
CA VAL F 669 48.43 85.79 68.26
C VAL F 669 49.72 86.01 69.03
N GLU F 670 50.01 85.14 69.98
CA GLU F 670 51.24 85.26 70.75
C GLU F 670 52.45 85.06 69.84
N PRO F 671 53.55 85.79 70.06
CA PRO F 671 54.71 85.63 69.17
C PRO F 671 55.23 84.21 69.08
N GLU F 672 55.21 83.45 70.19
CA GLU F 672 55.77 82.10 70.16
C GLU F 672 55.03 81.22 69.17
N LEU F 673 53.70 81.23 69.20
CA LEU F 673 52.93 80.47 68.22
C LEU F 673 53.18 81.00 66.82
N LYS F 674 53.26 82.32 66.66
CA LYS F 674 53.50 82.89 65.34
C LYS F 674 54.84 82.42 64.78
N GLU F 675 55.86 82.36 65.63
CA GLU F 675 57.16 81.87 65.17
C GLU F 675 57.05 80.42 64.71
N GLU F 676 56.38 79.58 65.48
CA GLU F 676 56.22 78.18 65.10
C GLU F 676 55.47 78.05 63.79
N VAL F 677 54.40 78.84 63.62
CA VAL F 677 53.64 78.79 62.38
C VAL F 677 54.52 79.21 61.20
N GLU F 678 55.27 80.29 61.37
CA GLU F 678 56.13 80.74 60.28
C GLU F 678 57.24 79.75 60.01
N GLU F 679 57.75 79.10 61.06
CA GLU F 679 58.80 78.10 60.86
C GLU F 679 58.30 76.96 59.99
N LEU F 680 57.06 76.52 60.20
CA LEU F 680 56.52 75.44 59.38
C LEU F 680 56.47 75.84 57.92
N GLY F 681 56.04 77.07 57.65
CA GLY F 681 56.04 77.55 56.27
C GLY F 681 57.43 77.62 55.68
N LYS F 682 58.41 78.05 56.48
CA LYS F 682 59.78 78.08 56.00
C LYS F 682 60.27 76.69 55.61
N LYS F 683 59.91 75.68 56.40
CA LYS F 683 60.38 74.31 56.12
C LYS F 683 59.70 73.74 54.88
N LEU F 684 58.37 73.79 54.83
CA LEU F 684 57.65 73.04 53.81
C LEU F 684 57.98 73.55 52.41
N VAL F 685 58.05 74.86 52.23
CA VAL F 685 58.28 75.39 50.89
C VAL F 685 59.62 74.90 50.35
N GLU F 686 60.64 74.85 51.21
CA GLU F 686 61.94 74.38 50.77
C GLU F 686 61.90 72.91 50.38
N ILE F 687 61.34 72.07 51.26
CA ILE F 687 61.34 70.64 51.01
C ILE F 687 60.52 70.30 49.77
N VAL F 688 59.41 71.03 49.56
CA VAL F 688 58.68 70.87 48.31
C VAL F 688 59.55 71.29 47.13
N ARG F 689 60.24 72.42 47.27
CA ARG F 689 61.13 72.87 46.20
C ARG F 689 62.25 71.87 45.94
N LYS F 690 62.81 71.31 47.01
CA LYS F 690 63.84 70.28 46.82
C LYS F 690 63.26 69.05 46.15
N LEU F 691 62.07 68.62 46.58
CA LEU F 691 61.46 67.44 45.99
C LEU F 691 61.14 67.66 44.53
N ALA F 692 60.60 68.82 44.17
CA ALA F 692 60.29 69.09 42.79
C ALA F 692 61.54 69.11 41.92
N GLU F 693 62.61 69.72 42.41
CA GLU F 693 63.85 69.77 41.63
C GLU F 693 64.37 68.37 41.33
N ARG F 694 64.24 67.45 42.27
CA ARG F 694 64.79 66.11 42.12
C ARG F 694 63.95 65.23 41.22
N LYS F 695 62.79 65.69 40.80
CA LYS F 695 61.99 64.94 39.84
C LYS F 695 62.66 64.94 38.47
N GLU G 2 -3.06 64.98 75.57
CA GLU G 2 -4.30 64.17 75.35
C GLU G 2 -4.79 64.31 73.91
N GLU G 3 -5.21 65.53 73.55
CA GLU G 3 -5.89 65.74 72.28
C GLU G 3 -4.97 65.47 71.09
N LEU G 4 -3.64 65.50 71.29
CA LEU G 4 -2.71 65.24 70.21
C LEU G 4 -2.84 63.82 69.67
N ARG G 5 -3.55 62.96 70.39
CA ARG G 5 -3.78 61.61 69.91
C ARG G 5 -4.40 61.60 68.52
N GLU G 6 -5.19 62.63 68.20
CA GLU G 6 -5.76 62.73 66.86
C GLU G 6 -4.67 62.91 65.80
N ILE G 7 -3.67 63.75 66.07
CA ILE G 7 -2.57 63.91 65.13
C ILE G 7 -1.82 62.60 65.00
N ALA G 8 -1.62 61.91 66.12
CA ALA G 8 -0.94 60.63 66.08
C ALA G 8 -1.69 59.63 65.19
N GLU G 9 -3.00 59.55 65.34
CA GLU G 9 -3.79 58.62 64.54
C GLU G 9 -3.69 58.95 63.06
N ARG G 10 -3.79 60.25 62.72
CA ARG G 10 -3.68 60.63 61.32
C ARG G 10 -2.32 60.23 60.75
N ALA G 11 -1.25 60.45 61.51
CA ALA G 11 0.07 60.07 61.02
C ALA G 11 0.16 58.57 60.80
N GLU G 12 -0.39 57.78 61.72
CA GLU G 12 -0.34 56.33 61.57
C GLU G 12 -1.08 55.89 60.32
N ALA G 13 -2.25 56.48 60.06
CA ALA G 13 -2.97 56.13 58.86
C ALA G 13 -2.16 56.48 57.62
N ASP G 14 -1.49 57.63 57.63
CA ASP G 14 -0.67 58.00 56.48
C ASP G 14 0.42 56.96 56.24
N MET G 15 1.08 56.53 57.32
CA MET G 15 2.13 55.52 57.17
C MET G 15 1.58 54.24 56.59
N ARG G 16 0.41 53.80 57.06
CA ARG G 16 -0.19 52.60 56.49
C ARG G 16 -0.46 52.77 55.01
N GLU G 17 -0.96 53.93 54.60
CA GLU G 17 -1.23 54.16 53.20
C GLU G 17 0.05 54.03 52.37
N ILE G 18 1.13 54.64 52.84
CA ILE G 18 2.40 54.53 52.12
C ILE G 18 2.80 53.06 51.99
N SER G 19 2.70 52.32 53.08
CA SER G 19 3.09 50.92 53.06
C SER G 19 2.33 50.18 51.97
N GLU G 20 1.01 50.29 51.97
CA GLU G 20 0.20 49.54 51.00
C GLU G 20 0.53 49.95 49.58
N LEU G 21 0.62 51.27 49.34
CA LEU G 21 0.84 51.75 47.98
C LEU G 21 2.17 51.23 47.44
N ALA G 22 3.22 51.28 48.26
CA ALA G 22 4.52 50.77 47.79
C ALA G 22 4.45 49.27 47.57
N GLU G 23 3.76 48.55 48.46
CA GLU G 23 3.69 47.10 48.32
C GLU G 23 3.05 46.70 47.00
N GLU G 24 1.97 47.39 46.62
CA GLU G 24 1.32 47.05 45.36
C GLU G 24 2.12 47.56 44.15
N LEU G 25 2.69 48.76 44.24
CA LEU G 25 3.34 49.36 43.08
C LEU G 25 4.67 48.71 42.73
N VAL G 26 5.40 48.24 43.75
CA VAL G 26 6.78 47.79 43.55
C VAL G 26 6.81 46.48 42.78
N GLU G 27 8.01 46.06 42.36
CA GLU G 27 8.18 44.79 41.65
C GLU G 27 9.43 44.04 42.09
N ASP G 28 9.96 44.32 43.28
CA ASP G 28 11.13 43.62 43.80
C ASP G 28 10.86 43.25 45.26
N PRO G 29 11.00 41.97 45.63
CA PRO G 29 10.70 41.60 47.02
C PRO G 29 11.55 42.33 48.05
N VAL G 30 12.83 42.51 47.77
CA VAL G 30 13.71 43.11 48.77
C VAL G 30 13.37 44.56 48.98
N TYR G 31 13.17 45.31 47.90
CA TYR G 31 12.79 46.71 48.03
C TYR G 31 11.43 46.84 48.73
N ALA G 32 10.51 45.95 48.38
CA ALA G 32 9.20 45.98 49.02
C ALA G 32 9.32 45.76 50.51
N VAL G 33 10.17 44.84 50.93
CA VAL G 33 10.40 44.64 52.36
C VAL G 33 10.99 45.90 52.97
N ALA G 34 11.98 46.49 52.29
CA ALA G 34 12.71 47.62 52.86
C ALA G 34 11.79 48.80 53.12
N VAL G 35 10.94 49.15 52.15
CA VAL G 35 10.12 50.34 52.29
C VAL G 35 9.23 50.23 53.51
N ARG G 36 8.53 49.10 53.65
CA ARG G 36 7.66 48.89 54.81
C ARG G 36 8.48 48.87 56.09
N GLY G 37 9.60 48.15 56.09
CA GLY G 37 10.40 48.05 57.29
C GLY G 37 10.80 49.39 57.82
N MET G 38 11.15 50.31 56.92
CA MET G 38 11.51 51.65 57.37
C MET G 38 10.28 52.45 57.77
N ALA G 39 9.21 52.36 56.98
CA ALA G 39 8.05 53.21 57.21
C ALA G 39 7.40 52.92 58.55
N LEU G 40 7.21 51.65 58.88
CA LEU G 40 6.48 51.30 60.10
C LEU G 40 7.14 51.95 61.30
N VAL G 41 8.45 51.73 61.48
CA VAL G 41 9.14 52.28 62.62
C VAL G 41 9.22 53.80 62.52
N GLY G 42 9.57 54.32 61.34
CA GLY G 42 9.68 55.77 61.20
C GLY G 42 8.42 56.50 61.62
N ALA G 43 7.26 55.87 61.41
CA ALA G 43 6.02 56.46 61.90
C ALA G 43 5.83 56.21 63.38
N ALA G 44 6.00 54.97 63.84
CA ALA G 44 5.54 54.58 65.17
C ALA G 44 6.01 55.54 66.26
N GLY G 45 7.11 56.26 66.02
CA GLY G 45 7.64 57.12 67.06
C GLY G 45 6.68 58.23 67.48
N VAL G 46 5.75 58.59 66.59
CA VAL G 46 4.89 59.73 66.89
C VAL G 46 4.05 59.45 68.12
N PHE G 47 3.52 58.23 68.24
CA PHE G 47 2.69 57.89 69.38
C PHE G 47 3.48 57.97 70.68
N ALA G 48 4.72 57.47 70.68
CA ALA G 48 5.55 57.62 71.87
C ALA G 48 5.79 59.08 72.18
N LEU G 49 6.05 59.89 71.16
CA LEU G 49 6.25 61.31 71.39
C LEU G 49 5.02 61.94 72.02
N GLY G 50 3.84 61.54 71.58
CA GLY G 50 2.62 62.04 72.20
C GLY G 50 2.55 61.72 73.69
N VAL G 51 3.01 60.52 74.07
CA VAL G 51 3.03 60.15 75.48
C VAL G 51 4.16 60.82 76.24
N GLY G 52 5.07 61.51 75.55
CA GLY G 52 6.20 62.14 76.21
C GLY G 52 7.43 61.27 76.35
N GLY G 53 7.58 60.26 75.51
CA GLY G 53 8.75 59.40 75.55
C GLY G 53 10.01 60.17 75.19
N PRO G 54 11.17 59.64 75.57
CA PRO G 54 12.43 60.37 75.34
C PRO G 54 12.62 60.66 73.86
N PRO G 55 13.03 61.89 73.50
CA PRO G 55 13.25 62.17 72.07
C PRO G 55 14.55 61.61 71.53
N GLU G 56 15.62 61.64 72.33
CA GLU G 56 16.91 61.18 71.84
C GLU G 56 16.88 59.70 71.47
N VAL G 57 16.21 58.89 72.28
CA VAL G 57 16.10 57.47 71.97
C VAL G 57 15.34 57.27 70.67
N LEU G 58 14.29 58.06 70.45
CA LEU G 58 13.54 57.96 69.21
C LEU G 58 14.42 58.26 68.00
N GLU G 59 15.19 59.35 68.08
CA GLU G 59 16.08 59.67 66.97
C GLU G 59 17.10 58.56 66.74
N GLU G 60 17.65 58.01 67.83
CA GLU G 60 18.62 56.93 67.70
C GLU G 60 17.99 55.72 67.01
N ALA G 61 16.77 55.36 67.41
CA ALA G 61 16.10 54.21 66.82
C ALA G 61 15.84 54.44 65.33
N ARG G 62 15.41 55.65 64.96
CA ARG G 62 15.19 55.93 63.55
C ARG G 62 16.48 55.76 62.77
N ARG G 63 17.58 56.32 63.29
CA ARG G 63 18.86 56.15 62.61
C ARG G 63 19.24 54.68 62.51
N ARG G 64 18.99 53.92 63.56
CA ARG G 64 19.35 52.50 63.57
C ARG G 64 18.61 51.75 62.47
N VAL G 65 17.30 51.96 62.35
CA VAL G 65 16.56 51.24 61.33
C VAL G 65 17.03 51.67 59.95
N GLU G 66 17.35 52.96 59.79
CA GLU G 66 17.86 53.41 58.50
C GLU G 66 19.16 52.69 58.16
N GLU G 67 20.06 52.57 59.13
CA GLU G 67 21.32 51.88 58.87
C GLU G 67 21.09 50.43 58.52
N ALA G 68 20.16 49.77 59.22
CA ALA G 68 19.85 48.38 58.89
C ALA G 68 19.39 48.27 57.44
N ALA G 69 18.50 49.16 57.02
CA ALA G 69 18.03 49.11 55.64
C ALA G 69 19.18 49.34 54.66
N ARG G 70 20.06 50.29 54.97
CA ARG G 70 21.23 50.52 54.13
C ARG G 70 22.04 49.22 53.96
N GLU G 71 22.35 48.57 55.07
CA GLU G 71 23.16 47.35 54.99
C GLU G 71 22.45 46.27 54.19
N ALA G 72 21.14 46.11 54.41
CA ALA G 72 20.41 45.08 53.67
C ALA G 72 20.43 45.36 52.18
N LEU G 73 20.22 46.61 51.79
CA LEU G 73 20.26 46.94 50.37
C LEU G 73 21.64 46.68 49.79
N ARG G 74 22.69 47.02 50.54
CA ARG G 74 24.04 46.75 50.07
C ARG G 74 24.26 45.27 49.85
N LYS G 75 23.81 44.44 50.79
CA LYS G 75 23.95 43.00 50.62
C LYS G 75 23.18 42.50 49.41
N TYR G 76 21.95 42.97 49.24
CA TYR G 76 21.12 42.49 48.12
C TYR G 76 21.73 42.87 46.78
N GLU G 77 22.30 44.08 46.68
CA GLU G 77 23.04 44.43 45.49
C GLU G 77 24.19 43.46 45.26
N GLU G 78 24.85 43.02 46.34
CA GLU G 78 25.92 42.05 46.24
C GLU G 78 25.43 40.65 45.87
N GLY G 79 24.13 40.46 45.70
CA GLY G 79 23.61 39.16 45.35
C GLY G 79 23.42 38.21 46.52
N ALA G 80 23.31 38.73 47.73
CA ALA G 80 23.16 37.86 48.90
C ALA G 80 21.80 37.17 48.88
N ASP G 81 21.68 36.15 49.74
CA ASP G 81 20.42 35.41 49.86
C ASP G 81 19.28 36.35 50.22
N VAL G 82 18.16 36.21 49.51
CA VAL G 82 16.97 37.00 49.82
C VAL G 82 16.48 36.69 51.22
N SER G 83 16.46 35.39 51.58
CA SER G 83 15.87 34.98 52.85
C SER G 83 16.64 35.59 54.02
N GLU G 84 17.96 35.47 54.00
CA GLU G 84 18.76 36.03 55.09
C GLU G 84 18.55 37.52 55.19
N LEU G 85 18.50 38.21 54.06
CA LEU G 85 18.31 39.66 54.07
C LEU G 85 16.98 40.01 54.74
N VAL G 86 15.90 39.36 54.33
CA VAL G 86 14.60 39.71 54.90
C VAL G 86 14.58 39.41 56.38
N ALA G 87 15.16 38.28 56.78
CA ALA G 87 15.20 37.95 58.20
C ALA G 87 15.96 39.01 58.98
N GLU G 88 17.11 39.44 58.47
CA GLU G 88 17.89 40.45 59.18
C GLU G 88 17.10 41.74 59.32
N LEU G 89 16.49 42.19 58.22
CA LEU G 89 15.75 43.46 58.26
C LEU G 89 14.59 43.38 59.26
N ILE G 90 13.81 42.30 59.19
CA ILE G 90 12.65 42.16 60.05
C ILE G 90 13.08 42.10 61.51
N ARG G 91 14.12 41.31 61.81
CA ARG G 91 14.58 41.23 63.18
C ARG G 91 15.04 42.60 63.68
N GLU G 92 15.79 43.34 62.85
CA GLU G 92 16.29 44.63 63.29
C GLU G 92 15.15 45.58 63.61
N THR G 93 14.18 45.68 62.71
CA THR G 93 13.09 46.62 62.94
C THR G 93 12.23 46.20 64.12
N SER G 94 11.99 44.89 64.27
CA SER G 94 11.20 44.42 65.40
C SER G 94 11.87 44.78 66.71
N ARG G 95 13.17 44.53 66.81
CA ARG G 95 13.88 44.85 68.05
C ARG G 95 13.86 46.34 68.30
N GLN G 96 14.06 47.15 67.26
CA GLN G 96 14.06 48.61 67.44
C GLN G 96 12.70 49.08 67.96
N ILE G 97 11.61 48.56 67.38
CA ILE G 97 10.28 48.98 67.81
C ILE G 97 10.04 48.56 69.25
N ALA G 98 10.50 47.36 69.62
CA ALA G 98 10.37 46.95 71.01
C ALA G 98 11.15 47.90 71.93
N GLU G 99 12.32 48.34 71.49
CA GLU G 99 13.09 49.30 72.27
C GLU G 99 12.31 50.60 72.48
N ILE G 100 11.70 51.10 71.41
CA ILE G 100 10.89 52.30 71.53
C ILE G 100 9.77 52.09 72.54
N ALA G 101 9.08 50.95 72.42
CA ALA G 101 7.97 50.67 73.33
C ALA G 101 8.43 50.59 74.77
N GLU G 102 9.61 50.01 75.01
CA GLU G 102 10.13 49.91 76.37
C GLU G 102 10.45 51.30 76.94
N ALA G 103 11.11 52.14 76.14
CA ALA G 103 11.36 53.50 76.59
C ALA G 103 10.06 54.21 76.89
N THR G 104 9.04 54.01 76.05
CA THR G 104 7.74 54.61 76.31
C THR G 104 7.14 54.10 77.61
N ILE G 105 7.24 52.79 77.86
CA ILE G 105 6.67 52.21 79.06
C ILE G 105 7.33 52.81 80.30
N LYS G 106 8.63 53.08 80.22
CA LYS G 106 9.33 53.65 81.36
C LYS G 106 8.90 55.09 81.65
N ALA G 107 8.14 55.73 80.75
CA ALA G 107 7.99 57.17 80.82
C ALA G 107 7.06 57.62 81.96
N THR G 108 6.00 56.89 82.24
CA THR G 108 4.95 57.40 83.11
C THR G 108 4.32 56.26 83.90
N ASP G 109 3.67 56.62 85.00
CA ASP G 109 3.05 55.67 85.91
C ASP G 109 1.54 55.50 85.70
N ASP G 110 0.92 56.34 84.88
CA ASP G 110 -0.53 56.31 84.75
C ASP G 110 -1.01 54.98 84.18
N PRO G 111 -1.95 54.29 84.82
CA PRO G 111 -2.50 53.07 84.21
C PRO G 111 -3.17 53.30 82.87
N GLU G 112 -3.83 54.45 82.67
CA GLU G 112 -4.53 54.69 81.41
C GLU G 112 -3.54 54.83 80.26
N VAL G 113 -2.54 55.70 80.42
CA VAL G 113 -1.52 55.85 79.38
C VAL G 113 -0.76 54.55 79.20
N LEU G 114 -0.50 53.83 80.30
CA LEU G 114 0.17 52.55 80.20
C LEU G 114 -0.64 51.57 79.36
N GLU G 115 -1.96 51.53 79.57
CA GLU G 115 -2.81 50.67 78.77
C GLU G 115 -2.76 51.07 77.30
N GLU G 116 -2.77 52.38 77.03
CA GLU G 116 -2.66 52.83 75.65
C GLU G 116 -1.36 52.34 75.02
N ILE G 117 -0.26 52.49 75.74
CA ILE G 117 1.05 52.11 75.19
C ILE G 117 1.09 50.61 74.93
N SER G 118 0.64 49.82 75.91
CA SER G 118 0.64 48.37 75.75
C SER G 118 -0.23 47.96 74.58
N GLU G 119 -1.42 48.55 74.45
CA GLU G 119 -2.31 48.22 73.35
C GLU G 119 -1.64 48.51 72.01
N PHE G 120 -1.02 49.69 71.88
CA PHE G 120 -0.38 50.04 70.63
C PHE G 120 0.72 49.04 70.29
N ALA G 121 1.58 48.72 71.28
CA ALA G 121 2.65 47.78 71.02
C ALA G 121 2.10 46.43 70.59
N GLU G 122 1.09 45.93 71.30
CA GLU G 122 0.53 44.63 70.98
C GLU G 122 -0.06 44.61 69.58
N GLU G 123 -0.80 45.65 69.22
CA GLU G 123 -1.41 45.68 67.90
C GLU G 123 -0.35 45.70 66.80
N ARG G 124 0.64 46.58 66.93
CA ARG G 124 1.68 46.65 65.93
C ARG G 124 2.38 45.29 65.77
N SER G 125 2.76 44.67 66.89
CA SER G 125 3.45 43.39 66.81
C SER G 125 2.58 42.30 66.21
N ARG G 126 1.30 42.26 66.62
CA ARG G 126 0.40 41.23 66.13
C ARG G 126 0.22 41.34 64.63
N ARG G 127 0.16 42.55 64.10
CA ARG G 127 0.10 42.70 62.66
C ARG G 127 1.43 42.33 62.00
N LEU G 128 2.54 42.81 62.58
CA LEU G 128 3.84 42.69 61.93
C LEU G 128 4.28 41.24 61.79
N SER G 129 4.09 40.44 62.84
CA SER G 129 4.57 39.06 62.78
C SER G 129 3.86 38.29 61.65
N GLU G 130 2.54 38.42 61.58
CA GLU G 130 1.80 37.76 60.51
C GLU G 130 2.20 38.31 59.16
N TYR G 131 2.47 39.61 59.07
CA TYR G 131 2.93 40.18 57.81
C TYR G 131 4.23 39.54 57.37
N ALA G 132 5.17 39.38 58.30
CA ALA G 132 6.44 38.75 57.96
C ALA G 132 6.26 37.30 57.55
N GLU G 133 5.33 36.59 58.19
CA GLU G 133 5.12 35.19 57.87
C GLU G 133 4.77 34.98 56.39
N ARG G 134 4.22 36.00 55.72
CA ARG G 134 3.83 35.86 54.32
C ARG G 134 5.02 35.88 53.38
N HIS G 135 6.18 36.37 53.82
CA HIS G 135 7.32 36.62 52.93
C HIS G 135 8.47 35.64 53.13
N VAL G 136 8.77 35.25 54.37
CA VAL G 136 9.96 34.45 54.63
C VAL G 136 9.70 33.03 54.13
N THR G 137 10.53 32.58 53.19
CA THR G 137 10.38 31.25 52.61
C THR G 137 11.17 30.18 53.36
N ASN G 138 12.33 30.53 53.91
CA ASN G 138 13.13 29.55 54.62
C ASN G 138 12.37 29.10 55.87
N PRO G 139 12.04 27.82 56.02
CA PRO G 139 11.18 27.42 57.14
C PRO G 139 11.74 27.81 58.50
N ILE G 140 13.00 27.46 58.77
CA ILE G 140 13.58 27.77 60.06
C ILE G 140 13.57 29.28 60.30
N LEU G 141 13.85 30.05 59.25
CA LEU G 141 13.82 31.50 59.38
C LEU G 141 12.44 31.97 59.82
N ALA G 142 11.39 31.48 59.14
CA ALA G 142 10.03 31.89 59.50
C ALA G 142 9.74 31.55 60.96
N ALA G 143 10.05 30.32 61.35
CA ALA G 143 9.73 29.89 62.71
C ALA G 143 10.44 30.77 63.74
N THR G 144 11.73 31.04 63.52
CA THR G 144 12.48 31.83 64.48
C THR G 144 11.99 33.26 64.53
N VAL G 145 11.64 33.85 63.39
CA VAL G 145 11.05 35.19 63.39
C VAL G 145 9.80 35.21 64.26
N VAL G 146 8.92 34.23 64.06
CA VAL G 146 7.67 34.20 64.81
C VAL G 146 7.95 34.09 66.30
N ALA G 147 8.87 33.20 66.67
CA ALA G 147 9.16 33.00 68.09
C ALA G 147 9.72 34.26 68.73
N LEU G 148 10.65 34.93 68.05
CA LEU G 148 11.23 36.14 68.61
C LEU G 148 10.15 37.19 68.82
N ALA G 149 9.29 37.39 67.80
CA ALA G 149 8.23 38.38 67.94
C ALA G 149 7.37 38.06 69.15
N GLU G 150 6.95 36.79 69.28
CA GLU G 150 6.05 36.42 70.36
C GLU G 150 6.68 36.72 71.72
N VAL G 151 7.90 36.25 71.94
CA VAL G 151 8.50 36.41 73.25
C VAL G 151 8.71 37.88 73.57
N LEU G 152 9.11 38.67 72.56
CA LEU G 152 9.29 40.11 72.79
C LEU G 152 7.97 40.75 73.23
N SER G 153 6.87 40.41 72.57
CA SER G 153 5.58 40.96 72.97
C SER G 153 5.25 40.55 74.39
N ALA G 154 5.54 39.31 74.76
CA ALA G 154 5.24 38.85 76.10
C ALA G 154 5.98 39.69 77.14
N VAL G 155 7.27 39.92 76.92
CA VAL G 155 8.03 40.74 77.86
C VAL G 155 7.45 42.15 77.93
N VAL G 156 7.09 42.70 76.77
CA VAL G 156 6.53 44.06 76.75
C VAL G 156 5.32 44.13 77.64
N ARG G 157 4.39 43.18 77.50
CA ARG G 157 3.23 43.17 78.38
C ARG G 157 3.64 43.01 79.83
N ALA G 158 4.55 42.09 80.12
CA ALA G 158 4.90 41.78 81.49
C ALA G 158 5.43 43.00 82.23
N ARG G 159 6.08 43.93 81.52
CA ARG G 159 6.58 45.11 82.22
C ARG G 159 5.48 45.87 82.95
N SER G 160 4.23 45.76 82.49
CA SER G 160 3.16 46.56 83.09
C SER G 160 2.94 46.24 84.56
N TYR G 161 3.45 45.11 85.04
CA TYR G 161 3.21 44.66 86.42
C TYR G 161 4.50 44.47 87.20
N GLY G 162 5.64 44.92 86.68
CA GLY G 162 6.87 44.88 87.44
C GLY G 162 7.64 43.58 87.36
N ALA G 163 7.38 42.75 86.37
CA ALA G 163 8.10 41.48 86.27
C ALA G 163 9.58 41.74 85.97
N PRO G 164 10.51 41.14 86.70
CA PRO G 164 11.93 41.37 86.45
C PRO G 164 12.32 41.03 85.02
N GLU G 165 13.25 41.83 84.47
CA GLU G 165 13.69 41.68 83.09
C GLU G 165 14.53 40.42 82.88
N GLU G 166 15.14 39.89 83.95
CA GLU G 166 16.12 38.81 83.79
C GLU G 166 15.51 37.60 83.09
N VAL G 167 14.24 37.30 83.38
CA VAL G 167 13.58 36.21 82.68
C VAL G 167 13.51 36.49 81.19
N GLY G 168 13.19 37.73 80.83
CA GLY G 168 13.15 38.08 79.42
C GLY G 168 14.51 37.95 78.76
N GLU G 169 15.56 38.40 79.46
CA GLU G 169 16.91 38.26 78.91
C GLU G 169 17.26 36.80 78.70
N LYS G 170 16.95 35.94 79.68
CA LYS G 170 17.25 34.53 79.55
C LYS G 170 16.50 33.91 78.37
N ALA G 171 15.21 34.23 78.24
CA ALA G 171 14.42 33.67 77.16
C ALA G 171 14.92 34.15 75.81
N VAL G 172 15.30 35.43 75.71
CA VAL G 172 15.83 35.94 74.45
C VAL G 172 17.14 35.23 74.11
N LYS G 173 17.99 35.03 75.11
CA LYS G 173 19.25 34.31 74.86
C LYS G 173 18.97 32.89 74.37
N GLU G 174 18.01 32.21 75.02
CA GLU G 174 17.68 30.85 74.60
C GLU G 174 17.13 30.83 73.18
N VAL G 175 16.29 31.80 72.84
CA VAL G 175 15.76 31.87 71.48
C VAL G 175 16.89 32.09 70.49
N ARG G 176 17.84 32.96 70.82
CA ARG G 176 18.99 33.17 69.94
C ARG G 176 19.79 31.89 69.77
N GLU G 177 19.99 31.15 70.86
CA GLU G 177 20.72 29.89 70.77
C GLU G 177 19.98 28.92 69.85
N ALA G 178 18.67 28.82 70.00
CA ALA G 178 17.88 27.98 69.12
C ALA G 178 18.03 28.41 67.68
N SER G 179 17.98 29.73 67.43
CA SER G 179 18.09 30.23 66.07
C SER G 179 19.44 29.87 65.45
N GLU G 180 20.52 30.07 66.20
CA GLU G 180 21.84 29.76 65.66
C GLU G 180 21.99 28.27 65.39
N GLU G 181 21.57 27.44 66.35
CA GLU G 181 21.68 26.01 66.16
C GLU G 181 20.84 25.57 64.95
N ALA G 182 19.63 26.10 64.83
CA ALA G 182 18.76 25.73 63.74
C ALA G 182 19.32 26.15 62.40
N LEU G 183 19.87 27.36 62.31
CA LEU G 183 20.48 27.79 61.05
C LEU G 183 21.64 26.87 60.68
N GLU G 184 22.53 26.59 61.64
CA GLU G 184 23.66 25.73 61.34
C GLU G 184 23.21 24.34 60.91
N ARG G 185 22.27 23.75 61.65
CA ARG G 185 21.80 22.41 61.31
C ARG G 185 21.07 22.40 59.96
N TYR G 186 20.27 23.43 59.68
CA TYR G 186 19.55 23.49 58.43
C TYR G 186 20.52 23.52 57.26
N LYS G 187 21.60 24.32 57.39
CA LYS G 187 22.66 24.24 56.40
C LYS G 187 23.25 22.84 56.32
N LYS G 188 23.28 22.13 57.46
CA LYS G 188 23.84 20.78 57.51
C LYS G 188 22.88 19.71 56.98
N GLY G 189 21.66 20.07 56.62
CA GLY G 189 20.70 19.08 56.13
C GLY G 189 19.99 18.29 57.19
N GLU G 190 19.97 18.78 58.43
CA GLU G 190 19.29 18.09 59.51
C GLU G 190 17.77 18.10 59.29
N ASP G 191 17.08 17.28 60.07
CA ASP G 191 15.62 17.19 59.97
C ASP G 191 14.97 18.51 60.35
N VAL G 192 14.32 19.16 59.39
CA VAL G 192 13.72 20.48 59.64
C VAL G 192 12.63 20.38 60.69
N SER G 193 11.81 19.34 60.63
CA SER G 193 10.67 19.24 61.53
C SER G 193 11.12 19.19 62.97
N GLU G 194 12.18 18.44 63.26
CA GLU G 194 12.67 18.35 64.62
C GLU G 194 13.11 19.71 65.13
N LEU G 195 13.86 20.45 64.31
CA LEU G 195 14.31 21.77 64.72
C LEU G 195 13.13 22.68 65.01
N VAL G 196 12.14 22.69 64.11
CA VAL G 196 10.99 23.55 64.29
C VAL G 196 10.27 23.22 65.59
N ALA G 197 10.00 21.94 65.82
CA ALA G 197 9.28 21.54 67.02
C ALA G 197 10.06 21.88 68.28
N GLU G 198 11.38 21.64 68.28
CA GLU G 198 12.18 21.95 69.45
C GLU G 198 12.17 23.44 69.75
N LEU G 199 12.31 24.27 68.73
CA LEU G 199 12.26 25.70 68.93
C LEU G 199 10.91 26.12 69.51
N ILE G 200 9.82 25.57 68.95
CA ILE G 200 8.49 25.92 69.44
C ILE G 200 8.36 25.54 70.91
N ARG G 201 8.82 24.34 71.27
CA ARG G 201 8.72 23.91 72.66
C ARG G 201 9.52 24.80 73.59
N GLU G 202 10.73 25.17 73.18
CA GLU G 202 11.54 26.08 73.99
C GLU G 202 10.83 27.41 74.19
N THR G 203 10.24 27.94 73.12
CA THR G 203 9.49 29.19 73.26
C THR G 203 8.34 29.02 74.24
N SER G 204 7.65 27.89 74.15
CA SER G 204 6.54 27.63 75.07
C SER G 204 7.02 27.66 76.51
N ARG G 205 8.08 26.93 76.82
CA ARG G 205 8.59 26.91 78.18
C ARG G 205 8.99 28.31 78.62
N GLN G 206 9.66 29.07 77.74
CA GLN G 206 10.11 30.41 78.11
C GLN G 206 8.93 31.29 78.49
N ILE G 207 7.92 31.36 77.62
CA ILE G 207 6.80 32.24 77.89
C ILE G 207 6.07 31.79 79.14
N ALA G 208 5.95 30.47 79.34
CA ALA G 208 5.29 29.98 80.54
C ALA G 208 6.01 30.44 81.79
N GLU G 209 7.33 30.28 81.82
CA GLU G 209 8.08 30.69 83.01
C GLU G 209 7.95 32.19 83.26
N ILE G 210 8.05 32.99 82.21
CA ILE G 210 7.94 34.43 82.38
C ILE G 210 6.57 34.78 82.96
N ALA G 211 5.52 34.21 82.39
CA ALA G 211 4.18 34.49 82.89
C ALA G 211 4.01 34.02 84.34
N GLU G 212 4.64 32.90 84.68
CA GLU G 212 4.55 32.41 86.06
C GLU G 212 5.17 33.40 87.03
N ALA G 213 6.34 33.92 86.71
CA ALA G 213 6.94 34.95 87.55
C ALA G 213 6.02 36.16 87.64
N THR G 214 5.44 36.57 86.51
CA THR G 214 4.52 37.69 86.53
C THR G 214 3.35 37.43 87.48
N ILE G 215 2.80 36.22 87.44
CA ILE G 215 1.69 35.87 88.32
C ILE G 215 2.13 35.95 89.78
N LYS G 216 3.36 35.48 90.06
CA LYS G 216 3.89 35.61 91.41
C LYS G 216 3.91 37.07 91.85
N ALA G 217 4.28 37.97 90.95
CA ALA G 217 4.37 39.39 91.31
C ALA G 217 3.00 40.04 91.55
N THR G 218 1.90 39.38 91.20
CA THR G 218 0.59 40.02 91.27
C THR G 218 0.15 40.25 92.72
N ASP G 219 -0.78 41.19 92.88
CA ASP G 219 -1.32 41.47 94.21
C ASP G 219 -2.83 41.73 94.25
N ASP G 220 -3.55 41.59 93.14
CA ASP G 220 -4.96 41.94 93.12
C ASP G 220 -5.73 40.93 92.27
N PRO G 221 -7.01 40.71 92.56
CA PRO G 221 -7.78 39.75 91.75
C PRO G 221 -7.86 40.10 90.27
N GLU G 222 -8.25 41.34 89.94
CA GLU G 222 -8.46 41.70 88.55
C GLU G 222 -7.16 41.59 87.76
N VAL G 223 -6.04 42.00 88.37
CA VAL G 223 -4.75 41.86 87.70
C VAL G 223 -4.45 40.41 87.41
N LEU G 224 -4.72 39.53 88.39
CA LEU G 224 -4.50 38.11 88.18
C LEU G 224 -5.35 37.59 87.03
N GLU G 225 -6.62 37.97 87.00
CA GLU G 225 -7.51 37.53 85.93
C GLU G 225 -6.99 38.01 84.57
N GLU G 226 -6.57 39.27 84.49
CA GLU G 226 -6.05 39.80 83.24
C GLU G 226 -4.81 39.02 82.79
N ILE G 227 -3.90 38.75 83.72
CA ILE G 227 -2.70 38.01 83.38
C ILE G 227 -3.07 36.62 82.88
N SER G 228 -4.02 35.97 83.56
CA SER G 228 -4.45 34.64 83.13
C SER G 228 -5.02 34.69 81.72
N GLU G 229 -5.88 35.67 81.44
CA GLU G 229 -6.46 35.78 80.11
C GLU G 229 -5.38 35.98 79.06
N PHE G 230 -4.42 36.86 79.33
CA PHE G 230 -3.35 37.11 78.37
C PHE G 230 -2.53 35.85 78.13
N ALA G 231 -2.20 35.13 79.20
CA ALA G 231 -1.44 33.89 79.03
C ALA G 231 -2.23 32.90 78.20
N GLU G 232 -3.53 32.78 78.46
CA GLU G 232 -4.37 31.88 77.68
C GLU G 232 -4.32 32.25 76.21
N GLU G 233 -4.49 33.54 75.90
CA GLU G 233 -4.48 33.97 74.51
C GLU G 233 -3.13 33.65 73.85
N ARG G 234 -2.04 33.98 74.53
CA ARG G 234 -0.72 33.76 73.94
C ARG G 234 -0.48 32.28 73.69
N SER G 235 -0.80 31.44 74.68
CA SER G 235 -0.62 30.01 74.51
C SER G 235 -1.48 29.49 73.36
N ARG G 236 -2.72 29.95 73.28
CA ARG G 236 -3.60 29.52 72.20
C ARG G 236 -2.99 29.86 70.85
N ARG G 237 -2.48 31.09 70.70
CA ARG G 237 -1.93 31.49 69.41
C ARG G 237 -0.68 30.68 69.07
N LEU G 238 0.21 30.47 70.04
CA LEU G 238 1.41 29.68 69.77
C LEU G 238 1.04 28.27 69.36
N SER G 239 0.11 27.65 70.10
CA SER G 239 -0.32 26.30 69.77
C SER G 239 -0.96 26.25 68.39
N GLU G 240 -1.76 27.27 68.06
CA GLU G 240 -2.40 27.30 66.75
C GLU G 240 -1.35 27.38 65.66
N TYR G 241 -0.33 28.23 65.82
CA TYR G 241 0.74 28.28 64.84
C TYR G 241 1.36 26.91 64.65
N ALA G 242 1.75 26.28 65.76
CA ALA G 242 2.40 24.99 65.68
C ALA G 242 1.50 23.97 64.97
N GLU G 243 0.22 23.92 65.36
CA GLU G 243 -0.68 22.93 64.80
C GLU G 243 -0.95 23.19 63.33
N ARG G 244 -0.83 24.44 62.89
CA ARG G 244 -1.08 24.73 61.48
C ARG G 244 0.14 24.40 60.64
N HIS G 245 1.33 24.75 61.12
CA HIS G 245 2.49 24.77 60.24
C HIS G 245 3.39 23.54 60.37
N VAL G 246 3.39 22.85 61.51
CA VAL G 246 4.27 21.71 61.69
C VAL G 246 3.84 20.58 60.77
N THR G 247 4.83 19.86 60.22
CA THR G 247 4.59 18.93 59.13
C THR G 247 4.46 17.47 59.56
N ASN G 248 4.55 17.16 60.85
CA ASN G 248 4.53 15.76 61.26
C ASN G 248 3.51 15.53 62.37
N PRO G 249 2.73 14.44 62.30
CA PRO G 249 1.73 14.21 63.34
C PRO G 249 2.30 14.16 64.74
N ILE G 250 3.30 13.32 64.98
CA ILE G 250 3.82 13.14 66.33
C ILE G 250 4.44 14.43 66.83
N LEU G 251 5.19 15.13 65.98
CA LEU G 251 5.80 16.39 66.38
C LEU G 251 4.72 17.39 66.77
N ALA G 252 3.67 17.52 65.96
CA ALA G 252 2.59 18.44 66.28
C ALA G 252 1.91 18.04 67.59
N ALA G 253 1.67 16.75 67.77
CA ALA G 253 1.00 16.27 68.97
C ALA G 253 1.81 16.65 70.21
N THR G 254 3.12 16.37 70.19
CA THR G 254 3.94 16.72 71.33
C THR G 254 3.99 18.23 71.55
N VAL G 255 4.08 19.01 70.47
CA VAL G 255 4.16 20.46 70.62
C VAL G 255 2.89 20.99 71.27
N VAL G 256 1.73 20.59 70.74
CA VAL G 256 0.48 21.08 71.29
C VAL G 256 0.26 20.52 72.68
N ALA G 257 0.77 19.33 72.97
CA ALA G 257 0.68 18.80 74.32
C ALA G 257 1.45 19.68 75.29
N LEU G 258 2.66 20.07 74.91
CA LEU G 258 3.42 20.99 75.76
C LEU G 258 2.66 22.29 75.95
N ALA G 259 2.15 22.85 74.86
CA ALA G 259 1.45 24.12 74.95
C ALA G 259 0.24 24.02 75.88
N GLU G 260 -0.60 23.01 75.67
CA GLU G 260 -1.80 22.86 76.47
C GLU G 260 -1.48 22.60 77.94
N VAL G 261 -0.50 21.72 78.19
CA VAL G 261 -0.13 21.41 79.56
C VAL G 261 0.33 22.68 80.27
N LEU G 262 1.20 23.46 79.63
CA LEU G 262 1.70 24.67 80.25
C LEU G 262 0.59 25.70 80.42
N SER G 263 -0.35 25.76 79.47
CA SER G 263 -1.46 26.69 79.60
C SER G 263 -2.30 26.34 80.82
N ALA G 264 -2.60 25.05 81.01
CA ALA G 264 -3.33 24.64 82.19
C ALA G 264 -2.53 24.93 83.45
N VAL G 265 -1.22 24.69 83.41
CA VAL G 265 -0.38 24.97 84.57
C VAL G 265 -0.48 26.43 84.96
N VAL G 266 -0.40 27.32 83.97
CA VAL G 266 -0.52 28.75 84.24
C VAL G 266 -1.90 29.04 84.82
N ARG G 267 -2.95 28.46 84.23
CA ARG G 267 -4.29 28.66 84.75
C ARG G 267 -4.40 28.23 86.21
N ALA G 268 -3.61 27.24 86.60
CA ALA G 268 -3.68 26.73 87.98
C ALA G 268 -3.36 27.80 89.00
N ARG G 269 -2.63 28.85 88.63
CA ARG G 269 -2.32 29.93 89.55
C ARG G 269 -3.55 30.78 89.91
N SER G 270 -4.70 30.51 89.30
CA SER G 270 -5.86 31.37 89.49
C SER G 270 -6.13 31.63 90.96
N TYR G 271 -6.03 30.59 91.79
CA TYR G 271 -6.37 30.74 93.21
C TYR G 271 -5.41 30.02 94.14
N GLY G 272 -4.15 29.82 93.73
CA GLY G 272 -3.13 29.38 94.65
C GLY G 272 -3.00 27.88 94.82
N ALA G 273 -3.46 27.08 93.87
CA ALA G 273 -3.28 25.65 93.99
C ALA G 273 -1.80 25.30 94.00
N PRO G 274 -1.41 24.25 94.70
CA PRO G 274 0.03 23.97 94.90
C PRO G 274 0.73 23.62 93.59
N GLU G 275 2.01 24.00 93.51
CA GLU G 275 2.78 23.80 92.29
C GLU G 275 3.15 22.33 92.08
N GLU G 276 3.27 21.56 93.17
CA GLU G 276 3.76 20.18 93.05
C GLU G 276 2.90 19.38 92.09
N VAL G 277 1.59 19.60 92.09
CA VAL G 277 0.72 18.89 91.15
C VAL G 277 1.08 19.28 89.71
N GLY G 278 1.31 20.57 89.47
CA GLY G 278 1.71 20.99 88.14
C GLY G 278 3.03 20.36 87.73
N GLU G 279 3.99 20.30 88.64
CA GLU G 279 5.26 19.66 88.34
C GLU G 279 5.07 18.19 88.00
N LYS G 280 4.24 17.48 88.77
CA LYS G 280 4.00 16.07 88.49
C LYS G 280 3.35 15.90 87.12
N ALA G 281 2.33 16.70 86.82
CA ALA G 281 1.64 16.58 85.55
C ALA G 281 2.56 16.91 84.38
N VAL G 282 3.38 17.95 84.54
CA VAL G 282 4.31 18.33 83.48
C VAL G 282 5.33 17.22 83.25
N LYS G 283 5.88 16.68 84.34
CA LYS G 283 6.83 15.59 84.21
C LYS G 283 6.19 14.38 83.55
N GLU G 284 4.96 14.05 83.94
CA GLU G 284 4.27 12.93 83.31
C GLU G 284 4.09 13.17 81.82
N VAL G 285 3.65 14.37 81.45
CA VAL G 285 3.45 14.69 80.04
C VAL G 285 4.77 14.58 79.29
N ARG G 286 5.85 15.12 79.86
CA ARG G 286 7.14 15.10 79.18
C ARG G 286 7.67 13.68 79.04
N GLU G 287 7.56 12.86 80.10
CA GLU G 287 8.02 11.49 80.01
C GLU G 287 7.22 10.71 78.99
N ALA G 288 5.90 10.89 78.99
CA ALA G 288 5.06 10.23 77.99
C ALA G 288 5.44 10.67 76.59
N SER G 289 5.70 11.97 76.41
CA SER G 289 6.10 12.48 75.11
C SER G 289 7.41 11.86 74.66
N GLU G 290 8.38 11.77 75.58
CA GLU G 290 9.66 11.16 75.24
C GLU G 290 9.48 9.69 74.87
N GLU G 291 8.65 8.97 75.62
CA GLU G 291 8.40 7.56 75.31
C GLU G 291 7.74 7.42 73.95
N ALA G 292 6.76 8.27 73.65
CA ALA G 292 6.12 8.22 72.35
C ALA G 292 7.09 8.53 71.23
N LEU G 293 7.95 9.54 71.44
CA LEU G 293 8.95 9.86 70.44
C LEU G 293 9.91 8.70 70.23
N GLU G 294 10.29 8.02 71.32
CA GLU G 294 11.15 6.85 71.20
C GLU G 294 10.47 5.74 70.42
N ARG G 295 9.19 5.48 70.72
CA ARG G 295 8.45 4.45 70.00
C ARG G 295 8.37 4.77 68.52
N TYR G 296 8.12 6.04 68.19
CA TYR G 296 8.14 6.47 66.79
C TYR G 296 9.51 6.26 66.19
N LYS G 297 10.56 6.58 66.94
CA LYS G 297 11.92 6.30 66.48
C LYS G 297 12.13 4.81 66.28
N GLU G 298 11.41 3.99 67.04
CA GLU G 298 11.43 2.54 66.87
C GLU G 298 10.50 2.07 65.75
N GLY G 299 9.78 2.99 65.11
CA GLY G 299 8.87 2.64 64.05
C GLY G 299 7.46 2.33 64.48
N ALA G 300 7.08 2.65 65.71
CA ALA G 300 5.72 2.39 66.16
C ALA G 300 4.75 3.36 65.51
N ASP G 301 3.47 3.01 65.58
CA ASP G 301 2.42 3.80 64.92
C ASP G 301 2.32 5.19 65.52
N GLU G 302 2.39 6.21 64.66
CA GLU G 302 2.17 7.57 65.12
C GLU G 302 0.74 7.81 65.55
N SER G 303 -0.23 7.05 65.01
CA SER G 303 -1.62 7.24 65.39
C SER G 303 -1.84 6.85 66.85
N GLU G 304 -1.39 5.66 67.23
CA GLU G 304 -1.53 5.22 68.61
C GLU G 304 -0.77 6.15 69.55
N LEU G 305 0.40 6.62 69.12
CA LEU G 305 1.14 7.56 69.94
C LEU G 305 0.36 8.86 70.15
N VAL G 306 -0.26 9.37 69.09
CA VAL G 306 -1.07 10.58 69.21
C VAL G 306 -2.20 10.35 70.20
N ALA G 307 -2.87 9.21 70.07
CA ALA G 307 -3.97 8.92 70.98
C ALA G 307 -3.49 8.89 72.43
N GLU G 308 -2.35 8.22 72.68
CA GLU G 308 -1.83 8.17 74.04
C GLU G 308 -1.50 9.56 74.55
N VAL G 309 -0.85 10.37 73.72
CA VAL G 309 -0.46 11.71 74.13
C VAL G 309 -1.68 12.53 74.51
N MET G 310 -2.71 12.49 73.66
CA MET G 310 -3.90 13.28 73.94
C MET G 310 -4.61 12.77 75.18
N THR G 311 -4.65 11.44 75.37
CA THR G 311 -5.28 10.90 76.57
C THR G 311 -4.59 11.44 77.82
N ALA G 312 -3.25 11.39 77.83
CA ALA G 312 -2.52 11.90 78.98
C ALA G 312 -2.75 13.39 79.17
N THR G 313 -2.80 14.14 78.07
CA THR G 313 -3.02 15.58 78.16
C THR G 313 -4.35 15.88 78.83
N ALA G 314 -5.41 15.23 78.37
CA ALA G 314 -6.73 15.42 78.96
C ALA G 314 -6.73 15.04 80.43
N GLU G 315 -6.11 13.89 80.76
CA GLU G 315 -6.06 13.48 82.15
C GLU G 315 -5.39 14.53 83.01
N ALA G 316 -4.26 15.07 82.54
CA ALA G 316 -3.55 16.08 83.32
C ALA G 316 -4.39 17.33 83.50
N VAL G 317 -5.00 17.81 82.42
CA VAL G 317 -5.81 19.02 82.51
C VAL G 317 -6.93 18.82 83.52
N GLY G 318 -7.61 17.69 83.44
CA GLY G 318 -8.71 17.44 84.36
C GLY G 318 -8.25 17.31 85.79
N GLU G 319 -7.14 16.61 86.03
CA GLU G 319 -6.65 16.46 87.39
C GLU G 319 -6.30 17.83 87.99
N ILE G 320 -5.61 18.66 87.21
CA ILE G 320 -5.21 19.97 87.71
C ILE G 320 -6.45 20.82 88.01
N ALA G 321 -7.42 20.82 87.09
CA ALA G 321 -8.61 21.63 87.31
C ALA G 321 -9.38 21.16 88.52
N GLU G 322 -9.52 19.83 88.69
CA GLU G 322 -10.24 19.30 89.83
C GLU G 322 -9.54 19.68 91.13
N ALA G 323 -8.21 19.55 91.16
CA ALA G 323 -7.48 19.97 92.35
C ALA G 323 -7.70 21.45 92.64
N THR G 324 -7.71 22.28 91.61
CA THR G 324 -7.96 23.70 91.80
C THR G 324 -9.34 23.92 92.43
N ILE G 325 -10.36 23.26 91.89
CA ILE G 325 -11.71 23.42 92.42
C ILE G 325 -11.77 22.95 93.86
N GLU G 326 -11.03 21.89 94.19
CA GLU G 326 -11.03 21.36 95.55
C GLU G 326 -10.30 22.27 96.52
N ALA G 327 -9.39 23.09 96.01
CA ALA G 327 -8.57 23.97 96.85
C ALA G 327 -9.32 25.20 97.34
N THR G 328 -10.63 25.34 97.14
CA THR G 328 -11.33 26.53 97.59
C THR G 328 -12.75 26.17 97.98
N ASP G 329 -13.35 27.03 98.80
CA ASP G 329 -14.74 26.86 99.25
C ASP G 329 -15.72 27.75 98.53
N ASP G 330 -15.27 28.70 97.73
CA ASP G 330 -16.15 29.70 97.13
C ASP G 330 -17.11 29.05 96.12
N PRO G 331 -18.43 29.17 96.30
CA PRO G 331 -19.34 28.61 95.30
C PRO G 331 -19.17 29.23 93.92
N GLU G 332 -19.24 30.56 93.82
CA GLU G 332 -19.10 31.21 92.53
C GLU G 332 -17.76 30.90 91.90
N LYS G 333 -16.71 30.82 92.73
CA LYS G 333 -15.40 30.44 92.22
C LYS G 333 -15.45 29.05 91.60
N ARG G 334 -16.09 28.11 92.30
CA ARG G 334 -16.17 26.74 91.77
C ARG G 334 -16.94 26.72 90.45
N ARG G 335 -18.06 27.44 90.37
CA ARG G 335 -18.81 27.49 89.12
C ARG G 335 -17.96 28.05 87.98
N LYS G 336 -17.26 29.15 88.23
CA LYS G 336 -16.41 29.73 87.20
C LYS G 336 -15.32 28.76 86.77
N ILE G 337 -14.64 28.15 87.76
CA ILE G 337 -13.59 27.19 87.46
C ILE G 337 -14.16 26.04 86.64
N ALA G 338 -15.38 25.60 86.97
CA ALA G 338 -15.98 24.50 86.24
C ALA G 338 -16.21 24.85 84.79
N GLU G 339 -16.71 26.07 84.52
CA GLU G 339 -16.91 26.44 83.13
C GLU G 339 -15.58 26.59 82.41
N PHE G 340 -14.54 27.09 83.10
CA PHE G 340 -13.22 27.16 82.49
C PHE G 340 -12.69 25.77 82.15
N ALA G 341 -12.88 24.82 83.06
CA ALA G 341 -12.44 23.45 82.81
C ALA G 341 -13.19 22.85 81.63
N ARG G 342 -14.48 23.13 81.52
CA ARG G 342 -15.26 22.65 80.39
C ARG G 342 -14.74 23.24 79.09
N GLU G 343 -14.40 24.53 79.09
CA GLU G 343 -13.79 25.13 77.91
C GLU G 343 -12.49 24.42 77.55
N LYS G 344 -11.68 24.12 78.55
CA LYS G 344 -10.42 23.42 78.30
C LYS G 344 -10.67 22.06 77.65
N MET G 345 -11.61 21.30 78.20
CA MET G 345 -11.90 19.98 77.67
C MET G 345 -12.39 20.07 76.23
N ARG G 346 -13.26 21.04 75.96
CA ARG G 346 -13.72 21.25 74.59
C ARG G 346 -12.54 21.52 73.67
N ARG G 347 -11.63 22.39 74.11
CA ARG G 347 -10.46 22.69 73.30
C ARG G 347 -9.68 21.42 73.01
N ILE G 348 -9.45 20.59 74.04
CA ILE G 348 -8.59 19.42 73.89
C ILE G 348 -9.19 18.46 72.88
N ARG G 349 -10.48 18.13 73.02
CA ARG G 349 -11.05 17.16 72.10
C ARG G 349 -11.23 17.73 70.70
N GLU G 350 -11.57 19.02 70.58
CA GLU G 350 -11.68 19.62 69.26
C GLU G 350 -10.35 19.57 68.54
N LEU G 351 -9.25 19.85 69.27
CA LEU G 351 -7.93 19.66 68.69
C LEU G 351 -7.68 18.20 68.34
N ALA G 352 -8.09 17.29 69.22
CA ALA G 352 -7.79 15.87 69.04
C ALA G 352 -8.33 15.34 67.72
N ARG G 353 -9.53 15.76 67.33
CA ARG G 353 -10.13 15.14 66.14
C ARG G 353 -9.22 15.23 64.92
N LYS G 354 -8.64 16.40 64.67
CA LYS G 354 -7.93 16.60 63.41
C LYS G 354 -6.65 15.79 63.32
N LEU G 355 -5.97 15.56 64.45
CA LEU G 355 -4.67 14.90 64.43
C LEU G 355 -4.77 13.38 64.28
N VAL G 356 -5.95 12.80 64.47
CA VAL G 356 -6.06 11.34 64.56
C VAL G 356 -5.92 10.70 63.18
N GLU G 357 -5.79 9.37 63.19
CA GLU G 357 -5.73 8.59 61.96
C GLU G 357 -6.55 7.31 62.04
N ASP G 358 -7.38 7.14 63.07
CA ASP G 358 -8.23 5.97 63.20
C ASP G 358 -9.51 6.38 63.93
N PRO G 359 -10.67 6.26 63.29
CA PRO G 359 -11.91 6.72 63.95
C PRO G 359 -12.14 6.09 65.31
N VAL G 360 -11.74 4.85 65.52
CA VAL G 360 -11.95 4.21 66.82
C VAL G 360 -11.17 4.94 67.90
N LEU G 361 -9.90 5.26 67.63
CA LEU G 361 -9.10 5.97 68.61
C LEU G 361 -9.67 7.36 68.85
N ALA G 362 -10.12 8.03 67.78
CA ALA G 362 -10.70 9.36 67.93
C ALA G 362 -11.93 9.31 68.83
N ALA G 363 -12.81 8.34 68.60
CA ALA G 363 -13.98 8.19 69.44
C ALA G 363 -13.59 7.93 70.88
N ALA G 364 -12.56 7.11 71.10
CA ALA G 364 -12.12 6.85 72.46
C ALA G 364 -11.67 8.13 73.15
N VAL G 365 -10.87 8.93 72.45
CA VAL G 365 -10.38 10.18 73.02
C VAL G 365 -11.54 11.10 73.35
N ALA G 366 -12.49 11.21 72.41
CA ALA G 366 -13.64 12.09 72.64
C ALA G 366 -14.46 11.63 73.83
N ALA G 367 -14.69 10.33 73.93
CA ALA G 367 -15.46 9.81 75.07
C ALA G 367 -14.77 10.14 76.38
N ARG G 368 -13.48 9.82 76.48
CA ARG G 368 -12.76 10.14 77.72
C ARG G 368 -12.88 11.62 78.03
N ALA G 369 -12.62 12.48 77.04
CA ALA G 369 -12.61 13.91 77.29
C ALA G 369 -13.95 14.39 77.82
N LEU G 370 -15.04 13.99 77.15
CA LEU G 370 -16.35 14.48 77.56
C LEU G 370 -16.75 13.93 78.92
N VAL G 371 -16.46 12.65 79.18
CA VAL G 371 -16.81 12.07 80.47
C VAL G 371 -16.09 12.80 81.59
N LEU G 372 -14.78 13.00 81.43
CA LEU G 372 -14.02 13.72 82.45
C LEU G 372 -14.53 15.14 82.62
N SER G 373 -14.86 15.82 81.52
CA SER G 373 -15.40 17.17 81.65
C SER G 373 -16.66 17.17 82.48
N ALA G 374 -17.58 16.25 82.19
CA ALA G 374 -18.84 16.19 82.91
C ALA G 374 -18.59 15.93 84.39
N ALA G 375 -17.70 14.98 84.70
CA ALA G 375 -17.42 14.66 86.10
C ALA G 375 -16.78 15.83 86.82
N VAL G 376 -15.81 16.48 86.18
CA VAL G 376 -15.14 17.61 86.80
C VAL G 376 -16.14 18.72 87.09
N PHE G 377 -17.10 18.93 86.19
CA PHE G 377 -18.11 19.94 86.47
C PHE G 377 -19.00 19.50 87.63
N ALA G 378 -19.51 18.27 87.57
CA ALA G 378 -20.41 17.80 88.62
C ALA G 378 -19.75 17.91 89.99
N LYS G 379 -18.42 17.80 90.03
CA LYS G 379 -17.72 18.00 91.29
C LYS G 379 -18.10 19.32 91.95
N ALA G 380 -18.34 20.35 91.14
CA ALA G 380 -18.47 21.71 91.68
C ALA G 380 -19.59 21.81 92.71
N TYR G 381 -20.70 21.12 92.50
CA TYR G 381 -21.83 21.27 93.41
C TYR G 381 -21.71 20.43 94.67
N GLY G 382 -20.67 19.60 94.79
CA GLY G 382 -20.37 18.94 96.04
C GLY G 382 -21.04 17.59 96.27
N GLY G 383 -21.54 16.95 95.22
CA GLY G 383 -22.10 15.62 95.35
C GLY G 383 -21.03 14.58 95.61
N PRO G 384 -21.43 13.42 96.11
CA PRO G 384 -20.45 12.36 96.41
C PRO G 384 -19.58 12.05 95.19
N GLU G 385 -18.27 11.95 95.42
CA GLU G 385 -17.34 11.70 94.33
C GLU G 385 -17.32 10.25 93.87
N GLU G 386 -17.77 9.31 94.72
CA GLU G 386 -17.65 7.90 94.38
C GLU G 386 -18.46 7.54 93.14
N TYR G 387 -19.67 8.09 93.03
CA TYR G 387 -20.51 7.80 91.87
C TYR G 387 -19.81 8.23 90.59
N SER G 388 -19.27 9.45 90.58
CA SER G 388 -18.55 9.93 89.42
C SER G 388 -17.32 9.09 89.15
N ARG G 389 -16.64 8.63 90.21
CA ARG G 389 -15.49 7.76 90.01
C ARG G 389 -15.88 6.48 89.29
N LEU G 390 -17.01 5.90 89.69
CA LEU G 390 -17.49 4.70 89.01
C LEU G 390 -17.83 4.99 87.55
N MET G 391 -18.39 6.16 87.27
CA MET G 391 -18.63 6.50 85.86
C MET G 391 -17.33 6.62 85.08
N ARG G 392 -16.31 7.24 85.68
CA ARG G 392 -15.00 7.28 85.03
C ARG G 392 -14.53 5.86 84.74
N ARG G 393 -14.68 4.97 85.73
CA ARG G 393 -14.25 3.59 85.56
C ARG G 393 -14.96 2.95 84.39
N TRP G 394 -16.27 3.17 84.26
CA TRP G 394 -17.02 2.60 83.15
C TRP G 394 -16.51 3.13 81.82
N VAL G 395 -16.31 4.44 81.71
CA VAL G 395 -15.82 4.99 80.44
C VAL G 395 -14.48 4.36 80.10
N GLU G 396 -13.60 4.24 81.10
CA GLU G 396 -12.28 3.67 80.85
C GLU G 396 -12.39 2.21 80.41
N LYS G 397 -13.29 1.45 81.04
CA LYS G 397 -13.47 0.06 80.65
C LYS G 397 -13.93 -0.05 79.21
N ALA G 398 -14.86 0.83 78.81
CA ALA G 398 -15.28 0.84 77.42
C ALA G 398 -14.11 1.13 76.50
N ALA G 399 -13.27 2.09 76.87
CA ALA G 399 -12.10 2.38 76.05
C ALA G 399 -11.18 1.16 75.95
N GLU G 400 -10.97 0.46 77.06
CA GLU G 400 -10.10 -0.72 77.03
C GLU G 400 -10.66 -1.78 76.11
N LEU G 401 -11.96 -2.04 76.21
CA LEU G 401 -12.59 -3.02 75.32
C LEU G 401 -12.44 -2.59 73.87
N ALA G 402 -12.62 -1.30 73.60
CA ALA G 402 -12.53 -0.82 72.22
C ALA G 402 -11.13 -1.00 71.67
N ARG G 403 -10.11 -0.67 72.45
CA ARG G 403 -8.75 -0.86 71.97
C ARG G 403 -8.45 -2.34 71.75
N ARG G 404 -8.91 -3.20 72.66
CA ARG G 404 -8.71 -4.63 72.46
C ARG G 404 -9.35 -5.11 71.16
N ALA G 405 -10.59 -4.69 70.92
CA ALA G 405 -11.27 -5.10 69.70
C ALA G 405 -10.59 -4.56 68.46
N ARG G 406 -10.10 -3.32 68.52
CA ARG G 406 -9.35 -2.77 67.39
C ARG G 406 -8.11 -3.61 67.12
N ARG G 407 -7.40 -4.00 68.18
CA ARG G 407 -6.29 -4.93 68.01
C ARG G 407 -6.75 -6.23 67.37
N LEU G 408 -7.97 -6.66 67.67
CA LEU G 408 -8.52 -7.86 67.04
C LEU G 408 -8.82 -7.66 65.56
N GLY G 409 -8.90 -6.42 65.08
CA GLY G 409 -9.15 -6.18 63.67
C GLY G 409 -10.59 -6.28 63.23
N ALA G 410 -11.54 -5.91 64.10
CA ALA G 410 -12.95 -6.03 63.77
C ALA G 410 -13.39 -4.84 62.90
N ASP G 411 -14.66 -4.90 62.48
CA ASP G 411 -15.25 -3.81 61.72
C ASP G 411 -15.31 -2.55 62.57
N GLU G 412 -14.90 -1.43 61.97
CA GLU G 412 -14.81 -0.18 62.73
C GLU G 412 -16.18 0.34 63.15
N SER G 413 -17.22 0.10 62.33
CA SER G 413 -18.50 0.78 62.53
C SER G 413 -19.10 0.41 63.88
N VAL G 414 -19.17 -0.90 64.17
CA VAL G 414 -19.83 -1.34 65.39
C VAL G 414 -19.06 -0.87 66.63
N LEU G 415 -17.73 -0.84 66.55
CA LEU G 415 -16.95 -0.36 67.69
C LEU G 415 -17.18 1.13 67.92
N VAL G 416 -17.22 1.92 66.86
CA VAL G 416 -17.49 3.34 67.01
C VAL G 416 -18.87 3.55 67.63
N ALA G 417 -19.85 2.77 67.17
CA ALA G 417 -21.19 2.87 67.73
C ALA G 417 -21.16 2.53 69.22
N ALA G 418 -20.42 1.48 69.59
CA ALA G 418 -20.33 1.11 71.00
C ALA G 418 -19.76 2.26 71.82
N LEU G 419 -18.66 2.83 71.38
CA LEU G 419 -18.01 3.88 72.15
C LEU G 419 -18.96 5.06 72.34
N MET G 420 -19.58 5.52 71.25
CA MET G 420 -20.44 6.69 71.37
C MET G 420 -21.66 6.40 72.24
N ARG G 421 -22.23 5.21 72.10
CA ARG G 421 -23.37 4.84 72.92
C ARG G 421 -23.02 4.93 74.40
N VAL G 422 -21.88 4.34 74.78
CA VAL G 422 -21.45 4.40 76.17
C VAL G 422 -21.30 5.85 76.61
N ALA G 423 -20.70 6.68 75.76
CA ALA G 423 -20.50 8.08 76.14
C ALA G 423 -21.83 8.77 76.40
N ALA G 424 -22.82 8.55 75.53
CA ALA G 424 -24.12 9.15 75.71
C ALA G 424 -24.72 8.74 77.05
N ILE G 425 -24.75 7.43 77.32
CA ILE G 425 -25.35 6.96 78.56
C ILE G 425 -24.64 7.58 79.75
N ALA G 426 -23.31 7.64 79.70
CA ALA G 426 -22.54 8.16 80.82
C ALA G 426 -22.87 9.62 81.08
N VAL G 427 -22.85 10.46 80.03
CA VAL G 427 -23.04 11.88 80.25
C VAL G 427 -24.44 12.16 80.75
N THR G 428 -25.45 11.51 80.16
CA THR G 428 -26.81 11.75 80.63
C THR G 428 -27.00 11.23 82.05
N ALA G 429 -26.36 10.12 82.42
CA ALA G 429 -26.46 9.65 83.79
C ALA G 429 -25.90 10.68 84.76
N ILE G 430 -24.69 11.18 84.48
CA ILE G 430 -24.08 12.16 85.38
C ILE G 430 -24.95 13.41 85.48
N ALA G 431 -25.44 13.88 84.34
CA ALA G 431 -26.26 15.09 84.35
C ALA G 431 -27.53 14.90 85.17
N MET G 432 -28.23 13.78 84.95
CA MET G 432 -29.45 13.53 85.70
C MET G 432 -29.17 13.46 87.19
N MET G 433 -28.08 12.78 87.56
CA MET G 433 -27.71 12.72 88.97
C MET G 433 -27.50 14.11 89.53
N THR G 434 -26.74 14.94 88.83
CA THR G 434 -26.50 16.29 89.31
C THR G 434 -27.81 17.05 89.48
N VAL G 435 -28.72 16.88 88.52
CA VAL G 435 -29.98 17.62 88.57
C VAL G 435 -30.78 17.21 89.79
N MET G 436 -30.95 15.92 90.01
CA MET G 436 -31.75 15.48 91.15
C MET G 436 -31.07 15.84 92.46
N GLY G 437 -29.73 15.82 92.50
CA GLY G 437 -29.03 16.26 93.68
C GLY G 437 -29.31 17.73 93.98
N VAL G 438 -29.32 18.57 92.95
CA VAL G 438 -29.60 19.98 93.16
C VAL G 438 -30.98 20.17 93.75
N GLN G 439 -31.95 19.37 93.33
CA GLN G 439 -33.29 19.46 93.88
C GLN G 439 -33.37 19.00 95.33
N ASN G 440 -32.27 18.49 95.90
CA ASN G 440 -32.24 18.10 97.31
C ASN G 440 -33.13 16.88 97.55
N ALA G 441 -33.06 15.91 96.64
CA ALA G 441 -33.83 14.68 96.77
C ALA G 441 -33.18 13.75 97.80
N PRO G 442 -33.95 12.82 98.35
CA PRO G 442 -33.38 11.86 99.31
C PRO G 442 -32.55 10.82 98.60
N PRO G 443 -31.63 10.16 99.32
CA PRO G 443 -30.80 9.14 98.66
C PRO G 443 -31.60 7.96 98.13
N GLU G 444 -32.73 7.64 98.75
CA GLU G 444 -33.56 6.56 98.21
C GLU G 444 -33.98 6.86 96.78
N GLU G 445 -34.09 8.14 96.43
CA GLU G 445 -34.38 8.52 95.06
C GLU G 445 -33.11 8.53 94.21
N ARG G 446 -32.05 9.15 94.73
CA ARG G 446 -30.83 9.35 93.94
C ARG G 446 -30.21 8.02 93.52
N GLU G 447 -30.18 7.04 94.44
CA GLU G 447 -29.50 5.78 94.14
C GLU G 447 -30.06 5.12 92.88
N ARG G 448 -31.35 5.30 92.61
CA ARG G 448 -31.99 4.58 91.52
C ARG G 448 -31.28 4.86 90.19
N ILE G 449 -30.82 6.10 90.00
CA ILE G 449 -30.16 6.45 88.74
C ILE G 449 -28.97 5.54 88.50
N LEU G 450 -28.15 5.33 89.54
CA LEU G 450 -26.92 4.57 89.34
C LEU G 450 -27.23 3.15 88.93
N ALA G 451 -28.22 2.53 89.56
CA ALA G 451 -28.64 1.20 89.12
C ALA G 451 -29.06 1.24 87.66
N GLU G 452 -29.89 2.20 87.29
CA GLU G 452 -30.37 2.30 85.91
C GLU G 452 -29.19 2.47 84.95
N ALA G 453 -28.31 3.42 85.25
CA ALA G 453 -27.20 3.70 84.33
C ALA G 453 -26.32 2.48 84.16
N THR G 454 -25.90 1.86 85.26
CA THR G 454 -24.96 0.76 85.18
C THR G 454 -25.55 -0.42 84.42
N GLU G 455 -26.85 -0.65 84.56
CA GLU G 455 -27.49 -1.73 83.79
C GLU G 455 -27.35 -1.46 82.29
N MET G 456 -27.77 -0.28 81.83
CA MET G 456 -27.73 0.01 80.41
C MET G 456 -26.30 0.01 79.88
N ILE G 457 -25.38 0.62 80.63
CA ILE G 457 -23.98 0.63 80.21
C ILE G 457 -23.49 -0.79 80.03
N ALA G 458 -23.82 -1.66 81.00
CA ALA G 458 -23.46 -3.06 80.88
C ALA G 458 -24.10 -3.68 79.64
N ARG G 459 -25.38 -3.41 79.43
CA ARG G 459 -26.09 -4.01 78.30
C ARG G 459 -25.43 -3.63 76.98
N VAL G 460 -25.19 -2.34 76.76
CA VAL G 460 -24.66 -1.91 75.47
C VAL G 460 -23.26 -2.45 75.26
N LEU G 461 -22.44 -2.46 76.31
CA LEU G 461 -21.10 -3.04 76.18
C LEU G 461 -21.20 -4.52 75.85
N ALA G 462 -22.07 -5.24 76.55
CA ALA G 462 -22.21 -6.67 76.28
C ALA G 462 -22.75 -6.91 74.88
N GLU G 463 -23.76 -6.15 74.48
CA GLU G 463 -24.33 -6.33 73.15
C GLU G 463 -23.28 -6.12 72.07
N ALA G 464 -22.42 -5.13 72.23
CA ALA G 464 -21.36 -4.89 71.26
C ALA G 464 -20.44 -6.09 71.16
N THR G 465 -20.03 -6.64 72.31
CA THR G 465 -19.10 -7.77 72.30
C THR G 465 -19.66 -8.92 71.48
N ARG G 466 -20.92 -9.28 71.71
CA ARG G 466 -21.55 -10.35 70.95
C ARG G 466 -21.56 -10.03 69.47
N ARG G 467 -21.91 -8.78 69.12
CA ARG G 467 -21.99 -8.40 67.72
C ARG G 467 -20.64 -8.50 67.03
N VAL G 468 -19.57 -8.04 67.70
CA VAL G 468 -18.25 -8.11 67.10
C VAL G 468 -17.79 -9.56 66.99
N MET G 469 -17.97 -10.33 68.06
CA MET G 469 -17.51 -11.71 68.08
C MET G 469 -18.18 -12.55 67.00
N LYS G 470 -19.36 -12.14 66.54
CA LYS G 470 -20.07 -12.92 65.53
C LYS G 470 -19.29 -13.10 64.25
N ARG G 471 -18.25 -12.29 64.03
CA ARG G 471 -17.45 -12.37 62.82
C ARG G 471 -15.96 -12.45 63.14
N LEU G 472 -15.60 -12.86 64.36
CA LEU G 472 -14.20 -12.92 64.74
C LEU G 472 -13.42 -13.91 63.88
N GLU G 473 -14.04 -15.03 63.50
CA GLU G 473 -13.44 -15.99 62.58
C GLU G 473 -12.14 -16.59 63.12
N ASP G 474 -11.97 -16.59 64.44
CA ASP G 474 -10.77 -17.15 65.06
C ASP G 474 -11.15 -17.64 66.45
N PRO G 475 -11.37 -18.95 66.63
CA PRO G 475 -11.91 -19.43 67.91
C PRO G 475 -11.14 -18.98 69.14
N GLU G 476 -9.81 -19.10 69.13
CA GLU G 476 -9.05 -18.73 70.32
C GLU G 476 -9.19 -17.26 70.64
N ALA G 477 -9.09 -16.40 69.63
CA ALA G 477 -9.26 -14.97 69.86
C ALA G 477 -10.67 -14.66 70.34
N ALA G 478 -11.67 -15.34 69.80
CA ALA G 478 -13.04 -15.13 70.25
C ALA G 478 -13.18 -15.50 71.73
N ALA G 479 -12.58 -16.63 72.13
CA ALA G 479 -12.62 -17.01 73.54
C ALA G 479 -11.93 -15.96 74.40
N GLU G 480 -10.80 -15.43 73.92
CA GLU G 480 -10.10 -14.39 74.67
C GLU G 480 -11.00 -13.19 74.88
N LEU G 481 -11.67 -12.74 73.82
CA LEU G 481 -12.56 -11.59 73.93
C LEU G 481 -13.68 -11.86 74.92
N ALA G 482 -14.29 -13.05 74.83
CA ALA G 482 -15.38 -13.40 75.72
C ALA G 482 -14.93 -13.35 77.17
N LEU G 483 -13.80 -14.01 77.48
CA LEU G 483 -13.33 -14.04 78.84
C LEU G 483 -13.00 -12.64 79.35
N ALA G 484 -12.34 -11.83 78.52
CA ALA G 484 -11.96 -10.50 78.95
C ALA G 484 -13.19 -9.67 79.30
N THR G 485 -14.17 -9.63 78.38
CA THR G 485 -15.34 -8.81 78.63
C THR G 485 -16.13 -9.33 79.82
N ILE G 486 -16.23 -10.65 79.99
CA ILE G 486 -16.95 -11.19 81.13
C ILE G 486 -16.29 -10.75 82.43
N GLU G 487 -14.96 -10.84 82.50
CA GLU G 487 -14.26 -10.42 83.71
C GLU G 487 -14.51 -8.94 83.98
N ALA G 488 -14.36 -8.11 82.95
CA ALA G 488 -14.55 -6.68 83.13
C ALA G 488 -15.95 -6.38 83.68
N ILE G 489 -16.97 -6.98 83.07
CA ILE G 489 -18.33 -6.63 83.46
C ILE G 489 -18.61 -7.11 84.87
N THR G 490 -18.08 -8.29 85.23
CA THR G 490 -18.24 -8.77 86.59
C THR G 490 -17.61 -7.80 87.59
N GLU G 491 -16.42 -7.29 87.27
CA GLU G 491 -15.79 -6.32 88.18
C GLU G 491 -16.65 -5.08 88.31
N LEU G 492 -17.21 -4.60 87.20
CA LEU G 492 -18.03 -3.40 87.26
C LEU G 492 -19.24 -3.59 88.15
N PHE G 493 -19.96 -4.71 87.97
CA PHE G 493 -21.09 -4.94 88.86
C PHE G 493 -20.68 -5.14 90.29
N VAL G 494 -19.52 -5.77 90.54
CA VAL G 494 -19.07 -5.91 91.92
C VAL G 494 -18.95 -4.54 92.56
N ASP G 495 -18.31 -3.60 91.86
CA ASP G 495 -18.17 -2.25 92.40
C ASP G 495 -19.54 -1.61 92.64
N ALA G 496 -20.42 -1.69 91.64
CA ALA G 496 -21.72 -1.05 91.78
C ALA G 496 -22.48 -1.60 92.97
N LEU G 497 -22.55 -2.93 93.09
CA LEU G 497 -23.24 -3.55 94.21
C LEU G 497 -22.59 -3.15 95.53
N GLU G 498 -21.27 -2.94 95.55
CA GLU G 498 -20.65 -2.46 96.76
C GLU G 498 -21.15 -1.06 97.13
N ILE G 499 -21.25 -0.17 96.14
CA ILE G 499 -21.58 1.22 96.46
C ILE G 499 -23.04 1.36 96.90
N ILE G 500 -23.96 0.76 96.15
CA ILE G 500 -25.38 1.08 96.31
C ILE G 500 -25.88 0.60 97.66
N ARG G 501 -26.81 1.36 98.25
CA ARG G 501 -27.21 1.18 99.64
C ARG G 501 -28.73 1.27 99.80
N SER G 502 -29.46 0.47 99.03
CA SER G 502 -30.91 0.41 99.18
C SER G 502 -31.40 -1.00 98.85
N GLY G 503 -32.52 -1.38 99.48
CA GLY G 503 -33.04 -2.72 99.31
C GLY G 503 -33.63 -2.97 97.93
N GLU G 504 -34.69 -2.24 97.59
CA GLU G 504 -35.35 -2.46 96.31
C GLU G 504 -34.38 -2.26 95.15
N VAL G 505 -33.47 -1.30 95.29
CA VAL G 505 -32.47 -1.07 94.24
C VAL G 505 -31.55 -2.27 94.12
N ALA G 506 -31.11 -2.84 95.25
CA ALA G 506 -30.20 -3.97 95.19
C ALA G 506 -30.85 -5.17 94.52
N SER G 507 -32.11 -5.44 94.84
CA SER G 507 -32.81 -6.55 94.21
C SER G 507 -32.81 -6.38 92.70
N ARG G 508 -33.18 -5.20 92.22
CA ARG G 508 -33.14 -4.93 90.79
C ARG G 508 -31.74 -5.17 90.22
N LEU G 509 -30.72 -4.63 90.90
CA LEU G 509 -29.37 -4.70 90.36
C LEU G 509 -28.91 -6.14 90.20
N ALA G 510 -29.12 -6.97 91.21
CA ALA G 510 -28.69 -8.36 91.11
C ALA G 510 -29.43 -9.08 90.00
N LYS G 511 -30.75 -8.91 89.95
CA LYS G 511 -31.55 -9.59 88.93
C LYS G 511 -31.08 -9.20 87.54
N SER G 512 -30.85 -7.91 87.31
CA SER G 512 -30.40 -7.46 86.00
C SER G 512 -29.02 -8.01 85.67
N GLY G 513 -28.10 -7.93 86.64
CA GLY G 513 -26.72 -8.32 86.36
C GLY G 513 -26.60 -9.78 85.99
N ILE G 514 -27.30 -10.64 86.74
CA ILE G 514 -27.15 -12.08 86.54
C ILE G 514 -27.46 -12.45 85.09
N GLU G 515 -28.60 -11.96 84.59
CA GLU G 515 -29.01 -12.33 83.23
C GLU G 515 -28.00 -11.87 82.20
N VAL G 516 -27.47 -10.65 82.36
CA VAL G 516 -26.56 -10.10 81.36
C VAL G 516 -25.34 -11.00 81.21
N ILE G 517 -24.71 -11.36 82.32
CA ILE G 517 -23.50 -12.17 82.25
C ILE G 517 -23.82 -13.57 81.76
N ALA G 518 -24.93 -14.13 82.21
CA ALA G 518 -25.32 -15.45 81.73
C ALA G 518 -25.50 -15.44 80.21
N GLU G 519 -26.27 -14.47 79.71
CA GLU G 519 -26.52 -14.41 78.28
C GLU G 519 -25.23 -14.23 77.50
N LEU G 520 -24.34 -13.35 77.96
CA LEU G 520 -23.06 -13.18 77.28
C LEU G 520 -22.27 -14.47 77.29
N ALA G 521 -22.29 -15.19 78.41
CA ALA G 521 -21.60 -16.47 78.47
C ALA G 521 -22.19 -17.45 77.47
N GLU G 522 -23.51 -17.53 77.40
CA GLU G 522 -24.16 -18.41 76.43
C GLU G 522 -23.73 -18.07 75.02
N ALA G 523 -23.70 -16.77 74.68
CA ALA G 523 -23.30 -16.37 73.35
C ALA G 523 -21.90 -16.87 73.03
N ALA G 524 -20.97 -16.75 73.98
CA ALA G 524 -19.62 -17.25 73.75
C ALA G 524 -19.62 -18.77 73.57
N ILE G 525 -20.37 -19.47 74.41
CA ILE G 525 -20.42 -20.93 74.32
C ILE G 525 -20.92 -21.36 72.95
N GLU G 526 -21.74 -20.54 72.30
CA GLU G 526 -22.31 -20.93 71.02
C GLU G 526 -21.23 -21.26 69.99
N HIS G 527 -20.06 -20.65 70.10
CA HIS G 527 -19.04 -20.81 69.09
C HIS G 527 -18.11 -21.99 69.41
N ILE G 528 -17.34 -22.40 68.40
CA ILE G 528 -16.51 -23.58 68.53
C ILE G 528 -15.42 -23.36 69.58
N ASP G 529 -14.85 -24.47 70.05
CA ASP G 529 -13.76 -24.39 71.01
C ASP G 529 -13.14 -25.77 71.18
N ASP G 530 -11.88 -25.79 71.61
CA ASP G 530 -11.26 -27.00 72.11
C ASP G 530 -11.71 -27.25 73.56
N PRO G 531 -11.62 -28.50 74.03
CA PRO G 531 -12.19 -28.80 75.36
C PRO G 531 -11.71 -27.88 76.46
N GLU G 532 -10.41 -27.59 76.52
CA GLU G 532 -9.91 -26.72 77.57
C GLU G 532 -10.51 -25.31 77.46
N GLN G 533 -10.66 -24.81 76.24
CA GLN G 533 -11.26 -23.50 76.06
C GLN G 533 -12.70 -23.48 76.57
N LEU G 534 -13.47 -24.53 76.27
CA LEU G 534 -14.81 -24.64 76.81
C LEU G 534 -14.76 -24.75 78.34
N LYS G 535 -13.85 -25.57 78.86
CA LYS G 535 -13.77 -25.75 80.30
C LYS G 535 -13.44 -24.45 81.01
N LYS G 536 -12.51 -23.67 80.46
CA LYS G 536 -12.20 -22.38 81.06
C LYS G 536 -13.40 -21.46 81.05
N ILE G 537 -14.15 -21.45 79.94
CA ILE G 537 -15.32 -20.57 79.84
C ILE G 537 -16.34 -20.93 80.92
N VAL G 538 -16.58 -22.23 81.11
CA VAL G 538 -17.57 -22.65 82.10
C VAL G 538 -17.13 -22.23 83.49
N LYS G 539 -15.86 -22.45 83.82
CA LYS G 539 -15.37 -22.06 85.15
C LYS G 539 -15.47 -20.56 85.36
N LYS G 540 -15.12 -19.78 84.33
CA LYS G 540 -15.17 -18.33 84.48
C LYS G 540 -16.59 -17.85 84.79
N ALA G 541 -17.57 -18.33 84.02
CA ALA G 541 -18.94 -17.91 84.26
C ALA G 541 -19.40 -18.31 85.66
N ALA G 542 -19.08 -19.53 86.08
CA ALA G 542 -19.49 -19.97 87.41
C ALA G 542 -18.93 -19.05 88.48
N GLU G 543 -17.66 -18.66 88.35
CA GLU G 543 -17.07 -17.75 89.33
C GLU G 543 -17.82 -16.43 89.36
N ALA G 544 -18.16 -15.90 88.20
CA ALA G 544 -18.84 -14.60 88.15
C ALA G 544 -20.16 -14.64 88.89
N ILE G 545 -21.03 -15.60 88.56
CA ILE G 545 -22.37 -15.61 89.12
C ILE G 545 -22.31 -15.88 90.62
N LYS G 546 -21.34 -16.68 91.06
CA LYS G 546 -21.13 -16.85 92.48
C LYS G 546 -20.70 -15.54 93.12
N LYS G 547 -19.80 -14.80 92.45
CA LYS G 547 -19.26 -13.59 93.04
C LYS G 547 -20.35 -12.54 93.25
N ILE G 548 -21.24 -12.38 92.28
CA ILE G 548 -22.32 -11.41 92.41
C ILE G 548 -23.25 -11.81 93.55
N VAL G 549 -23.63 -13.09 93.60
CA VAL G 549 -24.56 -13.54 94.64
C VAL G 549 -23.94 -13.35 96.01
N GLU G 550 -22.68 -13.74 96.18
CA GLU G 550 -22.01 -13.55 97.46
C GLU G 550 -22.01 -12.09 97.87
N GLU G 551 -21.86 -11.18 96.90
CA GLU G 551 -21.86 -9.76 97.21
C GLU G 551 -23.19 -9.33 97.80
N LEU G 552 -24.29 -9.79 97.20
CA LEU G 552 -25.61 -9.41 97.70
C LEU G 552 -25.82 -9.92 99.12
N ILE G 553 -25.19 -11.05 99.46
CA ILE G 553 -25.37 -11.64 100.79
C ILE G 553 -25.03 -10.63 101.88
N LYS G 554 -24.09 -9.72 101.60
CA LYS G 554 -23.66 -8.75 102.58
C LYS G 554 -24.72 -7.70 102.88
N LYS G 555 -25.78 -7.62 102.09
CA LYS G 555 -26.68 -6.48 102.09
C LYS G 555 -27.98 -6.83 102.80
N ASP G 556 -28.48 -5.89 103.62
CA ASP G 556 -29.78 -6.05 104.24
C ASP G 556 -30.86 -5.87 103.18
N VAL G 557 -31.67 -6.92 102.98
CA VAL G 557 -32.71 -6.91 101.96
C VAL G 557 -33.80 -7.88 102.37
N GLU G 558 -35.00 -7.67 101.83
CA GLU G 558 -36.14 -8.52 102.18
C GLU G 558 -35.84 -9.98 101.87
N ASP G 559 -36.28 -10.86 102.77
CA ASP G 559 -35.95 -12.27 102.64
C ASP G 559 -36.50 -12.86 101.35
N GLU G 560 -37.74 -12.51 100.99
CA GLU G 560 -38.35 -13.07 99.78
C GLU G 560 -37.54 -12.73 98.54
N LEU G 561 -37.12 -11.46 98.43
CA LEU G 561 -36.32 -11.05 97.28
C LEU G 561 -34.97 -11.77 97.29
N LEU G 562 -34.36 -11.95 98.46
CA LEU G 562 -33.08 -12.64 98.54
C LEU G 562 -33.19 -14.06 98.01
N ALA G 563 -34.23 -14.77 98.42
CA ALA G 563 -34.44 -16.12 97.92
C ALA G 563 -34.65 -16.11 96.41
N GLU G 564 -35.57 -15.27 95.94
CA GLU G 564 -35.83 -15.18 94.51
C GLU G 564 -34.55 -14.84 93.74
N VAL G 565 -33.72 -13.97 94.31
CA VAL G 565 -32.51 -13.56 93.63
C VAL G 565 -31.57 -14.76 93.44
N THR G 566 -31.32 -15.50 94.53
CA THR G 566 -30.37 -16.60 94.45
C THR G 566 -30.95 -17.81 93.72
N SER G 567 -32.27 -18.00 93.81
CA SER G 567 -32.91 -19.02 92.99
C SER G 567 -32.77 -18.67 91.52
N GLU G 568 -33.01 -17.40 91.17
CA GLU G 568 -32.88 -16.97 89.79
C GLU G 568 -31.45 -17.15 89.30
N GLY G 569 -30.47 -16.81 90.13
CA GLY G 569 -29.09 -16.97 89.71
C GLY G 569 -28.71 -18.42 89.46
N ASN G 570 -29.10 -19.31 90.38
CA ASN G 570 -28.75 -20.72 90.24
C ASN G 570 -29.32 -21.28 88.95
N ARG G 571 -30.58 -21.00 88.66
CA ARG G 571 -31.22 -21.53 87.46
C ARG G 571 -30.44 -21.15 86.22
N LYS G 572 -29.93 -19.91 86.16
CA LYS G 572 -29.15 -19.49 85.00
C LYS G 572 -27.85 -20.27 84.90
N LEU G 573 -27.23 -20.59 86.04
CA LEU G 573 -26.03 -21.41 85.98
C LEU G 573 -26.36 -22.78 85.41
N SER G 574 -27.52 -23.33 85.78
CA SER G 574 -27.92 -24.62 85.25
C SER G 574 -27.91 -24.62 83.73
N ARG G 575 -28.56 -23.61 83.13
CA ARG G 575 -28.70 -23.58 81.68
C ARG G 575 -27.35 -23.56 81.00
N ILE G 576 -26.46 -22.65 81.39
CA ILE G 576 -25.19 -22.51 80.69
C ILE G 576 -24.37 -23.78 80.84
N THR G 577 -24.33 -24.35 82.04
CA THR G 577 -23.60 -25.61 82.21
C THR G 577 -24.23 -26.73 81.41
N SER G 578 -25.55 -26.72 81.28
CA SER G 578 -26.21 -27.71 80.42
C SER G 578 -25.82 -27.50 78.97
N LYS G 579 -25.87 -26.24 78.49
CA LYS G 579 -25.55 -25.98 77.10
C LYS G 579 -24.10 -26.32 76.78
N ALA G 580 -23.19 -26.00 77.70
CA ALA G 580 -21.79 -26.35 77.48
C ALA G 580 -21.62 -27.87 77.39
N LEU G 581 -22.21 -28.59 78.35
CA LEU G 581 -22.06 -30.05 78.36
C LEU G 581 -22.54 -30.68 77.06
N THR G 582 -23.49 -30.04 76.39
CA THR G 582 -24.04 -30.61 75.15
C THR G 582 -22.99 -30.75 74.06
N LYS G 583 -21.86 -30.05 74.16
CA LYS G 583 -20.84 -30.09 73.13
C LYS G 583 -19.56 -30.76 73.62
N ILE G 584 -19.60 -31.39 74.80
CA ILE G 584 -18.40 -32.00 75.36
C ILE G 584 -17.91 -33.10 74.43
N LYS G 585 -16.59 -33.18 74.26
CA LYS G 585 -16.00 -34.12 73.32
C LYS G 585 -15.63 -35.47 73.94
N ASP G 586 -15.39 -35.52 75.25
CA ASP G 586 -14.85 -36.72 75.87
C ASP G 586 -15.37 -36.83 77.29
N GLU G 587 -15.29 -38.06 77.82
CA GLU G 587 -15.88 -38.33 79.13
C GLU G 587 -15.20 -37.54 80.25
N LYS G 588 -13.88 -37.37 80.18
CA LYS G 588 -13.17 -36.73 81.28
C LYS G 588 -13.73 -35.35 81.57
N ALA G 589 -13.85 -34.51 80.55
CA ALA G 589 -14.47 -33.21 80.74
C ALA G 589 -15.94 -33.34 81.12
N ALA G 590 -16.66 -34.27 80.49
CA ALA G 590 -18.08 -34.41 80.77
C ALA G 590 -18.32 -34.71 82.25
N ALA G 591 -17.52 -35.61 82.82
CA ALA G 591 -17.66 -35.90 84.25
C ALA G 591 -17.20 -34.72 85.09
N GLU G 592 -16.04 -34.14 84.75
CA GLU G 592 -15.48 -33.06 85.57
C GLU G 592 -16.45 -31.89 85.68
N LEU G 593 -16.93 -31.39 84.54
CA LEU G 593 -17.84 -30.25 84.57
C LEU G 593 -19.13 -30.60 85.28
N THR G 594 -19.67 -31.80 85.01
CA THR G 594 -20.93 -32.20 85.65
C THR G 594 -20.79 -32.19 87.16
N ILE G 595 -19.69 -32.75 87.68
CA ILE G 595 -19.48 -32.74 89.12
C ILE G 595 -19.33 -31.32 89.63
N GLU G 596 -18.49 -30.51 88.97
CA GLU G 596 -18.18 -29.18 89.46
C GLU G 596 -19.45 -28.34 89.61
N ALA G 597 -20.26 -28.26 88.55
CA ALA G 597 -21.48 -27.47 88.62
C ALA G 597 -22.41 -27.99 89.70
N ILE G 598 -22.53 -29.31 89.82
CA ILE G 598 -23.40 -29.88 90.83
C ILE G 598 -22.98 -29.41 92.22
N GLU G 599 -21.69 -29.45 92.51
CA GLU G 599 -21.20 -28.92 93.78
C GLU G 599 -21.42 -27.41 93.88
N ALA G 600 -21.14 -26.68 92.80
CA ALA G 600 -21.23 -25.23 92.85
C ALA G 600 -22.64 -24.77 93.20
N ILE G 601 -23.65 -25.34 92.54
CA ILE G 601 -25.03 -24.92 92.80
C ILE G 601 -25.39 -25.23 94.24
N THR G 602 -24.99 -26.40 94.73
CA THR G 602 -25.25 -26.73 96.13
C THR G 602 -24.56 -25.74 97.06
N GLU G 603 -23.33 -25.37 96.76
CA GLU G 603 -22.61 -24.43 97.60
C GLU G 603 -23.32 -23.08 97.66
N ASN G 604 -23.80 -22.58 96.52
CA ASN G 604 -24.48 -21.29 96.52
C ASN G 604 -25.69 -21.32 97.43
N PHE G 605 -26.53 -22.34 97.31
CA PHE G 605 -27.70 -22.46 98.18
C PHE G 605 -27.31 -22.53 99.65
N LEU G 606 -26.17 -23.12 99.97
CA LEU G 606 -25.76 -23.21 101.36
C LEU G 606 -25.64 -21.82 101.99
N LEU G 607 -25.19 -20.83 101.24
CA LEU G 607 -25.02 -19.49 101.79
C LEU G 607 -26.38 -18.86 102.10
N ALA G 608 -27.33 -18.94 101.18
CA ALA G 608 -28.64 -18.35 101.42
C ALA G 608 -29.37 -19.10 102.53
N LEU G 609 -29.27 -20.43 102.54
CA LEU G 609 -29.85 -21.20 103.63
C LEU G 609 -29.25 -20.82 104.98
N GLU G 610 -28.03 -20.32 104.98
CA GLU G 610 -27.37 -19.88 106.20
C GLU G 610 -27.79 -18.49 106.65
N ARG G 611 -28.67 -17.82 105.90
CA ARG G 611 -29.08 -16.47 106.25
C ARG G 611 -30.56 -16.20 106.08
N ILE G 612 -31.38 -17.21 105.74
CA ILE G 612 -32.80 -16.99 105.51
C ILE G 612 -33.48 -16.55 106.80
N LYS G 613 -34.55 -15.76 106.65
CA LYS G 613 -35.20 -15.13 107.79
C LYS G 613 -36.41 -15.90 108.32
N ASP G 614 -37.07 -16.71 107.50
CA ASP G 614 -38.34 -17.31 107.89
C ASP G 614 -38.41 -18.74 107.37
N GLY G 615 -39.21 -19.56 108.06
CA GLY G 615 -39.29 -20.97 107.70
C GLY G 615 -39.90 -21.20 106.33
N GLU G 616 -41.05 -20.58 106.07
CA GLU G 616 -41.74 -20.84 104.80
C GLU G 616 -40.87 -20.46 103.62
N VAL G 617 -40.21 -19.30 103.70
CA VAL G 617 -39.33 -18.88 102.61
C VAL G 617 -38.16 -19.87 102.46
N ALA G 618 -37.56 -20.28 103.58
CA ALA G 618 -36.44 -21.20 103.50
C ALA G 618 -36.87 -22.53 102.89
N ALA G 619 -38.04 -23.03 103.26
CA ALA G 619 -38.52 -24.28 102.70
C ALA G 619 -38.71 -24.17 101.19
N LYS G 620 -39.43 -23.14 100.74
CA LYS G 620 -39.70 -22.98 99.32
C LYS G 620 -38.41 -22.99 98.51
N LEU G 621 -37.41 -22.22 98.96
CA LEU G 621 -36.13 -22.22 98.27
C LEU G 621 -35.45 -23.59 98.38
N ALA G 622 -35.55 -24.23 99.54
CA ALA G 622 -34.88 -25.51 99.74
C ALA G 622 -35.47 -26.59 98.84
N GLU G 623 -36.80 -26.67 98.76
CA GLU G 623 -37.42 -27.65 97.88
C GLU G 623 -36.98 -27.42 96.44
N ASP G 624 -37.07 -26.17 95.97
CA ASP G 624 -36.65 -25.86 94.62
C ASP G 624 -35.17 -26.16 94.38
N GLY G 625 -34.38 -26.22 95.45
CA GLY G 625 -32.98 -26.60 95.29
C GLY G 625 -32.82 -28.03 94.83
N LEU G 626 -33.57 -28.95 95.43
CA LEU G 626 -33.50 -30.35 95.00
C LEU G 626 -33.86 -30.49 93.54
N LEU G 627 -35.01 -29.95 93.14
CA LEU G 627 -35.39 -30.03 91.73
C LEU G 627 -34.37 -29.32 90.85
N GLU G 628 -33.74 -28.26 91.36
CA GLU G 628 -32.75 -27.55 90.56
C GLU G 628 -31.58 -28.46 90.21
N ILE G 629 -31.04 -29.18 91.19
CA ILE G 629 -29.92 -30.07 90.92
C ILE G 629 -30.38 -31.28 90.12
N TYR G 630 -31.62 -31.71 90.31
CA TYR G 630 -32.11 -32.90 89.62
C TYR G 630 -32.04 -32.74 88.11
N ARG G 631 -32.48 -31.60 87.60
CA ARG G 631 -32.50 -31.42 86.16
C ARG G 631 -31.10 -31.52 85.58
N LEU G 632 -30.12 -30.95 86.28
CA LEU G 632 -28.74 -31.03 85.82
C LEU G 632 -28.19 -32.44 85.97
N ALA G 633 -28.55 -33.13 87.07
CA ALA G 633 -28.04 -34.47 87.29
C ALA G 633 -28.43 -35.41 86.16
N VAL G 634 -29.74 -35.48 85.85
CA VAL G 634 -30.18 -36.33 84.75
C VAL G 634 -29.63 -35.83 83.43
N SER G 635 -29.63 -34.51 83.22
CA SER G 635 -29.17 -33.97 81.95
C SER G 635 -27.76 -34.45 81.65
N GLY G 636 -26.90 -34.47 82.66
CA GLY G 636 -25.59 -35.08 82.48
C GLY G 636 -25.68 -36.57 82.27
N ILE G 637 -26.54 -37.24 83.05
CA ILE G 637 -26.57 -38.70 83.05
C ILE G 637 -26.84 -39.23 81.66
N GLU G 638 -27.76 -38.62 80.93
CA GLU G 638 -28.19 -39.16 79.66
C GLU G 638 -27.14 -38.98 78.56
N HIS G 639 -26.25 -38.01 78.70
CA HIS G 639 -25.14 -37.86 77.76
C HIS G 639 -23.93 -38.70 78.13
N ILE G 640 -23.78 -39.09 79.40
CA ILE G 640 -22.66 -39.92 79.80
C ILE G 640 -22.81 -41.31 79.18
N ASP G 641 -21.67 -42.00 78.99
CA ASP G 641 -21.70 -43.28 78.31
C ASP G 641 -20.80 -44.35 78.92
N ASN G 642 -20.28 -44.18 80.14
CA ASN G 642 -19.35 -45.14 80.69
C ASN G 642 -19.68 -45.43 82.16
N PRO G 643 -19.55 -46.69 82.59
CA PRO G 643 -19.85 -47.01 83.99
C PRO G 643 -19.03 -46.22 84.99
N GLU G 644 -17.75 -45.98 84.69
CA GLU G 644 -16.91 -45.24 85.63
C GLU G 644 -17.44 -43.82 85.84
N GLU G 645 -17.81 -43.15 84.75
CA GLU G 645 -18.47 -41.86 84.88
C GLU G 645 -19.81 -42.01 85.59
N LEU G 646 -20.55 -43.06 85.27
CA LEU G 646 -21.84 -43.28 85.91
C LEU G 646 -21.71 -43.36 87.42
N GLU G 647 -20.70 -44.09 87.91
CA GLU G 647 -20.48 -44.17 89.34
C GLU G 647 -20.17 -42.80 89.93
N LYS G 648 -19.31 -42.04 89.26
CA LYS G 648 -18.94 -40.73 89.78
C LYS G 648 -20.15 -39.82 89.94
N ILE G 649 -20.95 -39.69 88.88
CA ILE G 649 -22.08 -38.78 88.95
C ILE G 649 -23.11 -39.28 89.95
N VAL G 650 -23.28 -40.60 90.05
CA VAL G 650 -24.18 -41.15 91.06
C VAL G 650 -23.66 -40.81 92.45
N LYS G 651 -22.36 -41.00 92.67
CA LYS G 651 -21.79 -40.73 93.99
C LYS G 651 -21.90 -39.25 94.35
N LYS G 652 -21.57 -38.37 93.41
CA LYS G 652 -21.66 -36.94 93.69
C LYS G 652 -23.11 -36.53 93.94
N THR G 653 -24.05 -37.06 93.16
CA THR G 653 -25.44 -36.70 93.36
C THR G 653 -25.92 -37.09 94.76
N GLU G 654 -25.55 -38.29 95.21
CA GLU G 654 -25.94 -38.72 96.55
C GLU G 654 -25.36 -37.79 97.61
N GLU G 655 -24.06 -37.48 97.51
CA GLU G 655 -23.44 -36.61 98.50
C GLU G 655 -24.07 -35.23 98.50
N ALA G 656 -24.30 -34.66 97.32
CA ALA G 656 -24.88 -33.32 97.26
C ALA G 656 -26.28 -33.32 97.86
N VAL G 657 -27.08 -34.35 97.55
CA VAL G 657 -28.44 -34.39 98.07
C VAL G 657 -28.43 -34.42 99.60
N GLU G 658 -27.56 -35.25 100.17
CA GLU G 658 -27.48 -35.34 101.63
C GLU G 658 -27.05 -34.01 102.26
N ARG G 659 -26.09 -33.33 101.64
CA ARG G 659 -25.58 -32.08 102.22
C ARG G 659 -26.69 -31.04 102.30
N ILE G 660 -27.48 -30.90 101.23
CA ILE G 660 -28.57 -29.94 101.25
C ILE G 660 -29.59 -30.32 102.30
N VAL G 661 -29.95 -31.61 102.36
CA VAL G 661 -30.95 -32.05 103.34
C VAL G 661 -30.46 -31.82 104.75
N GLU G 662 -29.17 -32.10 105.01
CA GLU G 662 -28.62 -31.91 106.34
C GLU G 662 -28.69 -30.45 106.77
N ALA G 663 -28.35 -29.53 105.85
CA ALA G 663 -28.39 -28.11 106.19
C ALA G 663 -29.82 -27.67 106.53
N LEU G 664 -30.78 -28.02 105.69
CA LEU G 664 -32.17 -27.64 105.95
C LEU G 664 -32.66 -28.27 107.25
N GLU G 665 -32.23 -29.49 107.55
CA GLU G 665 -32.58 -30.12 108.82
C GLU G 665 -32.00 -29.34 110.01
N LYS G 666 -30.79 -28.82 109.85
CA LYS G 666 -30.16 -28.06 110.93
C LYS G 666 -30.88 -26.75 111.18
N LYS G 667 -31.46 -26.16 110.15
CA LYS G 667 -32.10 -24.85 110.28
C LYS G 667 -33.31 -24.93 111.21
N ASP G 668 -33.68 -23.78 111.76
CA ASP G 668 -34.82 -23.65 112.66
C ASP G 668 -36.06 -23.30 111.86
N VAL G 669 -36.92 -24.30 111.63
CA VAL G 669 -38.19 -24.12 110.96
C VAL G 669 -39.15 -25.18 111.49
N GLU G 670 -40.44 -24.91 111.41
CA GLU G 670 -41.42 -25.83 111.98
C GLU G 670 -41.33 -27.18 111.27
N PRO G 671 -41.56 -28.29 111.99
CA PRO G 671 -41.20 -29.60 111.44
C PRO G 671 -42.09 -30.09 110.31
N GLU G 672 -43.32 -29.58 110.18
CA GLU G 672 -44.25 -30.11 109.19
C GLU G 672 -43.65 -30.02 107.79
N LEU G 673 -43.11 -28.86 107.43
CA LEU G 673 -42.47 -28.71 106.13
C LEU G 673 -41.17 -29.50 106.05
N LYS G 674 -40.43 -29.56 107.16
CA LYS G 674 -39.16 -30.26 107.14
C LYS G 674 -39.34 -31.73 106.81
N GLU G 675 -40.51 -32.30 107.14
CA GLU G 675 -40.79 -33.68 106.77
C GLU G 675 -40.82 -33.84 105.26
N GLU G 676 -41.58 -32.99 104.56
CA GLU G 676 -41.67 -33.09 103.11
C GLU G 676 -40.31 -32.83 102.47
N VAL G 677 -39.57 -31.86 102.97
CA VAL G 677 -38.26 -31.55 102.41
C VAL G 677 -37.36 -32.78 102.50
N GLU G 678 -37.34 -33.44 103.65
CA GLU G 678 -36.57 -34.68 103.76
C GLU G 678 -37.17 -35.76 102.86
N GLU G 679 -38.49 -35.81 102.76
CA GLU G 679 -39.11 -36.82 101.90
C GLU G 679 -38.65 -36.63 100.46
N LEU G 680 -38.74 -35.41 99.94
CA LEU G 680 -38.34 -35.17 98.56
C LEU G 680 -36.90 -35.57 98.33
N GLY G 681 -36.04 -35.35 99.33
CA GLY G 681 -34.68 -35.83 99.22
C GLY G 681 -34.62 -37.34 99.04
N LYS G 682 -35.41 -38.07 99.83
CA LYS G 682 -35.43 -39.52 99.70
C LYS G 682 -35.92 -39.94 98.32
N LYS G 683 -36.96 -39.29 97.81
CA LYS G 683 -37.53 -39.67 96.53
C LYS G 683 -36.51 -39.48 95.40
N LEU G 684 -35.94 -38.30 95.32
CA LEU G 684 -35.13 -37.95 94.15
C LEU G 684 -33.86 -38.79 94.07
N VAL G 685 -33.19 -39.03 95.20
CA VAL G 685 -31.97 -39.83 95.13
C VAL G 685 -32.29 -41.21 94.59
N GLU G 686 -33.48 -41.73 94.91
CA GLU G 686 -33.86 -43.06 94.45
C GLU G 686 -33.96 -43.11 92.94
N ILE G 687 -34.76 -42.23 92.35
CA ILE G 687 -35.00 -42.28 90.91
C ILE G 687 -33.71 -42.04 90.15
N VAL G 688 -32.86 -41.13 90.64
CA VAL G 688 -31.57 -40.92 90.01
C VAL G 688 -30.76 -42.21 90.05
N ARG G 689 -30.73 -42.86 91.21
CA ARG G 689 -29.98 -44.10 91.32
C ARG G 689 -30.60 -45.20 90.47
N LYS G 690 -31.92 -45.16 90.27
CA LYS G 690 -32.57 -46.10 89.36
C LYS G 690 -32.17 -45.82 87.91
N LEU G 691 -32.27 -44.56 87.49
CA LEU G 691 -31.91 -44.23 86.12
C LEU G 691 -30.42 -44.50 85.85
N ALA G 692 -29.58 -44.35 86.88
CA ALA G 692 -28.16 -44.63 86.74
C ALA G 692 -27.84 -46.12 86.88
N GLU G 693 -28.65 -46.86 87.63
CA GLU G 693 -28.45 -48.31 87.67
C GLU G 693 -28.68 -48.92 86.30
N ARG G 694 -29.73 -48.50 85.61
CA ARG G 694 -29.85 -48.76 84.19
C ARG G 694 -28.64 -48.18 83.46
N LYS G 695 -28.10 -48.95 82.52
CA LYS G 695 -26.89 -48.55 81.82
C LYS G 695 -27.04 -48.74 80.32
N GLU H 2 -62.92 -3.43 -76.32
CA GLU H 2 -62.56 -2.53 -75.18
C GLU H 2 -62.64 -3.25 -73.83
N GLU H 3 -63.83 -3.79 -73.53
CA GLU H 3 -64.08 -4.35 -72.21
C GLU H 3 -63.05 -5.41 -71.85
N LEU H 4 -62.61 -6.20 -72.83
CA LEU H 4 -61.64 -7.25 -72.55
C LEU H 4 -60.37 -6.66 -71.94
N ARG H 5 -59.87 -5.57 -72.52
CA ARG H 5 -58.66 -4.96 -72.01
C ARG H 5 -58.84 -4.48 -70.57
N GLU H 6 -60.00 -3.89 -70.27
CA GLU H 6 -60.24 -3.43 -68.91
C GLU H 6 -60.24 -4.60 -67.93
N ILE H 7 -60.89 -5.70 -68.31
CA ILE H 7 -60.91 -6.88 -67.45
C ILE H 7 -59.49 -7.35 -67.20
N ALA H 8 -58.68 -7.41 -68.26
CA ALA H 8 -57.30 -7.85 -68.10
C ALA H 8 -56.53 -6.93 -67.17
N GLU H 9 -56.70 -5.62 -67.32
CA GLU H 9 -55.97 -4.67 -66.49
C GLU H 9 -56.33 -4.85 -65.02
N ARG H 10 -57.62 -5.00 -64.73
CA ARG H 10 -58.04 -5.23 -63.35
C ARG H 10 -57.49 -6.54 -62.80
N ALA H 11 -57.47 -7.59 -63.62
CA ALA H 11 -56.86 -8.84 -63.17
C ALA H 11 -55.39 -8.62 -62.83
N GLU H 12 -54.68 -7.85 -63.65
CA GLU H 12 -53.28 -7.55 -63.36
C GLU H 12 -53.14 -6.81 -62.05
N ALA H 13 -54.02 -5.84 -61.80
CA ALA H 13 -53.97 -5.13 -60.53
C ALA H 13 -54.19 -6.08 -59.36
N ASP H 14 -55.16 -6.99 -59.50
CA ASP H 14 -55.39 -7.97 -58.44
C ASP H 14 -54.13 -8.78 -58.17
N MET H 15 -53.49 -9.27 -59.23
CA MET H 15 -52.29 -10.07 -59.06
C MET H 15 -51.20 -9.27 -58.35
N ARG H 16 -51.00 -8.02 -58.79
CA ARG H 16 -49.97 -7.20 -58.16
C ARG H 16 -50.24 -7.04 -56.67
N GLU H 17 -51.48 -6.69 -56.32
CA GLU H 17 -51.81 -6.50 -54.91
C GLU H 17 -51.57 -7.76 -54.11
N ILE H 18 -52.02 -8.90 -54.63
CA ILE H 18 -51.87 -10.16 -53.91
C ILE H 18 -50.40 -10.45 -53.66
N SER H 19 -49.60 -10.34 -54.71
CA SER H 19 -48.18 -10.67 -54.58
C SER H 19 -47.51 -9.74 -53.56
N GLU H 20 -47.76 -8.43 -53.67
CA GLU H 20 -47.12 -7.50 -52.75
C GLU H 20 -47.53 -7.78 -51.32
N LEU H 21 -48.82 -8.01 -51.08
CA LEU H 21 -49.30 -8.27 -49.72
C LEU H 21 -48.65 -9.52 -49.15
N ALA H 22 -48.54 -10.58 -49.96
CA ALA H 22 -47.89 -11.78 -49.46
C ALA H 22 -46.42 -11.53 -49.18
N GLU H 23 -45.75 -10.78 -50.06
CA GLU H 23 -44.33 -10.50 -49.85
C GLU H 23 -44.09 -9.75 -48.56
N GLU H 24 -44.96 -8.80 -48.23
CA GLU H 24 -44.80 -8.06 -46.98
C GLU H 24 -45.18 -8.90 -45.77
N LEU H 25 -46.27 -9.66 -45.86
CA LEU H 25 -46.80 -10.38 -44.70
C LEU H 25 -46.02 -11.65 -44.38
N VAL H 26 -45.38 -12.25 -45.38
CA VAL H 26 -44.78 -13.58 -45.21
C VAL H 26 -43.58 -13.52 -44.29
N GLU H 27 -43.14 -14.69 -43.81
CA GLU H 27 -41.95 -14.74 -42.95
C GLU H 27 -41.03 -15.91 -43.30
N ASP H 28 -41.17 -16.53 -44.47
CA ASP H 28 -40.35 -17.66 -44.89
C ASP H 28 -40.06 -17.54 -46.39
N PRO H 29 -38.81 -17.30 -46.78
CA PRO H 29 -38.54 -16.88 -48.17
C PRO H 29 -39.12 -17.81 -49.23
N VAL H 30 -39.01 -19.12 -49.03
CA VAL H 30 -39.43 -20.06 -50.07
C VAL H 30 -40.93 -19.91 -50.33
N TYR H 31 -41.71 -19.76 -49.26
CA TYR H 31 -43.15 -19.63 -49.43
C TYR H 31 -43.50 -18.36 -50.18
N ALA H 32 -42.82 -17.26 -49.87
CA ALA H 32 -43.07 -16.01 -50.59
C ALA H 32 -42.76 -16.16 -52.07
N VAL H 33 -41.63 -16.79 -52.38
CA VAL H 33 -41.27 -16.99 -53.78
C VAL H 33 -42.35 -17.81 -54.48
N ALA H 34 -42.81 -18.88 -53.81
CA ALA H 34 -43.82 -19.74 -54.42
C ALA H 34 -45.11 -18.97 -54.67
N VAL H 35 -45.56 -18.19 -53.69
CA VAL H 35 -46.80 -17.43 -53.84
C VAL H 35 -46.71 -16.52 -55.04
N ARG H 36 -45.64 -15.73 -55.12
CA ARG H 36 -45.48 -14.82 -56.24
C ARG H 36 -45.43 -15.56 -57.56
N GLY H 37 -44.65 -16.65 -57.61
CA GLY H 37 -44.54 -17.42 -58.84
C GLY H 37 -45.87 -17.91 -59.34
N MET H 38 -46.69 -18.47 -58.45
CA MET H 38 -47.99 -18.97 -58.88
C MET H 38 -48.89 -17.82 -59.31
N ALA H 39 -48.86 -16.71 -58.58
CA ALA H 39 -49.77 -15.61 -58.87
C ALA H 39 -49.52 -15.04 -60.27
N LEU H 40 -48.26 -14.82 -60.63
CA LEU H 40 -47.97 -14.20 -61.91
C LEU H 40 -48.51 -15.05 -63.06
N VAL H 41 -48.21 -16.35 -63.03
CA VAL H 41 -48.66 -17.24 -64.09
C VAL H 41 -50.17 -17.28 -64.12
N GLY H 42 -50.80 -17.42 -62.95
CA GLY H 42 -52.26 -17.44 -62.92
C GLY H 42 -52.87 -16.21 -63.55
N ALA H 43 -52.20 -15.06 -63.41
CA ALA H 43 -52.74 -13.84 -64.00
C ALA H 43 -52.58 -13.82 -65.51
N ALA H 44 -51.40 -14.21 -66.02
CA ALA H 44 -51.11 -13.98 -67.45
C ALA H 44 -52.18 -14.62 -68.35
N GLY H 45 -52.80 -15.70 -67.89
CA GLY H 45 -53.77 -16.37 -68.72
C GLY H 45 -54.90 -15.48 -69.17
N VAL H 46 -55.27 -14.49 -68.34
CA VAL H 46 -56.35 -13.59 -68.72
C VAL H 46 -55.97 -12.77 -69.94
N PHE H 47 -54.77 -12.21 -69.93
CA PHE H 47 -54.31 -11.45 -71.10
C PHE H 47 -54.29 -12.36 -72.32
N ALA H 48 -53.77 -13.58 -72.16
CA ALA H 48 -53.74 -14.48 -73.30
C ALA H 48 -55.15 -14.75 -73.82
N LEU H 49 -56.10 -15.00 -72.93
CA LEU H 49 -57.46 -15.32 -73.34
C LEU H 49 -58.10 -14.15 -74.07
N GLY H 50 -57.87 -12.93 -73.60
CA GLY H 50 -58.44 -11.77 -74.25
C GLY H 50 -58.04 -11.68 -75.71
N VAL H 51 -56.82 -12.11 -76.04
CA VAL H 51 -56.35 -12.10 -77.42
C VAL H 51 -56.85 -13.29 -78.22
N GLY H 52 -57.54 -14.24 -77.58
CA GLY H 52 -58.05 -15.40 -78.29
C GLY H 52 -57.09 -16.55 -78.39
N GLY H 53 -56.10 -16.65 -77.52
CA GLY H 53 -55.21 -17.78 -77.47
C GLY H 53 -55.93 -19.05 -77.11
N PRO H 54 -55.25 -20.18 -77.29
CA PRO H 54 -55.86 -21.45 -77.07
C PRO H 54 -56.00 -21.85 -75.61
N PRO H 55 -57.23 -22.15 -75.16
CA PRO H 55 -57.48 -22.34 -73.72
C PRO H 55 -56.83 -23.58 -73.12
N GLU H 56 -56.71 -24.64 -73.93
CA GLU H 56 -56.22 -25.90 -73.41
C GLU H 56 -54.79 -25.78 -72.89
N VAL H 57 -53.90 -25.21 -73.71
CA VAL H 57 -52.52 -25.06 -73.28
C VAL H 57 -52.41 -24.09 -72.12
N LEU H 58 -53.31 -23.10 -72.06
CA LEU H 58 -53.31 -22.20 -70.90
C LEU H 58 -53.57 -22.97 -69.62
N GLU H 59 -54.60 -23.82 -69.62
CA GLU H 59 -54.88 -24.62 -68.43
C GLU H 59 -53.71 -25.54 -68.13
N GLU H 60 -53.10 -26.11 -69.17
CA GLU H 60 -51.94 -26.96 -68.96
C GLU H 60 -50.83 -26.20 -68.26
N ALA H 61 -50.55 -24.97 -68.70
CA ALA H 61 -49.50 -24.18 -68.08
C ALA H 61 -49.81 -23.90 -66.62
N ARG H 62 -51.06 -23.59 -66.31
CA ARG H 62 -51.42 -23.40 -64.91
C ARG H 62 -51.13 -24.68 -64.11
N ARG H 63 -51.47 -25.84 -64.68
CA ARG H 63 -51.19 -27.09 -63.99
C ARG H 63 -49.69 -27.25 -63.76
N ARG H 64 -48.87 -26.92 -64.77
CA ARG H 64 -47.43 -27.08 -64.63
C ARG H 64 -46.90 -26.22 -63.49
N VAL H 65 -47.34 -24.96 -63.41
CA VAL H 65 -46.80 -24.13 -62.34
C VAL H 65 -47.26 -24.66 -60.99
N GLU H 66 -48.49 -25.17 -60.90
CA GLU H 66 -48.91 -25.77 -59.64
C GLU H 66 -48.00 -26.93 -59.26
N GLU H 67 -47.67 -27.78 -60.22
CA GLU H 67 -46.78 -28.90 -59.95
C GLU H 67 -45.41 -28.42 -59.48
N ALA H 68 -44.89 -27.38 -60.10
CA ALA H 68 -43.61 -26.82 -59.66
C ALA H 68 -43.70 -26.36 -58.22
N ALA H 69 -44.79 -25.70 -57.85
CA ALA H 69 -44.95 -25.27 -56.47
C ALA H 69 -44.95 -26.46 -55.53
N ARG H 70 -45.64 -27.53 -55.92
CA ARG H 70 -45.64 -28.73 -55.08
C ARG H 70 -44.24 -29.26 -54.88
N GLU H 71 -43.47 -29.36 -55.97
CA GLU H 71 -42.11 -29.87 -55.85
C GLU H 71 -41.28 -29.00 -54.92
N ALA H 72 -41.39 -27.68 -55.08
CA ALA H 72 -40.60 -26.78 -54.23
C ALA H 72 -40.98 -26.93 -52.78
N LEU H 73 -42.29 -27.02 -52.48
CA LEU H 73 -42.71 -27.16 -51.10
C LEU H 73 -42.19 -28.46 -50.50
N ARG H 74 -42.27 -29.55 -51.27
CA ARG H 74 -41.77 -30.83 -50.77
C ARG H 74 -40.28 -30.76 -50.47
N LYS H 75 -39.50 -30.16 -51.38
CA LYS H 75 -38.07 -30.03 -51.14
C LYS H 75 -37.79 -29.19 -49.91
N TYR H 76 -38.48 -28.04 -49.78
CA TYR H 76 -38.21 -27.14 -48.67
C TYR H 76 -38.56 -27.76 -47.33
N GLU H 77 -39.66 -28.51 -47.27
CA GLU H 77 -39.96 -29.27 -46.06
C GLU H 77 -38.88 -30.29 -45.76
N GLU H 78 -38.27 -30.85 -46.81
CA GLU H 78 -37.18 -31.82 -46.64
C GLU H 78 -35.89 -31.18 -46.18
N GLY H 79 -35.82 -29.85 -46.12
CA GLY H 79 -34.59 -29.18 -45.75
C GLY H 79 -33.62 -28.97 -46.89
N ALA H 80 -34.10 -28.98 -48.13
CA ALA H 80 -33.21 -28.82 -49.27
C ALA H 80 -32.70 -27.39 -49.37
N ASP H 81 -31.71 -27.20 -50.25
CA ASP H 81 -31.11 -25.89 -50.45
C ASP H 81 -32.16 -24.86 -50.86
N VAL H 82 -32.13 -23.70 -50.21
CA VAL H 82 -33.04 -22.61 -50.58
C VAL H 82 -32.70 -22.09 -51.97
N SER H 83 -31.42 -21.99 -52.31
CA SER H 83 -31.02 -21.44 -53.59
C SER H 83 -31.57 -22.27 -54.73
N GLU H 84 -31.38 -23.59 -54.66
CA GLU H 84 -31.89 -24.46 -55.71
C GLU H 84 -33.40 -24.36 -55.82
N LEU H 85 -34.10 -24.29 -54.69
CA LEU H 85 -35.55 -24.19 -54.72
C LEU H 85 -35.99 -22.94 -55.46
N VAL H 86 -35.42 -21.78 -55.08
CA VAL H 86 -35.80 -20.53 -55.72
C VAL H 86 -35.50 -20.59 -57.21
N ALA H 87 -34.31 -21.08 -57.57
CA ALA H 87 -33.94 -21.14 -58.98
C ALA H 87 -34.89 -22.04 -59.76
N GLU H 88 -35.25 -23.20 -59.18
CA GLU H 88 -36.14 -24.11 -59.88
C GLU H 88 -37.51 -23.50 -60.10
N LEU H 89 -38.05 -22.85 -59.06
CA LEU H 89 -39.36 -22.22 -59.21
C LEU H 89 -39.31 -21.14 -60.29
N ILE H 90 -38.27 -20.31 -60.25
CA ILE H 90 -38.14 -19.22 -61.22
C ILE H 90 -38.04 -19.77 -62.63
N ARG H 91 -37.25 -20.82 -62.81
CA ARG H 91 -37.07 -21.40 -64.13
C ARG H 91 -38.35 -22.04 -64.65
N GLU H 92 -39.11 -22.71 -63.78
CA GLU H 92 -40.38 -23.27 -64.20
C GLU H 92 -41.33 -22.15 -64.64
N THR H 93 -41.36 -21.08 -63.85
CA THR H 93 -42.16 -19.92 -64.26
C THR H 93 -41.69 -19.39 -65.60
N SER H 94 -40.37 -19.34 -65.80
CA SER H 94 -39.83 -18.78 -67.04
C SER H 94 -40.38 -19.54 -68.23
N ARG H 95 -40.22 -20.86 -68.22
CA ARG H 95 -40.74 -21.64 -69.34
C ARG H 95 -42.25 -21.52 -69.47
N GLN H 96 -42.98 -21.49 -68.34
CA GLN H 96 -44.43 -21.39 -68.42
C GLN H 96 -44.86 -20.12 -69.15
N ILE H 97 -44.35 -18.96 -68.71
CA ILE H 97 -44.74 -17.71 -69.35
C ILE H 97 -44.28 -17.69 -70.80
N ALA H 98 -43.08 -18.22 -71.08
CA ALA H 98 -42.65 -18.26 -72.47
C ALA H 98 -43.61 -19.09 -73.32
N GLU H 99 -44.10 -20.20 -72.76
CA GLU H 99 -45.03 -21.03 -73.50
C GLU H 99 -46.34 -20.29 -73.76
N ILE H 100 -46.85 -19.57 -72.76
CA ILE H 100 -48.08 -18.81 -72.96
C ILE H 100 -47.89 -17.80 -74.07
N ALA H 101 -46.75 -17.09 -74.04
CA ALA H 101 -46.47 -16.11 -75.09
C ALA H 101 -46.34 -16.79 -76.45
N GLU H 102 -45.72 -17.97 -76.49
CA GLU H 102 -45.55 -18.69 -77.74
C GLU H 102 -46.89 -19.11 -78.33
N ALA H 103 -47.83 -19.50 -77.47
CA ALA H 103 -49.17 -19.79 -77.97
C ALA H 103 -49.85 -18.52 -78.47
N THR H 104 -49.75 -17.44 -77.69
CA THR H 104 -50.43 -16.19 -78.07
C THR H 104 -49.91 -15.66 -79.39
N ILE H 105 -48.59 -15.74 -79.62
CA ILE H 105 -48.00 -15.15 -80.81
C ILE H 105 -48.58 -15.78 -82.07
N LYS H 106 -48.94 -17.06 -82.02
CA LYS H 106 -49.47 -17.76 -83.19
C LYS H 106 -50.95 -17.52 -83.40
N ALA H 107 -51.62 -16.80 -82.49
CA ALA H 107 -53.07 -16.70 -82.53
C ALA H 107 -53.59 -15.85 -83.68
N THR H 108 -52.81 -14.87 -84.14
CA THR H 108 -53.34 -13.93 -85.12
C THR H 108 -52.19 -13.31 -85.91
N ASP H 109 -52.53 -12.76 -87.07
CA ASP H 109 -51.56 -12.08 -87.93
C ASP H 109 -51.54 -10.56 -87.74
N ASP H 110 -52.40 -10.02 -86.88
CA ASP H 110 -52.52 -8.58 -86.75
C ASP H 110 -51.25 -7.98 -86.16
N PRO H 111 -50.63 -6.99 -86.80
CA PRO H 111 -49.48 -6.32 -86.16
C PRO H 111 -49.82 -5.66 -84.84
N GLU H 112 -51.03 -5.11 -84.69
CA GLU H 112 -51.39 -4.43 -83.44
C GLU H 112 -51.42 -5.40 -82.28
N VAL H 113 -52.14 -6.51 -82.43
CA VAL H 113 -52.19 -7.53 -81.38
C VAL H 113 -50.79 -8.08 -81.14
N LEU H 114 -49.99 -8.23 -82.20
CA LEU H 114 -48.64 -8.70 -82.03
C LEU H 114 -47.83 -7.75 -81.15
N GLU H 115 -47.96 -6.44 -81.40
CA GLU H 115 -47.26 -5.46 -80.58
C GLU H 115 -47.75 -5.52 -79.15
N GLU H 116 -49.05 -5.70 -78.95
CA GLU H 116 -49.57 -5.83 -77.59
C GLU H 116 -48.96 -7.02 -76.88
N ILE H 117 -48.90 -8.17 -77.57
CA ILE H 117 -48.33 -9.37 -76.96
C ILE H 117 -46.85 -9.14 -76.65
N SER H 118 -46.11 -8.53 -77.58
CA SER H 118 -44.70 -8.27 -77.34
C SER H 118 -44.51 -7.35 -76.14
N GLU H 119 -45.31 -6.29 -76.04
CA GLU H 119 -45.20 -5.37 -74.91
C GLU H 119 -45.47 -6.10 -73.60
N PHE H 120 -46.52 -6.92 -73.57
CA PHE H 120 -46.85 -7.64 -72.34
C PHE H 120 -45.71 -8.58 -71.94
N ALA H 121 -45.18 -9.32 -72.92
CA ALA H 121 -44.08 -10.23 -72.63
C ALA H 121 -42.86 -9.46 -72.12
N GLU H 122 -42.56 -8.33 -72.74
CA GLU H 122 -41.41 -7.54 -72.32
C GLU H 122 -41.60 -7.07 -70.88
N GLU H 123 -42.79 -6.58 -70.55
CA GLU H 123 -43.03 -6.11 -69.19
C GLU H 123 -42.87 -7.25 -68.18
N ARG H 124 -43.48 -8.39 -68.47
CA ARG H 124 -43.36 -9.54 -67.57
C ARG H 124 -41.89 -9.92 -67.38
N SER H 125 -41.15 -10.04 -68.49
CA SER H 125 -39.75 -10.48 -68.40
C SER H 125 -38.91 -9.47 -67.63
N ARG H 126 -39.11 -8.17 -67.91
CA ARG H 126 -38.33 -7.15 -67.23
C ARG H 126 -38.59 -7.18 -65.73
N ARG H 127 -39.86 -7.33 -65.33
CA ARG H 127 -40.14 -7.42 -63.91
C ARG H 127 -39.52 -8.67 -63.30
N LEU H 128 -39.64 -9.81 -63.99
CA LEU H 128 -39.17 -11.07 -63.43
C LEU H 128 -37.66 -11.08 -63.25
N SER H 129 -36.93 -10.51 -64.21
CA SER H 129 -35.48 -10.51 -64.11
C SER H 129 -35.02 -9.82 -62.83
N GLU H 130 -35.58 -8.64 -62.56
CA GLU H 130 -35.23 -7.94 -61.32
C GLU H 130 -35.71 -8.71 -60.10
N TYR H 131 -36.92 -9.28 -60.18
CA TYR H 131 -37.44 -10.04 -59.05
C TYR H 131 -36.48 -11.15 -58.65
N ALA H 132 -35.87 -11.81 -59.64
CA ALA H 132 -34.90 -12.86 -59.36
C ALA H 132 -33.58 -12.27 -58.87
N GLU H 133 -33.05 -11.28 -59.59
CA GLU H 133 -31.72 -10.77 -59.28
C GLU H 133 -31.65 -10.18 -57.88
N ARG H 134 -32.75 -9.57 -57.41
CA ARG H 134 -32.77 -9.01 -56.06
C ARG H 134 -32.87 -10.08 -55.00
N HIS H 135 -33.10 -11.33 -55.38
CA HIS H 135 -33.63 -12.30 -54.42
C HIS H 135 -32.85 -13.61 -54.37
N VAL H 136 -32.15 -14.00 -55.43
CA VAL H 136 -31.34 -15.21 -55.41
C VAL H 136 -29.97 -14.89 -54.85
N THR H 137 -29.49 -15.74 -53.94
CA THR H 137 -28.22 -15.48 -53.26
C THR H 137 -27.02 -16.08 -53.99
N ASN H 138 -27.13 -17.31 -54.48
CA ASN H 138 -25.97 -17.97 -55.07
C ASN H 138 -25.57 -17.23 -56.35
N PRO H 139 -24.30 -16.87 -56.51
CA PRO H 139 -23.91 -16.10 -57.71
C PRO H 139 -24.32 -16.77 -59.01
N ILE H 140 -23.90 -18.01 -59.21
CA ILE H 140 -24.13 -18.68 -60.49
C ILE H 140 -25.62 -18.80 -60.77
N LEU H 141 -26.42 -19.08 -59.73
CA LEU H 141 -27.85 -19.24 -59.95
C LEU H 141 -28.47 -17.94 -60.44
N ALA H 142 -28.10 -16.82 -59.82
CA ALA H 142 -28.62 -15.53 -60.29
C ALA H 142 -28.16 -15.25 -61.72
N ALA H 143 -26.89 -15.53 -62.01
CA ALA H 143 -26.38 -15.24 -63.35
C ALA H 143 -27.14 -16.05 -64.40
N THR H 144 -27.34 -17.34 -64.14
CA THR H 144 -28.08 -18.17 -65.08
C THR H 144 -29.53 -17.71 -65.22
N VAL H 145 -30.16 -17.31 -64.11
CA VAL H 145 -31.51 -16.77 -64.21
C VAL H 145 -31.53 -15.59 -65.18
N VAL H 146 -30.58 -14.67 -65.02
CA VAL H 146 -30.56 -13.48 -65.86
C VAL H 146 -30.35 -13.87 -67.32
N ALA H 147 -29.41 -14.78 -67.58
CA ALA H 147 -29.13 -15.17 -68.95
C ALA H 147 -30.35 -15.81 -69.61
N LEU H 148 -31.02 -16.71 -68.89
CA LEU H 148 -32.21 -17.36 -69.45
C LEU H 148 -33.27 -16.32 -69.76
N ALA H 149 -33.51 -15.40 -68.83
CA ALA H 149 -34.52 -14.37 -69.08
C ALA H 149 -34.20 -13.59 -70.34
N GLU H 150 -32.95 -13.15 -70.48
CA GLU H 150 -32.57 -12.35 -71.64
C GLU H 150 -32.81 -13.13 -72.93
N VAL H 151 -32.33 -14.37 -72.99
CA VAL H 151 -32.45 -15.16 -74.21
C VAL H 151 -33.91 -15.34 -74.57
N LEU H 152 -34.74 -15.70 -73.58
CA LEU H 152 -36.15 -15.94 -73.84
C LEU H 152 -36.81 -14.68 -74.40
N SER H 153 -36.53 -13.52 -73.79
CA SER H 153 -37.10 -12.29 -74.31
C SER H 153 -36.67 -12.06 -75.76
N ALA H 154 -35.39 -12.31 -76.04
CA ALA H 154 -34.89 -12.08 -77.39
C ALA H 154 -35.67 -12.90 -78.41
N VAL H 155 -35.81 -14.20 -78.15
CA VAL H 155 -36.48 -15.04 -79.14
C VAL H 155 -37.97 -14.68 -79.22
N VAL H 156 -38.58 -14.35 -78.07
CA VAL H 156 -39.99 -13.95 -78.09
C VAL H 156 -40.18 -12.79 -79.04
N ARG H 157 -39.33 -11.78 -78.94
CA ARG H 157 -39.41 -10.65 -79.87
C ARG H 157 -39.15 -11.12 -81.30
N ALA H 158 -38.13 -11.96 -81.49
CA ALA H 158 -37.74 -12.36 -82.84
C ALA H 158 -38.88 -13.05 -83.58
N ARG H 159 -39.77 -13.72 -82.86
CA ARG H 159 -40.90 -14.36 -83.55
C ARG H 159 -41.72 -13.34 -84.34
N SER H 160 -41.70 -12.08 -83.94
CA SER H 160 -42.55 -11.08 -84.59
C SER H 160 -42.20 -10.87 -86.05
N TYR H 161 -40.95 -11.10 -86.44
CA TYR H 161 -40.55 -11.01 -87.85
C TYR H 161 -40.49 -12.36 -88.54
N GLY H 162 -40.86 -13.45 -87.86
CA GLY H 162 -40.82 -14.75 -88.48
C GLY H 162 -39.45 -15.38 -88.56
N ALA H 163 -38.52 -14.97 -87.71
CA ALA H 163 -37.19 -15.53 -87.75
C ALA H 163 -37.21 -17.00 -87.34
N PRO H 164 -36.44 -17.88 -87.99
CA PRO H 164 -36.45 -19.30 -87.62
C PRO H 164 -36.09 -19.52 -86.17
N GLU H 165 -36.77 -20.49 -85.55
CA GLU H 165 -36.54 -20.81 -84.14
C GLU H 165 -35.20 -21.48 -83.89
N GLU H 166 -34.55 -22.02 -84.94
CA GLU H 166 -33.40 -22.88 -84.74
C GLU H 166 -32.28 -22.16 -84.00
N VAL H 167 -32.04 -20.89 -84.34
CA VAL H 167 -30.99 -20.14 -83.65
C VAL H 167 -31.32 -20.02 -82.17
N GLY H 168 -32.57 -19.71 -81.84
CA GLY H 168 -32.94 -19.58 -80.43
C GLY H 168 -32.83 -20.90 -79.70
N GLU H 169 -33.22 -22.00 -80.34
CA GLU H 169 -33.08 -23.29 -79.71
C GLU H 169 -31.63 -23.63 -79.45
N LYS H 170 -30.75 -23.36 -80.42
CA LYS H 170 -29.33 -23.61 -80.23
C LYS H 170 -28.79 -22.78 -79.08
N ALA H 171 -29.18 -21.50 -79.01
CA ALA H 171 -28.71 -20.65 -77.93
C ALA H 171 -29.22 -21.13 -76.58
N VAL H 172 -30.48 -21.58 -76.52
CA VAL H 172 -31.02 -22.10 -75.27
C VAL H 172 -30.25 -23.35 -74.84
N LYS H 173 -29.95 -24.23 -75.78
CA LYS H 173 -29.16 -25.41 -75.45
C LYS H 173 -27.80 -25.01 -74.92
N GLU H 174 -27.15 -24.05 -75.58
CA GLU H 174 -25.84 -23.59 -75.14
C GLU H 174 -25.92 -22.99 -73.74
N VAL H 175 -26.97 -22.22 -73.46
CA VAL H 175 -27.12 -21.62 -72.14
C VAL H 175 -27.30 -22.69 -71.09
N ARG H 176 -28.11 -23.71 -71.37
CA ARG H 176 -28.28 -24.81 -70.43
C ARG H 176 -26.95 -25.51 -70.19
N GLU H 177 -26.18 -25.74 -71.27
CA GLU H 177 -24.87 -26.36 -71.11
C GLU H 177 -23.97 -25.50 -70.22
N ALA H 178 -23.97 -24.19 -70.45
CA ALA H 178 -23.16 -23.30 -69.64
C ALA H 178 -23.57 -23.38 -68.17
N SER H 179 -24.87 -23.38 -67.91
CA SER H 179 -25.33 -23.40 -66.53
C SER H 179 -24.96 -24.71 -65.84
N GLU H 180 -25.14 -25.84 -66.53
CA GLU H 180 -24.77 -27.12 -65.92
C GLU H 180 -23.28 -27.18 -65.67
N GLU H 181 -22.48 -26.73 -66.64
CA GLU H 181 -21.03 -26.75 -66.46
C GLU H 181 -20.63 -25.85 -65.29
N ALA H 182 -21.23 -24.67 -65.21
CA ALA H 182 -20.91 -23.74 -64.13
C ALA H 182 -21.28 -24.32 -62.78
N LEU H 183 -22.46 -24.95 -62.67
CA LEU H 183 -22.82 -25.56 -61.40
C LEU H 183 -21.84 -26.66 -61.01
N GLU H 184 -21.46 -27.50 -61.97
CA GLU H 184 -20.51 -28.57 -61.67
C GLU H 184 -19.17 -27.99 -61.23
N ARG H 185 -18.64 -27.03 -61.99
CA ARG H 185 -17.35 -26.45 -61.67
C ARG H 185 -17.40 -25.71 -60.34
N TYR H 186 -18.51 -25.05 -60.03
CA TYR H 186 -18.67 -24.40 -58.74
C TYR H 186 -18.60 -25.41 -57.62
N LYS H 187 -19.28 -26.54 -57.79
CA LYS H 187 -19.11 -27.62 -56.82
C LYS H 187 -17.66 -28.09 -56.76
N LYS H 188 -16.94 -28.03 -57.88
CA LYS H 188 -15.54 -28.46 -57.93
C LYS H 188 -14.57 -27.42 -57.39
N GLY H 189 -15.04 -26.25 -56.97
CA GLY H 189 -14.17 -25.23 -56.41
C GLY H 189 -13.48 -24.37 -57.44
N GLU H 190 -13.95 -24.36 -58.68
CA GLU H 190 -13.36 -23.50 -59.71
C GLU H 190 -13.66 -22.04 -59.43
N ASP H 191 -12.90 -21.16 -60.07
CA ASP H 191 -13.07 -19.72 -59.89
C ASP H 191 -14.46 -19.29 -60.36
N VAL H 192 -15.21 -18.65 -59.46
CA VAL H 192 -16.56 -18.21 -59.78
C VAL H 192 -16.53 -17.16 -60.88
N SER H 193 -15.57 -16.24 -60.82
CA SER H 193 -15.53 -15.14 -61.77
C SER H 193 -15.42 -15.65 -63.19
N GLU H 194 -14.60 -16.67 -63.40
CA GLU H 194 -14.45 -17.22 -64.74
C GLU H 194 -15.75 -17.81 -65.25
N LEU H 195 -16.48 -18.53 -64.39
CA LEU H 195 -17.77 -19.08 -64.81
C LEU H 195 -18.73 -17.97 -65.19
N VAL H 196 -18.79 -16.90 -64.39
CA VAL H 196 -19.68 -15.79 -64.69
C VAL H 196 -19.31 -15.18 -66.04
N ALA H 197 -18.01 -14.96 -66.25
CA ALA H 197 -17.56 -14.34 -67.50
C ALA H 197 -17.90 -15.21 -68.70
N GLU H 198 -17.66 -16.52 -68.59
CA GLU H 198 -17.95 -17.41 -69.70
C GLU H 198 -19.44 -17.43 -70.01
N LEU H 199 -20.28 -17.51 -68.97
CA LEU H 199 -21.72 -17.49 -69.19
C LEU H 199 -22.14 -16.21 -69.90
N ILE H 200 -21.66 -15.07 -69.41
CA ILE H 200 -22.06 -13.79 -70.00
C ILE H 200 -21.61 -13.70 -71.45
N ARG H 201 -20.38 -14.13 -71.73
CA ARG H 201 -19.86 -14.07 -73.09
C ARG H 201 -20.66 -14.95 -74.02
N GLU H 202 -20.99 -16.17 -73.58
CA GLU H 202 -21.80 -17.05 -74.40
C GLU H 202 -23.17 -16.44 -74.65
N THR H 203 -23.77 -15.83 -73.62
CA THR H 203 -25.05 -15.17 -73.81
C THR H 203 -24.94 -14.05 -74.83
N SER H 204 -23.86 -13.27 -74.75
CA SER H 204 -23.65 -12.20 -75.71
C SER H 204 -23.61 -12.75 -77.13
N ARG H 205 -22.78 -13.75 -77.37
CA ARG H 205 -22.70 -14.32 -78.70
C ARG H 205 -24.05 -14.86 -79.14
N GLN H 206 -24.78 -15.51 -78.24
CA GLN H 206 -26.07 -16.11 -78.60
C GLN H 206 -27.05 -15.03 -79.06
N ILE H 207 -27.23 -13.99 -78.24
CA ILE H 207 -28.20 -12.96 -78.61
C ILE H 207 -27.73 -12.26 -79.87
N ALA H 208 -26.43 -12.05 -80.02
CA ALA H 208 -25.93 -11.42 -81.24
C ALA H 208 -26.28 -12.25 -82.47
N GLU H 209 -26.02 -13.55 -82.42
CA GLU H 209 -26.31 -14.40 -83.56
C GLU H 209 -27.80 -14.41 -83.88
N ILE H 210 -28.64 -14.53 -82.84
CA ILE H 210 -30.08 -14.56 -83.06
C ILE H 210 -30.53 -13.27 -83.73
N ALA H 211 -30.11 -12.13 -83.19
CA ALA H 211 -30.51 -10.85 -83.76
C ALA H 211 -29.96 -10.69 -85.18
N GLU H 212 -28.77 -11.22 -85.45
CA GLU H 212 -28.20 -11.13 -86.78
C GLU H 212 -29.05 -11.89 -87.79
N ALA H 213 -29.45 -13.11 -87.43
CA ALA H 213 -30.34 -13.87 -88.31
C ALA H 213 -31.65 -13.11 -88.51
N THR H 214 -32.20 -12.54 -87.43
CA THR H 214 -33.44 -11.78 -87.55
C THR H 214 -33.27 -10.62 -88.53
N ILE H 215 -32.14 -9.91 -88.43
CA ILE H 215 -31.88 -8.80 -89.34
C ILE H 215 -31.78 -9.30 -90.77
N LYS H 216 -31.09 -10.43 -90.97
CA LYS H 216 -31.00 -11.00 -92.31
C LYS H 216 -32.39 -11.30 -92.86
N ALA H 217 -33.32 -11.72 -92.01
CA ALA H 217 -34.68 -12.02 -92.46
C ALA H 217 -35.52 -10.76 -92.69
N THR H 218 -35.04 -9.58 -92.29
CA THR H 218 -35.84 -8.38 -92.40
C THR H 218 -36.13 -8.02 -93.85
N ASP H 219 -37.20 -7.23 -94.05
CA ASP H 219 -37.63 -6.87 -95.39
C ASP H 219 -38.07 -5.41 -95.54
N ASP H 220 -37.90 -4.56 -94.52
CA ASP H 220 -38.34 -3.18 -94.60
C ASP H 220 -37.38 -2.30 -93.81
N PRO H 221 -37.22 -1.03 -94.21
CA PRO H 221 -36.30 -0.16 -93.46
C PRO H 221 -36.70 0.03 -92.00
N GLU H 222 -37.91 0.52 -91.74
CA GLU H 222 -38.30 0.84 -90.37
C GLU H 222 -38.33 -0.40 -89.48
N VAL H 223 -38.69 -1.56 -90.04
CA VAL H 223 -38.63 -2.79 -89.25
C VAL H 223 -37.20 -3.08 -88.83
N LEU H 224 -36.25 -2.92 -89.75
CA LEU H 224 -34.85 -3.12 -89.42
C LEU H 224 -34.40 -2.11 -88.36
N GLU H 225 -34.86 -0.86 -88.47
CA GLU H 225 -34.51 0.14 -87.47
C GLU H 225 -35.00 -0.26 -86.09
N GLU H 226 -36.24 -0.74 -86.01
CA GLU H 226 -36.77 -1.21 -84.74
C GLU H 226 -35.93 -2.37 -84.20
N ILE H 227 -35.55 -3.30 -85.08
CA ILE H 227 -34.71 -4.41 -84.65
C ILE H 227 -33.39 -3.89 -84.09
N SER H 228 -32.80 -2.90 -84.77
CA SER H 228 -31.55 -2.33 -84.30
C SER H 228 -31.71 -1.72 -82.92
N GLU H 229 -32.80 -0.97 -82.72
CA GLU H 229 -33.03 -0.37 -81.42
C GLU H 229 -33.15 -1.43 -80.33
N PHE H 230 -33.91 -2.50 -80.61
CA PHE H 230 -34.07 -3.56 -79.63
C PHE H 230 -32.73 -4.22 -79.31
N ALA H 231 -31.92 -4.49 -80.34
CA ALA H 231 -30.62 -5.09 -80.11
C ALA H 231 -29.75 -4.18 -79.25
N GLU H 232 -29.77 -2.89 -79.54
CA GLU H 232 -29.00 -1.94 -78.74
C GLU H 232 -29.42 -2.01 -77.28
N GLU H 233 -30.73 -1.99 -77.03
CA GLU H 233 -31.21 -2.04 -75.65
C GLU H 233 -30.74 -3.31 -74.96
N ARG H 234 -30.91 -4.46 -75.62
CA ARG H 234 -30.54 -5.72 -75.00
C ARG H 234 -29.05 -5.77 -74.68
N SER H 235 -28.22 -5.35 -75.63
CA SER H 235 -26.78 -5.31 -75.38
C SER H 235 -26.47 -4.38 -74.22
N ARG H 236 -27.12 -3.22 -74.18
CA ARG H 236 -26.90 -2.29 -73.09
C ARG H 236 -27.17 -2.94 -71.74
N ARG H 237 -28.29 -3.65 -71.62
CA ARG H 237 -28.61 -4.30 -70.35
C ARG H 237 -27.60 -5.38 -70.00
N LEU H 238 -27.19 -6.19 -70.98
CA LEU H 238 -26.22 -7.23 -70.68
C LEU H 238 -24.91 -6.62 -70.19
N SER H 239 -24.42 -5.60 -70.90
CA SER H 239 -23.19 -4.95 -70.49
C SER H 239 -23.34 -4.29 -69.12
N GLU H 240 -24.49 -3.67 -68.87
CA GLU H 240 -24.70 -3.04 -67.58
C GLU H 240 -24.62 -4.07 -66.45
N TYR H 241 -25.26 -5.22 -66.63
CA TYR H 241 -25.16 -6.25 -65.60
C TYR H 241 -23.71 -6.66 -65.40
N ALA H 242 -22.99 -6.90 -66.48
CA ALA H 242 -21.60 -7.32 -66.35
C ALA H 242 -20.80 -6.29 -65.57
N GLU H 243 -20.92 -5.01 -65.96
CA GLU H 243 -20.16 -3.96 -65.31
C GLU H 243 -20.57 -3.80 -63.85
N ARG H 244 -21.82 -4.12 -63.53
CA ARG H 244 -22.28 -3.97 -62.16
C ARG H 244 -21.75 -5.08 -61.27
N HIS H 245 -21.70 -6.31 -61.77
CA HIS H 245 -21.60 -7.47 -60.90
C HIS H 245 -20.38 -8.35 -61.12
N VAL H 246 -19.67 -8.23 -62.24
CA VAL H 246 -18.49 -9.04 -62.44
C VAL H 246 -17.39 -8.58 -61.48
N THR H 247 -16.61 -9.53 -60.98
CA THR H 247 -15.71 -9.27 -59.87
C THR H 247 -14.30 -8.87 -60.29
N ASN H 248 -13.85 -9.26 -61.49
CA ASN H 248 -12.47 -9.01 -61.88
C ASN H 248 -12.40 -7.88 -62.90
N PRO H 249 -11.50 -6.90 -62.73
CA PRO H 249 -11.46 -5.79 -63.70
C PRO H 249 -11.23 -6.25 -65.12
N ILE H 250 -10.24 -7.11 -65.36
CA ILE H 250 -9.92 -7.53 -66.72
C ILE H 250 -11.06 -8.35 -67.30
N LEU H 251 -11.66 -9.22 -66.50
CA LEU H 251 -12.80 -9.99 -66.97
C LEU H 251 -13.95 -9.06 -67.36
N ALA H 252 -14.18 -8.01 -66.56
CA ALA H 252 -15.21 -7.04 -66.92
C ALA H 252 -14.85 -6.32 -68.21
N ALA H 253 -13.58 -5.97 -68.37
CA ALA H 253 -13.15 -5.29 -69.59
C ALA H 253 -13.43 -6.15 -70.81
N THR H 254 -13.07 -7.43 -70.74
CA THR H 254 -13.33 -8.33 -71.86
C THR H 254 -14.83 -8.49 -72.08
N VAL H 255 -15.61 -8.60 -71.01
CA VAL H 255 -17.05 -8.78 -71.17
C VAL H 255 -17.66 -7.60 -71.90
N VAL H 256 -17.36 -6.38 -71.44
CA VAL H 256 -17.93 -5.20 -72.08
C VAL H 256 -17.36 -5.03 -73.47
N ALA H 257 -16.10 -5.43 -73.69
CA ALA H 257 -15.54 -5.33 -75.02
C ALA H 257 -16.29 -6.23 -76.00
N LEU H 258 -16.56 -7.47 -75.59
CA LEU H 258 -17.33 -8.37 -76.44
C LEU H 258 -18.72 -7.81 -76.70
N ALA H 259 -19.37 -7.33 -75.64
CA ALA H 259 -20.72 -6.79 -75.80
C ALA H 259 -20.71 -5.62 -76.78
N GLU H 260 -19.79 -4.67 -76.59
CA GLU H 260 -19.75 -3.49 -77.45
C GLU H 260 -19.39 -3.87 -78.88
N VAL H 261 -18.45 -4.79 -79.06
CA VAL H 261 -18.06 -5.19 -80.40
C VAL H 261 -19.25 -5.79 -81.13
N LEU H 262 -19.94 -6.72 -80.49
CA LEU H 262 -21.10 -7.34 -81.13
C LEU H 262 -22.23 -6.32 -81.35
N SER H 263 -22.39 -5.36 -80.42
CA SER H 263 -23.38 -4.31 -80.62
C SER H 263 -23.07 -3.48 -81.84
N ALA H 264 -21.79 -3.13 -82.02
CA ALA H 264 -21.39 -2.42 -83.23
C ALA H 264 -21.62 -3.28 -84.46
N VAL H 265 -21.36 -4.58 -84.35
CA VAL H 265 -21.63 -5.49 -85.46
C VAL H 265 -23.09 -5.41 -85.87
N VAL H 266 -23.99 -5.48 -84.88
CA VAL H 266 -25.42 -5.39 -85.16
C VAL H 266 -25.72 -4.06 -85.82
N ARG H 267 -25.18 -2.96 -85.26
CA ARG H 267 -25.34 -1.65 -85.86
C ARG H 267 -24.93 -1.66 -87.33
N ALA H 268 -23.88 -2.42 -87.64
CA ALA H 268 -23.33 -2.40 -88.99
C ALA H 268 -24.27 -3.02 -90.02
N ARG H 269 -25.18 -3.89 -89.60
CA ARG H 269 -26.10 -4.52 -90.53
C ARG H 269 -27.09 -3.53 -91.14
N SER H 270 -27.04 -2.26 -90.72
CA SER H 270 -28.03 -1.30 -91.18
C SER H 270 -28.09 -1.23 -92.70
N TYR H 271 -26.94 -1.19 -93.37
CA TYR H 271 -26.92 -0.87 -94.79
C TYR H 271 -25.99 -1.77 -95.60
N GLY H 272 -25.73 -2.99 -95.14
CA GLY H 272 -25.00 -3.94 -95.95
C GLY H 272 -23.50 -3.81 -95.95
N ALA H 273 -22.92 -3.22 -94.90
CA ALA H 273 -21.47 -3.07 -94.87
C ALA H 273 -20.80 -4.44 -94.87
N PRO H 274 -19.69 -4.61 -95.58
CA PRO H 274 -19.02 -5.91 -95.64
C PRO H 274 -19.01 -6.66 -94.31
N GLU H 275 -19.28 -7.96 -94.38
CA GLU H 275 -19.19 -8.81 -93.20
C GLU H 275 -17.75 -8.99 -92.75
N GLU H 276 -16.80 -8.94 -93.68
CA GLU H 276 -15.40 -9.14 -93.32
C GLU H 276 -14.94 -8.10 -92.30
N VAL H 277 -15.54 -6.91 -92.31
CA VAL H 277 -15.20 -5.91 -91.31
C VAL H 277 -15.59 -6.40 -89.93
N GLY H 278 -16.81 -6.93 -89.79
CA GLY H 278 -17.22 -7.51 -88.52
C GLY H 278 -16.33 -8.66 -88.11
N GLU H 279 -15.97 -9.51 -89.07
CA GLU H 279 -15.08 -10.62 -88.76
C GLU H 279 -13.76 -10.11 -88.21
N LYS H 280 -13.17 -9.10 -88.86
CA LYS H 280 -11.90 -8.56 -88.43
C LYS H 280 -12.01 -7.92 -87.04
N ALA H 281 -13.09 -7.18 -86.81
CA ALA H 281 -13.27 -6.54 -85.51
C ALA H 281 -13.41 -7.59 -84.41
N VAL H 282 -14.20 -8.62 -84.66
CA VAL H 282 -14.37 -9.68 -83.67
C VAL H 282 -13.05 -10.39 -83.42
N LYS H 283 -12.31 -10.70 -84.48
CA LYS H 283 -11.01 -11.35 -84.31
C LYS H 283 -10.08 -10.46 -83.51
N GLU H 284 -10.04 -9.17 -83.81
CA GLU H 284 -9.17 -8.26 -83.07
C GLU H 284 -9.55 -8.26 -81.59
N VAL H 285 -10.85 -8.11 -81.30
CA VAL H 285 -11.27 -8.07 -79.91
C VAL H 285 -10.89 -9.35 -79.20
N ARG H 286 -11.17 -10.50 -79.82
CA ARG H 286 -10.93 -11.77 -79.16
C ARG H 286 -9.44 -12.03 -78.97
N GLU H 287 -8.62 -11.76 -80.00
CA GLU H 287 -7.18 -11.96 -79.88
C GLU H 287 -6.59 -11.04 -78.83
N ALA H 288 -6.99 -9.77 -78.83
CA ALA H 288 -6.50 -8.85 -77.82
C ALA H 288 -6.90 -9.31 -76.42
N SER H 289 -8.15 -9.75 -76.26
CA SER H 289 -8.58 -10.25 -74.97
C SER H 289 -7.76 -11.45 -74.54
N GLU H 290 -7.51 -12.38 -75.47
CA GLU H 290 -6.71 -13.55 -75.12
C GLU H 290 -5.31 -13.14 -74.70
N GLU H 291 -4.69 -12.22 -75.44
CA GLU H 291 -3.36 -11.76 -75.08
C GLU H 291 -3.35 -11.09 -73.72
N ALA H 292 -4.34 -10.26 -73.45
CA ALA H 292 -4.42 -9.57 -72.16
C ALA H 292 -4.63 -10.56 -71.02
N LEU H 293 -5.51 -11.54 -71.23
CA LEU H 293 -5.73 -12.55 -70.20
C LEU H 293 -4.46 -13.36 -69.96
N GLU H 294 -3.71 -13.67 -71.03
CA GLU H 294 -2.45 -14.37 -70.87
C GLU H 294 -1.46 -13.53 -70.08
N ARG H 295 -1.37 -12.23 -70.39
CA ARG H 295 -0.47 -11.35 -69.66
C ARG H 295 -0.83 -11.29 -68.19
N TYR H 296 -2.13 -11.19 -67.90
CA TYR H 296 -2.58 -11.23 -66.51
C TYR H 296 -2.21 -12.57 -65.87
N LYS H 297 -2.37 -13.67 -66.61
CA LYS H 297 -1.92 -14.97 -66.12
C LYS H 297 -0.41 -14.98 -65.91
N GLU H 298 0.33 -14.17 -66.67
CA GLU H 298 1.76 -14.02 -66.50
C GLU H 298 2.12 -13.04 -65.40
N GLY H 299 1.13 -12.44 -64.76
CA GLY H 299 1.37 -11.47 -63.70
C GLY H 299 1.46 -10.03 -64.14
N ALA H 300 1.11 -9.73 -65.38
CA ALA H 300 1.16 -8.35 -65.85
C ALA H 300 0.00 -7.55 -65.28
N ASP H 301 0.10 -6.22 -65.39
CA ASP H 301 -0.88 -5.33 -64.79
C ASP H 301 -2.22 -5.45 -65.48
N GLU H 302 -3.28 -5.66 -64.69
CA GLU H 302 -4.63 -5.67 -65.25
C GLU H 302 -5.05 -4.27 -65.70
N SER H 303 -4.49 -3.22 -65.10
CA SER H 303 -4.85 -1.86 -65.50
C SER H 303 -4.41 -1.57 -66.94
N GLU H 304 -3.14 -1.86 -67.24
CA GLU H 304 -2.66 -1.66 -68.60
C GLU H 304 -3.42 -2.52 -69.59
N LEU H 305 -3.73 -3.75 -69.20
CA LEU H 305 -4.51 -4.62 -70.08
C LEU H 305 -5.89 -4.05 -70.35
N VAL H 306 -6.53 -3.52 -69.30
CA VAL H 306 -7.85 -2.92 -69.46
C VAL H 306 -7.76 -1.74 -70.42
N ALA H 307 -6.76 -0.88 -70.23
CA ALA H 307 -6.60 0.26 -71.12
C ALA H 307 -6.39 -0.19 -72.56
N GLU H 308 -5.55 -1.20 -72.77
CA GLU H 308 -5.28 -1.65 -74.14
C GLU H 308 -6.52 -2.23 -74.79
N VAL H 309 -7.21 -3.13 -74.09
CA VAL H 309 -8.43 -3.72 -74.62
C VAL H 309 -9.45 -2.62 -74.92
N MET H 310 -9.56 -1.65 -74.02
CA MET H 310 -10.51 -0.57 -74.23
C MET H 310 -10.16 0.23 -75.48
N THR H 311 -8.87 0.51 -75.67
CA THR H 311 -8.45 1.27 -76.84
C THR H 311 -8.79 0.49 -78.11
N ALA H 312 -8.52 -0.81 -78.12
CA ALA H 312 -8.84 -1.61 -79.28
C ALA H 312 -10.34 -1.62 -79.54
N THR H 313 -11.14 -1.71 -78.49
CA THR H 313 -12.59 -1.68 -78.65
C THR H 313 -13.05 -0.39 -79.32
N ALA H 314 -12.57 0.75 -78.80
CA ALA H 314 -12.95 2.03 -79.39
C ALA H 314 -12.51 2.09 -80.86
N GLU H 315 -11.27 1.70 -81.14
CA GLU H 315 -10.77 1.74 -82.50
C GLU H 315 -11.64 0.90 -83.42
N ALA H 316 -11.98 -0.31 -83.00
CA ALA H 316 -12.78 -1.19 -83.84
C ALA H 316 -14.18 -0.62 -84.08
N VAL H 317 -14.81 -0.11 -83.02
CA VAL H 317 -16.15 0.45 -83.18
C VAL H 317 -16.12 1.60 -84.17
N GLY H 318 -15.16 2.50 -84.01
CA GLY H 318 -15.05 3.61 -84.94
C GLY H 318 -14.77 3.15 -86.35
N GLU H 319 -13.87 2.18 -86.51
CA GLU H 319 -13.53 1.69 -87.84
C GLU H 319 -14.75 1.11 -88.53
N ILE H 320 -15.53 0.30 -87.81
CA ILE H 320 -16.72 -0.31 -88.40
C ILE H 320 -17.72 0.77 -88.78
N ALA H 321 -17.93 1.75 -87.89
CA ALA H 321 -18.88 2.80 -88.20
C ALA H 321 -18.45 3.60 -89.42
N GLU H 322 -17.15 3.91 -89.51
CA GLU H 322 -16.64 4.68 -90.64
C GLU H 322 -16.77 3.89 -91.93
N ALA H 323 -16.47 2.59 -91.88
CA ALA H 323 -16.66 1.76 -93.07
C ALA H 323 -18.12 1.75 -93.50
N THR H 324 -19.03 1.67 -92.52
CA THR H 324 -20.46 1.76 -92.85
C THR H 324 -20.77 3.09 -93.53
N ILE H 325 -20.24 4.18 -93.00
CA ILE H 325 -20.47 5.49 -93.60
C ILE H 325 -19.97 5.50 -95.04
N GLU H 326 -18.80 4.90 -95.27
CA GLU H 326 -18.25 4.84 -96.62
C GLU H 326 -19.11 3.98 -97.54
N ALA H 327 -19.72 2.92 -97.01
CA ALA H 327 -20.58 2.08 -97.84
C ALA H 327 -21.87 2.79 -98.23
N THR H 328 -22.41 3.62 -97.34
CA THR H 328 -23.60 4.39 -97.65
C THR H 328 -23.27 5.52 -98.63
N ASP H 329 -24.33 6.13 -99.18
CA ASP H 329 -24.16 7.26 -100.08
C ASP H 329 -25.11 8.43 -99.80
N ASP H 330 -26.16 8.26 -99.01
CA ASP H 330 -27.16 9.31 -98.82
C ASP H 330 -26.64 10.34 -97.80
N PRO H 331 -26.80 11.64 -98.06
CA PRO H 331 -26.35 12.64 -97.06
C PRO H 331 -26.99 12.44 -95.71
N GLU H 332 -28.32 12.40 -95.65
CA GLU H 332 -29.00 12.26 -94.36
C GLU H 332 -28.61 10.95 -93.69
N LYS H 333 -28.45 9.89 -94.47
CA LYS H 333 -28.02 8.61 -93.90
C LYS H 333 -26.65 8.74 -93.27
N ARG H 334 -25.72 9.39 -93.96
CA ARG H 334 -24.38 9.55 -93.39
C ARG H 334 -24.43 10.40 -92.12
N ARG H 335 -25.23 11.46 -92.12
CA ARG H 335 -25.35 12.28 -90.91
C ARG H 335 -25.90 11.45 -89.75
N LYS H 336 -26.94 10.65 -90.00
CA LYS H 336 -27.50 9.81 -88.94
C LYS H 336 -26.47 8.80 -88.45
N ILE H 337 -25.75 8.16 -89.38
CA ILE H 337 -24.71 7.22 -88.99
C ILE H 337 -23.68 7.92 -88.12
N ALA H 338 -23.31 9.14 -88.47
CA ALA H 338 -22.33 9.87 -87.68
C ALA H 338 -22.86 10.17 -86.29
N GLU H 339 -24.14 10.50 -86.17
CA GLU H 339 -24.70 10.73 -84.84
C GLU H 339 -24.68 9.45 -84.02
N PHE H 340 -25.04 8.32 -84.63
CA PHE H 340 -24.97 7.05 -83.93
C PHE H 340 -23.54 6.72 -83.53
N ALA H 341 -22.59 7.03 -84.40
CA ALA H 341 -21.18 6.77 -84.10
C ALA H 341 -20.71 7.64 -82.94
N ARG H 342 -21.14 8.89 -82.91
CA ARG H 342 -20.82 9.74 -81.78
C ARG H 342 -21.41 9.18 -80.49
N GLU H 343 -22.65 8.71 -80.55
CA GLU H 343 -23.25 8.09 -79.37
C GLU H 343 -22.42 6.89 -78.92
N LYS H 344 -22.03 6.05 -79.87
CA LYS H 344 -21.22 4.89 -79.54
C LYS H 344 -19.91 5.30 -78.89
N MET H 345 -19.22 6.28 -79.49
CA MET H 345 -17.95 6.73 -78.95
C MET H 345 -18.13 7.27 -77.53
N ARG H 346 -19.20 8.02 -77.30
CA ARG H 346 -19.45 8.57 -75.97
C ARG H 346 -19.70 7.46 -74.96
N ARG H 347 -20.50 6.46 -75.33
CA ARG H 347 -20.74 5.35 -74.42
C ARG H 347 -19.44 4.61 -74.11
N ILE H 348 -18.64 4.38 -75.15
CA ILE H 348 -17.37 3.69 -74.99
C ILE H 348 -16.43 4.46 -74.06
N ARG H 349 -16.32 5.77 -74.25
CA ARG H 349 -15.50 6.59 -73.36
C ARG H 349 -16.01 6.55 -71.92
N GLU H 350 -17.34 6.72 -71.75
CA GLU H 350 -17.89 6.74 -70.41
C GLU H 350 -17.64 5.43 -69.69
N LEU H 351 -17.81 4.31 -70.41
CA LEU H 351 -17.52 3.01 -69.84
C LEU H 351 -16.05 2.90 -69.46
N ALA H 352 -15.15 3.39 -70.32
CA ALA H 352 -13.72 3.31 -70.00
C ALA H 352 -13.41 4.03 -68.69
N ARG H 353 -14.01 5.20 -68.49
CA ARG H 353 -13.61 6.03 -67.36
C ARG H 353 -13.63 5.27 -66.04
N LYS H 354 -14.59 4.35 -65.87
CA LYS H 354 -14.72 3.65 -64.59
C LYS H 354 -13.74 2.48 -64.48
N LEU H 355 -13.49 1.77 -65.58
CA LEU H 355 -12.68 0.56 -65.51
C LEU H 355 -11.20 0.87 -65.35
N VAL H 356 -10.70 1.89 -66.04
CA VAL H 356 -9.26 2.17 -66.06
C VAL H 356 -8.87 2.85 -64.76
N GLU H 357 -8.10 2.14 -63.93
CA GLU H 357 -7.66 2.71 -62.65
C GLU H 357 -6.52 3.70 -62.82
N ASP H 358 -5.60 3.47 -63.75
CA ASP H 358 -4.45 4.34 -63.90
C ASP H 358 -4.90 5.66 -64.51
N PRO H 359 -4.68 6.80 -63.87
CA PRO H 359 -5.23 8.05 -64.41
C PRO H 359 -4.58 8.47 -65.71
N VAL H 360 -3.28 8.25 -65.88
CA VAL H 360 -2.62 8.64 -67.12
C VAL H 360 -3.17 7.84 -68.29
N LEU H 361 -3.27 6.52 -68.11
CA LEU H 361 -3.81 5.68 -69.17
C LEU H 361 -5.26 6.03 -69.44
N ALA H 362 -6.03 6.31 -68.38
CA ALA H 362 -7.43 6.68 -68.56
C ALA H 362 -7.55 7.95 -69.40
N ALA H 363 -6.76 8.97 -69.07
CA ALA H 363 -6.77 10.19 -69.85
C ALA H 363 -6.39 9.92 -71.29
N ALA H 364 -5.39 9.08 -71.51
CA ALA H 364 -5.00 8.75 -72.88
C ALA H 364 -6.14 8.10 -73.64
N VAL H 365 -6.83 7.16 -72.99
CA VAL H 365 -7.96 6.49 -73.64
C VAL H 365 -9.03 7.50 -73.99
N ALA H 366 -9.34 8.40 -73.06
CA ALA H 366 -10.37 9.40 -73.31
C ALA H 366 -10.00 10.29 -74.49
N ALA H 367 -8.75 10.77 -74.51
CA ALA H 367 -8.32 11.64 -75.59
C ALA H 367 -8.41 10.93 -76.93
N ARG H 368 -7.83 9.74 -77.01
CA ARG H 368 -7.88 8.98 -78.25
C ARG H 368 -9.33 8.78 -78.70
N ALA H 369 -10.20 8.40 -77.77
CA ALA H 369 -11.59 8.15 -78.11
C ALA H 369 -12.25 9.40 -78.68
N LEU H 370 -12.09 10.53 -78.00
CA LEU H 370 -12.77 11.74 -78.44
C LEU H 370 -12.23 12.21 -79.79
N VAL H 371 -10.91 12.13 -79.98
CA VAL H 371 -10.33 12.57 -81.25
C VAL H 371 -10.87 11.72 -82.38
N LEU H 372 -10.82 10.39 -82.21
CA LEU H 372 -11.28 9.50 -83.27
C LEU H 372 -12.77 9.70 -83.54
N SER H 373 -13.56 9.91 -82.47
CA SER H 373 -14.97 10.17 -82.66
C SER H 373 -15.18 11.41 -83.52
N ALA H 374 -14.49 12.50 -83.19
CA ALA H 374 -14.65 13.73 -83.94
C ALA H 374 -14.28 13.54 -85.40
N ALA H 375 -13.18 12.83 -85.66
CA ALA H 375 -12.78 12.61 -87.04
C ALA H 375 -13.79 11.76 -87.79
N VAL H 376 -14.25 10.68 -87.15
CA VAL H 376 -15.21 9.80 -87.82
C VAL H 376 -16.48 10.57 -88.14
N PHE H 377 -16.91 11.44 -87.24
CA PHE H 377 -18.05 12.30 -87.56
C PHE H 377 -17.73 13.19 -88.74
N ALA H 378 -16.61 13.92 -88.67
CA ALA H 378 -16.30 14.89 -89.71
C ALA H 378 -16.29 14.24 -91.09
N LYS H 379 -15.97 12.95 -91.15
CA LYS H 379 -16.03 12.23 -92.41
C LYS H 379 -17.34 12.49 -93.15
N ALA H 380 -18.44 12.69 -92.43
CA ALA H 380 -19.75 12.69 -93.07
C ALA H 380 -19.88 13.75 -94.15
N TYR H 381 -19.17 14.86 -94.02
CA TYR H 381 -19.30 15.96 -94.97
C TYR H 381 -18.30 15.88 -96.13
N GLY H 382 -17.44 14.87 -96.16
CA GLY H 382 -16.66 14.60 -97.35
C GLY H 382 -15.39 15.39 -97.51
N GLY H 383 -14.85 15.95 -96.42
CA GLY H 383 -13.57 16.63 -96.48
C GLY H 383 -12.44 15.65 -96.74
N PRO H 384 -11.33 16.14 -97.30
CA PRO H 384 -10.20 15.24 -97.57
C PRO H 384 -9.78 14.42 -96.35
N GLU H 385 -9.68 13.10 -96.52
CA GLU H 385 -9.33 12.23 -95.40
C GLU H 385 -7.90 12.45 -94.93
N GLU H 386 -7.05 13.08 -95.76
CA GLU H 386 -5.65 13.25 -95.36
C GLU H 386 -5.53 14.10 -94.10
N TYR H 387 -6.30 15.18 -94.02
CA TYR H 387 -6.22 16.05 -92.85
C TYR H 387 -6.64 15.30 -91.59
N SER H 388 -7.75 14.56 -91.67
CA SER H 388 -8.20 13.78 -90.53
C SER H 388 -7.15 12.75 -90.13
N ARG H 389 -6.55 12.09 -91.13
CA ARG H 389 -5.51 11.11 -90.84
C ARG H 389 -4.34 11.76 -90.11
N LEU H 390 -3.92 12.93 -90.56
CA LEU H 390 -2.81 13.61 -89.91
C LEU H 390 -3.15 13.96 -88.47
N MET H 391 -4.36 14.44 -88.22
CA MET H 391 -4.76 14.74 -86.85
C MET H 391 -4.80 13.48 -85.99
N ARG H 392 -5.29 12.38 -86.57
CA ARG H 392 -5.29 11.11 -85.84
C ARG H 392 -3.86 10.73 -85.48
N ARG H 393 -2.95 10.90 -86.43
CA ARG H 393 -1.54 10.61 -86.18
C ARG H 393 -1.01 11.44 -85.03
N TRP H 394 -1.34 12.72 -85.01
CA TRP H 394 -0.89 13.58 -83.91
C TRP H 394 -1.41 13.07 -82.57
N VAL H 395 -2.70 12.76 -82.50
CA VAL H 395 -3.25 12.26 -81.24
C VAL H 395 -2.54 10.99 -80.82
N GLU H 396 -2.31 10.08 -81.77
CA GLU H 396 -1.64 8.83 -81.46
C GLU H 396 -0.22 9.09 -80.96
N LYS H 397 0.49 10.02 -81.59
CA LYS H 397 1.84 10.34 -81.15
C LYS H 397 1.83 10.88 -79.73
N ALA H 398 0.86 11.74 -79.42
CA ALA H 398 0.76 12.23 -78.06
C ALA H 398 0.57 11.09 -77.08
N ALA H 399 -0.31 10.15 -77.43
CA ALA H 399 -0.52 8.99 -76.55
C ALA H 399 0.76 8.18 -76.40
N GLU H 400 1.50 8.01 -77.50
CA GLU H 400 2.75 7.25 -77.44
C GLU H 400 3.73 7.90 -76.48
N LEU H 401 3.93 9.22 -76.62
CA LEU H 401 4.81 9.93 -75.71
C LEU H 401 4.31 9.81 -74.27
N ALA H 402 2.99 9.87 -74.08
CA ALA H 402 2.44 9.80 -72.73
C ALA H 402 2.73 8.46 -72.07
N ARG H 403 2.52 7.37 -72.81
CA ARG H 403 2.80 6.06 -72.23
C ARG H 403 4.30 5.88 -72.02
N ARG H 404 5.12 6.40 -72.93
CA ARG H 404 6.57 6.34 -72.72
C ARG H 404 6.96 7.02 -71.40
N ALA H 405 6.43 8.22 -71.17
CA ALA H 405 6.76 8.93 -69.94
C ALA H 405 6.19 8.22 -68.72
N ARG H 406 4.99 7.67 -68.82
CA ARG H 406 4.42 6.94 -67.70
C ARG H 406 5.30 5.76 -67.33
N ARG H 407 5.79 5.03 -68.34
CA ARG H 407 6.77 3.98 -68.07
C ARG H 407 8.04 4.56 -67.46
N LEU H 408 8.40 5.78 -67.84
CA LEU H 408 9.56 6.43 -67.23
C LEU H 408 9.30 6.89 -65.79
N GLY H 409 8.05 6.86 -65.34
CA GLY H 409 7.75 7.25 -63.97
C GLY H 409 7.55 8.73 -63.73
N ALA H 410 7.06 9.46 -64.73
CA ALA H 410 6.87 10.89 -64.59
C ALA H 410 5.67 11.21 -63.71
N ASP H 411 5.58 12.48 -63.30
CA ASP H 411 4.45 12.96 -62.52
C ASP H 411 3.19 12.96 -63.38
N GLU H 412 2.13 12.33 -62.89
CA GLU H 412 0.91 12.17 -63.68
C GLU H 412 0.27 13.50 -64.06
N SER H 413 0.47 14.55 -63.26
CA SER H 413 -0.24 15.80 -63.49
C SER H 413 0.16 16.42 -64.82
N VAL H 414 1.46 16.54 -65.07
CA VAL H 414 1.92 17.16 -66.32
C VAL H 414 1.51 16.30 -67.50
N LEU H 415 1.53 14.98 -67.35
CA LEU H 415 1.12 14.11 -68.45
C LEU H 415 -0.35 14.28 -68.77
N VAL H 416 -1.20 14.36 -67.74
CA VAL H 416 -2.62 14.59 -67.98
C VAL H 416 -2.82 15.91 -68.69
N ALA H 417 -2.09 16.94 -68.25
CA ALA H 417 -2.16 18.23 -68.94
C ALA H 417 -1.80 18.07 -70.41
N ALA H 418 -0.71 17.37 -70.70
CA ALA H 418 -0.29 17.20 -72.08
C ALA H 418 -1.39 16.54 -72.90
N LEU H 419 -1.92 15.42 -72.42
CA LEU H 419 -2.91 14.67 -73.19
C LEU H 419 -4.14 15.53 -73.44
N MET H 420 -4.69 16.14 -72.39
CA MET H 420 -5.93 16.88 -72.55
C MET H 420 -5.75 18.11 -73.42
N ARG H 421 -4.63 18.82 -73.26
CA ARG H 421 -4.37 19.96 -74.13
C ARG H 421 -4.35 19.52 -75.58
N VAL H 422 -3.63 18.44 -75.88
CA VAL H 422 -3.58 17.97 -77.26
C VAL H 422 -4.97 17.65 -77.76
N ALA H 423 -5.79 17.01 -76.93
CA ALA H 423 -7.15 16.67 -77.34
C ALA H 423 -7.93 17.92 -77.69
N ALA H 424 -7.83 18.95 -76.86
CA ALA H 424 -8.57 20.18 -77.11
C ALA H 424 -8.14 20.80 -78.44
N ILE H 425 -6.83 20.96 -78.65
CA ILE H 425 -6.35 21.53 -79.90
C ILE H 425 -6.86 20.70 -81.08
N ALA H 426 -6.77 19.38 -80.98
CA ALA H 426 -7.15 18.52 -82.09
C ALA H 426 -8.61 18.68 -82.44
N VAL H 427 -9.49 18.56 -81.43
CA VAL H 427 -10.92 18.58 -81.72
C VAL H 427 -11.33 19.94 -82.24
N THR H 428 -10.85 21.01 -81.62
CA THR H 428 -11.19 22.34 -82.11
C THR H 428 -10.69 22.54 -83.53
N ALA H 429 -9.49 22.02 -83.85
CA ALA H 429 -8.99 22.14 -85.21
C ALA H 429 -9.89 21.42 -86.20
N ILE H 430 -10.28 20.19 -85.88
CA ILE H 430 -11.11 19.42 -86.80
C ILE H 430 -12.45 20.12 -87.02
N ALA H 431 -13.05 20.60 -85.92
CA ALA H 431 -14.32 21.31 -86.05
C ALA H 431 -14.15 22.57 -86.89
N MET H 432 -13.06 23.31 -86.66
CA MET H 432 -12.81 24.52 -87.43
C MET H 432 -12.72 24.19 -88.92
N MET H 433 -12.01 23.12 -89.25
CA MET H 433 -11.89 22.73 -90.65
C MET H 433 -13.25 22.37 -91.22
N THR H 434 -14.05 21.61 -90.47
CA THR H 434 -15.35 21.22 -90.97
C THR H 434 -16.21 22.45 -91.25
N VAL H 435 -16.24 23.40 -90.32
CA VAL H 435 -17.04 24.60 -90.50
C VAL H 435 -16.53 25.41 -91.68
N MET H 436 -15.22 25.55 -91.80
CA MET H 436 -14.64 26.29 -92.92
C MET H 436 -15.05 25.66 -94.24
N GLY H 437 -15.01 24.33 -94.31
CA GLY H 437 -15.42 23.65 -95.53
C GLY H 437 -16.89 23.86 -95.85
N VAL H 438 -17.74 23.75 -94.83
CA VAL H 438 -19.17 23.95 -95.03
C VAL H 438 -19.42 25.35 -95.59
N GLN H 439 -18.66 26.33 -95.13
CA GLN H 439 -18.80 27.70 -95.61
C GLN H 439 -18.36 27.87 -97.06
N ASN H 440 -17.80 26.84 -97.68
CA ASN H 440 -17.40 26.91 -99.08
C ASN H 440 -16.23 27.88 -99.29
N ALA H 441 -15.28 27.86 -98.35
CA ALA H 441 -14.11 28.70 -98.45
C ALA H 441 -13.11 28.13 -99.46
N PRO H 442 -12.22 28.96 -100.00
CA PRO H 442 -11.24 28.45 -100.96
C PRO H 442 -10.16 27.67 -100.25
N PRO H 443 -9.50 26.73 -100.95
CA PRO H 443 -8.50 25.89 -100.28
C PRO H 443 -7.29 26.67 -99.79
N GLU H 444 -6.87 27.72 -100.50
CA GLU H 444 -5.75 28.51 -100.02
C GLU H 444 -6.03 29.09 -98.65
N GLU H 445 -7.31 29.33 -98.33
CA GLU H 445 -7.68 29.76 -97.00
C GLU H 445 -7.76 28.59 -96.04
N ARG H 446 -8.40 27.48 -96.46
CA ARG H 446 -8.65 26.37 -95.57
C ARG H 446 -7.35 25.76 -95.05
N GLU H 447 -6.33 25.68 -95.91
CA GLU H 447 -5.08 25.03 -95.52
C GLU H 447 -4.47 25.69 -94.29
N ARG H 448 -4.66 27.00 -94.13
CA ARG H 448 -4.02 27.73 -93.05
C ARG H 448 -4.33 27.11 -91.69
N ILE H 449 -5.52 26.53 -91.54
CA ILE H 449 -5.91 25.96 -90.25
C ILE H 449 -4.92 24.89 -89.82
N LEU H 450 -4.43 24.09 -90.77
CA LEU H 450 -3.52 23.02 -90.43
C LEU H 450 -2.23 23.57 -89.83
N ALA H 451 -1.69 24.64 -90.40
CA ALA H 451 -0.49 25.24 -89.85
C ALA H 451 -0.74 25.69 -88.41
N GLU H 452 -1.86 26.35 -88.17
CA GLU H 452 -2.18 26.81 -86.82
C GLU H 452 -2.25 25.63 -85.86
N ALA H 453 -2.89 24.54 -86.26
CA ALA H 453 -3.04 23.40 -85.37
C ALA H 453 -1.71 22.73 -85.07
N THR H 454 -0.95 22.40 -86.11
CA THR H 454 0.27 21.63 -85.90
C THR H 454 1.31 22.43 -85.11
N GLU H 455 1.40 23.74 -85.36
CA GLU H 455 2.32 24.56 -84.60
C GLU H 455 2.03 24.44 -83.10
N MET H 456 0.78 24.68 -82.72
CA MET H 456 0.42 24.61 -81.31
C MET H 456 0.59 23.19 -80.77
N ILE H 457 0.15 22.19 -81.53
CA ILE H 457 0.25 20.81 -81.07
C ILE H 457 1.70 20.44 -80.81
N ALA H 458 2.58 20.78 -81.75
CA ALA H 458 4.00 20.51 -81.56
C ALA H 458 4.52 21.23 -80.33
N ARG H 459 4.22 22.52 -80.22
CA ARG H 459 4.75 23.31 -79.11
C ARG H 459 4.28 22.78 -77.77
N VAL H 460 3.00 22.42 -77.66
CA VAL H 460 2.50 21.96 -76.37
C VAL H 460 3.13 20.61 -76.03
N LEU H 461 3.31 19.74 -77.02
CA LEU H 461 4.03 18.50 -76.76
C LEU H 461 5.47 18.79 -76.36
N ALA H 462 6.12 19.73 -77.04
CA ALA H 462 7.50 20.04 -76.69
C ALA H 462 7.60 20.57 -75.26
N GLU H 463 6.70 21.50 -74.90
CA GLU H 463 6.74 22.06 -73.56
C GLU H 463 6.57 20.98 -72.50
N ALA H 464 5.68 20.02 -72.76
CA ALA H 464 5.49 18.93 -71.81
C ALA H 464 6.78 18.13 -71.63
N THR H 465 7.44 17.80 -72.74
CA THR H 465 8.68 17.03 -72.65
C THR H 465 9.70 17.79 -71.80
N ARG H 466 9.84 19.08 -72.03
CA ARG H 466 10.79 19.89 -71.27
C ARG H 466 10.50 19.82 -69.78
N ARG H 467 9.22 19.97 -69.41
CA ARG H 467 8.86 19.96 -68.00
C ARG H 467 9.18 18.62 -67.36
N VAL H 468 8.80 17.52 -68.02
CA VAL H 468 9.04 16.20 -67.46
C VAL H 468 10.53 15.94 -67.34
N MET H 469 11.28 16.24 -68.41
CA MET H 469 12.71 15.96 -68.42
C MET H 469 13.43 16.70 -67.30
N LYS H 470 12.92 17.87 -66.91
CA LYS H 470 13.62 18.68 -65.92
C LYS H 470 13.78 17.96 -64.59
N ARG H 471 12.96 16.94 -64.32
CA ARG H 471 13.04 16.19 -63.07
C ARG H 471 13.19 14.70 -63.35
N LEU H 472 13.89 14.37 -64.44
CA LEU H 472 14.14 12.98 -64.78
C LEU H 472 15.09 12.34 -63.77
N GLU H 473 15.25 11.03 -63.89
CA GLU H 473 16.00 10.24 -62.91
C GLU H 473 17.45 9.97 -63.32
N ASP H 474 17.73 9.83 -64.61
CA ASP H 474 19.06 9.45 -65.07
C ASP H 474 19.37 10.16 -66.37
N PRO H 475 20.65 10.40 -66.67
CA PRO H 475 20.98 11.11 -67.92
C PRO H 475 20.64 10.30 -69.16
N GLU H 476 20.84 8.98 -69.14
CA GLU H 476 20.50 8.17 -70.29
C GLU H 476 19.00 8.23 -70.58
N ALA H 477 18.18 8.16 -69.53
CA ALA H 477 16.73 8.26 -69.72
C ALA H 477 16.35 9.63 -70.27
N ALA H 478 16.98 10.70 -69.78
CA ALA H 478 16.69 12.03 -70.29
C ALA H 478 17.04 12.12 -71.77
N ALA H 479 18.20 11.59 -72.14
CA ALA H 479 18.59 11.58 -73.54
C ALA H 479 17.61 10.76 -74.38
N GLU H 480 17.12 9.65 -73.83
CA GLU H 480 16.14 8.84 -74.55
C GLU H 480 14.88 9.64 -74.82
N LEU H 481 14.39 10.35 -73.80
CA LEU H 481 13.21 11.18 -74.00
C LEU H 481 13.48 12.24 -75.07
N ALA H 482 14.64 12.88 -75.01
CA ALA H 482 14.97 13.90 -75.98
C ALA H 482 14.95 13.34 -77.40
N LEU H 483 15.65 12.23 -77.62
CA LEU H 483 15.73 11.65 -78.94
C LEU H 483 14.36 11.21 -79.44
N ALA H 484 13.57 10.56 -78.57
CA ALA H 484 12.26 10.08 -78.97
C ALA H 484 11.37 11.24 -79.41
N THR H 485 11.28 12.27 -78.58
CA THR H 485 10.41 13.39 -78.93
C THR H 485 10.90 14.13 -80.15
N ILE H 486 12.22 14.24 -80.32
CA ILE H 486 12.76 14.88 -81.53
C ILE H 486 12.34 14.09 -82.76
N GLU H 487 12.46 12.76 -82.70
CA GLU H 487 12.04 11.94 -83.83
C GLU H 487 10.55 12.16 -84.12
N ALA H 488 9.73 12.13 -83.08
CA ALA H 488 8.29 12.27 -83.26
C ALA H 488 7.96 13.59 -83.94
N ILE H 489 8.44 14.70 -83.37
CA ILE H 489 8.13 16.01 -83.92
C ILE H 489 8.65 16.13 -85.35
N THR H 490 9.84 15.58 -85.62
CA THR H 490 10.39 15.67 -86.96
C THR H 490 9.49 14.94 -87.95
N GLU H 491 9.07 13.73 -87.62
CA GLU H 491 8.21 12.98 -88.53
C GLU H 491 6.90 13.71 -88.76
N LEU H 492 6.34 14.29 -87.69
CA LEU H 492 5.05 14.96 -87.82
C LEU H 492 5.17 16.17 -88.75
N PHE H 493 6.18 17.01 -88.56
CA PHE H 493 6.34 18.13 -89.49
C PHE H 493 6.69 17.67 -90.89
N VAL H 494 7.41 16.56 -91.04
CA VAL H 494 7.66 16.05 -92.38
C VAL H 494 6.33 15.79 -93.07
N ASP H 495 5.42 15.10 -92.38
CA ASP H 495 4.12 14.80 -92.97
C ASP H 495 3.37 16.08 -93.28
N ALA H 496 3.33 17.01 -92.33
CA ALA H 496 2.57 18.25 -92.54
C ALA H 496 3.10 19.02 -93.74
N LEU H 497 4.43 19.18 -93.82
CA LEU H 497 5.01 19.88 -94.95
C LEU H 497 4.72 19.17 -96.26
N GLU H 498 4.64 17.84 -96.24
CA GLU H 498 4.21 17.13 -97.43
C GLU H 498 2.77 17.49 -97.80
N ILE H 499 1.90 17.66 -96.80
CA ILE H 499 0.48 17.81 -97.09
C ILE H 499 0.20 19.16 -97.75
N ILE H 500 0.56 20.25 -97.08
CA ILE H 500 0.11 21.58 -97.52
C ILE H 500 0.60 21.85 -98.95
N ARG H 501 -0.18 22.66 -99.68
CA ARG H 501 -0.04 22.74 -101.12
C ARG H 501 0.01 24.17 -101.68
N SER H 502 0.16 25.19 -100.85
CA SER H 502 0.15 26.52 -101.43
C SER H 502 0.78 27.57 -100.52
N GLY H 503 1.41 28.55 -101.16
CA GLY H 503 1.63 29.89 -100.66
C GLY H 503 2.53 30.06 -99.45
N GLU H 504 2.44 31.27 -98.89
CA GLU H 504 3.29 31.68 -97.78
C GLU H 504 3.05 30.85 -96.53
N VAL H 505 1.94 30.11 -96.47
CA VAL H 505 1.72 29.21 -95.34
C VAL H 505 2.90 28.24 -95.20
N ALA H 506 3.53 27.89 -96.32
CA ALA H 506 4.71 27.04 -96.24
C ALA H 506 5.84 27.72 -95.48
N SER H 507 6.10 28.99 -95.78
CA SER H 507 7.16 29.71 -95.08
C SER H 507 6.86 29.78 -93.59
N ARG H 508 5.62 30.12 -93.23
CA ARG H 508 5.22 30.11 -91.84
C ARG H 508 5.52 28.77 -91.18
N LEU H 509 5.09 27.69 -91.82
CA LEU H 509 5.23 26.37 -91.23
C LEU H 509 6.69 26.04 -90.99
N ALA H 510 7.55 26.29 -91.99
CA ALA H 510 8.96 25.97 -91.85
C ALA H 510 9.60 26.79 -90.74
N LYS H 511 9.35 28.09 -90.72
CA LYS H 511 9.99 28.95 -89.74
C LYS H 511 9.63 28.53 -88.33
N SER H 512 8.34 28.26 -88.09
CA SER H 512 7.92 27.81 -86.77
C SER H 512 8.52 26.46 -86.42
N GLY H 513 8.50 25.53 -87.39
CA GLY H 513 9.01 24.21 -87.10
C GLY H 513 10.47 24.20 -86.73
N ILE H 514 11.28 24.99 -87.43
CA ILE H 514 12.71 24.98 -87.19
C ILE H 514 13.00 25.35 -85.73
N GLU H 515 12.41 26.46 -85.27
CA GLU H 515 12.67 26.91 -83.91
C GLU H 515 12.22 25.88 -82.89
N VAL H 516 11.12 25.17 -83.18
CA VAL H 516 10.58 24.23 -82.21
C VAL H 516 11.59 23.12 -81.92
N ILE H 517 12.15 22.52 -82.97
CA ILE H 517 13.09 21.43 -82.76
C ILE H 517 14.39 21.95 -82.16
N ALA H 518 14.85 23.12 -82.62
CA ALA H 518 16.07 23.69 -82.07
C ALA H 518 15.95 23.91 -80.57
N GLU H 519 14.86 24.56 -80.15
CA GLU H 519 14.69 24.85 -78.73
C GLU H 519 14.65 23.57 -77.91
N LEU H 520 13.92 22.56 -78.39
CA LEU H 520 13.87 21.29 -77.67
C LEU H 520 15.26 20.67 -77.58
N ALA H 521 16.03 20.73 -78.66
CA ALA H 521 17.39 20.23 -78.61
C ALA H 521 18.22 21.01 -77.62
N GLU H 522 18.12 22.34 -77.66
CA GLU H 522 18.89 23.17 -76.74
C GLU H 522 18.54 22.84 -75.30
N ALA H 523 17.25 22.66 -75.00
CA ALA H 523 16.85 22.33 -73.64
C ALA H 523 17.48 21.00 -73.20
N ALA H 524 17.45 19.99 -74.07
CA ALA H 524 18.04 18.71 -73.73
C ALA H 524 19.55 18.83 -73.54
N ILE H 525 20.21 19.60 -74.40
CA ILE H 525 21.66 19.74 -74.32
C ILE H 525 22.08 20.30 -72.97
N GLU H 526 21.19 21.01 -72.29
CA GLU H 526 21.53 21.57 -70.99
C GLU H 526 21.90 20.48 -69.99
N HIS H 527 21.30 19.30 -70.11
CA HIS H 527 21.54 18.26 -69.13
C HIS H 527 22.77 17.44 -69.50
N ILE H 528 23.43 16.89 -68.48
CA ILE H 528 24.72 16.24 -68.68
C ILE H 528 24.56 14.97 -69.50
N ASP H 529 25.69 14.49 -70.02
CA ASP H 529 25.71 13.25 -70.77
C ASP H 529 27.15 12.79 -70.95
N ASP H 530 27.32 11.52 -71.29
CA ASP H 530 28.60 11.02 -71.75
C ASP H 530 28.89 11.56 -73.15
N PRO H 531 30.16 11.67 -73.53
CA PRO H 531 30.49 12.30 -74.81
C PRO H 531 29.73 11.72 -75.99
N GLU H 532 29.64 10.39 -76.08
CA GLU H 532 28.92 9.78 -77.19
C GLU H 532 27.44 10.17 -77.18
N GLN H 533 26.84 10.21 -75.99
CA GLN H 533 25.44 10.62 -75.90
C GLN H 533 25.26 12.04 -76.41
N LEU H 534 26.19 12.94 -76.04
CA LEU H 534 26.15 14.29 -76.58
C LEU H 534 26.32 14.27 -78.10
N LYS H 535 27.27 13.47 -78.59
CA LYS H 535 27.53 13.42 -80.02
C LYS H 535 26.29 12.95 -80.78
N LYS H 536 25.62 11.92 -80.27
CA LYS H 536 24.38 11.48 -80.91
C LYS H 536 23.32 12.57 -80.91
N ILE H 537 23.21 13.29 -79.79
CA ILE H 537 22.21 14.35 -79.69
C ILE H 537 22.45 15.40 -80.77
N VAL H 538 23.71 15.80 -80.95
CA VAL H 538 24.02 16.79 -81.98
C VAL H 538 23.70 16.23 -83.36
N LYS H 539 24.07 14.97 -83.62
CA LYS H 539 23.81 14.39 -84.93
C LYS H 539 22.32 14.33 -85.22
N LYS H 540 21.51 13.94 -84.24
CA LYS H 540 20.08 13.83 -84.45
C LYS H 540 19.49 15.17 -84.85
N ALA H 541 19.82 16.23 -84.10
CA ALA H 541 19.29 17.55 -84.42
C ALA H 541 19.70 17.98 -85.82
N ALA H 542 20.98 17.78 -86.16
CA ALA H 542 21.45 18.17 -87.48
C ALA H 542 20.67 17.45 -88.57
N GLU H 543 20.42 16.15 -88.39
CA GLU H 543 19.63 15.41 -89.38
C GLU H 543 18.23 16.01 -89.50
N ALA H 544 17.60 16.32 -88.38
CA ALA H 544 16.22 16.79 -88.42
C ALA H 544 16.11 18.09 -89.20
N ILE H 545 16.90 19.09 -88.83
CA ILE H 545 16.76 20.39 -89.46
C ILE H 545 17.08 20.32 -90.94
N LYS H 546 18.05 19.48 -91.30
CA LYS H 546 18.31 19.24 -92.72
C LYS H 546 17.09 18.63 -93.39
N LYS H 547 16.44 17.68 -92.73
CA LYS H 547 15.28 17.02 -93.33
C LYS H 547 14.16 18.01 -93.60
N ILE H 548 13.90 18.90 -92.65
CA ILE H 548 12.86 19.91 -92.85
C ILE H 548 13.24 20.83 -94.00
N VAL H 549 14.48 21.29 -94.01
CA VAL H 549 14.95 22.17 -95.07
C VAL H 549 14.80 21.48 -96.42
N GLU H 550 15.22 20.21 -96.49
CA GLU H 550 15.06 19.45 -97.73
C GLU H 550 13.60 19.39 -98.15
N GLU H 551 12.69 19.22 -97.18
CA GLU H 551 11.27 19.15 -97.51
C GLU H 551 10.81 20.45 -98.18
N LEU H 552 11.17 21.59 -97.59
CA LEU H 552 10.77 22.87 -98.16
C LEU H 552 11.34 23.06 -99.55
N ILE H 553 12.50 22.46 -99.83
CA ILE H 553 13.12 22.63 -101.14
C ILE H 553 12.21 22.15 -102.25
N LYS H 554 11.43 21.10 -101.99
CA LYS H 554 10.54 20.56 -103.01
C LYS H 554 9.39 21.51 -103.33
N LYS H 555 9.08 22.44 -102.45
CA LYS H 555 7.93 23.31 -102.63
C LYS H 555 8.29 24.50 -103.50
N ASP H 556 7.30 25.04 -104.19
CA ASP H 556 7.44 26.38 -104.74
C ASP H 556 7.38 27.39 -103.60
N VAL H 557 8.09 28.50 -103.77
CA VAL H 557 8.17 29.52 -102.73
C VAL H 557 8.64 30.82 -103.36
N GLU H 558 8.32 31.94 -102.70
CA GLU H 558 8.91 33.21 -103.07
C GLU H 558 10.40 33.22 -102.72
N ASP H 559 11.19 33.88 -103.56
CA ASP H 559 12.64 33.79 -103.42
C ASP H 559 13.10 34.27 -102.05
N GLU H 560 12.61 35.43 -101.61
CA GLU H 560 13.05 35.97 -100.33
C GLU H 560 12.69 35.05 -99.18
N LEU H 561 11.47 34.52 -99.18
CA LEU H 561 11.04 33.63 -98.10
C LEU H 561 11.87 32.36 -98.08
N LEU H 562 12.14 31.78 -99.25
CA LEU H 562 12.96 30.58 -99.29
C LEU H 562 14.35 30.85 -98.73
N ALA H 563 14.96 31.95 -99.13
CA ALA H 563 16.30 32.27 -98.64
C ALA H 563 16.27 32.48 -97.12
N GLU H 564 15.40 33.37 -96.66
CA GLU H 564 15.32 33.63 -95.22
C GLU H 564 15.01 32.36 -94.44
N VAL H 565 14.24 31.44 -95.03
CA VAL H 565 13.91 30.20 -94.34
C VAL H 565 15.18 29.38 -94.11
N THR H 566 15.90 29.07 -95.20
CA THR H 566 17.07 28.18 -95.07
C THR H 566 18.23 28.89 -94.39
N SER H 567 18.37 30.20 -94.59
CA SER H 567 19.39 30.94 -93.86
C SER H 567 19.09 30.97 -92.37
N GLU H 568 17.86 31.34 -92.01
CA GLU H 568 17.49 31.39 -90.60
C GLU H 568 17.52 30.01 -89.96
N GLY H 569 17.18 28.97 -90.73
CA GLY H 569 17.29 27.62 -90.21
C GLY H 569 18.72 27.24 -89.90
N ASN H 570 19.64 27.55 -90.83
CA ASN H 570 21.03 27.20 -90.64
C ASN H 570 21.59 27.80 -89.36
N ARG H 571 21.26 29.06 -89.09
CA ARG H 571 21.80 29.74 -87.92
C ARG H 571 21.49 28.97 -86.65
N LYS H 572 20.33 28.32 -86.58
CA LYS H 572 19.97 27.60 -85.37
C LYS H 572 20.81 26.34 -85.20
N LEU H 573 21.22 25.71 -86.30
CA LEU H 573 22.19 24.63 -86.19
C LEU H 573 23.50 25.16 -85.63
N SER H 574 23.92 26.35 -86.08
CA SER H 574 25.12 26.96 -85.52
C SER H 574 25.02 27.07 -84.02
N ARG H 575 23.91 27.64 -83.53
CA ARG H 575 23.80 27.94 -82.11
C ARG H 575 23.88 26.67 -81.26
N ILE H 576 23.13 25.64 -81.66
CA ILE H 576 23.15 24.40 -80.88
C ILE H 576 24.53 23.78 -80.92
N THR H 577 25.20 23.86 -82.07
CA THR H 577 26.57 23.37 -82.15
C THR H 577 27.47 24.12 -81.17
N SER H 578 27.28 25.44 -81.08
CA SER H 578 28.07 26.23 -80.13
C SER H 578 27.78 25.80 -78.70
N LYS H 579 26.51 25.61 -78.34
CA LYS H 579 26.19 25.21 -76.98
C LYS H 579 26.77 23.85 -76.65
N ALA H 580 26.69 22.91 -77.60
CA ALA H 580 27.21 21.57 -77.35
C ALA H 580 28.70 21.60 -77.08
N LEU H 581 29.45 22.32 -77.92
CA LEU H 581 30.90 22.32 -77.80
C LEU H 581 31.36 22.80 -76.44
N THR H 582 30.56 23.64 -75.78
CA THR H 582 30.97 24.18 -74.49
C THR H 582 31.15 23.10 -73.43
N LYS H 583 30.50 21.96 -73.58
CA LYS H 583 30.57 20.89 -72.60
C LYS H 583 31.55 19.79 -72.97
N ILE H 584 32.17 19.85 -74.15
CA ILE H 584 33.13 18.81 -74.52
C ILE H 584 34.37 18.94 -73.66
N LYS H 585 35.08 17.80 -73.51
CA LYS H 585 36.30 17.78 -72.72
C LYS H 585 37.42 16.96 -73.35
N ASP H 586 37.30 16.58 -74.62
CA ASP H 586 38.32 15.77 -75.28
C ASP H 586 38.42 16.18 -76.75
N GLU H 587 39.61 15.97 -77.32
CA GLU H 587 39.86 16.44 -78.67
C GLU H 587 38.98 15.72 -79.70
N LYS H 588 38.76 14.41 -79.53
CA LYS H 588 38.04 13.65 -80.55
C LYS H 588 36.64 14.21 -80.76
N ALA H 589 35.92 14.47 -79.67
CA ALA H 589 34.60 15.08 -79.79
C ALA H 589 34.69 16.47 -80.39
N ALA H 590 35.66 17.27 -79.95
CA ALA H 590 35.78 18.65 -80.45
C ALA H 590 35.99 18.65 -81.96
N ALA H 591 36.88 17.80 -82.46
CA ALA H 591 37.12 17.75 -83.90
C ALA H 591 35.90 17.21 -84.64
N GLU H 592 35.36 16.09 -84.17
CA GLU H 592 34.25 15.45 -84.87
C GLU H 592 33.04 16.38 -84.96
N LEU H 593 32.64 16.97 -83.82
CA LEU H 593 31.49 17.86 -83.83
C LEU H 593 31.76 19.05 -84.74
N THR H 594 32.93 19.66 -84.61
CA THR H 594 33.25 20.80 -85.45
C THR H 594 33.16 20.42 -86.92
N ILE H 595 33.98 19.45 -87.34
CA ILE H 595 34.09 19.16 -88.77
C ILE H 595 32.71 18.85 -89.34
N GLU H 596 31.90 18.08 -88.59
CA GLU H 596 30.58 17.72 -89.07
C GLU H 596 29.73 18.96 -89.33
N ALA H 597 29.62 19.85 -88.34
CA ALA H 597 28.70 20.97 -88.46
C ALA H 597 29.12 21.92 -89.59
N ILE H 598 30.41 22.25 -89.68
CA ILE H 598 30.87 23.05 -90.81
C ILE H 598 30.55 22.36 -92.12
N GLU H 599 30.71 21.04 -92.18
CA GLU H 599 30.29 20.30 -93.36
C GLU H 599 28.79 20.45 -93.61
N ALA H 600 27.98 20.23 -92.56
CA ALA H 600 26.54 20.24 -92.73
C ALA H 600 26.03 21.62 -93.14
N ILE H 601 26.46 22.66 -92.44
CA ILE H 601 25.98 24.01 -92.75
C ILE H 601 26.37 24.38 -94.17
N THR H 602 27.55 23.98 -94.61
CA THR H 602 27.95 24.20 -95.99
C THR H 602 27.03 23.46 -96.94
N GLU H 603 26.65 22.23 -96.59
CA GLU H 603 25.82 21.43 -97.49
C GLU H 603 24.47 22.11 -97.75
N ASN H 604 23.84 22.65 -96.71
CA ASN H 604 22.53 23.27 -96.88
C ASN H 604 22.60 24.42 -97.87
N PHE H 605 23.60 25.29 -97.70
CA PHE H 605 23.78 26.40 -98.64
C PHE H 605 23.95 25.91 -100.06
N LEU H 606 24.56 24.73 -100.24
CA LEU H 606 24.68 24.17 -101.58
C LEU H 606 23.31 23.95 -102.22
N LEU H 607 22.35 23.44 -101.44
CA LEU H 607 21.01 23.21 -101.97
C LEU H 607 20.25 24.53 -102.14
N ALA H 608 20.46 25.49 -101.24
CA ALA H 608 19.83 26.80 -101.42
C ALA H 608 20.29 27.45 -102.71
N LEU H 609 21.59 27.45 -102.95
CA LEU H 609 22.13 27.99 -104.20
C LEU H 609 21.75 27.14 -105.40
N GLU H 610 21.40 25.87 -105.19
CA GLU H 610 21.01 25.00 -106.30
C GLU H 610 19.72 25.43 -106.97
N ARG H 611 18.90 26.27 -106.32
CA ARG H 611 17.63 26.68 -106.93
C ARG H 611 17.33 28.16 -106.70
N ILE H 612 18.34 28.99 -106.44
CA ILE H 612 18.09 30.40 -106.17
C ILE H 612 17.51 31.06 -107.40
N LYS H 613 16.61 32.02 -107.19
CA LYS H 613 15.85 32.61 -108.29
C LYS H 613 16.56 33.79 -108.95
N ASP H 614 17.23 34.64 -108.16
CA ASP H 614 17.76 35.90 -108.66
C ASP H 614 19.10 36.19 -108.01
N GLY H 615 19.89 37.03 -108.69
CA GLY H 615 21.25 37.27 -108.24
C GLY H 615 21.33 37.94 -106.88
N GLU H 616 20.54 39.00 -106.67
CA GLU H 616 20.66 39.75 -105.43
C GLU H 616 20.30 38.89 -104.23
N VAL H 617 19.24 38.09 -104.33
CA VAL H 617 18.89 37.18 -103.25
C VAL H 617 19.98 36.14 -103.05
N ALA H 618 20.51 35.59 -104.15
CA ALA H 618 21.56 34.58 -104.02
C ALA H 618 22.80 35.15 -103.36
N ALA H 619 23.18 36.38 -103.74
CA ALA H 619 24.39 36.99 -103.17
C ALA H 619 24.23 37.21 -101.67
N LYS H 620 23.10 37.79 -101.26
CA LYS H 620 22.93 38.12 -99.85
C LYS H 620 23.04 36.88 -98.97
N LEU H 621 22.42 35.78 -99.39
CA LEU H 621 22.54 34.54 -98.65
C LEU H 621 23.94 33.95 -98.78
N ALA H 622 24.54 34.07 -99.97
CA ALA H 622 25.88 33.54 -100.16
C ALA H 622 26.88 34.25 -99.24
N GLU H 623 26.74 35.56 -99.08
CA GLU H 623 27.61 36.28 -98.16
C GLU H 623 27.44 35.75 -96.74
N ASP H 624 26.19 35.61 -96.28
CA ASP H 624 25.94 35.09 -94.95
C ASP H 624 26.57 33.71 -94.77
N GLY H 625 26.70 32.95 -95.85
CA GLY H 625 27.35 31.66 -95.74
C GLY H 625 28.77 31.76 -95.24
N LEU H 626 29.48 32.81 -95.63
CA LEU H 626 30.83 33.00 -95.11
C LEU H 626 30.81 33.28 -93.61
N LEU H 627 30.08 34.33 -93.21
CA LEU H 627 30.12 34.77 -91.81
C LEU H 627 29.66 33.66 -90.87
N GLU H 628 28.58 32.96 -91.22
CA GLU H 628 28.01 31.99 -90.30
C GLU H 628 28.88 30.74 -90.19
N ILE H 629 29.68 30.43 -91.22
CA ILE H 629 30.71 29.42 -91.04
C ILE H 629 31.82 29.95 -90.16
N TYR H 630 32.21 31.22 -90.36
CA TYR H 630 33.30 31.78 -89.57
C TYR H 630 32.98 31.76 -88.09
N ARG H 631 31.78 32.19 -87.71
CA ARG H 631 31.48 32.28 -86.30
C ARG H 631 31.61 30.92 -85.64
N LEU H 632 31.17 29.86 -86.32
CA LEU H 632 31.37 28.51 -85.80
C LEU H 632 32.84 28.12 -85.83
N ALA H 633 33.55 28.49 -86.90
CA ALA H 633 34.94 28.08 -87.03
C ALA H 633 35.79 28.63 -85.89
N VAL H 634 35.74 29.95 -85.67
CA VAL H 634 36.54 30.54 -84.62
C VAL H 634 36.04 30.07 -83.26
N SER H 635 34.72 29.95 -83.09
CA SER H 635 34.18 29.51 -81.81
C SER H 635 34.77 28.16 -81.42
N GLY H 636 34.95 27.27 -82.39
CA GLY H 636 35.66 26.03 -82.12
C GLY H 636 37.13 26.28 -81.81
N ILE H 637 37.76 27.16 -82.59
CA ILE H 637 39.19 27.37 -82.48
C ILE H 637 39.59 27.74 -81.06
N GLU H 638 38.82 28.64 -80.44
CA GLU H 638 39.23 29.17 -79.15
C GLU H 638 39.12 28.13 -78.03
N HIS H 639 38.32 27.08 -78.23
CA HIS H 639 38.23 26.00 -77.25
C HIS H 639 39.23 24.87 -77.51
N ILE H 640 39.74 24.76 -78.75
CA ILE H 640 40.72 23.72 -79.05
C ILE H 640 42.06 24.07 -78.41
N ASP H 641 42.92 23.03 -78.25
CA ASP H 641 44.16 23.22 -77.52
C ASP H 641 45.37 22.49 -78.11
N ASN H 642 45.33 22.03 -79.36
CA ASN H 642 46.39 21.16 -79.85
C ASN H 642 46.56 21.35 -81.35
N PRO H 643 47.79 21.45 -81.86
CA PRO H 643 47.95 21.63 -83.31
C PRO H 643 47.29 20.55 -84.15
N GLU H 644 47.22 19.31 -83.65
CA GLU H 644 46.52 18.27 -84.42
C GLU H 644 45.08 18.66 -84.66
N GLU H 645 44.38 19.09 -83.61
CA GLU H 645 43.01 19.59 -83.79
C GLU H 645 43.00 20.84 -84.65
N LEU H 646 43.99 21.71 -84.47
CA LEU H 646 44.06 22.93 -85.26
C LEU H 646 44.06 22.62 -86.76
N GLU H 647 44.77 21.55 -87.16
CA GLU H 647 44.81 21.20 -88.57
C GLU H 647 43.42 20.88 -89.10
N LYS H 648 42.63 20.13 -88.35
CA LYS H 648 41.29 19.79 -88.79
C LYS H 648 40.47 21.05 -89.05
N ILE H 649 40.50 21.99 -88.11
CA ILE H 649 39.76 23.24 -88.28
C ILE H 649 40.28 24.00 -89.49
N VAL H 650 41.60 24.07 -89.64
CA VAL H 650 42.18 24.80 -90.75
C VAL H 650 41.76 24.18 -92.08
N LYS H 651 41.92 22.87 -92.20
CA LYS H 651 41.62 22.20 -93.46
C LYS H 651 40.14 22.28 -93.79
N LYS H 652 39.28 22.05 -92.81
CA LYS H 652 37.84 22.13 -93.05
C LYS H 652 37.44 23.52 -93.50
N THR H 653 37.94 24.54 -92.82
CA THR H 653 37.58 25.92 -93.16
C THR H 653 37.97 26.24 -94.59
N GLU H 654 39.16 25.81 -95.02
CA GLU H 654 39.57 26.03 -96.39
C GLU H 654 38.61 25.36 -97.37
N GLU H 655 38.27 24.09 -97.11
CA GLU H 655 37.37 23.38 -98.00
C GLU H 655 36.00 24.06 -98.07
N ALA H 656 35.45 24.44 -96.91
CA ALA H 656 34.14 25.06 -96.89
C ALA H 656 34.15 26.37 -97.68
N VAL H 657 35.18 27.20 -97.49
CA VAL H 657 35.26 28.47 -98.21
C VAL H 657 35.33 28.22 -99.70
N GLU H 658 36.16 27.26 -100.13
CA GLU H 658 36.30 26.98 -101.55
C GLU H 658 34.98 26.48 -102.15
N ARG H 659 34.29 25.60 -101.45
CA ARG H 659 33.02 25.07 -101.96
C ARG H 659 32.03 26.20 -102.19
N ILE H 660 31.91 27.12 -101.23
CA ILE H 660 30.99 28.24 -101.38
C ILE H 660 31.40 29.10 -102.57
N VAL H 661 32.69 29.40 -102.69
CA VAL H 661 33.17 30.25 -103.77
C VAL H 661 32.92 29.57 -105.12
N GLU H 662 33.20 28.27 -105.20
CA GLU H 662 33.06 27.57 -106.48
C GLU H 662 31.60 27.55 -106.94
N ALA H 663 30.67 27.22 -106.03
CA ALA H 663 29.26 27.19 -106.40
C ALA H 663 28.76 28.58 -106.80
N LEU H 664 29.11 29.60 -106.02
CA LEU H 664 28.69 30.96 -106.36
C LEU H 664 29.29 31.41 -107.68
N GLU H 665 30.53 31.00 -107.97
CA GLU H 665 31.13 31.32 -109.26
C GLU H 665 30.34 30.68 -110.40
N LYS H 666 29.90 29.44 -110.22
CA LYS H 666 29.15 28.76 -111.27
C LYS H 666 27.81 29.43 -111.53
N LYS H 667 27.18 29.97 -110.48
CA LYS H 667 25.86 30.55 -110.61
C LYS H 667 25.90 31.82 -111.45
N ASP H 668 24.74 32.20 -111.96
CA ASP H 668 24.58 33.41 -112.76
C ASP H 668 24.34 34.60 -111.83
N VAL H 669 25.25 35.57 -111.86
CA VAL H 669 25.14 36.77 -111.03
C VAL H 669 26.03 37.84 -111.62
N GLU H 670 25.75 39.09 -111.31
CA GLU H 670 26.54 40.20 -111.85
C GLU H 670 27.97 40.11 -111.34
N PRO H 671 28.97 40.40 -112.17
CA PRO H 671 30.36 40.34 -111.70
C PRO H 671 30.63 41.20 -110.47
N GLU H 672 29.98 42.36 -110.35
CA GLU H 672 30.27 43.25 -109.23
C GLU H 672 30.00 42.57 -107.90
N LEU H 673 28.87 41.87 -107.79
CA LEU H 673 28.59 41.12 -106.57
C LEU H 673 29.52 39.92 -106.43
N LYS H 674 29.77 39.22 -107.53
CA LYS H 674 30.64 38.04 -107.47
C LYS H 674 32.04 38.42 -107.03
N GLU H 675 32.47 39.64 -107.31
CA GLU H 675 33.79 40.09 -106.87
C GLU H 675 33.87 40.15 -105.35
N GLU H 676 32.89 40.79 -104.71
CA GLU H 676 32.91 40.93 -103.26
C GLU H 676 32.83 39.56 -102.58
N VAL H 677 32.00 38.67 -103.11
CA VAL H 677 31.88 37.33 -102.53
C VAL H 677 33.23 36.63 -102.56
N GLU H 678 33.92 36.70 -103.70
CA GLU H 678 35.26 36.12 -103.77
C GLU H 678 36.22 36.84 -102.85
N GLU H 679 36.11 38.17 -102.77
CA GLU H 679 37.00 38.94 -101.92
C GLU H 679 36.80 38.57 -100.45
N LEU H 680 35.56 38.42 -100.02
CA LEU H 680 35.30 38.05 -98.62
C LEU H 680 35.90 36.69 -98.30
N GLY H 681 35.81 35.75 -99.23
CA GLY H 681 36.46 34.47 -99.03
C GLY H 681 37.96 34.61 -98.90
N LYS H 682 38.57 35.43 -99.74
CA LYS H 682 40.01 35.65 -99.65
C LYS H 682 40.39 36.25 -98.30
N LYS H 683 39.61 37.21 -97.81
CA LYS H 683 39.89 37.81 -96.51
C LYS H 683 39.64 36.84 -95.38
N LEU H 684 38.46 36.21 -95.37
CA LEU H 684 37.99 35.52 -94.18
C LEU H 684 38.81 34.27 -93.89
N VAL H 685 39.35 33.62 -94.91
CA VAL H 685 40.22 32.47 -94.66
C VAL H 685 41.52 32.91 -94.02
N GLU H 686 42.00 34.10 -94.38
CA GLU H 686 43.30 34.55 -93.87
C GLU H 686 43.25 34.81 -92.37
N ILE H 687 42.22 35.51 -91.90
CA ILE H 687 42.12 35.82 -90.49
C ILE H 687 42.05 34.54 -89.67
N VAL H 688 41.32 33.54 -90.17
CA VAL H 688 41.32 32.23 -89.51
C VAL H 688 42.71 31.63 -89.55
N ARG H 689 43.40 31.75 -90.69
CA ARG H 689 44.75 31.21 -90.81
C ARG H 689 45.68 31.85 -89.78
N LYS H 690 45.55 33.15 -89.57
CA LYS H 690 46.34 33.82 -88.53
C LYS H 690 45.90 33.38 -87.14
N LEU H 691 44.62 33.59 -86.83
CA LEU H 691 44.16 33.46 -85.45
C LEU H 691 44.25 32.02 -84.96
N ALA H 692 43.93 31.06 -85.83
CA ALA H 692 44.08 29.66 -85.43
C ALA H 692 45.53 29.24 -85.30
N GLU H 693 46.44 29.92 -85.99
CA GLU H 693 47.86 29.64 -85.85
C GLU H 693 48.41 30.20 -84.54
N ARG H 694 47.87 31.34 -84.09
CA ARG H 694 48.33 31.98 -82.86
C ARG H 694 47.75 31.25 -81.66
N LYS H 695 48.31 30.07 -81.39
CA LYS H 695 47.96 29.30 -80.21
C LYS H 695 49.19 28.56 -79.70
N GLU I 2 -28.69 26.89 -90.99
CA GLU I 2 -29.05 26.00 -89.85
C GLU I 2 -27.98 24.95 -89.59
N GLU I 3 -27.53 24.29 -90.66
CA GLU I 3 -26.65 23.14 -90.50
C GLU I 3 -25.32 23.55 -89.87
N LEU I 4 -24.78 24.69 -90.30
CA LEU I 4 -23.53 25.17 -89.71
C LEU I 4 -23.70 25.40 -88.21
N ARG I 5 -24.84 25.95 -87.81
CA ARG I 5 -25.11 26.13 -86.38
C ARG I 5 -25.11 24.78 -85.67
N GLU I 6 -25.67 23.75 -86.30
CA GLU I 6 -25.65 22.42 -85.69
C GLU I 6 -24.22 21.93 -85.48
N ILE I 7 -23.38 22.08 -86.51
CA ILE I 7 -21.99 21.66 -86.39
C ILE I 7 -21.33 22.40 -85.23
N ALA I 8 -21.54 23.71 -85.15
CA ALA I 8 -20.92 24.49 -84.08
C ALA I 8 -21.43 24.05 -82.72
N GLU I 9 -22.73 23.79 -82.59
CA GLU I 9 -23.28 23.35 -81.31
C GLU I 9 -22.66 22.04 -80.88
N ARG I 10 -22.52 21.10 -81.83
CA ARG I 10 -21.91 19.82 -81.51
C ARG I 10 -20.47 19.99 -81.03
N ALA I 11 -19.69 20.82 -81.72
CA ALA I 11 -18.32 21.05 -81.28
C ALA I 11 -18.27 21.69 -79.90
N GLU I 12 -19.13 22.69 -79.66
CA GLU I 12 -19.14 23.37 -78.38
C GLU I 12 -19.50 22.40 -77.26
N ALA I 13 -20.47 21.54 -77.49
CA ALA I 13 -20.77 20.49 -76.52
C ALA I 13 -19.56 19.61 -76.28
N ASP I 14 -18.84 19.26 -77.36
CA ASP I 14 -17.68 18.40 -77.22
C ASP I 14 -16.66 19.00 -76.25
N MET I 15 -16.37 20.28 -76.38
CA MET I 15 -15.27 20.87 -75.60
C MET I 15 -15.53 20.77 -74.10
N ARG I 16 -16.78 21.01 -73.67
CA ARG I 16 -17.08 20.98 -72.25
C ARG I 16 -16.79 19.61 -71.63
N GLU I 17 -16.95 18.55 -72.42
CA GLU I 17 -16.63 17.22 -71.91
C GLU I 17 -15.17 17.12 -71.53
N ILE I 18 -14.27 17.66 -72.37
CA ILE I 18 -12.86 17.71 -72.01
C ILE I 18 -12.67 18.55 -70.76
N SER I 19 -13.35 19.68 -70.69
CA SER I 19 -13.26 20.51 -69.49
C SER I 19 -13.50 19.67 -68.24
N GLU I 20 -14.65 19.01 -68.19
CA GLU I 20 -15.01 18.23 -67.00
C GLU I 20 -14.04 17.08 -66.77
N LEU I 21 -13.67 16.37 -67.84
CA LEU I 21 -12.80 15.20 -67.69
C LEU I 21 -11.46 15.60 -67.11
N ALA I 22 -10.89 16.71 -67.57
CA ALA I 22 -9.63 17.18 -66.99
C ALA I 22 -9.84 17.63 -65.55
N GLU I 23 -10.96 18.31 -65.27
CA GLU I 23 -11.21 18.76 -63.91
C GLU I 23 -11.25 17.60 -62.93
N GLU I 24 -11.83 16.48 -63.35
CA GLU I 24 -11.92 15.32 -62.46
C GLU I 24 -10.61 14.53 -62.43
N LEU I 25 -9.96 14.35 -63.58
CA LEU I 25 -8.79 13.48 -63.65
C LEU I 25 -7.54 14.12 -63.08
N VAL I 26 -7.40 15.45 -63.17
CA VAL I 26 -6.17 16.13 -62.84
C VAL I 26 -5.95 16.14 -61.33
N GLU I 27 -4.74 16.50 -60.91
CA GLU I 27 -4.42 16.62 -59.50
C GLU I 27 -3.58 17.86 -59.17
N ASP I 28 -3.30 18.72 -60.15
CA ASP I 28 -2.56 19.96 -59.92
C ASP I 28 -3.48 21.14 -60.24
N PRO I 29 -3.86 21.95 -59.26
CA PRO I 29 -4.91 22.96 -59.54
C PRO I 29 -4.58 23.89 -60.68
N VAL I 30 -3.33 24.34 -60.78
CA VAL I 30 -2.98 25.30 -61.82
C VAL I 30 -3.18 24.68 -63.19
N TYR I 31 -2.78 23.41 -63.36
CA TYR I 31 -3.02 22.73 -64.62
C TYR I 31 -4.51 22.61 -64.91
N ALA I 32 -5.30 22.29 -63.89
CA ALA I 32 -6.74 22.18 -64.08
C ALA I 32 -7.33 23.50 -64.53
N VAL I 33 -6.77 24.61 -64.05
CA VAL I 33 -7.23 25.92 -64.51
C VAL I 33 -6.82 26.15 -65.96
N ALA I 34 -5.56 25.87 -66.28
CA ALA I 34 -5.03 26.18 -67.60
C ALA I 34 -5.76 25.41 -68.69
N VAL I 35 -6.00 24.12 -68.46
CA VAL I 35 -6.61 23.30 -69.49
C VAL I 35 -7.98 23.86 -69.87
N ARG I 36 -8.81 24.15 -68.87
CA ARG I 36 -10.12 24.74 -69.14
C ARG I 36 -9.99 26.11 -69.77
N GLY I 37 -9.05 26.92 -69.29
CA GLY I 37 -8.88 28.24 -69.85
C GLY I 37 -8.64 28.19 -71.35
N MET I 38 -7.76 27.28 -71.78
CA MET I 38 -7.51 27.16 -73.20
C MET I 38 -8.70 26.56 -73.93
N ALA I 39 -9.33 25.55 -73.33
CA ALA I 39 -10.38 24.80 -74.01
C ALA I 39 -11.59 25.70 -74.32
N LEU I 40 -12.01 26.50 -73.35
CA LEU I 40 -13.20 27.32 -73.56
C LEU I 40 -13.00 28.29 -74.72
N VAL I 41 -11.86 28.99 -74.72
CA VAL I 41 -11.57 29.94 -75.79
C VAL I 41 -11.48 29.21 -77.12
N GLY I 42 -10.77 28.09 -77.16
CA GLY I 42 -10.68 27.35 -78.40
C GLY I 42 -12.04 26.95 -78.93
N ALA I 43 -12.96 26.59 -78.04
CA ALA I 43 -14.30 26.24 -78.46
C ALA I 43 -15.02 27.45 -79.04
N ALA I 44 -14.89 28.60 -78.40
CA ALA I 44 -15.68 29.76 -78.82
C ALA I 44 -15.43 30.11 -80.29
N GLY I 45 -14.26 29.73 -80.81
CA GLY I 45 -13.94 30.03 -82.20
C GLY I 45 -14.91 29.41 -83.18
N VAL I 46 -15.42 28.21 -82.87
CA VAL I 46 -16.35 27.56 -83.78
C VAL I 46 -17.60 28.41 -83.93
N PHE I 47 -18.16 28.88 -82.81
CA PHE I 47 -19.33 29.75 -82.87
C PHE I 47 -19.00 31.03 -83.60
N ALA I 48 -17.82 31.61 -83.33
CA ALA I 48 -17.45 32.85 -83.99
C ALA I 48 -17.43 32.67 -85.50
N LEU I 49 -16.80 31.59 -85.98
CA LEU I 49 -16.78 31.33 -87.41
C LEU I 49 -18.18 31.10 -87.95
N GLY I 50 -19.02 30.38 -87.21
CA GLY I 50 -20.39 30.18 -87.65
C GLY I 50 -21.09 31.52 -87.85
N VAL I 51 -20.80 32.49 -86.99
CA VAL I 51 -21.42 33.80 -87.12
C VAL I 51 -20.82 34.65 -88.22
N GLY I 52 -19.71 34.22 -88.82
CA GLY I 52 -19.07 35.00 -89.86
C GLY I 52 -18.09 36.04 -89.37
N GLY I 53 -17.57 35.88 -88.16
CA GLY I 53 -16.54 36.74 -87.64
C GLY I 53 -15.25 36.65 -88.42
N PRO I 54 -14.32 37.54 -88.09
CA PRO I 54 -13.09 37.60 -88.79
C PRO I 54 -12.08 36.51 -88.41
N PRO I 55 -11.64 35.70 -89.38
CA PRO I 55 -10.73 34.60 -89.05
C PRO I 55 -9.41 35.04 -88.45
N GLU I 56 -8.84 36.15 -88.93
CA GLU I 56 -7.55 36.59 -88.42
C GLU I 56 -7.66 36.94 -86.94
N VAL I 57 -8.72 37.64 -86.55
CA VAL I 57 -8.90 38.00 -85.15
C VAL I 57 -9.02 36.76 -84.29
N LEU I 58 -9.77 35.76 -84.76
CA LEU I 58 -9.92 34.52 -84.01
C LEU I 58 -8.58 33.84 -83.80
N GLU I 59 -7.78 33.74 -84.87
CA GLU I 59 -6.47 33.11 -84.72
C GLU I 59 -5.61 33.88 -83.72
N GLU I 60 -5.65 35.21 -83.80
CA GLU I 60 -4.86 36.01 -82.87
C GLU I 60 -5.30 35.76 -81.43
N ALA I 61 -6.61 35.69 -81.20
CA ALA I 61 -7.10 35.45 -79.84
C ALA I 61 -6.64 34.09 -79.33
N ARG I 62 -6.68 33.06 -80.19
CA ARG I 62 -6.21 31.76 -79.75
C ARG I 62 -4.73 31.82 -79.37
N ARG I 63 -3.93 32.50 -80.20
CA ARG I 63 -2.52 32.67 -79.85
C ARG I 63 -2.36 33.37 -78.51
N ARG I 64 -3.18 34.40 -78.27
CA ARG I 64 -3.11 35.12 -77.00
C ARG I 64 -3.33 34.18 -75.82
N VAL I 65 -4.38 33.37 -75.88
CA VAL I 65 -4.63 32.53 -74.71
C VAL I 65 -3.52 31.50 -74.56
N GLU I 66 -2.97 31.02 -75.67
CA GLU I 66 -1.83 30.11 -75.56
C GLU I 66 -0.68 30.78 -74.83
N GLU I 67 -0.39 32.03 -75.18
CA GLU I 67 0.69 32.75 -74.51
C GLU I 67 0.39 32.90 -73.02
N ALA I 68 -0.87 33.19 -72.67
CA ALA I 68 -1.23 33.31 -71.27
C ALA I 68 -0.93 32.01 -70.52
N ALA I 69 -1.31 30.88 -71.12
CA ALA I 69 -1.03 29.60 -70.48
C ALA I 69 0.47 29.38 -70.31
N ARG I 70 1.25 29.73 -71.34
CA ARG I 70 2.70 29.62 -71.22
C ARG I 70 3.21 30.41 -70.02
N GLU I 71 2.79 31.66 -69.90
CA GLU I 71 3.26 32.50 -68.80
C GLU I 71 2.85 31.88 -67.45
N ALA I 72 1.61 31.42 -67.36
CA ALA I 72 1.16 30.85 -66.09
C ALA I 72 1.99 29.64 -65.70
N LEU I 73 2.26 28.75 -66.66
CA LEU I 73 3.06 27.57 -66.35
C LEU I 73 4.46 27.98 -65.91
N ARG I 74 5.05 28.95 -66.60
CA ARG I 74 6.39 29.41 -66.22
C ARG I 74 6.40 29.95 -64.79
N LYS I 75 5.39 30.74 -64.44
CA LYS I 75 5.31 31.26 -63.08
C LYS I 75 5.14 30.13 -62.07
N TYR I 76 4.28 29.15 -62.39
CA TYR I 76 4.02 28.05 -61.46
C TYR I 76 5.29 27.26 -61.20
N GLU I 77 6.08 27.00 -62.24
CA GLU I 77 7.40 26.41 -62.02
C GLU I 77 8.26 27.31 -61.15
N GLU I 78 8.13 28.62 -61.32
CA GLU I 78 8.89 29.59 -60.54
C GLU I 78 8.43 29.66 -59.08
N GLY I 79 7.39 28.93 -58.71
CA GLY I 79 6.91 28.93 -57.33
C GLY I 79 6.00 30.08 -56.96
N ALA I 80 5.43 30.77 -57.94
CA ALA I 80 4.50 31.85 -57.63
C ALA I 80 3.25 31.30 -56.98
N ASP I 81 2.60 32.14 -56.18
CA ASP I 81 1.41 31.72 -55.45
C ASP I 81 0.26 31.42 -56.41
N VAL I 82 -0.61 30.51 -55.99
CA VAL I 82 -1.69 30.03 -56.86
C VAL I 82 -2.66 31.15 -57.18
N SER I 83 -2.96 32.00 -56.20
CA SER I 83 -3.98 33.01 -56.38
C SER I 83 -3.65 33.92 -57.56
N GLU I 84 -2.42 34.44 -57.60
CA GLU I 84 -2.01 35.29 -58.71
C GLU I 84 -2.10 34.52 -60.03
N LEU I 85 -1.69 33.26 -60.04
CA LEU I 85 -1.74 32.48 -61.26
C LEU I 85 -3.16 32.41 -61.82
N VAL I 86 -4.11 31.99 -60.98
CA VAL I 86 -5.47 31.83 -61.46
C VAL I 86 -6.07 33.18 -61.84
N ALA I 87 -5.77 34.23 -61.07
CA ALA I 87 -6.30 35.54 -61.39
C ALA I 87 -5.80 35.99 -62.76
N GLU I 88 -4.50 35.86 -63.01
CA GLU I 88 -3.95 36.28 -64.29
C GLU I 88 -4.56 35.47 -65.43
N LEU I 89 -4.66 34.16 -65.25
CA LEU I 89 -5.21 33.31 -66.30
C LEU I 89 -6.65 33.71 -66.62
N ILE I 90 -7.47 33.85 -65.59
CA ILE I 90 -8.88 34.17 -65.80
C ILE I 90 -9.03 35.53 -66.46
N ARG I 91 -8.26 36.51 -65.98
CA ARG I 91 -8.36 37.85 -66.55
C ARG I 91 -7.85 37.89 -67.98
N GLU I 92 -6.94 37.00 -68.36
CA GLU I 92 -6.57 36.90 -69.78
C GLU I 92 -7.69 36.30 -70.60
N THR I 93 -8.23 35.16 -70.13
CA THR I 93 -9.27 34.47 -70.88
C THR I 93 -10.50 35.35 -71.06
N SER I 94 -10.91 36.03 -69.99
CA SER I 94 -12.11 36.85 -70.05
C SER I 94 -11.97 37.93 -71.10
N ARG I 95 -10.87 38.68 -71.08
CA ARG I 95 -10.72 39.76 -72.04
C ARG I 95 -10.63 39.20 -73.46
N GLN I 96 -9.94 38.07 -73.64
CA GLN I 96 -9.85 37.49 -74.98
C GLN I 96 -11.24 37.10 -75.50
N ILE I 97 -12.03 36.45 -74.67
CA ILE I 97 -13.36 36.01 -75.11
C ILE I 97 -14.24 37.21 -75.38
N ALA I 98 -14.13 38.25 -74.55
CA ALA I 98 -14.87 39.47 -74.81
C ALA I 98 -14.43 40.08 -76.14
N GLU I 99 -13.14 40.00 -76.45
CA GLU I 99 -12.66 40.47 -77.74
C GLU I 99 -13.31 39.69 -78.89
N ILE I 100 -13.42 38.37 -78.75
CA ILE I 100 -14.06 37.56 -79.78
C ILE I 100 -15.50 38.01 -79.97
N ALA I 101 -16.21 38.20 -78.86
CA ALA I 101 -17.60 38.64 -78.96
C ALA I 101 -17.68 40.05 -79.57
N GLU I 102 -16.73 40.92 -79.24
CA GLU I 102 -16.72 42.26 -79.79
C GLU I 102 -16.51 42.25 -81.29
N ALA I 103 -15.65 41.35 -81.78
CA ALA I 103 -15.50 41.19 -83.22
C ALA I 103 -16.78 40.65 -83.83
N THR I 104 -17.37 39.63 -83.20
CA THR I 104 -18.57 39.00 -83.75
C THR I 104 -19.72 40.00 -83.85
N ILE I 105 -19.84 40.89 -82.87
CA ILE I 105 -20.98 41.82 -82.85
C ILE I 105 -20.99 42.68 -84.10
N LYS I 106 -19.84 42.93 -84.71
CA LYS I 106 -19.75 43.83 -85.85
C LYS I 106 -20.10 43.15 -87.17
N ALA I 107 -20.32 41.83 -87.17
CA ALA I 107 -20.36 41.09 -88.43
C ALA I 107 -21.61 41.42 -89.26
N THR I 108 -22.74 41.68 -88.62
CA THR I 108 -23.99 41.81 -89.36
C THR I 108 -24.95 42.70 -88.60
N ASP I 109 -25.93 43.23 -89.34
CA ASP I 109 -26.96 44.10 -88.78
C ASP I 109 -28.21 43.36 -88.35
N ASP I 110 -28.30 42.06 -88.58
CA ASP I 110 -29.53 41.33 -88.29
C ASP I 110 -29.81 41.31 -86.80
N PRO I 111 -31.01 41.69 -86.35
CA PRO I 111 -31.34 41.52 -84.94
C PRO I 111 -31.29 40.07 -84.46
N GLU I 112 -31.65 39.11 -85.31
CA GLU I 112 -31.66 37.71 -84.88
C GLU I 112 -30.26 37.22 -84.56
N VAL I 113 -29.32 37.43 -85.48
CA VAL I 113 -27.94 37.04 -85.24
C VAL I 113 -27.39 37.79 -84.04
N LEU I 114 -27.77 39.06 -83.89
CA LEU I 114 -27.32 39.83 -82.73
C LEU I 114 -27.79 39.19 -81.44
N GLU I 115 -29.06 38.77 -81.40
CA GLU I 115 -29.58 38.11 -80.21
C GLU I 115 -28.84 36.81 -79.94
N GLU I 116 -28.55 36.06 -81.00
CA GLU I 116 -27.79 34.83 -80.82
C GLU I 116 -26.43 35.11 -80.20
N ILE I 117 -25.72 36.10 -80.73
CA ILE I 117 -24.39 36.43 -80.23
C ILE I 117 -24.48 36.87 -78.77
N SER I 118 -25.44 37.74 -78.47
CA SER I 118 -25.57 38.22 -77.10
C SER I 118 -25.89 37.09 -76.14
N GLU I 119 -26.79 36.18 -76.52
CA GLU I 119 -27.12 35.06 -75.67
C GLU I 119 -25.89 34.19 -75.41
N PHE I 120 -25.12 33.91 -76.47
CA PHE I 120 -23.92 33.09 -76.29
C PHE I 120 -22.96 33.77 -75.33
N ALA I 121 -22.74 35.08 -75.51
CA ALA I 121 -21.85 35.81 -74.63
C ALA I 121 -22.32 35.76 -73.19
N GLU I 122 -23.63 35.93 -72.97
CA GLU I 122 -24.16 35.90 -71.61
C GLU I 122 -23.94 34.53 -70.97
N GLU I 123 -24.21 33.46 -71.72
CA GLU I 123 -24.00 32.12 -71.17
C GLU I 123 -22.55 31.92 -70.78
N ARG I 124 -21.63 32.28 -71.68
CA ARG I 124 -20.21 32.12 -71.36
C ARG I 124 -19.83 32.94 -70.13
N SER I 125 -20.31 34.18 -70.04
CA SER I 125 -19.94 35.03 -68.91
C SER I 125 -20.46 34.45 -67.60
N ARG I 126 -21.70 33.99 -67.59
CA ARG I 126 -22.24 33.40 -66.36
C ARG I 126 -21.45 32.17 -65.95
N ARG I 127 -21.12 31.31 -66.91
CA ARG I 127 -20.32 30.14 -66.60
C ARG I 127 -18.96 30.56 -66.03
N LEU I 128 -18.35 31.59 -66.63
CA LEU I 128 -17.05 32.04 -66.17
C LEU I 128 -17.12 32.54 -64.73
N SER I 129 -18.14 33.33 -64.42
CA SER I 129 -18.28 33.82 -63.04
C SER I 129 -18.44 32.67 -62.07
N GLU I 130 -19.30 31.71 -62.42
CA GLU I 130 -19.50 30.56 -61.54
C GLU I 130 -18.19 29.80 -61.34
N TYR I 131 -17.41 29.62 -62.42
CA TYR I 131 -16.14 28.91 -62.30
C TYR I 131 -15.18 29.66 -61.40
N ALA I 132 -15.06 30.97 -61.59
CA ALA I 132 -14.11 31.76 -60.80
C ALA I 132 -14.46 31.70 -59.32
N GLU I 133 -15.74 31.82 -58.98
CA GLU I 133 -16.11 31.87 -57.57
C GLU I 133 -15.63 30.64 -56.82
N ARG I 134 -15.56 29.48 -57.49
CA ARG I 134 -15.18 28.24 -56.82
C ARG I 134 -13.69 28.19 -56.53
N HIS I 135 -12.86 28.73 -57.42
CA HIS I 135 -11.42 28.44 -57.38
C HIS I 135 -10.57 29.54 -56.77
N VAL I 136 -10.95 30.80 -56.92
CA VAL I 136 -10.11 31.91 -56.45
C VAL I 136 -10.28 32.02 -54.94
N THR I 137 -9.20 31.77 -54.20
CA THR I 137 -9.27 31.77 -52.74
C THR I 137 -9.11 33.17 -52.16
N ASN I 138 -8.26 34.00 -52.74
CA ASN I 138 -8.00 35.32 -52.19
C ASN I 138 -9.26 36.16 -52.34
N PRO I 139 -9.80 36.73 -51.26
CA PRO I 139 -11.08 37.46 -51.39
C PRO I 139 -11.03 38.58 -52.41
N ILE I 140 -10.01 39.44 -52.33
CA ILE I 140 -9.95 40.59 -53.23
C ILE I 140 -9.87 40.11 -54.68
N LEU I 141 -9.08 39.07 -54.93
CA LEU I 141 -8.96 38.55 -56.29
C LEU I 141 -10.31 38.06 -56.81
N ALA I 142 -11.04 37.32 -55.99
CA ALA I 142 -12.35 36.85 -56.40
C ALA I 142 -13.29 38.03 -56.68
N ALA I 143 -13.27 39.03 -55.80
CA ALA I 143 -14.16 40.17 -55.98
C ALA I 143 -13.86 40.88 -57.28
N THR I 144 -12.59 41.15 -57.56
CA THR I 144 -12.26 41.84 -58.80
C THR I 144 -12.59 41.00 -60.02
N VAL I 145 -12.39 39.68 -59.94
CA VAL I 145 -12.78 38.82 -61.06
C VAL I 145 -14.27 38.97 -61.33
N VAL I 146 -15.09 38.88 -60.29
CA VAL I 146 -16.54 38.95 -60.47
C VAL I 146 -16.93 40.30 -61.05
N ALA I 147 -16.37 41.37 -60.51
CA ALA I 147 -16.72 42.71 -60.98
C ALA I 147 -16.34 42.90 -62.43
N LEU I 148 -15.13 42.46 -62.80
CA LEU I 148 -14.70 42.60 -64.19
C LEU I 148 -15.63 41.83 -65.11
N ALA I 149 -15.98 40.59 -64.73
CA ALA I 149 -16.86 39.81 -65.58
C ALA I 149 -18.20 40.50 -65.78
N GLU I 150 -18.80 40.96 -64.69
CA GLU I 150 -20.11 41.62 -64.80
C GLU I 150 -20.02 42.86 -65.67
N VAL I 151 -19.01 43.70 -65.44
CA VAL I 151 -18.88 44.92 -66.22
C VAL I 151 -18.73 44.59 -67.69
N LEU I 152 -17.90 43.59 -68.01
CA LEU I 152 -17.72 43.21 -69.40
C LEU I 152 -19.02 42.74 -70.02
N SER I 153 -19.81 41.96 -69.27
CA SER I 153 -21.08 41.50 -69.80
C SER I 153 -22.00 42.67 -70.13
N ALA I 154 -22.07 43.64 -69.22
CA ALA I 154 -22.92 44.80 -69.48
C ALA I 154 -22.45 45.56 -70.71
N VAL I 155 -21.14 45.77 -70.82
CA VAL I 155 -20.60 46.49 -71.96
C VAL I 155 -20.96 45.76 -73.25
N VAL I 156 -20.81 44.43 -73.26
CA VAL I 156 -21.15 43.65 -74.44
C VAL I 156 -22.61 43.85 -74.80
N ARG I 157 -23.50 43.74 -73.81
CA ARG I 157 -24.92 43.90 -74.08
C ARG I 157 -25.23 45.29 -74.64
N ALA I 158 -24.42 46.28 -74.28
CA ALA I 158 -24.68 47.63 -74.77
C ALA I 158 -24.58 47.71 -76.29
N ARG I 159 -23.77 46.86 -76.92
CA ARG I 159 -23.60 46.94 -78.38
C ARG I 159 -24.91 46.74 -79.12
N SER I 160 -25.82 45.92 -78.59
CA SER I 160 -27.00 45.55 -79.36
C SER I 160 -27.89 46.75 -79.66
N TYR I 161 -27.78 47.83 -78.90
CA TYR I 161 -28.48 49.07 -79.19
C TYR I 161 -27.57 50.14 -79.78
N GLY I 162 -26.29 49.85 -79.98
CA GLY I 162 -25.40 50.86 -80.52
C GLY I 162 -25.07 51.98 -79.57
N ALA I 163 -25.15 51.74 -78.27
CA ALA I 163 -24.89 52.80 -77.31
C ALA I 163 -23.40 53.15 -77.29
N PRO I 164 -23.05 54.39 -76.92
CA PRO I 164 -21.64 54.79 -76.93
C PRO I 164 -20.72 53.84 -76.17
N GLU I 165 -19.62 53.45 -76.81
CA GLU I 165 -18.63 52.57 -76.17
C GLU I 165 -17.77 53.29 -75.16
N GLU I 166 -17.68 54.62 -75.25
CA GLU I 166 -16.80 55.37 -74.36
C GLU I 166 -17.21 55.22 -72.90
N VAL I 167 -18.51 55.07 -72.63
CA VAL I 167 -18.95 54.84 -71.27
C VAL I 167 -18.40 53.52 -70.76
N GLY I 168 -18.44 52.47 -71.60
CA GLY I 168 -17.87 51.20 -71.21
C GLY I 168 -16.37 51.30 -70.97
N GLU I 169 -15.67 52.04 -71.85
CA GLU I 169 -14.24 52.23 -71.64
C GLU I 169 -13.96 52.91 -70.31
N LYS I 170 -14.72 53.95 -70.00
CA LYS I 170 -14.52 54.66 -68.74
C LYS I 170 -14.79 53.75 -67.55
N ALA I 171 -15.86 52.96 -67.62
CA ALA I 171 -16.15 52.03 -66.54
C ALA I 171 -15.06 50.99 -66.38
N VAL I 172 -14.51 50.51 -67.49
CA VAL I 172 -13.40 49.56 -67.42
C VAL I 172 -12.20 50.20 -66.75
N LYS I 173 -11.89 51.44 -67.11
CA LYS I 173 -10.78 52.15 -66.47
C LYS I 173 -11.03 52.29 -64.98
N GLU I 174 -12.25 52.66 -64.60
CA GLU I 174 -12.59 52.80 -63.18
C GLU I 174 -12.45 51.47 -62.45
N VAL I 175 -12.87 50.38 -63.09
CA VAL I 175 -12.74 49.06 -62.47
C VAL I 175 -11.27 48.70 -62.29
N ARG I 176 -10.44 49.01 -63.28
CA ARG I 176 -9.01 48.77 -63.13
C ARG I 176 -8.45 49.59 -61.97
N GLU I 177 -8.88 50.85 -61.86
CA GLU I 177 -8.44 51.69 -60.75
C GLU I 177 -8.87 51.09 -59.42
N ALA I 178 -10.10 50.60 -59.33
CA ALA I 178 -10.59 50.00 -58.10
C ALA I 178 -9.78 48.76 -57.74
N SER I 179 -9.48 47.92 -58.73
CA SER I 179 -8.71 46.72 -58.46
C SER I 179 -7.30 47.05 -58.02
N GLU I 180 -6.66 48.03 -58.66
CA GLU I 180 -5.33 48.44 -58.23
C GLU I 180 -5.36 49.00 -56.82
N GLU I 181 -6.36 49.82 -56.52
CA GLU I 181 -6.48 50.38 -55.17
C GLU I 181 -6.66 49.27 -54.14
N ALA I 182 -7.50 48.29 -54.45
CA ALA I 182 -7.75 47.19 -53.52
C ALA I 182 -6.49 46.38 -53.30
N LEU I 183 -5.76 46.06 -54.37
CA LEU I 183 -4.52 45.31 -54.22
C LEU I 183 -3.51 46.10 -53.38
N GLU I 184 -3.41 47.40 -53.62
CA GLU I 184 -2.48 48.23 -52.86
C GLU I 184 -2.86 48.26 -51.39
N ARG I 185 -4.14 48.47 -51.09
CA ARG I 185 -4.58 48.51 -49.70
C ARG I 185 -4.36 47.16 -49.03
N TYR I 186 -4.62 46.06 -49.75
CA TYR I 186 -4.39 44.75 -49.18
C TYR I 186 -2.92 44.54 -48.87
N LYS I 187 -2.04 44.99 -49.76
CA LYS I 187 -0.61 44.97 -49.45
C LYS I 187 -0.31 45.88 -48.27
N LYS I 188 -1.03 46.99 -48.14
CA LYS I 188 -0.85 47.93 -47.05
C LYS I 188 -1.47 47.45 -45.73
N GLY I 189 -2.13 46.30 -45.73
CA GLY I 189 -2.72 45.78 -44.52
C GLY I 189 -4.06 46.38 -44.15
N GLU I 190 -4.73 47.05 -45.09
CA GLU I 190 -6.02 47.63 -44.82
C GLU I 190 -7.08 46.54 -44.63
N ASP I 191 -8.19 46.93 -44.01
CA ASP I 191 -9.29 45.98 -43.77
C ASP I 191 -9.85 45.49 -45.09
N VAL I 192 -10.01 44.16 -45.21
CA VAL I 192 -10.52 43.58 -46.44
C VAL I 192 -11.94 44.03 -46.71
N SER I 193 -12.77 44.08 -45.65
CA SER I 193 -14.18 44.36 -45.84
C SER I 193 -14.39 45.70 -46.53
N GLU I 194 -13.65 46.72 -46.11
CA GLU I 194 -13.80 48.04 -46.71
C GLU I 194 -13.43 48.02 -48.20
N LEU I 195 -12.33 47.33 -48.54
CA LEU I 195 -11.94 47.25 -49.94
C LEU I 195 -13.02 46.57 -50.77
N VAL I 196 -13.56 45.46 -50.27
CA VAL I 196 -14.62 44.77 -50.98
C VAL I 196 -15.82 45.68 -51.17
N ALA I 197 -16.22 46.39 -50.12
CA ALA I 197 -17.39 47.27 -50.20
C ALA I 197 -17.16 48.37 -51.23
N GLU I 198 -15.97 48.99 -51.20
CA GLU I 198 -15.69 50.06 -52.15
C GLU I 198 -15.70 49.53 -53.58
N LEU I 199 -15.10 48.36 -53.80
CA LEU I 199 -15.11 47.79 -55.14
C LEU I 199 -16.54 47.56 -55.63
N ILE I 200 -17.37 46.94 -54.78
CA ILE I 200 -18.74 46.65 -55.19
C ILE I 200 -19.50 47.94 -55.47
N ARG I 201 -19.32 48.95 -54.62
CA ARG I 201 -20.05 50.21 -54.82
C ARG I 201 -19.63 50.87 -56.12
N GLU I 202 -18.32 50.91 -56.40
CA GLU I 202 -17.86 51.49 -57.65
C GLU I 202 -18.41 50.73 -58.84
N THR I 203 -18.41 49.40 -58.77
CA THR I 203 -18.97 48.61 -59.85
C THR I 203 -20.45 48.92 -60.04
N SER I 204 -21.18 49.05 -58.93
CA SER I 204 -22.59 49.38 -59.01
C SER I 204 -22.80 50.70 -59.74
N ARG I 205 -22.09 51.74 -59.32
CA ARG I 205 -22.23 53.03 -60.00
C ARG I 205 -21.85 52.91 -61.47
N GLN I 206 -20.80 52.14 -61.78
CA GLN I 206 -20.37 52.01 -63.17
C GLN I 206 -21.46 51.38 -64.03
N ILE I 207 -22.00 50.24 -63.59
CA ILE I 207 -23.01 49.57 -64.39
C ILE I 207 -24.27 50.42 -64.47
N ALA I 208 -24.61 51.11 -63.38
CA ALA I 208 -25.77 52.00 -63.42
C ALA I 208 -25.59 53.07 -64.47
N GLU I 209 -24.42 53.73 -64.49
CA GLU I 209 -24.18 54.79 -65.46
C GLU I 209 -24.25 54.24 -66.88
N ILE I 210 -23.62 53.07 -67.11
CA ILE I 210 -23.62 52.50 -68.45
C ILE I 210 -25.05 52.23 -68.90
N ALA I 211 -25.84 51.56 -68.06
CA ALA I 211 -27.20 51.22 -68.42
C ALA I 211 -28.04 52.47 -68.62
N GLU I 212 -27.84 53.49 -67.80
CA GLU I 212 -28.60 54.73 -67.95
C GLU I 212 -28.29 55.40 -69.28
N ALA I 213 -27.01 55.46 -69.64
CA ALA I 213 -26.65 56.02 -70.94
C ALA I 213 -27.29 55.20 -72.05
N THR I 214 -27.27 53.88 -71.93
CA THR I 214 -27.91 53.03 -72.93
C THR I 214 -29.39 53.35 -73.06
N ILE I 215 -30.08 53.50 -71.92
CA ILE I 215 -31.50 53.82 -71.94
C ILE I 215 -31.73 55.16 -72.63
N LYS I 216 -30.85 56.12 -72.37
CA LYS I 216 -30.97 57.42 -73.03
C LYS I 216 -30.81 57.27 -74.54
N ALA I 217 -29.84 56.46 -74.98
CA ALA I 217 -29.59 56.32 -76.41
C ALA I 217 -30.71 55.59 -77.12
N THR I 218 -31.46 54.73 -76.42
CA THR I 218 -32.51 53.95 -77.05
C THR I 218 -33.70 54.82 -77.42
N ASP I 219 -34.52 54.32 -78.35
CA ASP I 219 -35.73 55.03 -78.73
C ASP I 219 -36.93 54.10 -78.92
N ASP I 220 -36.82 52.80 -78.62
CA ASP I 220 -37.90 51.85 -78.83
C ASP I 220 -38.50 51.42 -77.51
N PRO I 221 -39.82 51.49 -77.33
CA PRO I 221 -40.40 51.12 -76.02
C PRO I 221 -40.03 49.73 -75.54
N GLU I 222 -40.31 48.69 -76.31
CA GLU I 222 -40.03 47.33 -75.86
C GLU I 222 -38.53 47.11 -75.67
N VAL I 223 -37.70 47.78 -76.49
CA VAL I 223 -36.26 47.70 -76.29
C VAL I 223 -35.89 48.29 -74.93
N LEU I 224 -36.51 49.43 -74.58
CA LEU I 224 -36.28 50.01 -73.26
C LEU I 224 -36.72 49.05 -72.16
N GLU I 225 -37.86 48.38 -72.35
CA GLU I 225 -38.32 47.43 -71.36
C GLU I 225 -37.32 46.30 -71.17
N GLU I 226 -36.79 45.78 -72.28
CA GLU I 226 -35.77 44.74 -72.19
C GLU I 226 -34.54 45.24 -71.48
N ILE I 227 -34.12 46.47 -71.76
CA ILE I 227 -32.95 47.04 -71.09
C ILE I 227 -33.20 47.13 -69.60
N SER I 228 -34.40 47.57 -69.21
CA SER I 228 -34.74 47.65 -67.80
C SER I 228 -34.71 46.29 -67.14
N GLU I 229 -35.25 45.27 -67.81
CA GLU I 229 -35.23 43.93 -67.26
C GLU I 229 -33.79 43.45 -67.05
N PHE I 230 -32.93 43.67 -68.04
CA PHE I 230 -31.53 43.26 -67.92
C PHE I 230 -30.85 44.00 -66.78
N ALA I 231 -31.10 45.30 -66.65
CA ALA I 231 -30.52 46.06 -65.55
C ALA I 231 -30.97 45.52 -64.21
N GLU I 232 -32.25 45.19 -64.10
CA GLU I 232 -32.76 44.61 -62.86
C GLU I 232 -32.04 43.31 -62.56
N GLU I 233 -31.87 42.45 -63.56
CA GLU I 233 -31.18 41.18 -63.34
C GLU I 233 -29.76 41.41 -62.86
N ARG I 234 -29.04 42.32 -63.52
CA ARG I 234 -27.64 42.57 -63.13
C ARG I 234 -27.55 43.12 -61.72
N SER I 235 -28.43 44.08 -61.39
CA SER I 235 -28.44 44.61 -60.02
C SER I 235 -28.73 43.50 -59.03
N ARG I 236 -29.69 42.63 -59.36
CA ARG I 236 -30.02 41.53 -58.47
C ARG I 236 -28.80 40.65 -58.23
N ARG I 237 -28.05 40.33 -59.28
CA ARG I 237 -26.86 39.49 -59.11
C ARG I 237 -25.82 40.19 -58.24
N LEU I 238 -25.57 41.48 -58.49
CA LEU I 238 -24.56 42.19 -57.70
C LEU I 238 -24.97 42.24 -56.23
N SER I 239 -26.23 42.57 -55.97
CA SER I 239 -26.71 42.59 -54.60
C SER I 239 -26.65 41.21 -53.97
N GLU I 240 -26.92 40.17 -54.76
CA GLU I 240 -26.83 38.81 -54.24
C GLU I 240 -25.41 38.50 -53.78
N TYR I 241 -24.42 38.85 -54.61
CA TYR I 241 -23.04 38.61 -54.20
C TYR I 241 -22.72 39.39 -52.93
N ALA I 242 -23.13 40.65 -52.87
CA ALA I 242 -22.86 41.45 -51.68
C ALA I 242 -23.48 40.80 -50.44
N GLU I 243 -24.77 40.46 -50.52
CA GLU I 243 -25.46 39.90 -49.35
C GLU I 243 -24.88 38.55 -48.96
N ARG I 244 -24.38 37.79 -49.93
CA ARG I 244 -23.81 36.48 -49.61
C ARG I 244 -22.45 36.60 -48.95
N HIS I 245 -21.62 37.53 -49.42
CA HIS I 245 -20.19 37.43 -49.16
C HIS I 245 -19.58 38.59 -48.37
N VAL I 246 -20.27 39.73 -48.26
CA VAL I 246 -19.72 40.83 -47.47
C VAL I 246 -19.83 40.47 -45.99
N THR I 247 -18.75 40.67 -45.25
CA THR I 247 -18.65 40.16 -43.89
C THR I 247 -19.29 41.08 -42.84
N ASN I 248 -19.48 42.36 -43.14
CA ASN I 248 -19.91 43.30 -42.12
C ASN I 248 -21.37 43.70 -42.35
N PRO I 249 -22.22 43.69 -41.32
CA PRO I 249 -23.63 44.04 -41.55
C PRO I 249 -23.81 45.43 -42.13
N ILE I 250 -23.13 46.44 -41.59
CA ILE I 250 -23.32 47.79 -42.09
C ILE I 250 -22.83 47.91 -43.52
N LEU I 251 -21.69 47.29 -43.83
CA LEU I 251 -21.19 47.30 -45.20
C LEU I 251 -22.19 46.64 -46.14
N ALA I 252 -22.76 45.50 -45.74
CA ALA I 252 -23.74 44.83 -46.58
C ALA I 252 -24.97 45.71 -46.77
N ALA I 253 -25.44 46.34 -45.69
CA ALA I 253 -26.63 47.17 -45.78
C ALA I 253 -26.40 48.32 -46.74
N THR I 254 -25.26 48.99 -46.63
CA THR I 254 -24.97 50.09 -47.55
C THR I 254 -24.81 49.59 -48.97
N VAL I 255 -24.19 48.42 -49.15
CA VAL I 255 -24.00 47.89 -50.50
C VAL I 255 -25.34 47.63 -51.16
N VAL I 256 -26.22 46.92 -50.47
CA VAL I 256 -27.52 46.60 -51.05
C VAL I 256 -28.35 47.87 -51.19
N ALA I 257 -28.18 48.83 -50.29
CA ALA I 257 -28.88 50.10 -50.42
C ALA I 257 -28.47 50.82 -51.70
N LEU I 258 -27.16 50.85 -51.98
CA LEU I 258 -26.68 51.47 -53.20
C LEU I 258 -27.24 50.74 -54.41
N ALA I 259 -27.16 49.41 -54.41
CA ALA I 259 -27.65 48.64 -55.54
C ALA I 259 -29.14 48.88 -55.75
N GLU I 260 -29.92 48.82 -54.67
CA GLU I 260 -31.37 49.00 -54.78
C GLU I 260 -31.71 50.40 -55.25
N VAL I 261 -31.04 51.43 -54.72
CA VAL I 261 -31.34 52.79 -55.13
C VAL I 261 -31.04 52.98 -56.61
N LEU I 262 -29.86 52.52 -57.05
CA LEU I 262 -29.49 52.68 -58.46
C LEU I 262 -30.44 51.90 -59.35
N SER I 263 -30.85 50.70 -58.93
CA SER I 263 -31.78 49.92 -59.74
C SER I 263 -33.17 50.55 -59.76
N ALA I 264 -33.57 51.18 -58.66
CA ALA I 264 -34.80 51.95 -58.66
C ALA I 264 -34.70 53.11 -59.64
N VAL I 265 -33.54 53.76 -59.70
CA VAL I 265 -33.33 54.82 -60.68
C VAL I 265 -33.48 54.28 -62.10
N VAL I 266 -32.87 53.11 -62.35
CA VAL I 266 -32.99 52.50 -63.66
C VAL I 266 -34.46 52.24 -63.99
N ARG I 267 -35.19 51.67 -63.04
CA ARG I 267 -36.62 51.48 -63.21
C ARG I 267 -37.32 52.80 -63.52
N ALA I 268 -37.00 53.85 -62.78
CA ALA I 268 -37.62 55.15 -62.99
C ALA I 268 -37.31 55.70 -64.37
N ARG I 269 -36.18 55.30 -64.96
CA ARG I 269 -35.84 55.75 -66.31
C ARG I 269 -36.91 55.39 -67.34
N SER I 270 -37.90 54.59 -66.97
CA SER I 270 -38.85 54.07 -67.94
C SER I 270 -39.52 55.16 -68.75
N TYR I 271 -40.06 56.19 -68.08
CA TYR I 271 -41.03 57.06 -68.74
C TYR I 271 -40.75 58.54 -68.56
N GLY I 272 -39.50 58.95 -68.46
CA GLY I 272 -39.16 60.36 -68.56
C GLY I 272 -39.43 61.20 -67.34
N ALA I 273 -39.70 60.60 -66.19
CA ALA I 273 -39.95 61.38 -65.00
C ALA I 273 -38.71 62.21 -64.66
N PRO I 274 -38.87 63.34 -63.98
CA PRO I 274 -37.74 64.24 -63.75
C PRO I 274 -36.53 63.52 -63.18
N GLU I 275 -35.37 63.75 -63.81
CA GLU I 275 -34.13 63.15 -63.33
C GLU I 275 -33.76 63.72 -61.96
N GLU I 276 -34.15 64.95 -61.67
CA GLU I 276 -33.82 65.55 -60.39
C GLU I 276 -34.39 64.73 -59.23
N VAL I 277 -35.52 64.06 -59.43
CA VAL I 277 -36.08 63.24 -58.36
C VAL I 277 -35.15 62.07 -58.06
N GLY I 278 -34.69 61.38 -59.10
CA GLY I 278 -33.75 60.30 -58.89
C GLY I 278 -32.46 60.80 -58.26
N GLU I 279 -31.99 61.96 -58.71
CA GLU I 279 -30.78 62.54 -58.13
C GLU I 279 -30.96 62.80 -56.64
N LYS I 280 -32.11 63.38 -56.27
CA LYS I 280 -32.36 63.68 -54.86
C LYS I 280 -32.45 62.39 -54.05
N ALA I 281 -33.14 61.38 -54.56
CA ALA I 281 -33.23 60.11 -53.83
C ALA I 281 -31.85 59.50 -53.65
N VAL I 282 -31.04 59.49 -54.71
CA VAL I 282 -29.71 58.91 -54.64
C VAL I 282 -28.86 59.68 -53.63
N LYS I 283 -28.91 61.01 -53.70
CA LYS I 283 -28.11 61.81 -52.77
C LYS I 283 -28.56 61.59 -51.34
N GLU I 284 -29.87 61.52 -51.10
CA GLU I 284 -30.36 61.25 -49.75
C GLU I 284 -29.86 59.89 -49.26
N VAL I 285 -29.98 58.87 -50.11
CA VAL I 285 -29.52 57.54 -49.71
C VAL I 285 -28.03 57.58 -49.38
N ARG I 286 -27.24 58.23 -50.23
CA ARG I 286 -25.79 58.23 -50.03
C ARG I 286 -25.40 59.02 -48.79
N GLU I 287 -26.00 60.18 -48.58
CA GLU I 287 -25.68 60.97 -47.40
C GLU I 287 -26.10 60.24 -46.12
N ALA I 288 -27.29 59.64 -46.13
CA ALA I 288 -27.70 58.84 -44.98
C ALA I 288 -26.76 57.69 -44.74
N SER I 289 -26.31 57.03 -45.81
CA SER I 289 -25.35 55.94 -45.67
C SER I 289 -24.06 56.44 -45.06
N GLU I 290 -23.57 57.59 -45.52
CA GLU I 290 -22.35 58.16 -44.94
C GLU I 290 -22.54 58.47 -43.46
N GLU I 291 -23.68 59.05 -43.10
CA GLU I 291 -23.94 59.36 -41.69
C GLU I 291 -23.98 58.09 -40.86
N ALA I 292 -24.64 57.05 -41.36
CA ALA I 292 -24.70 55.79 -40.64
C ALA I 292 -23.32 55.18 -40.50
N LEU I 293 -22.52 55.22 -41.56
CA LEU I 293 -21.16 54.69 -41.48
C LEU I 293 -20.34 55.48 -40.47
N GLU I 294 -20.51 56.79 -40.42
CA GLU I 294 -19.80 57.59 -39.43
C GLU I 294 -20.23 57.22 -38.01
N ARG I 295 -21.54 57.07 -37.80
CA ARG I 295 -22.02 56.69 -36.48
C ARG I 295 -21.46 55.32 -36.08
N TYR I 296 -21.42 54.38 -37.02
CA TYR I 296 -20.78 53.09 -36.74
C TYR I 296 -19.31 53.27 -36.40
N LYS I 297 -18.62 54.14 -37.14
CA LYS I 297 -17.24 54.47 -36.80
C LYS I 297 -17.15 55.09 -35.41
N GLU I 298 -18.22 55.75 -34.97
CA GLU I 298 -18.30 56.29 -33.62
C GLU I 298 -18.68 55.22 -32.60
N GLY I 299 -18.85 53.97 -33.02
CA GLY I 299 -19.21 52.89 -32.12
C GLY I 299 -20.69 52.66 -31.95
N ALA I 300 -21.54 53.29 -32.76
CA ALA I 300 -22.96 53.07 -32.66
C ALA I 300 -23.34 51.68 -33.17
N ASP I 301 -24.54 51.24 -32.81
CA ASP I 301 -24.97 49.89 -33.15
C ASP I 301 -25.17 49.74 -34.64
N GLU I 302 -24.61 48.67 -35.21
CA GLU I 302 -24.81 48.39 -36.62
C GLU I 302 -26.26 47.99 -36.92
N SER I 303 -26.96 47.44 -35.94
CA SER I 303 -28.35 47.06 -36.15
C SER I 303 -29.22 48.30 -36.36
N GLU I 304 -29.07 49.30 -35.49
CA GLU I 304 -29.83 50.54 -35.67
C GLU I 304 -29.51 51.18 -37.01
N LEU I 305 -28.23 51.19 -37.39
CA LEU I 305 -27.86 51.75 -38.68
C LEU I 305 -28.51 50.99 -39.82
N VAL I 306 -28.54 49.65 -39.73
CA VAL I 306 -29.16 48.85 -40.78
C VAL I 306 -30.64 49.21 -40.89
N ALA I 307 -31.33 49.30 -39.76
CA ALA I 307 -32.74 49.65 -39.79
C ALA I 307 -32.95 51.02 -40.42
N GLU I 308 -32.15 52.01 -40.03
CA GLU I 308 -32.31 53.35 -40.60
C GLU I 308 -32.07 53.33 -42.10
N VAL I 309 -31.00 52.66 -42.53
CA VAL I 309 -30.65 52.65 -43.94
C VAL I 309 -31.75 51.99 -44.75
N MET I 310 -32.26 50.86 -44.28
CA MET I 310 -33.32 50.18 -45.03
C MET I 310 -34.59 51.00 -45.04
N THR I 311 -34.90 51.69 -43.94
CA THR I 311 -36.05 52.58 -43.94
C THR I 311 -35.93 53.62 -45.04
N ALA I 312 -34.77 54.28 -45.10
CA ALA I 312 -34.56 55.29 -46.13
C ALA I 312 -34.64 54.68 -47.52
N THR I 313 -34.09 53.48 -47.70
CA THR I 313 -34.13 52.83 -49.01
C THR I 313 -35.56 52.59 -49.45
N ALA I 314 -36.39 52.03 -48.57
CA ALA I 314 -37.78 51.79 -48.90
C ALA I 314 -38.49 53.11 -49.23
N GLU I 315 -38.26 54.13 -48.41
CA GLU I 315 -38.88 55.43 -48.67
C GLU I 315 -38.51 55.94 -50.06
N ALA I 316 -37.21 55.87 -50.40
CA ALA I 316 -36.77 56.37 -51.69
C ALA I 316 -37.41 55.59 -52.83
N VAL I 317 -37.43 54.26 -52.72
CA VAL I 317 -38.01 53.45 -53.79
C VAL I 317 -39.47 53.81 -53.98
N GLY I 318 -40.22 53.91 -52.88
CA GLY I 318 -41.62 54.24 -52.99
C GLY I 318 -41.84 55.61 -53.59
N GLU I 319 -41.07 56.60 -53.14
CA GLU I 319 -41.24 57.96 -53.66
C GLU I 319 -40.96 58.00 -55.15
N ILE I 320 -39.89 57.35 -55.59
CA ILE I 320 -39.55 57.34 -57.01
C ILE I 320 -40.66 56.69 -57.81
N ALA I 321 -41.13 55.54 -57.34
CA ALA I 321 -42.18 54.83 -58.09
C ALA I 321 -43.45 55.66 -58.17
N GLU I 322 -43.83 56.31 -57.07
CA GLU I 322 -45.04 57.13 -57.08
C GLU I 322 -44.89 58.30 -58.03
N ALA I 323 -43.74 58.97 -58.01
CA ALA I 323 -43.52 60.07 -58.95
C ALA I 323 -43.62 59.58 -60.38
N THR I 324 -43.04 58.41 -60.67
CA THR I 324 -43.21 57.81 -61.99
C THR I 324 -44.68 57.61 -62.29
N ILE I 325 -45.46 57.16 -61.30
CA ILE I 325 -46.89 56.97 -61.49
C ILE I 325 -47.56 58.28 -61.87
N GLU I 326 -47.05 59.40 -61.36
CA GLU I 326 -47.65 60.69 -61.68
C GLU I 326 -47.39 61.11 -63.12
N ALA I 327 -46.32 60.62 -63.73
CA ALA I 327 -45.88 61.15 -65.01
C ALA I 327 -46.72 60.67 -66.19
N THR I 328 -47.81 59.94 -65.98
CA THR I 328 -48.59 59.43 -67.10
C THR I 328 -50.05 59.32 -66.70
N ASP I 329 -50.91 59.33 -67.72
CA ASP I 329 -52.34 59.15 -67.53
C ASP I 329 -52.85 57.78 -67.97
N ASP I 330 -51.98 56.93 -68.52
CA ASP I 330 -52.40 55.63 -69.03
C ASP I 330 -52.77 54.69 -67.89
N PRO I 331 -54.01 54.18 -67.84
CA PRO I 331 -54.35 53.25 -66.75
C PRO I 331 -53.49 52.00 -66.72
N GLU I 332 -53.32 51.34 -67.87
CA GLU I 332 -52.54 50.11 -67.91
C GLU I 332 -51.12 50.37 -67.46
N LYS I 333 -50.54 51.49 -67.91
CA LYS I 333 -49.21 51.86 -67.46
C LYS I 333 -49.17 52.05 -65.94
N ARG I 334 -50.19 52.72 -65.40
CA ARG I 334 -50.20 52.95 -63.96
C ARG I 334 -50.24 51.64 -63.19
N ARG I 335 -51.13 50.72 -63.58
CA ARG I 335 -51.19 49.47 -62.83
C ARG I 335 -49.92 48.64 -63.03
N LYS I 336 -49.32 48.70 -64.22
CA LYS I 336 -48.04 48.01 -64.41
C LYS I 336 -46.96 48.58 -63.49
N ILE I 337 -46.84 49.91 -63.47
CA ILE I 337 -45.88 50.55 -62.58
C ILE I 337 -46.15 50.16 -61.13
N ALA I 338 -47.42 50.10 -60.76
CA ALA I 338 -47.77 49.74 -59.38
C ALA I 338 -47.36 48.30 -59.08
N GLU I 339 -47.53 47.40 -60.05
CA GLU I 339 -47.11 46.03 -59.83
C GLU I 339 -45.60 45.95 -59.65
N PHE I 340 -44.86 46.71 -60.47
CA PHE I 340 -43.40 46.76 -60.30
C PHE I 340 -43.03 47.34 -58.94
N ALA I 341 -43.77 48.36 -58.49
CA ALA I 341 -43.49 48.94 -57.18
C ALA I 341 -43.76 47.95 -56.07
N ARG I 342 -44.83 47.16 -56.20
CA ARG I 342 -45.11 46.11 -55.24
C ARG I 342 -43.98 45.09 -55.22
N GLU I 343 -43.48 44.70 -56.40
CA GLU I 343 -42.35 43.79 -56.46
C GLU I 343 -41.14 44.39 -55.74
N LYS I 344 -40.89 45.67 -55.95
CA LYS I 344 -39.76 46.33 -55.28
C LYS I 344 -39.94 46.29 -53.77
N MET I 345 -41.14 46.60 -53.29
CA MET I 345 -41.39 46.57 -51.85
C MET I 345 -41.16 45.16 -51.31
N ARG I 346 -41.65 44.16 -52.03
CA ARG I 346 -41.43 42.77 -51.64
C ARG I 346 -39.94 42.48 -51.53
N ARG I 347 -39.17 42.89 -52.54
CA ARG I 347 -37.73 42.62 -52.52
C ARG I 347 -37.07 43.29 -51.34
N ILE I 348 -37.39 44.56 -51.10
CA ILE I 348 -36.74 45.31 -50.02
C ILE I 348 -37.09 44.69 -48.67
N ARG I 349 -38.35 44.31 -48.49
CA ARG I 349 -38.77 43.70 -47.23
C ARG I 349 -38.04 42.38 -47.00
N GLU I 350 -37.99 41.54 -48.04
CA GLU I 350 -37.32 40.25 -47.92
C GLU I 350 -35.85 40.45 -47.58
N LEU I 351 -35.19 41.42 -48.24
CA LEU I 351 -33.80 41.71 -47.92
C LEU I 351 -33.66 42.16 -46.48
N ALA I 352 -34.58 43.02 -46.01
CA ALA I 352 -34.48 43.57 -44.67
C ALA I 352 -34.55 42.46 -43.62
N ARG I 353 -35.44 41.50 -43.79
CA ARG I 353 -35.67 40.54 -42.71
C ARG I 353 -34.40 39.77 -42.35
N LYS I 354 -33.48 39.60 -43.30
CA LYS I 354 -32.26 38.85 -43.00
C LYS I 354 -31.21 39.72 -42.29
N LEU I 355 -31.06 40.98 -42.70
CA LEU I 355 -30.01 41.83 -42.18
C LEU I 355 -30.30 42.31 -40.76
N VAL I 356 -31.57 42.62 -40.46
CA VAL I 356 -31.93 43.27 -39.21
C VAL I 356 -31.86 42.24 -38.08
N GLU I 357 -30.95 42.45 -37.13
CA GLU I 357 -30.83 41.54 -36.00
C GLU I 357 -31.83 41.85 -34.88
N ASP I 358 -32.18 43.11 -34.69
CA ASP I 358 -33.08 43.47 -33.59
C ASP I 358 -34.51 43.10 -33.96
N PRO I 359 -35.19 42.23 -33.18
CA PRO I 359 -36.54 41.82 -33.58
C PRO I 359 -37.51 42.98 -33.73
N VAL I 360 -37.45 43.96 -32.81
CA VAL I 360 -38.42 45.04 -32.82
C VAL I 360 -38.22 45.93 -34.04
N LEU I 361 -36.96 46.31 -34.30
CA LEU I 361 -36.68 47.13 -35.46
C LEU I 361 -37.02 46.39 -36.75
N ALA I 362 -36.74 45.08 -36.79
CA ALA I 362 -37.08 44.30 -37.97
C ALA I 362 -38.59 44.33 -38.22
N ALA I 363 -39.38 44.08 -37.17
CA ALA I 363 -40.82 44.15 -37.32
C ALA I 363 -41.26 45.52 -37.82
N ALA I 364 -40.68 46.58 -37.25
CA ALA I 364 -41.07 47.93 -37.64
C ALA I 364 -40.76 48.19 -39.11
N VAL I 365 -39.58 47.76 -39.56
CA VAL I 365 -39.21 47.95 -40.97
C VAL I 365 -40.17 47.20 -41.87
N ALA I 366 -40.52 45.97 -41.50
CA ALA I 366 -41.46 45.20 -42.31
C ALA I 366 -42.81 45.91 -42.40
N ALA I 367 -43.31 46.40 -41.26
CA ALA I 367 -44.58 47.10 -41.27
C ALA I 367 -44.52 48.33 -42.17
N ARG I 368 -43.47 49.13 -42.00
CA ARG I 368 -43.30 50.32 -42.82
C ARG I 368 -43.36 49.97 -44.30
N ALA I 369 -42.57 48.97 -44.71
CA ALA I 369 -42.51 48.61 -46.12
C ALA I 369 -43.87 48.16 -46.62
N LEU I 370 -44.56 47.33 -45.85
CA LEU I 370 -45.85 46.82 -46.29
C LEU I 370 -46.85 47.95 -46.46
N VAL I 371 -46.88 48.87 -45.50
CA VAL I 371 -47.83 49.99 -45.56
C VAL I 371 -47.57 50.83 -46.80
N LEU I 372 -46.31 51.25 -46.99
CA LEU I 372 -45.99 52.07 -48.15
C LEU I 372 -46.31 51.34 -49.45
N SER I 373 -46.03 50.04 -49.51
CA SER I 373 -46.39 49.29 -50.71
C SER I 373 -47.87 49.41 -50.99
N ALA I 374 -48.70 49.14 -49.98
CA ALA I 374 -50.14 49.19 -50.20
C ALA I 374 -50.59 50.57 -50.66
N ALA I 375 -50.07 51.63 -50.03
CA ALA I 375 -50.50 52.97 -50.39
C ALA I 375 -50.09 53.33 -51.82
N VAL I 376 -48.82 53.07 -52.15
CA VAL I 376 -48.33 53.40 -53.48
C VAL I 376 -49.14 52.67 -54.53
N PHE I 377 -49.46 51.40 -54.28
CA PHE I 377 -50.32 50.69 -55.21
C PHE I 377 -51.69 51.37 -55.28
N ALA I 378 -52.26 51.70 -54.12
CA ALA I 378 -53.63 52.21 -54.10
C ALA I 378 -53.77 53.45 -54.95
N LYS I 379 -52.72 54.28 -55.02
CA LYS I 379 -52.85 55.52 -55.79
C LYS I 379 -53.21 55.25 -57.24
N ALA I 380 -52.89 54.07 -57.76
CA ALA I 380 -53.01 53.84 -59.19
C ALA I 380 -54.43 54.08 -59.70
N TYR I 381 -55.44 53.76 -58.91
CA TYR I 381 -56.82 53.89 -59.36
C TYR I 381 -57.40 55.29 -59.13
N GLY I 382 -56.64 56.21 -58.53
CA GLY I 382 -57.06 57.61 -58.48
C GLY I 382 -57.82 58.03 -57.25
N GLY I 383 -57.74 57.29 -56.16
CA GLY I 383 -58.37 57.70 -54.92
C GLY I 383 -57.68 58.91 -54.32
N PRO I 384 -58.40 59.70 -53.53
CA PRO I 384 -57.78 60.88 -52.90
C PRO I 384 -56.56 60.49 -52.09
N GLU I 385 -55.49 61.28 -52.26
CA GLU I 385 -54.23 60.97 -51.60
C GLU I 385 -54.25 61.27 -50.10
N GLU I 386 -55.21 62.07 -49.64
CA GLU I 386 -55.22 62.45 -48.23
C GLU I 386 -55.38 61.23 -47.33
N TYR I 387 -56.26 60.31 -47.71
CA TYR I 387 -56.47 59.10 -46.91
C TYR I 387 -55.17 58.30 -46.81
N SER I 388 -54.49 58.12 -47.94
CA SER I 388 -53.23 57.38 -47.93
C SER I 388 -52.20 58.09 -47.06
N ARG I 389 -52.12 59.42 -47.15
CA ARG I 389 -51.19 60.15 -46.31
C ARG I 389 -51.49 59.93 -44.84
N LEU I 390 -52.77 59.97 -44.47
CA LEU I 390 -53.15 59.75 -43.09
C LEU I 390 -52.77 58.35 -42.62
N MET I 391 -52.94 57.35 -43.50
CA MET I 391 -52.53 56.00 -43.12
C MET I 391 -51.02 55.90 -42.94
N ARG I 392 -50.27 56.54 -43.84
CA ARG I 392 -48.81 56.59 -43.64
C ARG I 392 -48.49 57.21 -42.30
N ARG I 393 -49.19 58.29 -41.96
CA ARG I 393 -48.94 58.96 -40.69
C ARG I 393 -49.20 58.01 -39.52
N TRP I 394 -50.29 57.24 -39.58
CA TRP I 394 -50.56 56.27 -38.53
C TRP I 394 -49.44 55.26 -38.40
N VAL I 395 -49.02 54.67 -39.53
CA VAL I 395 -47.95 53.68 -39.47
C VAL I 395 -46.70 54.29 -38.87
N GLU I 396 -46.37 55.52 -39.28
CA GLU I 396 -45.17 56.19 -38.77
C GLU I 396 -45.28 56.42 -37.28
N LYS I 397 -46.45 56.86 -36.81
CA LYS I 397 -46.63 57.07 -35.37
C LYS I 397 -46.44 55.76 -34.61
N ALA I 398 -46.97 54.67 -35.15
CA ALA I 398 -46.77 53.37 -34.51
C ALA I 398 -45.29 53.05 -34.43
N ALA I 399 -44.55 53.28 -35.51
CA ALA I 399 -43.13 53.01 -35.50
C ALA I 399 -42.42 53.89 -34.48
N GLU I 400 -42.81 55.16 -34.37
CA GLU I 400 -42.20 56.06 -33.40
C GLU I 400 -42.42 55.55 -31.98
N LEU I 401 -43.66 55.14 -31.67
CA LEU I 401 -43.93 54.58 -30.36
C LEU I 401 -43.10 53.33 -30.14
N ALA I 402 -42.97 52.50 -31.17
CA ALA I 402 -42.20 51.26 -31.03
C ALA I 402 -40.74 51.54 -30.70
N ARG I 403 -40.13 52.49 -31.41
CA ARG I 403 -38.74 52.82 -31.13
C ARG I 403 -38.60 53.44 -29.74
N ARG I 404 -39.55 54.30 -29.35
CA ARG I 404 -39.51 54.87 -28.01
C ARG I 404 -39.54 53.78 -26.95
N ALA I 405 -40.44 52.79 -27.11
CA ALA I 405 -40.53 51.73 -26.13
C ALA I 405 -39.31 50.83 -26.16
N ARG I 406 -38.73 50.61 -27.34
CA ARG I 406 -37.50 49.84 -27.42
C ARG I 406 -36.40 50.54 -26.63
N ARG I 407 -36.31 51.87 -26.77
CA ARG I 407 -35.40 52.62 -25.91
C ARG I 407 -35.76 52.44 -24.44
N LEU I 408 -37.05 52.32 -24.14
CA LEU I 408 -37.48 52.06 -22.77
C LEU I 408 -37.11 50.66 -22.28
N GLY I 409 -36.76 49.74 -23.18
CA GLY I 409 -36.36 48.41 -22.76
C GLY I 409 -37.47 47.48 -22.37
N ALA I 410 -38.61 47.55 -23.06
CA ALA I 410 -39.76 46.72 -22.71
C ALA I 410 -39.61 45.31 -23.27
N ASP I 411 -40.56 44.45 -22.91
CA ASP I 411 -40.62 43.10 -23.46
C ASP I 411 -40.92 43.16 -24.95
N GLU I 412 -40.11 42.48 -25.75
CA GLU I 412 -40.20 42.59 -27.20
C GLU I 412 -41.52 42.04 -27.75
N SER I 413 -42.11 41.04 -27.08
CA SER I 413 -43.30 40.40 -27.64
C SER I 413 -44.46 41.37 -27.78
N VAL I 414 -44.70 42.18 -26.75
CA VAL I 414 -45.82 43.12 -26.79
C VAL I 414 -45.63 44.11 -27.93
N LEU I 415 -44.42 44.62 -28.09
CA LEU I 415 -44.13 45.58 -29.15
C LEU I 415 -44.32 44.97 -30.53
N VAL I 416 -43.83 43.73 -30.71
CA VAL I 416 -43.99 43.09 -32.01
C VAL I 416 -45.47 42.91 -32.32
N ALA I 417 -46.24 42.49 -31.32
CA ALA I 417 -47.67 42.35 -31.53
C ALA I 417 -48.30 43.67 -31.91
N ALA I 418 -47.93 44.75 -31.23
CA ALA I 418 -48.49 46.05 -31.53
C ALA I 418 -48.21 46.42 -32.99
N LEU I 419 -46.94 46.34 -33.40
CA LEU I 419 -46.57 46.76 -34.74
C LEU I 419 -47.33 45.96 -35.78
N MET I 420 -47.26 44.62 -35.70
CA MET I 420 -47.89 43.82 -36.73
C MET I 420 -49.40 44.02 -36.74
N ARG I 421 -50.03 44.10 -35.58
CA ARG I 421 -51.48 44.25 -35.53
C ARG I 421 -51.91 45.54 -36.21
N VAL I 422 -51.27 46.66 -35.86
CA VAL I 422 -51.68 47.92 -36.47
C VAL I 422 -51.40 47.88 -37.96
N ALA I 423 -50.32 47.23 -38.37
CA ALA I 423 -50.02 47.12 -39.79
C ALA I 423 -51.14 46.37 -40.52
N ALA I 424 -51.61 45.27 -39.95
CA ALA I 424 -52.69 44.52 -40.58
C ALA I 424 -53.94 45.38 -40.70
N ILE I 425 -54.29 46.09 -39.63
CA ILE I 425 -55.48 46.94 -39.67
C ILE I 425 -55.35 47.97 -40.80
N ALA I 426 -54.17 48.60 -40.89
CA ALA I 426 -53.97 49.63 -41.90
C ALA I 426 -54.08 49.04 -43.31
N VAL I 427 -53.45 47.89 -43.54
CA VAL I 427 -53.44 47.31 -44.88
C VAL I 427 -54.86 46.97 -45.31
N THR I 428 -55.61 46.30 -44.42
CA THR I 428 -56.97 45.94 -44.78
C THR I 428 -57.84 47.18 -44.95
N ALA I 429 -57.61 48.23 -44.18
CA ALA I 429 -58.37 49.46 -44.38
C ALA I 429 -58.13 50.03 -45.76
N ILE I 430 -56.87 50.13 -46.17
CA ILE I 430 -56.56 50.68 -47.48
C ILE I 430 -57.21 49.84 -48.57
N ALA I 431 -57.12 48.51 -48.44
CA ALA I 431 -57.71 47.64 -49.43
C ALA I 431 -59.22 47.85 -49.51
N MET I 432 -59.89 47.93 -48.36
CA MET I 432 -61.33 48.11 -48.37
C MET I 432 -61.70 49.43 -49.04
N MET I 433 -60.93 50.49 -48.76
CA MET I 433 -61.21 51.77 -49.41
C MET I 433 -61.06 51.64 -50.92
N THR I 434 -60.01 50.95 -51.38
CA THR I 434 -59.86 50.75 -52.81
C THR I 434 -61.06 50.01 -53.38
N VAL I 435 -61.54 49.00 -52.67
CA VAL I 435 -62.68 48.22 -53.15
C VAL I 435 -63.89 49.11 -53.29
N MET I 436 -64.14 49.96 -52.28
CA MET I 436 -65.27 50.89 -52.38
C MET I 436 -65.10 51.84 -53.54
N GLY I 437 -63.88 52.31 -53.79
CA GLY I 437 -63.64 53.19 -54.91
C GLY I 437 -63.99 52.53 -56.23
N VAL I 438 -63.54 51.29 -56.41
CA VAL I 438 -63.85 50.57 -57.65
C VAL I 438 -65.37 50.43 -57.80
N GLN I 439 -66.06 50.15 -56.70
CA GLN I 439 -67.51 49.99 -56.75
C GLN I 439 -68.25 51.29 -57.04
N ASN I 440 -67.55 52.43 -57.02
CA ASN I 440 -68.17 53.72 -57.30
C ASN I 440 -69.18 54.10 -56.22
N ALA I 441 -68.79 53.85 -54.96
CA ALA I 441 -69.66 54.16 -53.83
C ALA I 441 -69.73 55.67 -53.60
N PRO I 442 -70.79 56.15 -52.95
CA PRO I 442 -70.88 57.59 -52.65
C PRO I 442 -69.93 57.95 -51.52
N PRO I 443 -69.45 59.20 -51.49
CA PRO I 443 -68.49 59.58 -50.44
C PRO I 443 -69.07 59.54 -49.04
N GLU I 444 -70.37 59.82 -48.88
CA GLU I 444 -70.98 59.72 -47.55
C GLU I 444 -70.86 58.30 -47.01
N GLU I 445 -70.77 57.31 -47.91
CA GLU I 445 -70.53 55.93 -47.50
C GLU I 445 -69.04 55.67 -47.33
N ARG I 446 -68.23 56.15 -48.28
CA ARG I 446 -66.80 55.86 -48.26
C ARG I 446 -66.14 56.34 -46.98
N GLU I 447 -66.54 57.52 -46.50
CA GLU I 447 -65.89 58.08 -45.32
C GLU I 447 -65.99 57.15 -44.12
N ARG I 448 -67.06 56.36 -44.04
CA ARG I 448 -67.29 55.54 -42.86
C ARG I 448 -66.10 54.64 -42.57
N ILE I 449 -65.48 54.08 -43.62
CA ILE I 449 -64.38 53.16 -43.42
C ILE I 449 -63.23 53.83 -42.70
N LEU I 450 -62.96 55.10 -43.02
CA LEU I 450 -61.86 55.80 -42.35
C LEU I 450 -62.12 55.93 -40.86
N ALA I 451 -63.35 56.26 -40.48
CA ALA I 451 -63.69 56.31 -39.06
C ALA I 451 -63.52 54.94 -38.42
N GLU I 452 -63.98 53.90 -39.10
CA GLU I 452 -63.81 52.55 -38.56
C GLU I 452 -62.34 52.23 -38.35
N ALA I 453 -61.49 52.58 -39.32
CA ALA I 453 -60.07 52.28 -39.20
C ALA I 453 -59.42 53.09 -38.09
N THR I 454 -59.69 54.40 -38.07
CA THR I 454 -59.00 55.26 -37.10
C THR I 454 -59.29 54.83 -35.67
N GLU I 455 -60.53 54.42 -35.39
CA GLU I 455 -60.88 53.97 -34.05
C GLU I 455 -60.04 52.76 -33.66
N MET I 456 -60.08 51.70 -34.47
CA MET I 456 -59.38 50.47 -34.12
C MET I 456 -57.88 50.71 -34.00
N ILE I 457 -57.31 51.45 -34.96
CA ILE I 457 -55.88 51.70 -34.92
C ILE I 457 -55.50 52.43 -33.63
N ALA I 458 -56.26 53.49 -33.30
CA ALA I 458 -55.97 54.23 -32.09
C ALA I 458 -56.11 53.34 -30.86
N ARG I 459 -57.24 52.64 -30.75
CA ARG I 459 -57.45 51.78 -29.60
C ARG I 459 -56.39 50.68 -29.54
N VAL I 460 -55.98 50.17 -30.71
CA VAL I 460 -54.95 49.12 -30.73
C VAL I 460 -53.65 49.65 -30.15
N LEU I 461 -53.23 50.86 -30.56
CA LEU I 461 -52.03 51.44 -29.99
C LEU I 461 -52.24 51.80 -28.53
N ALA I 462 -53.42 52.31 -28.18
CA ALA I 462 -53.68 52.66 -26.79
C ALA I 462 -53.56 51.44 -25.89
N GLU I 463 -54.14 50.32 -26.32
CA GLU I 463 -54.09 49.11 -25.50
C GLU I 463 -52.66 48.68 -25.27
N ALA I 464 -51.81 48.75 -26.29
CA ALA I 464 -50.43 48.37 -26.14
C ALA I 464 -49.73 49.24 -25.10
N THR I 465 -50.03 50.54 -25.10
CA THR I 465 -49.34 51.46 -24.20
C THR I 465 -49.44 50.99 -22.75
N ARG I 466 -50.65 50.71 -22.29
CA ARG I 466 -50.83 50.32 -20.89
C ARG I 466 -50.21 48.97 -20.60
N ARG I 467 -50.22 48.04 -21.56
CA ARG I 467 -49.57 46.76 -21.34
C ARG I 467 -48.09 46.95 -21.10
N VAL I 468 -47.44 47.79 -21.91
CA VAL I 468 -46.02 48.06 -21.72
C VAL I 468 -45.79 48.81 -20.42
N MET I 469 -46.58 49.86 -20.18
CA MET I 469 -46.36 50.71 -19.02
C MET I 469 -46.45 49.91 -17.72
N LYS I 470 -47.31 48.89 -17.69
CA LYS I 470 -47.51 48.13 -16.47
C LYS I 470 -46.26 47.38 -16.03
N ARG I 471 -45.27 47.22 -16.91
CA ARG I 471 -44.05 46.50 -16.59
C ARG I 471 -42.85 47.42 -16.38
N LEU I 472 -43.03 48.73 -16.49
CA LEU I 472 -41.95 49.66 -16.26
C LEU I 472 -41.75 49.85 -14.75
N GLU I 473 -40.69 50.59 -14.39
CA GLU I 473 -40.42 50.85 -12.98
C GLU I 473 -39.98 52.29 -12.71
N ASP I 474 -39.85 53.12 -13.76
CA ASP I 474 -39.30 54.47 -13.60
C ASP I 474 -40.40 55.51 -13.71
N PRO I 475 -40.55 56.41 -12.73
CA PRO I 475 -41.66 57.38 -12.83
C PRO I 475 -41.51 58.34 -13.99
N GLU I 476 -40.31 58.86 -14.21
CA GLU I 476 -40.12 59.80 -15.31
C GLU I 476 -40.40 59.12 -16.65
N ALA I 477 -39.93 57.88 -16.83
CA ALA I 477 -40.19 57.17 -18.07
C ALA I 477 -41.67 56.87 -18.24
N ALA I 478 -42.36 56.48 -17.16
CA ALA I 478 -43.79 56.21 -17.26
C ALA I 478 -44.55 57.45 -17.66
N ALA I 479 -44.23 58.59 -17.02
CA ALA I 479 -44.88 59.84 -17.39
C ALA I 479 -44.59 60.20 -18.83
N GLU I 480 -43.34 59.99 -19.27
CA GLU I 480 -42.99 60.28 -20.66
C GLU I 480 -43.84 59.46 -21.61
N LEU I 481 -43.97 58.16 -21.33
CA LEU I 481 -44.79 57.32 -22.21
C LEU I 481 -46.23 57.81 -22.24
N ALA I 482 -46.79 58.12 -21.07
CA ALA I 482 -48.18 58.56 -21.02
C ALA I 482 -48.37 59.83 -21.84
N LEU I 483 -47.55 60.85 -21.58
CA LEU I 483 -47.70 62.12 -22.28
C LEU I 483 -47.48 61.96 -23.78
N ALA I 484 -46.44 61.21 -24.16
CA ALA I 484 -46.13 61.05 -25.58
C ALA I 484 -47.28 60.39 -26.32
N THR I 485 -47.75 59.25 -25.81
CA THR I 485 -48.82 58.55 -26.49
C THR I 485 -50.09 59.37 -26.52
N ILE I 486 -50.40 60.08 -25.43
CA ILE I 486 -51.59 60.92 -25.41
C ILE I 486 -51.48 61.98 -26.51
N GLU I 487 -50.33 62.64 -26.61
CA GLU I 487 -50.15 63.67 -27.62
C GLU I 487 -50.31 63.09 -29.02
N ALA I 488 -49.67 61.95 -29.28
CA ALA I 488 -49.72 61.37 -30.61
C ALA I 488 -51.14 61.00 -31.00
N ILE I 489 -51.86 60.32 -30.10
CA ILE I 489 -53.22 59.92 -30.40
C ILE I 489 -54.09 61.14 -30.62
N THR I 490 -53.90 62.18 -29.81
CA THR I 490 -54.67 63.41 -29.99
C THR I 490 -54.40 64.02 -31.35
N GLU I 491 -53.14 64.06 -31.77
CA GLU I 491 -52.83 64.65 -33.08
C GLU I 491 -53.49 63.85 -34.20
N LEU I 492 -53.42 62.52 -34.11
CA LEU I 492 -54.00 61.70 -35.16
C LEU I 492 -55.51 61.92 -35.24
N PHE I 493 -56.19 61.91 -34.09
CA PHE I 493 -57.63 62.15 -34.11
C PHE I 493 -57.96 63.54 -34.60
N VAL I 494 -57.14 64.54 -34.26
CA VAL I 494 -57.39 65.89 -34.78
C VAL I 494 -57.36 65.87 -36.30
N ASP I 495 -56.34 65.23 -36.87
CA ASP I 495 -56.26 65.15 -38.32
C ASP I 495 -57.49 64.46 -38.90
N ALA I 496 -57.85 63.30 -38.33
CA ALA I 496 -58.97 62.55 -38.88
C ALA I 496 -60.26 63.36 -38.82
N LEU I 497 -60.53 63.98 -37.67
CA LEU I 497 -61.72 64.82 -37.54
C LEU I 497 -61.70 65.95 -38.53
N GLU I 498 -60.53 66.50 -38.83
CA GLU I 498 -60.45 67.53 -39.87
C GLU I 498 -60.84 66.97 -41.23
N ILE I 499 -60.39 65.75 -41.54
CA ILE I 499 -60.59 65.23 -42.89
C ILE I 499 -62.05 64.87 -43.15
N ILE I 500 -62.67 64.14 -42.22
CA ILE I 500 -63.96 63.51 -42.50
C ILE I 500 -65.04 64.58 -42.70
N ARG I 501 -66.07 64.22 -43.48
CA ARG I 501 -67.02 65.19 -43.99
C ARG I 501 -68.45 64.62 -43.99
N SER I 502 -68.89 64.10 -42.86
CA SER I 502 -70.25 63.60 -42.71
C SER I 502 -70.66 63.73 -41.25
N GLY I 503 -71.97 63.90 -41.03
CA GLY I 503 -72.47 64.17 -39.70
C GLY I 503 -72.37 63.01 -38.72
N GLU I 504 -73.16 61.96 -38.96
CA GLU I 504 -73.23 60.86 -38.02
C GLU I 504 -71.86 60.21 -37.83
N VAL I 505 -71.10 60.09 -38.92
CA VAL I 505 -69.77 59.50 -38.82
C VAL I 505 -68.90 60.31 -37.87
N ALA I 506 -68.90 61.63 -38.03
CA ALA I 506 -68.11 62.48 -37.16
C ALA I 506 -68.58 62.39 -35.72
N SER I 507 -69.90 62.34 -35.50
CA SER I 507 -70.41 62.23 -34.15
C SER I 507 -69.88 60.97 -33.48
N ARG I 508 -70.03 59.82 -34.15
CA ARG I 508 -69.56 58.57 -33.57
C ARG I 508 -68.05 58.60 -33.35
N LEU I 509 -67.30 59.16 -34.30
CA LEU I 509 -65.86 59.20 -34.17
C LEU I 509 -65.45 60.00 -32.94
N ALA I 510 -66.07 61.16 -32.73
CA ALA I 510 -65.77 61.95 -31.54
C ALA I 510 -66.12 61.18 -30.28
N LYS I 511 -67.29 60.56 -30.27
CA LYS I 511 -67.73 59.83 -29.09
C LYS I 511 -66.72 58.75 -28.72
N SER I 512 -66.19 58.05 -29.71
CA SER I 512 -65.22 57.00 -29.44
C SER I 512 -63.88 57.58 -28.99
N GLY I 513 -63.40 58.63 -29.68
CA GLY I 513 -62.09 59.16 -29.35
C GLY I 513 -62.02 59.71 -27.95
N ILE I 514 -63.08 60.40 -27.52
CA ILE I 514 -63.08 60.94 -26.16
C ILE I 514 -62.82 59.83 -25.16
N GLU I 515 -63.57 58.73 -25.30
CA GLU I 515 -63.40 57.62 -24.37
C GLU I 515 -62.00 57.03 -24.46
N VAL I 516 -61.47 56.90 -25.67
CA VAL I 516 -60.13 56.32 -25.81
C VAL I 516 -59.12 57.13 -25.01
N ILE I 517 -59.12 58.45 -25.20
CA ILE I 517 -58.12 59.27 -24.53
C ILE I 517 -58.37 59.29 -23.03
N ALA I 518 -59.64 59.33 -22.61
CA ALA I 518 -59.93 59.34 -21.19
C ALA I 518 -59.42 58.07 -20.52
N GLU I 519 -59.66 56.92 -21.15
CA GLU I 519 -59.19 55.65 -20.60
C GLU I 519 -57.67 55.65 -20.49
N LEU I 520 -56.98 56.09 -21.55
CA LEU I 520 -55.52 56.12 -21.47
C LEU I 520 -55.05 57.02 -20.34
N ALA I 521 -55.67 58.19 -20.19
CA ALA I 521 -55.28 59.11 -19.13
C ALA I 521 -55.48 58.48 -17.77
N GLU I 522 -56.64 57.85 -17.55
CA GLU I 522 -56.90 57.21 -16.27
C GLU I 522 -55.88 56.10 -16.01
N ALA I 523 -55.58 55.30 -17.02
CA ALA I 523 -54.59 54.24 -16.85
C ALA I 523 -53.26 54.80 -16.39
N ALA I 524 -52.79 55.87 -17.03
CA ALA I 524 -51.53 56.47 -16.61
C ALA I 524 -51.64 57.00 -15.18
N ILE I 525 -52.76 57.65 -14.85
CA ILE I 525 -52.93 58.25 -13.53
C ILE I 525 -52.81 57.21 -12.42
N GLU I 526 -53.09 55.94 -12.71
CA GLU I 526 -53.08 54.93 -11.67
C GLU I 526 -51.72 54.83 -11.00
N HIS I 527 -50.64 55.08 -11.74
CA HIS I 527 -49.30 54.95 -11.20
C HIS I 527 -48.86 56.23 -10.50
N ILE I 528 -47.99 56.07 -9.51
CA ILE I 528 -47.62 57.19 -8.65
C ILE I 528 -46.76 58.19 -9.42
N ASP I 529 -46.60 59.38 -8.86
CA ASP I 529 -45.75 60.41 -9.43
C ASP I 529 -45.56 61.51 -8.40
N ASP I 530 -44.57 62.36 -8.66
CA ASP I 530 -44.44 63.59 -7.90
C ASP I 530 -45.62 64.52 -8.22
N PRO I 531 -45.99 65.40 -7.29
CA PRO I 531 -47.19 66.23 -7.52
C PRO I 531 -47.17 66.96 -8.85
N GLU I 532 -46.04 67.56 -9.23
CA GLU I 532 -45.97 68.26 -10.50
C GLU I 532 -46.17 67.32 -11.67
N GLN I 533 -45.59 66.11 -11.59
CA GLN I 533 -45.79 65.14 -12.65
C GLN I 533 -47.27 64.77 -12.79
N LEU I 534 -47.95 64.57 -11.66
CA LEU I 534 -49.38 64.34 -11.70
C LEU I 534 -50.10 65.54 -12.29
N LYS I 535 -49.71 66.75 -11.87
CA LYS I 535 -50.35 67.95 -12.37
C LYS I 535 -50.19 68.07 -13.88
N LYS I 536 -48.99 67.76 -14.39
CA LYS I 536 -48.79 67.81 -15.83
C LYS I 536 -49.71 66.83 -16.55
N ILE I 537 -49.88 65.64 -16.00
CA ILE I 537 -50.76 64.65 -16.63
C ILE I 537 -52.18 65.18 -16.72
N VAL I 538 -52.67 65.78 -15.64
CA VAL I 538 -54.02 66.33 -15.64
C VAL I 538 -54.13 67.44 -16.67
N LYS I 539 -53.14 68.33 -16.71
CA LYS I 539 -53.20 69.43 -17.67
C LYS I 539 -53.24 68.93 -19.11
N LYS I 540 -52.41 67.93 -19.42
CA LYS I 540 -52.38 67.41 -20.78
C LYS I 540 -53.73 66.82 -21.17
N ALA I 541 -54.32 66.01 -20.29
CA ALA I 541 -55.62 65.40 -20.60
C ALA I 541 -56.67 66.47 -20.84
N ALA I 542 -56.70 67.50 -19.99
CA ALA I 542 -57.68 68.57 -20.17
C ALA I 542 -57.48 69.26 -21.51
N GLU I 543 -56.23 69.53 -21.88
CA GLU I 543 -55.96 70.15 -23.17
C GLU I 543 -56.45 69.29 -24.31
N ALA I 544 -56.21 67.97 -24.23
CA ALA I 544 -56.60 67.09 -25.31
C ALA I 544 -58.10 67.07 -25.50
N ILE I 545 -58.86 66.81 -24.43
CA ILE I 545 -60.29 66.64 -24.58
C ILE I 545 -60.93 67.93 -25.06
N LYS I 546 -60.45 69.07 -24.58
CA LYS I 546 -60.93 70.34 -25.09
C LYS I 546 -60.60 70.50 -26.57
N LYS I 547 -59.39 70.10 -26.96
CA LYS I 547 -58.97 70.29 -28.35
C LYS I 547 -59.84 69.47 -29.30
N ILE I 548 -60.15 68.23 -28.93
CA ILE I 548 -61.02 67.41 -29.77
C ILE I 548 -62.42 68.01 -29.84
N VAL I 549 -62.96 68.40 -28.69
CA VAL I 549 -64.31 68.97 -28.65
C VAL I 549 -64.37 70.21 -29.52
N GLU I 550 -63.37 71.10 -29.39
CA GLU I 550 -63.32 72.29 -30.22
C GLU I 550 -63.34 71.92 -31.70
N GLU I 551 -62.64 70.85 -32.08
CA GLU I 551 -62.62 70.44 -33.48
C GLU I 551 -64.03 70.12 -33.97
N LEU I 552 -64.79 69.36 -33.19
CA LEU I 552 -66.15 69.03 -33.60
C LEU I 552 -67.02 70.27 -33.72
N ILE I 553 -66.77 71.28 -32.87
CA ILE I 553 -67.54 72.50 -32.92
C ILE I 553 -67.45 73.14 -34.29
N LYS I 554 -66.33 72.94 -34.98
CA LYS I 554 -66.10 73.54 -36.29
C LYS I 554 -66.98 72.94 -37.37
N LYS I 555 -67.68 71.85 -37.09
CA LYS I 555 -68.33 71.05 -38.11
C LYS I 555 -69.84 71.15 -37.99
N ASP I 556 -70.52 71.13 -39.13
CA ASP I 556 -71.97 71.05 -39.14
C ASP I 556 -72.42 69.68 -38.66
N VAL I 557 -73.31 69.65 -37.67
CA VAL I 557 -73.77 68.40 -37.08
C VAL I 557 -75.09 68.66 -36.37
N GLU I 558 -75.89 67.60 -36.23
CA GLU I 558 -77.19 67.71 -35.60
C GLU I 558 -77.05 68.26 -34.19
N ASP I 559 -77.99 69.15 -33.82
CA ASP I 559 -77.87 69.88 -32.56
C ASP I 559 -77.91 68.92 -31.36
N GLU I 560 -78.92 68.05 -31.32
CA GLU I 560 -79.07 67.16 -30.16
C GLU I 560 -77.88 66.24 -30.03
N LEU I 561 -77.41 65.69 -31.15
CA LEU I 561 -76.25 64.81 -31.11
C LEU I 561 -75.00 65.56 -30.70
N LEU I 562 -74.85 66.81 -31.16
CA LEU I 562 -73.72 67.63 -30.74
C LEU I 562 -73.76 67.87 -29.24
N ALA I 563 -74.92 68.22 -28.70
CA ALA I 563 -75.02 68.46 -27.26
C ALA I 563 -74.61 67.22 -26.48
N GLU I 564 -75.20 66.07 -26.82
CA GLU I 564 -74.85 64.84 -26.13
C GLU I 564 -73.37 64.57 -26.22
N VAL I 565 -72.76 64.85 -27.37
CA VAL I 565 -71.34 64.59 -27.55
C VAL I 565 -70.51 65.45 -26.59
N THR I 566 -70.77 66.76 -26.58
CA THR I 566 -69.94 67.65 -25.76
C THR I 566 -70.27 67.50 -24.29
N SER I 567 -71.53 67.26 -23.95
CA SER I 567 -71.89 66.97 -22.57
C SER I 567 -71.22 65.69 -22.10
N GLU I 568 -71.30 64.64 -22.92
CA GLU I 568 -70.68 63.37 -22.56
C GLU I 568 -69.17 63.51 -22.42
N GLY I 569 -68.55 64.28 -23.32
CA GLY I 569 -67.12 64.48 -23.21
C GLY I 569 -66.73 65.16 -21.91
N ASN I 570 -67.47 66.20 -21.53
CA ASN I 570 -67.15 66.93 -20.32
C ASN I 570 -67.15 66.00 -19.11
N ARG I 571 -68.14 65.11 -19.03
CA ARG I 571 -68.22 64.18 -17.92
C ARG I 571 -66.93 63.38 -17.76
N LYS I 572 -66.27 63.04 -18.86
CA LYS I 572 -65.03 62.28 -18.77
C LYS I 572 -63.95 63.10 -18.08
N LEU I 573 -63.85 64.39 -18.39
CA LEU I 573 -62.90 65.23 -17.69
C LEU I 573 -63.20 65.24 -16.20
N SER I 574 -64.47 65.30 -15.84
CA SER I 574 -64.85 65.24 -14.44
C SER I 574 -64.25 64.02 -13.76
N ARG I 575 -64.40 62.85 -14.36
CA ARG I 575 -63.95 61.61 -13.72
C ARG I 575 -62.46 61.64 -13.50
N ILE I 576 -61.69 61.91 -14.55
CA ILE I 576 -60.24 61.90 -14.40
C ILE I 576 -59.80 62.97 -13.40
N THR I 577 -60.49 64.11 -13.40
CA THR I 577 -60.19 65.13 -12.41
C THR I 577 -60.40 64.60 -11.01
N SER I 578 -61.52 63.89 -10.78
CA SER I 578 -61.77 63.32 -9.47
C SER I 578 -60.74 62.25 -9.12
N LYS I 579 -60.45 61.35 -10.06
CA LYS I 579 -59.52 60.26 -9.77
C LYS I 579 -58.14 60.80 -9.42
N ALA I 580 -57.67 61.81 -10.15
CA ALA I 580 -56.37 62.39 -9.84
C ALA I 580 -56.38 63.05 -8.47
N LEU I 581 -57.45 63.79 -8.16
CA LEU I 581 -57.47 64.54 -6.91
C LEU I 581 -57.28 63.65 -5.70
N THR I 582 -57.66 62.38 -5.80
CA THR I 582 -57.55 61.47 -4.65
C THR I 582 -56.11 61.19 -4.26
N LYS I 583 -55.16 61.36 -5.16
CA LYS I 583 -53.78 60.99 -4.90
C LYS I 583 -52.96 62.11 -4.26
N ILE I 584 -53.45 63.35 -4.32
CA ILE I 584 -52.68 64.48 -3.81
C ILE I 584 -52.59 64.39 -2.28
N LYS I 585 -51.61 65.11 -1.72
CA LYS I 585 -51.42 65.13 -0.28
C LYS I 585 -51.09 66.51 0.26
N ASP I 586 -51.25 67.58 -0.54
CA ASP I 586 -50.96 68.93 -0.08
C ASP I 586 -51.94 69.88 -0.75
N GLU I 587 -52.22 70.98 -0.05
CA GLU I 587 -53.28 71.90 -0.52
C GLU I 587 -52.93 72.56 -1.84
N LYS I 588 -51.66 72.90 -2.05
CA LYS I 588 -51.29 73.71 -3.20
C LYS I 588 -51.74 73.06 -4.50
N ALA I 589 -51.39 71.79 -4.69
CA ALA I 589 -51.83 71.09 -5.89
C ALA I 589 -53.35 70.89 -5.89
N ALA I 590 -53.92 70.57 -4.72
CA ALA I 590 -55.35 70.30 -4.66
C ALA I 590 -56.16 71.52 -5.09
N ALA I 591 -55.83 72.69 -4.54
CA ALA I 591 -56.56 73.89 -4.92
C ALA I 591 -56.37 74.21 -6.40
N GLU I 592 -55.13 74.12 -6.88
CA GLU I 592 -54.85 74.45 -8.28
C GLU I 592 -55.64 73.56 -9.23
N LEU I 593 -55.60 72.24 -9.00
CA LEU I 593 -56.33 71.33 -9.86
C LEU I 593 -57.82 71.58 -9.79
N THR I 594 -58.35 71.77 -8.58
CA THR I 594 -59.78 71.97 -8.43
C THR I 594 -60.25 73.20 -9.20
N ILE I 595 -59.52 74.30 -9.09
CA ILE I 595 -59.89 75.50 -9.85
C ILE I 595 -59.76 75.23 -11.35
N GLU I 596 -58.64 74.62 -11.76
CA GLU I 596 -58.39 74.41 -13.19
C GLU I 596 -59.53 73.63 -13.83
N ALA I 597 -59.88 72.47 -13.26
CA ALA I 597 -60.96 71.67 -13.83
C ALA I 597 -62.27 72.44 -13.83
N ILE I 598 -62.55 73.16 -12.74
CA ILE I 598 -63.78 73.94 -12.67
C ILE I 598 -63.85 74.92 -13.82
N GLU I 599 -62.75 75.64 -14.07
CA GLU I 599 -62.72 76.58 -15.19
C GLU I 599 -62.86 75.84 -16.53
N ALA I 600 -62.09 74.77 -16.71
CA ALA I 600 -62.11 74.06 -17.98
C ALA I 600 -63.50 73.52 -18.29
N ILE I 601 -64.12 72.85 -17.32
CA ILE I 601 -65.46 72.31 -17.55
C ILE I 601 -66.44 73.44 -17.84
N THR I 602 -66.28 74.57 -17.15
CA THR I 602 -67.13 75.72 -17.44
C THR I 602 -66.93 76.21 -18.87
N GLU I 603 -65.68 76.27 -19.31
CA GLU I 603 -65.39 76.85 -20.63
C GLU I 603 -66.07 76.07 -21.75
N ASN I 604 -65.96 74.74 -21.71
CA ASN I 604 -66.48 73.94 -22.81
C ASN I 604 -67.97 74.22 -23.05
N PHE I 605 -68.76 74.25 -21.98
CA PHE I 605 -70.17 74.60 -22.12
C PHE I 605 -70.38 75.96 -22.77
N LEU I 606 -69.49 76.92 -22.51
CA LEU I 606 -69.66 78.22 -23.16
C LEU I 606 -69.64 78.07 -24.67
N LEU I 607 -68.73 77.24 -25.19
CA LEU I 607 -68.66 77.02 -26.63
C LEU I 607 -69.88 76.26 -27.14
N ALA I 608 -70.33 75.24 -26.41
CA ALA I 608 -71.48 74.47 -26.85
C ALA I 608 -72.73 75.34 -26.91
N LEU I 609 -72.97 76.12 -25.87
CA LEU I 609 -74.10 77.05 -25.87
C LEU I 609 -73.98 78.09 -26.97
N GLU I 610 -72.76 78.37 -27.46
CA GLU I 610 -72.55 79.35 -28.50
C GLU I 610 -73.13 78.92 -29.85
N ARG I 611 -73.51 77.65 -30.01
CA ARG I 611 -74.00 77.20 -31.30
C ARG I 611 -75.22 76.28 -31.20
N ILE I 612 -75.83 76.13 -30.03
CA ILE I 612 -76.99 75.25 -29.90
C ILE I 612 -78.14 75.79 -30.74
N LYS I 613 -78.90 74.88 -31.34
CA LYS I 613 -79.91 75.26 -32.34
C LYS I 613 -81.32 75.43 -31.77
N ASP I 614 -81.60 74.90 -30.58
CA ASP I 614 -82.96 74.88 -30.06
C ASP I 614 -82.95 75.11 -28.56
N GLY I 615 -84.07 75.63 -28.05
CA GLY I 615 -84.14 75.94 -26.63
C GLY I 615 -84.11 74.71 -25.75
N GLU I 616 -84.93 73.71 -26.06
CA GLU I 616 -85.00 72.53 -25.22
C GLU I 616 -83.66 71.82 -25.14
N VAL I 617 -82.97 71.69 -26.27
CA VAL I 617 -81.66 71.06 -26.28
C VAL I 617 -80.68 71.87 -25.43
N ALA I 618 -80.70 73.20 -25.59
CA ALA I 618 -79.80 74.04 -24.81
C ALA I 618 -80.11 73.94 -23.32
N ALA I 619 -81.40 73.90 -22.96
CA ALA I 619 -81.76 73.83 -21.55
C ALA I 619 -81.24 72.54 -20.92
N LYS I 620 -81.53 71.40 -21.52
CA LYS I 620 -81.11 70.12 -20.94
C LYS I 620 -79.60 70.10 -20.75
N LEU I 621 -78.85 70.56 -21.74
CA LEU I 621 -77.40 70.62 -21.61
C LEU I 621 -77.00 71.57 -20.50
N ALA I 622 -77.75 72.67 -20.33
CA ALA I 622 -77.43 73.63 -19.28
C ALA I 622 -77.65 73.04 -17.89
N GLU I 623 -78.79 72.38 -17.68
CA GLU I 623 -79.03 71.75 -16.40
C GLU I 623 -77.92 70.78 -16.06
N ASP I 624 -77.55 69.93 -17.03
CA ASP I 624 -76.50 68.95 -16.79
C ASP I 624 -75.18 69.63 -16.43
N GLY I 625 -74.90 70.77 -17.05
CA GLY I 625 -73.67 71.48 -16.74
C GLY I 625 -73.64 71.97 -15.31
N LEU I 626 -74.75 72.59 -14.86
CA LEU I 626 -74.82 73.05 -13.47
C LEU I 626 -74.63 71.88 -12.51
N LEU I 627 -75.32 70.77 -12.79
CA LEU I 627 -75.16 69.59 -11.95
C LEU I 627 -73.73 69.08 -11.97
N GLU I 628 -73.10 69.09 -13.15
CA GLU I 628 -71.73 68.58 -13.26
C GLU I 628 -70.78 69.37 -12.37
N ILE I 629 -70.84 70.70 -12.44
CA ILE I 629 -69.92 71.50 -11.66
C ILE I 629 -70.19 71.32 -10.18
N TYR I 630 -71.43 71.07 -9.78
CA TYR I 630 -71.70 70.75 -8.38
C TYR I 630 -70.92 69.52 -7.95
N ARG I 631 -71.02 68.44 -8.73
CA ARG I 631 -70.31 67.22 -8.37
C ARG I 631 -68.83 67.48 -8.24
N LEU I 632 -68.25 68.25 -9.16
CA LEU I 632 -66.84 68.60 -9.05
C LEU I 632 -66.57 69.38 -7.78
N ALA I 633 -67.43 70.34 -7.45
CA ALA I 633 -67.17 71.20 -6.30
C ALA I 633 -67.20 70.41 -5.01
N VAL I 634 -68.30 69.71 -4.73
CA VAL I 634 -68.42 69.02 -3.45
C VAL I 634 -67.38 67.92 -3.36
N SER I 635 -67.15 67.20 -4.46
CA SER I 635 -66.17 66.11 -4.43
C SER I 635 -64.81 66.60 -4.02
N GLY I 636 -64.44 67.82 -4.42
CA GLY I 636 -63.21 68.40 -3.94
C GLY I 636 -63.31 68.83 -2.47
N ILE I 637 -64.46 69.37 -2.09
CA ILE I 637 -64.61 69.96 -0.77
C ILE I 637 -64.29 68.93 0.31
N GLU I 638 -64.74 67.69 0.12
CA GLU I 638 -64.53 66.69 1.16
C GLU I 638 -63.05 66.47 1.44
N HIS I 639 -62.21 66.53 0.39
CA HIS I 639 -60.78 66.33 0.57
C HIS I 639 -60.04 67.60 0.93
N ILE I 640 -60.68 68.76 0.82
CA ILE I 640 -60.01 70.02 1.14
C ILE I 640 -59.57 70.00 2.60
N ASP I 641 -58.45 70.67 2.87
CA ASP I 641 -57.82 70.53 4.18
C ASP I 641 -58.36 71.54 5.20
N ASN I 642 -58.38 72.83 4.87
CA ASN I 642 -58.61 73.86 5.87
C ASN I 642 -59.30 75.05 5.23
N PRO I 643 -59.97 75.89 6.03
CA PRO I 643 -60.69 77.04 5.46
C PRO I 643 -59.80 77.99 4.68
N GLU I 644 -58.56 78.19 5.12
CA GLU I 644 -57.66 79.10 4.40
C GLU I 644 -57.54 78.69 2.94
N GLU I 645 -57.59 77.38 2.68
CA GLU I 645 -57.70 76.90 1.31
C GLU I 645 -59.13 76.98 0.81
N LEU I 646 -60.09 76.60 1.67
CA LEU I 646 -61.47 76.41 1.23
C LEU I 646 -62.07 77.69 0.66
N GLU I 647 -61.58 78.86 1.09
CA GLU I 647 -62.16 80.10 0.59
C GLU I 647 -62.08 80.19 -0.93
N LYS I 648 -60.99 79.69 -1.52
CA LYS I 648 -60.85 79.76 -2.97
C LYS I 648 -61.95 79.01 -3.69
N ILE I 649 -62.24 77.77 -3.27
CA ILE I 649 -63.35 77.08 -3.92
C ILE I 649 -64.66 77.75 -3.57
N VAL I 650 -64.81 78.27 -2.36
CA VAL I 650 -66.05 78.94 -2.00
C VAL I 650 -66.33 80.08 -2.97
N LYS I 651 -65.30 80.80 -3.37
CA LYS I 651 -65.46 81.90 -4.31
C LYS I 651 -65.59 81.40 -5.74
N LYS I 652 -64.72 80.48 -6.16
CA LYS I 652 -64.66 80.07 -7.55
C LYS I 652 -65.91 79.31 -7.97
N THR I 653 -66.47 78.49 -7.08
CA THR I 653 -67.68 77.76 -7.45
C THR I 653 -68.83 78.72 -7.73
N GLU I 654 -69.00 79.72 -6.88
CA GLU I 654 -70.03 80.73 -7.13
C GLU I 654 -69.74 81.48 -8.43
N GLU I 655 -68.47 81.81 -8.66
CA GLU I 655 -68.11 82.49 -9.90
C GLU I 655 -68.50 81.66 -11.10
N ALA I 656 -68.16 80.37 -11.09
CA ALA I 656 -68.46 79.50 -12.23
C ALA I 656 -69.96 79.38 -12.43
N VAL I 657 -70.71 79.18 -11.35
CA VAL I 657 -72.16 79.05 -11.48
C VAL I 657 -72.74 80.32 -12.08
N GLU I 658 -72.29 81.48 -11.59
CA GLU I 658 -72.81 82.74 -12.11
C GLU I 658 -72.45 82.91 -13.59
N ARG I 659 -71.22 82.59 -13.97
CA ARG I 659 -70.83 82.73 -15.36
C ARG I 659 -71.69 81.85 -16.26
N ILE I 660 -71.90 80.59 -15.86
CA ILE I 660 -72.71 79.68 -16.67
C ILE I 660 -74.13 80.21 -16.78
N VAL I 661 -74.74 80.58 -15.65
CA VAL I 661 -76.13 81.00 -15.67
C VAL I 661 -76.29 82.28 -16.48
N GLU I 662 -75.37 83.23 -16.32
CA GLU I 662 -75.47 84.50 -17.05
C GLU I 662 -75.29 84.29 -18.54
N ALA I 663 -74.34 83.45 -18.94
CA ALA I 663 -74.18 83.16 -20.36
C ALA I 663 -75.43 82.52 -20.93
N LEU I 664 -76.01 81.56 -20.20
CA LEU I 664 -77.25 80.95 -20.67
C LEU I 664 -78.37 81.96 -20.76
N GLU I 665 -78.31 83.03 -19.97
CA GLU I 665 -79.38 84.03 -19.97
C GLU I 665 -79.43 84.85 -21.25
N LYS I 666 -78.31 84.96 -21.98
CA LYS I 666 -78.29 85.77 -23.18
C LYS I 666 -78.95 85.06 -24.36
N LYS I 667 -79.06 83.74 -24.30
CA LYS I 667 -79.64 82.98 -25.40
C LYS I 667 -81.17 83.04 -25.36
N ASP I 668 -81.78 82.76 -26.50
CA ASP I 668 -83.23 82.73 -26.59
C ASP I 668 -83.77 81.39 -26.11
N VAL I 669 -84.69 81.44 -25.15
CA VAL I 669 -85.25 80.23 -24.56
C VAL I 669 -86.62 80.55 -23.95
N GLU I 670 -87.43 79.53 -23.75
CA GLU I 670 -88.73 79.73 -23.12
C GLU I 670 -88.52 80.31 -21.72
N PRO I 671 -89.21 81.41 -21.37
CA PRO I 671 -88.99 81.99 -20.04
C PRO I 671 -89.18 81.01 -18.90
N GLU I 672 -90.19 80.14 -18.99
CA GLU I 672 -90.44 79.20 -17.89
C GLU I 672 -89.25 78.29 -17.67
N LEU I 673 -88.66 77.76 -18.73
CA LEU I 673 -87.44 76.97 -18.58
C LEU I 673 -86.30 77.81 -18.07
N LYS I 674 -86.16 79.05 -18.56
CA LYS I 674 -85.07 79.90 -18.11
C LYS I 674 -85.17 80.17 -16.61
N GLU I 675 -86.38 80.41 -16.11
CA GLU I 675 -86.55 80.61 -14.68
C GLU I 675 -86.12 79.38 -13.89
N GLU I 676 -86.51 78.19 -14.37
CA GLU I 676 -86.10 76.96 -13.71
C GLU I 676 -84.58 76.81 -13.69
N VAL I 677 -83.93 77.11 -14.82
CA VAL I 677 -82.49 76.99 -14.90
C VAL I 677 -81.82 77.95 -13.92
N GLU I 678 -82.28 79.20 -13.89
CA GLU I 678 -81.71 80.15 -12.94
C GLU I 678 -82.05 79.75 -11.51
N GLU I 679 -83.22 79.14 -11.30
CA GLU I 679 -83.57 78.67 -9.97
C GLU I 679 -82.59 77.61 -9.49
N LEU I 680 -82.25 76.66 -10.36
CA LEU I 680 -81.29 75.63 -9.98
C LEU I 680 -79.95 76.25 -9.61
N GLY I 681 -79.54 77.27 -10.35
CA GLY I 681 -78.31 77.97 -9.99
C GLY I 681 -78.40 78.62 -8.63
N LYS I 682 -79.50 79.33 -8.37
CA LYS I 682 -79.70 79.90 -7.04
C LYS I 682 -79.75 78.83 -5.97
N LYS I 683 -80.23 77.64 -6.32
CA LYS I 683 -80.30 76.55 -5.35
C LYS I 683 -78.92 75.97 -5.06
N LEU I 684 -78.23 75.49 -6.09
CA LEU I 684 -77.03 74.70 -5.86
C LEU I 684 -75.96 75.49 -5.11
N VAL I 685 -75.81 76.79 -5.39
CA VAL I 685 -74.78 77.55 -4.72
C VAL I 685 -75.00 77.53 -3.22
N GLU I 686 -76.25 77.44 -2.79
CA GLU I 686 -76.55 77.51 -1.35
C GLU I 686 -75.91 76.33 -0.60
N ILE I 687 -76.17 75.11 -1.07
CA ILE I 687 -75.60 73.94 -0.39
C ILE I 687 -74.08 73.98 -0.41
N VAL I 688 -73.51 74.36 -1.54
CA VAL I 688 -72.05 74.49 -1.61
C VAL I 688 -71.57 75.41 -0.50
N ARG I 689 -72.26 76.54 -0.31
CA ARG I 689 -71.89 77.45 0.76
C ARG I 689 -72.11 76.82 2.13
N LYS I 690 -73.20 76.07 2.30
CA LYS I 690 -73.47 75.46 3.60
C LYS I 690 -72.46 74.35 3.90
N LEU I 691 -72.14 73.51 2.92
CA LEU I 691 -71.09 72.52 3.13
C LEU I 691 -69.76 73.21 3.41
N ALA I 692 -69.47 74.28 2.69
CA ALA I 692 -68.24 75.04 2.94
C ALA I 692 -68.26 75.64 4.34
N GLU I 693 -69.41 76.12 4.80
CA GLU I 693 -69.49 76.67 6.15
C GLU I 693 -69.13 75.61 7.19
N ARG I 694 -69.47 74.36 6.93
CA ARG I 694 -69.11 73.24 7.79
C ARG I 694 -67.63 72.95 7.58
N LYS I 695 -66.79 73.61 8.37
CA LYS I 695 -65.36 73.41 8.28
C LYS I 695 -65.00 71.98 8.68
N GLU J 2 98.57 -9.44 -13.89
CA GLU J 2 98.10 -8.12 -14.41
C GLU J 2 96.84 -8.27 -15.27
N GLU J 3 97.02 -8.74 -16.51
CA GLU J 3 95.94 -8.75 -17.48
C GLU J 3 94.79 -9.68 -17.09
N LEU J 4 95.06 -10.71 -16.29
CA LEU J 4 94.01 -11.65 -15.92
C LEU J 4 92.84 -10.98 -15.21
N ARG J 5 93.07 -9.80 -14.63
CA ARG J 5 91.98 -9.09 -13.97
C ARG J 5 90.82 -8.84 -14.92
N GLU J 6 91.10 -8.60 -16.21
CA GLU J 6 90.02 -8.37 -17.16
C GLU J 6 89.15 -9.61 -17.30
N ILE J 7 89.78 -10.78 -17.45
CA ILE J 7 89.02 -12.01 -17.55
C ILE J 7 88.18 -12.22 -16.31
N ALA J 8 88.78 -11.98 -15.14
CA ALA J 8 88.04 -12.18 -13.90
C ALA J 8 86.82 -11.27 -13.83
N GLU J 9 87.01 -9.99 -14.15
CA GLU J 9 85.91 -9.03 -14.06
C GLU J 9 84.78 -9.42 -15.02
N ARG J 10 85.14 -9.75 -16.26
CA ARG J 10 84.13 -10.14 -17.24
C ARG J 10 83.35 -11.36 -16.78
N ALA J 11 84.05 -12.37 -16.27
CA ALA J 11 83.36 -13.56 -15.78
C ALA J 11 82.42 -13.22 -14.64
N GLU J 12 82.86 -12.39 -13.70
CA GLU J 12 82.02 -12.05 -12.56
C GLU J 12 80.78 -11.31 -13.02
N ALA J 13 80.93 -10.38 -13.96
CA ALA J 13 79.76 -9.67 -14.47
C ALA J 13 78.78 -10.64 -15.12
N ASP J 14 79.29 -11.59 -15.91
CA ASP J 14 78.41 -12.57 -16.53
C ASP J 14 77.63 -13.34 -15.48
N MET J 15 78.32 -13.78 -14.43
CA MET J 15 77.65 -14.54 -13.38
C MET J 15 76.56 -13.71 -12.71
N ARG J 16 76.85 -12.44 -12.44
CA ARG J 16 75.83 -11.57 -11.85
C ARG J 16 74.63 -11.46 -12.77
N GLU J 17 74.86 -11.34 -14.07
CA GLU J 17 73.74 -11.27 -15.01
C GLU J 17 72.90 -12.53 -14.93
N ILE J 18 73.55 -13.69 -14.84
CA ILE J 18 72.80 -14.94 -14.74
C ILE J 18 71.95 -14.95 -13.49
N SER J 19 72.52 -14.49 -12.37
CA SER J 19 71.77 -14.44 -11.13
C SER J 19 70.52 -13.58 -11.28
N GLU J 20 70.69 -12.37 -11.83
CA GLU J 20 69.55 -11.48 -11.98
C GLU J 20 68.48 -12.09 -12.89
N LEU J 21 68.90 -12.70 -14.00
CA LEU J 21 67.93 -13.29 -14.91
C LEU J 21 67.13 -14.38 -14.22
N ALA J 22 67.80 -15.23 -13.44
CA ALA J 22 67.06 -16.24 -12.69
C ALA J 22 66.10 -15.60 -11.70
N GLU J 23 66.54 -14.54 -11.02
CA GLU J 23 65.69 -13.90 -10.02
C GLU J 23 64.42 -13.37 -10.67
N GLU J 24 64.54 -12.80 -11.86
CA GLU J 24 63.35 -12.25 -12.52
C GLU J 24 62.46 -13.36 -13.08
N LEU J 25 63.06 -14.40 -13.68
CA LEU J 25 62.26 -15.39 -14.38
C LEU J 25 61.55 -16.37 -13.45
N VAL J 26 62.13 -16.67 -12.28
CA VAL J 26 61.66 -17.75 -11.43
C VAL J 26 60.31 -17.41 -10.80
N GLU J 27 59.65 -18.43 -10.24
CA GLU J 27 58.40 -18.24 -9.52
C GLU J 27 58.34 -19.06 -8.24
N ASP J 28 59.50 -19.36 -7.63
CA ASP J 28 59.58 -20.18 -6.43
C ASP J 28 60.65 -19.64 -5.50
N PRO J 29 60.28 -19.06 -4.35
CA PRO J 29 61.27 -18.32 -3.55
C PRO J 29 62.51 -19.11 -3.19
N VAL J 30 62.36 -20.36 -2.76
CA VAL J 30 63.51 -21.13 -2.31
C VAL J 30 64.48 -21.35 -3.45
N TYR J 31 63.95 -21.73 -4.61
CA TYR J 31 64.80 -21.93 -5.78
C TYR J 31 65.44 -20.63 -6.22
N ALA J 32 64.69 -19.53 -6.14
CA ALA J 32 65.27 -18.23 -6.46
C ALA J 32 66.45 -17.93 -5.57
N VAL J 33 66.33 -18.22 -4.27
CA VAL J 33 67.45 -18.00 -3.35
C VAL J 33 68.62 -18.88 -3.74
N ALA J 34 68.35 -20.16 -4.02
CA ALA J 34 69.42 -21.11 -4.28
C ALA J 34 70.23 -20.70 -5.52
N VAL J 35 69.55 -20.23 -6.56
CA VAL J 35 70.24 -19.84 -7.79
C VAL J 35 71.36 -18.86 -7.47
N ARG J 36 71.00 -17.71 -6.88
CA ARG J 36 71.99 -16.71 -6.52
C ARG J 36 73.01 -17.27 -5.55
N GLY J 37 72.56 -18.04 -4.56
CA GLY J 37 73.48 -18.57 -3.57
C GLY J 37 74.62 -19.34 -4.20
N MET J 38 74.31 -20.17 -5.18
CA MET J 38 75.37 -20.93 -5.85
C MET J 38 76.15 -20.04 -6.81
N ALA J 39 75.47 -19.12 -7.51
CA ALA J 39 76.13 -18.34 -8.54
C ALA J 39 77.21 -17.44 -7.96
N LEU J 40 76.89 -16.72 -6.88
CA LEU J 40 77.87 -15.79 -6.31
C LEU J 40 79.11 -16.53 -5.82
N VAL J 41 78.91 -17.67 -5.15
CA VAL J 41 80.03 -18.44 -4.65
C VAL J 41 80.89 -18.92 -5.81
N GLY J 42 80.24 -19.45 -6.86
CA GLY J 42 81.00 -19.85 -8.04
C GLY J 42 81.81 -18.71 -8.61
N ALA J 43 81.23 -17.51 -8.65
CA ALA J 43 81.93 -16.36 -9.20
C ALA J 43 83.17 -16.03 -8.39
N ALA J 44 83.06 -16.04 -7.07
CA ALA J 44 84.18 -15.58 -6.24
C ALA J 44 85.47 -16.32 -6.56
N GLY J 45 85.36 -17.56 -7.01
CA GLY J 45 86.56 -18.35 -7.28
C GLY J 45 87.44 -17.75 -8.36
N VAL J 46 86.83 -17.13 -9.37
CA VAL J 46 87.63 -16.54 -10.45
C VAL J 46 88.51 -15.43 -9.89
N PHE J 47 87.92 -14.54 -9.09
CA PHE J 47 88.70 -13.48 -8.47
C PHE J 47 89.79 -14.06 -7.58
N ALA J 48 89.45 -15.09 -6.81
CA ALA J 48 90.46 -15.69 -5.93
C ALA J 48 91.63 -16.23 -6.74
N LEU J 49 91.34 -16.95 -7.82
CA LEU J 49 92.40 -17.49 -8.65
C LEU J 49 93.25 -16.37 -9.27
N GLY J 50 92.60 -15.27 -9.67
CA GLY J 50 93.35 -14.15 -10.21
C GLY J 50 94.43 -13.67 -9.27
N VAL J 51 94.18 -13.72 -7.96
CA VAL J 51 95.18 -13.31 -6.98
C VAL J 51 96.13 -14.44 -6.61
N GLY J 52 95.89 -15.66 -7.09
CA GLY J 52 96.76 -16.77 -6.77
C GLY J 52 96.39 -17.53 -5.52
N GLY J 53 95.13 -17.52 -5.13
CA GLY J 53 94.65 -18.29 -4.01
C GLY J 53 94.79 -19.78 -4.25
N PRO J 54 94.55 -20.56 -3.20
CA PRO J 54 94.74 -21.98 -3.27
C PRO J 54 93.60 -22.74 -3.94
N PRO J 55 93.90 -23.49 -5.01
CA PRO J 55 92.82 -24.17 -5.74
C PRO J 55 92.06 -25.19 -4.91
N GLU J 56 92.75 -25.91 -4.01
CA GLU J 56 92.06 -26.93 -3.23
C GLU J 56 90.98 -26.32 -2.36
N VAL J 57 91.30 -25.21 -1.70
CA VAL J 57 90.31 -24.55 -0.84
C VAL J 57 89.13 -24.08 -1.66
N LEU J 58 89.38 -23.50 -2.83
CA LEU J 58 88.29 -23.02 -3.67
C LEU J 58 87.38 -24.16 -4.09
N GLU J 59 87.96 -25.28 -4.54
CA GLU J 59 87.14 -26.41 -4.94
C GLU J 59 86.32 -26.94 -3.77
N GLU J 60 86.95 -27.04 -2.59
CA GLU J 60 86.22 -27.51 -1.42
C GLU J 60 85.05 -26.58 -1.11
N ALA J 61 85.28 -25.27 -1.18
CA ALA J 61 84.21 -24.33 -0.90
C ALA J 61 83.06 -24.48 -1.89
N ARG J 62 83.39 -24.64 -3.17
CA ARG J 62 82.33 -24.82 -4.16
C ARG J 62 81.51 -26.06 -3.85
N ARG J 63 82.19 -27.17 -3.53
CA ARG J 63 81.48 -28.38 -3.17
C ARG J 63 80.59 -28.15 -1.95
N ARG J 64 81.10 -27.41 -0.96
CA ARG J 64 80.35 -27.16 0.26
C ARG J 64 79.07 -26.39 -0.04
N VAL J 65 79.16 -25.34 -0.86
CA VAL J 65 77.96 -24.57 -1.13
C VAL J 65 76.98 -25.40 -1.93
N GLU J 66 77.48 -26.25 -2.84
CA GLU J 66 76.57 -27.14 -3.55
C GLU J 66 75.83 -28.05 -2.59
N GLU J 67 76.54 -28.62 -1.62
CA GLU J 67 75.89 -29.50 -0.65
C GLU J 67 74.85 -28.74 0.16
N ALA J 68 75.16 -27.52 0.57
CA ALA J 68 74.19 -26.73 1.32
C ALA J 68 72.94 -26.49 0.50
N ALA J 69 73.10 -26.15 -0.78
CA ALA J 69 71.94 -25.93 -1.64
C ALA J 69 71.11 -27.20 -1.75
N ARG J 70 71.77 -28.35 -1.93
CA ARG J 70 71.03 -29.60 -2.02
C ARG J 70 70.23 -29.86 -0.75
N GLU J 71 70.84 -29.64 0.42
CA GLU J 71 70.13 -29.86 1.66
C GLU J 71 68.92 -28.93 1.78
N ALA J 72 69.10 -27.66 1.41
CA ALA J 72 67.98 -26.73 1.48
C ALA J 72 66.85 -27.15 0.56
N LEU J 73 67.19 -27.60 -0.65
CA LEU J 73 66.16 -28.05 -1.57
C LEU J 73 65.42 -29.25 -0.99
N ARG J 74 66.15 -30.18 -0.39
CA ARG J 74 65.50 -31.34 0.24
C ARG J 74 64.55 -30.90 1.34
N LYS J 75 64.98 -29.94 2.17
CA LYS J 75 64.10 -29.45 3.22
C LYS J 75 62.84 -28.82 2.64
N TYR J 76 63.00 -27.97 1.61
CA TYR J 76 61.85 -27.29 1.02
C TYR J 76 60.88 -28.28 0.41
N GLU J 77 61.38 -29.33 -0.24
CA GLU J 77 60.50 -30.38 -0.74
C GLU J 77 59.74 -31.04 0.40
N GLU J 78 60.38 -31.15 1.57
CA GLU J 78 59.74 -31.73 2.74
C GLU J 78 58.69 -30.81 3.36
N GLY J 79 58.51 -29.61 2.82
CA GLY J 79 57.56 -28.68 3.38
C GLY J 79 58.04 -27.93 4.61
N ALA J 80 59.35 -27.83 4.81
CA ALA J 80 59.88 -27.13 5.97
C ALA J 80 59.62 -25.63 5.85
N ASP J 81 59.81 -24.93 6.97
CA ASP J 81 59.63 -23.49 7.01
C ASP J 81 60.54 -22.81 6.00
N VAL J 82 59.97 -21.91 5.19
CA VAL J 82 60.77 -21.17 4.22
C VAL J 82 61.76 -20.25 4.92
N SER J 83 61.35 -19.63 6.02
CA SER J 83 62.21 -18.66 6.69
C SER J 83 63.50 -19.31 7.16
N GLU J 84 63.38 -20.40 7.92
CA GLU J 84 64.58 -21.08 8.42
C GLU J 84 65.44 -21.56 7.26
N LEU J 85 64.81 -22.07 6.20
CA LEU J 85 65.58 -22.59 5.07
C LEU J 85 66.42 -21.49 4.43
N VAL J 86 65.79 -20.35 4.12
CA VAL J 86 66.53 -19.30 3.44
C VAL J 86 67.57 -18.70 4.37
N ALA J 87 67.26 -18.60 5.67
CA ALA J 87 68.26 -18.09 6.61
C ALA J 87 69.47 -19.00 6.65
N GLU J 88 69.25 -20.31 6.70
CA GLU J 88 70.37 -21.25 6.74
C GLU J 88 71.18 -21.18 5.44
N LEU J 89 70.49 -21.12 4.30
CA LEU J 89 71.18 -21.03 3.02
C LEU J 89 72.05 -19.77 2.95
N ILE J 90 71.49 -18.63 3.37
CA ILE J 90 72.23 -17.38 3.35
C ILE J 90 73.43 -17.46 4.28
N ARG J 91 73.23 -18.02 5.49
CA ARG J 91 74.34 -18.15 6.41
C ARG J 91 75.45 -19.00 5.82
N GLU J 92 75.09 -20.12 5.19
CA GLU J 92 76.10 -20.98 4.58
C GLU J 92 76.84 -20.24 3.48
N THR J 93 76.11 -19.50 2.64
CA THR J 93 76.77 -18.75 1.58
C THR J 93 77.74 -17.73 2.17
N SER J 94 77.30 -17.01 3.19
CA SER J 94 78.13 -15.98 3.80
C SER J 94 79.40 -16.60 4.38
N ARG J 95 79.26 -17.70 5.11
CA ARG J 95 80.42 -18.34 5.71
C ARG J 95 81.38 -18.85 4.64
N GLN J 96 80.84 -19.41 3.55
CA GLN J 96 81.70 -19.89 2.47
C GLN J 96 82.48 -18.74 1.83
N ILE J 97 81.80 -17.63 1.54
CA ILE J 97 82.47 -16.48 0.95
C ILE J 97 83.55 -15.97 1.89
N ALA J 98 83.23 -15.91 3.19
CA ALA J 98 84.21 -15.49 4.16
C ALA J 98 85.41 -16.42 4.17
N GLU J 99 85.17 -17.73 4.04
CA GLU J 99 86.28 -18.68 3.98
C GLU J 99 87.15 -18.43 2.76
N ILE J 100 86.54 -18.16 1.61
CA ILE J 100 87.31 -17.88 0.41
C ILE J 100 88.19 -16.65 0.62
N ALA J 101 87.60 -15.60 1.19
CA ALA J 101 88.40 -14.40 1.47
C ALA J 101 89.49 -14.70 2.50
N GLU J 102 89.20 -15.55 3.48
CA GLU J 102 90.18 -15.88 4.50
C GLU J 102 91.38 -16.61 3.90
N ALA J 103 91.14 -17.43 2.88
CA ALA J 103 92.24 -18.05 2.17
C ALA J 103 92.98 -17.02 1.32
N THR J 104 92.23 -16.19 0.60
CA THR J 104 92.84 -15.22 -0.31
C THR J 104 93.74 -14.25 0.43
N ILE J 105 93.34 -13.83 1.64
CA ILE J 105 94.09 -12.83 2.38
C ILE J 105 95.51 -13.27 2.65
N LYS J 106 95.77 -14.57 2.67
CA LYS J 106 97.10 -15.10 2.97
C LYS J 106 98.02 -15.16 1.76
N ALA J 107 97.51 -14.85 0.57
CA ALA J 107 98.23 -15.20 -0.65
C ALA J 107 99.52 -14.41 -0.82
N THR J 108 99.57 -13.17 -0.37
CA THR J 108 100.71 -12.31 -0.69
C THR J 108 100.84 -11.22 0.35
N ASP J 109 102.03 -10.64 0.40
CA ASP J 109 102.34 -9.53 1.31
C ASP J 109 102.12 -8.15 0.69
N ASP J 110 101.79 -8.08 -0.59
CA ASP J 110 101.68 -6.79 -1.26
C ASP J 110 100.51 -5.99 -0.69
N PRO J 111 100.73 -4.77 -0.20
CA PRO J 111 99.59 -3.95 0.24
C PRO J 111 98.58 -3.66 -0.86
N GLU J 112 99.03 -3.53 -2.11
CA GLU J 112 98.09 -3.22 -3.19
C GLU J 112 97.13 -4.38 -3.44
N VAL J 113 97.67 -5.59 -3.59
CA VAL J 113 96.82 -6.75 -3.78
C VAL J 113 95.92 -6.95 -2.56
N LEU J 114 96.47 -6.71 -1.36
CA LEU J 114 95.66 -6.83 -0.15
C LEU J 114 94.48 -5.86 -0.19
N GLU J 115 94.73 -4.63 -0.60
CA GLU J 115 93.65 -3.65 -0.71
C GLU J 115 92.61 -4.11 -1.73
N GLU J 116 93.06 -4.66 -2.86
CA GLU J 116 92.12 -5.15 -3.85
C GLU J 116 91.25 -6.25 -3.26
N ILE J 117 91.87 -7.19 -2.56
CA ILE J 117 91.12 -8.32 -1.99
C ILE J 117 90.11 -7.82 -0.97
N SER J 118 90.55 -6.92 -0.09
CA SER J 118 89.65 -6.39 0.92
C SER J 118 88.49 -5.65 0.28
N GLU J 119 88.77 -4.85 -0.75
CA GLU J 119 87.70 -4.12 -1.43
C GLU J 119 86.68 -5.08 -2.02
N PHE J 120 87.16 -6.12 -2.69
CA PHE J 120 86.23 -7.10 -3.28
C PHE J 120 85.36 -7.73 -2.19
N ALA J 121 85.99 -8.14 -1.09
CA ALA J 121 85.23 -8.75 -0.01
C ALA J 121 84.17 -7.80 0.52
N GLU J 122 84.54 -6.53 0.74
CA GLU J 122 83.59 -5.57 1.29
C GLU J 122 82.41 -5.34 0.35
N GLU J 123 82.69 -5.19 -0.94
CA GLU J 123 81.60 -4.97 -1.89
C GLU J 123 80.64 -6.14 -1.90
N ARG J 124 81.19 -7.37 -2.00
CA ARG J 124 80.35 -8.55 -1.99
C ARG J 124 79.51 -8.58 -0.73
N SER J 125 80.13 -8.32 0.42
CA SER J 125 79.42 -8.44 1.70
C SER J 125 78.28 -7.42 1.79
N ARG J 126 78.53 -6.18 1.38
CA ARG J 126 77.45 -5.19 1.45
C ARG J 126 76.29 -5.58 0.56
N ARG J 127 76.59 -5.98 -0.68
CA ARG J 127 75.51 -6.36 -1.58
C ARG J 127 74.73 -7.54 -1.00
N LEU J 128 75.44 -8.52 -0.45
CA LEU J 128 74.78 -9.70 0.11
C LEU J 128 73.89 -9.32 1.28
N SER J 129 74.38 -8.46 2.16
CA SER J 129 73.57 -8.06 3.30
C SER J 129 72.27 -7.40 2.84
N GLU J 130 72.36 -6.48 1.88
CA GLU J 130 71.14 -5.84 1.40
C GLU J 130 70.19 -6.87 0.78
N TYR J 131 70.75 -7.77 -0.04
CA TYR J 131 69.92 -8.76 -0.72
C TYR J 131 69.18 -9.63 0.29
N ALA J 132 69.89 -10.08 1.32
CA ALA J 132 69.25 -10.89 2.35
C ALA J 132 68.17 -10.10 3.07
N GLU J 133 68.47 -8.84 3.41
CA GLU J 133 67.46 -8.02 4.08
C GLU J 133 66.19 -7.93 3.25
N ARG J 134 66.30 -7.98 1.92
CA ARG J 134 65.11 -7.90 1.10
C ARG J 134 64.19 -9.12 1.27
N HIS J 135 64.77 -10.31 1.47
CA HIS J 135 64.01 -11.55 1.38
C HIS J 135 63.48 -12.06 2.72
N VAL J 136 64.26 -11.96 3.80
CA VAL J 136 63.92 -12.68 5.02
C VAL J 136 62.75 -11.99 5.70
N THR J 137 61.69 -12.77 5.96
CA THR J 137 60.50 -12.25 6.64
C THR J 137 60.59 -12.37 8.16
N ASN J 138 61.24 -13.42 8.67
CA ASN J 138 61.34 -13.60 10.11
C ASN J 138 62.20 -12.50 10.69
N PRO J 139 61.70 -11.70 11.64
CA PRO J 139 62.51 -10.56 12.12
C PRO J 139 63.86 -10.98 12.68
N ILE J 140 63.88 -11.90 13.63
CA ILE J 140 65.13 -12.29 14.26
C ILE J 140 66.12 -12.83 13.25
N LEU J 141 65.63 -13.60 12.27
CA LEU J 141 66.50 -14.14 11.25
C LEU J 141 67.17 -13.03 10.46
N ALA J 142 66.39 -12.03 10.05
CA ALA J 142 66.97 -10.90 9.32
C ALA J 142 68.01 -10.18 10.17
N ALA J 143 67.67 -9.95 11.44
CA ALA J 143 68.60 -9.21 12.31
C ALA J 143 69.91 -9.96 12.44
N THR J 144 69.85 -11.26 12.71
CA THR J 144 71.08 -12.03 12.88
C THR J 144 71.86 -12.12 11.58
N VAL J 145 71.17 -12.21 10.45
CA VAL J 145 71.88 -12.20 9.17
C VAL J 145 72.70 -10.93 9.03
N VAL J 146 72.04 -9.78 9.28
CA VAL J 146 72.74 -8.50 9.13
C VAL J 146 73.93 -8.43 10.07
N ALA J 147 73.72 -8.82 11.33
CA ALA J 147 74.78 -8.73 12.33
C ALA J 147 75.96 -9.61 11.94
N LEU J 148 75.70 -10.85 11.54
CA LEU J 148 76.77 -11.76 11.18
C LEU J 148 77.55 -11.22 9.99
N ALA J 149 76.84 -10.73 8.97
CA ALA J 149 77.53 -10.20 7.80
C ALA J 149 78.44 -9.05 8.19
N GLU J 150 77.93 -8.12 8.99
CA GLU J 150 78.74 -6.97 9.39
C GLU J 150 79.97 -7.41 10.16
N VAL J 151 79.79 -8.33 11.12
CA VAL J 151 80.91 -8.78 11.93
C VAL J 151 81.98 -9.43 11.05
N LEU J 152 81.54 -10.28 10.12
CA LEU J 152 82.50 -10.94 9.24
C LEU J 152 83.27 -9.93 8.42
N SER J 153 82.57 -8.91 7.89
CA SER J 153 83.26 -7.88 7.14
C SER J 153 84.31 -7.18 8.00
N ALA J 154 83.96 -6.87 9.25
CA ALA J 154 84.89 -6.21 10.13
C ALA J 154 86.13 -7.06 10.36
N VAL J 155 85.94 -8.36 10.59
CA VAL J 155 87.09 -9.24 10.81
C VAL J 155 87.96 -9.29 9.56
N VAL J 156 87.34 -9.40 8.40
CA VAL J 156 88.12 -9.42 7.15
C VAL J 156 88.96 -8.16 7.05
N ARG J 157 88.36 -7.01 7.32
CA ARG J 157 89.10 -5.75 7.27
C ARG J 157 90.27 -5.77 8.24
N ALA J 158 90.03 -6.23 9.48
CA ALA J 158 91.08 -6.24 10.48
C ALA J 158 92.25 -7.10 10.04
N ARG J 159 91.98 -8.20 9.32
CA ARG J 159 93.08 -9.04 8.85
C ARG J 159 94.09 -8.27 8.01
N SER J 160 93.64 -7.23 7.30
CA SER J 160 94.57 -6.48 6.45
C SER J 160 95.64 -5.76 7.26
N TYR J 161 95.40 -5.50 8.53
CA TYR J 161 96.39 -4.85 9.40
C TYR J 161 97.30 -5.84 10.10
N GLY J 162 97.05 -7.15 9.96
CA GLY J 162 97.79 -8.12 10.72
C GLY J 162 97.38 -8.21 12.17
N ALA J 163 96.21 -7.70 12.52
CA ALA J 163 95.78 -7.70 13.90
C ALA J 163 95.45 -9.12 14.38
N PRO J 164 95.55 -9.37 15.68
CA PRO J 164 95.29 -10.73 16.19
C PRO J 164 93.90 -11.23 15.80
N GLU J 165 93.85 -12.48 15.35
CA GLU J 165 92.58 -13.08 14.96
C GLU J 165 91.72 -13.49 16.17
N GLU J 166 92.33 -13.62 17.35
CA GLU J 166 91.60 -14.10 18.51
C GLU J 166 90.43 -13.18 18.86
N VAL J 167 90.60 -11.87 18.69
CA VAL J 167 89.50 -10.96 18.97
C VAL J 167 88.34 -11.23 18.03
N GLY J 168 88.63 -11.45 16.74
CA GLY J 168 87.57 -11.76 15.80
C GLY J 168 86.88 -13.07 16.12
N GLU J 169 87.67 -14.08 16.50
CA GLU J 169 87.07 -15.36 16.87
C GLU J 169 86.16 -15.20 18.08
N LYS J 170 86.61 -14.46 19.09
CA LYS J 170 85.78 -14.24 20.28
C LYS J 170 84.50 -13.51 19.93
N ALA J 171 84.60 -12.49 19.08
CA ALA J 171 83.41 -11.75 18.68
C ALA J 171 82.45 -12.63 17.88
N VAL J 172 82.98 -13.48 17.01
CA VAL J 172 82.13 -14.40 16.26
C VAL J 172 81.42 -15.36 17.20
N LYS J 173 82.14 -15.89 18.19
CA LYS J 173 81.51 -16.75 19.17
C LYS J 173 80.42 -16.02 19.93
N GLU J 174 80.70 -14.77 20.33
CA GLU J 174 79.70 -13.97 21.03
C GLU J 174 78.48 -13.73 20.15
N VAL J 175 78.69 -13.49 18.85
CA VAL J 175 77.57 -13.28 17.94
C VAL J 175 76.74 -14.55 17.83
N ARG J 176 77.39 -15.70 17.73
CA ARG J 176 76.66 -16.96 17.69
C ARG J 176 75.85 -17.15 18.98
N GLU J 177 76.47 -16.85 20.13
CA GLU J 177 75.76 -16.96 21.40
C GLU J 177 74.56 -16.01 21.43
N ALA J 178 74.74 -14.79 20.95
CA ALA J 178 73.64 -13.83 20.95
C ALA J 178 72.51 -14.30 20.06
N SER J 179 72.83 -14.81 18.89
CA SER J 179 71.79 -15.30 17.98
C SER J 179 71.06 -16.50 18.58
N GLU J 180 71.81 -17.41 19.20
CA GLU J 180 71.15 -18.55 19.84
C GLU J 180 70.24 -18.08 20.98
N GLU J 181 70.71 -17.13 21.78
CA GLU J 181 69.89 -16.63 22.88
C GLU J 181 68.64 -15.95 22.36
N ALA J 182 68.76 -15.16 21.28
CA ALA J 182 67.60 -14.48 20.72
C ALA J 182 66.61 -15.48 20.16
N LEU J 183 67.10 -16.47 19.42
CA LEU J 183 66.20 -17.51 18.91
C LEU J 183 65.51 -18.24 20.04
N GLU J 184 66.24 -18.51 21.13
CA GLU J 184 65.63 -19.18 22.28
C GLU J 184 64.54 -18.32 22.91
N ARG J 185 64.83 -17.04 23.14
CA ARG J 185 63.84 -16.16 23.73
C ARG J 185 62.61 -16.03 22.84
N TYR J 186 62.83 -15.94 21.52
CA TYR J 186 61.70 -15.88 20.59
C TYR J 186 60.89 -17.16 20.63
N LYS J 187 61.56 -18.31 20.70
CA LYS J 187 60.86 -19.57 20.90
C LYS J 187 60.12 -19.57 22.24
N LYS J 188 60.67 -18.88 23.24
CA LYS J 188 60.03 -18.77 24.55
C LYS J 188 58.90 -17.75 24.58
N GLY J 189 58.60 -17.10 23.46
CA GLY J 189 57.52 -16.14 23.42
C GLY J 189 57.86 -14.77 23.95
N GLU J 190 59.14 -14.44 24.11
CA GLU J 190 59.54 -13.13 24.59
C GLU J 190 59.26 -12.06 23.53
N ASP J 191 59.24 -10.82 23.98
CA ASP J 191 59.01 -9.70 23.07
C ASP J 191 60.12 -9.59 22.03
N VAL J 192 59.73 -9.37 20.78
CA VAL J 192 60.70 -9.29 19.68
C VAL J 192 61.61 -8.08 19.88
N SER J 193 61.05 -6.96 20.33
CA SER J 193 61.82 -5.73 20.42
C SER J 193 63.01 -5.90 21.36
N GLU J 194 62.79 -6.53 22.51
CA GLU J 194 63.89 -6.71 23.44
C GLU J 194 65.00 -7.54 22.83
N LEU J 195 64.65 -8.65 22.18
CA LEU J 195 65.67 -9.51 21.59
C LEU J 195 66.45 -8.79 20.50
N VAL J 196 65.75 -8.07 19.62
CA VAL J 196 66.44 -7.37 18.53
C VAL J 196 67.39 -6.33 19.11
N ALA J 197 66.92 -5.58 20.12
CA ALA J 197 67.78 -4.56 20.72
C ALA J 197 69.00 -5.20 21.37
N GLU J 198 68.81 -6.31 22.09
CA GLU J 198 69.94 -6.96 22.74
C GLU J 198 70.96 -7.44 21.72
N LEU J 199 70.48 -8.05 20.63
CA LEU J 199 71.39 -8.50 19.58
C LEU J 199 72.15 -7.32 18.99
N ILE J 200 71.46 -6.23 18.68
CA ILE J 200 72.12 -5.07 18.10
C ILE J 200 73.18 -4.53 19.04
N ARG J 201 72.86 -4.42 20.33
CA ARG J 201 73.82 -3.88 21.29
C ARG J 201 75.03 -4.79 21.43
N GLU J 202 74.81 -6.11 21.48
CA GLU J 202 75.93 -7.03 21.56
C GLU J 202 76.81 -6.91 20.32
N THR J 203 76.19 -6.80 19.13
CA THR J 203 76.98 -6.62 17.92
C THR J 203 77.78 -5.33 17.97
N SER J 204 77.16 -4.26 18.46
CA SER J 204 77.86 -2.99 18.58
C SER J 204 79.09 -3.14 19.46
N ARG J 205 78.92 -3.70 20.66
CA ARG J 205 80.07 -3.90 21.54
C ARG J 205 81.12 -4.77 20.86
N GLN J 206 80.68 -5.80 20.14
CA GLN J 206 81.64 -6.71 19.51
C GLN J 206 82.50 -5.97 18.48
N ILE J 207 81.85 -5.27 17.56
CA ILE J 207 82.61 -4.59 16.51
C ILE J 207 83.48 -3.50 17.12
N ALA J 208 82.97 -2.80 18.14
CA ALA J 208 83.77 -1.78 18.79
C ALA J 208 85.02 -2.38 19.41
N GLU J 209 84.87 -3.49 20.14
CA GLU J 209 86.02 -4.12 20.76
C GLU J 209 87.03 -4.58 19.72
N ILE J 210 86.55 -5.21 18.64
CA ILE J 210 87.45 -5.69 17.61
C ILE J 210 88.24 -4.54 17.01
N ALA J 211 87.54 -3.46 16.63
CA ALA J 211 88.20 -2.32 16.02
C ALA J 211 89.17 -1.67 17.00
N GLU J 212 88.81 -1.59 18.28
CA GLU J 212 89.69 -1.00 19.27
C GLU J 212 90.97 -1.80 19.41
N ALA J 213 90.85 -3.13 19.47
CA ALA J 213 92.04 -3.97 19.50
C ALA J 213 92.89 -3.75 18.26
N THR J 214 92.24 -3.65 17.09
CA THR J 214 92.98 -3.39 15.87
C THR J 214 93.74 -2.07 15.95
N ILE J 215 93.10 -1.03 16.46
CA ILE J 215 93.76 0.27 16.60
C ILE J 215 94.94 0.16 17.56
N LYS J 216 94.78 -0.62 18.63
CA LYS J 216 95.89 -0.84 19.54
C LYS J 216 97.06 -1.52 18.84
N ALA J 217 96.76 -2.48 17.96
CA ALA J 217 97.81 -3.16 17.22
C ALA J 217 98.43 -2.28 16.14
N THR J 218 97.78 -1.17 15.78
CA THR J 218 98.29 -0.33 14.71
C THR J 218 99.56 0.40 15.13
N ASP J 219 100.40 0.74 14.13
CA ASP J 219 101.64 1.45 14.42
C ASP J 219 101.97 2.54 13.40
N ASP J 220 101.00 3.04 12.63
CA ASP J 220 101.28 4.07 11.63
C ASP J 220 100.15 5.08 11.62
N PRO J 221 100.43 6.35 11.33
CA PRO J 221 99.39 7.39 11.41
C PRO J 221 98.30 7.25 10.35
N GLU J 222 98.70 7.18 9.09
CA GLU J 222 97.72 7.14 8.00
C GLU J 222 96.84 5.89 8.10
N VAL J 223 97.44 4.75 8.41
CA VAL J 223 96.67 3.53 8.58
C VAL J 223 95.70 3.68 9.74
N LEU J 224 96.14 4.32 10.82
CA LEU J 224 95.23 4.55 11.95
C LEU J 224 94.06 5.42 11.54
N GLU J 225 94.32 6.48 10.78
CA GLU J 225 93.24 7.34 10.32
C GLU J 225 92.26 6.56 9.44
N GLU J 226 92.79 5.73 8.54
CA GLU J 226 91.93 4.91 7.69
C GLU J 226 91.08 3.97 8.54
N ILE J 227 91.68 3.36 9.56
CA ILE J 227 90.93 2.46 10.44
C ILE J 227 89.82 3.22 11.15
N SER J 228 90.13 4.43 11.62
CA SER J 228 89.12 5.25 12.27
C SER J 228 87.97 5.54 11.31
N GLU J 229 88.29 5.89 10.06
CA GLU J 229 87.25 6.16 9.08
C GLU J 229 86.38 4.93 8.87
N PHE J 230 87.00 3.76 8.73
CA PHE J 230 86.25 2.53 8.52
C PHE J 230 85.35 2.23 9.72
N ALA J 231 85.87 2.42 10.94
CA ALA J 231 85.05 2.19 12.11
C ALA J 231 83.87 3.15 12.14
N GLU J 232 84.11 4.41 11.78
CA GLU J 232 83.01 5.37 11.73
C GLU J 232 81.95 4.92 10.73
N GLU J 233 82.38 4.47 9.56
CA GLU J 233 81.43 4.02 8.55
C GLU J 233 80.61 2.83 9.06
N ARG J 234 81.28 1.85 9.67
CA ARG J 234 80.59 0.67 10.16
C ARG J 234 79.58 1.06 11.24
N SER J 235 80.00 1.91 12.18
CA SER J 235 79.08 2.36 13.21
C SER J 235 77.90 3.09 12.61
N ARG J 236 78.15 3.94 11.61
CA ARG J 236 77.07 4.67 10.96
C ARG J 236 76.06 3.70 10.36
N ARG J 237 76.54 2.67 9.66
CA ARG J 237 75.61 1.72 9.05
C ARG J 237 74.83 0.95 10.10
N LEU J 238 75.50 0.50 11.17
CA LEU J 238 74.80 -0.22 12.22
C LEU J 238 73.72 0.66 12.85
N SER J 239 74.07 1.91 13.16
CA SER J 239 73.11 2.82 13.76
C SER J 239 71.96 3.11 12.81
N GLU J 240 72.26 3.27 11.52
CA GLU J 240 71.19 3.51 10.56
C GLU J 240 70.22 2.34 10.52
N TYR J 241 70.75 1.11 10.49
CA TYR J 241 69.86 -0.05 10.52
C TYR J 241 68.98 -0.02 11.75
N ALA J 242 69.60 0.16 12.92
CA ALA J 242 68.84 0.13 14.16
C ALA J 242 67.76 1.21 14.15
N GLU J 243 68.13 2.44 13.80
CA GLU J 243 67.18 3.55 13.84
C GLU J 243 66.07 3.36 12.83
N ARG J 244 66.34 2.67 11.73
CA ARG J 244 65.30 2.48 10.72
C ARG J 244 64.35 1.37 11.11
N HIS J 245 64.86 0.29 11.69
CA HIS J 245 64.07 -0.93 11.81
C HIS J 245 63.56 -1.21 13.22
N VAL J 246 64.24 -0.73 14.26
CA VAL J 246 63.80 -1.02 15.62
C VAL J 246 62.44 -0.37 15.86
N THR J 247 61.55 -1.11 16.51
CA THR J 247 60.14 -0.73 16.57
C THR J 247 59.76 0.10 17.79
N ASN J 248 60.68 0.37 18.70
CA ASN J 248 60.30 1.07 19.93
C ASN J 248 61.17 2.30 20.14
N PRO J 249 60.58 3.42 20.60
CA PRO J 249 61.39 4.62 20.79
C PRO J 249 62.53 4.43 21.78
N ILE J 250 62.26 3.94 22.98
CA ILE J 250 63.31 3.81 23.98
C ILE J 250 64.38 2.83 23.51
N LEU J 251 63.97 1.72 22.90
CA LEU J 251 64.93 0.75 22.41
C LEU J 251 65.82 1.38 21.34
N ALA J 252 65.23 2.10 20.39
CA ALA J 252 66.01 2.74 19.36
C ALA J 252 66.95 3.78 19.95
N ALA J 253 66.46 4.56 20.92
CA ALA J 253 67.28 5.58 21.53
C ALA J 253 68.50 4.97 22.19
N THR J 254 68.30 3.93 22.99
CA THR J 254 69.42 3.28 23.64
C THR J 254 70.37 2.66 22.61
N VAL J 255 69.83 2.05 21.56
CA VAL J 255 70.66 1.41 20.56
C VAL J 255 71.57 2.45 19.90
N VAL J 256 70.99 3.55 19.42
CA VAL J 256 71.78 4.55 18.74
C VAL J 256 72.71 5.24 19.72
N ALA J 257 72.29 5.39 20.97
CA ALA J 257 73.18 5.98 21.97
C ALA J 257 74.41 5.11 22.17
N LEU J 258 74.22 3.80 22.29
CA LEU J 258 75.36 2.90 22.43
C LEU J 258 76.25 2.99 21.21
N ALA J 259 75.65 2.96 20.02
CA ALA J 259 76.44 3.01 18.79
C ALA J 259 77.25 4.29 18.72
N GLU J 260 76.61 5.43 18.97
CA GLU J 260 77.29 6.71 18.88
C GLU J 260 78.38 6.84 19.94
N VAL J 261 78.10 6.40 21.17
CA VAL J 261 79.10 6.48 22.22
C VAL J 261 80.31 5.65 21.85
N LEU J 262 80.09 4.42 21.38
CA LEU J 262 81.21 3.57 21.01
C LEU J 262 81.95 4.15 19.81
N SER J 263 81.23 4.78 18.88
CA SER J 263 81.89 5.42 17.74
C SER J 263 82.79 6.55 18.21
N ALA J 264 82.32 7.37 19.14
CA ALA J 264 83.17 8.40 19.71
C ALA J 264 84.36 7.79 20.43
N VAL J 265 84.14 6.68 21.13
CA VAL J 265 85.25 5.98 21.77
C VAL J 265 86.29 5.58 20.74
N VAL J 266 85.84 5.02 19.60
CA VAL J 266 86.78 4.63 18.56
C VAL J 266 87.54 5.85 18.06
N ARG J 267 86.83 6.96 17.82
CA ARG J 267 87.50 8.19 17.42
C ARG J 267 88.51 8.64 18.46
N ALA J 268 88.26 8.34 19.73
CA ALA J 268 89.19 8.75 20.78
C ALA J 268 90.57 8.12 20.62
N ARG J 269 90.68 7.04 19.84
CA ARG J 269 91.97 6.42 19.62
C ARG J 269 92.90 7.27 18.77
N SER J 270 92.39 8.37 18.19
CA SER J 270 93.15 9.10 17.19
C SER J 270 94.52 9.51 17.69
N TYR J 271 94.61 10.02 18.92
CA TYR J 271 95.85 10.64 19.38
C TYR J 271 96.21 10.25 20.80
N GLY J 272 95.78 9.09 21.29
CA GLY J 272 96.22 8.61 22.57
C GLY J 272 95.52 9.22 23.77
N ALA J 273 94.27 9.66 23.59
CA ALA J 273 93.55 10.23 24.72
C ALA J 273 93.37 9.16 25.80
N PRO J 274 93.41 9.54 27.08
CA PRO J 274 93.33 8.53 28.15
C PRO J 274 92.08 7.68 28.01
N GLU J 275 92.25 6.36 28.20
CA GLU J 275 91.13 5.45 28.07
C GLU J 275 90.15 5.57 29.22
N GLU J 276 90.62 6.01 30.39
CA GLU J 276 89.73 6.16 31.54
C GLU J 276 88.59 7.11 31.22
N VAL J 277 88.83 8.11 30.37
CA VAL J 277 87.75 9.01 29.98
C VAL J 277 86.70 8.26 29.17
N GLY J 278 87.13 7.44 28.21
CA GLY J 278 86.19 6.63 27.47
C GLY J 278 85.41 5.69 28.37
N GLU J 279 86.10 5.11 29.36
CA GLU J 279 85.43 4.23 30.31
C GLU J 279 84.37 5.00 31.09
N LYS J 280 84.70 6.20 31.53
CA LYS J 280 83.73 7.02 32.27
C LYS J 280 82.52 7.35 31.39
N ALA J 281 82.76 7.74 30.15
CA ALA J 281 81.66 8.05 29.25
C ALA J 281 80.79 6.82 29.01
N VAL J 282 81.42 5.67 28.78
CA VAL J 282 80.67 4.45 28.53
C VAL J 282 79.84 4.07 29.76
N LYS J 283 80.45 4.14 30.94
CA LYS J 283 79.72 3.81 32.16
C LYS J 283 78.58 4.77 32.39
N GLU J 284 78.79 6.07 32.14
CA GLU J 284 77.71 7.03 32.30
C GLU J 284 76.57 6.72 31.34
N VAL J 285 76.90 6.47 30.07
CA VAL J 285 75.86 6.16 29.09
C VAL J 285 75.11 4.91 29.51
N ARG J 286 75.82 3.87 29.95
CA ARG J 286 75.19 2.61 30.28
C ARG J 286 74.32 2.73 31.53
N GLU J 287 74.81 3.40 32.57
CA GLU J 287 74.01 3.59 33.78
C GLU J 287 72.77 4.42 33.47
N ALA J 288 72.92 5.49 32.70
CA ALA J 288 71.78 6.30 32.31
C ALA J 288 70.77 5.47 31.52
N SER J 289 71.28 4.64 30.59
CA SER J 289 70.39 3.79 29.81
C SER J 289 69.65 2.80 30.69
N GLU J 290 70.35 2.21 31.66
CA GLU J 290 69.69 1.28 32.56
C GLU J 290 68.60 1.98 33.37
N GLU J 291 68.91 3.17 33.89
CA GLU J 291 67.91 3.91 34.64
C GLU J 291 66.71 4.26 33.76
N ALA J 292 66.96 4.69 32.52
CA ALA J 292 65.88 5.05 31.63
C ALA J 292 65.02 3.82 31.29
N LEU J 293 65.67 2.69 31.03
CA LEU J 293 64.93 1.47 30.74
C LEU J 293 64.10 1.05 31.95
N GLU J 294 64.65 1.17 33.15
CA GLU J 294 63.88 0.85 34.34
C GLU J 294 62.68 1.78 34.49
N ARG J 295 62.88 3.07 34.28
CA ARG J 295 61.77 4.01 34.37
C ARG J 295 60.69 3.69 33.34
N TYR J 296 61.09 3.35 32.11
CA TYR J 296 60.13 2.94 31.10
C TYR J 296 59.40 1.67 31.54
N LYS J 297 60.12 0.72 32.13
CA LYS J 297 59.47 -0.45 32.71
C LYS J 297 58.53 -0.06 33.83
N GLU J 298 58.78 1.07 34.49
CA GLU J 298 57.88 1.61 35.49
C GLU J 298 56.74 2.41 34.88
N GLY J 299 56.72 2.57 33.55
CA GLY J 299 55.69 3.33 32.88
C GLY J 299 55.99 4.80 32.67
N ALA J 300 57.23 5.24 32.90
CA ALA J 300 57.57 6.63 32.68
C ALA J 300 57.62 6.93 31.18
N ASP J 301 57.60 8.22 30.85
CA ASP J 301 57.54 8.66 29.47
C ASP J 301 58.78 8.24 28.71
N GLU J 302 58.60 7.53 27.59
CA GLU J 302 59.73 7.20 26.73
C GLU J 302 60.29 8.43 26.04
N SER J 303 59.46 9.46 25.83
CA SER J 303 59.93 10.67 25.17
C SER J 303 60.93 11.42 26.04
N GLU J 304 60.57 11.67 27.31
CA GLU J 304 61.50 12.33 28.21
C GLU J 304 62.76 11.51 28.40
N LEU J 305 62.61 10.18 28.47
CA LEU J 305 63.78 9.32 28.60
C LEU J 305 64.67 9.44 27.38
N VAL J 306 64.09 9.49 26.18
CA VAL J 306 64.88 9.64 24.97
C VAL J 306 65.65 10.95 25.01
N ALA J 307 64.96 12.03 25.39
CA ALA J 307 65.62 13.32 25.45
C ALA J 307 66.79 13.30 26.43
N GLU J 308 66.57 12.73 27.62
CA GLU J 308 67.65 12.67 28.61
C GLU J 308 68.82 11.85 28.07
N VAL J 309 68.52 10.70 27.47
CA VAL J 309 69.57 9.82 26.98
C VAL J 309 70.39 10.53 25.92
N MET J 310 69.73 11.19 24.97
CA MET J 310 70.46 11.87 23.91
C MET J 310 71.25 13.04 24.46
N THR J 311 70.70 13.75 25.46
CA THR J 311 71.44 14.83 26.08
C THR J 311 72.77 14.30 26.64
N ALA J 312 72.69 13.22 27.42
CA ALA J 312 73.90 12.65 27.98
C ALA J 312 74.85 12.17 26.89
N THR J 313 74.30 11.57 25.82
CA THR J 313 75.13 11.09 24.73
C THR J 313 75.93 12.22 24.10
N ALA J 314 75.24 13.30 23.73
CA ALA J 314 75.92 14.44 23.11
C ALA J 314 76.95 15.03 24.07
N GLU J 315 76.58 15.19 25.34
CA GLU J 315 77.51 15.75 26.31
C GLU J 315 78.78 14.90 26.40
N ALA J 316 78.60 13.58 26.51
CA ALA J 316 79.76 12.70 26.61
C ALA J 316 80.61 12.75 25.37
N VAL J 317 79.99 12.75 24.19
CA VAL J 317 80.77 12.80 22.95
C VAL J 317 81.59 14.08 22.90
N GLY J 318 80.95 15.21 23.22
CA GLY J 318 81.66 16.47 23.21
C GLY J 318 82.81 16.48 24.20
N GLU J 319 82.56 16.03 25.42
CA GLU J 319 83.61 16.05 26.44
C GLU J 319 84.78 15.17 26.03
N ILE J 320 84.49 13.98 25.50
CA ILE J 320 85.54 13.06 25.09
C ILE J 320 86.38 13.69 23.99
N ALA J 321 85.72 14.29 23.00
CA ALA J 321 86.47 14.93 21.93
C ALA J 321 87.29 16.10 22.46
N GLU J 322 86.71 16.89 23.37
CA GLU J 322 87.39 18.07 23.88
C GLU J 322 88.66 17.70 24.65
N ALA J 323 88.60 16.62 25.42
CA ALA J 323 89.79 16.21 26.15
C ALA J 323 90.97 15.99 25.20
N THR J 324 90.74 15.25 24.12
CA THR J 324 91.78 15.04 23.13
C THR J 324 92.19 16.35 22.48
N ILE J 325 91.21 17.20 22.13
CA ILE J 325 91.54 18.46 21.47
C ILE J 325 92.46 19.29 22.34
N GLU J 326 92.25 19.27 23.65
CA GLU J 326 93.09 20.02 24.57
C GLU J 326 94.45 19.36 24.75
N ALA J 327 94.49 18.03 24.83
CA ALA J 327 95.74 17.35 25.18
C ALA J 327 96.80 17.50 24.10
N THR J 328 96.40 17.65 22.84
CA THR J 328 97.38 17.69 21.75
C THR J 328 98.16 19.01 21.80
N ASP J 329 99.09 19.17 20.85
CA ASP J 329 99.94 20.35 20.82
C ASP J 329 100.16 20.89 19.40
N ASP J 330 99.38 20.44 18.42
CA ASP J 330 99.55 20.88 17.03
C ASP J 330 98.32 21.68 16.61
N PRO J 331 98.46 22.93 16.15
CA PRO J 331 97.27 23.70 15.76
C PRO J 331 96.40 23.00 14.73
N GLU J 332 97.00 22.49 13.66
CA GLU J 332 96.22 21.80 12.64
C GLU J 332 95.50 20.59 13.22
N LYS J 333 96.15 19.90 14.17
CA LYS J 333 95.49 18.77 14.83
C LYS J 333 94.26 19.24 15.59
N ARG J 334 94.38 20.34 16.33
CA ARG J 334 93.22 20.88 17.03
C ARG J 334 92.10 21.21 16.05
N ARG J 335 92.45 21.86 14.94
CA ARG J 335 91.42 22.22 13.96
C ARG J 335 90.72 20.98 13.42
N LYS J 336 91.48 19.96 13.05
CA LYS J 336 90.89 18.74 12.50
C LYS J 336 89.99 18.06 13.54
N ILE J 337 90.48 17.96 14.78
CA ILE J 337 89.69 17.35 15.83
C ILE J 337 88.39 18.12 16.01
N ALA J 338 88.48 19.46 15.96
CA ALA J 338 87.29 20.28 16.14
C ALA J 338 86.29 20.06 15.01
N GLU J 339 86.76 19.95 13.78
CA GLU J 339 85.84 19.70 12.68
C GLU J 339 85.19 18.33 12.82
N PHE J 340 85.95 17.33 13.24
CA PHE J 340 85.36 16.02 13.51
C PHE J 340 84.30 16.12 14.60
N ALA J 341 84.59 16.86 15.67
CA ALA J 341 83.63 17.02 16.75
C ALA J 341 82.37 17.71 16.26
N ARG J 342 82.54 18.70 15.39
CA ARG J 342 81.38 19.38 14.81
C ARG J 342 80.55 18.41 13.99
N GLU J 343 81.21 17.57 13.20
CA GLU J 343 80.47 16.57 12.43
C GLU J 343 79.70 15.64 13.37
N LYS J 344 80.33 15.22 14.46
CA LYS J 344 79.66 14.33 15.41
C LYS J 344 78.44 15.03 16.02
N MET J 345 78.60 16.29 16.41
CA MET J 345 77.48 17.03 16.97
C MET J 345 76.34 17.15 15.96
N ARG J 346 76.69 17.41 14.70
CA ARG J 346 75.69 17.44 13.64
C ARG J 346 74.94 16.11 13.57
N ARG J 347 75.68 15.00 13.62
CA ARG J 347 75.05 13.70 13.57
C ARG J 347 74.09 13.51 14.74
N ILE J 348 74.55 13.84 15.94
CA ILE J 348 73.72 13.65 17.14
C ILE J 348 72.46 14.49 17.05
N ARG J 349 72.59 15.74 16.60
CA ARG J 349 71.44 16.62 16.50
C ARG J 349 70.44 16.09 15.48
N GLU J 350 70.94 15.68 14.31
CA GLU J 350 70.05 15.14 13.29
C GLU J 350 69.32 13.90 13.79
N LEU J 351 70.05 13.01 14.48
CA LEU J 351 69.40 11.83 15.05
C LEU J 351 68.34 12.22 16.07
N ALA J 352 68.63 13.22 16.90
CA ALA J 352 67.69 13.64 17.92
C ALA J 352 66.39 14.15 17.31
N ARG J 353 66.49 14.93 16.23
CA ARG J 353 65.28 15.54 15.68
C ARG J 353 64.23 14.49 15.34
N LYS J 354 64.64 13.34 14.79
CA LYS J 354 63.66 12.35 14.35
C LYS J 354 63.02 11.61 15.52
N LEU J 355 63.81 11.26 16.54
CA LEU J 355 63.30 10.40 17.62
C LEU J 355 62.43 11.15 18.61
N VAL J 356 62.73 12.43 18.89
CA VAL J 356 62.05 13.16 19.93
C VAL J 356 60.58 13.35 19.55
N GLU J 357 59.69 13.13 20.51
CA GLU J 357 58.25 13.23 20.23
C GLU J 357 57.71 14.66 20.41
N ASP J 358 58.28 15.44 21.33
CA ASP J 358 57.75 16.75 21.68
C ASP J 358 58.72 17.83 21.26
N PRO J 359 58.32 18.82 20.47
CA PRO J 359 59.25 19.90 20.10
C PRO J 359 59.84 20.62 21.29
N VAL J 360 59.11 20.74 22.40
CA VAL J 360 59.62 21.47 23.54
C VAL J 360 60.94 20.87 24.01
N LEU J 361 61.01 19.54 24.05
CA LEU J 361 62.23 18.87 24.49
C LEU J 361 63.28 18.89 23.38
N ALA J 362 62.84 18.69 22.13
CA ALA J 362 63.76 18.62 21.01
C ALA J 362 64.54 19.92 20.84
N ALA J 363 63.86 21.05 21.03
CA ALA J 363 64.55 22.33 20.91
C ALA J 363 65.67 22.46 21.92
N ALA J 364 65.45 21.99 23.15
CA ALA J 364 66.52 22.03 24.14
C ALA J 364 67.69 21.15 23.70
N VAL J 365 67.37 19.96 23.18
CA VAL J 365 68.44 19.08 22.70
C VAL J 365 69.26 19.78 21.63
N ALA J 366 68.57 20.37 20.66
CA ALA J 366 69.26 21.04 19.55
C ALA J 366 70.11 22.20 20.05
N ALA J 367 69.54 23.02 20.94
CA ALA J 367 70.28 24.17 21.43
C ALA J 367 71.57 23.73 22.12
N ARG J 368 71.47 22.72 22.99
CA ARG J 368 72.66 22.26 23.68
C ARG J 368 73.69 21.72 22.68
N ALA J 369 73.24 20.98 21.68
CA ALA J 369 74.18 20.47 20.69
C ALA J 369 74.93 21.60 20.01
N LEU J 370 74.20 22.63 19.56
CA LEU J 370 74.85 23.75 18.90
C LEU J 370 75.82 24.45 19.83
N VAL J 371 75.41 24.67 21.08
CA VAL J 371 76.26 25.39 22.03
C VAL J 371 77.57 24.64 22.22
N LEU J 372 77.47 23.33 22.51
CA LEU J 372 78.68 22.55 22.75
C LEU J 372 79.56 22.50 21.52
N SER J 373 78.96 22.34 20.33
CA SER J 373 79.77 22.35 19.12
C SER J 373 80.57 23.64 19.03
N ALA J 374 79.89 24.77 19.21
CA ALA J 374 80.58 26.05 19.11
C ALA J 374 81.67 26.17 20.17
N ALA J 375 81.39 25.71 21.40
CA ALA J 375 82.35 25.87 22.48
C ALA J 375 83.61 25.03 22.23
N VAL J 376 83.43 23.76 21.89
CA VAL J 376 84.58 22.91 21.61
C VAL J 376 85.37 23.48 20.44
N PHE J 377 84.67 23.92 19.39
CA PHE J 377 85.34 24.53 18.26
C PHE J 377 86.12 25.76 18.69
N ALA J 378 85.56 26.55 19.61
CA ALA J 378 86.23 27.76 20.06
C ALA J 378 87.51 27.43 20.81
N LYS J 379 87.47 26.41 21.67
CA LYS J 379 88.67 26.10 22.45
C LYS J 379 89.85 25.80 21.54
N ALA J 380 89.59 25.31 20.33
CA ALA J 380 90.68 24.91 19.45
C ALA J 380 91.65 26.05 19.16
N TYR J 381 91.20 27.30 19.23
CA TYR J 381 92.06 28.44 18.97
C TYR J 381 92.72 29.00 20.22
N GLY J 382 92.43 28.45 21.40
CA GLY J 382 93.15 28.81 22.60
C GLY J 382 92.59 29.95 23.41
N GLY J 383 91.33 30.33 23.20
CA GLY J 383 90.72 31.38 23.98
C GLY J 383 90.43 30.95 25.40
N PRO J 384 90.26 31.91 26.30
CA PRO J 384 89.98 31.57 27.71
C PRO J 384 88.75 30.69 27.83
N GLU J 385 88.83 29.69 28.70
CA GLU J 385 87.74 28.74 28.88
C GLU J 385 86.60 29.30 29.71
N GLU J 386 86.86 30.28 30.59
CA GLU J 386 85.82 30.74 31.50
C GLU J 386 84.64 31.34 30.75
N TYR J 387 84.91 32.14 29.72
CA TYR J 387 83.83 32.77 28.96
C TYR J 387 82.92 31.70 28.35
N SER J 388 83.53 30.71 27.70
CA SER J 388 82.76 29.64 27.08
C SER J 388 81.98 28.87 28.13
N ARG J 389 82.59 28.63 29.29
CA ARG J 389 81.86 27.94 30.36
C ARG J 389 80.65 28.75 30.77
N LEU J 390 80.78 30.07 30.86
CA LEU J 390 79.63 30.91 31.20
C LEU J 390 78.54 30.76 30.17
N MET J 391 78.91 30.72 28.87
CA MET J 391 77.91 30.51 27.84
C MET J 391 77.22 29.16 27.98
N ARG J 392 78.00 28.12 28.26
CA ARG J 392 77.40 26.81 28.49
C ARG J 392 76.39 26.88 29.62
N ARG J 393 76.77 27.56 30.70
CA ARG J 393 75.86 27.72 31.83
C ARG J 393 74.58 28.43 31.43
N TRP J 394 74.70 29.48 30.61
CA TRP J 394 73.50 30.17 30.14
C TRP J 394 72.59 29.24 29.37
N VAL J 395 73.14 28.48 28.43
CA VAL J 395 72.31 27.55 27.68
C VAL J 395 71.65 26.56 28.62
N GLU J 396 72.40 26.08 29.61
CA GLU J 396 71.85 25.10 30.55
C GLU J 396 70.70 25.70 31.33
N LYS J 397 70.86 26.94 31.81
CA LYS J 397 69.79 27.59 32.55
C LYS J 397 68.56 27.76 31.68
N ALA J 398 68.75 28.11 30.41
CA ALA J 398 67.61 28.21 29.50
C ALA J 398 66.89 26.87 29.41
N ALA J 399 67.64 25.78 29.25
CA ALA J 399 67.01 24.48 29.17
C ALA J 399 66.27 24.14 30.46
N GLU J 400 66.86 24.48 31.61
CA GLU J 400 66.20 24.19 32.88
C GLU J 400 64.88 24.93 32.97
N LEU J 401 64.87 26.22 32.63
CA LEU J 401 63.62 26.97 32.62
C LEU J 401 62.63 26.35 31.64
N ALA J 402 63.12 25.89 30.48
CA ALA J 402 62.22 25.33 29.49
C ALA J 402 61.51 24.09 30.02
N ARG J 403 62.27 23.17 30.62
CA ARG J 403 61.63 21.97 31.15
C ARG J 403 60.78 22.27 32.36
N ARG J 404 61.15 23.27 33.17
CA ARG J 404 60.28 23.69 34.27
C ARG J 404 58.94 24.16 33.73
N ALA J 405 58.95 24.99 32.67
CA ALA J 405 57.70 25.47 32.11
C ALA J 405 56.92 24.35 31.45
N ARG J 406 57.61 23.39 30.83
CA ARG J 406 56.93 22.24 30.27
C ARG J 406 56.19 21.49 31.36
N ARG J 407 56.83 21.32 32.52
CA ARG J 407 56.13 20.76 33.67
C ARG J 407 54.94 21.64 34.06
N LEU J 408 55.10 22.95 33.95
CA LEU J 408 54.00 23.86 34.26
C LEU J 408 52.86 23.79 33.25
N GLY J 409 53.09 23.22 32.06
CA GLY J 409 52.03 23.09 31.08
C GLY J 409 51.76 24.32 30.25
N ALA J 410 52.78 25.11 29.95
CA ALA J 410 52.60 26.34 29.18
C ALA J 410 52.44 26.04 27.70
N ASP J 411 52.13 27.08 26.94
CA ASP J 411 52.02 26.96 25.49
C ASP J 411 53.40 26.72 24.88
N GLU J 412 53.49 25.68 24.05
CA GLU J 412 54.77 25.24 23.53
C GLU J 412 55.42 26.27 22.60
N SER J 413 54.63 27.08 21.91
CA SER J 413 55.21 28.03 20.96
C SER J 413 56.11 29.04 21.67
N VAL J 414 55.65 29.55 22.81
CA VAL J 414 56.42 30.54 23.55
C VAL J 414 57.75 29.94 23.99
N LEU J 415 57.70 28.71 24.52
CA LEU J 415 58.93 28.06 24.99
C LEU J 415 59.89 27.78 23.85
N VAL J 416 59.35 27.34 22.69
CA VAL J 416 60.21 27.08 21.54
C VAL J 416 60.92 28.36 21.13
N ALA J 417 60.16 29.47 21.07
CA ALA J 417 60.79 30.73 20.72
C ALA J 417 61.86 31.11 21.73
N ALA J 418 61.58 30.92 23.01
CA ALA J 418 62.56 31.26 24.04
C ALA J 418 63.85 30.47 23.82
N LEU J 419 63.74 29.15 23.69
CA LEU J 419 64.93 28.33 23.56
C LEU J 419 65.74 28.70 22.32
N MET J 420 65.05 28.85 21.18
CA MET J 420 65.78 29.14 19.95
C MET J 420 66.45 30.51 20.01
N ARG J 421 65.77 31.50 20.57
CA ARG J 421 66.38 32.82 20.70
C ARG J 421 67.64 32.73 21.55
N VAL J 422 67.55 32.01 22.67
CA VAL J 422 68.71 31.86 23.54
C VAL J 422 69.86 31.24 22.77
N ALA J 423 69.58 30.18 22.01
CA ALA J 423 70.62 29.50 21.26
C ALA J 423 71.27 30.44 20.24
N ALA J 424 70.44 31.22 19.53
CA ALA J 424 70.99 32.15 18.54
C ALA J 424 71.95 33.12 19.19
N ILE J 425 71.51 33.76 20.29
CA ILE J 425 72.37 34.72 20.97
C ILE J 425 73.67 34.03 21.39
N ALA J 426 73.56 32.84 21.97
CA ALA J 426 74.75 32.15 22.48
C ALA J 426 75.74 31.89 21.36
N VAL J 427 75.29 31.29 20.26
CA VAL J 427 76.21 30.90 19.21
C VAL J 427 76.85 32.12 18.57
N THR J 428 76.05 33.15 18.29
CA THR J 428 76.64 34.34 17.70
C THR J 428 77.63 35.01 18.64
N ALA J 429 77.35 35.00 19.95
CA ALA J 429 78.30 35.57 20.90
C ALA J 429 79.62 34.81 20.86
N ILE J 430 79.55 33.48 20.89
CA ILE J 430 80.78 32.69 20.89
C ILE J 430 81.57 32.96 19.62
N ALA J 431 80.88 33.00 18.47
CA ALA J 431 81.56 33.27 17.21
C ALA J 431 82.23 34.63 17.23
N MET J 432 81.52 35.65 17.72
CA MET J 432 82.11 36.99 17.75
C MET J 432 83.34 37.02 18.65
N MET J 433 83.28 36.33 19.79
CA MET J 433 84.44 36.29 20.67
C MET J 433 85.63 35.63 19.97
N THR J 434 85.37 34.52 19.28
CA THR J 434 86.45 33.87 18.54
C THR J 434 87.04 34.83 17.50
N VAL J 435 86.17 35.57 16.80
CA VAL J 435 86.66 36.50 15.78
C VAL J 435 87.54 37.57 16.42
N MET J 436 87.10 38.12 17.56
CA MET J 436 87.93 39.09 18.26
C MET J 436 89.27 38.49 18.63
N GLY J 437 89.27 37.25 19.09
CA GLY J 437 90.52 36.59 19.43
C GLY J 437 91.46 36.49 18.23
N VAL J 438 90.92 36.06 17.09
CA VAL J 438 91.75 35.94 15.89
C VAL J 438 92.34 37.29 15.52
N GLN J 439 91.55 38.35 15.65
CA GLN J 439 92.02 39.69 15.32
C GLN J 439 93.07 40.19 16.31
N ASN J 440 93.31 39.48 17.41
CA ASN J 440 94.29 39.87 18.41
C ASN J 440 93.87 41.16 19.11
N ALA J 441 92.59 41.26 19.44
CA ALA J 441 92.07 42.44 20.09
C ALA J 441 92.54 42.52 21.55
N PRO J 442 92.59 43.71 22.13
CA PRO J 442 92.99 43.83 23.52
C PRO J 442 91.89 43.34 24.45
N PRO J 443 92.24 42.80 25.62
CA PRO J 443 91.20 42.28 26.52
C PRO J 443 90.24 43.33 27.00
N GLU J 444 90.69 44.57 27.21
CA GLU J 444 89.78 45.63 27.64
C GLU J 444 88.67 45.86 26.64
N GLU J 445 88.90 45.55 25.37
CA GLU J 445 87.88 45.61 24.33
C GLU J 445 87.10 44.31 24.24
N ARG J 446 87.80 43.17 24.30
CA ARG J 446 87.16 41.88 24.08
C ARG J 446 86.09 41.61 25.13
N GLU J 447 86.34 41.97 26.38
CA GLU J 447 85.40 41.67 27.45
C GLU J 447 84.02 42.26 27.17
N ARG J 448 83.97 43.36 26.41
CA ARG J 448 82.70 44.04 26.17
C ARG J 448 81.66 43.09 25.56
N ILE J 449 82.11 42.15 24.73
CA ILE J 449 81.17 41.24 24.08
C ILE J 449 80.40 40.44 25.10
N LEU J 450 81.06 40.02 26.19
CA LEU J 450 80.36 39.21 27.18
C LEU J 450 79.24 40.00 27.84
N ALA J 451 79.52 41.25 28.22
CA ALA J 451 78.47 42.09 28.79
C ALA J 451 77.31 42.23 27.79
N GLU J 452 77.63 42.52 26.54
CA GLU J 452 76.58 42.67 25.53
C GLU J 452 75.75 41.40 25.42
N ALA J 453 76.41 40.24 25.39
CA ALA J 453 75.69 38.98 25.23
C ALA J 453 74.82 38.70 26.44
N THR J 454 75.40 38.78 27.64
CA THR J 454 74.66 38.35 28.82
C THR J 454 73.44 39.24 29.07
N GLU J 455 73.55 40.53 28.76
CA GLU J 455 72.40 41.41 28.90
C GLU J 455 71.23 40.90 28.06
N MET J 456 71.46 40.67 26.77
CA MET J 456 70.39 40.23 25.89
C MET J 456 69.86 38.88 26.34
N ILE J 457 70.76 37.94 26.65
CA ILE J 457 70.32 36.60 27.04
C ILE J 457 69.39 36.68 28.24
N ALA J 458 69.79 37.44 29.26
CA ALA J 458 68.95 37.57 30.43
C ALA J 458 67.61 38.21 30.07
N ARG J 459 67.65 39.32 29.34
CA ARG J 459 66.41 40.01 29.00
C ARG J 459 65.51 39.13 28.13
N VAL J 460 66.08 38.26 27.31
CA VAL J 460 65.26 37.34 26.53
C VAL J 460 64.61 36.30 27.44
N LEU J 461 65.38 35.73 28.36
CA LEU J 461 64.79 34.79 29.30
C LEU J 461 63.76 35.47 30.18
N ALA J 462 64.03 36.70 30.60
CA ALA J 462 63.06 37.42 31.42
C ALA J 462 61.76 37.63 30.64
N GLU J 463 61.86 38.04 29.38
CA GLU J 463 60.66 38.28 28.59
C GLU J 463 59.82 37.01 28.46
N ALA J 464 60.48 35.88 28.22
CA ALA J 464 59.74 34.63 28.11
C ALA J 464 58.99 34.32 29.40
N THR J 465 59.67 34.47 30.53
CA THR J 465 59.03 34.20 31.81
C THR J 465 57.77 35.04 31.98
N ARG J 466 57.88 36.34 31.74
CA ARG J 466 56.73 37.23 31.86
C ARG J 466 55.56 36.75 31.01
N ARG J 467 55.82 36.50 29.73
CA ARG J 467 54.74 36.15 28.82
C ARG J 467 54.10 34.83 29.20
N VAL J 468 54.92 33.82 29.53
CA VAL J 468 54.37 32.53 29.89
C VAL J 468 53.54 32.62 31.16
N MET J 469 54.06 33.35 32.16
CA MET J 469 53.36 33.46 33.43
C MET J 469 51.97 34.05 33.27
N LYS J 470 51.83 35.03 32.37
CA LYS J 470 50.55 35.73 32.24
C LYS J 470 49.42 34.79 31.87
N ARG J 471 49.72 33.66 31.24
CA ARG J 471 48.69 32.75 30.78
C ARG J 471 48.28 31.71 31.82
N LEU J 472 49.00 31.60 32.94
CA LEU J 472 48.72 30.58 33.93
C LEU J 472 47.48 30.95 34.73
N GLU J 473 47.08 30.04 35.65
CA GLU J 473 45.94 30.28 36.51
C GLU J 473 46.16 29.86 37.96
N ASP J 474 47.33 29.29 38.31
CA ASP J 474 47.57 28.80 39.67
C ASP J 474 48.46 29.77 40.41
N PRO J 475 48.05 30.27 41.59
CA PRO J 475 48.87 31.27 42.27
C PRO J 475 50.21 30.73 42.73
N GLU J 476 50.21 29.56 43.36
CA GLU J 476 51.46 28.99 43.85
C GLU J 476 52.42 28.71 42.69
N ALA J 477 51.89 28.20 41.58
CA ALA J 477 52.74 27.95 40.42
C ALA J 477 53.34 29.24 39.89
N ALA J 478 52.55 30.30 39.81
CA ALA J 478 53.07 31.58 39.34
C ALA J 478 54.17 32.09 40.27
N ALA J 479 53.94 32.01 41.57
CA ALA J 479 54.97 32.44 42.52
C ALA J 479 56.24 31.61 42.36
N GLU J 480 56.08 30.30 42.16
CA GLU J 480 57.24 29.43 41.97
C GLU J 480 58.04 29.86 40.74
N LEU J 481 57.34 30.11 39.63
CA LEU J 481 58.04 30.54 38.43
C LEU J 481 58.76 31.85 38.66
N ALA J 482 58.11 32.80 39.33
CA ALA J 482 58.72 34.09 39.61
C ALA J 482 60.00 33.91 40.40
N LEU J 483 59.92 33.20 41.53
CA LEU J 483 61.08 33.04 42.40
C LEU J 483 62.20 32.29 41.68
N ALA J 484 61.85 31.23 40.96
CA ALA J 484 62.86 30.42 40.30
C ALA J 484 63.62 31.24 39.27
N THR J 485 62.90 31.91 38.38
CA THR J 485 63.58 32.67 37.33
C THR J 485 64.37 33.82 37.93
N ILE J 486 63.85 34.48 38.97
CA ILE J 486 64.60 35.56 39.60
C ILE J 486 65.92 35.02 40.15
N GLU J 487 65.87 33.89 40.86
CA GLU J 487 67.09 33.33 41.43
C GLU J 487 68.09 32.98 40.33
N ALA J 488 67.61 32.34 39.27
CA ALA J 488 68.51 31.91 38.20
C ALA J 488 69.20 33.10 37.55
N ILE J 489 68.41 34.11 37.18
CA ILE J 489 68.98 35.29 36.53
C ILE J 489 69.98 35.96 37.46
N THR J 490 69.65 36.03 38.76
CA THR J 490 70.57 36.63 39.71
C THR J 490 71.89 35.88 39.76
N GLU J 491 71.83 34.54 39.80
CA GLU J 491 73.07 33.77 39.86
C GLU J 491 73.91 34.00 38.62
N LEU J 492 73.27 34.02 37.45
CA LEU J 492 74.03 34.21 36.22
C LEU J 492 74.70 35.58 36.22
N PHE J 493 73.97 36.63 36.60
CA PHE J 493 74.60 37.94 36.67
C PHE J 493 75.72 37.98 37.70
N VAL J 494 75.55 37.27 38.82
CA VAL J 494 76.63 37.26 39.82
C VAL J 494 77.89 36.69 39.20
N ASP J 495 77.76 35.59 38.47
CA ASP J 495 78.95 35.00 37.85
C ASP J 495 79.56 35.97 36.84
N ALA J 496 78.72 36.55 35.97
CA ALA J 496 79.25 37.45 34.95
C ALA J 496 79.98 38.62 35.58
N LEU J 497 79.36 39.25 36.59
CA LEU J 497 80.02 40.35 37.29
C LEU J 497 81.31 39.91 37.95
N GLU J 498 81.38 38.64 38.37
CA GLU J 498 82.64 38.13 38.90
C GLU J 498 83.70 38.04 37.80
N ILE J 499 83.29 37.75 36.56
CA ILE J 499 84.28 37.53 35.51
C ILE J 499 84.87 38.84 35.01
N ILE J 500 84.01 39.81 34.65
CA ILE J 500 84.46 40.97 33.89
C ILE J 500 85.44 41.81 34.69
N ARG J 501 86.36 42.49 33.97
CA ARG J 501 87.50 43.17 34.55
C ARG J 501 87.72 44.53 33.88
N SER J 502 86.68 45.36 33.84
CA SER J 502 86.82 46.70 33.28
C SER J 502 85.80 47.64 33.93
N GLY J 503 86.15 48.91 34.00
CA GLY J 503 85.30 49.90 34.67
C GLY J 503 83.99 50.17 33.99
N GLU J 504 84.05 50.77 32.80
CA GLU J 504 82.83 51.12 32.08
C GLU J 504 81.99 49.89 31.81
N VAL J 505 82.64 48.76 31.53
CA VAL J 505 81.90 47.51 31.34
C VAL J 505 81.12 47.17 32.60
N ALA J 506 81.77 47.30 33.76
CA ALA J 506 81.08 46.99 35.01
C ALA J 506 79.91 47.92 35.25
N SER J 507 80.08 49.20 34.96
CA SER J 507 78.98 50.14 35.14
C SER J 507 77.79 49.75 34.27
N ARG J 508 78.03 49.51 32.98
CA ARG J 508 76.97 49.09 32.09
C ARG J 508 76.28 47.84 32.63
N LEU J 509 77.10 46.85 33.02
CA LEU J 509 76.56 45.57 33.46
C LEU J 509 75.64 45.76 34.67
N ALA J 510 76.11 46.50 35.66
CA ALA J 510 75.32 46.69 36.87
C ALA J 510 74.01 47.37 36.56
N LYS J 511 74.06 48.46 35.78
CA LYS J 511 72.84 49.19 35.50
C LYS J 511 71.83 48.29 34.81
N SER J 512 72.28 47.56 33.78
CA SER J 512 71.37 46.71 33.02
C SER J 512 70.78 45.61 33.89
N GLY J 513 71.63 44.93 34.67
CA GLY J 513 71.14 43.84 35.49
C GLY J 513 70.12 44.30 36.52
N ILE J 514 70.41 45.43 37.18
CA ILE J 514 69.45 45.99 38.12
C ILE J 514 68.12 46.21 37.44
N GLU J 515 68.14 46.88 36.28
CA GLU J 515 66.89 47.13 35.59
C GLU J 515 66.14 45.82 35.33
N VAL J 516 66.85 44.82 34.82
CA VAL J 516 66.19 43.59 34.40
C VAL J 516 65.54 42.90 35.60
N ILE J 517 66.29 42.70 36.67
CA ILE J 517 65.76 41.93 37.79
C ILE J 517 64.62 42.70 38.46
N ALA J 518 64.78 44.00 38.65
CA ALA J 518 63.71 44.76 39.28
C ALA J 518 62.44 44.69 38.44
N GLU J 519 62.56 44.84 37.12
CA GLU J 519 61.38 44.81 36.28
C GLU J 519 60.70 43.45 36.35
N LEU J 520 61.46 42.36 36.26
CA LEU J 520 60.84 41.05 36.31
C LEU J 520 60.13 40.83 37.64
N ALA J 521 60.78 41.19 38.74
CA ALA J 521 60.15 40.99 40.04
C ALA J 521 58.88 41.80 40.17
N GLU J 522 58.91 43.06 39.71
CA GLU J 522 57.70 43.88 39.76
C GLU J 522 56.59 43.27 38.93
N ALA J 523 56.91 42.81 37.72
CA ALA J 523 55.88 42.21 36.87
C ALA J 523 55.24 41.03 37.56
N ALA J 524 56.06 40.17 38.19
CA ALA J 524 55.48 39.06 38.95
C ALA J 524 54.61 39.57 40.09
N ILE J 525 55.05 40.63 40.78
CA ILE J 525 54.33 41.14 41.94
C ILE J 525 52.91 41.56 41.60
N GLU J 526 52.64 41.86 40.33
CA GLU J 526 51.31 42.33 39.96
C GLU J 526 50.23 41.31 40.28
N HIS J 527 50.58 40.03 40.29
CA HIS J 527 49.56 38.99 40.43
C HIS J 527 49.27 38.70 41.90
N ILE J 528 48.02 38.28 42.16
CA ILE J 528 47.55 38.11 43.53
C ILE J 528 48.32 36.99 44.22
N ASP J 529 48.22 36.97 45.55
CA ASP J 529 48.85 35.92 46.34
C ASP J 529 48.38 36.05 47.78
N ASP J 530 48.61 34.98 48.55
CA ASP J 530 48.50 35.08 49.99
C ASP J 530 49.62 35.97 50.52
N PRO J 531 49.40 36.65 51.65
CA PRO J 531 50.37 37.68 52.07
C PRO J 531 51.76 37.13 52.27
N GLU J 532 51.90 35.92 52.81
CA GLU J 532 53.22 35.35 53.01
C GLU J 532 53.93 35.15 51.69
N GLN J 533 53.20 34.71 50.66
CA GLN J 533 53.82 34.55 49.35
C GLN J 533 54.30 35.89 48.81
N LEU J 534 53.50 36.94 48.98
CA LEU J 534 53.94 38.27 48.60
C LEU J 534 55.17 38.68 49.40
N LYS J 535 55.15 38.42 50.71
CA LYS J 535 56.29 38.80 51.55
C LYS J 535 57.55 38.10 51.10
N LYS J 536 57.46 36.81 50.77
CA LYS J 536 58.64 36.11 50.24
C LYS J 536 59.09 36.73 48.93
N ILE J 537 58.15 37.11 48.07
CA ILE J 537 58.51 37.71 46.79
C ILE J 537 59.33 38.98 47.02
N VAL J 538 58.91 39.82 47.95
CA VAL J 538 59.66 41.04 48.24
C VAL J 538 61.02 40.70 48.82
N LYS J 539 61.07 39.73 49.74
CA LYS J 539 62.35 39.40 50.37
C LYS J 539 63.35 38.91 49.34
N LYS J 540 62.92 38.05 48.42
CA LYS J 540 63.84 37.54 47.41
C LYS J 540 64.40 38.68 46.56
N ALA J 541 63.53 39.59 46.12
CA ALA J 541 64.00 40.72 45.32
C ALA J 541 65.01 41.55 46.09
N ALA J 542 64.74 41.83 47.37
CA ALA J 542 65.66 42.62 48.16
C ALA J 542 67.02 41.93 48.25
N GLU J 543 67.02 40.62 48.49
CA GLU J 543 68.29 39.89 48.56
C GLU J 543 69.03 39.98 47.23
N ALA J 544 68.32 39.80 46.13
CA ALA J 544 68.97 39.83 44.82
C ALA J 544 69.63 41.18 44.56
N ILE J 545 68.86 42.26 44.70
CA ILE J 545 69.38 43.57 44.31
C ILE J 545 70.56 43.97 45.18
N LYS J 546 70.49 43.65 46.47
CA LYS J 546 71.63 43.89 47.34
C LYS J 546 72.84 43.08 46.88
N LYS J 547 72.61 41.84 46.45
CA LYS J 547 73.72 40.97 46.10
C LYS J 547 74.49 41.51 44.90
N ILE J 548 73.79 42.04 43.90
CA ILE J 548 74.48 42.62 42.75
C ILE J 548 75.33 43.80 43.20
N VAL J 549 74.75 44.72 43.96
CA VAL J 549 75.48 45.89 44.41
C VAL J 549 76.69 45.47 45.22
N GLU J 550 76.50 44.51 46.13
CA GLU J 550 77.62 44.01 46.92
C GLU J 550 78.73 43.47 46.04
N GLU J 551 78.36 42.85 44.91
CA GLU J 551 79.39 42.35 43.99
C GLU J 551 80.17 43.51 43.38
N LEU J 552 79.47 44.54 42.92
CA LEU J 552 80.15 45.67 42.29
C LEU J 552 81.11 46.35 43.26
N ILE J 553 80.81 46.30 44.56
CA ILE J 553 81.66 46.96 45.55
C ILE J 553 83.09 46.44 45.47
N LYS J 554 83.27 45.18 45.09
CA LYS J 554 84.60 44.59 45.05
C LYS J 554 85.45 45.16 43.93
N LYS J 555 84.83 45.67 42.87
CA LYS J 555 85.56 46.08 41.68
C LYS J 555 86.13 47.48 41.84
N ASP J 556 87.33 47.68 41.30
CA ASP J 556 87.90 49.02 41.20
C ASP J 556 87.17 49.78 40.10
N VAL J 557 86.42 50.81 40.48
CA VAL J 557 85.57 51.53 39.54
C VAL J 557 85.46 52.97 40.00
N GLU J 558 85.22 53.86 39.04
CA GLU J 558 85.06 55.27 39.36
C GLU J 558 83.88 55.46 40.31
N ASP J 559 84.12 56.17 41.41
CA ASP J 559 83.11 56.29 42.45
C ASP J 559 81.90 57.08 41.99
N GLU J 560 82.06 57.98 41.01
CA GLU J 560 80.89 58.67 40.47
C GLU J 560 79.92 57.68 39.86
N LEU J 561 80.42 56.77 39.02
CA LEU J 561 79.58 55.73 38.46
C LEU J 561 79.06 54.81 39.56
N LEU J 562 79.90 54.46 40.54
CA LEU J 562 79.46 53.60 41.62
C LEU J 562 78.28 54.22 42.35
N ALA J 563 78.37 55.51 42.65
CA ALA J 563 77.26 56.18 43.32
C ALA J 563 75.99 56.10 42.48
N GLU J 564 76.12 56.37 41.18
CA GLU J 564 74.97 56.25 40.29
C GLU J 564 74.39 54.84 40.34
N VAL J 565 75.26 53.83 40.38
CA VAL J 565 74.80 52.45 40.42
C VAL J 565 74.02 52.18 41.70
N THR J 566 74.60 52.52 42.85
CA THR J 566 73.96 52.18 44.12
C THR J 566 72.73 53.05 44.38
N SER J 567 72.78 54.32 43.99
CA SER J 567 71.60 55.17 44.10
C SER J 567 70.49 54.66 43.18
N GLU J 568 70.85 54.30 41.95
CA GLU J 568 69.87 53.75 41.02
C GLU J 568 69.29 52.45 41.56
N GLY J 569 70.13 51.61 42.14
CA GLY J 569 69.62 50.36 42.71
C GLY J 569 68.63 50.60 43.83
N ASN J 570 69.01 51.41 44.80
CA ASN J 570 68.12 51.68 45.92
C ASN J 570 66.78 52.20 45.42
N ARG J 571 66.81 53.15 44.49
CA ARG J 571 65.58 53.73 43.96
C ARG J 571 64.67 52.65 43.40
N LYS J 572 65.23 51.63 42.76
CA LYS J 572 64.41 50.57 42.21
C LYS J 572 63.85 49.66 43.28
N LEU J 573 64.62 49.42 44.35
CA LEU J 573 64.06 48.69 45.48
C LEU J 573 62.90 49.45 46.09
N SER J 574 63.04 50.77 46.23
CA SER J 574 61.93 51.58 46.72
C SER J 574 60.70 51.40 45.84
N ARG J 575 60.89 51.44 44.53
CA ARG J 575 59.76 51.40 43.61
C ARG J 575 58.97 50.10 43.78
N ILE J 576 59.67 48.97 43.84
CA ILE J 576 58.96 47.69 43.94
C ILE J 576 58.32 47.53 45.31
N THR J 577 59.06 47.84 46.38
CA THR J 577 58.49 47.67 47.71
C THR J 577 57.28 48.58 47.90
N SER J 578 57.31 49.76 47.28
CA SER J 578 56.15 50.62 47.30
C SER J 578 54.97 49.97 46.60
N LYS J 579 55.21 49.37 45.43
CA LYS J 579 54.11 48.73 44.69
C LYS J 579 53.56 47.55 45.46
N ALA J 580 54.41 46.75 46.09
CA ALA J 580 53.92 45.61 46.85
C ALA J 580 53.01 46.05 47.99
N LEU J 581 53.37 47.15 48.66
CA LEU J 581 52.62 47.57 49.84
C LEU J 581 51.16 47.83 49.53
N THR J 582 50.81 48.09 48.27
CA THR J 582 49.45 48.51 47.95
C THR J 582 48.43 47.43 48.24
N LYS J 583 48.82 46.16 48.19
CA LYS J 583 47.87 45.06 48.28
C LYS J 583 47.89 44.34 49.63
N ILE J 584 48.81 44.68 50.53
CA ILE J 584 48.95 43.97 51.78
C ILE J 584 47.94 44.51 52.80
N LYS J 585 46.78 43.85 52.89
CA LYS J 585 45.77 44.26 53.87
C LYS J 585 46.15 43.90 55.30
N ASP J 586 47.03 42.91 55.48
CA ASP J 586 47.44 42.50 56.82
C ASP J 586 48.37 43.55 57.41
N GLU J 587 47.96 44.16 58.52
CA GLU J 587 48.74 45.24 59.10
C GLU J 587 50.12 44.75 59.52
N LYS J 588 50.20 43.56 60.10
CA LYS J 588 51.49 43.06 60.59
C LYS J 588 52.49 42.95 59.44
N ALA J 589 52.07 42.37 58.32
CA ALA J 589 52.95 42.29 57.16
C ALA J 589 53.30 43.69 56.64
N ALA J 590 52.31 44.59 56.62
CA ALA J 590 52.57 45.95 56.15
C ALA J 590 53.67 46.61 56.95
N ALA J 591 53.59 46.51 58.28
CA ALA J 591 54.65 47.05 59.11
C ALA J 591 55.97 46.33 58.87
N GLU J 592 55.94 45.00 58.77
CA GLU J 592 57.16 44.23 58.58
C GLU J 592 57.88 44.63 57.31
N LEU J 593 57.15 44.65 56.18
CA LEU J 593 57.78 45.03 54.92
C LEU J 593 58.29 46.46 54.98
N THR J 594 57.50 47.37 55.55
CA THR J 594 57.91 48.77 55.61
C THR J 594 59.24 48.91 56.33
N ILE J 595 59.38 48.28 57.49
CA ILE J 595 60.65 48.34 58.21
C ILE J 595 61.75 47.68 57.39
N GLU J 596 61.46 46.53 56.80
CA GLU J 596 62.50 45.74 56.12
C GLU J 596 63.24 46.58 55.09
N ALA J 597 62.51 47.09 54.09
CA ALA J 597 63.16 47.85 53.03
C ALA J 597 63.85 49.09 53.59
N ILE J 598 63.26 49.72 54.61
CA ILE J 598 63.90 50.87 55.23
C ILE J 598 65.29 50.50 55.71
N GLU J 599 65.40 49.36 56.40
CA GLU J 599 66.72 48.88 56.82
C GLU J 599 67.59 48.54 55.62
N ALA J 600 67.02 47.86 54.62
CA ALA J 600 67.80 47.43 53.48
C ALA J 600 68.42 48.61 52.74
N ILE J 601 67.60 49.61 52.42
CA ILE J 601 68.10 50.77 51.67
C ILE J 601 69.16 51.49 52.49
N THR J 602 68.94 51.60 53.80
CA THR J 602 69.95 52.21 54.66
C THR J 602 71.24 51.40 54.62
N GLU J 603 71.14 50.08 54.67
CA GLU J 603 72.33 49.24 54.68
C GLU J 603 73.13 49.42 53.39
N ASN J 604 72.46 49.42 52.24
CA ASN J 604 73.18 49.53 50.98
C ASN J 604 73.98 50.83 50.92
N PHE J 605 73.34 51.95 51.24
CA PHE J 605 74.08 53.21 51.30
C PHE J 605 75.24 53.14 52.28
N LEU J 606 75.06 52.43 53.39
CA LEU J 606 76.16 52.31 54.35
C LEU J 606 77.41 51.78 53.68
N LEU J 607 77.26 50.80 52.79
CA LEU J 607 78.41 50.24 52.09
C LEU J 607 79.01 51.23 51.11
N ALA J 608 78.18 51.91 50.33
CA ALA J 608 78.69 52.87 49.37
C ALA J 608 79.43 54.00 50.05
N LEU J 609 78.84 54.55 51.12
CA LEU J 609 79.51 55.59 51.88
C LEU J 609 80.81 55.09 52.50
N GLU J 610 80.92 53.79 52.73
CA GLU J 610 82.12 53.18 53.28
C GLU J 610 83.23 53.03 52.26
N ARG J 611 82.99 53.37 50.99
CA ARG J 611 84.00 53.18 49.95
C ARG J 611 84.22 54.40 49.06
N ILE J 612 83.28 55.35 48.98
CA ILE J 612 83.45 56.47 48.06
C ILE J 612 84.68 57.27 48.44
N LYS J 613 85.21 58.02 47.47
CA LYS J 613 86.43 58.81 47.64
C LYS J 613 86.19 60.31 47.62
N ASP J 614 85.54 60.83 46.59
CA ASP J 614 85.37 62.28 46.46
C ASP J 614 84.40 62.80 47.50
N GLY J 615 84.81 63.86 48.21
CA GLY J 615 83.95 64.41 49.24
C GLY J 615 82.66 64.97 48.69
N GLU J 616 82.73 65.74 47.61
CA GLU J 616 81.52 66.31 47.02
C GLU J 616 80.59 65.21 46.54
N VAL J 617 81.13 64.19 45.87
CA VAL J 617 80.30 63.10 45.36
C VAL J 617 79.64 62.36 46.51
N ALA J 618 80.39 62.08 47.58
CA ALA J 618 79.81 61.36 48.71
C ALA J 618 78.65 62.12 49.32
N ALA J 619 78.76 63.46 49.39
CA ALA J 619 77.67 64.25 49.95
C ALA J 619 76.41 64.13 49.10
N LYS J 620 76.55 64.30 47.78
CA LYS J 620 75.37 64.27 46.92
C LYS J 620 74.62 62.96 47.06
N LEU J 621 75.35 61.84 47.08
CA LEU J 621 74.71 60.56 47.32
C LEU J 621 74.04 60.53 48.69
N ALA J 622 74.70 61.12 49.69
CA ALA J 622 74.18 61.06 51.05
C ALA J 622 72.86 61.82 51.17
N GLU J 623 72.78 63.00 50.58
CA GLU J 623 71.52 63.73 50.59
C GLU J 623 70.42 62.91 49.94
N ASP J 624 70.68 62.40 48.74
CA ASP J 624 69.65 61.69 48.00
C ASP J 624 69.14 60.49 48.77
N GLY J 625 70.03 59.79 49.48
CA GLY J 625 69.60 58.69 50.30
C GLY J 625 68.60 59.13 51.37
N LEU J 626 68.83 60.30 51.97
CA LEU J 626 67.89 60.81 52.95
C LEU J 626 66.52 61.02 52.33
N LEU J 627 66.46 61.60 51.12
CA LEU J 627 65.17 61.80 50.47
C LEU J 627 64.48 60.47 50.22
N GLU J 628 65.22 59.48 49.72
CA GLU J 628 64.61 58.21 49.39
C GLU J 628 63.95 57.58 50.60
N ILE J 629 64.65 57.56 51.73
CA ILE J 629 64.07 56.97 52.92
C ILE J 629 62.84 57.76 53.35
N TYR J 630 62.86 59.08 53.15
CA TYR J 630 61.66 59.87 53.41
C TYR J 630 60.49 59.39 52.56
N ARG J 631 60.68 59.28 51.26
CA ARG J 631 59.58 58.84 50.40
C ARG J 631 59.05 57.49 50.82
N LEU J 632 59.94 56.55 51.14
CA LEU J 632 59.46 55.25 51.60
C LEU J 632 58.68 55.41 52.90
N ALA J 633 59.16 56.26 53.81
CA ALA J 633 58.51 56.39 55.10
C ALA J 633 57.08 56.93 54.96
N VAL J 634 56.93 58.07 54.28
CA VAL J 634 55.60 58.67 54.18
C VAL J 634 54.69 57.78 53.35
N SER J 635 55.22 57.18 52.28
CA SER J 635 54.42 56.30 51.45
C SER J 635 53.84 55.16 52.28
N GLY J 636 54.56 54.73 53.30
CA GLY J 636 53.99 53.76 54.22
C GLY J 636 52.92 54.38 55.10
N ILE J 637 53.18 55.58 55.62
CA ILE J 637 52.29 56.18 56.60
C ILE J 637 50.89 56.34 56.02
N GLU J 638 50.79 56.72 54.75
CA GLU J 638 49.49 57.02 54.18
C GLU J 638 48.61 55.76 54.14
N HIS J 639 49.20 54.60 53.92
CA HIS J 639 48.44 53.36 53.86
C HIS J 639 48.25 52.70 55.22
N ILE J 640 49.11 53.00 56.19
CA ILE J 640 48.94 52.44 57.53
C ILE J 640 47.73 53.09 58.21
N ASP J 641 47.11 52.34 59.13
CA ASP J 641 45.86 52.83 59.73
C ASP J 641 45.71 52.56 61.23
N ASN J 642 46.79 52.28 61.96
CA ASN J 642 46.68 51.87 63.36
C ASN J 642 47.79 52.52 64.16
N PRO J 643 47.49 53.11 65.33
CA PRO J 643 48.55 53.80 66.08
C PRO J 643 49.73 52.92 66.48
N GLU J 644 49.56 51.61 66.63
CA GLU J 644 50.69 50.76 67.00
C GLU J 644 51.71 50.67 65.86
N GLU J 645 51.23 50.35 64.65
CA GLU J 645 52.12 50.34 63.50
C GLU J 645 52.67 51.75 63.25
N LEU J 646 51.85 52.76 63.51
CA LEU J 646 52.33 54.13 63.41
C LEU J 646 53.52 54.35 64.33
N GLU J 647 53.43 53.84 65.57
CA GLU J 647 54.56 53.96 66.48
C GLU J 647 55.78 53.23 65.94
N LYS J 648 55.59 52.01 65.43
CA LYS J 648 56.72 51.27 64.90
C LYS J 648 57.43 52.08 63.82
N ILE J 649 56.68 52.58 62.83
CA ILE J 649 57.33 53.31 61.74
C ILE J 649 57.92 54.62 62.25
N VAL J 650 57.24 55.28 63.18
CA VAL J 650 57.75 56.55 63.68
C VAL J 650 59.11 56.35 64.34
N LYS J 651 59.27 55.26 65.09
CA LYS J 651 60.55 54.99 65.72
C LYS J 651 61.59 54.53 64.70
N LYS J 652 61.21 53.63 63.80
CA LYS J 652 62.16 53.06 62.86
C LYS J 652 62.71 54.12 61.92
N THR J 653 61.87 55.04 61.45
CA THR J 653 62.33 56.08 60.55
C THR J 653 63.36 56.96 61.24
N GLU J 654 63.12 57.32 62.50
CA GLU J 654 64.09 58.09 63.26
C GLU J 654 65.40 57.33 63.37
N GLU J 655 65.31 56.03 63.69
CA GLU J 655 66.53 55.22 63.80
C GLU J 655 67.31 55.23 62.49
N ALA J 656 66.61 55.04 61.37
CA ALA J 656 67.28 54.97 60.08
C ALA J 656 67.94 56.29 59.73
N VAL J 657 67.23 57.41 59.92
CA VAL J 657 67.80 58.71 59.59
C VAL J 657 69.01 58.97 60.47
N GLU J 658 68.92 58.64 61.75
CA GLU J 658 70.04 58.84 62.66
C GLU J 658 71.24 58.01 62.22
N ARG J 659 71.01 56.74 61.86
CA ARG J 659 72.13 55.90 61.44
C ARG J 659 72.79 56.46 60.19
N ILE J 660 71.99 56.87 59.21
CA ILE J 660 72.56 57.43 57.99
C ILE J 660 73.41 58.65 58.32
N VAL J 661 72.85 59.57 59.10
CA VAL J 661 73.58 60.80 59.43
C VAL J 661 74.86 60.48 60.19
N GLU J 662 74.77 59.55 61.15
CA GLU J 662 75.94 59.22 61.97
C GLU J 662 77.05 58.61 61.12
N ALA J 663 76.69 57.67 60.25
CA ALA J 663 77.71 57.08 59.38
C ALA J 663 78.34 58.14 58.49
N LEU J 664 77.52 59.02 57.90
CA LEU J 664 78.08 60.07 57.06
C LEU J 664 78.99 61.00 57.84
N GLU J 665 78.72 61.17 59.14
CA GLU J 665 79.52 62.09 59.96
C GLU J 665 80.93 61.57 60.22
N LYS J 666 81.16 60.26 60.10
CA LYS J 666 82.48 59.70 60.37
C LYS J 666 83.47 60.01 59.26
N LYS J 667 82.98 60.19 58.04
CA LYS J 667 83.85 60.41 56.88
C LYS J 667 84.31 61.86 56.82
N ASP J 668 85.37 62.08 56.03
CA ASP J 668 85.89 63.42 55.80
C ASP J 668 85.11 64.11 54.70
N VAL J 669 84.70 65.35 54.96
CA VAL J 669 83.88 66.12 54.02
C VAL J 669 84.00 67.59 54.39
N GLU J 670 83.71 68.46 53.43
CA GLU J 670 83.75 69.89 53.69
C GLU J 670 82.74 70.23 54.79
N PRO J 671 83.15 70.99 55.81
CA PRO J 671 82.22 71.25 56.93
C PRO J 671 80.89 71.86 56.49
N GLU J 672 80.91 72.77 55.53
CA GLU J 672 79.67 73.42 55.12
C GLU J 672 78.69 72.41 54.53
N LEU J 673 79.18 71.50 53.70
CA LEU J 673 78.31 70.47 53.17
C LEU J 673 77.81 69.56 54.29
N LYS J 674 78.67 69.22 55.24
CA LYS J 674 78.25 68.34 56.34
C LYS J 674 77.16 68.99 57.18
N GLU J 675 77.26 70.29 57.42
CA GLU J 675 76.21 70.99 58.15
C GLU J 675 74.89 70.91 57.39
N GLU J 676 74.93 71.11 56.07
CA GLU J 676 73.70 71.02 55.27
C GLU J 676 73.11 69.63 55.36
N VAL J 677 73.95 68.60 55.23
CA VAL J 677 73.45 67.22 55.32
C VAL J 677 72.83 66.97 56.68
N GLU J 678 73.51 67.43 57.74
CA GLU J 678 72.94 67.27 59.08
C GLU J 678 71.63 68.03 59.21
N GLU J 679 71.56 69.23 58.61
CA GLU J 679 70.33 69.99 58.66
C GLU J 679 69.19 69.26 57.96
N LEU J 680 69.47 68.68 56.80
CA LEU J 680 68.44 67.94 56.09
C LEU J 680 67.90 66.80 56.95
N GLY J 681 68.78 66.10 57.65
CA GLY J 681 68.32 65.07 58.57
C GLY J 681 67.48 65.64 59.69
N LYS J 682 67.90 66.77 60.25
CA LYS J 682 67.13 67.40 61.31
C LYS J 682 65.74 67.81 60.83
N LYS J 683 65.61 68.16 59.55
CA LYS J 683 64.33 68.63 59.04
C LYS J 683 63.37 67.47 58.77
N LEU J 684 63.77 66.55 57.89
CA LEU J 684 62.80 65.58 57.38
C LEU J 684 62.22 64.72 58.50
N VAL J 685 62.97 64.45 59.55
CA VAL J 685 62.41 63.66 60.64
C VAL J 685 61.23 64.39 61.24
N GLU J 686 61.25 65.72 61.22
CA GLU J 686 60.17 66.50 61.81
C GLU J 686 58.87 66.28 61.06
N ILE J 687 58.89 66.43 59.73
CA ILE J 687 57.69 66.22 58.95
C ILE J 687 57.15 64.82 59.18
N VAL J 688 58.03 63.82 59.14
CA VAL J 688 57.61 62.46 59.39
C VAL J 688 56.93 62.35 60.74
N ARG J 689 57.52 62.98 61.76
CA ARG J 689 56.92 62.95 63.09
C ARG J 689 55.61 63.72 63.13
N LYS J 690 55.48 64.77 62.32
CA LYS J 690 54.21 65.49 62.27
C LYS J 690 53.12 64.66 61.60
N LEU J 691 53.41 64.06 60.44
CA LEU J 691 52.41 63.23 59.79
C LEU J 691 52.01 62.06 60.66
N ALA J 692 52.97 61.51 61.42
CA ALA J 692 52.66 60.39 62.30
C ALA J 692 51.63 60.78 63.36
N GLU J 693 51.53 62.06 63.70
CA GLU J 693 50.48 62.54 64.58
C GLU J 693 49.22 62.93 63.81
N ARG J 694 49.39 63.48 62.61
CA ARG J 694 48.25 63.92 61.82
C ARG J 694 47.37 62.75 61.41
N LYS J 695 47.96 61.58 61.21
CA LYS J 695 47.20 60.40 60.79
C LYS J 695 46.21 59.98 61.88
N GLU K 2 84.17 31.81 -40.77
CA GLU K 2 83.07 32.28 -39.89
C GLU K 2 81.70 31.91 -40.41
N GLU K 3 81.34 32.50 -41.55
CA GLU K 3 79.95 32.54 -41.98
C GLU K 3 79.36 31.13 -42.08
N LEU K 4 80.10 30.20 -42.69
CA LEU K 4 79.58 28.86 -42.94
C LEU K 4 78.98 28.23 -41.68
N ARG K 5 79.45 28.62 -40.51
CA ARG K 5 78.86 28.21 -39.25
C ARG K 5 78.05 29.35 -38.61
N GLU K 6 78.63 30.54 -38.54
CA GLU K 6 78.05 31.61 -37.74
C GLU K 6 76.68 32.02 -38.25
N ILE K 7 76.48 32.08 -39.56
CA ILE K 7 75.18 32.49 -40.07
C ILE K 7 74.21 31.30 -40.10
N ALA K 8 74.72 30.13 -40.47
CA ALA K 8 73.86 28.96 -40.59
C ALA K 8 73.25 28.59 -39.24
N GLU K 9 74.00 28.75 -38.16
CA GLU K 9 73.46 28.43 -36.84
C GLU K 9 72.23 29.29 -36.54
N ARG K 10 72.32 30.59 -36.80
CA ARG K 10 71.18 31.46 -36.55
C ARG K 10 70.03 31.12 -37.47
N ALA K 11 70.33 30.81 -38.74
CA ALA K 11 69.26 30.42 -39.64
C ALA K 11 68.53 29.19 -39.12
N GLU K 12 69.28 28.21 -38.63
CA GLU K 12 68.67 27.00 -38.09
C GLU K 12 67.81 27.31 -36.88
N ALA K 13 68.31 28.17 -36.00
CA ALA K 13 67.52 28.55 -34.83
C ALA K 13 66.22 29.22 -35.26
N ASP K 14 66.29 30.10 -36.25
CA ASP K 14 65.09 30.76 -36.75
C ASP K 14 64.09 29.72 -37.25
N MET K 15 64.57 28.78 -38.07
CA MET K 15 63.66 27.77 -38.61
C MET K 15 63.01 26.96 -37.49
N ARG K 16 63.81 26.54 -36.51
CA ARG K 16 63.28 25.73 -35.41
C ARG K 16 62.19 26.50 -34.67
N GLU K 17 62.49 27.75 -34.30
CA GLU K 17 61.52 28.55 -33.56
C GLU K 17 60.24 28.73 -34.36
N ILE K 18 60.37 29.03 -35.65
CA ILE K 18 59.20 29.28 -36.48
C ILE K 18 58.33 28.03 -36.52
N SER K 19 58.94 26.88 -36.79
CA SER K 19 58.16 25.65 -36.91
C SER K 19 57.49 25.30 -35.58
N GLU K 20 58.22 25.42 -34.48
CA GLU K 20 57.63 25.09 -33.19
C GLU K 20 56.46 26.01 -32.87
N LEU K 21 56.62 27.32 -33.10
CA LEU K 21 55.55 28.26 -32.82
C LEU K 21 54.32 27.94 -33.66
N ALA K 22 54.52 27.62 -34.93
CA ALA K 22 53.38 27.26 -35.78
C ALA K 22 52.71 26.00 -35.27
N GLU K 23 53.51 24.99 -34.89
CA GLU K 23 52.94 23.74 -34.41
C GLU K 23 52.10 23.94 -33.18
N GLU K 24 52.55 24.80 -32.25
CA GLU K 24 51.77 25.06 -31.05
C GLU K 24 50.54 25.91 -31.35
N LEU K 25 50.67 26.94 -32.19
CA LEU K 25 49.60 27.90 -32.39
C LEU K 25 48.51 27.38 -33.33
N VAL K 26 48.85 26.50 -34.26
CA VAL K 26 47.92 26.09 -35.31
C VAL K 26 46.77 25.30 -34.72
N GLU K 27 45.73 25.05 -35.54
CA GLU K 27 44.55 24.32 -35.08
C GLU K 27 44.04 23.30 -36.07
N ASP K 28 44.74 23.06 -37.18
CA ASP K 28 44.37 22.05 -38.16
C ASP K 28 45.64 21.34 -38.63
N PRO K 29 45.61 20.01 -38.78
CA PRO K 29 46.87 19.27 -38.92
C PRO K 29 47.59 19.51 -40.23
N VAL K 30 46.87 19.55 -41.35
CA VAL K 30 47.54 19.62 -42.65
C VAL K 30 48.34 20.91 -42.77
N TYR K 31 47.75 22.03 -42.34
CA TYR K 31 48.47 23.30 -42.40
C TYR K 31 49.71 23.26 -41.52
N ALA K 32 49.57 22.69 -40.32
CA ALA K 32 50.71 22.60 -39.41
C ALA K 32 51.84 21.78 -40.03
N VAL K 33 51.50 20.69 -40.72
CA VAL K 33 52.52 19.91 -41.40
C VAL K 33 53.18 20.73 -42.49
N ALA K 34 52.37 21.42 -43.30
CA ALA K 34 52.92 22.14 -44.44
C ALA K 34 53.88 23.24 -44.01
N VAL K 35 53.56 23.94 -42.92
CA VAL K 35 54.42 25.05 -42.47
C VAL K 35 55.83 24.53 -42.23
N ARG K 36 55.96 23.50 -41.40
CA ARG K 36 57.27 22.89 -41.15
C ARG K 36 57.89 22.37 -42.44
N GLY K 37 57.08 21.73 -43.28
CA GLY K 37 57.60 21.17 -44.51
C GLY K 37 58.33 22.20 -45.35
N MET K 38 57.74 23.38 -45.49
CA MET K 38 58.42 24.42 -46.25
C MET K 38 59.59 25.00 -45.46
N ALA K 39 59.42 25.17 -44.15
CA ALA K 39 60.42 25.87 -43.35
C ALA K 39 61.75 25.13 -43.36
N LEU K 40 61.73 23.81 -43.14
CA LEU K 40 62.98 23.07 -43.04
C LEU K 40 63.76 23.14 -44.34
N VAL K 41 63.08 22.94 -45.47
CA VAL K 41 63.74 23.00 -46.76
C VAL K 41 64.31 24.39 -47.00
N GLY K 42 63.50 25.42 -46.72
CA GLY K 42 63.98 26.77 -46.89
C GLY K 42 65.23 27.06 -46.07
N ALA K 43 65.32 26.46 -44.88
CA ALA K 43 66.49 26.69 -44.04
C ALA K 43 67.72 25.99 -44.59
N ALA K 44 67.58 24.74 -45.03
CA ALA K 44 68.76 23.96 -45.39
C ALA K 44 69.62 24.67 -46.43
N GLY K 45 69.00 25.50 -47.27
CA GLY K 45 69.75 26.16 -48.32
C GLY K 45 70.88 27.02 -47.80
N VAL K 46 70.73 27.60 -46.61
CA VAL K 46 71.80 28.43 -46.06
C VAL K 46 73.04 27.59 -45.79
N PHE K 47 72.86 26.43 -45.15
CA PHE K 47 73.99 25.55 -44.91
C PHE K 47 74.60 25.10 -46.22
N ALA K 48 73.77 24.76 -47.19
CA ALA K 48 74.31 24.34 -48.49
C ALA K 48 75.13 25.46 -49.11
N LEU K 49 74.64 26.70 -49.04
CA LEU K 49 75.36 27.82 -49.62
C LEU K 49 76.70 28.04 -48.93
N GLY K 50 76.73 27.87 -47.60
CA GLY K 50 78.00 27.99 -46.90
C GLY K 50 79.04 27.02 -47.41
N VAL K 51 78.62 25.82 -47.81
CA VAL K 51 79.55 24.84 -48.35
C VAL K 51 79.88 25.08 -49.81
N GLY K 52 79.17 26.01 -50.47
CA GLY K 52 79.44 26.29 -51.86
C GLY K 52 78.69 25.42 -52.84
N GLY K 53 77.54 24.87 -52.45
CA GLY K 53 76.69 24.14 -53.35
C GLY K 53 76.16 25.00 -54.47
N PRO K 54 75.51 24.38 -55.44
CA PRO K 54 75.03 25.07 -56.57
C PRO K 54 73.78 25.90 -56.31
N PRO K 55 73.88 27.23 -56.46
CA PRO K 55 72.72 28.08 -56.13
C PRO K 55 71.48 27.79 -56.96
N GLU K 56 71.64 27.50 -58.25
CA GLU K 56 70.47 27.23 -59.07
C GLU K 56 69.73 25.99 -58.59
N VAL K 57 70.48 24.95 -58.22
CA VAL K 57 69.84 23.73 -57.73
C VAL K 57 69.06 24.01 -56.46
N LEU K 58 69.65 24.78 -55.55
CA LEU K 58 68.96 25.10 -54.30
C LEU K 58 67.68 25.87 -54.57
N GLU K 59 67.75 26.87 -55.46
CA GLU K 59 66.55 27.64 -55.77
C GLU K 59 65.47 26.75 -56.38
N GLU K 60 65.85 25.87 -57.29
CA GLU K 60 64.88 24.97 -57.91
C GLU K 60 64.25 24.07 -56.86
N ALA K 61 65.06 23.53 -55.95
CA ALA K 61 64.52 22.66 -54.91
C ALA K 61 63.51 23.40 -54.05
N ARG K 62 63.84 24.64 -53.67
CA ARG K 62 62.90 25.41 -52.86
C ARG K 62 61.60 25.64 -53.62
N ARG K 63 61.68 25.96 -54.91
CA ARG K 63 60.48 26.16 -55.70
C ARG K 63 59.64 24.87 -55.73
N ARG K 64 60.31 23.74 -55.91
CA ARG K 64 59.58 22.47 -55.97
C ARG K 64 58.88 22.17 -54.66
N VAL K 65 59.53 22.47 -53.54
CA VAL K 65 58.87 22.27 -52.25
C VAL K 65 57.64 23.16 -52.13
N GLU K 66 57.76 24.41 -52.59
CA GLU K 66 56.60 25.30 -52.58
C GLU K 66 55.47 24.70 -53.40
N GLU K 67 55.79 24.16 -54.58
CA GLU K 67 54.77 23.55 -55.43
C GLU K 67 54.10 22.38 -54.71
N ALA K 68 54.89 21.57 -54.01
CA ALA K 68 54.31 20.46 -53.26
C ALA K 68 53.30 20.98 -52.23
N ALA K 69 53.68 22.01 -51.49
CA ALA K 69 52.76 22.56 -50.50
C ALA K 69 51.50 23.10 -51.16
N ARG K 70 51.65 23.76 -52.31
CA ARG K 70 50.48 24.25 -53.04
C ARG K 70 49.53 23.11 -53.37
N GLU K 71 50.05 22.03 -53.94
CA GLU K 71 49.20 20.91 -54.32
C GLU K 71 48.53 20.32 -53.09
N ALA K 72 49.27 20.15 -52.00
CA ALA K 72 48.69 19.57 -50.80
C ALA K 72 47.56 20.43 -50.27
N LEU K 73 47.75 21.75 -50.24
CA LEU K 73 46.69 22.63 -49.77
C LEU K 73 45.47 22.52 -50.65
N ARG K 74 45.68 22.49 -51.98
CA ARG K 74 44.54 22.34 -52.89
C ARG K 74 43.78 21.05 -52.61
N LYS K 75 44.50 19.95 -52.41
CA LYS K 75 43.82 18.68 -52.12
C LYS K 75 43.05 18.76 -50.81
N TYR K 76 43.67 19.32 -49.77
CA TYR K 76 43.03 19.36 -48.46
C TYR K 76 41.77 20.21 -48.47
N GLU K 77 41.80 21.33 -49.20
CA GLU K 77 40.57 22.10 -49.36
C GLU K 77 39.49 21.28 -50.05
N GLU K 78 39.88 20.40 -50.97
CA GLU K 78 38.92 19.55 -51.68
C GLU K 78 38.35 18.45 -50.79
N GLY K 79 38.84 18.31 -49.56
CA GLY K 79 38.39 17.23 -48.70
C GLY K 79 39.07 15.90 -48.92
N ALA K 80 40.26 15.88 -49.50
CA ALA K 80 40.98 14.64 -49.73
C ALA K 80 41.43 14.03 -48.40
N ASP K 81 41.92 12.80 -48.48
CA ASP K 81 42.37 12.09 -47.29
C ASP K 81 43.50 12.85 -46.61
N VAL K 82 43.38 13.00 -45.28
CA VAL K 82 44.44 13.65 -44.51
C VAL K 82 45.71 12.82 -44.56
N SER K 83 45.58 11.50 -44.45
CA SER K 83 46.76 10.64 -44.40
C SER K 83 47.55 10.73 -45.70
N GLU K 84 46.87 10.61 -46.84
CA GLU K 84 47.56 10.70 -48.12
C GLU K 84 48.27 12.04 -48.27
N LEU K 85 47.59 13.12 -47.91
CA LEU K 85 48.20 14.45 -48.04
C LEU K 85 49.45 14.55 -47.19
N VAL K 86 49.36 14.14 -45.92
CA VAL K 86 50.51 14.26 -45.03
C VAL K 86 51.66 13.43 -45.54
N ALA K 87 51.39 12.20 -45.97
CA ALA K 87 52.47 11.34 -46.47
C ALA K 87 53.09 11.92 -47.73
N GLU K 88 52.27 12.43 -48.65
CA GLU K 88 52.80 12.99 -49.88
C GLU K 88 53.72 14.17 -49.59
N LEU K 89 53.26 15.08 -48.73
CA LEU K 89 54.10 16.22 -48.39
C LEU K 89 55.39 15.77 -47.73
N ILE K 90 55.29 14.82 -46.80
CA ILE K 90 56.47 14.37 -46.08
C ILE K 90 57.49 13.79 -47.05
N ARG K 91 57.05 12.89 -47.93
CA ARG K 91 58.01 12.24 -48.81
C ARG K 91 58.56 13.21 -49.85
N GLU K 92 57.75 14.16 -50.32
CA GLU K 92 58.28 15.17 -51.23
C GLU K 92 59.37 15.98 -50.56
N THR K 93 59.13 16.44 -49.33
CA THR K 93 60.15 17.19 -48.62
C THR K 93 61.39 16.34 -48.40
N SER K 94 61.21 15.07 -48.03
CA SER K 94 62.34 14.20 -47.78
C SER K 94 63.22 14.08 -49.02
N ARG K 95 62.62 13.73 -50.15
CA ARG K 95 63.40 13.58 -51.37
C ARG K 95 64.07 14.89 -51.76
N GLN K 96 63.36 16.01 -51.63
CA GLN K 96 63.95 17.29 -51.99
C GLN K 96 65.19 17.59 -51.14
N ILE K 97 65.07 17.41 -49.83
CA ILE K 97 66.19 17.71 -48.94
C ILE K 97 67.35 16.77 -49.21
N ALA K 98 67.05 15.49 -49.44
CA ALA K 98 68.11 14.56 -49.80
C ALA K 98 68.78 14.98 -51.10
N GLU K 99 68.00 15.51 -52.04
CA GLU K 99 68.58 16.02 -53.28
C GLU K 99 69.54 17.18 -53.01
N ILE K 100 69.15 18.09 -52.11
CA ILE K 100 70.03 19.20 -51.76
C ILE K 100 71.34 18.67 -51.20
N ALA K 101 71.25 17.70 -50.29
CA ALA K 101 72.47 17.13 -49.73
C ALA K 101 73.29 16.42 -50.80
N GLU K 102 72.62 15.75 -51.74
CA GLU K 102 73.33 15.04 -52.81
C GLU K 102 74.09 16.02 -53.69
N ALA K 103 73.49 17.15 -54.02
CA ALA K 103 74.21 18.17 -54.78
C ALA K 103 75.37 18.72 -53.97
N THR K 104 75.13 19.00 -52.68
CA THR K 104 76.19 19.55 -51.84
C THR K 104 77.39 18.61 -51.77
N ILE K 105 77.15 17.31 -51.72
CA ILE K 105 78.24 16.35 -51.58
C ILE K 105 79.24 16.46 -52.71
N LYS K 106 78.84 17.03 -53.84
CA LYS K 106 79.72 17.13 -55.00
C LYS K 106 80.73 18.25 -54.88
N ALA K 107 80.59 19.13 -53.89
CA ALA K 107 81.30 20.41 -53.92
C ALA K 107 82.81 20.22 -53.77
N THR K 108 83.26 19.29 -52.94
CA THR K 108 84.68 19.20 -52.63
C THR K 108 85.03 17.79 -52.20
N ASP K 109 86.33 17.49 -52.26
CA ASP K 109 86.85 16.20 -51.84
C ASP K 109 87.27 16.17 -50.37
N ASP K 110 87.18 17.28 -49.66
CA ASP K 110 87.67 17.36 -48.30
C ASP K 110 86.87 16.43 -47.38
N PRO K 111 87.52 15.51 -46.65
CA PRO K 111 86.78 14.71 -45.67
C PRO K 111 86.12 15.54 -44.58
N GLU K 112 86.69 16.69 -44.20
CA GLU K 112 86.11 17.48 -43.12
C GLU K 112 84.77 18.06 -43.53
N VAL K 113 84.72 18.72 -44.69
CA VAL K 113 83.45 19.26 -45.18
C VAL K 113 82.46 18.13 -45.41
N LEU K 114 82.94 16.99 -45.90
CA LEU K 114 82.06 15.84 -46.10
C LEU K 114 81.45 15.39 -44.79
N GLU K 115 82.26 15.34 -43.72
CA GLU K 115 81.75 14.96 -42.41
C GLU K 115 80.71 15.96 -41.93
N GLU K 116 80.96 17.25 -42.13
CA GLU K 116 79.97 18.25 -41.75
C GLU K 116 78.65 18.02 -42.49
N ILE K 117 78.74 17.78 -43.81
CA ILE K 117 77.53 17.57 -44.60
C ILE K 117 76.79 16.33 -44.11
N SER K 118 77.53 15.25 -43.85
CA SER K 118 76.92 14.02 -43.39
C SER K 118 76.22 14.23 -42.05
N GLU K 119 76.87 14.93 -41.12
CA GLU K 119 76.25 15.18 -39.82
C GLU K 119 74.96 15.96 -39.98
N PHE K 120 74.98 17.01 -40.80
CA PHE K 120 73.78 17.81 -40.99
C PHE K 120 72.66 16.97 -41.58
N ALA K 121 72.98 16.19 -42.61
CA ALA K 121 71.98 15.35 -43.25
C ALA K 121 71.39 14.35 -42.27
N GLU K 122 72.25 13.73 -41.45
CA GLU K 122 71.76 12.76 -40.49
C GLU K 122 70.82 13.40 -39.48
N GLU K 123 71.18 14.59 -38.98
CA GLU K 123 70.31 15.25 -38.01
C GLU K 123 68.95 15.55 -38.63
N ARG K 124 68.94 16.14 -39.82
CA ARG K 124 67.68 16.44 -40.48
C ARG K 124 66.86 15.17 -40.69
N SER K 125 67.50 14.10 -41.16
CA SER K 125 66.78 12.87 -41.48
C SER K 125 66.16 12.27 -40.22
N ARG K 126 66.92 12.23 -39.12
CA ARG K 126 66.38 11.68 -37.89
C ARG K 126 65.18 12.50 -37.41
N ARG K 127 65.30 13.82 -37.47
CA ARG K 127 64.18 14.65 -37.06
C ARG K 127 62.95 14.38 -37.91
N LEU K 128 63.15 14.27 -39.23
CA LEU K 128 62.02 14.01 -40.12
C LEU K 128 61.38 12.67 -39.80
N SER K 129 62.20 11.65 -39.56
CA SER K 129 61.66 10.33 -39.23
C SER K 129 60.80 10.41 -37.97
N GLU K 130 61.30 11.07 -36.93
CA GLU K 130 60.53 11.16 -35.70
C GLU K 130 59.21 11.91 -35.93
N TYR K 131 59.26 13.01 -36.69
CA TYR K 131 58.05 13.79 -36.92
C TYR K 131 57.01 12.96 -37.66
N ALA K 132 57.43 12.27 -38.72
CA ALA K 132 56.50 11.44 -39.47
C ALA K 132 55.91 10.35 -38.59
N GLU K 133 56.76 9.69 -37.78
CA GLU K 133 56.26 8.65 -36.90
C GLU K 133 55.22 9.21 -35.93
N ARG K 134 55.36 10.47 -35.54
CA ARG K 134 54.35 11.07 -34.67
C ARG K 134 53.05 11.36 -35.43
N HIS K 135 53.14 11.88 -36.65
CA HIS K 135 51.95 12.42 -37.30
C HIS K 135 51.14 11.40 -38.09
N VAL K 136 51.78 10.47 -38.79
CA VAL K 136 51.08 9.63 -39.76
C VAL K 136 50.33 8.54 -39.01
N THR K 137 48.99 8.53 -39.13
CA THR K 137 48.18 7.54 -38.44
C THR K 137 48.05 6.24 -39.23
N ASN K 138 48.03 6.32 -40.56
CA ASN K 138 47.89 5.11 -41.36
C ASN K 138 49.13 4.24 -41.16
N PRO K 139 48.99 2.98 -40.78
CA PRO K 139 50.20 2.20 -40.45
C PRO K 139 51.11 1.98 -41.64
N ILE K 140 50.56 1.60 -42.80
CA ILE K 140 51.39 1.35 -43.97
C ILE K 140 52.11 2.63 -44.38
N LEU K 141 51.41 3.77 -44.32
CA LEU K 141 52.05 5.04 -44.68
C LEU K 141 53.22 5.33 -43.75
N ALA K 142 53.04 5.12 -42.45
CA ALA K 142 54.14 5.32 -41.52
C ALA K 142 55.31 4.40 -41.84
N ALA K 143 55.03 3.13 -42.13
CA ALA K 143 56.10 2.19 -42.43
C ALA K 143 56.88 2.63 -43.66
N THR K 144 56.17 3.02 -44.72
CA THR K 144 56.85 3.46 -45.92
C THR K 144 57.65 4.73 -45.69
N VAL K 145 57.12 5.67 -44.91
CA VAL K 145 57.90 6.87 -44.61
C VAL K 145 59.21 6.50 -43.92
N VAL K 146 59.12 5.64 -42.92
CA VAL K 146 60.33 5.27 -42.17
C VAL K 146 61.33 4.58 -43.09
N ALA K 147 60.85 3.66 -43.93
CA ALA K 147 61.75 2.95 -44.82
C ALA K 147 62.44 3.90 -45.78
N LEU K 148 61.68 4.82 -46.37
CA LEU K 148 62.28 5.77 -47.30
C LEU K 148 63.35 6.60 -46.61
N ALA K 149 63.04 7.10 -45.41
CA ALA K 149 64.02 7.90 -44.69
C ALA K 149 65.30 7.12 -44.45
N GLU K 150 65.17 5.90 -43.94
CA GLU K 150 66.36 5.10 -43.62
C GLU K 150 67.18 4.85 -44.88
N VAL K 151 66.54 4.43 -45.96
CA VAL K 151 67.28 4.11 -47.18
C VAL K 151 68.01 5.34 -47.70
N LEU K 152 67.32 6.49 -47.72
CA LEU K 152 67.95 7.70 -48.23
C LEU K 152 69.15 8.08 -47.39
N SER K 153 69.02 7.99 -46.06
CA SER K 153 70.16 8.30 -45.20
C SER K 153 71.33 7.37 -45.49
N ALA K 154 71.05 6.09 -45.67
CA ALA K 154 72.12 5.14 -45.95
C ALA K 154 72.85 5.51 -47.24
N VAL K 155 72.10 5.84 -48.29
CA VAL K 155 72.73 6.20 -49.55
C VAL K 155 73.58 7.45 -49.38
N VAL K 156 73.04 8.45 -48.68
CA VAL K 156 73.76 9.70 -48.50
C VAL K 156 75.10 9.44 -47.81
N ARG K 157 75.07 8.65 -46.73
CA ARG K 157 76.32 8.31 -46.05
C ARG K 157 77.26 7.56 -47.00
N ALA K 158 76.72 6.59 -47.74
CA ALA K 158 77.57 5.73 -48.55
C ALA K 158 78.34 6.55 -49.59
N ARG K 159 77.70 7.56 -50.17
CA ARG K 159 78.40 8.28 -51.22
C ARG K 159 79.66 8.99 -50.72
N SER K 160 79.78 9.21 -49.41
CA SER K 160 80.98 9.83 -48.88
C SER K 160 82.20 8.93 -49.02
N TYR K 161 82.01 7.62 -49.16
CA TYR K 161 83.11 6.71 -49.43
C TYR K 161 83.50 6.68 -50.89
N GLY K 162 82.75 7.33 -51.77
CA GLY K 162 82.96 7.15 -53.19
C GLY K 162 82.44 5.83 -53.72
N ALA K 163 81.56 5.17 -52.97
CA ALA K 163 81.09 3.85 -53.35
C ALA K 163 80.20 3.95 -54.59
N PRO K 164 80.04 2.85 -55.32
CA PRO K 164 79.21 2.88 -56.53
C PRO K 164 77.79 3.37 -56.24
N GLU K 165 77.29 4.23 -57.13
CA GLU K 165 75.96 4.82 -56.95
C GLU K 165 74.85 3.81 -57.22
N GLU K 166 75.06 2.89 -58.15
CA GLU K 166 74.02 1.93 -58.50
C GLU K 166 73.64 1.04 -57.32
N VAL K 167 74.59 0.77 -56.42
CA VAL K 167 74.30 -0.06 -55.26
C VAL K 167 73.21 0.58 -54.41
N GLY K 168 73.12 1.91 -54.43
CA GLY K 168 72.06 2.61 -53.72
C GLY K 168 70.82 2.80 -54.58
N GLU K 169 71.05 3.09 -55.86
CA GLU K 169 69.91 3.35 -56.75
C GLU K 169 69.00 2.14 -56.88
N LYS K 170 69.60 0.95 -57.01
CA LYS K 170 68.78 -0.25 -57.16
C LYS K 170 67.91 -0.46 -55.94
N ALA K 171 68.48 -0.31 -54.74
CA ALA K 171 67.71 -0.48 -53.52
C ALA K 171 66.63 0.61 -53.40
N VAL K 172 66.95 1.82 -53.83
CA VAL K 172 65.93 2.88 -53.80
C VAL K 172 64.74 2.50 -54.66
N LYS K 173 65.01 2.04 -55.88
CA LYS K 173 63.92 1.63 -56.77
C LYS K 173 63.14 0.48 -56.17
N GLU K 174 63.85 -0.52 -55.64
CA GLU K 174 63.18 -1.66 -55.03
C GLU K 174 62.30 -1.23 -53.86
N VAL K 175 62.78 -0.28 -53.06
CA VAL K 175 62.00 0.19 -51.92
C VAL K 175 60.75 0.93 -52.40
N ARG K 176 60.87 1.74 -53.45
CA ARG K 176 59.69 2.39 -53.99
C ARG K 176 58.68 1.35 -54.49
N GLU K 177 59.18 0.31 -55.18
CA GLU K 177 58.30 -0.74 -55.65
C GLU K 177 57.61 -1.43 -54.47
N ALA K 178 58.37 -1.67 -53.40
CA ALA K 178 57.81 -2.32 -52.22
C ALA K 178 56.73 -1.46 -51.57
N SER K 179 56.96 -0.14 -51.52
CA SER K 179 55.95 0.75 -50.95
C SER K 179 54.67 0.71 -51.79
N GLU K 180 54.82 0.75 -53.13
CA GLU K 180 53.65 0.63 -53.98
C GLU K 180 52.95 -0.70 -53.76
N GLU K 181 53.71 -1.78 -53.61
CA GLU K 181 53.13 -3.09 -53.38
C GLU K 181 52.36 -3.12 -52.06
N ALA K 182 52.92 -2.51 -51.03
CA ALA K 182 52.25 -2.48 -49.73
C ALA K 182 50.94 -1.71 -49.84
N LEU K 183 50.96 -0.55 -50.51
CA LEU K 183 49.72 0.19 -50.71
C LEU K 183 48.70 -0.65 -51.48
N GLU K 184 49.15 -1.37 -52.50
CA GLU K 184 48.25 -2.20 -53.29
C GLU K 184 47.63 -3.30 -52.43
N ARG K 185 48.46 -3.97 -51.63
CA ARG K 185 47.94 -5.03 -50.77
C ARG K 185 46.94 -4.46 -49.76
N TYR K 186 47.22 -3.27 -49.23
CA TYR K 186 46.29 -2.65 -48.31
C TYR K 186 44.97 -2.36 -48.99
N LYS K 187 45.01 -1.86 -50.23
CA LYS K 187 43.79 -1.71 -51.00
C LYS K 187 43.12 -3.05 -51.27
N LYS K 188 43.91 -4.11 -51.40
CA LYS K 188 43.38 -5.44 -51.65
C LYS K 188 42.78 -6.10 -50.40
N GLY K 189 42.86 -5.46 -49.25
CA GLY K 189 42.32 -6.02 -48.03
C GLY K 189 43.19 -7.06 -47.37
N GLU K 190 44.48 -7.11 -47.73
CA GLU K 190 45.38 -8.08 -47.12
C GLU K 190 45.67 -7.71 -45.67
N ASP K 191 46.17 -8.68 -44.91
CA ASP K 191 46.52 -8.46 -43.52
C ASP K 191 47.59 -7.39 -43.41
N VAL K 192 47.38 -6.42 -42.50
CA VAL K 192 48.31 -5.31 -42.35
C VAL K 192 49.65 -5.79 -41.83
N SER K 193 49.63 -6.73 -40.89
CA SER K 193 50.88 -7.16 -40.26
C SER K 193 51.83 -7.75 -41.29
N GLU K 194 51.32 -8.59 -42.18
CA GLU K 194 52.18 -9.16 -43.21
C GLU K 194 52.77 -8.08 -44.11
N LEU K 195 51.94 -7.10 -44.50
CA LEU K 195 52.43 -6.02 -45.35
C LEU K 195 53.58 -5.29 -44.68
N VAL K 196 53.38 -4.87 -43.43
CA VAL K 196 54.43 -4.09 -42.76
C VAL K 196 55.67 -4.94 -42.57
N ALA K 197 55.50 -6.21 -42.22
CA ALA K 197 56.66 -7.08 -42.02
C ALA K 197 57.45 -7.25 -43.31
N GLU K 198 56.75 -7.47 -44.42
CA GLU K 198 57.44 -7.62 -45.70
C GLU K 198 58.18 -6.34 -46.06
N LEU K 199 57.55 -5.18 -45.86
CA LEU K 199 58.24 -3.92 -46.13
C LEU K 199 59.52 -3.81 -45.31
N ILE K 200 59.43 -4.08 -44.00
CA ILE K 200 60.61 -3.96 -43.15
C ILE K 200 61.70 -4.91 -43.62
N ARG K 201 61.33 -6.14 -43.94
CA ARG K 201 62.33 -7.12 -44.37
C ARG K 201 63.01 -6.69 -45.66
N GLU K 202 62.23 -6.18 -46.62
CA GLU K 202 62.83 -5.69 -47.85
C GLU K 202 63.79 -4.54 -47.57
N THR K 203 63.39 -3.62 -46.69
CA THR K 203 64.29 -2.52 -46.33
C THR K 203 65.57 -3.06 -45.71
N SER K 204 65.45 -4.06 -44.85
CA SER K 204 66.62 -4.66 -44.23
C SER K 204 67.58 -5.20 -45.27
N ARG K 205 67.06 -6.02 -46.18
CA ARG K 205 67.92 -6.56 -47.23
C ARG K 205 68.54 -5.45 -48.06
N GLN K 206 67.77 -4.41 -48.36
CA GLN K 206 68.29 -3.32 -49.20
C GLN K 206 69.46 -2.62 -48.53
N ILE K 207 69.28 -2.22 -47.27
CA ILE K 207 70.35 -1.51 -46.58
C ILE K 207 71.56 -2.41 -46.41
N ALA K 208 71.33 -3.69 -46.14
CA ALA K 208 72.43 -4.62 -46.00
C ALA K 208 73.23 -4.71 -47.29
N GLU K 209 72.53 -4.83 -48.42
CA GLU K 209 73.23 -4.91 -49.71
C GLU K 209 74.05 -3.66 -49.97
N ILE K 210 73.45 -2.49 -49.72
CA ILE K 210 74.17 -1.25 -49.97
C ILE K 210 75.43 -1.19 -49.11
N ALA K 211 75.29 -1.50 -47.81
CA ALA K 211 76.44 -1.45 -46.92
C ALA K 211 77.49 -2.48 -47.31
N GLU K 212 77.06 -3.65 -47.78
CA GLU K 212 78.02 -4.66 -48.20
C GLU K 212 78.84 -4.18 -49.40
N ALA K 213 78.17 -3.58 -50.37
CA ALA K 213 78.90 -3.01 -51.49
C ALA K 213 79.87 -1.94 -51.00
N THR K 214 79.42 -1.10 -50.07
CA THR K 214 80.31 -0.07 -49.53
C THR K 214 81.53 -0.70 -48.88
N ILE K 215 81.34 -1.77 -48.11
CA ILE K 215 82.46 -2.44 -47.47
C ILE K 215 83.42 -2.99 -48.51
N LYS K 216 82.87 -3.58 -49.59
CA LYS K 216 83.72 -4.03 -50.69
C LYS K 216 84.55 -2.88 -51.25
N ALA K 217 83.96 -1.69 -51.35
CA ALA K 217 84.65 -0.55 -51.92
C ALA K 217 85.71 0.04 -50.99
N THR K 218 85.79 -0.41 -49.74
CA THR K 218 86.69 0.21 -48.78
C THR K 218 88.16 -0.04 -49.15
N ASP K 219 89.04 0.84 -48.67
CA ASP K 219 90.45 0.72 -48.95
C ASP K 219 91.35 1.03 -47.75
N ASP K 220 90.80 1.23 -46.55
CA ASP K 220 91.59 1.56 -45.38
C ASP K 220 90.96 0.93 -44.15
N PRO K 221 91.75 0.64 -43.11
CA PRO K 221 91.21 -0.04 -41.93
C PRO K 221 90.29 0.84 -41.10
N GLU K 222 90.71 2.07 -40.81
CA GLU K 222 89.90 2.96 -39.99
C GLU K 222 88.58 3.27 -40.67
N VAL K 223 88.61 3.50 -41.98
CA VAL K 223 87.37 3.75 -42.72
C VAL K 223 86.47 2.53 -42.65
N LEU K 224 87.04 1.34 -42.79
CA LEU K 224 86.25 0.12 -42.70
C LEU K 224 85.59 0.00 -41.33
N GLU K 225 86.34 0.29 -40.27
CA GLU K 225 85.76 0.23 -38.93
C GLU K 225 84.63 1.23 -38.77
N GLU K 226 84.81 2.44 -39.29
CA GLU K 226 83.75 3.44 -39.21
C GLU K 226 82.51 2.97 -39.96
N ILE K 227 82.70 2.40 -41.14
CA ILE K 227 81.57 1.88 -41.91
C ILE K 227 80.86 0.79 -41.12
N SER K 228 81.62 -0.10 -40.50
CA SER K 228 81.01 -1.15 -39.70
C SER K 228 80.19 -0.56 -38.56
N GLU K 229 80.74 0.45 -37.88
CA GLU K 229 80.00 1.09 -36.79
C GLU K 229 78.68 1.68 -37.30
N PHE K 230 78.74 2.41 -38.42
CA PHE K 230 77.53 3.02 -38.96
C PHE K 230 76.51 1.96 -39.34
N ALA K 231 76.95 0.88 -39.98
CA ALA K 231 76.03 -0.18 -40.36
C ALA K 231 75.40 -0.80 -39.12
N GLU K 232 76.19 -1.03 -38.07
CA GLU K 232 75.64 -1.57 -36.85
C GLU K 232 74.56 -0.65 -36.29
N GLU K 233 74.85 0.65 -36.24
CA GLU K 233 73.85 1.59 -35.74
C GLU K 233 72.57 1.52 -36.55
N ARG K 234 72.69 1.56 -37.87
CA ARG K 234 71.49 1.58 -38.72
C ARG K 234 70.68 0.29 -38.53
N SER K 235 71.35 -0.86 -38.55
CA SER K 235 70.64 -2.11 -38.37
C SER K 235 69.96 -2.16 -37.01
N ARG K 236 70.66 -1.71 -35.96
CA ARG K 236 70.07 -1.71 -34.63
C ARG K 236 68.81 -0.85 -34.61
N ARG K 237 68.86 0.32 -35.24
CA ARG K 237 67.68 1.18 -35.21
C ARG K 237 66.51 0.56 -35.97
N LEU K 238 66.79 -0.04 -37.13
CA LEU K 238 65.71 -0.70 -37.86
C LEU K 238 65.09 -1.82 -37.04
N SER K 239 65.94 -2.65 -36.42
CA SER K 239 65.43 -3.73 -35.60
C SER K 239 64.63 -3.20 -34.42
N GLU K 240 65.11 -2.12 -33.80
CA GLU K 240 64.37 -1.54 -32.68
C GLU K 240 63.00 -1.06 -33.12
N TYR K 241 62.91 -0.40 -34.28
CA TYR K 241 61.61 0.03 -34.77
C TYR K 241 60.69 -1.17 -34.95
N ALA K 242 61.17 -2.20 -35.64
CA ALA K 242 60.34 -3.36 -35.88
C ALA K 242 59.86 -3.97 -34.57
N GLU K 243 60.78 -4.17 -33.63
CA GLU K 243 60.41 -4.77 -32.35
C GLU K 243 59.43 -3.90 -31.58
N ARG K 244 59.50 -2.59 -31.78
CA ARG K 244 58.56 -1.70 -31.10
C ARG K 244 57.17 -1.81 -31.70
N HIS K 245 57.07 -1.93 -33.02
CA HIS K 245 55.83 -1.61 -33.69
C HIS K 245 55.13 -2.79 -34.36
N VAL K 246 55.85 -3.86 -34.69
CA VAL K 246 55.22 -4.96 -35.41
C VAL K 246 54.22 -5.65 -34.49
N THR K 247 53.08 -6.05 -35.05
CA THR K 247 51.93 -6.49 -34.25
C THR K 247 51.87 -7.98 -34.02
N ASN K 248 52.80 -8.78 -34.53
CA ASN K 248 52.70 -10.23 -34.37
C ASN K 248 54.02 -10.78 -33.83
N PRO K 249 53.96 -11.70 -32.86
CA PRO K 249 55.22 -12.23 -32.30
C PRO K 249 56.11 -12.88 -33.34
N ILE K 250 55.55 -13.75 -34.18
CA ILE K 250 56.36 -14.45 -35.17
C ILE K 250 56.91 -13.47 -36.19
N LEU K 251 56.08 -12.52 -36.62
CA LEU K 251 56.57 -11.51 -37.55
C LEU K 251 57.74 -10.73 -36.95
N ALA K 252 57.60 -10.30 -35.70
CA ALA K 252 58.69 -9.56 -35.06
C ALA K 252 59.93 -10.43 -34.93
N ALA K 253 59.76 -11.69 -34.52
CA ALA K 253 60.89 -12.57 -34.35
C ALA K 253 61.65 -12.75 -35.66
N THR K 254 60.92 -13.02 -36.74
CA THR K 254 61.57 -13.19 -38.03
C THR K 254 62.24 -11.89 -38.47
N VAL K 255 61.58 -10.75 -38.26
CA VAL K 255 62.17 -9.48 -38.67
C VAL K 255 63.49 -9.24 -37.94
N VAL K 256 63.48 -9.38 -36.61
CA VAL K 256 64.68 -9.10 -35.85
C VAL K 256 65.74 -10.15 -36.14
N ALA K 257 65.34 -11.38 -36.41
CA ALA K 257 66.32 -12.40 -36.78
C ALA K 257 67.00 -12.04 -38.09
N LEU K 258 66.23 -11.56 -39.07
CA LEU K 258 66.83 -11.11 -40.32
C LEU K 258 67.79 -9.96 -40.07
N ALA K 259 67.36 -8.99 -39.27
CA ALA K 259 68.21 -7.84 -38.99
C ALA K 259 69.51 -8.30 -38.32
N GLU K 260 69.39 -9.17 -37.33
CA GLU K 260 70.58 -9.66 -36.63
C GLU K 260 71.50 -10.42 -37.55
N VAL K 261 70.94 -11.29 -38.40
CA VAL K 261 71.78 -12.07 -39.31
C VAL K 261 72.53 -11.15 -40.24
N LEU K 262 71.83 -10.18 -40.84
CA LEU K 262 72.48 -9.30 -41.80
C LEU K 262 73.52 -8.41 -41.12
N SER K 263 73.24 -7.94 -39.91
CA SER K 263 74.23 -7.15 -39.18
C SER K 263 75.44 -8.00 -38.80
N ALA K 264 75.21 -9.27 -38.47
CA ALA K 264 76.32 -10.17 -38.23
C ALA K 264 77.15 -10.35 -39.50
N VAL K 265 76.49 -10.40 -40.66
CA VAL K 265 77.22 -10.44 -41.91
C VAL K 265 78.07 -9.19 -42.07
N VAL K 266 77.50 -8.03 -41.76
CA VAL K 266 78.26 -6.79 -41.83
C VAL K 266 79.51 -6.89 -40.96
N ARG K 267 79.35 -7.36 -39.73
CA ARG K 267 80.50 -7.58 -38.87
C ARG K 267 81.48 -8.56 -39.49
N ALA K 268 80.98 -9.65 -40.07
CA ALA K 268 81.85 -10.63 -40.72
C ALA K 268 82.65 -10.00 -41.85
N ARG K 269 82.15 -8.91 -42.42
CA ARG K 269 82.88 -8.20 -43.45
C ARG K 269 84.20 -7.62 -42.94
N SER K 270 84.42 -7.63 -41.62
CA SER K 270 85.54 -6.88 -41.05
C SER K 270 86.87 -7.31 -41.62
N TYR K 271 87.11 -8.62 -41.74
CA TYR K 271 88.45 -9.12 -42.03
C TYR K 271 88.45 -10.22 -43.07
N GLY K 272 87.49 -10.20 -43.99
CA GLY K 272 87.54 -11.10 -45.13
C GLY K 272 87.14 -12.53 -44.82
N ALA K 273 86.33 -12.76 -43.80
CA ALA K 273 85.94 -14.12 -43.46
C ALA K 273 85.09 -14.73 -44.58
N PRO K 274 85.23 -16.03 -44.83
CA PRO K 274 84.41 -16.69 -45.85
C PRO K 274 82.94 -16.25 -45.84
N GLU K 275 82.38 -16.11 -47.04
CA GLU K 275 80.99 -15.69 -47.21
C GLU K 275 80.01 -16.84 -47.00
N GLU K 276 80.46 -18.09 -47.14
CA GLU K 276 79.56 -19.22 -46.97
C GLU K 276 78.94 -19.23 -45.58
N VAL K 277 79.60 -18.61 -44.60
CA VAL K 277 78.97 -18.46 -43.29
C VAL K 277 77.71 -17.61 -43.40
N GLY K 278 77.80 -16.50 -44.13
CA GLY K 278 76.61 -15.71 -44.38
C GLY K 278 75.56 -16.50 -45.13
N GLU K 279 75.99 -17.32 -46.09
CA GLU K 279 75.05 -18.18 -46.79
C GLU K 279 74.31 -19.09 -45.82
N LYS K 280 75.05 -19.71 -44.89
CA LYS K 280 74.44 -20.61 -43.93
C LYS K 280 73.49 -19.87 -43.00
N ALA K 281 73.87 -18.68 -42.55
CA ALA K 281 72.99 -17.91 -41.68
C ALA K 281 71.70 -17.54 -42.41
N VAL K 282 71.81 -17.13 -43.67
CA VAL K 282 70.62 -16.81 -44.45
C VAL K 282 69.74 -18.03 -44.58
N LYS K 283 70.35 -19.18 -44.88
CA LYS K 283 69.56 -20.41 -44.99
C LYS K 283 68.85 -20.72 -43.68
N GLU K 284 69.55 -20.58 -42.56
CA GLU K 284 68.93 -20.84 -41.27
C GLU K 284 67.73 -19.93 -41.07
N VAL K 285 67.92 -18.63 -41.28
CA VAL K 285 66.82 -17.68 -41.06
C VAL K 285 65.63 -18.02 -41.94
N ARG K 286 65.89 -18.28 -43.23
CA ARG K 286 64.78 -18.51 -44.16
C ARG K 286 64.05 -19.81 -43.85
N GLU K 287 64.79 -20.89 -43.62
CA GLU K 287 64.15 -22.15 -43.29
C GLU K 287 63.34 -22.03 -42.00
N ALA K 288 63.92 -21.39 -40.98
CA ALA K 288 63.19 -21.22 -39.73
C ALA K 288 61.93 -20.40 -39.94
N SER K 289 62.02 -19.34 -40.75
CA SER K 289 60.84 -18.51 -40.98
C SER K 289 59.75 -19.30 -41.69
N GLU K 290 60.13 -20.08 -42.71
CA GLU K 290 59.13 -20.87 -43.42
C GLU K 290 58.51 -21.91 -42.51
N GLU K 291 59.32 -22.59 -41.70
CA GLU K 291 58.79 -23.58 -40.78
C GLU K 291 57.86 -22.94 -39.76
N ALA K 292 58.25 -21.78 -39.23
CA ALA K 292 57.41 -21.09 -38.26
C ALA K 292 56.08 -20.66 -38.88
N LEU K 293 56.13 -20.15 -40.11
CA LEU K 293 54.88 -19.80 -40.78
C LEU K 293 54.01 -21.03 -40.97
N GLU K 294 54.60 -22.15 -41.37
CA GLU K 294 53.83 -23.37 -41.54
C GLU K 294 53.20 -23.82 -40.23
N ARG K 295 53.96 -23.79 -39.15
CA ARG K 295 53.42 -24.16 -37.84
C ARG K 295 52.30 -23.21 -37.42
N TYR K 296 52.47 -21.91 -37.67
CA TYR K 296 51.44 -20.95 -37.32
C TYR K 296 50.16 -21.22 -38.11
N LYS K 297 50.30 -21.59 -39.38
CA LYS K 297 49.15 -22.06 -40.14
C LYS K 297 48.53 -23.29 -39.47
N GLU K 298 49.36 -24.13 -38.84
CA GLU K 298 48.90 -25.30 -38.12
C GLU K 298 48.37 -24.97 -36.72
N GLY K 299 48.43 -23.70 -36.31
CA GLY K 299 47.96 -23.33 -34.99
C GLY K 299 48.91 -23.65 -33.85
N ALA K 300 50.19 -23.87 -34.16
CA ALA K 300 51.15 -24.19 -33.12
C ALA K 300 51.41 -22.98 -32.23
N ASP K 301 51.88 -23.24 -31.01
CA ASP K 301 52.17 -22.18 -30.06
C ASP K 301 53.32 -21.32 -30.58
N GLU K 302 53.06 -20.02 -30.72
CA GLU K 302 54.09 -19.11 -31.23
C GLU K 302 55.32 -19.08 -30.34
N SER K 303 55.19 -19.47 -29.07
CA SER K 303 56.35 -19.47 -28.19
C SER K 303 57.42 -20.42 -28.71
N GLU K 304 57.03 -21.61 -29.15
CA GLU K 304 58.00 -22.56 -29.68
C GLU K 304 58.68 -22.03 -30.93
N LEU K 305 57.91 -21.41 -31.82
CA LEU K 305 58.50 -20.85 -33.03
C LEU K 305 59.49 -19.73 -32.68
N VAL K 306 59.11 -18.86 -31.74
CA VAL K 306 60.02 -17.80 -31.33
C VAL K 306 61.30 -18.38 -30.78
N ALA K 307 61.19 -19.38 -29.91
CA ALA K 307 62.38 -19.98 -29.32
C ALA K 307 63.25 -20.61 -30.39
N GLU K 308 62.66 -21.31 -31.35
CA GLU K 308 63.44 -21.92 -32.42
C GLU K 308 64.19 -20.85 -33.22
N VAL K 309 63.48 -19.79 -33.60
CA VAL K 309 64.09 -18.75 -34.41
C VAL K 309 65.24 -18.10 -33.65
N MET K 310 65.02 -17.78 -32.39
CA MET K 310 66.07 -17.15 -31.59
C MET K 310 67.26 -18.08 -31.43
N THR K 311 67.00 -19.37 -31.21
CA THR K 311 68.10 -20.32 -31.07
C THR K 311 68.95 -20.33 -32.35
N ALA K 312 68.29 -20.41 -33.49
CA ALA K 312 69.02 -20.40 -34.76
C ALA K 312 69.79 -19.11 -34.93
N THR K 313 69.18 -17.98 -34.60
CA THR K 313 69.84 -16.69 -34.76
C THR K 313 71.11 -16.62 -33.91
N ALA K 314 70.99 -16.98 -32.63
CA ALA K 314 72.15 -16.96 -31.75
C ALA K 314 73.24 -17.90 -32.26
N GLU K 315 72.85 -19.12 -32.64
CA GLU K 315 73.83 -20.07 -33.14
C GLU K 315 74.56 -19.52 -34.36
N ALA K 316 73.82 -18.92 -35.29
CA ALA K 316 74.43 -18.40 -36.51
C ALA K 316 75.38 -17.26 -36.19
N VAL K 317 74.95 -16.33 -35.33
CA VAL K 317 75.82 -15.23 -34.95
C VAL K 317 77.11 -15.78 -34.34
N GLY K 318 76.98 -16.77 -33.46
CA GLY K 318 78.16 -17.33 -32.82
C GLY K 318 79.09 -18.00 -33.81
N GLU K 319 78.54 -18.81 -34.72
CA GLU K 319 79.36 -19.51 -35.68
C GLU K 319 80.11 -18.53 -36.57
N ILE K 320 79.41 -17.49 -37.05
CA ILE K 320 80.04 -16.49 -37.89
C ILE K 320 81.15 -15.78 -37.11
N ALA K 321 80.87 -15.42 -35.85
CA ALA K 321 81.88 -14.74 -35.06
C ALA K 321 83.10 -15.62 -34.84
N GLU K 322 82.89 -16.90 -34.60
CA GLU K 322 84.03 -17.81 -34.40
C GLU K 322 84.87 -17.91 -35.68
N ALA K 323 84.21 -18.12 -36.81
CA ALA K 323 84.94 -18.18 -38.07
C ALA K 323 85.74 -16.90 -38.27
N THR K 324 85.15 -15.74 -37.96
CA THR K 324 85.90 -14.50 -38.01
C THR K 324 87.10 -14.55 -37.05
N ILE K 325 86.88 -15.09 -35.85
CA ILE K 325 87.95 -15.18 -34.86
C ILE K 325 89.11 -16.00 -35.39
N GLU K 326 88.84 -16.90 -36.33
CA GLU K 326 89.90 -17.70 -36.93
C GLU K 326 90.72 -16.94 -37.97
N ALA K 327 90.29 -15.73 -38.35
CA ALA K 327 90.83 -15.09 -39.55
C ALA K 327 92.22 -14.52 -39.37
N THR K 328 92.72 -14.34 -38.15
CA THR K 328 94.00 -13.67 -37.97
C THR K 328 94.69 -14.20 -36.72
N ASP K 329 96.02 -14.04 -36.70
CA ASP K 329 96.82 -14.43 -35.55
C ASP K 329 96.99 -13.31 -34.52
N ASP K 330 96.62 -12.08 -34.86
CA ASP K 330 96.86 -10.95 -33.97
C ASP K 330 96.04 -11.11 -32.69
N PRO K 331 96.67 -11.08 -31.51
CA PRO K 331 95.88 -11.28 -30.28
C PRO K 331 94.91 -10.14 -30.01
N GLU K 332 95.35 -8.89 -30.18
CA GLU K 332 94.45 -7.77 -29.97
C GLU K 332 93.23 -7.86 -30.88
N LYS K 333 93.45 -8.32 -32.12
CA LYS K 333 92.35 -8.50 -33.04
C LYS K 333 91.36 -9.54 -32.52
N ARG K 334 91.87 -10.68 -32.06
CA ARG K 334 90.99 -11.71 -31.53
C ARG K 334 90.19 -11.16 -30.36
N ARG K 335 90.85 -10.43 -29.46
CA ARG K 335 90.19 -9.94 -28.26
C ARG K 335 89.09 -8.94 -28.61
N LYS K 336 89.39 -8.02 -29.55
CA LYS K 336 88.37 -7.07 -29.97
C LYS K 336 87.19 -7.79 -30.61
N ILE K 337 87.48 -8.75 -31.49
CA ILE K 337 86.41 -9.53 -32.12
C ILE K 337 85.56 -10.20 -31.05
N ALA K 338 86.22 -10.75 -30.02
CA ALA K 338 85.51 -11.47 -28.99
C ALA K 338 84.61 -10.56 -28.17
N GLU K 339 85.09 -9.36 -27.85
CA GLU K 339 84.23 -8.44 -27.11
C GLU K 339 83.04 -7.99 -27.95
N PHE K 340 83.26 -7.78 -29.25
CA PHE K 340 82.13 -7.48 -30.14
C PHE K 340 81.15 -8.65 -30.16
N ALA K 341 81.66 -9.88 -30.19
CA ALA K 341 80.80 -11.05 -30.19
C ALA K 341 79.98 -11.10 -28.91
N ARG K 342 80.60 -10.79 -27.78
CA ARG K 342 79.88 -10.76 -26.51
C ARG K 342 78.77 -9.72 -26.54
N GLU K 343 79.06 -8.54 -27.10
CA GLU K 343 78.03 -7.52 -27.23
C GLU K 343 76.86 -8.04 -28.05
N LYS K 344 77.14 -8.66 -29.20
CA LYS K 344 76.08 -9.20 -30.03
C LYS K 344 75.28 -10.27 -29.28
N MET K 345 75.98 -11.12 -28.53
CA MET K 345 75.31 -12.17 -27.78
C MET K 345 74.32 -11.57 -26.80
N ARG K 346 74.74 -10.56 -26.04
CA ARG K 346 73.81 -9.95 -25.09
C ARG K 346 72.69 -9.21 -25.81
N ARG K 347 72.94 -8.67 -26.99
CA ARG K 347 71.84 -8.07 -27.75
C ARG K 347 70.77 -9.10 -28.07
N ILE K 348 71.18 -10.25 -28.61
CA ILE K 348 70.22 -11.28 -28.96
C ILE K 348 69.51 -11.77 -27.71
N ARG K 349 70.25 -11.95 -26.61
CA ARG K 349 69.67 -12.38 -25.36
C ARG K 349 68.58 -11.42 -24.90
N GLU K 350 68.89 -10.12 -24.92
CA GLU K 350 67.94 -9.12 -24.45
C GLU K 350 66.67 -9.14 -25.30
N LEU K 351 66.82 -9.20 -26.63
CA LEU K 351 65.63 -9.25 -27.47
C LEU K 351 64.81 -10.50 -27.20
N ALA K 352 65.48 -11.65 -27.06
CA ALA K 352 64.78 -12.90 -26.84
C ALA K 352 63.97 -12.86 -25.55
N ARG K 353 64.53 -12.27 -24.49
CA ARG K 353 63.78 -12.22 -23.23
C ARG K 353 62.43 -11.57 -23.43
N LYS K 354 62.37 -10.50 -24.21
CA LYS K 354 61.10 -9.82 -24.44
C LYS K 354 60.18 -10.62 -25.34
N LEU K 355 60.71 -11.23 -26.40
CA LEU K 355 59.81 -11.89 -27.36
C LEU K 355 59.17 -13.15 -26.78
N VAL K 356 59.94 -13.98 -26.08
CA VAL K 356 59.47 -15.32 -25.71
C VAL K 356 58.53 -15.21 -24.53
N GLU K 357 57.30 -15.74 -24.69
CA GLU K 357 56.33 -15.72 -23.61
C GLU K 357 56.47 -16.92 -22.67
N ASP K 358 56.88 -18.08 -23.17
CA ASP K 358 56.98 -19.27 -22.33
C ASP K 358 58.21 -19.14 -21.43
N PRO K 359 58.05 -19.22 -20.11
CA PRO K 359 59.21 -18.96 -19.24
C PRO K 359 60.29 -20.02 -19.33
N VAL K 360 59.92 -21.30 -19.44
CA VAL K 360 60.94 -22.35 -19.50
C VAL K 360 61.76 -22.22 -20.78
N LEU K 361 61.08 -22.04 -21.92
CA LEU K 361 61.80 -21.89 -23.17
C LEU K 361 62.65 -20.62 -23.15
N ALA K 362 62.13 -19.53 -22.58
CA ALA K 362 62.90 -18.31 -22.48
C ALA K 362 64.18 -18.53 -21.68
N ALA K 363 64.05 -19.17 -20.52
CA ALA K 363 65.22 -19.45 -19.70
C ALA K 363 66.22 -20.33 -20.46
N ALA K 364 65.72 -21.31 -21.20
CA ALA K 364 66.61 -22.17 -21.97
C ALA K 364 67.36 -21.36 -23.03
N VAL K 365 66.65 -20.46 -23.71
CA VAL K 365 67.30 -19.60 -24.72
C VAL K 365 68.38 -18.76 -24.07
N ALA K 366 68.08 -18.18 -22.90
CA ALA K 366 69.06 -17.35 -22.22
C ALA K 366 70.29 -18.16 -21.83
N ALA K 367 70.08 -19.36 -21.27
CA ALA K 367 71.20 -20.19 -20.89
C ALA K 367 72.05 -20.55 -22.11
N ARG K 368 71.39 -20.93 -23.21
CA ARG K 368 72.09 -21.25 -24.43
C ARG K 368 72.95 -20.07 -24.86
N ALA K 369 72.36 -18.88 -24.84
CA ALA K 369 73.10 -17.69 -25.25
C ALA K 369 74.31 -17.46 -24.36
N LEU K 370 74.14 -17.55 -23.05
CA LEU K 370 75.26 -17.32 -22.13
C LEU K 370 76.37 -18.32 -22.38
N VAL K 371 76.03 -19.61 -22.47
CA VAL K 371 77.04 -20.64 -22.64
C VAL K 371 77.78 -20.42 -23.94
N LEU K 372 77.04 -20.17 -25.02
CA LEU K 372 77.66 -19.95 -26.32
C LEU K 372 78.56 -18.71 -26.28
N SER K 373 78.11 -17.64 -25.61
CA SER K 373 78.95 -16.45 -25.52
C SER K 373 80.27 -16.75 -24.84
N ALA K 374 80.21 -17.43 -23.69
CA ALA K 374 81.43 -17.74 -22.96
C ALA K 374 82.36 -18.61 -23.81
N ALA K 375 81.80 -19.63 -24.45
CA ALA K 375 82.62 -20.52 -25.27
C ALA K 375 83.23 -19.77 -26.43
N VAL K 376 82.46 -18.91 -27.08
CA VAL K 376 82.97 -18.16 -28.22
C VAL K 376 84.11 -17.25 -27.78
N PHE K 377 83.94 -16.58 -26.65
CA PHE K 377 85.02 -15.72 -26.15
C PHE K 377 86.26 -16.55 -25.86
N ALA K 378 86.09 -17.73 -25.27
CA ALA K 378 87.26 -18.48 -24.81
C ALA K 378 88.22 -18.78 -25.94
N LYS K 379 87.75 -18.74 -27.19
CA LYS K 379 88.65 -18.91 -28.32
C LYS K 379 89.82 -17.93 -28.28
N ALA K 380 89.60 -16.74 -27.74
CA ALA K 380 90.55 -15.66 -27.92
C ALA K 380 91.93 -15.99 -27.38
N TYR K 381 92.04 -16.95 -26.46
CA TYR K 381 93.32 -17.29 -25.86
C TYR K 381 93.85 -18.65 -26.28
N GLY K 382 93.16 -19.35 -27.18
CA GLY K 382 93.74 -20.50 -27.85
C GLY K 382 93.76 -21.80 -27.08
N GLY K 383 92.93 -21.95 -26.05
CA GLY K 383 92.85 -23.21 -25.33
C GLY K 383 92.24 -24.30 -26.19
N PRO K 384 92.52 -25.56 -25.86
CA PRO K 384 91.95 -26.68 -26.64
C PRO K 384 90.44 -26.58 -26.78
N GLU K 385 89.96 -26.63 -28.03
CA GLU K 385 88.52 -26.47 -28.28
C GLU K 385 87.71 -27.67 -27.80
N GLU K 386 88.35 -28.81 -27.53
CA GLU K 386 87.60 -29.98 -27.11
C GLU K 386 86.87 -29.73 -25.79
N TYR K 387 87.53 -29.06 -24.85
CA TYR K 387 86.90 -28.80 -23.56
C TYR K 387 85.65 -27.94 -23.73
N SER K 388 85.79 -26.85 -24.49
CA SER K 388 84.65 -25.97 -24.74
C SER K 388 83.54 -26.70 -25.46
N ARG K 389 83.90 -27.55 -26.43
CA ARG K 389 82.89 -28.32 -27.14
C ARG K 389 82.12 -29.21 -26.17
N LEU K 390 82.83 -29.87 -25.26
CA LEU K 390 82.15 -30.71 -24.27
C LEU K 390 81.20 -29.87 -23.42
N MET K 391 81.64 -28.68 -23.01
CA MET K 391 80.76 -27.85 -22.19
C MET K 391 79.52 -27.43 -22.96
N ARG K 392 79.69 -27.07 -24.23
CA ARG K 392 78.54 -26.71 -25.05
C ARG K 392 77.59 -27.89 -25.17
N ARG K 393 78.15 -29.09 -25.35
CA ARG K 393 77.32 -30.29 -25.41
C ARG K 393 76.51 -30.46 -24.14
N TRP K 394 77.14 -30.26 -22.98
CA TRP K 394 76.41 -30.36 -21.73
C TRP K 394 75.27 -29.36 -21.67
N VAL K 395 75.53 -28.11 -22.07
CA VAL K 395 74.47 -27.11 -22.06
C VAL K 395 73.34 -27.55 -22.95
N GLU K 396 73.67 -28.04 -24.15
CA GLU K 396 72.63 -28.48 -25.07
C GLU K 396 71.83 -29.64 -24.51
N LYS K 397 72.52 -30.59 -23.85
CA LYS K 397 71.82 -31.73 -23.28
C LYS K 397 70.85 -31.29 -22.19
N ALA K 398 71.28 -30.36 -21.35
CA ALA K 398 70.38 -29.84 -20.32
C ALA K 398 69.17 -29.16 -20.97
N ALA K 399 69.40 -28.39 -22.03
CA ALA K 399 68.28 -27.77 -22.73
C ALA K 399 67.34 -28.81 -23.29
N GLU K 400 67.89 -29.89 -23.88
CA GLU K 400 67.05 -30.94 -24.43
C GLU K 400 66.20 -31.57 -23.36
N LEU K 401 66.80 -31.87 -22.20
CA LEU K 401 66.03 -32.43 -21.09
C LEU K 401 64.93 -31.47 -20.67
N ALA K 402 65.25 -30.18 -20.58
CA ALA K 402 64.24 -29.21 -20.16
C ALA K 402 63.09 -29.15 -21.14
N ARG K 403 63.39 -29.15 -22.44
CA ARG K 403 62.32 -29.11 -23.44
C ARG K 403 61.47 -30.38 -23.36
N ARG K 404 62.11 -31.54 -23.18
CA ARG K 404 61.38 -32.78 -23.05
C ARG K 404 60.44 -32.73 -21.85
N ALA K 405 60.93 -32.23 -20.72
CA ALA K 405 60.09 -32.14 -19.53
C ALA K 405 58.96 -31.13 -19.73
N ARG K 406 59.22 -30.02 -20.40
CA ARG K 406 58.16 -29.08 -20.70
C ARG K 406 57.06 -29.75 -21.52
N ARG K 407 57.46 -30.55 -22.51
CA ARG K 407 56.49 -31.35 -23.23
C ARG K 407 55.72 -32.28 -22.30
N LEU K 408 56.38 -32.78 -21.25
CA LEU K 408 55.73 -33.65 -20.28
C LEU K 408 54.76 -32.89 -19.36
N GLY K 409 54.76 -31.56 -19.39
CA GLY K 409 53.88 -30.81 -18.53
C GLY K 409 54.37 -30.62 -17.11
N ALA K 410 55.67 -30.59 -16.90
CA ALA K 410 56.23 -30.44 -15.56
C ALA K 410 56.03 -29.01 -15.04
N ASP K 411 56.26 -28.85 -13.74
CA ASP K 411 56.17 -27.54 -13.11
C ASP K 411 57.36 -26.68 -13.51
N GLU K 412 57.09 -25.48 -14.03
CA GLU K 412 58.13 -24.66 -14.63
C GLU K 412 59.20 -24.24 -13.65
N SER K 413 58.90 -24.19 -12.35
CA SER K 413 59.88 -23.67 -11.39
C SER K 413 61.12 -24.56 -11.33
N VAL K 414 60.92 -25.88 -11.19
CA VAL K 414 62.05 -26.79 -11.11
C VAL K 414 62.84 -26.75 -12.40
N LEU K 415 62.17 -26.61 -13.54
CA LEU K 415 62.88 -26.57 -14.81
C LEU K 415 63.73 -25.31 -14.92
N VAL K 416 63.19 -24.17 -14.50
CA VAL K 416 63.99 -22.95 -14.52
C VAL K 416 65.21 -23.11 -13.63
N ALA K 417 65.01 -23.69 -12.45
CA ALA K 417 66.14 -23.93 -11.57
C ALA K 417 67.19 -24.79 -12.25
N ALA K 418 66.76 -25.87 -12.89
CA ALA K 418 67.71 -26.76 -13.55
C ALA K 418 68.51 -26.00 -14.61
N LEU K 419 67.80 -25.29 -15.50
CA LEU K 419 68.47 -24.63 -16.61
C LEU K 419 69.49 -23.61 -16.09
N MET K 420 69.08 -22.77 -15.14
CA MET K 420 70.00 -21.71 -14.73
C MET K 420 71.14 -22.25 -13.88
N ARG K 421 70.90 -23.27 -13.06
CA ARG K 421 71.99 -23.91 -12.36
C ARG K 421 73.05 -24.42 -13.34
N VAL K 422 72.59 -25.11 -14.39
CA VAL K 422 73.54 -25.59 -15.39
C VAL K 422 74.29 -24.42 -16.00
N ALA K 423 73.57 -23.34 -16.33
CA ALA K 423 74.23 -22.18 -16.94
C ALA K 423 75.33 -21.64 -16.05
N ALA K 424 75.03 -21.47 -14.76
CA ALA K 424 76.02 -20.92 -13.84
C ALA K 424 77.24 -21.83 -13.74
N ILE K 425 77.01 -23.12 -13.50
CA ILE K 425 78.11 -24.05 -13.36
C ILE K 425 78.98 -24.03 -14.61
N ALA K 426 78.35 -24.06 -15.79
CA ALA K 426 79.10 -24.11 -17.03
C ALA K 426 79.92 -22.84 -17.23
N VAL K 427 79.29 -21.68 -17.04
CA VAL K 427 79.99 -20.43 -17.27
C VAL K 427 81.20 -20.31 -16.36
N THR K 428 81.00 -20.59 -15.08
CA THR K 428 82.11 -20.48 -14.14
C THR K 428 83.19 -21.52 -14.45
N ALA K 429 82.81 -22.71 -14.89
CA ALA K 429 83.82 -23.71 -15.24
C ALA K 429 84.67 -23.23 -16.42
N ILE K 430 84.02 -22.70 -17.46
CA ILE K 430 84.76 -22.23 -18.62
C ILE K 430 85.70 -21.11 -18.22
N ALA K 431 85.21 -20.17 -17.42
CA ALA K 431 86.05 -19.07 -16.97
C ALA K 431 87.23 -19.58 -16.17
N MET K 432 86.99 -20.53 -15.26
CA MET K 432 88.07 -21.06 -14.45
C MET K 432 89.14 -21.70 -15.32
N MET K 433 88.73 -22.48 -16.30
CA MET K 433 89.69 -23.11 -17.19
C MET K 433 90.50 -22.06 -17.94
N THR K 434 89.82 -21.04 -18.47
CA THR K 434 90.54 -19.97 -19.16
C THR K 434 91.54 -19.31 -18.23
N VAL K 435 91.15 -19.09 -16.97
CA VAL K 435 92.02 -18.39 -16.03
C VAL K 435 93.28 -19.19 -15.78
N MET K 436 93.14 -20.49 -15.50
CA MET K 436 94.35 -21.29 -15.30
C MET K 436 95.16 -21.41 -16.58
N GLY K 437 94.50 -21.37 -17.74
CA GLY K 437 95.24 -21.35 -18.99
C GLY K 437 96.12 -20.13 -19.10
N VAL K 438 95.57 -18.96 -18.78
CA VAL K 438 96.37 -17.74 -18.82
C VAL K 438 97.53 -17.83 -17.83
N GLN K 439 97.29 -18.44 -16.67
CA GLN K 439 98.33 -18.60 -15.67
C GLN K 439 99.42 -19.57 -16.10
N ASN K 440 99.24 -20.27 -17.21
CA ASN K 440 100.23 -21.23 -17.71
C ASN K 440 100.36 -22.43 -16.77
N ALA K 441 99.21 -22.94 -16.31
CA ALA K 441 99.21 -24.11 -15.44
C ALA K 441 99.55 -25.37 -16.24
N PRO K 442 100.08 -26.40 -15.57
CA PRO K 442 100.38 -27.64 -16.27
C PRO K 442 99.10 -28.40 -16.60
N PRO K 443 99.10 -29.20 -17.67
CA PRO K 443 97.86 -29.90 -18.04
C PRO K 443 97.37 -30.89 -17.01
N GLU K 444 98.28 -31.53 -16.26
CA GLU K 444 97.84 -32.45 -15.22
C GLU K 444 96.99 -31.73 -14.19
N GLU K 445 97.22 -30.43 -14.00
CA GLU K 445 96.37 -29.64 -13.11
C GLU K 445 95.12 -29.16 -13.82
N ARG K 446 95.27 -28.62 -15.03
CA ARG K 446 94.14 -27.99 -15.71
C ARG K 446 93.01 -28.99 -15.95
N GLU K 447 93.35 -30.23 -16.28
CA GLU K 447 92.30 -31.21 -16.58
C GLU K 447 91.35 -31.39 -15.41
N ARG K 448 91.83 -31.18 -14.18
CA ARG K 448 91.04 -31.47 -13.00
C ARG K 448 89.72 -30.70 -13.01
N ILE K 449 89.70 -29.51 -13.60
CA ILE K 449 88.47 -28.73 -13.60
C ILE K 449 87.35 -29.49 -14.29
N LEU K 450 87.66 -30.15 -15.41
CA LEU K 450 86.60 -30.79 -16.18
C LEU K 450 85.90 -31.85 -15.35
N ALA K 451 86.66 -32.64 -14.60
CA ALA K 451 86.03 -33.60 -13.70
C ALA K 451 85.15 -32.87 -12.68
N GLU K 452 85.69 -31.81 -12.08
CA GLU K 452 84.90 -31.05 -11.11
C GLU K 452 83.62 -30.50 -11.72
N ALA K 453 83.71 -29.97 -12.94
CA ALA K 453 82.54 -29.39 -13.58
C ALA K 453 81.51 -30.46 -13.94
N THR K 454 81.95 -31.51 -14.62
CA THR K 454 81.00 -32.52 -15.09
C THR K 454 80.32 -33.25 -13.94
N GLU K 455 81.03 -33.47 -12.84
CA GLU K 455 80.39 -34.09 -11.68
C GLU K 455 79.22 -33.24 -11.19
N MET K 456 79.48 -31.96 -10.93
CA MET K 456 78.43 -31.07 -10.47
C MET K 456 77.31 -30.97 -11.50
N ILE K 457 77.67 -30.82 -12.77
CA ILE K 457 76.66 -30.66 -13.82
C ILE K 457 75.77 -31.90 -13.87
N ALA K 458 76.38 -33.08 -13.89
CA ALA K 458 75.59 -34.31 -13.95
C ALA K 458 74.71 -34.44 -12.72
N ARG K 459 75.29 -34.31 -11.53
CA ARG K 459 74.51 -34.44 -10.31
C ARG K 459 73.43 -33.37 -10.23
N VAL K 460 73.73 -32.17 -10.75
CA VAL K 460 72.73 -31.11 -10.79
C VAL K 460 71.58 -31.50 -11.70
N LEU K 461 71.90 -31.99 -12.90
CA LEU K 461 70.85 -32.43 -13.81
C LEU K 461 70.10 -33.63 -13.27
N ALA K 462 70.82 -34.57 -12.65
CA ALA K 462 70.16 -35.75 -12.10
C ALA K 462 69.17 -35.36 -11.01
N GLU K 463 69.58 -34.48 -10.10
CA GLU K 463 68.69 -34.08 -9.02
C GLU K 463 67.40 -33.50 -9.57
N ALA K 464 67.48 -32.72 -10.64
CA ALA K 464 66.28 -32.16 -11.25
C ALA K 464 65.37 -33.26 -11.75
N THR K 465 65.92 -34.24 -12.47
CA THR K 465 65.11 -35.34 -12.97
C THR K 465 64.38 -36.04 -11.84
N ARG K 466 65.09 -36.31 -10.75
CA ARG K 466 64.48 -36.97 -9.60
C ARG K 466 63.29 -36.17 -9.09
N ARG K 467 63.45 -34.85 -8.96
CA ARG K 467 62.38 -34.03 -8.43
C ARG K 467 61.16 -34.04 -9.34
N VAL K 468 61.38 -33.84 -10.64
CA VAL K 468 60.25 -33.75 -11.57
C VAL K 468 59.52 -35.08 -11.63
N MET K 469 60.27 -36.18 -11.71
CA MET K 469 59.65 -37.50 -11.87
C MET K 469 58.67 -37.79 -10.74
N LYS K 470 59.00 -37.36 -9.52
CA LYS K 470 58.15 -37.65 -8.38
C LYS K 470 56.76 -37.03 -8.52
N ARG K 471 56.68 -35.89 -9.22
CA ARG K 471 55.42 -35.16 -9.34
C ARG K 471 54.51 -35.74 -10.43
N LEU K 472 55.08 -36.43 -11.42
CA LEU K 472 54.30 -36.92 -12.54
C LEU K 472 53.39 -38.07 -12.09
N GLU K 473 52.51 -38.50 -13.00
CA GLU K 473 51.63 -39.63 -12.74
C GLU K 473 51.55 -40.64 -13.89
N ASP K 474 52.00 -40.31 -15.09
CA ASP K 474 51.94 -41.26 -16.20
C ASP K 474 53.05 -42.29 -16.07
N PRO K 475 52.74 -43.58 -15.97
CA PRO K 475 53.81 -44.57 -15.71
C PRO K 475 54.78 -44.69 -16.86
N GLU K 476 54.28 -44.87 -18.09
CA GLU K 476 55.15 -45.00 -19.24
C GLU K 476 55.99 -43.74 -19.41
N ALA K 477 55.39 -42.57 -19.19
CA ALA K 477 56.13 -41.33 -19.29
C ALA K 477 57.24 -41.25 -18.24
N ALA K 478 56.96 -41.69 -17.02
CA ALA K 478 57.99 -41.69 -15.99
C ALA K 478 59.14 -42.59 -16.38
N ALA K 479 58.83 -43.79 -16.88
CA ALA K 479 59.90 -44.69 -17.33
C ALA K 479 60.68 -44.07 -18.49
N GLU K 480 59.98 -43.39 -19.39
CA GLU K 480 60.64 -42.72 -20.50
C GLU K 480 61.61 -41.66 -20.01
N LEU K 481 61.20 -40.87 -19.01
CA LEU K 481 62.10 -39.86 -18.46
C LEU K 481 63.33 -40.53 -17.85
N ALA K 482 63.12 -41.60 -17.08
CA ALA K 482 64.25 -42.28 -16.47
C ALA K 482 65.23 -42.75 -17.54
N LEU K 483 64.73 -43.42 -18.57
CA LEU K 483 65.59 -43.94 -19.62
C LEU K 483 66.30 -42.81 -20.36
N ALA K 484 65.57 -41.72 -20.63
CA ALA K 484 66.16 -40.61 -21.39
C ALA K 484 67.33 -40.01 -20.63
N THR K 485 67.12 -39.65 -19.37
CA THR K 485 68.21 -39.04 -18.62
C THR K 485 69.35 -40.02 -18.38
N ILE K 486 69.05 -41.31 -18.20
CA ILE K 486 70.11 -42.30 -18.06
C ILE K 486 70.99 -42.30 -19.31
N GLU K 487 70.35 -42.35 -20.48
CA GLU K 487 71.12 -42.33 -21.73
C GLU K 487 71.93 -41.04 -21.83
N ALA K 488 71.32 -39.92 -21.48
CA ALA K 488 72.00 -38.63 -21.64
C ALA K 488 73.28 -38.59 -20.82
N ILE K 489 73.17 -38.84 -19.51
CA ILE K 489 74.37 -38.75 -18.69
C ILE K 489 75.35 -39.86 -19.05
N THR K 490 74.86 -41.02 -19.49
CA THR K 490 75.77 -42.06 -19.93
C THR K 490 76.65 -41.56 -21.07
N GLU K 491 76.02 -40.96 -22.09
CA GLU K 491 76.79 -40.46 -23.23
C GLU K 491 77.74 -39.37 -22.80
N LEU K 492 77.27 -38.46 -21.95
CA LEU K 492 78.12 -37.34 -21.55
C LEU K 492 79.34 -37.83 -20.77
N PHE K 493 79.13 -38.73 -19.80
CA PHE K 493 80.27 -39.27 -19.07
C PHE K 493 81.19 -40.05 -20.00
N VAL K 494 80.63 -40.74 -20.99
CA VAL K 494 81.51 -41.45 -21.93
C VAL K 494 82.44 -40.47 -22.61
N ASP K 495 81.88 -39.36 -23.10
CA ASP K 495 82.70 -38.36 -23.77
C ASP K 495 83.75 -37.81 -22.82
N ALA K 496 83.33 -37.46 -21.60
CA ALA K 496 84.26 -36.87 -20.64
C ALA K 496 85.41 -37.84 -20.34
N LEU K 497 85.08 -39.10 -20.07
CA LEU K 497 86.10 -40.09 -19.79
C LEU K 497 87.05 -40.26 -20.97
N GLU K 498 86.52 -40.19 -22.19
CA GLU K 498 87.40 -40.21 -23.36
C GLU K 498 88.32 -38.99 -23.38
N ILE K 499 87.83 -37.85 -22.90
CA ILE K 499 88.59 -36.61 -23.04
C ILE K 499 89.80 -36.59 -22.12
N ILE K 500 89.58 -36.78 -20.81
CA ILE K 500 90.63 -36.53 -19.83
C ILE K 500 91.85 -37.37 -20.14
N ARG K 501 93.03 -36.75 -20.10
CA ARG K 501 94.21 -37.34 -20.72
C ARG K 501 94.92 -38.33 -19.80
N SER K 502 95.14 -37.97 -18.53
CA SER K 502 95.96 -38.82 -17.68
C SER K 502 95.70 -38.56 -16.22
N GLY K 503 96.15 -39.50 -15.39
CA GLY K 503 96.26 -39.29 -13.95
C GLY K 503 95.09 -39.83 -13.15
N GLU K 504 95.24 -39.68 -11.83
CA GLU K 504 94.26 -40.19 -10.88
C GLU K 504 92.90 -39.52 -11.02
N VAL K 505 92.83 -38.38 -11.71
CA VAL K 505 91.54 -37.74 -11.95
C VAL K 505 90.57 -38.71 -12.62
N ALA K 506 91.09 -39.68 -13.36
CA ALA K 506 90.22 -40.68 -13.97
C ALA K 506 89.48 -41.49 -12.91
N SER K 507 90.18 -41.91 -11.85
CA SER K 507 89.54 -42.70 -10.82
C SER K 507 88.39 -41.92 -10.18
N ARG K 508 88.64 -40.66 -9.83
CA ARG K 508 87.58 -39.81 -9.30
C ARG K 508 86.38 -39.80 -10.23
N LEU K 509 86.62 -39.58 -11.53
CA LEU K 509 85.51 -39.47 -12.46
C LEU K 509 84.71 -40.76 -12.52
N ALA K 510 85.38 -41.91 -12.53
CA ALA K 510 84.67 -43.18 -12.57
C ALA K 510 83.75 -43.33 -11.37
N LYS K 511 84.27 -43.07 -10.17
CA LYS K 511 83.45 -43.19 -8.97
C LYS K 511 82.24 -42.27 -9.04
N SER K 512 82.45 -41.03 -9.48
CA SER K 512 81.32 -40.10 -9.57
C SER K 512 80.27 -40.59 -10.55
N GLY K 513 80.70 -41.00 -11.74
CA GLY K 513 79.75 -41.49 -12.73
C GLY K 513 78.98 -42.71 -12.23
N ILE K 514 79.68 -43.63 -11.58
CA ILE K 514 79.03 -44.85 -11.10
C ILE K 514 77.87 -44.50 -10.17
N GLU K 515 78.14 -43.65 -9.18
CA GLU K 515 77.11 -43.32 -8.20
C GLU K 515 75.95 -42.57 -8.86
N VAL K 516 76.26 -41.66 -9.78
CA VAL K 516 75.21 -40.82 -10.36
C VAL K 516 74.16 -41.66 -11.05
N ILE K 517 74.60 -42.58 -11.92
CA ILE K 517 73.64 -43.39 -12.67
C ILE K 517 72.90 -44.34 -11.72
N ALA K 518 73.60 -44.87 -10.73
CA ALA K 518 72.96 -45.78 -9.78
C ALA K 518 71.79 -45.10 -9.08
N GLU K 519 72.03 -43.94 -8.50
CA GLU K 519 70.97 -43.24 -7.78
C GLU K 519 69.80 -42.94 -8.70
N LEU K 520 70.07 -42.46 -9.91
CA LEU K 520 68.98 -42.18 -10.85
C LEU K 520 68.20 -43.45 -11.15
N ALA K 521 68.89 -44.57 -11.37
CA ALA K 521 68.19 -45.82 -11.62
C ALA K 521 67.35 -46.22 -10.41
N GLU K 522 67.94 -46.13 -9.22
CA GLU K 522 67.21 -46.52 -8.02
C GLU K 522 65.96 -45.68 -7.85
N ALA K 523 66.06 -44.36 -8.07
CA ALA K 523 64.90 -43.50 -7.94
C ALA K 523 63.80 -43.91 -8.90
N ALA K 524 64.17 -44.22 -10.15
CA ALA K 524 63.16 -44.64 -11.12
C ALA K 524 62.51 -45.96 -10.71
N ILE K 525 63.30 -46.91 -10.21
CA ILE K 525 62.76 -48.21 -9.83
C ILE K 525 61.67 -48.08 -8.78
N GLU K 526 61.65 -46.98 -8.04
CA GLU K 526 60.68 -46.83 -6.95
C GLU K 526 59.25 -46.79 -7.44
N HIS K 527 59.03 -46.51 -8.72
CA HIS K 527 57.69 -46.27 -9.24
C HIS K 527 57.22 -47.47 -10.05
N ILE K 528 55.97 -47.90 -9.81
CA ILE K 528 55.50 -49.18 -10.30
C ILE K 528 55.39 -49.18 -11.83
N ASP K 529 55.36 -50.39 -12.38
CA ASP K 529 55.17 -50.59 -13.81
C ASP K 529 54.93 -52.08 -14.04
N ASP K 530 54.52 -52.40 -15.27
CA ASP K 530 54.49 -53.79 -15.69
C ASP K 530 55.91 -54.35 -15.74
N PRO K 531 56.06 -55.68 -15.84
CA PRO K 531 57.42 -56.24 -15.81
C PRO K 531 58.31 -55.82 -16.98
N GLU K 532 57.76 -55.69 -18.19
CA GLU K 532 58.61 -55.40 -19.34
C GLU K 532 59.33 -54.07 -19.17
N GLN K 533 58.61 -53.04 -18.72
CA GLN K 533 59.26 -51.76 -18.46
C GLN K 533 60.27 -51.90 -17.32
N LEU K 534 59.95 -52.71 -16.31
CA LEU K 534 60.92 -53.00 -15.27
C LEU K 534 62.17 -53.64 -15.87
N LYS K 535 61.97 -54.65 -16.74
CA LYS K 535 63.11 -55.32 -17.35
C LYS K 535 63.91 -54.36 -18.21
N LYS K 536 63.24 -53.50 -18.97
CA LYS K 536 63.96 -52.52 -19.78
C LYS K 536 64.82 -51.62 -18.91
N ILE K 537 64.26 -51.16 -17.78
CA ILE K 537 65.01 -50.30 -16.89
C ILE K 537 66.28 -50.98 -16.41
N VAL K 538 66.16 -52.25 -16.01
CA VAL K 538 67.33 -52.98 -15.54
C VAL K 538 68.36 -53.12 -16.66
N LYS K 539 67.89 -53.45 -17.87
CA LYS K 539 68.82 -53.59 -18.98
C LYS K 539 69.54 -52.28 -19.28
N LYS K 540 68.81 -51.16 -19.26
CA LYS K 540 69.43 -49.87 -19.51
C LYS K 540 70.55 -49.61 -18.52
N ALA K 541 70.27 -49.76 -17.22
CA ALA K 541 71.30 -49.53 -16.21
C ALA K 541 72.48 -50.45 -16.42
N ALA K 542 72.22 -51.74 -16.67
CA ALA K 542 73.30 -52.68 -16.85
C ALA K 542 74.19 -52.27 -18.01
N GLU K 543 73.59 -51.81 -19.11
CA GLU K 543 74.38 -51.35 -20.25
C GLU K 543 75.27 -50.18 -19.84
N ALA K 544 74.70 -49.20 -19.15
CA ALA K 544 75.47 -48.01 -18.80
C ALA K 544 76.66 -48.37 -17.91
N ILE K 545 76.40 -49.08 -16.81
CA ILE K 545 77.46 -49.30 -15.82
C ILE K 545 78.61 -50.08 -16.46
N LYS K 546 78.29 -51.03 -17.32
CA LYS K 546 79.34 -51.73 -18.06
C LYS K 546 80.07 -50.77 -19.00
N LYS K 547 79.31 -49.90 -19.67
CA LYS K 547 79.93 -49.01 -20.66
C LYS K 547 80.96 -48.11 -20.02
N ILE K 548 80.64 -47.54 -18.86
CA ILE K 548 81.59 -46.66 -18.17
C ILE K 548 82.80 -47.45 -17.73
N VAL K 549 82.59 -48.63 -17.13
CA VAL K 549 83.69 -49.46 -16.69
C VAL K 549 84.58 -49.82 -17.88
N GLU K 550 83.96 -50.21 -19.00
CA GLU K 550 84.73 -50.50 -20.20
C GLU K 550 85.57 -49.29 -20.61
N GLU K 551 85.02 -48.09 -20.45
CA GLU K 551 85.77 -46.89 -20.82
C GLU K 551 87.05 -46.77 -19.99
N LEU K 552 86.92 -46.93 -18.68
CA LEU K 552 88.10 -46.82 -17.81
C LEU K 552 89.14 -47.87 -18.15
N ILE K 553 88.72 -49.02 -18.68
CA ILE K 553 89.64 -50.10 -18.98
C ILE K 553 90.71 -49.66 -19.96
N LYS K 554 90.40 -48.70 -20.84
CA LYS K 554 91.35 -48.27 -21.85
C LYS K 554 92.48 -47.43 -21.29
N LYS K 555 92.38 -47.01 -20.03
CA LYS K 555 93.23 -45.95 -19.48
C LYS K 555 94.23 -46.52 -18.51
N ASP K 556 95.48 -46.03 -18.60
CA ASP K 556 96.50 -46.41 -17.64
C ASP K 556 96.20 -45.77 -16.29
N VAL K 557 96.14 -46.58 -15.24
CA VAL K 557 95.87 -46.09 -13.89
C VAL K 557 96.40 -47.11 -12.90
N GLU K 558 96.71 -46.65 -11.70
CA GLU K 558 97.26 -47.53 -10.68
C GLU K 558 96.31 -48.68 -10.41
N ASP K 559 96.88 -49.86 -10.20
CA ASP K 559 96.07 -51.08 -10.15
C ASP K 559 95.03 -51.03 -9.03
N GLU K 560 95.41 -50.50 -7.86
CA GLU K 560 94.48 -50.46 -6.74
C GLU K 560 93.23 -49.66 -7.09
N LEU K 561 93.42 -48.50 -7.73
CA LEU K 561 92.26 -47.69 -8.12
C LEU K 561 91.43 -48.42 -9.17
N LEU K 562 92.08 -49.10 -10.12
CA LEU K 562 91.34 -49.85 -11.12
C LEU K 562 90.49 -50.93 -10.45
N ALA K 563 91.05 -51.63 -9.48
CA ALA K 563 90.27 -52.64 -8.77
C ALA K 563 89.11 -52.00 -8.03
N GLU K 564 89.39 -50.94 -7.27
CA GLU K 564 88.34 -50.28 -6.49
C GLU K 564 87.21 -49.80 -7.40
N VAL K 565 87.56 -49.25 -8.57
CA VAL K 565 86.52 -48.85 -9.51
C VAL K 565 85.72 -50.07 -9.97
N THR K 566 86.40 -51.16 -10.29
CA THR K 566 85.71 -52.35 -10.77
C THR K 566 84.80 -52.91 -9.69
N SER K 567 85.31 -53.07 -8.48
CA SER K 567 84.51 -53.62 -7.39
C SER K 567 83.34 -52.70 -7.06
N GLU K 568 83.61 -51.40 -6.94
CA GLU K 568 82.55 -50.46 -6.60
C GLU K 568 81.45 -50.45 -7.65
N GLY K 569 81.83 -50.47 -8.93
CA GLY K 569 80.82 -50.51 -9.98
C GLY K 569 79.98 -51.75 -9.91
N ASN K 570 80.62 -52.92 -9.77
CA ASN K 570 79.88 -54.17 -9.70
C ASN K 570 78.89 -54.15 -8.54
N ARG K 571 79.37 -53.79 -7.35
CA ARG K 571 78.52 -53.80 -6.17
C ARG K 571 77.28 -52.95 -6.37
N LYS K 572 77.43 -51.81 -7.05
CA LYS K 572 76.28 -50.95 -7.29
C LYS K 572 75.28 -51.61 -8.24
N LEU K 573 75.78 -52.34 -9.23
CA LEU K 573 74.86 -53.11 -10.08
C LEU K 573 74.12 -54.15 -9.25
N SER K 574 74.81 -54.79 -8.31
CA SER K 574 74.15 -55.76 -7.44
C SER K 574 72.94 -55.14 -6.75
N ARG K 575 73.12 -53.95 -6.18
CA ARG K 575 72.05 -53.35 -5.38
C ARG K 575 70.82 -53.11 -6.22
N ILE K 576 70.98 -52.43 -7.36
CA ILE K 576 69.81 -52.16 -8.20
C ILE K 576 69.21 -53.46 -8.70
N THR K 577 70.05 -54.45 -9.01
CA THR K 577 69.52 -55.75 -9.39
C THR K 577 68.65 -56.32 -8.28
N SER K 578 69.08 -56.18 -7.03
CA SER K 578 68.28 -56.67 -5.92
C SER K 578 67.00 -55.87 -5.77
N LYS K 579 67.11 -54.53 -5.84
CA LYS K 579 65.93 -53.69 -5.65
C LYS K 579 64.85 -54.02 -6.68
N ALA K 580 65.25 -54.25 -7.92
CA ALA K 580 64.28 -54.62 -8.94
C ALA K 580 63.66 -55.98 -8.64
N LEU K 581 64.49 -56.97 -8.32
CA LEU K 581 63.98 -58.32 -8.07
C LEU K 581 62.97 -58.33 -6.94
N THR K 582 63.02 -57.34 -6.04
CA THR K 582 62.11 -57.29 -4.90
C THR K 582 60.67 -57.05 -5.32
N LYS K 583 60.40 -56.71 -6.57
CA LYS K 583 59.09 -56.26 -6.99
C LYS K 583 58.45 -57.12 -8.08
N ILE K 584 59.25 -57.77 -8.92
CA ILE K 584 58.71 -58.51 -10.06
C ILE K 584 58.08 -59.81 -9.56
N LYS K 585 56.78 -59.96 -9.78
CA LYS K 585 56.08 -61.18 -9.37
C LYS K 585 56.10 -62.27 -10.43
N ASP K 586 56.34 -61.92 -11.69
CA ASP K 586 56.34 -62.91 -12.76
C ASP K 586 57.56 -63.81 -12.65
N GLU K 587 57.34 -65.13 -12.63
CA GLU K 587 58.45 -66.05 -12.47
C GLU K 587 59.44 -65.93 -13.62
N LYS K 588 58.94 -65.80 -14.85
CA LYS K 588 59.83 -65.73 -16.01
C LYS K 588 60.79 -64.56 -15.89
N ALA K 589 60.27 -63.38 -15.55
CA ALA K 589 61.15 -62.23 -15.35
C ALA K 589 62.07 -62.45 -14.16
N ALA K 590 61.56 -63.04 -13.08
CA ALA K 590 62.39 -63.26 -11.90
C ALA K 590 63.62 -64.09 -12.25
N ALA K 591 63.44 -65.15 -13.04
CA ALA K 591 64.59 -65.93 -13.48
C ALA K 591 65.44 -65.14 -14.48
N GLU K 592 64.80 -64.49 -15.45
CA GLU K 592 65.54 -63.82 -16.51
C GLU K 592 66.46 -62.75 -15.95
N LEU K 593 65.92 -61.84 -15.14
CA LEU K 593 66.75 -60.78 -14.57
C LEU K 593 67.86 -61.37 -13.71
N THR K 594 67.52 -62.36 -12.88
CA THR K 594 68.52 -62.98 -12.02
C THR K 594 69.68 -63.53 -12.83
N ILE K 595 69.37 -64.25 -13.92
CA ILE K 595 70.44 -64.79 -14.76
C ILE K 595 71.26 -63.66 -15.37
N GLU K 596 70.58 -62.65 -15.92
CA GLU K 596 71.28 -61.60 -16.65
C GLU K 596 72.31 -60.90 -15.78
N ALA K 597 71.91 -60.43 -14.60
CA ALA K 597 72.83 -59.71 -13.74
C ALA K 597 74.01 -60.61 -13.33
N ILE K 598 73.72 -61.86 -12.98
CA ILE K 598 74.78 -62.80 -12.63
C ILE K 598 75.77 -62.92 -13.77
N GLU K 599 75.26 -63.00 -15.01
CA GLU K 599 76.15 -63.00 -16.17
C GLU K 599 76.92 -61.69 -16.26
N ALA K 600 76.23 -60.55 -16.07
CA ALA K 600 76.88 -59.26 -16.25
C ALA K 600 78.01 -59.06 -15.26
N ILE K 601 77.75 -59.28 -13.98
CA ILE K 601 78.79 -59.06 -12.97
C ILE K 601 79.98 -59.96 -13.24
N THR K 602 79.72 -61.20 -13.67
CA THR K 602 80.81 -62.08 -14.06
C THR K 602 81.59 -61.50 -15.23
N GLU K 603 80.88 -60.97 -16.23
CA GLU K 603 81.55 -60.45 -17.41
C GLU K 603 82.46 -59.28 -17.06
N ASN K 604 81.95 -58.33 -16.27
CA ASN K 604 82.75 -57.16 -15.95
C ASN K 604 84.06 -57.56 -15.30
N PHE K 605 84.01 -58.45 -14.30
CA PHE K 605 85.25 -58.95 -13.72
C PHE K 605 86.15 -59.61 -14.74
N LEU K 606 85.58 -60.35 -15.68
CA LEU K 606 86.41 -61.02 -16.67
C LEU K 606 87.36 -60.02 -17.34
N LEU K 607 86.86 -58.81 -17.58
CA LEU K 607 87.68 -57.79 -18.24
C LEU K 607 88.74 -57.24 -17.29
N ALA K 608 88.36 -56.92 -16.05
CA ALA K 608 89.33 -56.38 -15.11
C ALA K 608 90.44 -57.36 -14.83
N LEU K 609 90.09 -58.64 -14.66
CA LEU K 609 91.10 -59.68 -14.49
C LEU K 609 91.97 -59.81 -15.75
N GLU K 610 91.42 -59.47 -16.91
CA GLU K 610 92.17 -59.55 -18.16
C GLU K 610 93.31 -58.54 -18.23
N ARG K 611 93.36 -57.57 -17.32
CA ARG K 611 94.43 -56.59 -17.34
C ARG K 611 94.98 -56.29 -15.96
N ILE K 612 94.80 -57.18 -14.99
CA ILE K 612 95.25 -56.93 -13.62
C ILE K 612 96.77 -56.78 -13.60
N LYS K 613 97.27 -55.92 -12.71
CA LYS K 613 98.69 -55.58 -12.69
C LYS K 613 99.51 -56.53 -11.84
N ASP K 614 98.96 -57.01 -10.72
CA ASP K 614 99.74 -57.77 -9.75
C ASP K 614 98.89 -58.89 -9.17
N GLY K 615 99.55 -59.95 -8.73
CA GLY K 615 98.83 -61.12 -8.25
C GLY K 615 98.04 -60.85 -6.98
N GLU K 616 98.64 -60.16 -6.01
CA GLU K 616 97.97 -59.95 -4.73
C GLU K 616 96.68 -59.15 -4.93
N VAL K 617 96.75 -58.07 -5.70
CA VAL K 617 95.55 -57.29 -5.96
C VAL K 617 94.54 -58.09 -6.77
N ALA K 618 95.02 -58.85 -7.76
CA ALA K 618 94.11 -59.65 -8.58
C ALA K 618 93.34 -60.65 -7.73
N ALA K 619 94.02 -61.30 -6.78
CA ALA K 619 93.34 -62.26 -5.92
C ALA K 619 92.25 -61.59 -5.09
N LYS K 620 92.59 -60.48 -4.42
CA LYS K 620 91.62 -59.81 -3.55
C LYS K 620 90.37 -59.45 -4.32
N LEU K 621 90.52 -58.83 -5.49
CA LEU K 621 89.36 -58.49 -6.30
C LEU K 621 88.62 -59.75 -6.73
N ALA K 622 89.36 -60.84 -6.98
CA ALA K 622 88.73 -62.07 -7.42
C ALA K 622 87.91 -62.72 -6.31
N GLU K 623 88.48 -62.85 -5.12
CA GLU K 623 87.72 -63.40 -4.01
C GLU K 623 86.48 -62.58 -3.75
N ASP K 624 86.63 -61.26 -3.68
CA ASP K 624 85.49 -60.39 -3.37
C ASP K 624 84.41 -60.49 -4.44
N GLY K 625 84.80 -60.74 -5.69
CA GLY K 625 83.80 -60.86 -6.74
C GLY K 625 82.92 -62.08 -6.56
N LEU K 626 83.47 -63.18 -6.06
CA LEU K 626 82.64 -64.35 -5.80
C LEU K 626 81.54 -64.02 -4.80
N LEU K 627 81.87 -63.29 -3.73
CA LEU K 627 80.88 -62.97 -2.73
C LEU K 627 79.77 -62.10 -3.31
N GLU K 628 80.12 -61.20 -4.23
CA GLU K 628 79.10 -60.43 -4.93
C GLU K 628 78.14 -61.36 -5.66
N ILE K 629 78.67 -62.36 -6.36
CA ILE K 629 77.82 -63.30 -7.06
C ILE K 629 76.99 -64.10 -6.06
N TYR K 630 77.59 -64.50 -4.96
CA TYR K 630 76.84 -65.20 -3.92
C TYR K 630 75.72 -64.33 -3.38
N ARG K 631 76.03 -63.09 -3.06
CA ARG K 631 75.01 -62.19 -2.53
C ARG K 631 73.82 -62.13 -3.47
N LEU K 632 74.08 -61.95 -4.76
CA LEU K 632 73.00 -61.86 -5.73
C LEU K 632 72.31 -63.21 -5.93
N ALA K 633 73.08 -64.30 -5.90
CA ALA K 633 72.49 -65.60 -6.15
C ALA K 633 71.48 -65.97 -5.08
N VAL K 634 71.88 -65.91 -3.81
CA VAL K 634 70.95 -66.24 -2.73
C VAL K 634 69.80 -65.26 -2.71
N SER K 635 70.09 -63.97 -2.89
CA SER K 635 69.02 -62.98 -2.89
C SER K 635 67.94 -63.34 -3.89
N GLY K 636 68.31 -63.95 -5.01
CA GLY K 636 67.31 -64.47 -5.93
C GLY K 636 66.57 -65.66 -5.35
N ILE K 637 67.31 -66.61 -4.78
CA ILE K 637 66.70 -67.87 -4.36
C ILE K 637 65.60 -67.62 -3.33
N GLU K 638 65.85 -66.73 -2.38
CA GLU K 638 64.87 -66.52 -1.32
C GLU K 638 63.54 -66.02 -1.85
N HIS K 639 63.51 -65.45 -3.05
CA HIS K 639 62.27 -64.98 -3.65
C HIS K 639 61.71 -65.93 -4.70
N ILE K 640 62.48 -66.93 -5.13
CA ILE K 640 61.96 -67.89 -6.11
C ILE K 640 60.95 -68.81 -5.45
N ASP K 641 60.09 -69.41 -6.28
CA ASP K 641 58.99 -70.22 -5.75
C ASP K 641 58.70 -71.51 -6.51
N ASN K 642 59.56 -71.94 -7.44
CA ASN K 642 59.22 -73.04 -8.35
C ASN K 642 60.46 -73.84 -8.71
N PRO K 643 60.36 -75.17 -8.75
CA PRO K 643 61.58 -75.97 -8.97
C PRO K 643 62.27 -75.85 -10.33
N GLU K 644 61.57 -75.49 -11.41
CA GLU K 644 62.26 -75.22 -12.67
C GLU K 644 63.10 -73.96 -12.57
N GLU K 645 62.54 -72.90 -12.00
CA GLU K 645 63.31 -71.69 -11.78
C GLU K 645 64.47 -71.96 -10.83
N LEU K 646 64.23 -72.76 -9.80
CA LEU K 646 65.32 -73.14 -8.90
C LEU K 646 66.43 -73.83 -9.66
N GLU K 647 66.08 -74.76 -10.56
CA GLU K 647 67.10 -75.45 -11.33
C GLU K 647 67.87 -74.46 -12.20
N LYS K 648 67.16 -73.55 -12.87
CA LYS K 648 67.83 -72.56 -13.71
C LYS K 648 68.83 -71.74 -12.90
N ILE K 649 68.39 -71.20 -11.76
CA ILE K 649 69.29 -70.32 -11.02
C ILE K 649 70.45 -71.11 -10.43
N VAL K 650 70.22 -72.34 -9.98
CA VAL K 650 71.30 -73.15 -9.44
C VAL K 650 72.34 -73.43 -10.53
N LYS K 651 71.87 -73.83 -11.70
CA LYS K 651 72.78 -74.13 -12.81
C LYS K 651 73.56 -72.88 -13.20
N LYS K 652 72.88 -71.74 -13.30
CA LYS K 652 73.56 -70.50 -13.66
C LYS K 652 74.62 -70.15 -12.63
N THR K 653 74.29 -70.26 -11.34
CA THR K 653 75.26 -69.93 -10.31
C THR K 653 76.46 -70.85 -10.40
N GLU K 654 76.24 -72.14 -10.61
CA GLU K 654 77.35 -73.07 -10.75
C GLU K 654 78.25 -72.66 -11.90
N GLU K 655 77.65 -72.38 -13.06
CA GLU K 655 78.43 -71.99 -14.23
C GLU K 655 79.22 -70.71 -13.95
N ALA K 656 78.58 -69.73 -13.34
CA ALA K 656 79.26 -68.46 -13.09
C ALA K 656 80.47 -68.65 -12.18
N VAL K 657 80.27 -69.36 -11.07
CA VAL K 657 81.37 -69.56 -10.14
C VAL K 657 82.49 -70.33 -10.83
N GLU K 658 82.13 -71.37 -11.58
CA GLU K 658 83.16 -72.17 -12.25
C GLU K 658 83.94 -71.35 -13.24
N ARG K 659 83.25 -70.55 -14.06
CA ARG K 659 83.93 -69.76 -15.07
C ARG K 659 84.85 -68.73 -14.43
N ILE K 660 84.37 -68.04 -13.39
CA ILE K 660 85.21 -67.05 -12.73
C ILE K 660 86.47 -67.72 -12.16
N VAL K 661 86.29 -68.85 -11.47
CA VAL K 661 87.43 -69.52 -10.87
C VAL K 661 88.39 -70.01 -11.94
N GLU K 662 87.85 -70.53 -13.05
CA GLU K 662 88.70 -71.06 -14.11
C GLU K 662 89.55 -69.96 -14.73
N ALA K 663 88.94 -68.81 -15.03
CA ALA K 663 89.72 -67.72 -15.62
C ALA K 663 90.74 -67.18 -14.64
N LEU K 664 90.34 -66.93 -13.40
CA LEU K 664 91.25 -66.28 -12.45
C LEU K 664 92.50 -67.11 -12.20
N GLU K 665 92.42 -68.42 -12.39
CA GLU K 665 93.55 -69.30 -12.09
C GLU K 665 94.68 -69.18 -13.12
N LYS K 666 94.40 -68.65 -14.30
CA LYS K 666 95.40 -68.63 -15.37
C LYS K 666 96.49 -67.60 -15.10
N LYS K 667 96.16 -66.53 -14.39
CA LYS K 667 97.09 -65.42 -14.20
C LYS K 667 98.20 -65.82 -13.22
N ASP K 668 99.24 -64.98 -13.17
CA ASP K 668 100.35 -65.21 -12.26
C ASP K 668 99.97 -64.80 -10.85
N VAL K 669 100.02 -65.75 -9.92
CA VAL K 669 99.68 -65.49 -8.53
C VAL K 669 100.33 -66.58 -7.68
N GLU K 670 100.49 -66.30 -6.39
CA GLU K 670 101.09 -67.27 -5.48
C GLU K 670 100.22 -68.52 -5.42
N PRO K 671 100.80 -69.72 -5.55
CA PRO K 671 99.96 -70.93 -5.50
C PRO K 671 99.12 -71.03 -4.24
N GLU K 672 99.66 -70.64 -3.08
CA GLU K 672 98.89 -70.74 -1.84
C GLU K 672 97.65 -69.84 -1.88
N LEU K 673 97.81 -68.60 -2.36
CA LEU K 673 96.65 -67.73 -2.49
C LEU K 673 95.66 -68.28 -3.50
N LYS K 674 96.16 -68.80 -4.63
CA LYS K 674 95.25 -69.37 -5.63
C LYS K 674 94.52 -70.58 -5.08
N GLU K 675 95.18 -71.35 -4.22
CA GLU K 675 94.50 -72.48 -3.56
C GLU K 675 93.37 -71.99 -2.68
N GLU K 676 93.60 -70.93 -1.90
CA GLU K 676 92.54 -70.40 -1.04
C GLU K 676 91.37 -69.89 -1.86
N VAL K 677 91.66 -69.17 -2.95
CA VAL K 677 90.59 -68.69 -3.81
C VAL K 677 89.82 -69.87 -4.40
N GLU K 678 90.53 -70.91 -4.82
CA GLU K 678 89.85 -72.09 -5.34
C GLU K 678 89.02 -72.75 -4.25
N GLU K 679 89.55 -72.79 -3.02
CA GLU K 679 88.78 -73.38 -1.93
C GLU K 679 87.50 -72.61 -1.68
N LEU K 680 87.56 -71.28 -1.74
CA LEU K 680 86.36 -70.50 -1.53
C LEU K 680 85.30 -70.84 -2.58
N GLY K 681 85.71 -70.94 -3.85
CA GLY K 681 84.77 -71.34 -4.87
C GLY K 681 84.16 -72.70 -4.61
N LYS K 682 84.98 -73.64 -4.13
CA LYS K 682 84.46 -74.96 -3.79
C LYS K 682 83.40 -74.86 -2.71
N LYS K 683 83.60 -74.00 -1.70
CA LYS K 683 82.64 -73.88 -0.61
C LYS K 683 81.34 -73.25 -1.08
N LEU K 684 81.42 -72.10 -1.75
CA LEU K 684 80.21 -71.35 -2.05
C LEU K 684 79.24 -72.15 -2.90
N VAL K 685 79.73 -72.84 -3.93
CA VAL K 685 78.79 -73.55 -4.79
C VAL K 685 78.03 -74.60 -3.99
N GLU K 686 78.67 -75.19 -2.98
CA GLU K 686 78.00 -76.22 -2.19
C GLU K 686 76.82 -75.65 -1.42
N ILE K 687 77.05 -74.56 -0.68
CA ILE K 687 76.00 -74.00 0.16
C ILE K 687 74.86 -73.47 -0.70
N VAL K 688 75.17 -72.93 -1.88
CA VAL K 688 74.11 -72.53 -2.80
C VAL K 688 73.26 -73.74 -3.17
N ARG K 689 73.90 -74.87 -3.48
CA ARG K 689 73.13 -76.07 -3.79
C ARG K 689 72.28 -76.52 -2.60
N LYS K 690 72.82 -76.41 -1.39
CA LYS K 690 72.06 -76.80 -0.22
C LYS K 690 70.83 -75.94 -0.03
N LEU K 691 70.99 -74.61 -0.06
CA LEU K 691 69.84 -73.74 0.09
C LEU K 691 68.86 -73.93 -1.05
N ALA K 692 69.36 -74.08 -2.28
CA ALA K 692 68.45 -74.30 -3.40
C ALA K 692 67.67 -75.58 -3.23
N GLU K 693 68.26 -76.60 -2.63
CA GLU K 693 67.54 -77.84 -2.39
C GLU K 693 66.52 -77.68 -1.26
N ARG K 694 66.90 -76.97 -0.20
CA ARG K 694 66.06 -76.86 0.99
C ARG K 694 64.87 -75.93 0.78
N LYS K 695 64.87 -75.11 -0.26
CA LYS K 695 63.74 -74.25 -0.54
C LYS K 695 62.52 -75.10 -0.90
N GLU L 2 -65.44 42.98 -62.84
CA GLU L 2 -64.58 41.76 -62.77
C GLU L 2 -63.26 42.01 -62.04
N GLU L 3 -62.61 43.13 -62.37
CA GLU L 3 -61.25 43.38 -61.90
C GLU L 3 -61.16 43.57 -60.39
N LEU L 4 -62.30 43.85 -59.75
CA LEU L 4 -62.32 43.91 -58.29
C LEU L 4 -61.78 42.62 -57.69
N ARG L 5 -62.00 41.49 -58.37
CA ARG L 5 -61.40 40.24 -57.94
C ARG L 5 -59.88 40.34 -57.98
N GLU L 6 -59.34 40.99 -59.01
CA GLU L 6 -57.90 41.19 -59.07
C GLU L 6 -57.42 41.99 -57.88
N ILE L 7 -58.17 43.03 -57.48
CA ILE L 7 -57.76 43.81 -56.31
C ILE L 7 -57.77 42.94 -55.05
N ALA L 8 -58.85 42.19 -54.86
CA ALA L 8 -59.00 41.38 -53.66
C ALA L 8 -57.89 40.34 -53.55
N GLU L 9 -57.46 39.78 -54.68
CA GLU L 9 -56.45 38.74 -54.65
C GLU L 9 -55.17 39.24 -53.99
N ARG L 10 -54.64 40.36 -54.48
CA ARG L 10 -53.42 40.89 -53.89
C ARG L 10 -53.64 41.36 -52.45
N ALA L 11 -54.82 41.91 -52.14
CA ALA L 11 -55.07 42.27 -50.76
C ALA L 11 -54.93 41.06 -49.84
N GLU L 12 -55.57 39.95 -50.21
CA GLU L 12 -55.53 38.76 -49.38
C GLU L 12 -54.11 38.20 -49.28
N ALA L 13 -53.38 38.20 -50.39
CA ALA L 13 -52.01 37.71 -50.33
C ALA L 13 -51.17 38.54 -49.38
N ASP L 14 -51.34 39.87 -49.43
CA ASP L 14 -50.60 40.73 -48.51
C ASP L 14 -50.94 40.38 -47.06
N MET L 15 -52.22 40.19 -46.76
CA MET L 15 -52.59 39.85 -45.40
C MET L 15 -51.92 38.55 -44.95
N ARG L 16 -51.92 37.54 -45.82
CA ARG L 16 -51.28 36.27 -45.47
C ARG L 16 -49.79 36.47 -45.20
N GLU L 17 -49.12 37.27 -46.03
CA GLU L 17 -47.71 37.54 -45.81
C GLU L 17 -47.50 38.17 -44.44
N ILE L 18 -48.35 39.12 -44.07
CA ILE L 18 -48.23 39.75 -42.76
C ILE L 18 -48.35 38.71 -41.66
N SER L 19 -49.33 37.81 -41.81
CA SER L 19 -49.51 36.77 -40.80
C SER L 19 -48.25 35.93 -40.64
N GLU L 20 -47.68 35.48 -41.76
CA GLU L 20 -46.49 34.64 -41.69
C GLU L 20 -45.32 35.39 -41.04
N LEU L 21 -45.14 36.66 -41.42
CA LEU L 21 -44.04 37.43 -40.87
C LEU L 21 -44.17 37.57 -39.36
N ALA L 22 -45.38 37.83 -38.88
CA ALA L 22 -45.58 37.88 -37.43
C ALA L 22 -45.31 36.52 -36.80
N GLU L 23 -45.75 35.44 -37.45
CA GLU L 23 -45.57 34.11 -36.89
C GLU L 23 -44.10 33.79 -36.68
N GLU L 24 -43.26 34.16 -37.65
CA GLU L 24 -41.83 33.89 -37.49
C GLU L 24 -41.18 34.88 -36.52
N LEU L 25 -41.57 36.16 -36.56
CA LEU L 25 -40.87 37.16 -35.77
C LEU L 25 -41.20 37.07 -34.28
N VAL L 26 -42.41 36.63 -33.93
CA VAL L 26 -42.91 36.71 -32.56
C VAL L 26 -42.15 35.77 -31.64
N GLU L 27 -42.31 35.96 -30.32
CA GLU L 27 -41.68 35.06 -29.35
C GLU L 27 -42.60 34.69 -28.19
N ASP L 28 -43.92 34.81 -28.36
CA ASP L 28 -44.87 34.48 -27.31
C ASP L 28 -46.13 33.86 -27.92
N PRO L 29 -46.45 32.60 -27.62
CA PRO L 29 -47.49 31.90 -28.39
C PRO L 29 -48.83 32.63 -28.44
N VAL L 30 -49.30 33.16 -27.32
CA VAL L 30 -50.64 33.75 -27.28
C VAL L 30 -50.72 34.94 -28.22
N TYR L 31 -49.70 35.81 -28.18
CA TYR L 31 -49.71 36.97 -29.05
C TYR L 31 -49.68 36.56 -30.51
N ALA L 32 -48.90 35.53 -30.85
CA ALA L 32 -48.87 35.05 -32.23
C ALA L 32 -50.24 34.57 -32.68
N VAL L 33 -50.91 33.80 -31.83
CA VAL L 33 -52.23 33.29 -32.18
C VAL L 33 -53.17 34.44 -32.42
N ALA L 34 -53.16 35.43 -31.52
CA ALA L 34 -54.05 36.57 -31.67
C ALA L 34 -53.76 37.34 -32.95
N VAL L 35 -52.48 37.55 -33.26
CA VAL L 35 -52.12 38.29 -34.46
C VAL L 35 -52.70 37.61 -35.69
N ARG L 36 -52.44 36.31 -35.82
CA ARG L 36 -52.96 35.60 -37.00
C ARG L 36 -54.48 35.62 -37.02
N GLY L 37 -55.10 35.39 -35.86
CA GLY L 37 -56.54 35.36 -35.81
C GLY L 37 -57.16 36.64 -36.33
N MET L 38 -56.65 37.79 -35.87
CA MET L 38 -57.20 39.05 -36.35
C MET L 38 -56.90 39.25 -37.83
N ALA L 39 -55.69 38.90 -38.26
CA ALA L 39 -55.30 39.16 -39.64
C ALA L 39 -56.21 38.43 -40.63
N LEU L 40 -56.47 37.15 -40.39
CA LEU L 40 -57.22 36.36 -41.37
C LEU L 40 -58.63 36.95 -41.58
N VAL L 41 -59.33 37.19 -40.47
CA VAL L 41 -60.67 37.74 -40.57
C VAL L 41 -60.64 39.11 -41.21
N GLY L 42 -59.71 39.96 -40.80
CA GLY L 42 -59.61 41.27 -41.41
C GLY L 42 -59.45 41.19 -42.92
N ALA L 43 -58.72 40.17 -43.39
CA ALA L 43 -58.54 40.01 -44.83
C ALA L 43 -59.83 39.60 -45.51
N ALA L 44 -60.52 38.59 -44.95
CA ALA L 44 -61.64 38.00 -45.69
C ALA L 44 -62.68 39.02 -46.10
N GLY L 45 -62.79 40.11 -45.33
CA GLY L 45 -63.79 41.11 -45.65
C GLY L 45 -63.64 41.69 -47.04
N VAL L 46 -62.42 41.76 -47.55
CA VAL L 46 -62.22 42.31 -48.89
C VAL L 46 -62.90 41.43 -49.92
N PHE L 47 -62.69 40.11 -49.84
CA PHE L 47 -63.35 39.21 -50.78
C PHE L 47 -64.86 39.30 -50.63
N ALA L 48 -65.34 39.34 -49.39
CA ALA L 48 -66.79 39.44 -49.20
C ALA L 48 -67.33 40.72 -49.83
N LEU L 49 -66.63 41.84 -49.65
CA LEU L 49 -67.10 43.11 -50.18
C LEU L 49 -67.12 43.09 -51.71
N GLY L 50 -66.10 42.48 -52.32
CA GLY L 50 -66.08 42.43 -53.77
C GLY L 50 -67.31 41.75 -54.36
N VAL L 51 -67.80 40.72 -53.67
CA VAL L 51 -68.98 40.00 -54.14
C VAL L 51 -70.28 40.77 -53.89
N GLY L 52 -70.23 41.88 -53.15
CA GLY L 52 -71.41 42.63 -52.84
C GLY L 52 -72.10 42.27 -51.53
N GLY L 53 -71.37 41.69 -50.58
CA GLY L 53 -71.95 41.33 -49.30
C GLY L 53 -72.34 42.53 -48.47
N PRO L 54 -73.10 42.29 -47.40
CA PRO L 54 -73.59 43.41 -46.57
C PRO L 54 -72.43 44.06 -45.85
N PRO L 55 -72.25 45.38 -46.01
CA PRO L 55 -71.11 46.04 -45.36
C PRO L 55 -71.24 46.13 -43.84
N GLU L 56 -72.44 46.41 -43.34
CA GLU L 56 -72.62 46.55 -41.90
C GLU L 56 -72.31 45.24 -41.19
N VAL L 57 -72.73 44.11 -41.76
CA VAL L 57 -72.43 42.81 -41.17
C VAL L 57 -70.92 42.60 -41.10
N LEU L 58 -70.21 42.93 -42.18
CA LEU L 58 -68.76 42.77 -42.20
C LEU L 58 -68.10 43.60 -41.11
N GLU L 59 -68.52 44.86 -40.98
CA GLU L 59 -67.94 45.71 -39.94
C GLU L 59 -68.22 45.13 -38.55
N GLU L 60 -69.45 44.66 -38.33
CA GLU L 60 -69.78 44.05 -37.05
C GLU L 60 -68.89 42.84 -36.78
N ALA L 61 -68.67 42.01 -37.79
CA ALA L 61 -67.82 40.84 -37.62
C ALA L 61 -66.41 41.25 -37.23
N ARG L 62 -65.87 42.29 -37.88
CA ARG L 62 -64.54 42.75 -37.52
C ARG L 62 -64.50 43.22 -36.07
N ARG L 63 -65.52 43.97 -35.66
CA ARG L 63 -65.59 44.41 -34.27
C ARG L 63 -65.61 43.21 -33.33
N ARG L 64 -66.37 42.18 -33.67
CA ARG L 64 -66.46 40.99 -32.82
C ARG L 64 -65.09 40.33 -32.70
N VAL L 65 -64.37 40.23 -33.81
CA VAL L 65 -63.04 39.62 -33.76
C VAL L 65 -62.13 40.42 -32.85
N GLU L 66 -62.19 41.75 -32.96
CA GLU L 66 -61.36 42.59 -32.09
C GLU L 66 -61.72 42.37 -30.63
N GLU L 67 -63.01 42.29 -30.32
CA GLU L 67 -63.44 42.05 -28.94
C GLU L 67 -62.90 40.73 -28.42
N ALA L 68 -62.96 39.68 -29.24
CA ALA L 68 -62.42 38.40 -28.83
C ALA L 68 -60.93 38.52 -28.53
N ALA L 69 -60.20 39.24 -29.38
CA ALA L 69 -58.78 39.42 -29.15
C ALA L 69 -58.52 40.13 -27.81
N ARG L 70 -59.29 41.17 -27.54
CA ARG L 70 -59.13 41.87 -26.26
C ARG L 70 -59.38 40.93 -25.10
N GLU L 71 -60.44 40.12 -25.18
CA GLU L 71 -60.74 39.20 -24.08
C GLU L 71 -59.59 38.22 -23.86
N ALA L 72 -59.07 37.66 -24.94
CA ALA L 72 -57.99 36.69 -24.81
C ALA L 72 -56.74 37.35 -24.23
N LEU L 73 -56.42 38.57 -24.68
CA LEU L 73 -55.26 39.27 -24.14
C LEU L 73 -55.44 39.52 -22.66
N ARG L 74 -56.63 39.95 -22.23
CA ARG L 74 -56.87 40.18 -20.82
C ARG L 74 -56.70 38.89 -20.02
N LYS L 75 -57.21 37.78 -20.53
CA LYS L 75 -57.04 36.50 -19.83
C LYS L 75 -55.56 36.13 -19.71
N TYR L 76 -54.81 36.28 -20.81
CA TYR L 76 -53.40 35.88 -20.79
C TYR L 76 -52.59 36.75 -19.84
N GLU L 77 -52.87 38.05 -19.83
CA GLU L 77 -52.22 38.92 -18.85
C GLU L 77 -52.53 38.47 -17.42
N GLU L 78 -53.73 37.94 -17.20
CA GLU L 78 -54.11 37.39 -15.90
C GLU L 78 -53.40 36.08 -15.58
N GLY L 79 -52.60 35.55 -16.51
CA GLY L 79 -51.93 34.28 -16.28
C GLY L 79 -52.80 33.06 -16.48
N ALA L 80 -53.89 33.19 -17.23
CA ALA L 80 -54.78 32.05 -17.45
C ALA L 80 -54.12 31.01 -18.34
N ASP L 81 -54.72 29.82 -18.37
CA ASP L 81 -54.19 28.72 -19.15
C ASP L 81 -54.11 29.10 -20.63
N VAL L 82 -52.99 28.76 -21.26
CA VAL L 82 -52.80 29.05 -22.67
C VAL L 82 -53.79 28.26 -23.52
N SER L 83 -54.03 27.00 -23.15
CA SER L 83 -54.87 26.14 -23.98
C SER L 83 -56.28 26.70 -24.11
N GLU L 84 -56.89 27.08 -22.99
CA GLU L 84 -58.25 27.60 -23.02
C GLU L 84 -58.31 28.87 -23.88
N LEU L 85 -57.34 29.77 -23.72
CA LEU L 85 -57.35 31.01 -24.47
C LEU L 85 -57.22 30.74 -25.97
N VAL L 86 -56.31 29.85 -26.35
CA VAL L 86 -56.12 29.55 -27.76
C VAL L 86 -57.39 28.96 -28.34
N ALA L 87 -58.01 28.03 -27.62
CA ALA L 87 -59.26 27.45 -28.11
C ALA L 87 -60.33 28.51 -28.25
N GLU L 88 -60.44 29.41 -27.28
CA GLU L 88 -61.46 30.46 -27.34
C GLU L 88 -61.25 31.34 -28.55
N LEU L 89 -60.02 31.77 -28.79
CA LEU L 89 -59.74 32.63 -29.94
C LEU L 89 -60.08 31.92 -31.25
N ILE L 90 -59.67 30.65 -31.36
CA ILE L 90 -59.93 29.90 -32.59
C ILE L 90 -61.43 29.77 -32.81
N ARG L 91 -62.17 29.45 -31.75
CA ARG L 91 -63.61 29.26 -31.90
C ARG L 91 -64.30 30.57 -32.27
N GLU L 92 -63.87 31.69 -31.69
CA GLU L 92 -64.46 32.97 -32.05
C GLU L 92 -64.19 33.29 -33.51
N THR L 93 -62.96 33.09 -33.96
CA THR L 93 -62.66 33.31 -35.37
C THR L 93 -63.49 32.39 -36.25
N SER L 94 -63.69 31.15 -35.81
CA SER L 94 -64.48 30.21 -36.58
C SER L 94 -65.89 30.73 -36.81
N ARG L 95 -66.57 31.10 -35.73
CA ARG L 95 -67.93 31.61 -35.89
C ARG L 95 -67.94 32.88 -36.73
N GLN L 96 -66.98 33.79 -36.51
CA GLN L 96 -66.96 35.03 -37.27
C GLN L 96 -66.87 34.76 -38.77
N ILE L 97 -65.89 33.94 -39.17
CA ILE L 97 -65.68 33.66 -40.58
C ILE L 97 -66.89 32.94 -41.17
N ALA L 98 -67.46 32.01 -40.40
CA ALA L 98 -68.65 31.32 -40.89
C ALA L 98 -69.79 32.30 -41.09
N GLU L 99 -69.93 33.27 -40.19
CA GLU L 99 -70.96 34.29 -40.35
C GLU L 99 -70.74 35.10 -41.62
N ILE L 100 -69.49 35.48 -41.89
CA ILE L 100 -69.20 36.23 -43.12
C ILE L 100 -69.59 35.41 -44.33
N ALA L 101 -69.24 34.13 -44.34
CA ALA L 101 -69.60 33.27 -45.46
C ALA L 101 -71.11 33.15 -45.60
N GLU L 102 -71.82 33.01 -44.47
CA GLU L 102 -73.27 32.87 -44.49
C GLU L 102 -73.94 34.13 -45.03
N ALA L 103 -73.38 35.30 -44.71
CA ALA L 103 -73.90 36.53 -45.29
C ALA L 103 -73.61 36.59 -46.78
N THR L 104 -72.38 36.27 -47.18
CA THR L 104 -72.01 36.32 -48.58
C THR L 104 -72.88 35.40 -49.42
N ILE L 105 -73.25 34.23 -48.87
CA ILE L 105 -74.02 33.26 -49.64
C ILE L 105 -75.34 33.84 -50.12
N LYS L 106 -75.89 34.82 -49.40
CA LYS L 106 -77.19 35.38 -49.73
C LYS L 106 -77.15 36.41 -50.84
N ALA L 107 -75.96 36.81 -51.29
CA ALA L 107 -75.84 37.99 -52.14
C ALA L 107 -76.54 37.82 -53.49
N THR L 108 -76.47 36.63 -54.09
CA THR L 108 -76.94 36.47 -55.45
C THR L 108 -77.26 35.01 -55.72
N ASP L 109 -78.03 34.78 -56.79
CA ASP L 109 -78.42 33.45 -57.22
C ASP L 109 -77.44 32.83 -58.21
N ASP L 110 -76.42 33.57 -58.64
CA ASP L 110 -75.52 33.09 -59.68
C ASP L 110 -74.76 31.85 -59.22
N PRO L 111 -74.80 30.74 -59.96
CA PRO L 111 -73.96 29.60 -59.60
C PRO L 111 -72.47 29.91 -59.59
N GLU L 112 -71.99 30.80 -60.47
CA GLU L 112 -70.57 31.09 -60.53
C GLU L 112 -70.09 31.76 -59.26
N VAL L 113 -70.79 32.81 -58.82
CA VAL L 113 -70.43 33.49 -57.58
C VAL L 113 -70.53 32.53 -56.40
N LEU L 114 -71.55 31.66 -56.41
CA LEU L 114 -71.69 30.68 -55.34
C LEU L 114 -70.48 29.75 -55.30
N GLU L 115 -70.03 29.29 -56.47
CA GLU L 115 -68.85 28.43 -56.51
C GLU L 115 -67.63 29.17 -55.99
N GLU L 116 -67.47 30.43 -56.37
CA GLU L 116 -66.33 31.20 -55.88
C GLU L 116 -66.37 31.30 -54.36
N ILE L 117 -67.55 31.61 -53.81
CA ILE L 117 -67.67 31.75 -52.36
C ILE L 117 -67.35 30.44 -51.67
N SER L 118 -67.88 29.34 -52.20
CA SER L 118 -67.65 28.03 -51.60
C SER L 118 -66.16 27.70 -51.62
N GLU L 119 -65.50 27.94 -52.76
CA GLU L 119 -64.07 27.64 -52.85
C GLU L 119 -63.28 28.44 -51.83
N PHE L 120 -63.59 29.75 -51.72
CA PHE L 120 -62.88 30.58 -50.76
C PHE L 120 -63.05 30.04 -49.35
N ALA L 121 -64.30 29.73 -48.99
CA ALA L 121 -64.56 29.23 -47.65
C ALA L 121 -63.83 27.92 -47.39
N GLU L 122 -63.84 27.02 -48.37
CA GLU L 122 -63.20 25.72 -48.17
C GLU L 122 -61.71 25.88 -47.96
N GLU L 123 -61.06 26.72 -48.77
CA GLU L 123 -59.61 26.92 -48.60
C GLU L 123 -59.32 27.47 -47.21
N ARG L 124 -60.06 28.51 -46.81
CA ARG L 124 -59.81 29.09 -45.49
C ARG L 124 -60.01 28.05 -44.40
N SER L 125 -61.07 27.25 -44.50
CA SER L 125 -61.39 26.28 -43.46
C SER L 125 -60.28 25.23 -43.36
N ARG L 126 -59.81 24.72 -44.50
CA ARG L 126 -58.75 23.72 -44.43
C ARG L 126 -57.50 24.29 -43.78
N ARG L 127 -57.10 25.50 -44.19
CA ARG L 127 -55.91 26.09 -43.59
C ARG L 127 -56.09 26.28 -42.09
N LEU L 128 -57.27 26.76 -41.68
CA LEU L 128 -57.51 26.99 -40.26
C LEU L 128 -57.46 25.69 -39.47
N SER L 129 -58.06 24.62 -40.01
CA SER L 129 -58.00 23.35 -39.32
C SER L 129 -56.55 22.89 -39.13
N GLU L 130 -55.74 23.00 -40.18
CA GLU L 130 -54.34 22.60 -40.04
C GLU L 130 -53.64 23.42 -38.97
N TYR L 131 -53.84 24.74 -38.98
CA TYR L 131 -53.17 25.60 -38.02
C TYR L 131 -53.57 25.23 -36.59
N ALA L 132 -54.88 25.06 -36.37
CA ALA L 132 -55.36 24.71 -35.03
C ALA L 132 -54.77 23.39 -34.58
N GLU L 133 -54.76 22.39 -35.46
CA GLU L 133 -54.14 21.12 -35.08
C GLU L 133 -52.68 21.31 -34.72
N ARG L 134 -52.00 22.26 -35.36
CA ARG L 134 -50.59 22.49 -35.03
C ARG L 134 -50.42 23.15 -33.67
N HIS L 135 -51.32 24.06 -33.30
CA HIS L 135 -51.11 24.86 -32.10
C HIS L 135 -51.64 24.21 -30.82
N VAL L 136 -52.85 23.67 -30.84
CA VAL L 136 -53.53 23.28 -29.60
C VAL L 136 -52.91 22.00 -29.06
N THR L 137 -52.58 22.01 -27.76
CA THR L 137 -51.97 20.86 -27.11
C THR L 137 -52.99 20.00 -26.39
N ASN L 138 -54.01 20.60 -25.78
CA ASN L 138 -55.01 19.82 -25.04
C ASN L 138 -55.74 18.91 -26.02
N PRO L 139 -55.76 17.60 -25.80
CA PRO L 139 -56.38 16.71 -26.81
C PRO L 139 -57.82 17.06 -27.11
N ILE L 140 -58.66 17.15 -26.07
CA ILE L 140 -60.08 17.39 -26.29
C ILE L 140 -60.29 18.71 -27.03
N LEU L 141 -59.52 19.74 -26.65
CA LEU L 141 -59.66 21.02 -27.32
C LEU L 141 -59.38 20.91 -28.81
N ALA L 142 -58.29 20.23 -29.16
CA ALA L 142 -57.96 20.05 -30.58
C ALA L 142 -59.06 19.30 -31.31
N ALA L 143 -59.53 18.20 -30.72
CA ALA L 143 -60.54 17.39 -31.38
C ALA L 143 -61.81 18.19 -31.62
N THR L 144 -62.28 18.90 -30.60
CA THR L 144 -63.49 19.70 -30.75
C THR L 144 -63.30 20.81 -31.76
N VAL L 145 -62.13 21.44 -31.80
CA VAL L 145 -61.89 22.48 -32.81
C VAL L 145 -62.04 21.90 -34.20
N VAL L 146 -61.41 20.73 -34.43
CA VAL L 146 -61.48 20.13 -35.76
C VAL L 146 -62.92 19.79 -36.12
N ALA L 147 -63.66 19.23 -35.16
CA ALA L 147 -65.04 18.84 -35.44
C ALA L 147 -65.88 20.06 -35.77
N LEU L 148 -65.74 21.15 -35.02
CA LEU L 148 -66.51 22.35 -35.30
C LEU L 148 -66.19 22.88 -36.68
N ALA L 149 -64.91 22.93 -37.05
CA ALA L 149 -64.55 23.42 -38.37
C ALA L 149 -65.20 22.57 -39.45
N GLU L 150 -65.10 21.25 -39.33
CA GLU L 150 -65.66 20.37 -40.36
C GLU L 150 -67.17 20.57 -40.48
N VAL L 151 -67.87 20.62 -39.34
CA VAL L 151 -69.32 20.77 -39.39
C VAL L 151 -69.70 22.07 -40.06
N LEU L 152 -69.01 23.16 -39.72
CA LEU L 152 -69.31 24.44 -40.34
C LEU L 152 -69.09 24.37 -41.84
N SER L 153 -68.02 23.72 -42.29
CA SER L 153 -67.78 23.57 -43.72
C SER L 153 -68.93 22.81 -44.38
N ALA L 154 -69.42 21.77 -43.71
CA ALA L 154 -70.52 21.00 -44.28
C ALA L 154 -71.76 21.87 -44.44
N VAL L 155 -72.07 22.68 -43.43
CA VAL L 155 -73.23 23.57 -43.53
C VAL L 155 -73.04 24.55 -44.69
N VAL L 156 -71.84 25.11 -44.81
CA VAL L 156 -71.57 26.07 -45.88
C VAL L 156 -71.84 25.42 -47.24
N ARG L 157 -71.33 24.21 -47.45
CA ARG L 157 -71.60 23.53 -48.70
C ARG L 157 -73.09 23.29 -48.90
N ALA L 158 -73.79 22.86 -47.85
CA ALA L 158 -75.21 22.56 -48.00
C ALA L 158 -75.99 23.78 -48.43
N ARG L 159 -75.57 24.97 -48.00
CA ARG L 159 -76.28 26.17 -48.41
C ARG L 159 -76.33 26.33 -49.93
N SER L 160 -75.30 25.86 -50.64
CA SER L 160 -75.23 26.11 -52.07
C SER L 160 -76.35 25.44 -52.85
N TYR L 161 -77.00 24.43 -52.27
CA TYR L 161 -78.08 23.71 -52.94
C TYR L 161 -79.44 23.94 -52.32
N GLY L 162 -79.56 24.88 -51.39
CA GLY L 162 -80.86 25.19 -50.83
C GLY L 162 -81.38 24.19 -49.82
N ALA L 163 -80.52 23.37 -49.23
CA ALA L 163 -80.98 22.40 -48.26
C ALA L 163 -81.51 23.13 -47.02
N PRO L 164 -82.43 22.52 -46.29
CA PRO L 164 -83.00 23.18 -45.11
C PRO L 164 -81.92 23.62 -44.13
N GLU L 165 -82.04 24.85 -43.65
CA GLU L 165 -81.07 25.39 -42.70
C GLU L 165 -81.14 24.65 -41.37
N GLU L 166 -82.34 24.23 -40.95
CA GLU L 166 -82.48 23.51 -39.69
C GLU L 166 -81.71 22.19 -39.73
N VAL L 167 -81.57 21.59 -40.91
CA VAL L 167 -80.79 20.36 -41.04
C VAL L 167 -79.35 20.61 -40.59
N GLY L 168 -78.85 21.83 -40.80
CA GLY L 168 -77.53 22.21 -40.31
C GLY L 168 -77.58 22.61 -38.86
N GLU L 169 -78.56 23.42 -38.49
CA GLU L 169 -78.62 23.95 -37.14
C GLU L 169 -78.70 22.83 -36.11
N LYS L 170 -79.46 21.78 -36.39
CA LYS L 170 -79.59 20.69 -35.45
C LYS L 170 -78.24 20.02 -35.21
N ALA L 171 -77.49 19.77 -36.29
CA ALA L 171 -76.17 19.18 -36.14
C ALA L 171 -75.23 20.12 -35.39
N VAL L 172 -75.32 21.43 -35.64
CA VAL L 172 -74.49 22.37 -34.90
C VAL L 172 -74.80 22.30 -33.41
N LYS L 173 -76.09 22.26 -33.06
CA LYS L 173 -76.47 22.17 -31.66
C LYS L 173 -75.95 20.88 -31.04
N GLU L 174 -76.13 19.76 -31.75
CA GLU L 174 -75.64 18.49 -31.25
C GLU L 174 -74.13 18.52 -31.06
N VAL L 175 -73.41 19.13 -32.00
CA VAL L 175 -71.94 19.21 -31.89
C VAL L 175 -71.53 20.06 -30.70
N ARG L 176 -72.23 21.17 -30.48
CA ARG L 176 -71.93 21.99 -29.31
C ARG L 176 -72.17 21.20 -28.03
N GLU L 177 -73.28 20.47 -27.97
CA GLU L 177 -73.56 19.64 -26.81
C GLU L 177 -72.48 18.58 -26.64
N ALA L 178 -72.02 17.99 -27.75
CA ALA L 178 -71.00 16.95 -27.67
C ALA L 178 -69.68 17.52 -27.17
N SER L 179 -69.30 18.70 -27.66
CA SER L 179 -68.06 19.30 -27.19
C SER L 179 -68.14 19.67 -25.72
N GLU L 180 -69.28 20.21 -25.28
CA GLU L 180 -69.46 20.48 -23.86
C GLU L 180 -69.38 19.19 -23.05
N GLU L 181 -70.01 18.12 -23.55
CA GLU L 181 -69.95 16.84 -22.87
C GLU L 181 -68.52 16.32 -22.78
N ALA L 182 -67.75 16.48 -23.86
CA ALA L 182 -66.36 16.04 -23.85
C ALA L 182 -65.56 16.80 -22.81
N LEU L 183 -65.74 18.13 -22.76
CA LEU L 183 -65.06 18.92 -21.74
C LEU L 183 -65.49 18.46 -20.34
N GLU L 184 -66.78 18.16 -20.15
CA GLU L 184 -67.26 17.72 -18.85
C GLU L 184 -66.63 16.39 -18.46
N ARG L 185 -66.60 15.44 -19.39
CA ARG L 185 -65.98 14.15 -19.11
C ARG L 185 -64.50 14.31 -18.79
N TYR L 186 -63.81 15.20 -19.51
CA TYR L 186 -62.42 15.46 -19.21
C TYR L 186 -62.26 16.01 -17.80
N LYS L 187 -63.13 16.94 -17.42
CA LYS L 187 -63.12 17.44 -16.05
C LYS L 187 -63.51 16.34 -15.06
N LYS L 188 -64.35 15.40 -15.47
CA LYS L 188 -64.76 14.29 -14.62
C LYS L 188 -63.68 13.23 -14.47
N GLY L 189 -62.55 13.35 -15.18
CA GLY L 189 -61.50 12.36 -15.09
C GLY L 189 -61.70 11.14 -15.95
N GLU L 190 -62.62 11.18 -16.91
CA GLU L 190 -62.85 10.06 -17.80
C GLU L 190 -61.66 9.84 -18.72
N ASP L 191 -61.56 8.63 -19.25
CA ASP L 191 -60.48 8.31 -20.18
C ASP L 191 -60.59 9.19 -21.43
N VAL L 192 -59.45 9.76 -21.84
CA VAL L 192 -59.46 10.67 -22.99
C VAL L 192 -59.93 9.94 -24.23
N SER L 193 -59.46 8.71 -24.44
CA SER L 193 -59.77 8.00 -25.68
C SER L 193 -61.27 7.89 -25.89
N GLU L 194 -62.01 7.60 -24.81
CA GLU L 194 -63.46 7.51 -24.93
C GLU L 194 -64.07 8.84 -25.37
N LEU L 195 -63.59 9.94 -24.80
CA LEU L 195 -64.11 11.25 -25.19
C LEU L 195 -63.86 11.51 -26.67
N VAL L 196 -62.63 11.23 -27.13
CA VAL L 196 -62.32 11.43 -28.54
C VAL L 196 -63.22 10.57 -29.42
N ALA L 197 -63.40 9.31 -29.04
CA ALA L 197 -64.24 8.41 -29.84
C ALA L 197 -65.66 8.92 -29.91
N GLU L 198 -66.22 9.32 -28.77
CA GLU L 198 -67.59 9.83 -28.77
C GLU L 198 -67.71 11.07 -29.64
N LEU L 199 -66.75 11.99 -29.52
CA LEU L 199 -66.79 13.19 -30.33
C LEU L 199 -66.79 12.85 -31.82
N ILE L 200 -65.86 12.00 -32.24
CA ILE L 200 -65.76 11.69 -33.67
C ILE L 200 -67.00 10.96 -34.15
N ARG L 201 -67.55 10.05 -33.33
CA ARG L 201 -68.73 9.32 -33.74
C ARG L 201 -69.93 10.25 -33.90
N GLU L 202 -70.12 11.15 -32.94
CA GLU L 202 -71.22 12.11 -33.05
C GLU L 202 -71.03 13.00 -34.27
N THR L 203 -69.79 13.46 -34.51
CA THR L 203 -69.54 14.27 -35.69
C THR L 203 -69.85 13.49 -36.96
N SER L 204 -69.45 12.23 -37.00
CA SER L 204 -69.71 11.40 -38.17
C SER L 204 -71.20 11.31 -38.45
N ARG L 205 -71.98 10.95 -37.43
CA ARG L 205 -73.42 10.86 -37.64
C ARG L 205 -74.01 12.21 -38.04
N GLN L 206 -73.53 13.29 -37.44
CA GLN L 206 -74.06 14.61 -37.75
C GLN L 206 -73.83 14.95 -39.22
N ILE L 207 -72.59 14.82 -39.69
CA ILE L 207 -72.30 15.18 -41.07
C ILE L 207 -73.02 14.23 -42.02
N ALA L 208 -73.11 12.95 -41.65
CA ALA L 208 -73.83 12.00 -42.48
C ALA L 208 -75.28 12.41 -42.64
N GLU L 209 -75.95 12.72 -41.53
CA GLU L 209 -77.35 13.10 -41.58
C GLU L 209 -77.54 14.37 -42.41
N ILE L 210 -76.67 15.37 -42.19
CA ILE L 210 -76.79 16.61 -42.93
C ILE L 210 -76.66 16.35 -44.44
N ALA L 211 -75.63 15.61 -44.82
CA ALA L 211 -75.40 15.34 -46.23
C ALA L 211 -76.54 14.52 -46.83
N GLU L 212 -77.07 13.56 -46.07
CA GLU L 212 -78.17 12.75 -46.57
C GLU L 212 -79.40 13.60 -46.81
N ALA L 213 -79.72 14.49 -45.86
CA ALA L 213 -80.83 15.40 -46.07
C ALA L 213 -80.59 16.26 -47.31
N THR L 214 -79.36 16.74 -47.48
CA THR L 214 -79.05 17.53 -48.68
C THR L 214 -79.29 16.71 -49.94
N ILE L 215 -78.85 15.47 -49.96
CA ILE L 215 -79.03 14.62 -51.13
C ILE L 215 -80.52 14.42 -51.42
N LYS L 216 -81.31 14.23 -50.36
CA LYS L 216 -82.75 14.10 -50.55
C LYS L 216 -83.34 15.38 -51.13
N ALA L 217 -82.88 16.53 -50.66
CA ALA L 217 -83.44 17.80 -51.13
C ALA L 217 -83.08 18.08 -52.58
N THR L 218 -81.97 17.52 -53.07
CA THR L 218 -81.53 17.82 -54.42
C THR L 218 -82.36 17.08 -55.45
N ASP L 219 -82.31 17.58 -56.69
CA ASP L 219 -82.98 16.90 -57.79
C ASP L 219 -82.15 16.89 -59.08
N ASP L 220 -80.86 17.19 -59.02
CA ASP L 220 -80.00 17.26 -60.21
C ASP L 220 -78.97 16.14 -60.19
N PRO L 221 -78.84 15.36 -61.26
CA PRO L 221 -77.85 14.26 -61.24
C PRO L 221 -76.44 14.72 -60.94
N GLU L 222 -75.89 15.63 -61.74
CA GLU L 222 -74.50 16.05 -61.54
C GLU L 222 -74.32 16.72 -60.18
N VAL L 223 -75.36 17.39 -59.68
CA VAL L 223 -75.30 17.93 -58.33
C VAL L 223 -75.15 16.79 -57.32
N LEU L 224 -75.88 15.69 -57.53
CA LEU L 224 -75.73 14.54 -56.66
C LEU L 224 -74.31 13.99 -56.72
N GLU L 225 -73.74 13.93 -57.93
CA GLU L 225 -72.36 13.44 -58.06
C GLU L 225 -71.40 14.32 -57.26
N GLU L 226 -71.56 15.65 -57.38
CA GLU L 226 -70.70 16.55 -56.64
C GLU L 226 -70.87 16.35 -55.14
N ILE L 227 -72.12 16.17 -54.68
CA ILE L 227 -72.35 15.94 -53.27
C ILE L 227 -71.66 14.67 -52.81
N SER L 228 -71.72 13.63 -53.64
CA SER L 228 -71.06 12.37 -53.30
C SER L 228 -69.56 12.57 -53.15
N GLU L 229 -68.96 13.30 -54.10
CA GLU L 229 -67.52 13.55 -54.01
C GLU L 229 -67.18 14.29 -52.73
N PHE L 230 -67.97 15.32 -52.40
CA PHE L 230 -67.70 16.09 -51.18
C PHE L 230 -67.82 15.20 -49.94
N ALA L 231 -68.84 14.36 -49.90
CA ALA L 231 -69.00 13.47 -48.75
C ALA L 231 -67.82 12.52 -48.62
N GLU L 232 -67.35 11.99 -49.75
CA GLU L 232 -66.19 11.12 -49.71
C GLU L 232 -64.99 11.85 -49.12
N GLU L 233 -64.75 13.08 -49.59
CA GLU L 233 -63.63 13.85 -49.06
C GLU L 233 -63.76 14.05 -47.56
N ARG L 234 -64.95 14.42 -47.10
CA ARG L 234 -65.15 14.68 -45.68
C ARG L 234 -64.88 13.41 -44.86
N SER L 235 -65.40 12.27 -45.33
CA SER L 235 -65.18 11.03 -44.61
C SER L 235 -63.69 10.70 -44.54
N ARG L 236 -62.99 10.84 -45.66
CA ARG L 236 -61.55 10.59 -45.68
C ARG L 236 -60.86 11.45 -44.62
N ARG L 237 -61.17 12.74 -44.58
CA ARG L 237 -60.51 13.62 -43.62
C ARG L 237 -60.80 13.21 -42.19
N LEU L 238 -62.07 12.92 -41.88
CA LEU L 238 -62.42 12.54 -40.51
C LEU L 238 -61.69 11.26 -40.10
N SER L 239 -61.68 10.27 -40.98
CA SER L 239 -61.04 9.01 -40.65
C SER L 239 -59.54 9.18 -40.49
N GLU L 240 -58.91 10.03 -41.30
CA GLU L 240 -57.49 10.28 -41.12
C GLU L 240 -57.21 10.93 -39.76
N TYR L 241 -58.04 11.89 -39.37
CA TYR L 241 -57.84 12.52 -38.07
C TYR L 241 -57.93 11.48 -36.97
N ALA L 242 -58.92 10.60 -37.05
CA ALA L 242 -59.01 9.50 -36.10
C ALA L 242 -57.76 8.63 -36.17
N GLU L 243 -57.29 8.34 -37.38
CA GLU L 243 -56.13 7.46 -37.56
C GLU L 243 -54.91 8.00 -36.83
N ARG L 244 -54.76 9.31 -36.79
CA ARG L 244 -53.65 9.85 -36.00
C ARG L 244 -53.95 9.89 -34.51
N HIS L 245 -55.08 10.48 -34.10
CA HIS L 245 -55.22 10.84 -32.70
C HIS L 245 -55.84 9.78 -31.81
N VAL L 246 -56.51 8.76 -32.36
CA VAL L 246 -57.08 7.70 -31.53
C VAL L 246 -55.98 6.69 -31.26
N THR L 247 -55.57 6.58 -30.00
CA THR L 247 -54.44 5.74 -29.63
C THR L 247 -54.82 4.28 -29.39
N ASN L 248 -56.11 3.95 -29.34
CA ASN L 248 -56.50 2.57 -29.03
C ASN L 248 -56.88 1.84 -30.31
N PRO L 249 -56.33 0.64 -30.54
CA PRO L 249 -56.68 -0.06 -31.80
C PRO L 249 -58.17 -0.28 -31.99
N ILE L 250 -58.86 -0.77 -30.95
CA ILE L 250 -60.27 -1.06 -31.09
C ILE L 250 -61.06 0.22 -31.35
N LEU L 251 -60.74 1.28 -30.61
CA LEU L 251 -61.44 2.55 -30.80
C LEU L 251 -61.22 3.06 -32.22
N ALA L 252 -59.99 2.95 -32.73
CA ALA L 252 -59.72 3.38 -34.09
C ALA L 252 -60.52 2.55 -35.08
N ALA L 253 -60.55 1.23 -34.88
CA ALA L 253 -61.29 0.35 -35.77
C ALA L 253 -62.76 0.74 -35.80
N THR L 254 -63.37 0.95 -34.64
CA THR L 254 -64.77 1.34 -34.61
C THR L 254 -64.98 2.71 -35.25
N VAL L 255 -64.07 3.66 -35.02
CA VAL L 255 -64.24 4.98 -35.60
C VAL L 255 -64.24 4.89 -37.12
N VAL L 256 -63.23 4.22 -37.69
CA VAL L 256 -63.14 4.13 -39.14
C VAL L 256 -64.27 3.29 -39.67
N ALA L 257 -64.73 2.29 -38.93
CA ALA L 257 -65.86 1.49 -39.37
C ALA L 257 -67.12 2.32 -39.45
N LEU L 258 -67.37 3.16 -38.46
CA LEU L 258 -68.54 4.03 -38.50
C LEU L 258 -68.43 4.99 -39.68
N ALA L 259 -67.25 5.58 -39.87
CA ALA L 259 -67.07 6.50 -40.99
C ALA L 259 -67.33 5.80 -42.32
N GLU L 260 -66.70 4.64 -42.51
CA GLU L 260 -66.87 3.91 -43.76
C GLU L 260 -68.31 3.50 -43.98
N VAL L 261 -68.98 3.00 -42.94
CA VAL L 261 -70.35 2.57 -43.09
C VAL L 261 -71.23 3.74 -43.52
N LEU L 262 -71.11 4.87 -42.81
CA LEU L 262 -71.95 6.01 -43.13
C LEU L 262 -71.64 6.56 -44.52
N SER L 263 -70.36 6.58 -44.91
CA SER L 263 -70.01 7.09 -46.22
C SER L 263 -70.50 6.18 -47.33
N ALA L 264 -70.42 4.86 -47.11
CA ALA L 264 -71.00 3.92 -48.05
C ALA L 264 -72.49 4.14 -48.17
N VAL L 265 -73.16 4.36 -47.03
CA VAL L 265 -74.58 4.68 -47.06
C VAL L 265 -74.84 5.90 -47.91
N VAL L 266 -74.02 6.95 -47.72
CA VAL L 266 -74.20 8.17 -48.50
C VAL L 266 -74.09 7.86 -49.98
N ARG L 267 -73.06 7.12 -50.37
CA ARG L 267 -72.90 6.74 -51.77
C ARG L 267 -74.08 5.90 -52.26
N ALA L 268 -74.69 5.12 -51.37
CA ALA L 268 -75.78 4.25 -51.79
C ALA L 268 -76.95 5.05 -52.34
N ARG L 269 -77.19 6.23 -51.80
CA ARG L 269 -78.32 7.06 -52.23
C ARG L 269 -78.12 7.65 -53.63
N SER L 270 -77.06 7.26 -54.34
CA SER L 270 -76.82 7.79 -55.67
C SER L 270 -78.02 7.59 -56.58
N TYR L 271 -78.68 6.43 -56.48
CA TYR L 271 -79.69 6.04 -57.47
C TYR L 271 -80.91 5.41 -56.82
N GLY L 272 -81.25 5.84 -55.61
CA GLY L 272 -82.50 5.43 -55.00
C GLY L 272 -82.51 4.06 -54.37
N ALA L 273 -81.35 3.49 -54.09
CA ALA L 273 -81.33 2.17 -53.46
C ALA L 273 -82.02 2.23 -52.11
N PRO L 274 -82.71 1.16 -51.69
CA PRO L 274 -83.54 1.23 -50.48
C PRO L 274 -82.69 1.52 -49.24
N GLU L 275 -83.16 2.48 -48.45
CA GLU L 275 -82.47 2.85 -47.22
C GLU L 275 -82.52 1.76 -46.16
N GLU L 276 -83.45 0.82 -46.28
CA GLU L 276 -83.53 -0.26 -45.29
C GLU L 276 -82.23 -1.06 -45.26
N VAL L 277 -81.57 -1.22 -46.41
CA VAL L 277 -80.28 -1.91 -46.44
C VAL L 277 -79.25 -1.13 -45.64
N GLY L 278 -79.23 0.20 -45.80
CA GLY L 278 -78.33 1.00 -45.00
C GLY L 278 -78.63 0.89 -43.52
N GLU L 279 -79.91 0.86 -43.17
CA GLU L 279 -80.27 0.66 -41.76
C GLU L 279 -79.75 -0.67 -41.25
N LYS L 280 -79.91 -1.73 -42.03
CA LYS L 280 -79.41 -3.04 -41.61
C LYS L 280 -77.90 -3.02 -41.44
N ALA L 281 -77.19 -2.42 -42.39
CA ALA L 281 -75.73 -2.36 -42.28
C ALA L 281 -75.31 -1.54 -41.07
N VAL L 282 -75.98 -0.43 -40.81
CA VAL L 282 -75.63 0.41 -39.66
C VAL L 282 -75.89 -0.36 -38.37
N LYS L 283 -77.02 -1.07 -38.30
CA LYS L 283 -77.30 -1.88 -37.12
C LYS L 283 -76.24 -2.96 -36.95
N GLU L 284 -75.83 -3.60 -38.05
CA GLU L 284 -74.80 -4.62 -37.97
C GLU L 284 -73.50 -4.03 -37.43
N VAL L 285 -73.09 -2.89 -37.98
CA VAL L 285 -71.87 -2.25 -37.53
C VAL L 285 -71.95 -1.90 -36.05
N ARG L 286 -73.08 -1.32 -35.64
CA ARG L 286 -73.22 -0.88 -34.25
C ARG L 286 -73.25 -2.07 -33.30
N GLU L 287 -73.97 -3.13 -33.64
CA GLU L 287 -73.99 -4.32 -32.80
C GLU L 287 -72.61 -4.94 -32.71
N ALA L 288 -71.92 -5.07 -33.85
CA ALA L 288 -70.59 -5.63 -33.85
C ALA L 288 -69.65 -4.80 -32.98
N SER L 289 -69.70 -3.48 -33.12
CA SER L 289 -68.84 -2.62 -32.33
C SER L 289 -69.17 -2.72 -30.86
N GLU L 290 -70.45 -2.76 -30.50
CA GLU L 290 -70.81 -2.90 -29.10
C GLU L 290 -70.30 -4.21 -28.54
N GLU L 291 -70.49 -5.30 -29.28
CA GLU L 291 -70.00 -6.60 -28.81
C GLU L 291 -68.49 -6.59 -28.65
N ALA L 292 -67.78 -6.04 -29.63
CA ALA L 292 -66.32 -5.99 -29.56
C ALA L 292 -65.86 -5.14 -28.39
N LEU L 293 -66.49 -3.99 -28.17
CA LEU L 293 -66.12 -3.14 -27.05
C LEU L 293 -66.39 -3.84 -25.72
N GLU L 294 -67.52 -4.54 -25.62
CA GLU L 294 -67.80 -5.29 -24.40
C GLU L 294 -66.77 -6.39 -24.17
N ARG L 295 -66.42 -7.12 -25.24
CA ARG L 295 -65.42 -8.18 -25.10
C ARG L 295 -64.07 -7.60 -24.67
N TYR L 296 -63.69 -6.46 -25.26
CA TYR L 296 -62.46 -5.80 -24.84
C TYR L 296 -62.54 -5.39 -23.39
N LYS L 297 -63.69 -4.88 -22.96
CA LYS L 297 -63.91 -4.64 -21.53
C LYS L 297 -63.79 -5.93 -20.73
N GLU L 298 -64.19 -7.05 -21.32
CA GLU L 298 -64.03 -8.35 -20.69
C GLU L 298 -62.62 -8.90 -20.81
N GLY L 299 -61.70 -8.15 -21.43
CA GLY L 299 -60.33 -8.57 -21.59
C GLY L 299 -60.03 -9.34 -22.86
N ALA L 300 -60.94 -9.36 -23.83
CA ALA L 300 -60.71 -10.09 -25.06
C ALA L 300 -59.69 -9.36 -25.93
N ASP L 301 -59.15 -10.09 -26.90
CA ASP L 301 -58.10 -9.55 -27.77
C ASP L 301 -58.64 -8.43 -28.64
N GLU L 302 -57.94 -7.30 -28.64
CA GLU L 302 -58.31 -6.20 -29.53
C GLU L 302 -58.04 -6.55 -30.99
N SER L 303 -57.09 -7.44 -31.24
CA SER L 303 -56.78 -7.83 -32.62
C SER L 303 -57.95 -8.58 -33.24
N GLU L 304 -58.49 -9.57 -32.52
CA GLU L 304 -59.64 -10.30 -33.03
C GLU L 304 -60.84 -9.37 -33.22
N LEU L 305 -61.03 -8.43 -32.29
CA LEU L 305 -62.12 -7.47 -32.43
C LEU L 305 -61.95 -6.63 -33.69
N VAL L 306 -60.72 -6.18 -33.94
CA VAL L 306 -60.45 -5.40 -35.15
C VAL L 306 -60.77 -6.23 -36.38
N ALA L 307 -60.33 -7.49 -36.39
CA ALA L 307 -60.60 -8.34 -37.53
C ALA L 307 -62.09 -8.50 -37.76
N GLU L 308 -62.86 -8.74 -36.69
CA GLU L 308 -64.30 -8.90 -36.83
C GLU L 308 -64.93 -7.62 -37.38
N VAL L 309 -64.55 -6.48 -36.80
CA VAL L 309 -65.15 -5.22 -37.23
C VAL L 309 -64.86 -4.96 -38.69
N MET L 310 -63.62 -5.15 -39.11
CA MET L 310 -63.26 -4.92 -40.50
C MET L 310 -63.96 -5.89 -41.43
N THR L 311 -64.10 -7.15 -41.01
CA THR L 311 -64.83 -8.11 -41.83
C THR L 311 -66.25 -7.64 -42.05
N ALA L 312 -66.92 -7.22 -40.98
CA ALA L 312 -68.28 -6.72 -41.10
C ALA L 312 -68.33 -5.48 -41.99
N THR L 313 -67.37 -4.58 -41.84
CA THR L 313 -67.35 -3.36 -42.66
C THR L 313 -67.25 -3.70 -44.15
N ALA L 314 -66.32 -4.59 -44.48
CA ALA L 314 -66.16 -4.99 -45.88
C ALA L 314 -67.43 -5.65 -46.39
N GLU L 315 -68.03 -6.53 -45.58
CA GLU L 315 -69.26 -7.18 -45.99
C GLU L 315 -70.36 -6.15 -46.24
N ALA L 316 -70.47 -5.15 -45.37
CA ALA L 316 -71.50 -4.12 -45.53
C ALA L 316 -71.28 -3.33 -46.81
N VAL L 317 -70.04 -2.91 -47.06
CA VAL L 317 -69.76 -2.16 -48.27
C VAL L 317 -70.14 -2.98 -49.50
N GLY L 318 -69.75 -4.26 -49.50
CA GLY L 318 -70.09 -5.11 -50.62
C GLY L 318 -71.58 -5.27 -50.79
N GLU L 319 -72.29 -5.48 -49.69
CA GLU L 319 -73.74 -5.70 -49.77
C GLU L 319 -74.45 -4.46 -50.32
N ILE L 320 -74.07 -3.28 -49.82
CA ILE L 320 -74.70 -2.05 -50.28
C ILE L 320 -74.42 -1.84 -51.75
N ALA L 321 -73.16 -2.03 -52.16
CA ALA L 321 -72.84 -1.88 -53.58
C ALA L 321 -73.61 -2.90 -54.42
N GLU L 322 -73.75 -4.12 -53.91
CA GLU L 322 -74.46 -5.16 -54.64
C GLU L 322 -75.92 -4.77 -54.86
N ALA L 323 -76.57 -4.27 -53.80
CA ALA L 323 -77.95 -3.83 -53.96
C ALA L 323 -78.05 -2.70 -54.97
N THR L 324 -77.15 -1.72 -54.88
CA THR L 324 -77.18 -0.62 -55.84
C THR L 324 -77.06 -1.15 -57.26
N ILE L 325 -76.14 -2.07 -57.49
CA ILE L 325 -75.99 -2.67 -58.82
C ILE L 325 -77.26 -3.40 -59.22
N GLU L 326 -77.90 -4.08 -58.25
CA GLU L 326 -79.13 -4.81 -58.53
C GLU L 326 -80.19 -3.87 -59.07
N ALA L 327 -80.24 -2.64 -58.55
CA ALA L 327 -81.24 -1.70 -59.04
C ALA L 327 -80.88 -1.15 -60.42
N THR L 328 -79.62 -0.83 -60.65
CA THR L 328 -79.20 -0.08 -61.83
C THR L 328 -79.39 -0.92 -63.09
N ASP L 329 -80.17 -0.40 -64.05
CA ASP L 329 -80.36 -1.08 -65.33
C ASP L 329 -79.32 -0.68 -66.37
N ASP L 330 -78.84 0.56 -66.32
CA ASP L 330 -77.97 1.09 -67.38
C ASP L 330 -76.57 0.48 -67.30
N PRO L 331 -76.05 -0.11 -68.37
CA PRO L 331 -74.71 -0.73 -68.30
C PRO L 331 -73.62 0.23 -67.82
N GLU L 332 -73.58 1.44 -68.36
CA GLU L 332 -72.52 2.37 -67.97
C GLU L 332 -72.60 2.70 -66.50
N LYS L 333 -73.80 2.90 -65.98
CA LYS L 333 -73.96 3.12 -64.55
C LYS L 333 -73.49 1.90 -63.77
N ARG L 334 -73.82 0.70 -64.26
CA ARG L 334 -73.39 -0.50 -63.57
C ARG L 334 -71.88 -0.56 -63.44
N ARG L 335 -71.16 -0.33 -64.55
CA ARG L 335 -69.70 -0.39 -64.47
C ARG L 335 -69.13 0.74 -63.64
N LYS L 336 -69.73 1.93 -63.68
CA LYS L 336 -69.26 3.01 -62.81
C LYS L 336 -69.43 2.65 -61.34
N ILE L 337 -70.60 2.12 -60.99
CA ILE L 337 -70.83 1.65 -59.63
C ILE L 337 -69.80 0.62 -59.25
N ALA L 338 -69.47 -0.28 -60.19
CA ALA L 338 -68.47 -1.30 -59.90
C ALA L 338 -67.10 -0.68 -59.65
N GLU L 339 -66.76 0.36 -60.40
CA GLU L 339 -65.48 1.02 -60.16
C GLU L 339 -65.43 1.64 -58.77
N PHE L 340 -66.50 2.31 -58.37
CA PHE L 340 -66.53 2.85 -57.00
C PHE L 340 -66.52 1.75 -55.96
N ALA L 341 -67.19 0.62 -56.23
CA ALA L 341 -67.13 -0.50 -55.30
C ALA L 341 -65.72 -1.01 -55.15
N ARG L 342 -64.99 -1.09 -56.27
CA ARG L 342 -63.60 -1.53 -56.23
C ARG L 342 -62.76 -0.55 -55.42
N GLU L 343 -62.99 0.75 -55.62
CA GLU L 343 -62.28 1.74 -54.84
C GLU L 343 -62.55 1.58 -53.35
N LYS L 344 -63.82 1.35 -52.98
CA LYS L 344 -64.16 1.15 -51.58
C LYS L 344 -63.47 -0.08 -51.02
N MET L 345 -63.46 -1.17 -51.79
CA MET L 345 -62.78 -2.38 -51.35
C MET L 345 -61.31 -2.09 -51.09
N ARG L 346 -60.67 -1.37 -52.00
CA ARG L 346 -59.27 -1.01 -51.80
C ARG L 346 -59.09 -0.18 -50.54
N ARG L 347 -59.98 0.79 -50.33
CA ARG L 347 -59.87 1.63 -49.14
C ARG L 347 -59.94 0.80 -47.88
N ILE L 348 -60.93 -0.10 -47.79
CA ILE L 348 -61.10 -0.90 -46.58
C ILE L 348 -59.91 -1.82 -46.39
N ARG L 349 -59.43 -2.45 -47.45
CA ARG L 349 -58.28 -3.34 -47.33
C ARG L 349 -57.06 -2.59 -46.83
N GLU L 350 -56.76 -1.44 -47.45
CA GLU L 350 -55.59 -0.67 -47.06
C GLU L 350 -55.70 -0.22 -45.62
N LEU L 351 -56.87 0.27 -45.22
CA LEU L 351 -57.05 0.71 -43.84
C LEU L 351 -56.86 -0.46 -42.87
N ALA L 352 -57.44 -1.62 -43.19
CA ALA L 352 -57.37 -2.75 -42.27
C ALA L 352 -55.94 -3.24 -42.10
N ARG L 353 -55.15 -3.25 -43.18
CA ARG L 353 -53.80 -3.80 -43.08
C ARG L 353 -52.96 -3.11 -42.03
N LYS L 354 -53.24 -1.83 -41.76
CA LYS L 354 -52.44 -1.11 -40.77
C LYS L 354 -52.92 -1.36 -39.34
N LEU L 355 -54.23 -1.45 -39.14
CA LEU L 355 -54.78 -1.60 -37.79
C LEU L 355 -54.57 -3.01 -37.23
N VAL L 356 -54.78 -4.04 -38.05
CA VAL L 356 -54.77 -5.42 -37.59
C VAL L 356 -53.32 -5.85 -37.38
N GLU L 357 -52.97 -6.17 -36.14
CA GLU L 357 -51.62 -6.61 -35.83
C GLU L 357 -51.39 -8.09 -36.08
N ASP L 358 -52.43 -8.92 -36.04
CA ASP L 358 -52.25 -10.36 -36.20
C ASP L 358 -51.96 -10.66 -37.68
N PRO L 359 -50.83 -11.27 -38.01
CA PRO L 359 -50.54 -11.51 -39.44
C PRO L 359 -51.58 -12.38 -40.13
N VAL L 360 -52.03 -13.45 -39.47
CA VAL L 360 -52.95 -14.38 -40.10
C VAL L 360 -54.28 -13.70 -40.36
N LEU L 361 -54.82 -13.00 -39.36
CA LEU L 361 -56.07 -12.29 -39.55
C LEU L 361 -55.93 -11.20 -40.61
N ALA L 362 -54.76 -10.56 -40.67
CA ALA L 362 -54.54 -9.56 -41.72
C ALA L 362 -54.67 -10.17 -43.10
N ALA L 363 -53.95 -11.26 -43.34
CA ALA L 363 -54.05 -11.94 -44.62
C ALA L 363 -55.50 -12.37 -44.89
N ALA L 364 -56.19 -12.85 -43.86
CA ALA L 364 -57.56 -13.32 -44.05
C ALA L 364 -58.47 -12.17 -44.50
N VAL L 365 -58.35 -11.02 -43.83
CA VAL L 365 -59.16 -9.87 -44.21
C VAL L 365 -58.84 -9.45 -45.63
N ALA L 366 -57.56 -9.44 -46.00
CA ALA L 366 -57.20 -9.06 -47.35
C ALA L 366 -57.83 -9.99 -48.37
N ALA L 367 -57.74 -11.31 -48.13
CA ALA L 367 -58.31 -12.26 -49.07
C ALA L 367 -59.82 -12.08 -49.18
N ARG L 368 -60.50 -11.94 -48.04
CA ARG L 368 -61.94 -11.73 -48.04
C ARG L 368 -62.31 -10.50 -48.88
N ALA L 369 -61.60 -9.40 -48.65
CA ALA L 369 -61.90 -8.16 -49.35
C ALA L 369 -61.68 -8.31 -50.86
N LEU L 370 -60.57 -8.94 -51.26
CA LEU L 370 -60.32 -9.15 -52.68
C LEU L 370 -61.41 -10.00 -53.30
N VAL L 371 -61.82 -11.05 -52.58
CA VAL L 371 -62.88 -11.92 -53.10
C VAL L 371 -64.14 -11.11 -53.36
N LEU L 372 -64.57 -10.33 -52.37
CA LEU L 372 -65.80 -9.55 -52.55
C LEU L 372 -65.66 -8.54 -53.68
N SER L 373 -64.51 -7.87 -53.77
CA SER L 373 -64.34 -6.88 -54.84
C SER L 373 -64.49 -7.53 -56.21
N ALA L 374 -63.77 -8.63 -56.42
CA ALA L 374 -63.87 -9.31 -57.70
C ALA L 374 -65.30 -9.79 -57.94
N ALA L 375 -65.95 -10.31 -56.91
CA ALA L 375 -67.29 -10.84 -57.06
C ALA L 375 -68.28 -9.76 -57.48
N VAL L 376 -68.22 -8.60 -56.81
CA VAL L 376 -69.12 -7.51 -57.15
C VAL L 376 -68.87 -7.03 -58.58
N PHE L 377 -67.60 -6.85 -58.95
CA PHE L 377 -67.36 -6.39 -60.31
C PHE L 377 -67.91 -7.39 -61.31
N ALA L 378 -67.65 -8.68 -61.10
CA ALA L 378 -68.16 -9.69 -62.01
C ALA L 378 -69.68 -9.65 -62.07
N LYS L 379 -70.32 -9.46 -60.92
CA LYS L 379 -71.76 -9.31 -60.88
C LYS L 379 -72.21 -8.19 -61.81
N ALA L 380 -71.43 -7.12 -61.87
CA ALA L 380 -71.85 -5.97 -62.66
C ALA L 380 -72.22 -6.36 -64.09
N TYR L 381 -71.46 -7.26 -64.71
CA TYR L 381 -71.75 -7.67 -66.08
C TYR L 381 -72.95 -8.61 -66.21
N GLY L 382 -73.46 -9.14 -65.11
CA GLY L 382 -74.67 -9.94 -65.16
C GLY L 382 -74.48 -11.43 -65.31
N GLY L 383 -73.29 -11.96 -65.01
CA GLY L 383 -73.09 -13.39 -65.01
C GLY L 383 -73.85 -14.05 -63.88
N PRO L 384 -74.08 -15.36 -64.00
CA PRO L 384 -74.83 -16.07 -62.95
C PRO L 384 -74.22 -15.85 -61.58
N GLU L 385 -75.08 -15.56 -60.60
CA GLU L 385 -74.61 -15.32 -59.24
C GLU L 385 -74.18 -16.59 -58.53
N GLU L 386 -74.60 -17.76 -59.01
CA GLU L 386 -74.28 -19.00 -58.32
C GLU L 386 -72.78 -19.25 -58.31
N TYR L 387 -72.10 -19.02 -59.43
CA TYR L 387 -70.66 -19.26 -59.49
C TYR L 387 -69.94 -18.36 -58.50
N SER L 388 -70.30 -17.07 -58.49
CA SER L 388 -69.69 -16.15 -57.55
C SER L 388 -69.97 -16.57 -56.11
N ARG L 389 -71.19 -17.04 -55.84
CA ARG L 389 -71.53 -17.48 -54.50
C ARG L 389 -70.66 -18.66 -54.08
N LEU L 390 -70.45 -19.62 -54.98
CA LEU L 390 -69.57 -20.73 -54.66
C LEU L 390 -68.16 -20.25 -54.39
N MET L 391 -67.68 -19.28 -55.16
CA MET L 391 -66.32 -18.81 -54.91
C MET L 391 -66.23 -18.09 -53.58
N ARG L 392 -67.25 -17.31 -53.24
CA ARG L 392 -67.32 -16.70 -51.92
C ARG L 392 -67.26 -17.78 -50.84
N ARG L 393 -68.00 -18.86 -51.05
CA ARG L 393 -68.03 -19.95 -50.08
C ARG L 393 -66.63 -20.52 -49.89
N TRP L 394 -65.91 -20.75 -50.98
CA TRP L 394 -64.53 -21.24 -50.87
C TRP L 394 -63.65 -20.28 -50.09
N VAL L 395 -63.71 -18.99 -50.42
CA VAL L 395 -62.86 -18.04 -49.71
C VAL L 395 -63.19 -18.06 -48.22
N GLU L 396 -64.47 -18.09 -47.88
CA GLU L 396 -64.88 -18.10 -46.49
C GLU L 396 -64.41 -19.37 -45.80
N LYS L 397 -64.50 -20.51 -46.48
CA LYS L 397 -64.04 -21.76 -45.90
C LYS L 397 -62.55 -21.69 -45.61
N ALA L 398 -61.77 -21.11 -46.53
CA ALA L 398 -60.35 -20.93 -46.27
C ALA L 398 -60.13 -20.08 -45.03
N ALA L 399 -60.89 -19.00 -44.90
CA ALA L 399 -60.75 -18.16 -43.72
C ALA L 399 -61.09 -18.94 -42.44
N GLU L 400 -62.14 -19.75 -42.49
CA GLU L 400 -62.53 -20.53 -41.32
C GLU L 400 -61.42 -21.49 -40.93
N LEU L 401 -60.87 -22.20 -41.91
CA LEU L 401 -59.77 -23.13 -41.64
C LEU L 401 -58.58 -22.39 -41.04
N ALA L 402 -58.26 -21.21 -41.60
CA ALA L 402 -57.12 -20.45 -41.11
C ALA L 402 -57.32 -20.01 -39.67
N ARG L 403 -58.51 -19.52 -39.34
CA ARG L 403 -58.76 -19.09 -37.97
C ARG L 403 -58.74 -20.27 -37.01
N ARG L 404 -59.28 -21.41 -37.43
CA ARG L 404 -59.20 -22.62 -36.60
C ARG L 404 -57.75 -23.00 -36.34
N ALA L 405 -56.92 -23.00 -37.39
CA ALA L 405 -55.52 -23.36 -37.21
C ALA L 405 -54.79 -22.35 -36.34
N ARG L 406 -55.14 -21.07 -36.46
CA ARG L 406 -54.56 -20.07 -35.58
C ARG L 406 -54.91 -20.36 -34.13
N ARG L 407 -56.16 -20.74 -33.88
CA ARG L 407 -56.52 -21.21 -32.55
C ARG L 407 -55.69 -22.42 -32.15
N LEU L 408 -55.32 -23.26 -33.12
CA LEU L 408 -54.47 -24.41 -32.82
C LEU L 408 -53.03 -24.02 -32.53
N GLY L 409 -52.61 -22.82 -32.89
CA GLY L 409 -51.25 -22.39 -32.63
C GLY L 409 -50.22 -22.87 -33.64
N ALA L 410 -50.58 -22.94 -34.91
CA ALA L 410 -49.67 -23.41 -35.94
C ALA L 410 -48.65 -22.33 -36.32
N ASP L 411 -47.69 -22.71 -37.14
CA ASP L 411 -46.73 -21.76 -37.67
C ASP L 411 -47.43 -20.79 -38.63
N GLU L 412 -47.14 -19.50 -38.47
CA GLU L 412 -47.83 -18.49 -39.25
C GLU L 412 -47.52 -18.57 -40.74
N SER L 413 -46.34 -19.08 -41.10
CA SER L 413 -45.93 -19.06 -42.50
C SER L 413 -46.85 -19.92 -43.36
N VAL L 414 -47.18 -21.12 -42.89
CA VAL L 414 -47.99 -22.03 -43.69
C VAL L 414 -49.38 -21.44 -43.92
N LEU L 415 -49.99 -20.88 -42.87
CA LEU L 415 -51.31 -20.29 -43.00
C LEU L 415 -51.27 -19.06 -43.91
N VAL L 416 -50.21 -18.25 -43.79
CA VAL L 416 -50.07 -17.08 -44.65
C VAL L 416 -49.97 -17.50 -46.10
N ALA L 417 -49.29 -18.61 -46.36
CA ALA L 417 -49.26 -19.14 -47.72
C ALA L 417 -50.63 -19.61 -48.16
N ALA L 418 -51.34 -20.32 -47.29
CA ALA L 418 -52.63 -20.88 -47.65
C ALA L 418 -53.60 -19.79 -48.08
N LEU L 419 -53.77 -18.78 -47.24
CA LEU L 419 -54.79 -17.77 -47.51
C LEU L 419 -54.55 -17.09 -48.85
N MET L 420 -53.30 -16.68 -49.10
CA MET L 420 -53.02 -15.94 -50.31
C MET L 420 -53.08 -16.83 -51.54
N ARG L 421 -52.67 -18.10 -51.41
CA ARG L 421 -52.79 -19.01 -52.55
C ARG L 421 -54.26 -19.15 -52.95
N VAL L 422 -55.13 -19.33 -51.96
CA VAL L 422 -56.57 -19.43 -52.24
C VAL L 422 -57.03 -18.15 -52.93
N ALA L 423 -56.61 -17.00 -52.42
CA ALA L 423 -57.05 -15.73 -53.01
C ALA L 423 -56.63 -15.64 -54.47
N ALA L 424 -55.40 -16.02 -54.78
CA ALA L 424 -54.93 -15.97 -56.15
C ALA L 424 -55.77 -16.87 -57.05
N ILE L 425 -55.92 -18.13 -56.65
CA ILE L 425 -56.72 -19.07 -57.45
C ILE L 425 -58.11 -18.49 -57.67
N ALA L 426 -58.71 -17.97 -56.61
CA ALA L 426 -60.04 -17.40 -56.73
C ALA L 426 -60.07 -16.28 -57.76
N VAL L 427 -59.36 -15.19 -57.48
CA VAL L 427 -59.52 -14.00 -58.32
C VAL L 427 -59.24 -14.34 -59.77
N THR L 428 -58.22 -15.17 -60.03
CA THR L 428 -57.94 -15.55 -61.40
C THR L 428 -59.10 -16.34 -61.99
N ALA L 429 -59.73 -17.23 -61.21
CA ALA L 429 -60.86 -17.99 -61.73
C ALA L 429 -62.03 -17.09 -62.07
N ILE L 430 -62.40 -16.20 -61.15
CA ILE L 430 -63.50 -15.29 -61.42
C ILE L 430 -63.20 -14.44 -62.65
N ALA L 431 -61.99 -13.91 -62.75
CA ALA L 431 -61.65 -13.08 -63.90
C ALA L 431 -61.76 -13.87 -65.19
N MET L 432 -61.20 -15.09 -65.21
CA MET L 432 -61.25 -15.89 -66.43
C MET L 432 -62.68 -16.19 -66.82
N MET L 433 -63.52 -16.52 -65.84
CA MET L 433 -64.93 -16.77 -66.12
C MET L 433 -65.58 -15.55 -66.75
N THR L 434 -65.36 -14.38 -66.16
CA THR L 434 -65.94 -13.16 -66.72
C THR L 434 -65.44 -12.94 -68.14
N VAL L 435 -64.16 -13.19 -68.38
CA VAL L 435 -63.59 -12.95 -69.70
C VAL L 435 -64.23 -13.85 -70.73
N MET L 436 -64.32 -15.15 -70.44
CA MET L 436 -64.93 -16.07 -71.39
C MET L 436 -66.41 -15.76 -71.58
N GLY L 437 -67.09 -15.29 -70.53
CA GLY L 437 -68.47 -14.89 -70.69
C GLY L 437 -68.61 -13.71 -71.64
N VAL L 438 -67.76 -12.70 -71.47
CA VAL L 438 -67.80 -11.55 -72.36
C VAL L 438 -67.52 -11.97 -73.79
N GLN L 439 -66.60 -12.92 -73.98
CA GLN L 439 -66.30 -13.43 -75.31
C GLN L 439 -67.45 -14.22 -75.92
N ASN L 440 -68.53 -14.45 -75.16
CA ASN L 440 -69.72 -15.13 -75.69
C ASN L 440 -69.43 -16.61 -75.94
N ALA L 441 -68.68 -17.24 -75.04
CA ALA L 441 -68.38 -18.65 -75.16
C ALA L 441 -69.62 -19.49 -74.84
N PRO L 442 -69.67 -20.73 -75.34
CA PRO L 442 -70.81 -21.58 -75.03
C PRO L 442 -70.78 -22.06 -73.60
N PRO L 443 -71.93 -22.41 -73.02
CA PRO L 443 -71.93 -22.78 -71.59
C PRO L 443 -71.13 -24.03 -71.29
N GLU L 444 -71.06 -24.99 -72.21
CA GLU L 444 -70.24 -26.17 -71.96
C GLU L 444 -68.78 -25.78 -71.76
N GLU L 445 -68.27 -24.87 -72.59
CA GLU L 445 -66.92 -24.39 -72.41
C GLU L 445 -66.78 -23.63 -71.09
N ARG L 446 -67.76 -22.78 -70.77
CA ARG L 446 -67.67 -21.96 -69.57
C ARG L 446 -67.60 -22.80 -68.31
N GLU L 447 -68.42 -23.85 -68.23
CA GLU L 447 -68.49 -24.65 -67.01
C GLU L 447 -67.13 -25.23 -66.65
N ARG L 448 -66.31 -25.55 -67.65
CA ARG L 448 -65.02 -26.20 -67.39
C ARG L 448 -64.19 -25.40 -66.40
N ILE L 449 -64.31 -24.07 -66.44
CA ILE L 449 -63.50 -23.22 -65.56
C ILE L 449 -63.78 -23.54 -64.10
N LEU L 450 -65.05 -23.73 -63.74
CA LEU L 450 -65.37 -23.96 -62.34
C LEU L 450 -64.75 -25.25 -61.85
N ALA L 451 -64.82 -26.32 -62.65
CA ALA L 451 -64.19 -27.56 -62.25
C ALA L 451 -62.70 -27.35 -62.02
N GLU L 452 -62.02 -26.73 -62.99
CA GLU L 452 -60.58 -26.51 -62.86
C GLU L 452 -60.28 -25.73 -61.58
N ALA L 453 -61.05 -24.68 -61.31
CA ALA L 453 -60.80 -23.88 -60.12
C ALA L 453 -61.01 -24.68 -58.84
N THR L 454 -62.17 -25.34 -58.71
CA THR L 454 -62.52 -25.94 -57.44
C THR L 454 -61.59 -27.09 -57.10
N GLU L 455 -61.09 -27.79 -58.11
CA GLU L 455 -60.07 -28.82 -57.86
C GLU L 455 -58.84 -28.21 -57.19
N MET L 456 -58.25 -27.21 -57.84
CA MET L 456 -57.01 -26.62 -57.34
C MET L 456 -57.22 -26.02 -55.95
N ILE L 457 -58.32 -25.31 -55.75
CA ILE L 457 -58.58 -24.69 -54.46
C ILE L 457 -58.66 -25.76 -53.37
N ALA L 458 -59.40 -26.82 -53.64
CA ALA L 458 -59.53 -27.89 -52.64
C ALA L 458 -58.18 -28.52 -52.36
N ARG L 459 -57.46 -28.91 -53.42
CA ARG L 459 -56.15 -29.52 -53.22
C ARG L 459 -55.20 -28.55 -52.53
N VAL L 460 -55.30 -27.26 -52.85
CA VAL L 460 -54.45 -26.27 -52.21
C VAL L 460 -54.72 -26.24 -50.71
N LEU L 461 -55.99 -26.20 -50.32
CA LEU L 461 -56.31 -26.23 -48.90
C LEU L 461 -55.91 -27.54 -48.26
N ALA L 462 -56.07 -28.65 -48.98
CA ALA L 462 -55.70 -29.95 -48.42
C ALA L 462 -54.22 -29.98 -48.08
N GLU L 463 -53.38 -29.50 -48.99
CA GLU L 463 -51.94 -29.52 -48.74
C GLU L 463 -51.59 -28.73 -47.49
N ALA L 464 -52.22 -27.58 -47.29
CA ALA L 464 -51.95 -26.81 -46.09
C ALA L 464 -52.31 -27.59 -44.84
N THR L 465 -53.47 -28.25 -44.85
CA THR L 465 -53.88 -29.04 -43.69
C THR L 465 -52.81 -30.07 -43.35
N ARG L 466 -52.30 -30.78 -44.35
CA ARG L 466 -51.27 -31.78 -44.11
C ARG L 466 -50.03 -31.14 -43.48
N ARG L 467 -49.60 -30.00 -44.03
CA ARG L 467 -48.40 -29.36 -43.53
C ARG L 467 -48.56 -28.94 -42.08
N VAL L 468 -49.70 -28.35 -41.74
CA VAL L 468 -49.92 -27.90 -40.36
C VAL L 468 -50.01 -29.10 -39.43
N MET L 469 -50.76 -30.12 -39.82
CA MET L 469 -50.99 -31.26 -38.95
C MET L 469 -49.68 -31.90 -38.52
N LYS L 470 -48.70 -31.93 -39.42
CA LYS L 470 -47.45 -32.61 -39.11
C LYS L 470 -46.75 -31.99 -37.91
N ARG L 471 -46.96 -30.70 -37.67
CA ARG L 471 -46.27 -30.00 -36.59
C ARG L 471 -47.00 -30.05 -35.26
N LEU L 472 -48.22 -30.56 -35.21
CA LEU L 472 -48.99 -30.54 -33.98
C LEU L 472 -48.49 -31.63 -33.03
N GLU L 473 -49.05 -31.67 -31.82
CA GLU L 473 -48.71 -32.71 -30.85
C GLU L 473 -49.96 -33.33 -30.21
N ASP L 474 -51.04 -32.55 -30.11
CA ASP L 474 -52.23 -33.01 -29.41
C ASP L 474 -53.03 -33.96 -30.29
N PRO L 475 -53.28 -35.20 -29.85
CA PRO L 475 -53.95 -36.14 -30.75
C PRO L 475 -55.39 -35.75 -31.04
N GLU L 476 -56.14 -35.37 -30.02
CA GLU L 476 -57.53 -34.97 -30.23
C GLU L 476 -57.60 -33.76 -31.15
N ALA L 477 -56.72 -32.79 -30.96
CA ALA L 477 -56.73 -31.61 -31.82
C ALA L 477 -56.37 -31.96 -33.26
N ALA L 478 -55.39 -32.84 -33.45
CA ALA L 478 -55.04 -33.25 -34.81
C ALA L 478 -56.21 -33.96 -35.49
N ALA L 479 -56.87 -34.86 -34.76
CA ALA L 479 -58.04 -35.52 -35.31
C ALA L 479 -59.13 -34.51 -35.64
N GLU L 480 -59.30 -33.50 -34.78
CA GLU L 480 -60.28 -32.47 -35.05
C GLU L 480 -59.97 -31.72 -36.33
N LEU L 481 -58.69 -31.38 -36.54
CA LEU L 481 -58.31 -30.72 -37.78
C LEU L 481 -58.64 -31.59 -38.98
N ALA L 482 -58.30 -32.88 -38.90
CA ALA L 482 -58.57 -33.79 -40.00
C ALA L 482 -60.07 -33.84 -40.30
N LEU L 483 -60.88 -34.07 -39.27
CA LEU L 483 -62.32 -34.19 -39.46
C LEU L 483 -62.91 -32.91 -40.01
N ALA L 484 -62.50 -31.77 -39.46
CA ALA L 484 -63.05 -30.49 -39.90
C ALA L 484 -62.76 -30.25 -41.38
N THR L 485 -61.49 -30.41 -41.77
CA THR L 485 -61.14 -30.15 -43.16
C THR L 485 -61.83 -31.15 -44.09
N ILE L 486 -61.94 -32.41 -43.66
CA ILE L 486 -62.62 -33.40 -44.50
C ILE L 486 -64.07 -32.99 -44.71
N GLU L 487 -64.76 -32.59 -43.64
CA GLU L 487 -66.15 -32.17 -43.77
C GLU L 487 -66.26 -30.97 -44.70
N ALA L 488 -65.39 -29.99 -44.52
CA ALA L 488 -65.49 -28.78 -45.34
C ALA L 488 -65.30 -29.09 -46.81
N ILE L 489 -64.24 -29.84 -47.14
CA ILE L 489 -63.97 -30.16 -48.54
C ILE L 489 -65.11 -30.97 -49.12
N THR L 490 -65.66 -31.91 -48.33
CA THR L 490 -66.79 -32.68 -48.81
C THR L 490 -67.97 -31.78 -49.14
N GLU L 491 -68.26 -30.83 -48.27
CA GLU L 491 -69.39 -29.92 -48.52
C GLU L 491 -69.16 -29.12 -49.79
N LEU L 492 -67.95 -28.61 -49.97
CA LEU L 492 -67.67 -27.80 -51.15
C LEU L 492 -67.81 -28.62 -52.43
N PHE L 493 -67.27 -29.84 -52.44
CA PHE L 493 -67.43 -30.68 -53.62
C PHE L 493 -68.88 -31.04 -53.85
N VAL L 494 -69.65 -31.25 -52.79
CA VAL L 494 -71.08 -31.51 -52.98
C VAL L 494 -71.72 -30.34 -53.70
N ASP L 495 -71.43 -29.12 -53.25
CA ASP L 495 -72.02 -27.94 -53.89
C ASP L 495 -71.62 -27.87 -55.36
N ALA L 496 -70.33 -28.06 -55.64
CA ALA L 496 -69.88 -28.00 -57.03
C ALA L 496 -70.61 -29.05 -57.86
N LEU L 497 -70.58 -30.31 -57.43
CA LEU L 497 -71.23 -31.36 -58.18
C LEU L 497 -72.70 -31.04 -58.41
N GLU L 498 -73.32 -30.30 -57.49
CA GLU L 498 -74.65 -29.79 -57.76
C GLU L 498 -74.64 -28.79 -58.92
N ILE L 499 -73.64 -27.90 -58.96
CA ILE L 499 -73.68 -26.80 -59.91
C ILE L 499 -73.46 -27.30 -61.35
N ILE L 500 -72.36 -28.02 -61.58
CA ILE L 500 -71.95 -28.32 -62.95
C ILE L 500 -73.01 -29.10 -63.72
N ARG L 501 -72.99 -28.97 -65.05
CA ARG L 501 -74.02 -29.53 -65.91
C ARG L 501 -73.42 -30.03 -67.23
N SER L 502 -72.39 -30.86 -67.16
CA SER L 502 -71.79 -31.42 -68.37
C SER L 502 -71.22 -32.80 -68.08
N GLY L 503 -71.15 -33.63 -69.12
CA GLY L 503 -70.67 -34.99 -68.96
C GLY L 503 -69.20 -35.10 -68.63
N GLU L 504 -68.34 -34.78 -69.60
CA GLU L 504 -66.91 -34.91 -69.39
C GLU L 504 -66.45 -34.10 -68.19
N VAL L 505 -67.06 -32.94 -67.96
CA VAL L 505 -66.72 -32.14 -66.78
C VAL L 505 -67.05 -32.91 -65.51
N ALA L 506 -68.22 -33.56 -65.47
CA ALA L 506 -68.60 -34.31 -64.27
C ALA L 506 -67.64 -35.46 -64.00
N SER L 507 -67.26 -36.19 -65.04
CA SER L 507 -66.30 -37.27 -64.86
C SER L 507 -65.00 -36.75 -64.25
N ARG L 508 -64.46 -35.68 -64.83
CA ARG L 508 -63.26 -35.07 -64.28
C ARG L 508 -63.44 -34.75 -62.81
N LEU L 509 -64.53 -34.07 -62.47
CA LEU L 509 -64.71 -33.58 -61.10
C LEU L 509 -64.74 -34.72 -60.11
N ALA L 510 -65.49 -35.78 -60.40
CA ALA L 510 -65.63 -36.88 -59.45
C ALA L 510 -64.29 -37.50 -59.14
N LYS L 511 -63.51 -37.83 -60.18
CA LYS L 511 -62.23 -38.49 -59.96
C LYS L 511 -61.31 -37.61 -59.13
N SER L 512 -61.26 -36.31 -59.44
CA SER L 512 -60.39 -35.42 -58.68
C SER L 512 -60.81 -35.37 -57.22
N GLY L 513 -62.11 -35.24 -56.97
CA GLY L 513 -62.57 -35.17 -55.59
C GLY L 513 -62.26 -36.43 -54.80
N ILE L 514 -62.47 -37.59 -55.42
CA ILE L 514 -62.26 -38.84 -54.72
C ILE L 514 -60.83 -38.94 -54.23
N GLU L 515 -59.87 -38.73 -55.12
CA GLU L 515 -58.46 -38.82 -54.75
C GLU L 515 -58.11 -37.80 -53.67
N VAL L 516 -58.61 -36.58 -53.81
CA VAL L 516 -58.25 -35.51 -52.86
C VAL L 516 -58.65 -35.91 -51.45
N ILE L 517 -59.89 -36.36 -51.26
CA ILE L 517 -60.36 -36.67 -49.92
C ILE L 517 -59.69 -37.92 -49.39
N ALA L 518 -59.48 -38.92 -50.25
CA ALA L 518 -58.84 -40.15 -49.80
C ALA L 518 -57.43 -39.86 -49.28
N GLU L 519 -56.61 -39.19 -50.09
CA GLU L 519 -55.24 -38.92 -49.69
C GLU L 519 -55.21 -38.12 -48.39
N LEU L 520 -56.04 -37.08 -48.29
CA LEU L 520 -56.06 -36.28 -47.07
C LEU L 520 -56.46 -37.13 -45.87
N ALA L 521 -57.47 -37.99 -46.05
CA ALA L 521 -57.87 -38.86 -44.95
C ALA L 521 -56.77 -39.84 -44.60
N GLU L 522 -56.13 -40.42 -45.61
CA GLU L 522 -55.03 -41.36 -45.35
C GLU L 522 -53.92 -40.69 -44.56
N ALA L 523 -53.55 -39.47 -44.95
CA ALA L 523 -52.49 -38.76 -44.24
C ALA L 523 -52.85 -38.62 -42.77
N ALA L 524 -54.09 -38.30 -42.46
CA ALA L 524 -54.51 -38.22 -41.06
C ALA L 524 -54.44 -39.59 -40.40
N ILE L 525 -54.84 -40.64 -41.11
CA ILE L 525 -54.83 -41.98 -40.55
C ILE L 525 -53.43 -42.38 -40.10
N GLU L 526 -52.40 -41.78 -40.69
CA GLU L 526 -51.04 -42.15 -40.33
C GLU L 526 -50.73 -41.85 -38.87
N HIS L 527 -51.40 -40.88 -38.27
CA HIS L 527 -51.05 -40.43 -36.93
C HIS L 527 -51.82 -41.23 -35.87
N ILE L 528 -51.20 -41.34 -34.70
CA ILE L 528 -51.71 -42.24 -33.66
C ILE L 528 -53.06 -41.74 -33.13
N ASP L 529 -53.78 -42.66 -32.49
CA ASP L 529 -55.04 -42.34 -31.83
C ASP L 529 -55.45 -43.52 -30.97
N ASP L 530 -56.35 -43.25 -30.03
CA ASP L 530 -57.05 -44.33 -29.35
C ASP L 530 -58.11 -44.92 -30.29
N PRO L 531 -58.46 -46.20 -30.11
CA PRO L 531 -59.27 -46.87 -31.14
C PRO L 531 -60.53 -46.12 -31.53
N GLU L 532 -61.25 -45.54 -30.57
CA GLU L 532 -62.49 -44.85 -30.90
C GLU L 532 -62.25 -43.70 -31.87
N GLN L 533 -61.19 -42.92 -31.64
CA GLN L 533 -60.85 -41.85 -32.58
C GLN L 533 -60.51 -42.42 -33.95
N LEU L 534 -59.78 -43.53 -34.00
CA LEU L 534 -59.49 -44.16 -35.28
C LEU L 534 -60.77 -44.59 -35.98
N LYS L 535 -61.68 -45.23 -35.22
CA LYS L 535 -62.94 -45.67 -35.80
C LYS L 535 -63.75 -44.48 -36.32
N LYS L 536 -63.77 -43.39 -35.57
CA LYS L 536 -64.49 -42.20 -36.03
C LYS L 536 -63.90 -41.69 -37.33
N ILE L 537 -62.57 -41.66 -37.44
CA ILE L 537 -61.94 -41.18 -38.66
C ILE L 537 -62.34 -42.04 -39.85
N VAL L 538 -62.33 -43.36 -39.68
CA VAL L 538 -62.70 -44.25 -40.77
C VAL L 538 -64.16 -44.02 -41.17
N LYS L 539 -65.04 -43.87 -40.17
CA LYS L 539 -66.46 -43.68 -40.47
C LYS L 539 -66.67 -42.40 -41.28
N LYS L 540 -66.02 -41.31 -40.88
CA LYS L 540 -66.22 -40.05 -41.58
C LYS L 540 -65.81 -40.16 -43.04
N ALA L 541 -64.64 -40.73 -43.31
CA ALA L 541 -64.19 -40.87 -44.69
C ALA L 541 -65.15 -41.71 -45.51
N ALA L 542 -65.63 -42.82 -44.94
CA ALA L 542 -66.57 -43.66 -45.67
C ALA L 542 -67.83 -42.89 -46.02
N GLU L 543 -68.36 -42.13 -45.07
CA GLU L 543 -69.55 -41.32 -45.35
C GLU L 543 -69.27 -40.34 -46.48
N ALA L 544 -68.10 -39.69 -46.46
CA ALA L 544 -67.80 -38.69 -47.47
C ALA L 544 -67.80 -39.28 -48.87
N ILE L 545 -67.04 -40.34 -49.09
CA ILE L 545 -66.89 -40.87 -50.44
C ILE L 545 -68.21 -41.41 -50.94
N LYS L 546 -69.00 -42.02 -50.06
CA LYS L 546 -70.34 -42.44 -50.44
C LYS L 546 -71.17 -41.24 -50.86
N LYS L 547 -71.08 -40.14 -50.10
CA LYS L 547 -71.86 -38.95 -50.41
C LYS L 547 -71.49 -38.40 -51.78
N ILE L 548 -70.20 -38.39 -52.11
CA ILE L 548 -69.77 -37.81 -53.38
C ILE L 548 -70.24 -38.66 -54.54
N VAL L 549 -69.98 -39.98 -54.49
CA VAL L 549 -70.39 -40.83 -55.59
C VAL L 549 -71.91 -40.86 -55.70
N GLU L 550 -72.59 -40.86 -54.56
CA GLU L 550 -74.05 -40.75 -54.59
C GLU L 550 -74.47 -39.49 -55.32
N GLU L 551 -73.70 -38.41 -55.19
CA GLU L 551 -74.03 -37.17 -55.88
C GLU L 551 -74.01 -37.36 -57.40
N LEU L 552 -72.98 -38.03 -57.91
CA LEU L 552 -72.90 -38.25 -59.35
C LEU L 552 -74.06 -39.09 -59.82
N ILE L 553 -74.50 -40.05 -59.00
CA ILE L 553 -75.65 -40.88 -59.36
C ILE L 553 -76.85 -40.03 -59.72
N LYS L 554 -76.93 -38.82 -59.14
CA LYS L 554 -78.06 -37.93 -59.39
C LYS L 554 -78.04 -37.34 -60.79
N LYS L 555 -76.99 -37.59 -61.56
CA LYS L 555 -76.73 -36.85 -62.79
C LYS L 555 -76.70 -37.78 -63.99
N ASP L 556 -77.06 -37.23 -65.14
CA ASP L 556 -76.91 -37.95 -66.41
C ASP L 556 -75.45 -37.96 -66.82
N VAL L 557 -74.95 -39.15 -67.19
CA VAL L 557 -73.56 -39.31 -67.57
C VAL L 557 -73.43 -40.61 -68.35
N GLU L 558 -72.40 -40.68 -69.20
CA GLU L 558 -72.12 -41.91 -69.93
C GLU L 558 -71.78 -43.02 -68.94
N ASP L 559 -72.39 -44.19 -69.14
CA ASP L 559 -72.26 -45.25 -68.15
C ASP L 559 -70.83 -45.78 -68.05
N GLU L 560 -70.06 -45.72 -69.14
CA GLU L 560 -68.67 -46.16 -69.09
C GLU L 560 -67.88 -45.32 -68.09
N LEU L 561 -68.04 -44.01 -68.14
CA LEU L 561 -67.37 -43.14 -67.17
C LEU L 561 -67.95 -43.35 -65.77
N LEU L 562 -69.25 -43.57 -65.67
CA LEU L 562 -69.86 -43.83 -64.37
C LEU L 562 -69.25 -45.08 -63.74
N ALA L 563 -69.08 -46.13 -64.54
CA ALA L 563 -68.48 -47.35 -64.02
C ALA L 563 -67.07 -47.07 -63.49
N GLU L 564 -66.23 -46.45 -64.31
CA GLU L 564 -64.87 -46.15 -63.88
C GLU L 564 -64.87 -45.28 -62.64
N VAL L 565 -65.80 -44.32 -62.57
CA VAL L 565 -65.85 -43.42 -61.42
C VAL L 565 -66.18 -44.19 -60.15
N THR L 566 -67.25 -45.00 -60.19
CA THR L 566 -67.71 -45.68 -58.98
C THR L 566 -66.79 -46.84 -58.63
N SER L 567 -66.27 -47.54 -59.64
CA SER L 567 -65.29 -48.59 -59.37
C SER L 567 -64.01 -48.00 -58.78
N GLU L 568 -63.49 -46.96 -59.42
CA GLU L 568 -62.26 -46.34 -58.92
C GLU L 568 -62.46 -45.75 -57.53
N GLY L 569 -63.63 -45.16 -57.29
CA GLY L 569 -63.91 -44.64 -55.95
C GLY L 569 -63.92 -45.73 -54.90
N ASN L 570 -64.56 -46.86 -55.21
CA ASN L 570 -64.64 -47.95 -54.25
C ASN L 570 -63.25 -48.41 -53.85
N ARG L 571 -62.37 -48.59 -54.83
CA ARG L 571 -61.02 -49.08 -54.53
C ARG L 571 -60.32 -48.16 -53.54
N LYS L 572 -60.54 -46.85 -53.64
CA LYS L 572 -59.92 -45.93 -52.69
C LYS L 572 -60.46 -46.14 -51.28
N LEU L 573 -61.75 -46.43 -51.15
CA LEU L 573 -62.27 -46.79 -49.83
C LEU L 573 -61.58 -48.05 -49.32
N SER L 574 -61.37 -49.02 -50.20
CA SER L 574 -60.68 -50.24 -49.79
C SER L 574 -59.32 -49.91 -49.19
N ARG L 575 -58.53 -49.09 -49.89
CA ARG L 575 -57.16 -48.83 -49.45
C ARG L 575 -57.13 -48.23 -48.05
N ILE L 576 -57.88 -47.15 -47.84
CA ILE L 576 -57.87 -46.53 -46.52
C ILE L 576 -58.47 -47.47 -45.48
N THR L 577 -59.48 -48.25 -45.89
CA THR L 577 -60.04 -49.23 -44.97
C THR L 577 -58.97 -50.21 -44.51
N SER L 578 -58.15 -50.70 -45.44
CA SER L 578 -57.06 -51.59 -45.06
C SER L 578 -56.01 -50.84 -44.25
N LYS L 579 -55.62 -49.65 -44.71
CA LYS L 579 -54.51 -48.94 -44.07
C LYS L 579 -54.82 -48.65 -42.61
N ALA L 580 -56.08 -48.35 -42.30
CA ALA L 580 -56.47 -48.11 -40.91
C ALA L 580 -56.44 -49.41 -40.11
N LEU L 581 -57.01 -50.49 -40.67
CA LEU L 581 -57.11 -51.73 -39.93
C LEU L 581 -55.75 -52.25 -39.48
N THR L 582 -54.68 -51.83 -40.16
CA THR L 582 -53.35 -52.32 -39.84
C THR L 582 -52.94 -51.98 -38.41
N LYS L 583 -53.56 -50.98 -37.79
CA LYS L 583 -53.13 -50.51 -36.48
C LYS L 583 -54.16 -50.77 -35.38
N ILE L 584 -55.31 -51.34 -35.70
CA ILE L 584 -56.38 -51.56 -34.72
C ILE L 584 -56.00 -52.78 -33.89
N LYS L 585 -55.49 -52.55 -32.69
CA LYS L 585 -55.12 -53.66 -31.81
C LYS L 585 -56.33 -54.33 -31.19
N ASP L 586 -57.42 -53.58 -30.98
CA ASP L 586 -58.60 -54.14 -30.34
C ASP L 586 -59.33 -55.07 -31.30
N GLU L 587 -59.49 -56.33 -30.91
CA GLU L 587 -60.11 -57.31 -31.79
C GLU L 587 -61.54 -56.91 -32.13
N LYS L 588 -62.29 -56.42 -31.16
CA LYS L 588 -63.68 -56.06 -31.41
C LYS L 588 -63.76 -54.96 -32.47
N ALA L 589 -62.94 -53.92 -32.34
CA ALA L 589 -62.93 -52.86 -33.35
C ALA L 589 -62.47 -53.40 -34.71
N ALA L 590 -61.48 -54.28 -34.71
CA ALA L 590 -61.00 -54.82 -35.98
C ALA L 590 -62.11 -55.54 -36.73
N ALA L 591 -62.90 -56.34 -36.02
CA ALA L 591 -64.05 -56.98 -36.66
C ALA L 591 -65.09 -55.94 -37.07
N GLU L 592 -65.38 -54.98 -36.20
CA GLU L 592 -66.41 -54.00 -36.49
C GLU L 592 -66.09 -53.22 -37.77
N LEU L 593 -64.88 -52.67 -37.87
CA LEU L 593 -64.51 -51.93 -39.05
C LEU L 593 -64.52 -52.82 -40.29
N THR L 594 -64.02 -54.04 -40.16
CA THR L 594 -64.00 -54.95 -41.31
C THR L 594 -65.41 -55.20 -41.83
N ILE L 595 -66.37 -55.42 -40.93
CA ILE L 595 -67.75 -55.62 -41.37
C ILE L 595 -68.28 -54.34 -42.01
N GLU L 596 -68.05 -53.20 -41.35
CA GLU L 596 -68.62 -51.94 -41.84
C GLU L 596 -68.19 -51.65 -43.27
N ALA L 597 -66.87 -51.66 -43.51
CA ALA L 597 -66.38 -51.39 -44.85
C ALA L 597 -66.91 -52.41 -45.84
N ILE L 598 -67.01 -53.67 -45.42
CA ILE L 598 -67.53 -54.71 -46.31
C ILE L 598 -68.94 -54.37 -46.75
N GLU L 599 -69.79 -53.95 -45.81
CA GLU L 599 -71.13 -53.52 -46.17
C GLU L 599 -71.10 -52.28 -47.05
N ALA L 600 -70.25 -51.31 -46.70
CA ALA L 600 -70.24 -50.06 -47.44
C ALA L 600 -69.87 -50.28 -48.90
N ILE L 601 -68.76 -50.98 -49.16
CA ILE L 601 -68.33 -51.20 -50.54
C ILE L 601 -69.39 -51.98 -51.30
N THR L 602 -70.04 -52.94 -50.63
CA THR L 602 -71.13 -53.66 -51.27
C THR L 602 -72.26 -52.72 -51.65
N GLU L 603 -72.58 -51.76 -50.77
CA GLU L 603 -73.72 -50.89 -51.00
C GLU L 603 -73.57 -50.08 -52.28
N ASN L 604 -72.38 -49.53 -52.51
CA ASN L 604 -72.19 -48.63 -53.64
C ASN L 604 -72.46 -49.34 -54.96
N PHE L 605 -71.95 -50.56 -55.11
CA PHE L 605 -72.22 -51.32 -56.33
C PHE L 605 -73.70 -51.54 -56.57
N LEU L 606 -74.50 -51.58 -55.49
CA LEU L 606 -75.95 -51.70 -55.68
C LEU L 606 -76.48 -50.50 -56.44
N LEU L 607 -75.99 -49.30 -56.13
CA LEU L 607 -76.46 -48.11 -56.81
C LEU L 607 -75.96 -48.07 -58.25
N ALA L 608 -74.70 -48.45 -58.48
CA ALA L 608 -74.15 -48.41 -59.83
C ALA L 608 -74.91 -49.34 -60.76
N LEU L 609 -75.24 -50.55 -60.28
CA LEU L 609 -75.96 -51.51 -61.11
C LEU L 609 -77.34 -51.01 -61.52
N GLU L 610 -77.86 -49.98 -60.84
CA GLU L 610 -79.18 -49.46 -61.14
C GLU L 610 -79.22 -48.60 -62.39
N ARG L 611 -78.08 -48.28 -62.99
CA ARG L 611 -78.04 -47.28 -64.06
C ARG L 611 -77.27 -47.72 -65.29
N ILE L 612 -76.37 -48.71 -65.18
CA ILE L 612 -75.59 -49.11 -66.34
C ILE L 612 -76.52 -49.62 -67.44
N LYS L 613 -76.20 -49.25 -68.69
CA LYS L 613 -76.98 -49.67 -69.85
C LYS L 613 -76.36 -50.85 -70.56
N ASP L 614 -75.07 -50.81 -70.86
CA ASP L 614 -74.43 -51.88 -71.59
C ASP L 614 -74.21 -53.09 -70.71
N GLY L 615 -74.45 -54.28 -71.28
CA GLY L 615 -74.21 -55.51 -70.53
C GLY L 615 -72.76 -55.69 -70.15
N GLU L 616 -71.85 -55.43 -71.09
CA GLU L 616 -70.43 -55.57 -70.79
C GLU L 616 -70.02 -54.63 -69.66
N VAL L 617 -70.55 -53.41 -69.67
CA VAL L 617 -70.22 -52.47 -68.60
C VAL L 617 -70.70 -52.99 -67.25
N ALA L 618 -71.94 -53.51 -67.20
CA ALA L 618 -72.46 -54.03 -65.95
C ALA L 618 -71.64 -55.23 -65.47
N ALA L 619 -71.25 -56.11 -66.39
CA ALA L 619 -70.47 -57.27 -66.01
C ALA L 619 -69.12 -56.88 -65.42
N LYS L 620 -68.40 -55.99 -66.11
CA LYS L 620 -67.06 -55.63 -65.65
C LYS L 620 -67.10 -55.03 -64.24
N LEU L 621 -68.09 -54.19 -63.95
CA LEU L 621 -68.28 -53.74 -62.58
C LEU L 621 -68.52 -54.92 -61.64
N ALA L 622 -69.33 -55.88 -62.07
CA ALA L 622 -69.62 -57.02 -61.21
C ALA L 622 -68.36 -57.82 -60.91
N GLU L 623 -67.50 -58.00 -61.91
CA GLU L 623 -66.24 -58.70 -61.68
C GLU L 623 -65.44 -57.99 -60.59
N ASP L 624 -65.23 -56.69 -60.74
CA ASP L 624 -64.50 -55.93 -59.73
C ASP L 624 -65.17 -56.02 -58.38
N GLY L 625 -66.49 -56.15 -58.35
CA GLY L 625 -67.18 -56.30 -57.08
C GLY L 625 -66.69 -57.50 -56.29
N LEU L 626 -66.50 -58.63 -56.97
CA LEU L 626 -65.99 -59.81 -56.28
C LEU L 626 -64.54 -59.64 -55.86
N LEU L 627 -63.68 -59.17 -56.77
CA LEU L 627 -62.25 -59.16 -56.48
C LEU L 627 -61.94 -58.24 -55.31
N GLU L 628 -62.53 -57.04 -55.28
CA GLU L 628 -62.17 -56.09 -54.23
C GLU L 628 -62.75 -56.46 -52.88
N ILE L 629 -63.95 -57.03 -52.83
CA ILE L 629 -64.43 -57.50 -51.55
C ILE L 629 -63.55 -58.65 -51.06
N TYR L 630 -63.09 -59.49 -51.99
CA TYR L 630 -62.14 -60.54 -51.63
C TYR L 630 -60.86 -59.96 -51.06
N ARG L 631 -60.32 -58.93 -51.70
CA ARG L 631 -59.08 -58.35 -51.21
C ARG L 631 -59.27 -57.82 -49.78
N LEU L 632 -60.38 -57.13 -49.54
CA LEU L 632 -60.67 -56.65 -48.19
C LEU L 632 -60.90 -57.80 -47.22
N ALA L 633 -61.61 -58.83 -47.67
CA ALA L 633 -61.92 -59.94 -46.77
C ALA L 633 -60.66 -60.62 -46.27
N VAL L 634 -59.77 -61.03 -47.18
CA VAL L 634 -58.54 -61.69 -46.77
C VAL L 634 -57.65 -60.72 -46.02
N SER L 635 -57.60 -59.46 -46.47
CA SER L 635 -56.71 -58.49 -45.82
C SER L 635 -57.03 -58.37 -44.34
N GLY L 636 -58.31 -58.35 -43.98
CA GLY L 636 -58.67 -58.37 -42.59
C GLY L 636 -58.46 -59.74 -41.96
N ILE L 637 -58.68 -60.80 -42.73
CA ILE L 637 -58.65 -62.15 -42.17
C ILE L 637 -57.31 -62.43 -41.50
N GLU L 638 -56.21 -62.04 -42.15
CA GLU L 638 -54.90 -62.35 -41.61
C GLU L 638 -54.64 -61.63 -40.29
N HIS L 639 -55.17 -60.43 -40.12
CA HIS L 639 -54.94 -59.70 -38.89
C HIS L 639 -55.82 -60.19 -37.75
N ILE L 640 -56.93 -60.86 -38.06
CA ILE L 640 -57.80 -61.41 -37.01
C ILE L 640 -57.10 -62.58 -36.33
N ASP L 641 -57.48 -62.83 -35.06
CA ASP L 641 -56.78 -63.85 -34.28
C ASP L 641 -57.68 -64.72 -33.40
N ASN L 642 -59.00 -64.72 -33.57
CA ASN L 642 -59.88 -65.43 -32.65
C ASN L 642 -61.03 -66.07 -33.42
N PRO L 643 -61.34 -67.35 -33.16
CA PRO L 643 -62.41 -68.00 -33.95
C PRO L 643 -63.76 -67.31 -33.91
N GLU L 644 -64.12 -66.57 -32.86
CA GLU L 644 -65.40 -65.87 -32.88
C GLU L 644 -65.41 -64.77 -33.94
N GLU L 645 -64.38 -63.93 -33.95
CA GLU L 645 -64.28 -62.90 -34.99
C GLU L 645 -64.15 -63.54 -36.35
N LEU L 646 -63.40 -64.64 -36.45
CA LEU L 646 -63.28 -65.34 -37.71
C LEU L 646 -64.64 -65.78 -38.22
N GLU L 647 -65.46 -66.34 -37.34
CA GLU L 647 -66.79 -66.77 -37.74
C GLU L 647 -67.63 -65.60 -38.24
N LYS L 648 -67.61 -64.50 -37.49
CA LYS L 648 -68.41 -63.35 -37.91
C LYS L 648 -67.96 -62.82 -39.26
N ILE L 649 -66.64 -62.69 -39.46
CA ILE L 649 -66.18 -62.15 -40.74
C ILE L 649 -66.49 -63.12 -41.87
N VAL L 650 -66.41 -64.43 -41.63
CA VAL L 650 -66.76 -65.38 -42.69
C VAL L 650 -68.22 -65.24 -43.06
N LYS L 651 -69.08 -65.16 -42.04
CA LYS L 651 -70.51 -65.04 -42.29
C LYS L 651 -70.83 -63.76 -43.05
N LYS L 652 -70.20 -62.65 -42.65
CA LYS L 652 -70.41 -61.39 -43.35
C LYS L 652 -69.94 -61.46 -44.79
N THR L 653 -68.80 -62.09 -45.04
CA THR L 653 -68.31 -62.22 -46.40
C THR L 653 -69.29 -63.03 -47.25
N GLU L 654 -69.82 -64.12 -46.68
CA GLU L 654 -70.81 -64.90 -47.41
C GLU L 654 -72.03 -64.06 -47.74
N GLU L 655 -72.51 -63.28 -46.76
CA GLU L 655 -73.67 -62.43 -47.01
C GLU L 655 -73.40 -61.44 -48.12
N ALA L 656 -72.22 -60.80 -48.08
CA ALA L 656 -71.90 -59.81 -49.11
C ALA L 656 -71.85 -60.44 -50.49
N VAL L 657 -71.20 -61.59 -50.62
CA VAL L 657 -71.10 -62.23 -51.93
C VAL L 657 -72.49 -62.59 -52.42
N GLU L 658 -73.33 -63.13 -51.53
CA GLU L 658 -74.68 -63.50 -51.94
C GLU L 658 -75.47 -62.29 -52.42
N ARG L 659 -75.40 -61.18 -51.67
CA ARG L 659 -76.14 -59.99 -52.05
C ARG L 659 -75.69 -59.46 -53.40
N ILE L 660 -74.37 -59.41 -53.62
CA ILE L 660 -73.86 -58.93 -54.90
C ILE L 660 -74.37 -59.82 -56.03
N VAL L 661 -74.23 -61.14 -55.89
CA VAL L 661 -74.63 -62.05 -56.94
C VAL L 661 -76.12 -61.93 -57.21
N GLU L 662 -76.93 -61.84 -56.14
CA GLU L 662 -78.37 -61.78 -56.31
C GLU L 662 -78.78 -60.50 -57.03
N ALA L 663 -78.22 -59.36 -56.63
CA ALA L 663 -78.57 -58.11 -57.30
C ALA L 663 -78.17 -58.15 -58.77
N LEU L 664 -76.95 -58.65 -59.06
CA LEU L 664 -76.52 -58.70 -60.46
C LEU L 664 -77.42 -59.59 -61.30
N GLU L 665 -78.00 -60.64 -60.70
CA GLU L 665 -78.83 -61.58 -61.45
C GLU L 665 -80.15 -60.96 -61.92
N LYS L 666 -80.63 -59.92 -61.25
CA LYS L 666 -81.93 -59.34 -61.59
C LYS L 666 -81.87 -58.54 -62.88
N LYS L 667 -80.73 -57.90 -63.16
CA LYS L 667 -80.59 -57.07 -64.34
C LYS L 667 -80.49 -57.92 -65.59
N ASP L 668 -80.74 -57.28 -66.73
CA ASP L 668 -80.67 -57.95 -68.02
C ASP L 668 -79.21 -58.03 -68.50
N VAL L 669 -78.76 -59.25 -68.81
CA VAL L 669 -77.40 -59.46 -69.28
C VAL L 669 -77.33 -60.82 -69.99
N GLU L 670 -76.33 -60.99 -70.84
CA GLU L 670 -76.18 -62.25 -71.55
C GLU L 670 -76.02 -63.39 -70.56
N PRO L 671 -76.78 -64.48 -70.68
CA PRO L 671 -76.65 -65.57 -69.71
C PRO L 671 -75.24 -66.11 -69.57
N GLU L 672 -74.49 -66.20 -70.67
CA GLU L 672 -73.15 -66.77 -70.60
C GLU L 672 -72.26 -65.96 -69.68
N LEU L 673 -72.31 -64.63 -69.79
CA LEU L 673 -71.56 -63.80 -68.86
C LEU L 673 -72.08 -63.94 -67.44
N LYS L 674 -73.40 -64.01 -67.27
CA LYS L 674 -73.97 -64.13 -65.93
C LYS L 674 -73.51 -65.42 -65.26
N GLU L 675 -73.42 -66.51 -66.02
CA GLU L 675 -72.93 -67.76 -65.45
C GLU L 675 -71.50 -67.61 -64.94
N GLU L 676 -70.64 -66.93 -65.71
CA GLU L 676 -69.27 -66.71 -65.28
C GLU L 676 -69.22 -65.89 -63.99
N VAL L 677 -70.03 -64.83 -63.94
CA VAL L 677 -70.06 -64.00 -62.73
C VAL L 677 -70.54 -64.82 -61.54
N GLU L 678 -71.59 -65.60 -61.74
CA GLU L 678 -72.08 -66.45 -60.66
C GLU L 678 -71.03 -67.47 -60.25
N GLU L 679 -70.31 -68.03 -61.22
CA GLU L 679 -69.26 -68.98 -60.90
C GLU L 679 -68.16 -68.32 -60.08
N LEU L 680 -67.72 -67.12 -60.48
CA LEU L 680 -66.65 -66.45 -59.75
C LEU L 680 -67.04 -66.21 -58.30
N GLY L 681 -68.28 -65.75 -58.08
CA GLY L 681 -68.77 -65.61 -56.72
C GLY L 681 -68.80 -66.94 -55.99
N LYS L 682 -69.21 -68.00 -56.69
CA LYS L 682 -69.31 -69.31 -56.06
C LYS L 682 -67.96 -69.78 -55.56
N LYS L 683 -66.89 -69.54 -56.33
CA LYS L 683 -65.59 -70.10 -55.97
C LYS L 683 -64.77 -69.19 -55.06
N LEU L 684 -64.93 -67.87 -55.15
CA LEU L 684 -64.22 -67.01 -54.21
C LEU L 684 -64.65 -67.25 -52.78
N VAL L 685 -65.96 -67.41 -52.55
CA VAL L 685 -66.42 -67.63 -51.18
C VAL L 685 -65.81 -68.91 -50.62
N GLU L 686 -65.60 -69.90 -51.48
CA GLU L 686 -65.01 -71.16 -51.02
C GLU L 686 -63.60 -70.93 -50.49
N ILE L 687 -62.77 -70.23 -51.26
CA ILE L 687 -61.38 -70.00 -50.84
C ILE L 687 -61.36 -69.22 -49.54
N VAL L 688 -62.21 -68.20 -49.42
CA VAL L 688 -62.30 -67.47 -48.17
C VAL L 688 -62.71 -68.41 -47.04
N ARG L 689 -63.67 -69.30 -47.32
CA ARG L 689 -64.06 -70.28 -46.32
C ARG L 689 -62.89 -71.15 -45.91
N LYS L 690 -62.04 -71.54 -46.88
CA LYS L 690 -60.89 -72.37 -46.56
C LYS L 690 -59.85 -71.59 -45.74
N LEU L 691 -59.55 -70.36 -46.13
CA LEU L 691 -58.62 -69.56 -45.35
C LEU L 691 -59.17 -69.30 -43.95
N ALA L 692 -60.48 -69.07 -43.84
CA ALA L 692 -61.08 -68.91 -42.53
C ALA L 692 -60.97 -70.18 -41.71
N GLU L 693 -60.92 -71.34 -42.36
CA GLU L 693 -60.69 -72.58 -41.64
C GLU L 693 -59.30 -72.64 -41.03
N ARG L 694 -58.35 -71.88 -41.57
CA ARG L 694 -56.99 -71.88 -41.04
C ARG L 694 -56.95 -71.08 -39.75
N LYS L 695 -57.22 -71.74 -38.63
CA LYS L 695 -57.15 -71.10 -37.33
C LYS L 695 -55.72 -71.12 -36.81
#